data_8ATX
#
_entry.id   8ATX
#
_cell.length_a   1.00
_cell.length_b   1.00
_cell.length_c   1.00
_cell.angle_alpha   90.00
_cell.angle_beta   90.00
_cell.angle_gamma   90.00
#
_symmetry.space_group_name_H-M   'P 1'
#
loop_
_entity.id
_entity.type
_entity.pdbx_description
1 polymer 'Baculoviral IAP repeat-containing protein 6'
2 non-polymer 'ZINC ION'
#
_entity_poly.entity_id   1
_entity_poly.type   'polypeptide(L)'
_entity_poly.pdbx_seq_one_letter_code
;MVTGGGAAPPGTVTEPLPSVIVLSAGRKMAAAAAAASGPGCSSAAGAGAAGVSEWLVLRDGCMHCDADGLHSLSYHPALN
AILAVTSRGTIKVIDGTSGATLQASALSAKPGGQVKCQYISAVDKVIFVDDYAVGCRKDLNGILLLDTALQTPVSKQDDV
VQLELPVTEAQQLLSACLEKVDISSTEGYDLFITQLKDGLKNTSHETAANHKVAKWATVTFHLPHHVLKSIASAIVNELK
KINQNVAALPVASSVMDRLSYLLPSARPELGVGPGRSVDRSLMYSEANRRETFTSWPHVGYRWAQPDPMAQAGFYHQPAS
SGDDRAMCFTCSVCLVCWEPTDEPWSEHERHSPNCPFVKGEHTQNVPLSVTLATSPAQFPCTDGTDRISCFGSGSCPHFL
AAATKRGKICIWDVSKLMKVHLKFEINAYDPAIVQQLILSGDPSSGVDSRRPTLAWLEDSSSCSDIPKLEGDSDDLLEDS
DSEEHSRSDSVTGHTSQKEAMEVSLDITALSILQQPEKLQWEIVANVLEDTVKDLEELGANPCLTNSKSEKTKEKHQEQH
NIPFPCLLAGGLLTYKSPATSPISSNSHRSLDGLSRTQGESISEQGSTDNESCTNSELNSPLVRRTLPVLLLYSIKESDE
KAGKIFSQMNNIMSKSLHDDGFTVPQIIEMELDSQEQLLLQDPPVTYIQQFADAAANLTSPDSEKWNSVFPKPGTLVQCL
RLPKFAEEENLCIDSITPCADGIHLLVGLRTCPVESLSAINQVEALNNLNKLNSALCNRRKGELESNLAVVNGANISVIQ
HESPADVQTPLIIQPEQRNVSGGYLVLYKMNYATRIVTLEEEPIKIQHIKDPQDTITSLILLPPDILDNREDDCEEPIED
MQLTSKNGFEREKTSDISTLGHLVITTQGGYVKILDLSNFEILAKVEPPKKEGTEEQDTFVSVIYCSGTDRLCACTKGGE
LHFLQIGGTCDDIDEADILVDGSLSKGIEPSSEGSKPLSNPSSPGISGVDLLVDQPFTLEILTSLVELTRFETLTPRFSA
TVPPCWVEVQQEQQQRRHPQHLHQQHHGDAAQHTRTWKLQTDSNSWDEHVFELVLPKACMVGHVDFKFVLNSNITNIPQI
QVTLLKNKAPGLGKVNALNIEVEQNGKPSLVDLNEEMQHMDVEESQCLRLCPFLEDHKEDILCGPVWLASGLDLSGHAGM
LTLTSPKLVKGMAGGKYRSFLIHVKAVNERGTEEICNGGMRPVVRLPSLKHQSNKGYSLASLLAKVAAGKEKSSNVKNEN
TSGTRKSENLRGCDLLQEVSVTIRRFKKTSISKERVQRCAMLQFSEFHEKLVNTLCRKTDDGQITEHAQSLVLDTLCWLA
GVHSNGPGSSKEGNENLLSKTRKFLSDIVRVCFFEAGRSIAHKCARFLALCISNGKCDPCQPAFGPVLLKALLDNMSFLP
AATTGGSVYWYFVLLNYVKDEDLAGCSTACASLLTAVSRQLQDRLTPMEALLQTRYGLYSSPFDPVLFDLEMSGSSCKNV
YNSSIGVQSDEIDLSDVLSGNGKVSSCTAAEGSFTSLTGLLEVEPLHFTCVSTSDGTRIERDDAMSSFGVTPAVGGLSSG
TVGEASTALSSAAQVALQSLSHAMASAEQQLQVLQEKQQQLLKLQQQKAKLEAKLHQTTAAAAAAASAVGPVHNSVPSNP
VAAPGFFIHPSDVIPPTPKTTPLFMTPPLTPPNEAVSVVINAELAQLFPGSVIDPPAVNLAAHNKNSNKSRMNPLGSGLA
LAISHASHFLQPPPHQSIIIERMHSGARRFVTLDFGRPILLTDVLIPTCGDLASLSIDIWTLGEEVDGRRLVVATDISTH
SLILHDLIPPPVCRFMKITVIGRYGSTNARAKIPLGFYYGHTYILPWESELKLMHDPLKGEGESANQPEIDQHLAMMVAL
QEDIQCRYNLACHRLETLLQSIDLPPLNSANNAQYFLRKPDKAVEEDSRVFSAYQDCIQLQLQLNLAHNAVQRLKVALGA
SRKMLSETSNPEDLIQTSSTEQLRTIIRYLLDTLLSLLHASNGHSVPAVLQSTFHAQACEELFKHLCISGTPKIRLHTGL
LLVQLCGGERWWGQFLSNVLQELYNSEQLLIFPQDRVFMLLSCIGQRSLSNSGVLESLLNLLDNLLSPLQPQLPMHRRTE
GVLDIPMISWVVMLVSRLLDYVATVEDEAAAAKKPLNGNQWSFINNNLHTQSLNRSSKGSSSLDRLYSRKIRKQLVHHKQ
QLNLLKAKQKALVEQMEKEKIQSNKGSSYKLLVEQAKLKQATSKHFKDLIRLRRTAEWSRSNLDTEVTTAKESPEIEPLP
FTLAHERCISVVQKLVLFLLSMDFTCHADLLLFVCKVLARIANATRPTIHLCEIVNEPQLERLLLLLVGTDFNRGDISWG
GAWAQYSLTCMLQDILAGELLAPVAAEAMEEGTVGDDVGATAGDSDDSLQQSSVQLLETIDEPLTHDITGAPPLSSLEKD
KEIDLELLQDLMEVDIDPLDIDLEKDPLAAKVFKPISSTWYDYWGADYGTYNYNPYIGGLGIPVAKPPANTEKNGSQTVS
VSVSQALDARLEVGLEQQAELMLKMMSTLEADSILQALTNTSPTLSQSPTGTDDSLLGGLQAANQTSQLIIQLSSVPMLN
VCFNKLFSMLQVHHVQLESLLQLWLTLSLNSSSTGNKENGADIFLYNANRIPVISLNQASITSFLTVLAWYPNTLLRTWC
LVLHSLTLMTNMQLNSGSSSAIGTQESTAHLLVSDPNLIHVLVKFLSGTSPHGTNQHSPQVGPTATQAMQEFLTRLQVHL
SSTCPQIFSEFLLKLIHILSTERGAFQTGQGPLDAQVKLLEFTLEQNFEVVSVSTISAVIESVTFLVHHYITCSDKVMSR
SGSDSSVGARACFGGLFANLIRPGDAKAVCGEMTRDQLMFDLLKLVNILVQLPLSGNREYSARVSVTTNTTDSVSDEEKV
SGGKDGNGSSTSVQGSPAYVADLVLANQQIMSQILSALGLCNSSAMAMIIGASGLHLTKHENFHGGLDAISVGDGLFTIL
TTLSKKASTVHMMLQPILTYMACGYMGRQGSLATCQLSEPLLWFILRVLDTSDALKAFHDMGGVQLICNNMVTSTRAIVN
TARSMVSTIMKFLDSGPNKAVDSTLKTRILASEPDNAEGIHNFAPLGTITSSSPTAQPAEVLLQATPPHRRARSAAWSYI
FLPEEAWCDLTIHLPAAVLLKEIHIQPHLASLATCPSSVSVEVSADGVNMLPLSTPVVTSGLTYIKIQLVKAEVASAVCL
RLHRPRDASTLGLSQIKLLGLTAFGTTSSATVNNPFLPSEDQVSKTSIGWLRLLHHCLTHISDLEGMMASAAAPTANLLQ
TCAALLMSPYCGMHSPNIEVVLVKIGLQSTRIGLKLIDILLRNCAASGSDPTDLNSPLLFGRLNGLSSDSTIDILYQLGT
TQDPGTKDRIQALLKWVSDSARVAAMKRSGRMNYMCPNSSTVEYGLLMPSPSHLHCVAAILWHSYELLVEYDLPALLDQE
LFELLFNWSMSLPCNMVLKKAVDSLLCSMCHVHPNYFSLLMGWMGITPPPVQCHHRLSMTDDSKKQDLSSSLTDDSKNAQ
APLALTESHLATLASSSQSPEAIKQLLDSGLPSLLVRSLASFCFSHISSSESIAQSIDISQDKLRRHHVPQQCNKMPITA
DLVAPILRFLTEVGNSHIMKDWLGGSEVNPLWTALLFLLCHSGSTSGSHNLGAQQTSARSASLSSAATTGLTTQQRTAIE
NATVAFFLQCISCHPNNQKLMAQVLCELFQTSPQRGNLPTSGNISGFIRRLFLQLMLEDEKVTMFLQSPCPLYKGRINAT
SHVIQHPMYGAGHKFRTLHLPVSTTLSDVLDRVSDTPSITAKLISEQKDDKEKKNHEEKEKVKAENGFQDNYSVVVASGL
KSQSKRAVSATPPRPPSRRGRTIPDKIGSTSGAEAANKIITVPVFHLFHKLLAGQPLPAEMTLAQLLTLLYDRKLPQGYR
SIDLTVKLGSRVITDPSLSKTDSYKRLHPEKDHGDLLASCPEDEALTPGDECMDGILDESLLETCPIQSPLQVFAGMGGL
ALIAERLPMLYPEVIQQVSAPVVTSTTQEKPKDSDQFEWVTIEQSGELVYEAPETVAAEPPPIKSAVQTMSPIPAHSLAA
FGLFLRLPGYAEVLLKERKHAQCLLRLVLGVTDDGEGSHILQSPSANVLPTLPFHVLRSLFSTTPLTTDDGVLLRRMALE
IGALHLILVCLSALSHHSPRVPNSSVNQTEPQVSSSHNPTSTEEQQLYWAKGTGFGTGSTASGWDVEQALTKQRLEEEHV
TCLLQVLASYINPVSSAVNGEAQSSHETRGQNSNALPSVLLELLSQSCLIPAMSSYLRNDSVLDMARHVPLYRALLELLR
AIASCAAMVPLLLPLSTENGEEEEEQSECQTSVGTLLAKMKTCVDTYTNRLRSKRENVKTGVKPDASDQEPEGLTLLVPD
IQKTAEIVYAATTSLRQANQEKKLGEYSKKAAMKPKPLSVLKSLEEKYVAVMKKLQFDTFEMVSEDEDGKLGFKVNYHYM
SQVKNANDANSAARARRLAQEAVTLSTSLPLSSSSSVFVRCDEERLDIMKVLITGPADTPYANGCFEFDVYFPQDYPSSP
PLVNLETTGGHSVRFNPNLYNDGKVCLSILNTWHGRPEEKWNPQTSSFLQVLVSVQSLILVAEPYFNEPGYERSRGTPSG
TQSSREYDGNIRQATVKWAMLEQIRNPSPCFKEVIHKHFYLKRVEIMAQCEEWIADIQQYSSDKRVGRTMSHHAAALKRH
TAQLREELLKLPCPEGLDPDTDDAPEVCRATTGAEETLMHDQVKPSSSKELPSDFQLSAWSHPQFEK
;
_entity_poly.pdbx_strand_id   A,B
#
loop_
_chem_comp.id
_chem_comp.type
_chem_comp.name
_chem_comp.formula
ZN non-polymer 'ZINC ION' 'Zn 2'
#
# COMPACT_ATOMS: atom_id res chain seq x y z
N GLU A 54 108.73 -9.92 -7.63
CA GLU A 54 108.40 -9.76 -9.05
C GLU A 54 107.16 -10.58 -9.40
N TRP A 55 106.16 -9.91 -9.99
CA TRP A 55 104.93 -10.56 -10.40
C TRP A 55 105.07 -11.09 -11.82
N LEU A 56 104.46 -12.25 -12.06
CA LEU A 56 104.54 -12.93 -13.35
C LEU A 56 103.31 -12.60 -14.18
N VAL A 57 103.55 -12.17 -15.42
CA VAL A 57 102.50 -11.86 -16.38
C VAL A 57 102.66 -12.76 -17.59
N LEU A 58 101.59 -13.42 -18.00
CA LEU A 58 101.62 -14.35 -19.12
C LEU A 58 101.06 -13.70 -20.38
N ARG A 59 101.71 -13.99 -21.51
CA ARG A 59 101.27 -13.54 -22.83
C ARG A 59 100.94 -14.76 -23.67
N ASP A 60 99.72 -14.80 -24.22
CA ASP A 60 99.27 -15.97 -24.94
C ASP A 60 98.78 -15.57 -26.33
N GLY A 61 99.29 -14.48 -26.88
CA GLY A 61 98.99 -14.06 -28.22
C GLY A 61 98.42 -12.65 -28.28
N CYS A 62 97.86 -12.32 -29.43
CA CYS A 62 97.27 -11.01 -29.69
C CYS A 62 96.26 -11.15 -30.81
N MET A 63 95.46 -10.10 -31.00
CA MET A 63 94.46 -10.08 -32.05
C MET A 63 94.52 -8.76 -32.79
N HIS A 64 94.05 -8.76 -34.03
CA HIS A 64 94.03 -7.58 -34.88
C HIS A 64 92.60 -7.08 -35.02
N CYS A 65 92.36 -5.83 -34.61
CA CYS A 65 91.05 -5.21 -34.69
C CYS A 65 90.89 -4.29 -35.89
N ASP A 66 91.80 -3.34 -36.07
CA ASP A 66 91.75 -2.41 -37.19
C ASP A 66 93.15 -1.91 -37.49
N ALA A 67 93.33 -1.47 -38.73
CA ALA A 67 94.61 -0.93 -39.18
C ALA A 67 94.68 0.59 -39.02
N ASP A 68 93.63 1.22 -38.50
CA ASP A 68 93.61 2.67 -38.31
C ASP A 68 94.09 3.10 -36.93
N GLY A 69 94.43 2.15 -36.05
CA GLY A 69 94.89 2.50 -34.72
C GLY A 69 93.76 2.55 -33.71
N LEU A 70 94.16 2.49 -32.43
CA LEU A 70 93.23 2.57 -31.31
C LEU A 70 93.76 3.57 -30.30
N HIS A 71 92.86 4.30 -29.65
CA HIS A 71 93.24 5.31 -28.68
C HIS A 71 92.74 5.02 -27.28
N SER A 72 91.44 4.79 -27.11
CA SER A 72 90.88 4.54 -25.79
C SER A 72 90.11 3.22 -25.80
N LEU A 73 89.96 2.64 -24.62
CA LEU A 73 89.31 1.34 -24.47
C LEU A 73 88.21 1.42 -23.44
N SER A 74 87.22 0.53 -23.60
CA SER A 74 86.11 0.42 -22.67
C SER A 74 85.54 -0.99 -22.80
N TYR A 75 85.19 -1.58 -21.67
CA TYR A 75 84.68 -2.94 -21.61
C TYR A 75 83.32 -2.94 -20.94
N HIS A 76 82.37 -3.65 -21.55
CA HIS A 76 81.04 -3.78 -20.98
C HIS A 76 80.90 -5.14 -20.33
N PRO A 77 80.73 -5.23 -19.01
CA PRO A 77 80.79 -6.53 -18.34
C PRO A 77 79.55 -7.40 -18.55
N ALA A 78 78.40 -6.80 -18.87
CA ALA A 78 77.18 -7.59 -19.01
C ALA A 78 77.19 -8.40 -20.31
N LEU A 79 77.64 -7.80 -21.41
CA LEU A 79 77.67 -8.46 -22.70
C LEU A 79 79.04 -9.02 -23.07
N ASN A 80 80.05 -8.85 -22.20
CA ASN A 80 81.42 -9.30 -22.47
C ASN A 80 81.94 -8.71 -23.78
N ALA A 81 81.70 -7.42 -23.99
CA ALA A 81 82.01 -6.75 -25.24
C ALA A 81 83.03 -5.65 -25.01
N ILE A 82 84.07 -5.64 -25.85
CA ILE A 82 85.10 -4.61 -25.81
C ILE A 82 84.71 -3.52 -26.82
N LEU A 83 84.61 -2.29 -26.32
CA LEU A 83 84.24 -1.14 -27.15
C LEU A 83 85.52 -0.38 -27.50
N ALA A 84 86.25 -0.90 -28.49
CA ALA A 84 87.50 -0.24 -28.88
C ALA A 84 87.21 1.04 -29.64
N VAL A 85 87.95 2.09 -29.31
CA VAL A 85 87.77 3.40 -29.94
C VAL A 85 88.91 3.61 -30.93
N THR A 86 88.58 3.69 -32.22
CA THR A 86 89.60 3.92 -33.23
C THR A 86 90.02 5.38 -33.25
N SER A 87 91.12 5.66 -33.95
CA SER A 87 91.61 7.02 -34.10
C SER A 87 90.79 7.85 -35.08
N ARG A 88 89.94 7.20 -35.88
CA ARG A 88 89.11 7.89 -36.85
C ARG A 88 87.71 8.19 -36.31
N GLY A 89 87.41 7.82 -35.07
CA GLY A 89 86.16 8.11 -34.43
C GLY A 89 85.19 6.95 -34.34
N THR A 90 85.42 5.89 -35.11
CA THR A 90 84.53 4.74 -35.08
C THR A 90 84.75 3.91 -33.82
N ILE A 91 83.68 3.24 -33.38
CA ILE A 91 83.72 2.36 -32.22
C ILE A 91 83.51 0.94 -32.72
N LYS A 92 84.47 0.07 -32.42
CA LYS A 92 84.49 -1.30 -32.91
C LYS A 92 84.15 -2.18 -31.72
N VAL A 93 83.01 -2.86 -31.80
CA VAL A 93 82.51 -3.70 -30.70
C VAL A 93 82.94 -5.13 -31.00
N ILE A 94 83.73 -5.71 -30.09
CA ILE A 94 84.33 -7.02 -30.27
C ILE A 94 83.84 -7.94 -29.15
N ASP A 95 83.46 -9.16 -29.52
CA ASP A 95 83.06 -10.13 -28.51
C ASP A 95 84.27 -10.62 -27.73
N GLY A 96 84.05 -10.91 -26.45
CA GLY A 96 85.12 -11.35 -25.59
C GLY A 96 85.10 -12.83 -25.28
N THR A 97 84.35 -13.61 -26.07
CA THR A 97 84.25 -15.05 -25.84
C THR A 97 84.88 -15.90 -26.93
N SER A 98 85.00 -15.39 -28.15
CA SER A 98 85.55 -16.18 -29.24
C SER A 98 86.52 -15.43 -30.13
N GLY A 99 86.74 -14.14 -29.89
CA GLY A 99 87.62 -13.34 -30.73
C GLY A 99 86.99 -12.85 -32.01
N ALA A 100 85.70 -13.09 -32.23
CA ALA A 100 85.00 -12.64 -33.41
C ALA A 100 84.36 -11.29 -33.13
N THR A 101 84.59 -10.34 -34.03
CA THR A 101 84.15 -8.97 -33.81
C THR A 101 82.64 -8.86 -34.01
N LEU A 102 82.00 -8.07 -33.14
CA LEU A 102 80.54 -7.97 -33.17
C LEU A 102 80.05 -6.96 -34.21
N GLN A 103 80.45 -5.70 -34.07
CA GLN A 103 79.85 -4.65 -34.88
C GLN A 103 80.84 -3.49 -35.02
N ALA A 104 80.51 -2.55 -35.89
CA ALA A 104 81.23 -1.28 -36.02
C ALA A 104 80.20 -0.16 -36.02
N SER A 105 80.58 0.99 -35.46
CA SER A 105 79.65 2.09 -35.27
C SER A 105 80.36 3.41 -35.51
N ALA A 106 79.56 4.42 -35.87
CA ALA A 106 80.06 5.78 -36.05
C ALA A 106 79.32 6.79 -35.17
N LEU A 107 78.33 6.35 -34.38
CA LEU A 107 77.62 7.16 -33.40
C LEU A 107 76.79 8.29 -34.00
N SER A 108 76.75 8.36 -35.34
CA SER A 108 76.04 9.41 -36.08
C SER A 108 76.49 10.80 -35.65
N ALA A 109 77.77 10.95 -35.34
CA ALA A 109 78.32 12.20 -34.88
C ALA A 109 78.95 12.95 -36.04
N LYS A 110 79.49 14.14 -35.75
CA LYS A 110 80.14 14.94 -36.78
C LYS A 110 81.48 14.32 -37.17
N PRO A 111 81.86 14.40 -38.44
CA PRO A 111 83.15 13.82 -38.85
C PRO A 111 84.32 14.58 -38.27
N GLY A 112 85.38 13.85 -37.96
CA GLY A 112 86.57 14.42 -37.37
C GLY A 112 86.51 14.65 -35.87
N GLY A 113 85.40 14.32 -35.23
CA GLY A 113 85.29 14.52 -33.79
C GLY A 113 86.10 13.50 -33.01
N GLN A 114 86.55 13.91 -31.83
CA GLN A 114 87.35 13.05 -30.97
C GLN A 114 86.41 12.29 -30.04
N VAL A 115 86.07 11.06 -30.41
CA VAL A 115 85.17 10.24 -29.63
C VAL A 115 85.93 9.65 -28.45
N LYS A 116 85.38 9.80 -27.24
CA LYS A 116 85.94 9.18 -26.05
C LYS A 116 84.84 8.40 -25.36
N CYS A 117 85.07 7.10 -25.16
CA CYS A 117 84.06 6.20 -24.61
C CYS A 117 84.49 5.70 -23.24
N GLN A 118 83.55 5.68 -22.31
CA GLN A 118 83.80 5.19 -20.96
C GLN A 118 82.62 4.35 -20.51
N TYR A 119 82.88 3.43 -19.58
CA TYR A 119 81.86 2.55 -19.05
C TYR A 119 81.76 2.72 -17.53
N ILE A 120 80.56 2.57 -17.00
CA ILE A 120 80.32 2.57 -15.57
C ILE A 120 79.55 1.31 -15.22
N SER A 121 80.12 0.47 -14.35
CA SER A 121 79.46 -0.75 -13.93
C SER A 121 78.57 -0.55 -12.71
N ALA A 122 78.78 0.53 -11.95
CA ALA A 122 77.91 0.81 -10.82
C ALA A 122 76.52 1.19 -11.29
N VAL A 123 76.43 1.98 -12.35
CA VAL A 123 75.15 2.32 -12.98
C VAL A 123 74.94 1.58 -14.30
N ASP A 124 75.93 0.84 -14.78
CA ASP A 124 75.82 0.03 -15.99
C ASP A 124 75.45 0.89 -17.21
N LYS A 125 76.20 1.97 -17.42
CA LYS A 125 75.91 2.90 -18.49
C LYS A 125 77.18 3.26 -19.24
N VAL A 126 77.05 3.50 -20.55
CA VAL A 126 78.18 3.82 -21.40
C VAL A 126 78.06 5.28 -21.81
N ILE A 127 79.15 6.03 -21.64
CA ILE A 127 79.19 7.46 -21.93
C ILE A 127 80.10 7.72 -23.10
N PHE A 128 79.58 8.40 -24.13
CA PHE A 128 80.35 8.82 -25.30
C PHE A 128 80.43 10.34 -25.28
N VAL A 129 81.66 10.86 -25.32
CA VAL A 129 81.91 12.29 -25.26
C VAL A 129 82.65 12.71 -26.51
N ASP A 130 82.07 13.66 -27.24
CA ASP A 130 82.68 14.30 -28.39
C ASP A 130 83.02 15.75 -28.02
N ASP A 131 83.45 16.53 -29.00
CA ASP A 131 83.72 17.95 -28.77
C ASP A 131 82.46 18.79 -28.67
N TYR A 132 81.29 18.22 -28.96
CA TYR A 132 80.04 18.98 -28.95
C TYR A 132 79.08 18.52 -27.86
N ALA A 133 78.70 17.25 -27.85
CA ALA A 133 77.69 16.76 -26.94
C ALA A 133 78.14 15.45 -26.30
N VAL A 134 77.34 15.00 -25.34
CA VAL A 134 77.59 13.76 -24.61
C VAL A 134 76.37 12.86 -24.73
N GLY A 135 76.58 11.60 -25.09
CA GLY A 135 75.50 10.64 -25.23
C GLY A 135 75.67 9.50 -24.24
N CYS A 136 74.54 8.97 -23.78
CA CYS A 136 74.49 7.87 -22.83
C CYS A 136 73.74 6.71 -23.45
N ARG A 137 74.28 5.50 -23.31
CA ARG A 137 73.67 4.32 -23.89
C ARG A 137 73.67 3.19 -22.86
N LYS A 138 72.84 2.18 -23.15
CA LYS A 138 72.73 1.01 -22.30
C LYS A 138 72.36 -0.19 -23.17
N ASP A 139 72.29 -1.36 -22.54
CA ASP A 139 71.97 -2.58 -23.24
C ASP A 139 70.48 -2.63 -23.58
N LEU A 140 70.17 -3.23 -24.74
CA LEU A 140 68.79 -3.42 -25.16
C LEU A 140 68.71 -4.76 -25.89
N ASN A 141 68.08 -5.75 -25.24
CA ASN A 141 67.88 -7.09 -25.79
C ASN A 141 69.22 -7.75 -26.16
N GLY A 142 70.24 -7.51 -25.35
CA GLY A 142 71.54 -8.13 -25.53
C GLY A 142 72.47 -7.43 -26.50
N ILE A 143 72.06 -6.31 -27.08
CA ILE A 143 72.90 -5.55 -28.01
C ILE A 143 72.88 -4.08 -27.60
N LEU A 144 73.90 -3.37 -28.05
CA LEU A 144 74.02 -1.94 -27.81
C LEU A 144 73.66 -1.19 -29.09
N LEU A 145 72.70 -0.29 -28.99
CA LEU A 145 72.25 0.53 -30.12
C LEU A 145 73.19 1.73 -30.26
N LEU A 146 74.34 1.50 -30.88
CA LEU A 146 75.39 2.49 -30.98
C LEU A 146 75.38 3.30 -32.27
N ASP A 147 74.41 3.08 -33.17
CA ASP A 147 74.38 3.84 -34.42
C ASP A 147 73.99 5.29 -34.18
N THR A 148 73.01 5.54 -33.31
CA THR A 148 72.53 6.88 -32.98
C THR A 148 72.80 7.22 -31.52
N ALA A 149 74.00 6.89 -31.05
CA ALA A 149 74.35 7.13 -29.66
C ALA A 149 74.56 8.62 -29.40
N LEU A 150 75.20 9.33 -30.33
CA LEU A 150 75.48 10.75 -30.19
C LEU A 150 74.69 11.57 -31.20
N GLN A 151 73.44 11.19 -31.42
CA GLN A 151 72.60 11.90 -32.38
C GLN A 151 72.17 13.24 -31.80
N THR A 152 72.43 14.32 -32.54
CA THR A 152 71.99 15.64 -32.13
C THR A 152 70.48 15.75 -32.27
N PRO A 153 69.76 16.19 -31.25
CA PRO A 153 68.31 16.34 -31.37
C PRO A 153 67.94 17.39 -32.40
N VAL A 154 66.98 17.05 -33.26
CA VAL A 154 66.58 17.94 -34.34
C VAL A 154 65.64 19.00 -33.80
N SER A 155 65.39 20.04 -34.61
CA SER A 155 64.51 21.14 -34.21
C SER A 155 63.26 21.26 -35.06
N LYS A 156 63.22 20.64 -36.23
CA LYS A 156 62.07 20.73 -37.13
C LYS A 156 61.60 19.32 -37.47
N GLN A 157 60.35 19.23 -37.94
CA GLN A 157 59.76 17.95 -38.27
C GLN A 157 60.30 17.38 -39.58
N ASP A 158 60.83 18.23 -40.45
CA ASP A 158 61.31 17.80 -41.76
C ASP A 158 62.78 17.41 -41.76
N ASP A 159 63.44 17.43 -40.60
CA ASP A 159 64.84 17.04 -40.53
C ASP A 159 64.99 15.53 -40.63
N VAL A 160 66.01 15.09 -41.36
CA VAL A 160 66.27 13.67 -41.54
C VAL A 160 66.88 13.11 -40.27
N VAL A 161 66.26 12.08 -39.71
CA VAL A 161 66.68 11.42 -38.48
C VAL A 161 67.08 9.99 -38.82
N GLN A 162 68.09 9.51 -38.10
CA GLN A 162 68.59 8.14 -38.23
C GLN A 162 67.80 7.24 -37.30
N LEU A 163 67.24 6.17 -37.87
CA LEU A 163 66.37 5.23 -37.15
C LEU A 163 67.03 3.86 -37.19
N GLU A 164 67.58 3.43 -36.08
CA GLU A 164 68.24 2.14 -35.97
C GLU A 164 67.31 1.06 -35.43
N LEU A 165 67.23 -0.07 -36.13
CA LEU A 165 66.35 -1.14 -35.72
C LEU A 165 67.06 -2.48 -35.74
N PRO A 166 66.71 -3.39 -34.82
CA PRO A 166 67.26 -4.76 -34.85
C PRO A 166 66.62 -5.62 -35.94
N VAL A 167 66.94 -6.91 -35.94
CA VAL A 167 66.55 -7.80 -37.03
C VAL A 167 65.14 -8.36 -36.85
N THR A 168 64.82 -8.87 -35.65
CA THR A 168 63.50 -9.45 -35.44
C THR A 168 62.40 -8.41 -35.51
N GLU A 169 62.66 -7.22 -34.97
CA GLU A 169 61.69 -6.13 -35.07
C GLU A 169 61.46 -5.71 -36.52
N ALA A 170 62.54 -5.62 -37.31
CA ALA A 170 62.40 -5.26 -38.72
C ALA A 170 61.65 -6.34 -39.49
N GLN A 171 61.91 -7.61 -39.17
CA GLN A 171 61.19 -8.70 -39.83
C GLN A 171 59.72 -8.68 -39.49
N GLN A 172 59.38 -8.41 -38.22
CA GLN A 172 57.97 -8.32 -37.84
C GLN A 172 57.30 -7.13 -38.51
N LEU A 173 58.00 -5.99 -38.62
CA LEU A 173 57.46 -4.83 -39.30
C LEU A 173 57.19 -5.13 -40.77
N LEU A 174 58.13 -5.80 -41.44
CA LEU A 174 57.94 -6.13 -42.85
C LEU A 174 56.81 -7.13 -43.04
N SER A 175 56.70 -8.12 -42.15
CA SER A 175 55.63 -9.10 -42.26
C SER A 175 54.27 -8.45 -42.05
N ALA A 176 54.17 -7.52 -41.09
CA ALA A 176 52.92 -6.82 -40.88
C ALA A 176 52.57 -5.91 -42.06
N CYS A 177 53.57 -5.20 -42.58
CA CYS A 177 53.32 -4.28 -43.70
C CYS A 177 53.00 -5.02 -45.00
N LEU A 178 53.47 -6.26 -45.14
CA LEU A 178 53.20 -7.02 -46.35
C LEU A 178 52.01 -7.97 -46.24
N GLU A 179 51.55 -8.28 -45.03
CA GLU A 179 50.47 -9.23 -44.85
C GLU A 179 49.24 -8.65 -44.17
N LYS A 180 49.43 -7.93 -43.05
CA LYS A 180 48.31 -7.52 -42.23
C LYS A 180 48.04 -6.02 -42.21
N VAL A 181 48.99 -5.18 -42.59
CA VAL A 181 48.84 -3.73 -42.54
C VAL A 181 48.87 -3.18 -43.96
N ASP A 182 47.84 -2.40 -44.31
CA ASP A 182 47.73 -1.77 -45.62
C ASP A 182 47.80 -0.25 -45.46
N ILE A 183 48.99 0.32 -45.62
CA ILE A 183 49.22 1.74 -45.44
C ILE A 183 49.83 2.34 -46.71
N SER A 184 49.41 1.84 -47.87
CA SER A 184 49.95 2.33 -49.13
C SER A 184 49.57 3.77 -49.43
N SER A 185 48.50 4.27 -48.80
CA SER A 185 48.05 5.64 -49.03
C SER A 185 48.85 6.67 -48.25
N THR A 186 49.75 6.25 -47.38
CA THR A 186 50.48 7.15 -46.50
C THR A 186 51.75 7.67 -47.15
N GLU A 187 52.19 8.85 -46.71
CA GLU A 187 53.36 9.48 -47.30
C GLU A 187 54.64 8.75 -46.89
N GLY A 188 55.53 8.55 -47.85
CA GLY A 188 56.78 7.88 -47.59
C GLY A 188 56.67 6.38 -47.42
N TYR A 189 55.54 5.79 -47.81
CA TYR A 189 55.36 4.35 -47.63
C TYR A 189 56.29 3.55 -48.53
N ASP A 190 56.45 3.96 -49.79
CA ASP A 190 57.29 3.21 -50.71
C ASP A 190 58.75 3.26 -50.29
N LEU A 191 59.21 4.43 -49.83
CA LEU A 191 60.60 4.57 -49.38
C LEU A 191 60.87 3.71 -48.16
N PHE A 192 59.95 3.70 -47.19
CA PHE A 192 60.14 2.86 -46.01
C PHE A 192 60.11 1.38 -46.35
N ILE A 193 59.22 0.96 -47.28
CA ILE A 193 59.19 -0.44 -47.67
C ILE A 193 60.48 -0.84 -48.37
N THR A 194 60.98 0.00 -49.27
CA THR A 194 62.22 -0.31 -49.98
C THR A 194 63.41 -0.34 -49.02
N GLN A 195 63.47 0.61 -48.09
CA GLN A 195 64.56 0.62 -47.11
C GLN A 195 64.52 -0.59 -46.20
N LEU A 196 63.33 -0.98 -45.74
CA LEU A 196 63.19 -2.18 -44.93
C LEU A 196 63.60 -3.42 -45.71
N LYS A 197 63.20 -3.49 -46.98
CA LYS A 197 63.53 -4.65 -47.80
C LYS A 197 65.02 -4.77 -48.02
N ASP A 198 65.71 -3.66 -48.35
CA ASP A 198 67.14 -3.75 -48.59
C ASP A 198 67.91 -4.02 -47.31
N GLY A 199 67.46 -3.44 -46.19
CA GLY A 199 68.10 -3.74 -44.92
C GLY A 199 67.96 -5.20 -44.52
N LEU A 200 66.77 -5.76 -44.69
CA LEU A 200 66.58 -7.17 -44.34
C LEU A 200 67.31 -8.10 -45.30
N LYS A 201 67.35 -7.78 -46.60
CA LYS A 201 68.08 -8.65 -47.53
C LYS A 201 69.58 -8.53 -47.37
N ASN A 202 70.08 -7.41 -46.82
CA ASN A 202 71.49 -7.32 -46.48
C ASN A 202 71.79 -8.01 -45.16
N THR A 203 70.85 -8.00 -44.23
CA THR A 203 71.08 -8.60 -42.92
C THR A 203 70.99 -10.12 -42.97
N SER A 204 70.09 -10.66 -43.82
CA SER A 204 69.83 -12.09 -43.84
C SER A 204 71.03 -12.91 -44.31
N HIS A 205 71.94 -12.32 -45.07
CA HIS A 205 73.17 -13.04 -45.45
C HIS A 205 74.07 -13.24 -44.24
N GLU A 206 74.19 -12.22 -43.38
CA GLU A 206 74.98 -12.33 -42.16
C GLU A 206 74.22 -13.03 -41.05
N THR A 207 72.91 -13.27 -41.21
CA THR A 207 72.14 -13.92 -40.17
C THR A 207 72.51 -15.39 -40.03
N ALA A 208 72.68 -16.09 -41.15
CA ALA A 208 72.95 -17.52 -41.13
C ALA A 208 74.40 -17.86 -40.76
N ALA A 209 75.28 -16.87 -40.66
CA ALA A 209 76.67 -17.13 -40.35
C ALA A 209 76.93 -17.10 -38.84
N ASN A 210 76.68 -15.96 -38.21
CA ASN A 210 76.89 -15.80 -36.77
C ASN A 210 75.65 -15.18 -36.16
N HIS A 211 75.17 -15.76 -35.06
CA HIS A 211 73.94 -15.27 -34.44
C HIS A 211 74.19 -13.96 -33.68
N LYS A 212 75.34 -13.85 -33.00
CA LYS A 212 75.61 -12.64 -32.23
C LYS A 212 75.90 -11.45 -33.13
N VAL A 213 76.63 -11.68 -34.22
CA VAL A 213 76.87 -10.61 -35.19
C VAL A 213 75.58 -10.21 -35.89
N ALA A 214 74.68 -11.18 -36.12
CA ALA A 214 73.38 -10.87 -36.69
C ALA A 214 72.55 -10.00 -35.75
N LYS A 215 72.52 -10.37 -34.47
CA LYS A 215 71.76 -9.59 -33.48
C LYS A 215 72.34 -8.20 -33.30
N TRP A 216 73.67 -8.09 -33.32
CA TRP A 216 74.28 -6.77 -33.16
C TRP A 216 74.09 -5.90 -34.40
N ALA A 217 73.92 -6.51 -35.58
CA ALA A 217 73.73 -5.74 -36.80
C ALA A 217 72.35 -5.09 -36.80
N THR A 218 72.33 -3.77 -37.01
CA THR A 218 71.10 -2.98 -37.01
C THR A 218 70.97 -2.25 -38.34
N VAL A 219 69.73 -2.06 -38.78
CA VAL A 219 69.43 -1.33 -40.01
C VAL A 219 69.17 0.13 -39.67
N THR A 220 69.89 1.02 -40.33
CA THR A 220 69.79 2.46 -40.09
C THR A 220 69.06 3.13 -41.25
N PHE A 221 67.86 3.62 -40.96
CA PHE A 221 67.04 4.37 -41.93
C PHE A 221 67.32 5.86 -41.78
N HIS A 222 67.53 6.54 -42.89
CA HIS A 222 67.79 7.98 -42.89
C HIS A 222 66.54 8.61 -43.48
N LEU A 223 65.57 8.93 -42.63
CA LEU A 223 64.29 9.41 -43.12
C LEU A 223 63.83 10.62 -42.33
N PRO A 224 62.96 11.46 -42.91
CA PRO A 224 62.42 12.60 -42.16
C PRO A 224 61.57 12.17 -40.97
N HIS A 225 61.50 13.06 -39.99
CA HIS A 225 60.86 12.75 -38.72
C HIS A 225 59.33 12.67 -38.87
N HIS A 226 58.73 13.64 -39.56
CA HIS A 226 57.28 13.67 -39.69
C HIS A 226 56.77 12.52 -40.54
N VAL A 227 57.52 12.13 -41.58
CA VAL A 227 57.12 10.99 -42.41
C VAL A 227 57.12 9.70 -41.59
N LEU A 228 58.18 9.50 -40.82
CA LEU A 228 58.28 8.30 -39.97
C LEU A 228 57.20 8.31 -38.90
N LYS A 229 56.90 9.48 -38.32
CA LYS A 229 55.85 9.57 -37.31
C LYS A 229 54.48 9.25 -37.91
N SER A 230 54.19 9.76 -39.11
CA SER A 230 52.92 9.46 -39.76
C SER A 230 52.83 7.98 -40.12
N ILE A 231 53.93 7.39 -40.59
CA ILE A 231 53.93 5.97 -40.92
C ILE A 231 53.68 5.11 -39.69
N ALA A 232 54.35 5.43 -38.58
CA ALA A 232 54.17 4.65 -37.36
C ALA A 232 52.78 4.83 -36.77
N SER A 233 52.23 6.05 -36.85
CA SER A 233 50.86 6.26 -36.39
C SER A 233 49.86 5.50 -37.26
N ALA A 234 50.09 5.45 -38.57
CA ALA A 234 49.23 4.68 -39.45
C ALA A 234 49.32 3.19 -39.16
N ILE A 235 50.52 2.69 -38.85
CA ILE A 235 50.68 1.28 -38.48
C ILE A 235 49.93 0.98 -37.19
N VAL A 236 50.06 1.87 -36.20
CA VAL A 236 49.37 1.69 -34.93
C VAL A 236 47.86 1.67 -35.13
N ASN A 237 47.35 2.63 -35.92
CA ASN A 237 45.91 2.71 -36.15
C ASN A 237 45.39 1.51 -36.93
N GLU A 238 46.14 1.06 -37.95
CA GLU A 238 45.71 -0.06 -38.76
C GLU A 238 45.74 -1.37 -37.98
N LEU A 239 46.70 -1.53 -37.07
CA LEU A 239 46.72 -2.72 -36.23
C LEU A 239 45.70 -2.64 -35.11
N LYS A 240 45.32 -1.43 -34.69
CA LYS A 240 44.30 -1.28 -33.66
C LYS A 240 42.90 -1.50 -34.20
N LYS A 241 42.63 -1.08 -35.44
CA LYS A 241 41.29 -1.23 -35.98
C LYS A 241 40.97 -2.67 -36.36
N ILE A 242 41.99 -3.52 -36.54
CA ILE A 242 41.77 -4.92 -36.88
C ILE A 242 41.80 -5.83 -35.66
N ASN A 243 42.16 -5.29 -34.49
CA ASN A 243 42.19 -6.05 -33.23
C ASN A 243 43.12 -7.26 -33.32
N GLN A 244 44.26 -7.09 -34.00
CA GLN A 244 45.24 -8.16 -34.14
C GLN A 244 46.44 -7.84 -33.26
N ASN A 245 46.82 -8.82 -32.44
CA ASN A 245 47.92 -8.69 -31.49
C ASN A 245 49.17 -9.33 -32.08
N VAL A 246 49.91 -8.55 -32.87
CA VAL A 246 51.14 -9.00 -33.50
C VAL A 246 52.32 -8.34 -32.82
N ALA A 247 53.52 -8.88 -33.07
CA ALA A 247 54.73 -8.37 -32.44
C ALA A 247 55.23 -7.07 -33.07
N ALA A 248 54.70 -6.69 -34.23
CA ALA A 248 55.12 -5.46 -34.88
C ALA A 248 54.51 -4.23 -34.22
N LEU A 249 53.39 -4.39 -33.51
CA LEU A 249 52.74 -3.25 -32.87
C LEU A 249 53.60 -2.62 -31.75
N PRO A 250 54.17 -3.38 -30.80
CA PRO A 250 55.05 -2.72 -29.82
C PRO A 250 56.32 -2.18 -30.45
N VAL A 251 56.79 -2.79 -31.54
CA VAL A 251 57.96 -2.27 -32.25
C VAL A 251 57.66 -0.90 -32.83
N ALA A 252 56.51 -0.77 -33.49
CA ALA A 252 56.13 0.51 -34.07
C ALA A 252 55.85 1.56 -32.99
N SER A 253 55.28 1.13 -31.86
CA SER A 253 55.03 2.05 -30.75
C SER A 253 56.34 2.57 -30.16
N SER A 254 57.33 1.69 -29.99
CA SER A 254 58.62 2.12 -29.50
C SER A 254 59.31 3.04 -30.50
N VAL A 255 59.14 2.76 -31.80
CA VAL A 255 59.75 3.60 -32.82
C VAL A 255 59.15 5.00 -32.80
N MET A 256 57.82 5.11 -32.72
CA MET A 256 57.22 6.44 -32.71
C MET A 256 57.50 7.18 -31.42
N ASP A 257 57.62 6.46 -30.29
CA ASP A 257 57.97 7.13 -29.05
C ASP A 257 59.41 7.64 -29.09
N ARG A 258 60.33 6.86 -29.68
CA ARG A 258 61.70 7.33 -29.85
C ARG A 258 61.75 8.54 -30.77
N LEU A 259 60.96 8.53 -31.85
CA LEU A 259 60.93 9.67 -32.76
C LEU A 259 60.37 10.90 -32.07
N SER A 260 59.35 10.73 -31.21
CA SER A 260 58.82 11.86 -30.46
C SER A 260 59.83 12.37 -29.43
N TYR A 261 60.65 11.47 -28.88
CA TYR A 261 61.65 11.88 -27.90
C TYR A 261 62.85 12.57 -28.55
N LEU A 262 63.18 12.21 -29.79
CA LEU A 262 64.29 12.86 -30.47
C LEU A 262 63.98 14.31 -30.86
N LEU A 263 62.72 14.65 -31.02
CA LEU A 263 62.33 16.01 -31.39
C LEU A 263 61.69 16.70 -30.20
N PRO A 264 62.35 17.69 -29.58
CA PRO A 264 61.71 18.41 -28.47
C PRO A 264 60.54 19.27 -28.89
N SER A 265 60.44 19.62 -30.17
CA SER A 265 59.32 20.44 -30.65
C SER A 265 58.02 19.65 -30.72
N ALA A 266 58.08 18.32 -30.67
CA ALA A 266 56.90 17.46 -30.69
C ALA A 266 56.64 16.83 -29.32
N ARG A 267 56.94 17.57 -28.25
CA ARG A 267 56.76 17.10 -26.88
C ARG A 267 55.86 18.07 -26.15
N PRO A 268 54.54 17.86 -26.20
CA PRO A 268 53.62 18.74 -25.46
C PRO A 268 53.76 18.56 -23.95
N GLU A 269 53.37 19.61 -23.23
CA GLU A 269 53.48 19.60 -21.78
C GLU A 269 52.48 18.62 -21.16
N LEU A 270 52.89 17.98 -20.07
CA LEU A 270 52.04 17.01 -19.38
C LEU A 270 50.97 17.76 -18.59
N GLY A 271 49.73 17.69 -19.06
CA GLY A 271 48.63 18.38 -18.41
C GLY A 271 47.92 17.55 -17.36
N VAL A 272 48.58 17.32 -16.23
CA VAL A 272 47.99 16.56 -15.13
C VAL A 272 47.21 17.54 -14.26
N GLY A 273 45.88 17.42 -14.28
CA GLY A 273 45.02 18.27 -13.50
C GLY A 273 43.57 17.83 -13.56
N PRO A 274 42.76 18.30 -12.60
CA PRO A 274 41.34 17.95 -12.60
C PRO A 274 40.59 18.64 -13.73
N GLY A 275 39.55 17.95 -14.22
CA GLY A 275 38.71 18.52 -15.25
C GLY A 275 39.35 18.61 -16.62
N ARG A 276 40.43 17.87 -16.86
CA ARG A 276 41.13 17.90 -18.14
C ARG A 276 41.60 16.50 -18.48
N SER A 277 41.10 15.96 -19.59
CA SER A 277 41.49 14.63 -20.02
C SER A 277 42.91 14.64 -20.60
N VAL A 278 43.57 13.49 -20.49
CA VAL A 278 44.92 13.33 -20.98
C VAL A 278 44.88 12.70 -22.37
N ASP A 279 46.00 12.82 -23.08
CA ASP A 279 46.15 12.24 -24.42
C ASP A 279 46.62 10.80 -24.28
N ARG A 280 45.75 9.85 -24.67
CA ARG A 280 46.09 8.44 -24.51
C ARG A 280 47.19 8.02 -25.47
N SER A 281 47.18 8.56 -26.70
CA SER A 281 48.22 8.24 -27.67
C SER A 281 49.59 8.78 -27.23
N LEU A 282 49.61 9.93 -26.58
CA LEU A 282 50.85 10.45 -26.02
C LEU A 282 51.28 9.70 -24.76
N MET A 283 50.34 9.08 -24.07
CA MET A 283 50.64 8.37 -22.83
C MET A 283 51.01 6.90 -23.09
N TYR A 284 51.29 6.55 -24.35
CA TYR A 284 51.73 5.19 -24.66
C TYR A 284 53.13 4.92 -24.11
N SER A 285 53.93 5.97 -23.92
CA SER A 285 55.25 5.82 -23.35
C SER A 285 55.15 5.59 -21.85
N GLU A 286 56.05 4.75 -21.33
CA GLU A 286 56.05 4.45 -19.90
C GLU A 286 56.50 5.64 -19.07
N ALA A 287 57.42 6.45 -19.62
CA ALA A 287 57.98 7.57 -18.87
C ALA A 287 56.91 8.62 -18.58
N ASN A 288 55.99 8.85 -19.52
CA ASN A 288 54.89 9.78 -19.27
C ASN A 288 53.96 9.26 -18.18
N ARG A 289 53.69 7.95 -18.19
CA ARG A 289 52.84 7.36 -17.16
C ARG A 289 53.46 7.48 -15.78
N ARG A 290 54.77 7.24 -15.67
CA ARG A 290 55.43 7.39 -14.39
C ARG A 290 55.71 8.85 -14.04
N GLU A 291 55.66 9.76 -15.02
CA GLU A 291 55.72 11.19 -14.75
C GLU A 291 54.40 11.72 -14.21
N THR A 292 53.29 11.09 -14.57
CA THR A 292 51.99 11.55 -14.07
C THR A 292 51.84 11.38 -12.57
N PHE A 293 52.69 10.56 -11.92
CA PHE A 293 52.61 10.32 -10.49
C PHE A 293 53.50 11.26 -9.67
N THR A 294 53.77 12.49 -10.14
CA THR A 294 54.58 13.40 -9.34
C THR A 294 53.81 13.90 -8.12
N SER A 295 52.50 14.14 -8.27
CA SER A 295 51.67 14.60 -7.17
C SER A 295 50.99 13.46 -6.42
N TRP A 296 51.61 12.29 -6.40
CA TRP A 296 51.05 11.14 -5.70
C TRP A 296 51.15 11.35 -4.19
N PRO A 297 50.05 11.30 -3.45
CA PRO A 297 50.11 11.48 -1.99
C PRO A 297 50.43 10.21 -1.21
N HIS A 298 50.73 9.10 -1.88
CA HIS A 298 50.96 7.82 -1.22
C HIS A 298 52.29 7.21 -1.66
N VAL A 299 53.34 8.03 -1.75
CA VAL A 299 54.65 7.52 -2.11
C VAL A 299 55.22 6.64 -0.99
N GLY A 300 54.89 6.97 0.26
CA GLY A 300 55.37 6.22 1.41
C GLY A 300 54.77 4.83 1.57
N TYR A 301 53.77 4.48 0.77
CA TYR A 301 53.19 3.15 0.83
C TYR A 301 54.19 2.11 0.34
N ARG A 302 54.06 0.88 0.85
CA ARG A 302 55.03 -0.16 0.53
C ARG A 302 54.89 -0.63 -0.92
N TRP A 303 53.66 -0.92 -1.35
CA TRP A 303 53.42 -1.42 -2.69
C TRP A 303 52.78 -0.41 -3.63
N ALA A 304 52.27 0.70 -3.11
CA ALA A 304 51.70 1.77 -3.93
C ALA A 304 52.73 2.84 -4.25
N GLN A 305 53.91 2.41 -4.73
CA GLN A 305 54.97 3.31 -5.16
C GLN A 305 54.85 3.61 -6.65
N PRO A 306 55.31 4.78 -7.09
CA PRO A 306 55.11 5.16 -8.51
C PRO A 306 55.76 4.23 -9.52
N ASP A 307 56.99 3.77 -9.23
CA ASP A 307 57.70 2.97 -10.23
C ASP A 307 57.11 1.58 -10.40
N PRO A 308 56.79 0.82 -9.34
CA PRO A 308 56.18 -0.49 -9.60
C PRO A 308 54.76 -0.42 -10.15
N MET A 309 53.96 0.59 -9.81
CA MET A 309 52.60 0.59 -10.33
C MET A 309 52.49 1.24 -11.71
N ALA A 310 53.44 2.09 -12.09
CA ALA A 310 53.36 2.72 -13.40
C ALA A 310 53.75 1.75 -14.52
N GLN A 311 54.66 0.80 -14.23
CA GLN A 311 55.08 -0.14 -15.26
C GLN A 311 54.00 -1.14 -15.63
N ALA A 312 52.94 -1.26 -14.81
CA ALA A 312 51.79 -2.09 -15.13
C ALA A 312 50.86 -1.46 -16.16
N GLY A 313 51.07 -0.20 -16.50
CA GLY A 313 50.23 0.48 -17.48
C GLY A 313 49.14 1.32 -16.86
N PHE A 314 49.52 2.18 -15.90
CA PHE A 314 48.57 3.04 -15.20
C PHE A 314 49.09 4.47 -15.19
N TYR A 315 48.17 5.42 -15.19
CA TYR A 315 48.51 6.83 -15.12
C TYR A 315 47.60 7.55 -14.14
N HIS A 316 48.13 8.60 -13.54
CA HIS A 316 47.37 9.39 -12.58
C HIS A 316 46.49 10.38 -13.33
N GLN A 317 45.18 10.22 -13.21
CA GLN A 317 44.19 11.15 -13.75
C GLN A 317 43.27 11.53 -12.60
N PRO A 318 43.71 12.44 -11.73
CA PRO A 318 42.93 12.75 -10.53
C PRO A 318 41.78 13.71 -10.80
N ALA A 319 40.65 13.45 -10.15
CA ALA A 319 39.50 14.34 -10.23
C ALA A 319 39.63 15.53 -9.29
N SER A 320 40.55 15.49 -8.34
CA SER A 320 40.76 16.58 -7.39
C SER A 320 42.23 16.59 -7.00
N SER A 321 42.55 17.28 -5.90
CA SER A 321 43.90 17.34 -5.38
C SER A 321 43.98 16.52 -4.10
N GLY A 322 44.70 15.41 -4.15
CA GLY A 322 44.92 14.56 -2.99
C GLY A 322 44.32 13.17 -3.07
N ASP A 323 43.67 12.80 -4.18
CA ASP A 323 43.08 11.48 -4.31
C ASP A 323 44.08 10.52 -4.98
N ASP A 324 43.64 9.28 -5.20
CA ASP A 324 44.49 8.21 -5.72
C ASP A 324 43.81 7.51 -6.90
N ARG A 325 43.27 8.30 -7.81
CA ARG A 325 42.55 7.77 -8.98
C ARG A 325 43.57 7.51 -10.08
N ALA A 326 43.82 6.23 -10.37
CA ALA A 326 44.78 5.81 -11.38
C ALA A 326 44.05 5.00 -12.44
N MET A 327 44.09 5.48 -13.69
CA MET A 327 43.39 4.84 -14.79
C MET A 327 44.38 4.07 -15.68
N CYS A 328 43.90 2.98 -16.27
CA CYS A 328 44.67 2.27 -17.28
C CYS A 328 44.60 3.02 -18.61
N PHE A 329 45.68 2.95 -19.38
CA PHE A 329 45.73 3.62 -20.67
C PHE A 329 45.34 2.70 -21.83
N THR A 330 44.96 1.47 -21.55
CA THR A 330 44.50 0.54 -22.57
C THR A 330 43.05 0.12 -22.36
N CYS A 331 42.70 -0.37 -21.17
CA CYS A 331 41.34 -0.79 -20.87
C CYS A 331 40.52 0.26 -20.13
N SER A 332 41.19 1.27 -19.56
CA SER A 332 40.53 2.37 -18.85
C SER A 332 39.67 1.86 -17.70
N VAL A 333 40.31 1.10 -16.81
CA VAL A 333 39.62 0.55 -15.64
C VAL A 333 39.53 1.62 -14.57
N CYS A 334 38.33 1.78 -14.00
CA CYS A 334 38.11 2.77 -12.94
C CYS A 334 38.61 2.18 -11.62
N LEU A 335 39.66 2.78 -11.06
CA LEU A 335 40.27 2.31 -9.83
C LEU A 335 40.32 3.47 -8.84
N VAL A 336 39.74 3.27 -7.66
CA VAL A 336 39.74 4.25 -6.59
C VAL A 336 40.13 3.56 -5.29
N CYS A 337 40.29 4.37 -4.25
CA CYS A 337 40.63 3.94 -2.88
C CYS A 337 41.73 2.89 -2.85
N TRP A 338 42.91 3.29 -3.31
CA TRP A 338 44.05 2.39 -3.35
C TRP A 338 44.54 2.09 -1.93
N GLU A 339 45.14 0.92 -1.77
CA GLU A 339 45.59 0.45 -0.46
C GLU A 339 47.10 0.22 -0.50
N PRO A 340 47.78 0.33 0.65
CA PRO A 340 49.22 0.08 0.67
C PRO A 340 49.60 -1.36 0.33
N THR A 341 48.68 -2.31 0.50
CA THR A 341 48.91 -3.71 0.19
C THR A 341 48.45 -4.10 -1.21
N ASP A 342 48.05 -3.13 -2.04
CA ASP A 342 47.53 -3.42 -3.37
C ASP A 342 48.70 -3.60 -4.33
N GLU A 343 49.00 -4.84 -4.66
CA GLU A 343 50.01 -5.14 -5.68
C GLU A 343 49.50 -4.72 -7.04
N PRO A 344 50.29 -4.00 -7.84
CA PRO A 344 49.77 -3.48 -9.12
C PRO A 344 49.41 -4.55 -10.13
N TRP A 345 50.25 -5.58 -10.29
CA TRP A 345 49.95 -6.66 -11.22
C TRP A 345 48.71 -7.45 -10.77
N SER A 346 48.62 -7.74 -9.47
CA SER A 346 47.48 -8.48 -8.96
C SER A 346 46.19 -7.66 -9.05
N GLU A 347 46.29 -6.36 -8.79
CA GLU A 347 45.11 -5.50 -8.90
C GLU A 347 44.66 -5.37 -10.35
N HIS A 348 45.61 -5.28 -11.28
CA HIS A 348 45.25 -5.23 -12.70
C HIS A 348 44.66 -6.54 -13.18
N GLU A 349 45.12 -7.67 -12.64
CA GLU A 349 44.54 -8.96 -12.99
C GLU A 349 43.13 -9.10 -12.43
N ARG A 350 42.93 -8.67 -11.18
CA ARG A 350 41.63 -8.81 -10.54
C ARG A 350 40.59 -7.88 -11.15
N HIS A 351 40.93 -6.61 -11.30
CA HIS A 351 39.97 -5.63 -11.79
C HIS A 351 39.77 -5.69 -13.29
N SER A 352 40.75 -6.20 -14.04
CA SER A 352 40.63 -6.29 -15.50
C SER A 352 41.40 -7.52 -15.98
N PRO A 353 40.81 -8.70 -15.87
CA PRO A 353 41.48 -9.90 -16.43
C PRO A 353 41.53 -9.89 -17.95
N ASN A 354 40.69 -9.08 -18.59
CA ASN A 354 40.68 -8.94 -20.04
C ASN A 354 41.71 -7.93 -20.53
N CYS A 355 42.44 -7.29 -19.63
CA CYS A 355 43.48 -6.36 -20.05
C CYS A 355 44.62 -7.13 -20.71
N PRO A 356 45.12 -6.67 -21.86
CA PRO A 356 46.17 -7.43 -22.56
C PRO A 356 47.49 -7.50 -21.83
N PHE A 357 47.73 -6.61 -20.86
CA PHE A 357 48.92 -6.71 -20.03
C PHE A 357 48.88 -7.91 -19.10
N VAL A 358 47.69 -8.31 -18.65
CA VAL A 358 47.56 -9.48 -17.79
C VAL A 358 47.87 -10.76 -18.55
N LYS A 359 47.34 -10.91 -19.77
CA LYS A 359 47.64 -12.10 -20.56
C LYS A 359 49.03 -12.06 -21.18
N GLY A 360 49.67 -10.90 -21.22
CA GLY A 360 51.00 -10.73 -21.78
C GLY A 360 51.13 -10.58 -23.29
N GLU A 361 50.05 -10.37 -24.03
CA GLU A 361 50.22 -10.22 -25.48
C GLU A 361 50.82 -8.85 -25.80
N HIS A 362 51.32 -8.74 -27.04
CA HIS A 362 52.02 -7.54 -27.48
C HIS A 362 51.03 -6.44 -27.81
N THR A 363 51.14 -5.32 -27.11
CA THR A 363 50.29 -4.15 -27.25
C THR A 363 51.12 -2.96 -27.74
N GLN A 364 50.51 -1.76 -27.67
CA GLN A 364 51.21 -0.54 -28.04
C GLN A 364 52.03 0.05 -26.91
N ASN A 365 52.39 -0.75 -25.91
CA ASN A 365 53.16 -0.25 -24.78
C ASN A 365 54.60 0.00 -25.22
N VAL A 366 55.21 1.06 -24.67
CA VAL A 366 56.60 1.39 -24.93
C VAL A 366 57.38 1.20 -23.63
N PRO A 367 58.27 0.21 -23.56
CA PRO A 367 59.06 0.04 -22.33
C PRO A 367 60.06 1.16 -22.14
N LEU A 368 60.43 1.40 -20.88
CA LEU A 368 61.36 2.47 -20.56
C LEU A 368 62.78 2.15 -21.04
N SER A 369 63.11 0.87 -21.16
CA SER A 369 64.45 0.49 -21.62
C SER A 369 64.69 0.87 -23.07
N VAL A 370 63.65 0.79 -23.91
CA VAL A 370 63.80 1.19 -25.31
C VAL A 370 64.00 2.70 -25.42
N THR A 371 63.30 3.47 -24.59
CA THR A 371 63.47 4.92 -24.60
C THR A 371 64.84 5.31 -24.06
N LEU A 372 65.33 4.59 -23.06
CA LEU A 372 66.65 4.88 -22.51
C LEU A 372 67.76 4.48 -23.47
N ALA A 373 67.55 3.40 -24.24
CA ALA A 373 68.51 2.97 -25.24
C ALA A 373 68.45 3.80 -26.52
N THR A 374 67.41 4.62 -26.70
CA THR A 374 67.29 5.49 -27.85
C THR A 374 67.23 6.96 -27.45
N SER A 375 67.77 7.31 -26.29
CA SER A 375 67.75 8.69 -25.85
C SER A 375 68.73 9.53 -26.66
N PRO A 376 68.41 10.78 -26.95
CA PRO A 376 69.34 11.64 -27.70
C PRO A 376 70.48 12.13 -26.82
N ALA A 377 71.43 12.79 -27.47
CA ALA A 377 72.60 13.34 -26.79
C ALA A 377 72.39 14.84 -26.62
N GLN A 378 72.10 15.25 -25.39
CA GLN A 378 71.86 16.65 -25.08
C GLN A 378 73.16 17.40 -24.93
N PHE A 379 73.17 18.66 -25.38
CA PHE A 379 74.34 19.50 -25.22
C PHE A 379 74.42 20.05 -23.79
N PRO A 380 75.63 20.31 -23.30
CA PRO A 380 75.75 20.88 -21.94
C PRO A 380 75.12 22.26 -21.80
N CYS A 381 75.00 23.02 -22.88
CA CYS A 381 74.39 24.33 -22.85
C CYS A 381 73.33 24.43 -23.94
N THR A 382 72.41 25.39 -23.77
CA THR A 382 71.34 25.57 -24.74
C THR A 382 71.87 26.15 -26.05
N ASP A 383 73.00 26.84 -26.03
CA ASP A 383 73.55 27.39 -27.27
C ASP A 383 74.12 26.29 -28.15
N GLY A 384 74.74 25.27 -27.55
CA GLY A 384 75.29 24.17 -28.31
C GLY A 384 76.51 24.53 -29.13
N THR A 385 77.33 25.48 -28.68
CA THR A 385 78.53 25.87 -29.39
C THR A 385 79.81 25.74 -28.58
N ASP A 386 79.72 25.61 -27.26
CA ASP A 386 80.91 25.45 -26.43
C ASP A 386 81.43 24.03 -26.54
N ARG A 387 82.75 23.88 -26.48
CA ARG A 387 83.39 22.57 -26.56
C ARG A 387 83.70 22.05 -25.16
N ILE A 388 83.52 20.74 -24.98
CA ILE A 388 83.69 20.10 -23.69
C ILE A 388 85.16 19.80 -23.47
N SER A 389 85.68 20.20 -22.30
CA SER A 389 87.09 20.02 -21.99
C SER A 389 87.39 18.67 -21.36
N CYS A 390 86.53 18.21 -20.44
CA CYS A 390 86.79 16.98 -19.71
C CYS A 390 85.46 16.42 -19.19
N PHE A 391 85.53 15.18 -18.72
CA PHE A 391 84.37 14.51 -18.14
C PHE A 391 84.89 13.37 -17.27
N GLY A 392 83.97 12.67 -16.61
CA GLY A 392 84.33 11.52 -15.81
C GLY A 392 83.28 11.25 -14.75
N SER A 393 83.61 10.27 -13.89
CA SER A 393 82.75 9.88 -12.78
C SER A 393 83.63 9.45 -11.62
N GLY A 394 83.08 9.55 -10.41
CA GLY A 394 83.83 9.23 -9.20
C GLY A 394 83.11 8.20 -8.36
N SER A 395 83.10 8.45 -7.05
CA SER A 395 82.47 7.54 -6.10
C SER A 395 80.96 7.57 -6.17
N CYS A 396 80.36 8.60 -6.78
CA CYS A 396 78.92 8.70 -6.98
C CYS A 396 78.67 8.91 -8.47
N PRO A 397 78.72 7.84 -9.27
CA PRO A 397 78.60 7.97 -10.72
C PRO A 397 77.18 8.01 -11.25
N HIS A 398 76.16 8.16 -10.39
CA HIS A 398 74.79 8.27 -10.86
C HIS A 398 74.56 9.54 -11.64
N PHE A 399 75.32 10.59 -11.35
CA PHE A 399 75.24 11.86 -12.06
C PHE A 399 76.46 12.01 -12.98
N LEU A 400 76.21 12.49 -14.19
CA LEU A 400 77.25 12.63 -15.20
C LEU A 400 77.53 14.12 -15.40
N ALA A 401 78.79 14.51 -15.25
CA ALA A 401 79.19 15.91 -15.33
C ALA A 401 79.86 16.19 -16.67
N ALA A 402 79.67 17.41 -17.15
CA ALA A 402 80.30 17.86 -18.39
C ALA A 402 80.67 19.33 -18.24
N ALA A 403 81.95 19.63 -18.37
CA ALA A 403 82.47 20.99 -18.22
C ALA A 403 83.03 21.48 -19.54
N THR A 404 82.73 22.74 -19.87
CA THR A 404 83.24 23.37 -21.09
C THR A 404 84.52 24.14 -20.79
N LYS A 405 85.17 24.60 -21.86
CA LYS A 405 86.41 25.35 -21.71
C LYS A 405 86.18 26.75 -21.18
N ARG A 406 84.96 27.29 -21.33
CA ARG A 406 84.65 28.63 -20.85
C ARG A 406 84.28 28.67 -19.37
N GLY A 407 84.10 27.51 -18.74
CA GLY A 407 83.79 27.45 -17.33
C GLY A 407 82.35 27.15 -16.99
N LYS A 408 81.62 26.44 -17.84
CA LYS A 408 80.24 26.08 -17.59
C LYS A 408 80.12 24.57 -17.42
N ILE A 409 79.48 24.16 -16.32
CA ILE A 409 79.32 22.75 -15.98
C ILE A 409 77.84 22.41 -15.96
N CYS A 410 77.48 21.35 -16.67
CA CYS A 410 76.13 20.79 -16.65
C CYS A 410 76.22 19.36 -16.14
N ILE A 411 75.35 19.03 -15.18
CA ILE A 411 75.29 17.70 -14.59
C ILE A 411 73.93 17.11 -14.92
N TRP A 412 73.94 15.91 -15.49
CA TRP A 412 72.74 15.20 -15.88
C TRP A 412 72.50 14.01 -14.96
N ASP A 413 71.22 13.69 -14.76
CA ASP A 413 70.82 12.52 -13.98
C ASP A 413 70.63 11.37 -14.96
N VAL A 414 71.75 10.77 -15.36
CA VAL A 414 71.71 9.69 -16.33
C VAL A 414 71.19 8.40 -15.71
N SER A 415 71.20 8.29 -14.38
CA SER A 415 70.63 7.12 -13.74
C SER A 415 69.12 7.06 -13.94
N LYS A 416 68.44 8.21 -13.85
CA LYS A 416 67.03 8.30 -14.19
C LYS A 416 66.89 8.67 -15.68
N LEU A 417 65.69 9.11 -16.07
CA LEU A 417 65.45 9.58 -17.42
C LEU A 417 66.30 10.80 -17.73
N MET A 418 66.75 10.90 -18.99
CA MET A 418 67.63 11.97 -19.43
C MET A 418 66.94 13.32 -19.28
N LYS A 419 67.42 14.14 -18.34
CA LYS A 419 66.83 15.43 -18.05
C LYS A 419 67.93 16.41 -17.66
N VAL A 420 67.55 17.65 -17.40
CA VAL A 420 68.46 18.66 -16.89
C VAL A 420 68.42 18.61 -15.37
N HIS A 421 69.57 18.35 -14.75
CA HIS A 421 69.64 18.16 -13.31
C HIS A 421 70.32 19.32 -12.60
N LEU A 422 71.50 19.73 -13.06
CA LEU A 422 72.12 20.99 -12.68
C LEU A 422 72.78 21.64 -13.87
N LYS A 423 72.82 22.97 -13.86
CA LYS A 423 73.50 23.75 -14.88
C LYS A 423 74.01 25.03 -14.24
N PHE A 424 75.33 25.25 -14.27
CA PHE A 424 75.88 26.46 -13.68
C PHE A 424 77.16 26.84 -14.42
N GLU A 425 77.71 27.99 -14.04
CA GLU A 425 78.93 28.53 -14.65
C GLU A 425 79.94 28.84 -13.56
N ILE A 426 81.17 28.39 -13.75
CA ILE A 426 82.24 28.61 -12.78
C ILE A 426 82.81 30.01 -12.95
N ASN A 427 82.87 30.75 -11.85
CA ASN A 427 83.50 32.05 -11.83
C ASN A 427 84.92 31.89 -11.28
N ALA A 428 85.90 32.39 -12.03
CA ALA A 428 87.29 32.24 -11.62
C ALA A 428 87.70 33.23 -10.54
N TYR A 429 86.86 34.21 -10.23
CA TYR A 429 87.15 35.24 -9.23
C TYR A 429 86.48 34.94 -7.89
N ASP A 430 86.39 33.67 -7.50
CA ASP A 430 85.82 33.32 -6.21
C ASP A 430 86.75 33.79 -5.08
N PRO A 431 86.18 34.16 -3.92
CA PRO A 431 87.04 34.62 -2.81
C PRO A 431 88.03 33.58 -2.31
N ALA A 432 87.64 32.29 -2.30
CA ALA A 432 88.57 31.26 -1.90
C ALA A 432 89.70 31.09 -2.92
N ILE A 433 89.36 31.14 -4.20
CA ILE A 433 90.37 31.08 -5.25
C ILE A 433 91.28 32.30 -5.18
N VAL A 434 90.70 33.47 -4.89
CA VAL A 434 91.49 34.69 -4.78
C VAL A 434 92.47 34.62 -3.62
N GLN A 435 92.01 34.14 -2.45
CA GLN A 435 92.91 34.07 -1.31
C GLN A 435 93.94 32.95 -1.47
N GLN A 436 93.60 31.87 -2.18
CA GLN A 436 94.60 30.85 -2.48
C GLN A 436 95.67 31.38 -3.42
N LEU A 437 95.28 32.16 -4.43
CA LEU A 437 96.26 32.76 -5.31
C LEU A 437 97.09 33.82 -4.60
N ILE A 438 96.50 34.51 -3.63
CA ILE A 438 97.26 35.47 -2.81
C ILE A 438 98.30 34.73 -1.96
N LEU A 439 97.89 33.64 -1.32
CA LEU A 439 98.81 32.83 -0.53
C LEU A 439 99.86 32.15 -1.40
N SER A 440 99.58 31.93 -2.69
CA SER A 440 100.58 31.37 -3.58
C SER A 440 101.75 32.32 -3.79
N GLY A 441 101.47 33.62 -3.92
CA GLY A 441 102.51 34.61 -4.11
C GLY A 441 102.56 35.64 -3.00
N ALA A 500 94.80 46.00 -12.22
CA ALA A 500 93.86 44.92 -12.51
C ALA A 500 94.45 43.56 -12.12
N MET A 501 93.63 42.52 -12.22
CA MET A 501 94.08 41.17 -11.86
C MET A 501 93.31 40.23 -12.77
N GLU A 502 94.03 39.43 -13.56
CA GLU A 502 93.44 38.56 -14.57
C GLU A 502 93.69 37.10 -14.25
N VAL A 503 92.61 36.33 -14.12
CA VAL A 503 92.65 34.91 -13.82
C VAL A 503 91.80 34.16 -14.84
N SER A 504 92.38 33.13 -15.46
CA SER A 504 91.65 32.28 -16.40
C SER A 504 91.70 30.85 -15.87
N LEU A 505 90.53 30.26 -15.66
CA LEU A 505 90.43 28.93 -15.07
C LEU A 505 89.91 27.94 -16.10
N ASP A 506 90.60 26.80 -16.21
CA ASP A 506 90.22 25.76 -17.16
C ASP A 506 90.19 24.42 -16.43
N ILE A 507 89.09 23.70 -16.57
CA ILE A 507 88.92 22.40 -15.92
C ILE A 507 89.53 21.32 -16.80
N THR A 508 90.31 20.42 -16.19
CA THR A 508 90.96 19.34 -16.91
C THR A 508 90.50 17.95 -16.49
N ALA A 509 89.77 17.83 -15.38
CA ALA A 509 89.25 16.55 -14.94
C ALA A 509 87.99 16.79 -14.12
N LEU A 510 87.08 15.81 -14.16
CA LEU A 510 85.81 15.89 -13.46
C LEU A 510 85.60 14.64 -12.63
N SER A 511 85.08 14.81 -11.42
CA SER A 511 84.82 13.69 -10.52
C SER A 511 83.75 14.12 -9.52
N ILE A 512 83.04 13.12 -8.99
CA ILE A 512 82.00 13.33 -7.99
C ILE A 512 82.29 12.41 -6.81
N LEU A 513 82.47 12.98 -5.63
CA LEU A 513 82.87 12.25 -4.45
C LEU A 513 81.72 12.22 -3.46
N GLN A 514 81.44 11.03 -2.91
CA GLN A 514 80.42 10.85 -1.89
C GLN A 514 80.86 9.75 -0.94
N GLN A 515 80.35 9.80 0.29
CA GLN A 515 80.66 8.80 1.30
C GLN A 515 80.02 7.46 0.97
N PRO A 563 74.83 13.50 4.05
CA PRO A 563 76.02 13.42 3.18
C PRO A 563 75.66 13.46 1.70
N PHE A 564 75.24 14.62 1.21
CA PHE A 564 74.87 14.76 -0.18
C PHE A 564 76.12 14.76 -1.06
N PRO A 565 76.02 14.25 -2.28
CA PRO A 565 77.20 14.20 -3.16
C PRO A 565 77.64 15.59 -3.59
N CYS A 566 78.93 15.69 -3.91
CA CYS A 566 79.54 16.95 -4.34
C CYS A 566 80.39 16.70 -5.57
N LEU A 567 80.55 17.73 -6.39
CA LEU A 567 81.32 17.65 -7.62
C LEU A 567 82.73 18.17 -7.38
N LEU A 568 83.72 17.35 -7.74
CA LEU A 568 85.13 17.71 -7.63
C LEU A 568 85.68 18.02 -9.03
N ALA A 569 86.09 19.25 -9.24
CA ALA A 569 86.62 19.71 -10.52
C ALA A 569 88.11 20.01 -10.37
N GLY A 570 88.93 19.40 -11.23
CA GLY A 570 90.35 19.68 -11.22
C GLY A 570 90.69 20.84 -12.13
N GLY A 571 90.82 22.03 -11.55
CA GLY A 571 91.01 23.24 -12.33
C GLY A 571 92.45 23.69 -12.38
N LEU A 572 92.76 24.47 -13.43
CA LEU A 572 94.07 25.08 -13.61
C LEU A 572 93.84 26.58 -13.77
N LEU A 573 94.50 27.37 -12.91
CA LEU A 573 94.37 28.81 -12.91
C LEU A 573 95.63 29.41 -13.53
N THR A 574 95.45 30.20 -14.58
CA THR A 574 96.54 30.93 -15.22
C THR A 574 96.35 32.41 -14.94
N TYR A 575 97.38 33.04 -14.40
CA TYR A 575 97.29 34.43 -13.98
C TYR A 575 98.61 35.15 -14.23
N LYS A 576 98.50 36.44 -14.56
CA LYS A 576 99.68 37.26 -14.79
C LYS A 576 100.22 37.78 -13.46
N SER A 577 101.50 37.53 -13.21
CA SER A 577 102.14 37.97 -11.98
C SER A 577 103.45 38.66 -12.29
N PRO A 578 103.84 39.65 -11.49
CA PRO A 578 105.15 40.27 -11.68
C PRO A 578 106.29 39.30 -11.37
N ALA A 579 107.36 39.41 -12.14
CA ALA A 579 108.51 38.53 -11.97
C ALA A 579 109.38 39.00 -10.82
N THR A 580 109.67 38.11 -9.88
CA THR A 580 110.50 38.43 -8.73
C THR A 580 111.72 37.53 -8.66
N PRO A 621 108.47 42.55 -16.81
CA PRO A 621 107.23 42.14 -17.50
C PRO A 621 106.48 41.06 -16.74
N LEU A 622 105.15 41.03 -16.92
CA LEU A 622 104.33 40.04 -16.25
C LEU A 622 104.49 38.67 -16.90
N VAL A 623 104.48 37.63 -16.07
CA VAL A 623 104.61 36.25 -16.53
C VAL A 623 103.32 35.51 -16.18
N ARG A 624 102.84 34.71 -17.12
CA ARG A 624 101.62 33.93 -16.92
C ARG A 624 101.98 32.65 -16.17
N ARG A 625 101.61 32.58 -14.90
CA ARG A 625 101.87 31.41 -14.05
C ARG A 625 100.62 30.55 -13.95
N THR A 626 100.82 29.24 -13.93
CA THR A 626 99.74 28.26 -13.85
C THR A 626 99.81 27.52 -12.53
N LEU A 627 98.64 27.30 -11.93
CA LEU A 627 98.53 26.59 -10.66
C LEU A 627 97.34 25.64 -10.69
N PRO A 628 97.55 24.35 -10.43
CA PRO A 628 96.42 23.41 -10.37
C PRO A 628 95.81 23.30 -8.99
N VAL A 629 94.48 23.38 -8.91
CA VAL A 629 93.73 23.29 -7.66
C VAL A 629 92.54 22.36 -7.86
N LEU A 630 91.90 22.02 -6.75
CA LEU A 630 90.69 21.20 -6.75
C LEU A 630 89.55 22.01 -6.17
N LEU A 631 88.42 22.06 -6.88
CA LEU A 631 87.25 22.81 -6.45
C LEU A 631 86.10 21.87 -6.13
N LEU A 632 85.44 22.12 -5.02
CA LEU A 632 84.29 21.33 -4.59
C LEU A 632 83.03 22.16 -4.70
N TYR A 633 82.02 21.63 -5.41
CA TYR A 633 80.77 22.32 -5.62
C TYR A 633 79.60 21.46 -5.14
N SER A 634 78.57 22.12 -4.63
CA SER A 634 77.39 21.42 -4.16
C SER A 634 76.56 20.91 -5.33
N ILE A 635 75.97 19.73 -5.16
CA ILE A 635 75.15 19.10 -6.20
C ILE A 635 73.68 19.06 -5.79
N LYS A 636 73.37 18.44 -4.66
CA LYS A 636 71.99 18.28 -4.24
C LYS A 636 71.39 19.63 -3.83
N GLU A 637 70.22 19.93 -4.35
CA GLU A 637 69.56 21.20 -4.08
C GLU A 637 68.90 21.19 -2.72
N SER A 638 68.49 22.38 -2.27
CA SER A 638 67.84 22.52 -0.98
C SER A 638 66.40 22.00 -1.06
N ASP A 639 66.02 21.19 -0.08
CA ASP A 639 64.68 20.62 -0.04
C ASP A 639 63.68 21.60 0.57
N VAL A 709 73.02 26.97 7.87
CA VAL A 709 73.22 27.70 6.62
C VAL A 709 73.94 26.76 5.65
N PHE A 710 73.19 25.87 5.02
CA PHE A 710 73.77 24.95 4.06
C PHE A 710 74.13 25.70 2.77
N PRO A 711 75.24 25.35 2.13
CA PRO A 711 75.64 26.07 0.92
C PRO A 711 74.70 25.79 -0.25
N LYS A 712 74.50 26.81 -1.07
CA LYS A 712 73.66 26.68 -2.25
C LYS A 712 74.40 25.94 -3.36
N PRO A 713 73.66 25.26 -4.25
CA PRO A 713 74.31 24.63 -5.40
C PRO A 713 74.95 25.65 -6.33
N GLY A 714 76.04 25.23 -6.96
CA GLY A 714 76.80 26.12 -7.82
C GLY A 714 77.83 26.97 -7.11
N THR A 715 77.94 26.85 -5.79
CA THR A 715 78.91 27.60 -5.00
C THR A 715 80.04 26.70 -4.55
N LEU A 716 81.17 27.31 -4.21
CA LEU A 716 82.35 26.57 -3.82
C LEU A 716 82.20 26.01 -2.41
N VAL A 717 82.66 24.77 -2.22
CA VAL A 717 82.67 24.11 -0.92
C VAL A 717 84.07 24.06 -0.33
N GLN A 718 85.04 23.56 -1.09
CA GLN A 718 86.42 23.49 -0.65
C GLN A 718 87.34 23.78 -1.84
N CYS A 719 88.36 24.60 -1.59
CA CYS A 719 89.36 24.96 -2.59
C CYS A 719 90.71 24.36 -2.15
N LEU A 720 90.94 23.12 -2.54
CA LEU A 720 92.17 22.42 -2.18
C LEU A 720 93.32 22.90 -3.08
N ARG A 721 94.44 23.22 -2.45
CA ARG A 721 95.63 23.71 -3.14
C ARG A 721 96.63 22.58 -3.26
N LEU A 722 97.10 22.33 -4.48
CA LEU A 722 98.08 21.27 -4.69
C LEU A 722 99.44 21.71 -4.15
N PRO A 723 100.30 20.76 -3.78
CA PRO A 723 101.62 21.11 -3.23
C PRO A 723 102.54 21.81 -4.23
N LYS A 724 103.77 22.08 -3.78
CA LYS A 724 104.64 23.02 -4.49
C LYS A 724 105.17 22.45 -5.80
N PHE A 725 105.36 21.13 -5.88
CA PHE A 725 105.92 20.55 -7.11
C PHE A 725 104.96 20.63 -8.28
N ALA A 726 103.66 20.68 -8.03
CA ALA A 726 102.70 20.84 -9.12
C ALA A 726 102.77 22.23 -9.73
N GLU A 727 102.96 23.25 -8.90
CA GLU A 727 103.09 24.61 -9.39
C GLU A 727 104.48 24.88 -9.99
N GLU A 728 105.52 24.24 -9.44
CA GLU A 728 106.87 24.48 -9.94
C GLU A 728 107.06 23.91 -11.34
N GLU A 729 106.51 22.73 -11.60
CA GLU A 729 106.65 22.07 -12.89
C GLU A 729 105.50 22.39 -13.85
N ASN A 730 104.58 23.26 -13.43
CA ASN A 730 103.41 23.64 -14.23
C ASN A 730 102.59 22.43 -14.67
N LEU A 731 102.43 21.48 -13.74
CA LEU A 731 101.65 20.28 -14.03
C LEU A 731 100.16 20.58 -14.03
N CYS A 732 99.42 19.74 -14.74
CA CYS A 732 97.96 19.84 -14.80
C CYS A 732 97.35 18.51 -14.36
N ILE A 733 96.15 18.60 -13.79
CA ILE A 733 95.45 17.43 -13.25
C ILE A 733 94.91 16.60 -14.39
N ASP A 734 95.58 15.49 -14.68
CA ASP A 734 95.19 14.65 -15.81
C ASP A 734 94.01 13.76 -15.46
N SER A 735 94.09 13.03 -14.35
CA SER A 735 93.06 12.06 -14.00
C SER A 735 92.76 12.08 -12.52
N ILE A 736 91.49 11.91 -12.17
CA ILE A 736 91.05 11.79 -10.78
C ILE A 736 90.26 10.50 -10.67
N THR A 737 90.66 9.63 -9.74
CA THR A 737 89.98 8.35 -9.58
C THR A 737 89.86 7.99 -8.10
N PRO A 738 88.65 7.75 -7.60
CA PRO A 738 88.53 7.22 -6.24
C PRO A 738 89.02 5.78 -6.18
N CYS A 739 89.62 5.44 -5.05
CA CYS A 739 90.15 4.10 -4.85
C CYS A 739 88.99 3.14 -4.53
N ALA A 740 89.32 1.84 -4.54
CA ALA A 740 88.30 0.82 -4.29
C ALA A 740 87.85 0.79 -2.83
N ASP A 741 88.63 1.33 -1.89
CA ASP A 741 88.23 1.33 -0.49
C ASP A 741 87.11 2.33 -0.23
N GLY A 742 87.08 3.43 -0.99
CA GLY A 742 86.14 4.50 -0.74
C GLY A 742 86.62 5.54 0.24
N ILE A 743 87.79 5.35 0.84
CA ILE A 743 88.33 6.31 1.79
C ILE A 743 89.51 7.10 1.21
N HIS A 744 90.13 6.63 0.14
CA HIS A 744 91.28 7.30 -0.48
C HIS A 744 90.95 7.69 -1.91
N LEU A 745 91.69 8.68 -2.41
CA LEU A 745 91.51 9.19 -3.76
C LEU A 745 92.87 9.34 -4.42
N LEU A 746 92.93 9.13 -5.73
CA LEU A 746 94.17 9.21 -6.48
C LEU A 746 94.07 10.29 -7.56
N VAL A 747 95.11 11.10 -7.68
CA VAL A 747 95.19 12.14 -8.70
C VAL A 747 96.48 11.93 -9.49
N GLY A 748 96.35 11.71 -10.79
CA GLY A 748 97.49 11.56 -11.67
C GLY A 748 97.68 12.83 -12.51
N LEU A 749 98.90 13.36 -12.45
CA LEU A 749 99.26 14.60 -13.12
C LEU A 749 100.06 14.32 -14.38
N ARG A 750 100.26 15.37 -15.18
CA ARG A 750 101.09 15.29 -16.38
C ARG A 750 101.61 16.69 -16.69
N THR A 751 102.62 16.74 -17.55
CA THR A 751 103.19 18.02 -17.95
C THR A 751 102.21 18.74 -18.86
N CYS A 752 101.78 19.92 -18.45
CA CYS A 752 100.85 20.70 -19.26
C CYS A 752 101.59 21.32 -20.44
N PRO A 753 101.12 21.11 -21.67
CA PRO A 753 101.79 21.72 -22.83
C PRO A 753 101.60 23.22 -22.85
N VAL A 754 102.60 23.91 -23.40
CA VAL A 754 102.62 25.36 -23.46
C VAL A 754 102.17 25.79 -24.85
N GLU A 755 101.15 26.65 -24.91
CA GLU A 755 100.62 27.14 -26.17
C GLU A 755 101.59 28.13 -26.83
N ARG A 818 116.48 21.48 -18.40
CA ARG A 818 115.44 21.09 -17.47
C ARG A 818 115.22 19.57 -17.48
N ASN A 819 114.60 19.06 -16.43
CA ASN A 819 114.32 17.64 -16.29
C ASN A 819 112.82 17.42 -16.45
N VAL A 820 112.43 16.81 -17.57
CA VAL A 820 111.02 16.54 -17.83
C VAL A 820 110.58 15.35 -16.97
N SER A 821 109.45 15.52 -16.28
CA SER A 821 108.89 14.49 -15.43
C SER A 821 107.65 13.89 -16.08
N GLY A 822 107.35 12.65 -15.71
CA GLY A 822 106.20 11.94 -16.22
C GLY A 822 104.92 12.16 -15.45
N GLY A 823 104.92 13.08 -14.49
CA GLY A 823 103.75 13.35 -13.69
C GLY A 823 103.94 12.91 -12.24
N TYR A 824 102.88 13.11 -11.46
CA TYR A 824 102.87 12.76 -10.05
C TYR A 824 101.59 12.03 -9.71
N LEU A 825 101.69 11.12 -8.73
CA LEU A 825 100.55 10.41 -8.18
C LEU A 825 100.34 10.90 -6.75
N VAL A 826 99.23 11.60 -6.52
CA VAL A 826 98.90 12.15 -5.22
C VAL A 826 97.71 11.39 -4.66
N LEU A 827 97.94 10.67 -3.57
CA LEU A 827 96.89 9.94 -2.86
C LEU A 827 96.43 10.78 -1.68
N TYR A 828 95.16 11.17 -1.70
CA TYR A 828 94.52 11.97 -0.66
C TYR A 828 93.59 11.10 0.18
N LYS A 829 93.32 11.58 1.39
CA LYS A 829 92.43 10.92 2.33
C LYS A 829 91.10 11.68 2.40
N MET A 830 89.99 10.96 2.28
CA MET A 830 88.67 11.57 2.34
C MET A 830 88.36 12.04 3.76
N ASN A 831 87.67 13.18 3.86
CA ASN A 831 87.28 13.78 5.13
C ASN A 831 85.76 13.73 5.25
N TYR A 832 85.26 13.08 6.31
CA TYR A 832 83.83 13.00 6.56
C TYR A 832 83.46 13.54 7.94
N ALA A 833 84.20 14.54 8.42
CA ALA A 833 83.93 15.08 9.75
C ALA A 833 82.62 15.89 9.77
N THR A 834 82.34 16.62 8.70
CA THR A 834 81.12 17.41 8.60
C THR A 834 80.10 16.69 7.73
N ARG A 835 78.98 17.36 7.46
CA ARG A 835 77.91 16.79 6.65
C ARG A 835 78.18 16.89 5.15
N ILE A 836 79.23 17.60 4.74
CA ILE A 836 79.59 17.76 3.34
C ILE A 836 80.88 17.01 3.07
N VAL A 837 80.93 16.33 1.91
CA VAL A 837 82.12 15.59 1.53
C VAL A 837 83.23 16.58 1.20
N THR A 838 84.34 16.48 1.93
CA THR A 838 85.49 17.36 1.75
C THR A 838 86.76 16.52 1.66
N LEU A 839 87.89 17.20 1.49
CA LEU A 839 89.18 16.56 1.39
C LEU A 839 90.13 17.10 2.45
N GLU A 840 91.30 16.46 2.56
CA GLU A 840 92.31 16.84 3.53
C GLU A 840 93.42 17.63 2.85
N GLU A 841 93.96 18.62 3.55
CA GLU A 841 95.03 19.42 2.97
C GLU A 841 96.33 18.63 2.85
N GLU A 842 96.61 17.75 3.81
CA GLU A 842 97.82 16.94 3.79
C GLU A 842 97.64 15.72 2.90
N PRO A 843 98.44 15.54 1.86
CA PRO A 843 98.33 14.32 1.04
C PRO A 843 98.87 13.12 1.78
N ILE A 844 98.17 11.99 1.68
CA ILE A 844 98.61 10.80 2.39
C ILE A 844 99.69 10.04 1.63
N LYS A 845 99.87 10.31 0.33
CA LYS A 845 100.97 9.70 -0.40
C LYS A 845 101.34 10.57 -1.59
N ILE A 846 102.64 10.75 -1.81
CA ILE A 846 103.17 11.47 -2.96
C ILE A 846 104.16 10.57 -3.67
N GLN A 847 103.92 10.30 -4.96
CA GLN A 847 104.80 9.47 -5.77
C GLN A 847 105.23 10.27 -6.99
N HIS A 848 106.53 10.25 -7.26
CA HIS A 848 107.12 10.98 -8.38
C HIS A 848 107.44 10.04 -9.53
N ILE A 849 107.25 10.54 -10.75
CA ILE A 849 107.66 9.82 -11.95
C ILE A 849 108.87 10.54 -12.54
N LYS A 850 110.08 10.10 -12.18
CA LYS A 850 111.28 10.77 -12.64
C LYS A 850 111.55 10.51 -14.12
N ASP A 851 110.98 9.45 -14.68
CA ASP A 851 111.18 9.14 -16.09
C ASP A 851 110.15 9.88 -16.93
N PRO A 852 110.58 10.75 -17.84
CA PRO A 852 109.60 11.38 -18.75
C PRO A 852 108.97 10.36 -19.69
N GLN A 853 109.65 9.25 -19.94
CA GLN A 853 109.12 8.18 -20.78
C GLN A 853 107.95 7.47 -20.11
N ASP A 854 107.83 7.55 -18.79
CA ASP A 854 106.79 6.86 -18.02
C ASP A 854 105.61 7.78 -17.71
N THR A 855 105.25 8.67 -18.62
CA THR A 855 104.11 9.55 -18.39
C THR A 855 102.82 8.75 -18.40
N ILE A 856 101.99 8.93 -17.36
CA ILE A 856 100.80 8.12 -17.20
C ILE A 856 99.74 8.59 -18.20
N THR A 857 99.20 7.64 -18.97
CA THR A 857 98.17 7.92 -19.97
C THR A 857 96.80 7.37 -19.58
N SER A 858 96.76 6.17 -18.99
CA SER A 858 95.52 5.55 -18.59
C SER A 858 95.79 4.62 -17.42
N LEU A 859 94.79 4.48 -16.55
CA LEU A 859 94.92 3.68 -15.34
C LEU A 859 93.66 2.84 -15.14
N ILE A 860 93.80 1.74 -14.40
CA ILE A 860 92.68 0.90 -14.02
C ILE A 860 93.01 0.28 -12.67
N LEU A 861 91.97 -0.12 -11.93
CA LEU A 861 92.08 -0.69 -10.61
C LEU A 861 91.63 -2.14 -10.64
N LEU A 862 92.44 -3.03 -10.04
CA LEU A 862 92.09 -4.44 -9.99
C LEU A 862 91.50 -4.80 -8.63
N PRO A 863 90.35 -5.47 -8.59
CA PRO A 863 89.81 -5.89 -7.31
C PRO A 863 90.70 -6.91 -6.64
N PRO A 864 90.80 -6.88 -5.31
CA PRO A 864 91.70 -7.82 -4.62
C PRO A 864 91.21 -9.26 -4.61
N ASP A 865 89.90 -9.49 -4.81
CA ASP A 865 89.35 -10.83 -4.76
C ASP A 865 89.88 -11.72 -5.89
N ILE A 866 90.34 -11.12 -6.99
CA ILE A 866 90.98 -11.89 -8.05
C ILE A 866 92.24 -12.56 -7.52
N LEU A 867 92.96 -11.88 -6.62
CA LEU A 867 94.11 -12.49 -5.97
C LEU A 867 93.72 -13.49 -4.90
N ASP A 868 92.43 -13.60 -4.56
CA ASP A 868 91.95 -14.54 -3.57
C ASP A 868 91.57 -15.90 -4.15
N ASN A 869 91.73 -16.08 -5.47
CA ASN A 869 91.40 -17.35 -6.11
C ASN A 869 92.39 -18.44 -5.73
N ILE A 897 98.87 -2.14 7.69
CA ILE A 897 98.24 -1.38 6.63
C ILE A 897 97.56 -2.32 5.63
N SER A 898 96.26 -2.13 5.43
CA SER A 898 95.53 -2.97 4.50
C SER A 898 95.88 -2.60 3.07
N THR A 899 95.95 -3.63 2.22
CA THR A 899 96.27 -3.40 0.81
C THR A 899 95.10 -2.73 0.10
N LEU A 900 95.42 -1.78 -0.79
CA LEU A 900 94.42 -1.01 -1.52
C LEU A 900 94.31 -1.46 -2.97
N GLY A 901 94.47 -2.76 -3.23
CA GLY A 901 94.37 -3.26 -4.57
C GLY A 901 95.61 -2.97 -5.41
N HIS A 902 95.49 -3.22 -6.70
CA HIS A 902 96.56 -2.99 -7.66
C HIS A 902 96.12 -1.99 -8.71
N LEU A 903 97.09 -1.25 -9.24
CA LEU A 903 96.85 -0.23 -10.26
C LEU A 903 97.66 -0.57 -11.49
N VAL A 904 96.98 -0.63 -12.64
CA VAL A 904 97.62 -0.91 -13.92
C VAL A 904 97.62 0.38 -14.71
N ILE A 905 98.80 0.84 -15.12
CA ILE A 905 98.93 2.09 -15.85
C ILE A 905 99.66 1.85 -17.16
N THR A 906 99.30 2.65 -18.16
CA THR A 906 99.97 2.68 -19.45
C THR A 906 100.84 3.92 -19.57
N THR A 907 102.04 3.74 -20.11
CA THR A 907 102.99 4.83 -20.29
C THR A 907 102.93 5.33 -21.73
N GLN A 908 103.68 6.39 -22.00
CA GLN A 908 103.73 6.92 -23.37
C GLN A 908 104.42 5.92 -24.30
N GLY A 909 105.46 5.25 -23.82
CA GLY A 909 106.16 4.27 -24.62
C GLY A 909 105.52 2.90 -24.68
N GLY A 910 104.44 2.67 -23.94
CA GLY A 910 103.74 1.40 -23.99
C GLY A 910 104.10 0.39 -22.93
N TYR A 911 104.87 0.78 -21.91
CA TYR A 911 105.27 -0.14 -20.86
C TYR A 911 104.16 -0.19 -19.81
N VAL A 912 103.42 -1.31 -19.79
CA VAL A 912 102.36 -1.49 -18.80
C VAL A 912 102.98 -1.73 -17.43
N LYS A 913 102.56 -0.96 -16.44
CA LYS A 913 103.11 -1.05 -15.09
C LYS A 913 101.99 -1.40 -14.12
N ILE A 914 102.16 -2.51 -13.40
CA ILE A 914 101.22 -2.92 -12.37
C ILE A 914 101.90 -2.69 -11.02
N LEU A 915 101.31 -1.82 -10.21
CA LEU A 915 101.91 -1.37 -8.96
C LEU A 915 100.93 -1.53 -7.81
N ASP A 916 101.47 -1.81 -6.63
CA ASP A 916 100.65 -1.82 -5.42
C ASP A 916 100.25 -0.39 -5.07
N LEU A 917 98.96 -0.20 -4.74
CA LEU A 917 98.45 1.13 -4.44
C LEU A 917 98.94 1.67 -3.11
N SER A 918 99.52 0.83 -2.25
CA SER A 918 99.98 1.28 -0.95
C SER A 918 101.25 2.11 -1.04
N ASN A 919 102.20 1.70 -1.88
CA ASN A 919 103.49 2.36 -1.96
C ASN A 919 103.90 2.75 -3.37
N PHE A 920 103.11 2.38 -4.39
CA PHE A 920 103.40 2.70 -5.79
C PHE A 920 104.77 2.17 -6.22
N GLU A 921 105.07 0.93 -5.83
CA GLU A 921 106.28 0.26 -6.24
C GLU A 921 106.01 -0.59 -7.46
N ILE A 922 106.94 -0.58 -8.41
CA ILE A 922 106.78 -1.31 -9.67
C ILE A 922 106.85 -2.80 -9.37
N LEU A 923 105.69 -3.47 -9.39
CA LEU A 923 105.63 -4.90 -9.11
C LEU A 923 105.68 -5.74 -10.38
N ALA A 924 104.95 -5.34 -11.42
CA ALA A 924 104.93 -6.07 -12.68
C ALA A 924 105.17 -5.11 -13.82
N LYS A 925 106.05 -5.51 -14.74
CA LYS A 925 106.41 -4.70 -15.90
C LYS A 925 106.13 -5.50 -17.17
N VAL A 926 105.41 -4.90 -18.11
CA VAL A 926 105.09 -5.52 -19.39
C VAL A 926 105.62 -4.61 -20.49
N GLU A 927 106.60 -5.10 -21.25
CA GLU A 927 107.14 -4.32 -22.35
C GLU A 927 106.12 -4.25 -23.49
N PRO A 928 106.10 -3.14 -24.24
CA PRO A 928 105.19 -3.05 -25.38
C PRO A 928 105.61 -4.00 -26.47
N PRO A 929 104.66 -4.56 -27.22
CA PRO A 929 105.01 -5.48 -28.31
C PRO A 929 105.60 -4.72 -29.49
N LYS A 930 106.20 -5.49 -30.40
CA LYS A 930 106.77 -4.93 -31.62
C LYS A 930 105.73 -4.95 -32.73
N LYS A 931 105.75 -3.90 -33.55
CA LYS A 931 104.83 -3.83 -34.68
C LYS A 931 105.19 -4.91 -35.70
N GLU A 932 104.18 -5.35 -36.46
CA GLU A 932 104.43 -6.34 -37.49
C GLU A 932 105.18 -5.71 -38.66
N GLY A 933 106.06 -6.50 -39.27
CA GLY A 933 106.82 -6.06 -40.41
C GLY A 933 107.99 -5.13 -40.13
N THR A 934 108.20 -4.74 -38.87
CA THR A 934 109.26 -3.78 -38.55
C THR A 934 109.65 -3.95 -37.08
N GLU A 935 110.54 -3.08 -36.60
CA GLU A 935 111.00 -3.07 -35.22
C GLU A 935 110.49 -1.86 -34.44
N GLU A 936 109.50 -1.15 -34.96
CA GLU A 936 108.96 0.01 -34.27
C GLU A 936 108.18 -0.41 -33.04
N GLN A 937 108.18 0.45 -32.03
CA GLN A 937 107.49 0.14 -30.79
C GLN A 937 106.00 0.32 -31.02
N ASP A 938 105.24 -0.78 -30.88
CA ASP A 938 103.79 -0.73 -30.92
C ASP A 938 103.30 -0.39 -29.51
N THR A 939 103.37 0.90 -29.18
CA THR A 939 103.15 1.34 -27.81
C THR A 939 101.68 1.21 -27.40
N PHE A 940 101.47 0.68 -26.19
CA PHE A 940 100.14 0.61 -25.61
C PHE A 940 99.67 2.00 -25.24
N VAL A 941 98.41 2.30 -25.53
CA VAL A 941 97.83 3.60 -25.25
C VAL A 941 96.80 3.53 -24.12
N SER A 942 95.96 2.50 -24.11
CA SER A 942 94.94 2.35 -23.08
C SER A 942 94.80 0.89 -22.67
N VAL A 943 94.35 0.68 -21.43
CA VAL A 943 94.19 -0.65 -20.86
C VAL A 943 92.84 -0.72 -20.14
N ILE A 944 92.19 -1.89 -20.22
CA ILE A 944 90.97 -2.19 -19.48
C ILE A 944 91.09 -3.61 -18.96
N TYR A 945 90.12 -4.02 -18.16
CA TYR A 945 90.08 -5.37 -17.59
C TYR A 945 88.88 -6.12 -18.15
N CYS A 946 89.14 -7.29 -18.74
CA CYS A 946 88.10 -8.15 -19.28
C CYS A 946 87.85 -9.30 -18.29
N SER A 947 86.65 -9.34 -17.74
CA SER A 947 86.28 -10.36 -16.77
C SER A 947 86.04 -11.71 -17.42
N GLY A 948 85.48 -11.72 -18.64
CA GLY A 948 85.23 -12.97 -19.33
C GLY A 948 86.51 -13.71 -19.67
N THR A 949 87.51 -12.99 -20.18
CA THR A 949 88.82 -13.56 -20.39
C THR A 949 89.68 -13.54 -19.13
N ASP A 950 89.26 -12.79 -18.11
CA ASP A 950 90.00 -12.62 -16.85
C ASP A 950 91.42 -12.11 -17.12
N ARG A 951 91.52 -11.11 -17.99
CA ARG A 951 92.82 -10.64 -18.45
C ARG A 951 92.80 -9.13 -18.63
N LEU A 952 94.00 -8.53 -18.58
CA LEU A 952 94.16 -7.13 -18.90
C LEU A 952 94.20 -6.98 -20.41
N CYS A 953 93.18 -6.35 -20.98
CA CYS A 953 93.08 -6.12 -22.42
C CYS A 953 93.58 -4.73 -22.73
N ALA A 954 94.65 -4.63 -23.52
CA ALA A 954 95.28 -3.35 -23.81
C ALA A 954 95.30 -3.13 -25.31
N CYS A 955 95.07 -1.88 -25.71
CA CYS A 955 95.07 -1.50 -27.11
C CYS A 955 96.44 -0.94 -27.48
N THR A 956 96.91 -1.32 -28.66
CA THR A 956 98.24 -0.95 -29.10
C THR A 956 98.22 0.34 -29.91
N LYS A 957 99.39 0.77 -30.37
CA LYS A 957 99.47 1.93 -31.23
C LYS A 957 98.95 1.63 -32.64
N GLY A 958 99.13 0.40 -33.10
CA GLY A 958 98.68 -0.03 -34.41
C GLY A 958 97.27 -0.59 -34.46
N GLY A 959 96.52 -0.50 -33.37
CA GLY A 959 95.16 -0.98 -33.33
C GLY A 959 94.98 -2.42 -32.88
N GLU A 960 96.07 -3.11 -32.55
CA GLU A 960 95.99 -4.49 -32.08
C GLU A 960 95.50 -4.53 -30.63
N LEU A 961 95.07 -5.71 -30.21
CA LEU A 961 94.60 -5.95 -28.84
C LEU A 961 95.42 -7.06 -28.23
N HIS A 962 95.95 -6.81 -27.04
CA HIS A 962 96.78 -7.79 -26.32
C HIS A 962 96.14 -8.11 -24.97
N PHE A 963 96.05 -9.39 -24.67
CA PHE A 963 95.52 -9.89 -23.40
C PHE A 963 96.66 -10.38 -22.53
N LEU A 964 96.80 -9.80 -21.34
CA LEU A 964 97.82 -10.18 -20.39
C LEU A 964 97.16 -10.92 -19.23
N GLN A 965 97.67 -12.11 -18.93
CA GLN A 965 97.11 -12.95 -17.88
C GLN A 965 97.90 -12.77 -16.58
N ILE A 966 97.17 -12.65 -15.48
CA ILE A 966 97.76 -12.44 -14.16
C ILE A 966 97.54 -13.70 -13.34
N GLY A 967 98.62 -14.23 -12.77
CA GLY A 967 98.55 -15.42 -11.95
C GLY A 967 99.14 -16.62 -12.67
N GLY A 968 99.92 -17.41 -11.93
CA GLY A 968 100.54 -18.60 -12.50
C GLY A 968 101.22 -19.46 -11.44
N ILE A 1006 98.88 -32.18 -6.07
CA ILE A 1006 98.97 -31.21 -4.98
C ILE A 1006 99.13 -31.95 -3.66
N SER A 1007 100.28 -31.77 -3.02
CA SER A 1007 100.63 -32.42 -1.76
C SER A 1007 100.95 -31.36 -0.70
N GLY A 1008 101.23 -31.84 0.51
CA GLY A 1008 101.56 -30.94 1.59
C GLY A 1008 100.39 -30.15 2.15
N VAL A 1009 99.19 -30.73 2.12
CA VAL A 1009 97.98 -30.07 2.59
C VAL A 1009 97.33 -30.93 3.67
N ASP A 1010 96.84 -30.27 4.72
CA ASP A 1010 96.16 -30.94 5.83
C ASP A 1010 94.75 -31.30 5.39
N LEU A 1011 94.52 -32.59 5.14
CA LEU A 1011 93.25 -33.03 4.59
C LEU A 1011 92.16 -33.08 5.67
N LEU A 1012 90.94 -33.31 5.23
CA LEU A 1012 89.75 -33.40 6.07
C LEU A 1012 89.19 -34.82 6.17
N VAL A 1013 90.03 -35.84 5.99
CA VAL A 1013 89.56 -37.22 5.88
C VAL A 1013 90.17 -38.12 6.95
N ASP A 1014 91.46 -37.96 7.25
CA ASP A 1014 92.17 -38.91 8.12
C ASP A 1014 91.84 -38.74 9.60
N GLN A 1015 91.22 -37.63 9.99
CA GLN A 1015 90.92 -37.40 11.39
C GLN A 1015 89.80 -38.31 11.89
N PRO A 1016 89.79 -38.62 13.20
CA PRO A 1016 88.69 -39.39 13.77
C PRO A 1016 87.38 -38.62 13.76
N PHE A 1017 86.28 -39.35 13.93
CA PHE A 1017 84.94 -38.78 13.78
C PHE A 1017 84.60 -38.02 15.07
N THR A 1018 85.20 -36.85 15.21
CA THR A 1018 84.83 -35.99 16.32
C THR A 1018 83.61 -35.17 15.94
N LEU A 1019 82.98 -34.57 16.94
CA LEU A 1019 81.76 -33.82 16.67
C LEU A 1019 82.05 -32.52 15.93
N GLU A 1020 83.14 -31.83 16.31
CA GLU A 1020 83.41 -30.52 15.72
C GLU A 1020 83.83 -30.62 14.25
N ILE A 1021 84.59 -31.65 13.89
CA ILE A 1021 85.02 -31.77 12.49
C ILE A 1021 83.84 -32.11 11.58
N LEU A 1022 82.98 -33.03 12.02
CA LEU A 1022 81.79 -33.36 11.23
C LEU A 1022 80.82 -32.18 11.18
N THR A 1023 80.74 -31.40 12.27
CA THR A 1023 79.89 -30.22 12.26
C THR A 1023 80.42 -29.16 11.31
N SER A 1024 81.75 -28.99 11.25
CA SER A 1024 82.35 -28.05 10.31
C SER A 1024 82.16 -28.53 8.87
N LEU A 1025 82.24 -29.84 8.64
CA LEU A 1025 81.98 -30.36 7.30
C LEU A 1025 80.54 -30.13 6.87
N VAL A 1026 79.59 -30.30 7.80
CA VAL A 1026 78.19 -30.10 7.48
C VAL A 1026 77.90 -28.61 7.26
N GLU A 1027 78.45 -27.74 8.10
CA GLU A 1027 78.27 -26.30 7.93
C GLU A 1027 78.96 -25.81 6.67
N LEU A 1028 79.99 -26.51 6.21
CA LEU A 1028 80.63 -26.18 4.94
C LEU A 1028 79.69 -26.45 3.76
N THR A 1029 78.96 -27.57 3.81
CA THR A 1029 78.22 -28.06 2.66
C THR A 1029 76.92 -27.32 2.38
N ARG A 1030 76.66 -26.21 3.07
CA ARG A 1030 75.45 -25.45 2.78
C ARG A 1030 75.65 -24.62 1.50
N PHE A 1031 74.55 -23.99 1.06
CA PHE A 1031 74.56 -23.21 -0.17
C PHE A 1031 73.91 -21.86 0.09
N GLU A 1032 74.36 -20.85 -0.67
CA GLU A 1032 73.87 -19.50 -0.54
C GLU A 1032 73.35 -18.99 -1.88
N THR A 1033 72.51 -17.96 -1.82
CA THR A 1033 71.95 -17.35 -3.01
C THR A 1033 72.87 -16.26 -3.55
N LEU A 1034 73.01 -16.21 -4.86
CA LEU A 1034 73.89 -15.24 -5.49
C LEU A 1034 73.27 -13.85 -5.46
N THR A 1035 74.08 -12.85 -5.08
CA THR A 1035 73.66 -11.48 -4.95
C THR A 1035 74.91 -10.64 -5.23
N PRO A 1036 74.84 -9.63 -6.11
CA PRO A 1036 73.69 -9.15 -6.89
C PRO A 1036 73.35 -9.98 -8.12
N ARG A 1037 72.65 -9.36 -9.06
CA ARG A 1037 72.20 -10.04 -10.27
C ARG A 1037 73.38 -10.41 -11.16
N PHE A 1038 73.31 -11.60 -11.75
CA PHE A 1038 74.32 -12.10 -12.66
C PHE A 1038 74.07 -11.55 -14.07
N SER A 1039 74.82 -12.04 -15.06
CA SER A 1039 74.63 -11.66 -16.44
C SER A 1039 74.31 -12.88 -17.29
N ALA A 1040 73.42 -12.71 -18.26
CA ALA A 1040 73.00 -13.79 -19.13
C ALA A 1040 72.37 -13.20 -20.37
N THR A 1041 72.61 -13.84 -21.52
CA THR A 1041 71.85 -13.51 -22.73
C THR A 1041 71.31 -14.75 -23.41
N VAL A 1042 70.14 -14.55 -24.03
CA VAL A 1042 69.34 -15.58 -24.68
C VAL A 1042 69.06 -15.13 -26.10
N PRO A 1043 68.70 -16.06 -26.99
CA PRO A 1043 68.20 -15.66 -28.30
C PRO A 1043 66.90 -14.88 -28.17
N PRO A 1044 66.61 -14.00 -29.13
CA PRO A 1044 65.45 -13.08 -28.99
C PRO A 1044 64.07 -13.73 -29.06
N CYS A 1045 63.94 -15.04 -29.22
CA CYS A 1045 62.60 -15.63 -29.18
C CYS A 1045 62.00 -15.68 -27.77
N TRP A 1046 62.80 -15.44 -26.74
CA TRP A 1046 62.31 -15.40 -25.36
C TRP A 1046 62.16 -13.95 -24.91
N VAL A 1047 60.96 -13.60 -24.45
CA VAL A 1047 60.67 -12.26 -23.95
C VAL A 1047 60.56 -12.34 -22.43
N GLU A 1048 60.75 -11.21 -21.78
CA GLU A 1048 60.70 -11.15 -20.32
C GLU A 1048 59.40 -10.53 -19.83
N THR A 1074 68.07 -15.27 -10.09
CA THR A 1074 66.61 -15.26 -10.19
C THR A 1074 66.16 -14.45 -11.40
N ARG A 1075 65.94 -15.13 -12.52
CA ARG A 1075 65.54 -14.44 -13.74
C ARG A 1075 64.59 -15.36 -14.51
N THR A 1076 63.64 -14.75 -15.23
CA THR A 1076 62.59 -15.52 -15.89
C THR A 1076 62.35 -15.00 -17.30
N TRP A 1077 61.85 -15.89 -18.16
CA TRP A 1077 61.53 -15.56 -19.54
C TRP A 1077 60.33 -16.38 -19.98
N LYS A 1078 59.65 -15.88 -21.00
CA LYS A 1078 58.56 -16.59 -21.66
C LYS A 1078 58.93 -16.83 -23.11
N LEU A 1079 58.68 -18.05 -23.60
CA LEU A 1079 59.03 -18.43 -24.96
C LEU A 1079 57.90 -18.10 -25.92
N GLN A 1080 58.28 -17.54 -27.07
CA GLN A 1080 57.36 -17.27 -28.16
C GLN A 1080 57.53 -18.33 -29.24
N THR A 1081 56.44 -18.60 -29.96
CA THR A 1081 56.45 -19.65 -30.98
C THR A 1081 57.23 -19.22 -32.21
N ASP A 1082 58.54 -19.47 -32.20
CA ASP A 1082 59.41 -19.17 -33.33
C ASP A 1082 60.14 -20.43 -33.74
N SER A 1083 60.07 -20.76 -35.03
CA SER A 1083 60.67 -21.97 -35.58
C SER A 1083 61.94 -21.68 -36.37
N ASN A 1084 62.51 -20.48 -36.20
CA ASN A 1084 63.74 -20.15 -36.92
C ASN A 1084 64.93 -20.94 -36.37
N SER A 1085 65.00 -21.11 -35.05
CA SER A 1085 66.08 -21.84 -34.40
C SER A 1085 65.51 -22.85 -33.42
N TRP A 1086 64.54 -23.64 -33.87
CA TRP A 1086 63.90 -24.61 -32.98
C TRP A 1086 64.79 -25.81 -32.69
N ASP A 1087 65.77 -26.10 -33.56
CA ASP A 1087 66.56 -27.31 -33.37
C ASP A 1087 67.52 -27.19 -32.20
N GLU A 1088 68.20 -26.06 -32.07
CA GLU A 1088 69.18 -25.85 -31.02
C GLU A 1088 68.85 -24.55 -30.29
N HIS A 1089 69.21 -24.49 -29.00
CA HIS A 1089 69.09 -23.25 -28.26
C HIS A 1089 70.30 -23.11 -27.33
N VAL A 1090 70.98 -21.97 -27.41
CA VAL A 1090 72.18 -21.72 -26.60
C VAL A 1090 71.96 -20.47 -25.75
N PHE A 1091 72.04 -20.65 -24.42
CA PHE A 1091 71.96 -19.55 -23.46
C PHE A 1091 73.35 -19.34 -22.89
N GLU A 1092 73.81 -18.09 -22.81
CA GLU A 1092 75.13 -17.84 -22.26
C GLU A 1092 74.98 -17.16 -20.90
N LEU A 1093 75.81 -17.59 -19.95
CA LEU A 1093 75.81 -17.13 -18.58
C LEU A 1093 77.18 -16.61 -18.21
N VAL A 1094 77.25 -15.41 -17.65
CA VAL A 1094 78.48 -14.84 -17.13
C VAL A 1094 78.22 -14.43 -15.69
N LEU A 1095 78.97 -15.01 -14.76
CA LEU A 1095 78.83 -14.69 -13.35
C LEU A 1095 79.45 -13.33 -13.05
N PRO A 1096 78.93 -12.61 -12.05
CA PRO A 1096 79.56 -11.33 -11.67
C PRO A 1096 80.95 -11.50 -11.07
N LYS A 1097 81.29 -12.67 -10.53
CA LYS A 1097 82.60 -12.91 -9.95
C LYS A 1097 82.88 -14.40 -9.98
N ALA A 1098 84.13 -14.76 -10.29
CA ALA A 1098 84.56 -16.15 -10.28
C ALA A 1098 84.70 -16.62 -8.84
N CYS A 1099 83.79 -17.48 -8.39
CA CYS A 1099 83.79 -17.94 -7.02
C CYS A 1099 83.46 -19.43 -7.02
N MET A 1100 83.14 -19.96 -5.83
CA MET A 1100 82.88 -21.38 -5.66
C MET A 1100 81.47 -21.69 -6.18
N VAL A 1101 81.40 -22.41 -7.29
CA VAL A 1101 80.10 -22.73 -7.90
C VAL A 1101 79.41 -23.82 -7.09
N GLY A 1102 78.25 -23.49 -6.55
CA GLY A 1102 77.46 -24.46 -5.84
C GLY A 1102 76.63 -25.33 -6.77
N HIS A 1103 75.66 -24.72 -7.43
CA HIS A 1103 74.81 -25.39 -8.41
C HIS A 1103 74.02 -24.34 -9.18
N VAL A 1104 73.36 -24.80 -10.24
CA VAL A 1104 72.48 -23.95 -11.04
C VAL A 1104 71.08 -24.53 -11.04
N ASP A 1105 70.08 -23.71 -10.74
CA ASP A 1105 68.68 -24.12 -10.68
C ASP A 1105 67.99 -23.69 -11.97
N PHE A 1106 67.39 -24.65 -12.65
CA PHE A 1106 66.73 -24.46 -13.94
C PHE A 1106 65.26 -24.86 -13.78
N LYS A 1107 64.38 -23.86 -13.71
CA LYS A 1107 62.95 -24.11 -13.52
C LYS A 1107 62.24 -23.89 -14.85
N PHE A 1108 61.30 -24.77 -15.17
CA PHE A 1108 60.55 -24.66 -16.41
C PHE A 1108 59.10 -25.06 -16.21
N VAL A 1109 58.22 -24.41 -16.98
CA VAL A 1109 56.81 -24.75 -17.07
C VAL A 1109 56.47 -25.03 -18.53
N LEU A 1110 55.85 -26.19 -18.78
CA LEU A 1110 55.59 -26.68 -20.13
C LEU A 1110 54.17 -26.31 -20.57
N ASN A 1111 53.76 -26.82 -21.73
CA ASN A 1111 52.42 -26.56 -22.24
C ASN A 1111 51.38 -27.33 -21.43
N SER A 1112 50.19 -26.76 -21.32
CA SER A 1112 49.10 -27.39 -20.59
C SER A 1112 48.42 -28.51 -21.36
N ASN A 1113 48.54 -28.54 -22.69
CA ASN A 1113 47.88 -29.56 -23.52
C ASN A 1113 48.84 -30.67 -23.94
N ILE A 1114 49.82 -30.98 -23.11
CA ILE A 1114 50.79 -32.03 -23.43
C ILE A 1114 50.22 -33.40 -23.10
N THR A 1115 50.26 -34.30 -24.08
CA THR A 1115 49.80 -35.67 -23.90
C THR A 1115 50.91 -36.71 -24.01
N ASN A 1116 52.13 -36.31 -24.33
CA ASN A 1116 53.24 -37.24 -24.47
C ASN A 1116 54.49 -36.63 -23.86
N ILE A 1117 55.32 -37.47 -23.25
CA ILE A 1117 56.57 -37.01 -22.63
C ILE A 1117 57.59 -36.64 -23.71
N PRO A 1118 58.05 -35.40 -23.76
CA PRO A 1118 59.01 -35.00 -24.78
C PRO A 1118 60.42 -35.48 -24.48
N GLN A 1119 61.16 -35.78 -25.54
CA GLN A 1119 62.56 -36.20 -25.43
C GLN A 1119 63.45 -34.99 -25.73
N ILE A 1120 63.56 -34.12 -24.75
CA ILE A 1120 64.31 -32.86 -24.86
C ILE A 1120 65.34 -32.82 -23.72
N GLN A 1121 66.58 -32.50 -24.06
CA GLN A 1121 67.68 -32.51 -23.11
C GLN A 1121 68.27 -31.11 -22.95
N VAL A 1122 68.82 -30.86 -21.76
CA VAL A 1122 69.47 -29.61 -21.41
C VAL A 1122 70.83 -29.96 -20.83
N THR A 1123 71.90 -29.39 -21.39
CA THR A 1123 73.26 -29.75 -21.03
C THR A 1123 74.07 -28.50 -20.75
N LEU A 1124 74.76 -28.47 -19.61
CA LEU A 1124 75.64 -27.39 -19.24
C LEU A 1124 77.04 -27.66 -19.77
N LEU A 1125 77.72 -26.58 -20.15
CA LEU A 1125 79.03 -26.64 -20.78
C LEU A 1125 79.89 -25.50 -20.26
N LYS A 1126 81.18 -25.79 -20.06
CA LYS A 1126 82.12 -24.72 -19.76
C LYS A 1126 82.28 -23.84 -20.99
N ASN A 1127 82.08 -22.54 -20.82
CA ASN A 1127 82.27 -21.61 -21.92
C ASN A 1127 83.77 -21.50 -22.21
N LYS A 1128 84.14 -21.74 -23.46
CA LYS A 1128 85.55 -21.78 -23.83
C LYS A 1128 86.14 -20.37 -23.84
N ALA A 1129 87.38 -20.27 -23.34
CA ALA A 1129 88.08 -19.00 -23.37
C ALA A 1129 88.50 -18.68 -24.80
N PRO A 1130 88.43 -17.41 -25.21
CA PRO A 1130 88.80 -17.05 -26.58
C PRO A 1130 90.31 -17.19 -26.80
N GLY A 1131 90.67 -17.50 -28.04
CA GLY A 1131 92.07 -17.62 -28.38
C GLY A 1131 92.75 -16.28 -28.58
N LEU A 1132 93.83 -16.04 -27.84
CA LEU A 1132 94.53 -14.77 -27.91
C LEU A 1132 95.58 -14.77 -29.01
N LEU A 1168 73.17 -44.46 -29.04
CA LEU A 1168 72.84 -43.07 -28.75
C LEU A 1168 74.07 -42.17 -28.90
N ARG A 1169 73.96 -41.16 -29.74
CA ARG A 1169 75.03 -40.21 -29.99
C ARG A 1169 74.58 -38.80 -29.65
N LEU A 1170 75.52 -38.00 -29.15
CA LEU A 1170 75.23 -36.63 -28.75
C LEU A 1170 75.03 -35.75 -29.98
N CYS A 1171 74.42 -34.58 -29.75
CA CYS A 1171 74.22 -33.62 -30.81
C CYS A 1171 75.57 -33.05 -31.26
N PRO A 1172 75.70 -32.69 -32.55
CA PRO A 1172 77.02 -32.27 -33.07
C PRO A 1172 77.59 -31.02 -32.39
N PHE A 1173 76.75 -30.10 -31.93
CA PHE A 1173 77.26 -28.95 -31.20
C PHE A 1173 77.89 -29.36 -29.88
N LEU A 1174 77.29 -30.32 -29.17
CA LEU A 1174 77.91 -30.85 -27.97
C LEU A 1174 79.12 -31.71 -28.30
N GLU A 1175 79.12 -32.37 -29.46
CA GLU A 1175 80.27 -33.14 -29.89
C GLU A 1175 81.46 -32.24 -30.21
N ASP A 1176 81.20 -31.00 -30.63
CA ASP A 1176 82.28 -30.05 -30.88
C ASP A 1176 82.97 -29.64 -29.59
N HIS A 1177 82.26 -29.68 -28.47
CA HIS A 1177 82.79 -29.33 -27.16
C HIS A 1177 82.60 -30.48 -26.17
N LYS A 1178 82.89 -31.69 -26.61
CA LYS A 1178 82.67 -32.87 -25.78
C LYS A 1178 83.75 -33.01 -24.71
N GLU A 1179 84.98 -32.60 -25.01
CA GLU A 1179 86.08 -32.77 -24.06
C GLU A 1179 85.95 -31.81 -22.88
N ASP A 1180 85.48 -30.59 -23.14
CA ASP A 1180 85.35 -29.56 -22.12
C ASP A 1180 83.98 -29.54 -21.46
N ILE A 1181 83.22 -30.65 -21.55
CA ILE A 1181 81.91 -30.70 -20.93
C ILE A 1181 82.05 -30.73 -19.42
N LEU A 1182 81.02 -30.26 -18.71
CA LEU A 1182 81.08 -30.21 -17.26
C LEU A 1182 79.79 -30.64 -16.56
N CYS A 1183 78.72 -30.93 -17.30
CA CYS A 1183 77.48 -31.44 -16.71
C CYS A 1183 76.73 -32.24 -17.77
N GLY A 1184 75.85 -33.12 -17.30
CA GLY A 1184 74.98 -33.89 -18.16
C GLY A 1184 75.72 -34.89 -19.01
N PRO A 1185 75.15 -35.29 -20.16
CA PRO A 1185 73.76 -35.15 -20.62
C PRO A 1185 72.70 -35.68 -19.66
N VAL A 1186 71.57 -34.99 -19.50
CA VAL A 1186 70.47 -35.47 -18.67
C VAL A 1186 69.16 -35.20 -19.39
N TRP A 1187 68.29 -36.21 -19.42
CA TRP A 1187 66.99 -36.09 -20.06
C TRP A 1187 65.99 -35.36 -19.15
N LEU A 1188 64.83 -35.04 -19.73
CA LEU A 1188 63.79 -34.29 -19.03
C LEU A 1188 63.04 -35.15 -18.01
N ALA A 1189 63.12 -36.48 -18.12
CA ALA A 1189 62.35 -37.37 -17.24
C ALA A 1189 62.86 -37.40 -15.80
N SER A 1190 64.03 -36.84 -15.52
CA SER A 1190 64.57 -36.83 -14.17
C SER A 1190 64.10 -35.65 -13.33
N GLY A 1191 63.23 -34.79 -13.84
CA GLY A 1191 62.81 -33.63 -13.08
C GLY A 1191 61.36 -33.22 -13.20
N LEU A 1192 60.52 -34.03 -13.84
CA LEU A 1192 59.13 -33.68 -14.00
C LEU A 1192 58.37 -33.74 -12.66
N ASP A 1193 57.37 -32.88 -12.53
CA ASP A 1193 56.57 -32.79 -11.32
C ASP A 1193 55.44 -33.83 -11.35
N LEU A 1194 54.51 -33.73 -10.39
CA LEU A 1194 53.39 -34.67 -10.35
C LEU A 1194 52.41 -34.42 -11.49
N SER A 1195 52.16 -33.15 -11.81
CA SER A 1195 51.24 -32.83 -12.88
C SER A 1195 51.84 -33.12 -14.25
N GLY A 1196 53.16 -33.00 -14.38
CA GLY A 1196 53.82 -33.18 -15.65
C GLY A 1196 53.90 -31.93 -16.49
N HIS A 1197 53.29 -30.83 -16.05
CA HIS A 1197 53.31 -29.58 -16.78
C HIS A 1197 54.47 -28.66 -16.39
N ALA A 1198 55.25 -29.01 -15.37
CA ALA A 1198 56.39 -28.19 -14.98
C ALA A 1198 57.53 -29.10 -14.54
N GLY A 1199 58.61 -28.49 -14.08
CA GLY A 1199 59.75 -29.25 -13.59
C GLY A 1199 60.90 -28.35 -13.21
N MET A 1200 61.89 -28.94 -12.56
CA MET A 1200 63.02 -28.20 -12.04
C MET A 1200 64.22 -29.14 -11.97
N LEU A 1201 65.37 -28.66 -12.44
CA LEU A 1201 66.63 -29.39 -12.28
C LEU A 1201 67.63 -28.55 -11.49
N THR A 1202 68.45 -29.24 -10.70
CA THR A 1202 69.56 -28.62 -9.97
C THR A 1202 70.83 -29.28 -10.48
N LEU A 1203 71.61 -28.54 -11.27
CA LEU A 1203 72.76 -29.09 -11.96
C LEU A 1203 74.05 -28.70 -11.25
N THR A 1204 74.86 -29.71 -10.92
CA THR A 1204 76.21 -29.54 -10.40
C THR A 1204 76.95 -30.85 -10.61
N SER A 1205 78.28 -30.80 -10.46
CA SER A 1205 79.11 -31.97 -10.70
C SER A 1205 80.42 -31.80 -9.95
N PRO A 1206 81.10 -32.90 -9.60
CA PRO A 1206 82.45 -32.76 -9.02
C PRO A 1206 83.47 -32.27 -10.02
N LYS A 1207 83.25 -32.50 -11.31
CA LYS A 1207 84.17 -31.98 -12.32
C LYS A 1207 84.09 -30.46 -12.43
N LEU A 1208 82.97 -29.85 -12.05
CA LEU A 1208 82.90 -28.39 -12.00
C LEU A 1208 83.93 -27.82 -11.03
N VAL A 1209 83.93 -28.32 -9.79
CA VAL A 1209 84.91 -27.81 -8.82
C VAL A 1209 86.31 -28.32 -9.14
N LYS A 1210 86.41 -29.48 -9.81
CA LYS A 1210 87.72 -29.96 -10.25
C LYS A 1210 88.35 -29.01 -11.27
N GLY A 1211 87.54 -28.47 -12.19
CA GLY A 1211 88.03 -27.48 -13.12
C GLY A 1211 88.15 -26.09 -12.53
N MET A 1212 87.34 -25.78 -11.52
CA MET A 1212 87.43 -24.52 -10.80
C MET A 1212 88.60 -24.48 -9.83
N ALA A 1213 89.22 -25.63 -9.55
CA ALA A 1213 90.41 -25.64 -8.72
C ALA A 1213 91.54 -24.85 -9.34
N GLY A 1214 91.56 -24.73 -10.67
CA GLY A 1214 92.53 -23.87 -11.33
C GLY A 1214 92.25 -22.39 -11.17
N GLY A 1215 91.02 -22.03 -10.80
CA GLY A 1215 90.66 -20.64 -10.61
C GLY A 1215 90.68 -19.85 -11.90
N LYS A 1216 90.11 -20.43 -12.97
CA LYS A 1216 90.19 -19.82 -14.29
C LYS A 1216 88.82 -19.59 -14.92
N TYR A 1217 87.87 -20.48 -14.64
CA TYR A 1217 86.58 -20.43 -15.32
C TYR A 1217 85.68 -19.37 -14.71
N ARG A 1218 84.98 -18.62 -15.57
CA ARG A 1218 84.02 -17.62 -15.13
C ARG A 1218 82.71 -17.61 -15.91
N SER A 1219 82.64 -18.23 -17.08
CA SER A 1219 81.45 -18.18 -17.92
C SER A 1219 81.01 -19.60 -18.27
N PHE A 1220 79.73 -19.75 -18.57
CA PHE A 1220 79.14 -21.05 -18.88
C PHE A 1220 78.14 -20.89 -20.03
N LEU A 1221 77.89 -22.01 -20.71
CA LEU A 1221 76.86 -22.12 -21.73
C LEU A 1221 75.89 -23.21 -21.31
N ILE A 1222 74.62 -23.08 -21.71
CA ILE A 1222 73.69 -24.19 -21.59
C ILE A 1222 72.97 -24.39 -22.92
N HIS A 1223 72.85 -25.65 -23.33
CA HIS A 1223 72.26 -26.04 -24.60
C HIS A 1223 70.96 -26.78 -24.37
N VAL A 1224 69.91 -26.33 -25.03
CA VAL A 1224 68.61 -27.00 -25.08
C VAL A 1224 68.48 -27.63 -26.45
N LYS A 1225 68.28 -28.95 -26.49
CA LYS A 1225 68.26 -29.69 -27.74
C LYS A 1225 67.16 -30.74 -27.71
N ALA A 1226 66.43 -30.84 -28.82
CA ALA A 1226 65.38 -31.84 -28.96
C ALA A 1226 65.95 -33.06 -29.68
N VAL A 1227 65.96 -34.19 -29.00
CA VAL A 1227 66.44 -35.44 -29.58
C VAL A 1227 65.24 -36.24 -30.05
N ASN A 1228 65.46 -37.07 -31.07
CA ASN A 1228 64.42 -37.91 -31.64
C ASN A 1228 65.00 -39.27 -31.98
N GLU A 1229 64.16 -40.30 -31.90
CA GLU A 1229 64.58 -41.65 -32.22
C GLU A 1229 64.60 -41.89 -33.72
N SER A 1287 46.71 -26.68 -35.43
CA SER A 1287 47.19 -26.34 -34.09
C SER A 1287 48.69 -26.09 -34.11
N GLU A 1288 49.25 -25.78 -32.94
CA GLU A 1288 50.68 -25.53 -32.80
C GLU A 1288 51.38 -26.85 -32.52
N ASN A 1289 52.00 -27.42 -33.56
CA ASN A 1289 52.70 -28.69 -33.44
C ASN A 1289 54.13 -28.43 -32.95
N LEU A 1290 54.22 -28.03 -31.68
CA LEU A 1290 55.51 -27.75 -31.07
C LEU A 1290 56.23 -29.04 -30.73
N ARG A 1291 57.49 -29.15 -31.14
CA ARG A 1291 58.29 -30.34 -30.94
C ARG A 1291 59.53 -29.98 -30.14
N GLY A 1292 59.70 -30.62 -28.98
CA GLY A 1292 60.92 -30.45 -28.20
C GLY A 1292 61.11 -29.07 -27.61
N CYS A 1293 62.06 -28.32 -28.19
CA CYS A 1293 62.42 -27.02 -27.64
C CYS A 1293 61.27 -26.02 -27.73
N ASP A 1294 60.40 -26.16 -28.73
CA ASP A 1294 59.22 -25.30 -28.82
C ASP A 1294 58.14 -25.65 -27.80
N LEU A 1295 58.25 -26.81 -27.15
CA LEU A 1295 57.25 -27.23 -26.17
C LEU A 1295 57.36 -26.49 -24.84
N LEU A 1296 58.50 -25.84 -24.57
CA LEU A 1296 58.64 -25.11 -23.32
C LEU A 1296 57.84 -23.81 -23.35
N GLN A 1297 57.14 -23.53 -22.26
CA GLN A 1297 56.32 -22.32 -22.14
C GLN A 1297 57.07 -21.21 -21.42
N GLU A 1298 57.50 -21.47 -20.18
CA GLU A 1298 58.16 -20.46 -19.36
C GLU A 1298 59.45 -21.04 -18.79
N VAL A 1299 60.51 -20.24 -18.77
CA VAL A 1299 61.80 -20.69 -18.27
C VAL A 1299 62.24 -19.74 -17.17
N SER A 1300 63.11 -20.25 -16.29
CA SER A 1300 63.65 -19.48 -15.18
C SER A 1300 65.03 -20.03 -14.83
N VAL A 1301 65.99 -19.13 -14.65
CA VAL A 1301 67.37 -19.49 -14.34
C VAL A 1301 67.75 -18.82 -13.03
N THR A 1302 68.39 -19.59 -12.14
CA THR A 1302 69.02 -19.06 -10.95
C THR A 1302 70.34 -19.80 -10.76
N ILE A 1303 71.29 -19.18 -10.07
CA ILE A 1303 72.56 -19.82 -9.74
C ILE A 1303 72.83 -19.62 -8.26
N ARG A 1304 73.08 -20.72 -7.54
CA ARG A 1304 73.37 -20.68 -6.12
C ARG A 1304 74.85 -20.99 -5.90
N ARG A 1305 75.50 -20.16 -5.10
CA ARG A 1305 76.90 -20.33 -4.77
C ARG A 1305 77.06 -21.25 -3.56
N PHE A 1306 78.31 -21.63 -3.30
CA PHE A 1306 78.62 -22.49 -2.17
C PHE A 1306 78.88 -21.63 -0.93
N LYS A 1307 78.76 -22.25 0.23
CA LYS A 1307 78.95 -21.53 1.48
C LYS A 1307 80.44 -21.33 1.74
N LYS A 1308 80.81 -20.08 2.07
CA LYS A 1308 82.19 -19.72 2.34
C LYS A 1308 82.46 -19.93 3.83
N THR A 1309 83.25 -20.95 4.15
CA THR A 1309 83.57 -21.31 5.51
C THR A 1309 84.84 -20.59 5.97
N SER A 1310 85.20 -20.80 7.24
CA SER A 1310 86.44 -20.30 7.79
C SER A 1310 87.63 -21.21 7.51
N ILE A 1311 87.44 -22.32 6.79
CA ILE A 1311 88.51 -23.25 6.48
C ILE A 1311 89.02 -22.92 5.07
N SER A 1312 90.22 -22.37 5.00
CA SER A 1312 90.86 -22.00 3.75
C SER A 1312 91.33 -23.26 3.01
N LYS A 1313 91.93 -23.02 1.83
CA LYS A 1313 92.38 -24.04 0.86
C LYS A 1313 91.39 -25.21 0.73
N GLU A 1314 90.11 -24.86 0.56
CA GLU A 1314 89.04 -25.84 0.53
C GLU A 1314 89.07 -26.68 -0.74
N ARG A 1315 89.82 -26.25 -1.75
CA ARG A 1315 89.88 -26.95 -3.02
C ARG A 1315 90.51 -28.34 -2.85
N VAL A 1316 91.64 -28.41 -2.17
CA VAL A 1316 92.29 -29.70 -1.94
C VAL A 1316 91.47 -30.54 -0.95
N GLN A 1317 90.76 -29.89 -0.03
CA GLN A 1317 89.93 -30.63 0.91
C GLN A 1317 88.77 -31.30 0.20
N ARG A 1318 88.18 -30.63 -0.79
CA ARG A 1318 87.12 -31.24 -1.59
C ARG A 1318 87.66 -32.27 -2.56
N CYS A 1319 88.86 -32.06 -3.10
CA CYS A 1319 89.42 -33.05 -4.01
C CYS A 1319 89.95 -34.28 -3.27
N ALA A 1320 90.10 -34.21 -1.95
CA ALA A 1320 90.56 -35.37 -1.19
C ALA A 1320 89.55 -36.52 -1.23
N MET A 1321 88.26 -36.23 -1.02
CA MET A 1321 87.28 -37.31 -1.06
C MET A 1321 87.09 -37.85 -2.47
N LEU A 1322 87.30 -37.03 -3.49
CA LEU A 1322 87.14 -37.50 -4.86
C LEU A 1322 88.37 -38.27 -5.33
N GLN A 1323 89.54 -38.01 -4.76
CA GLN A 1323 90.75 -38.71 -5.18
C GLN A 1323 91.07 -39.91 -4.29
N PHE A 1324 91.10 -39.74 -2.98
CA PHE A 1324 91.33 -40.83 -2.05
C PHE A 1324 90.02 -41.35 -1.47
N SER A 1325 89.78 -42.65 -1.62
CA SER A 1325 88.46 -43.23 -1.35
C SER A 1325 88.35 -43.78 0.08
N GLU A 1326 89.44 -43.79 0.84
CA GLU A 1326 89.43 -44.37 2.19
C GLU A 1326 88.53 -43.64 3.16
N PHE A 1327 88.07 -42.44 2.81
CA PHE A 1327 87.06 -41.76 3.62
C PHE A 1327 85.75 -42.55 3.60
N HIS A 1328 85.33 -42.99 2.41
CA HIS A 1328 83.97 -43.50 2.22
C HIS A 1328 83.70 -44.73 3.08
N GLU A 1329 84.58 -45.74 3.01
CA GLU A 1329 84.37 -46.92 3.83
C GLU A 1329 84.44 -46.58 5.31
N LYS A 1330 85.26 -45.59 5.68
CA LYS A 1330 85.30 -45.14 7.06
C LYS A 1330 83.93 -44.58 7.46
N LEU A 1331 83.30 -43.83 6.57
CA LEU A 1331 81.93 -43.39 6.81
C LEU A 1331 81.02 -44.59 7.01
N VAL A 1332 81.19 -45.61 6.17
CA VAL A 1332 80.40 -46.83 6.32
C VAL A 1332 80.67 -47.47 7.68
N ASN A 1333 81.93 -47.40 8.14
CA ASN A 1333 82.25 -47.91 9.47
C ASN A 1333 81.51 -47.11 10.53
N THR A 1334 81.41 -45.79 10.35
CA THR A 1334 80.66 -44.98 11.31
C THR A 1334 79.16 -45.28 11.22
N LEU A 1335 78.70 -45.91 10.14
CA LEU A 1335 77.33 -46.38 10.10
C LEU A 1335 77.19 -47.76 10.74
N CYS A 1336 78.26 -48.56 10.72
CA CYS A 1336 78.17 -49.94 11.18
C CYS A 1336 78.33 -50.07 12.69
N ARG A 1337 78.77 -49.02 13.38
CA ARG A 1337 79.05 -49.05 14.82
C ARG A 1337 80.04 -50.14 15.18
N LYS A 1338 80.97 -50.44 14.28
CA LYS A 1338 82.00 -51.44 14.53
C LYS A 1338 83.28 -50.83 15.10
N THR A 1339 83.41 -49.51 15.05
CA THR A 1339 84.60 -48.85 15.59
C THR A 1339 84.56 -48.83 17.11
N ASP A 1340 85.72 -49.02 17.72
CA ASP A 1340 85.85 -49.08 19.18
C ASP A 1340 86.05 -47.72 19.81
N ASP A 1341 85.99 -46.64 19.05
CA ASP A 1341 86.19 -45.29 19.57
C ASP A 1341 84.87 -44.75 20.13
N GLY A 1342 84.46 -45.34 21.25
CA GLY A 1342 83.26 -44.90 21.92
C GLY A 1342 82.00 -45.38 21.21
N GLN A 1343 80.88 -44.75 21.57
CA GLN A 1343 79.58 -45.07 21.02
C GLN A 1343 79.09 -43.89 20.19
N ILE A 1344 78.61 -44.17 18.99
CA ILE A 1344 78.28 -43.13 18.03
C ILE A 1344 76.86 -42.66 18.32
N THR A 1345 76.70 -41.36 18.51
CA THR A 1345 75.40 -40.81 18.85
C THR A 1345 74.55 -40.65 17.59
N GLU A 1346 73.30 -40.24 17.80
CA GLU A 1346 72.39 -40.08 16.67
C GLU A 1346 72.72 -38.84 15.85
N HIS A 1347 73.25 -37.80 16.50
CA HIS A 1347 73.63 -36.59 15.78
C HIS A 1347 74.80 -36.85 14.83
N ALA A 1348 75.81 -37.60 15.29
CA ALA A 1348 76.93 -37.95 14.43
C ALA A 1348 76.48 -38.82 13.26
N GLN A 1349 75.54 -39.73 13.52
CA GLN A 1349 75.00 -40.54 12.44
C GLN A 1349 74.25 -39.69 11.43
N SER A 1350 73.51 -38.69 11.92
CA SER A 1350 72.83 -37.77 11.02
C SER A 1350 73.81 -36.99 10.18
N LEU A 1351 74.93 -36.56 10.78
CA LEU A 1351 75.92 -35.79 10.03
C LEU A 1351 76.62 -36.64 8.96
N VAL A 1352 77.01 -37.88 9.31
CA VAL A 1352 77.68 -38.72 8.32
C VAL A 1352 76.68 -39.13 7.23
N LEU A 1353 75.41 -39.30 7.58
CA LEU A 1353 74.41 -39.61 6.57
C LEU A 1353 74.14 -38.40 5.67
N ASP A 1354 74.20 -37.19 6.23
CA ASP A 1354 74.06 -35.98 5.42
C ASP A 1354 75.20 -35.87 4.41
N THR A 1355 76.45 -36.07 4.87
CA THR A 1355 77.55 -35.96 3.92
C THR A 1355 77.55 -37.12 2.93
N LEU A 1356 77.02 -38.27 3.34
CA LEU A 1356 76.82 -39.39 2.41
C LEU A 1356 75.81 -39.01 1.33
N CYS A 1357 74.73 -38.34 1.73
CA CYS A 1357 73.75 -37.86 0.76
C CYS A 1357 74.36 -36.85 -0.19
N TRP A 1358 75.22 -35.96 0.33
CA TRP A 1358 75.84 -34.96 -0.54
C TRP A 1358 76.80 -35.60 -1.53
N LEU A 1359 77.59 -36.57 -1.08
CA LEU A 1359 78.52 -37.24 -1.99
C LEU A 1359 77.78 -38.13 -3.00
N ALA A 1360 76.67 -38.75 -2.60
CA ALA A 1360 75.85 -39.47 -3.57
C ALA A 1360 75.28 -38.53 -4.62
N GLY A 1361 74.86 -37.34 -4.19
CA GLY A 1361 74.34 -36.35 -5.11
C GLY A 1361 75.37 -35.87 -6.11
N VAL A 1362 76.57 -35.54 -5.64
CA VAL A 1362 77.61 -35.10 -6.57
C VAL A 1362 78.04 -36.26 -7.48
N HIS A 1363 78.03 -37.49 -6.97
CA HIS A 1363 78.42 -38.66 -7.76
C HIS A 1363 77.27 -39.22 -8.58
N SER A 1364 76.15 -38.50 -8.67
CA SER A 1364 75.02 -38.97 -9.47
C SER A 1364 75.36 -38.99 -10.96
N ASN A 1365 76.00 -37.94 -11.47
CA ASN A 1365 76.32 -37.84 -12.89
C ASN A 1365 77.80 -37.55 -13.06
N GLY A 1366 78.53 -38.51 -13.64
CA GLY A 1366 79.94 -38.33 -13.91
C GLY A 1366 80.28 -38.34 -15.39
N PRO A 1367 80.46 -37.15 -15.98
CA PRO A 1367 80.73 -37.06 -17.42
C PRO A 1367 82.13 -37.51 -17.75
N GLY A 1368 82.34 -38.83 -17.72
CA GLY A 1368 83.64 -39.42 -17.96
C GLY A 1368 84.60 -39.27 -16.80
N SER A 1369 84.23 -38.51 -15.77
CA SER A 1369 85.04 -38.32 -14.58
C SER A 1369 85.16 -39.64 -13.83
N SER A 1370 86.32 -39.84 -13.21
CA SER A 1370 86.62 -41.08 -12.49
C SER A 1370 85.53 -41.37 -11.46
N LYS A 1371 84.83 -42.48 -11.66
CA LYS A 1371 83.78 -42.92 -10.75
C LYS A 1371 84.29 -43.95 -9.73
N GLU A 1372 85.60 -44.17 -9.66
CA GLU A 1372 86.20 -45.13 -8.73
C GLU A 1372 85.62 -44.99 -7.33
N GLY A 1373 85.74 -43.78 -6.76
CA GLY A 1373 85.23 -43.54 -5.42
C GLY A 1373 83.74 -43.81 -5.30
N ASN A 1374 82.97 -43.46 -6.34
CA ASN A 1374 81.53 -43.74 -6.34
C ASN A 1374 81.25 -45.23 -6.32
N GLU A 1375 81.98 -46.01 -7.13
CA GLU A 1375 81.80 -47.46 -7.11
C GLU A 1375 82.20 -48.05 -5.77
N ASN A 1376 83.26 -47.51 -5.16
CA ASN A 1376 83.71 -48.02 -3.87
C ASN A 1376 82.69 -47.73 -2.78
N LEU A 1377 82.13 -46.52 -2.75
CA LEU A 1377 81.13 -46.20 -1.73
C LEU A 1377 79.83 -46.96 -1.96
N LEU A 1378 79.43 -47.18 -3.22
CA LEU A 1378 78.24 -47.98 -3.46
C LEU A 1378 78.45 -49.43 -3.04
N SER A 1379 79.64 -49.97 -3.30
CA SER A 1379 79.95 -51.34 -2.88
C SER A 1379 80.00 -51.45 -1.36
N LYS A 1380 80.56 -50.45 -0.69
CA LYS A 1380 80.59 -50.46 0.78
C LYS A 1380 79.19 -50.28 1.37
N THR A 1381 78.30 -49.57 0.65
CA THR A 1381 76.91 -49.47 1.09
C THR A 1381 76.20 -50.81 0.96
N ARG A 1382 76.38 -51.48 -0.18
CA ARG A 1382 75.72 -52.77 -0.41
C ARG A 1382 76.30 -53.87 0.48
N LYS A 1383 77.56 -53.74 0.88
CA LYS A 1383 78.20 -54.76 1.71
C LYS A 1383 77.61 -54.78 3.11
N PHE A 1384 77.30 -53.61 3.67
CA PHE A 1384 76.80 -53.49 5.04
C PHE A 1384 75.40 -52.87 5.06
N LEU A 1385 74.59 -53.19 4.04
CA LEU A 1385 73.28 -52.57 3.90
C LEU A 1385 72.31 -53.03 4.99
N SER A 1386 72.36 -54.31 5.36
CA SER A 1386 71.48 -54.80 6.41
C SER A 1386 71.79 -54.16 7.75
N ASP A 1387 73.08 -53.97 8.06
CA ASP A 1387 73.44 -53.36 9.33
C ASP A 1387 72.99 -51.91 9.40
N ILE A 1388 73.17 -51.15 8.30
CA ILE A 1388 72.79 -49.75 8.35
C ILE A 1388 71.27 -49.58 8.32
N VAL A 1389 70.54 -50.45 7.61
CA VAL A 1389 69.08 -50.33 7.65
C VAL A 1389 68.54 -50.74 9.02
N ARG A 1390 69.24 -51.65 9.71
CA ARG A 1390 68.81 -52.03 11.05
C ARG A 1390 69.09 -50.91 12.04
N VAL A 1391 70.28 -50.31 11.99
CA VAL A 1391 70.61 -49.24 12.93
C VAL A 1391 69.96 -47.92 12.59
N CYS A 1392 69.36 -47.80 11.40
CA CYS A 1392 68.70 -46.54 11.02
C CYS A 1392 67.19 -46.58 11.08
N PHE A 1393 66.55 -47.71 10.76
CA PHE A 1393 65.09 -47.75 10.71
C PHE A 1393 64.47 -48.47 11.90
N PHE A 1394 65.29 -48.98 12.81
CA PHE A 1394 64.76 -49.73 13.95
C PHE A 1394 65.34 -49.20 15.25
N GLU A 1395 66.55 -48.68 15.20
CA GLU A 1395 67.30 -48.22 16.36
C GLU A 1395 67.60 -46.73 16.25
N ALA A 1396 66.62 -45.96 15.76
CA ALA A 1396 66.78 -44.53 15.56
C ALA A 1396 65.42 -43.86 15.65
N GLY A 1397 65.44 -42.54 15.78
CA GLY A 1397 64.21 -41.76 15.81
C GLY A 1397 63.68 -41.44 14.42
N ARG A 1398 62.76 -40.47 14.38
CA ARG A 1398 62.12 -40.11 13.12
C ARG A 1398 63.09 -39.41 12.18
N SER A 1399 63.97 -38.56 12.74
CA SER A 1399 64.87 -37.78 11.91
C SER A 1399 65.90 -38.65 11.21
N ILE A 1400 66.55 -39.54 11.96
CA ILE A 1400 67.60 -40.37 11.40
C ILE A 1400 67.01 -41.36 10.39
N ALA A 1401 65.86 -41.96 10.71
CA ALA A 1401 65.23 -42.89 9.77
C ALA A 1401 64.73 -42.19 8.52
N HIS A 1402 64.19 -40.98 8.67
CA HIS A 1402 63.75 -40.21 7.50
C HIS A 1402 64.94 -39.84 6.63
N LYS A 1403 66.05 -39.42 7.24
CA LYS A 1403 67.23 -39.07 6.46
C LYS A 1403 67.82 -40.28 5.77
N CYS A 1404 67.76 -41.45 6.42
CA CYS A 1404 68.28 -42.66 5.79
C CYS A 1404 67.38 -43.08 4.63
N ALA A 1405 66.06 -42.92 4.78
CA ALA A 1405 65.16 -43.19 3.67
C ALA A 1405 65.43 -42.23 2.52
N ARG A 1406 65.70 -40.96 2.84
CA ARG A 1406 66.06 -39.98 1.82
C ARG A 1406 67.33 -40.38 1.08
N PHE A 1407 68.34 -40.82 1.84
CA PHE A 1407 69.61 -41.20 1.23
C PHE A 1407 69.44 -42.45 0.37
N LEU A 1408 68.67 -43.43 0.85
CA LEU A 1408 68.47 -44.65 0.09
C LEU A 1408 67.66 -44.39 -1.18
N ALA A 1409 66.65 -43.52 -1.11
CA ALA A 1409 65.89 -43.21 -2.31
C ALA A 1409 66.65 -42.29 -3.27
N LEU A 1410 67.60 -41.51 -2.76
CA LEU A 1410 68.51 -40.80 -3.64
C LEU A 1410 69.48 -41.76 -4.33
N CYS A 1411 69.92 -42.79 -3.60
CA CYS A 1411 70.71 -43.84 -4.23
C CYS A 1411 69.89 -44.59 -5.28
N ILE A 1412 68.58 -44.71 -5.04
CA ILE A 1412 67.68 -45.22 -6.08
C ILE A 1412 67.68 -44.28 -7.27
N SER A 1413 67.63 -42.97 -7.00
CA SER A 1413 67.40 -41.98 -8.05
C SER A 1413 68.59 -41.89 -9.01
N ASN A 1414 69.81 -42.01 -8.51
CA ASN A 1414 71.00 -41.86 -9.33
C ASN A 1414 71.56 -43.21 -9.76
N GLY A 1415 70.70 -44.17 -10.05
CA GLY A 1415 71.15 -45.51 -10.40
C GLY A 1415 71.68 -45.62 -11.81
N LYS A 1416 72.70 -44.83 -12.12
CA LYS A 1416 73.40 -44.92 -13.40
C LYS A 1416 74.61 -45.84 -13.23
N CYS A 1417 74.29 -47.11 -13.00
CA CYS A 1417 75.29 -48.12 -12.70
C CYS A 1417 75.93 -48.66 -13.98
N ASP A 1418 77.16 -49.11 -13.85
CA ASP A 1418 77.85 -49.76 -14.95
C ASP A 1418 77.23 -51.13 -15.22
N PRO A 1419 77.42 -51.67 -16.43
CA PRO A 1419 76.85 -52.99 -16.76
C PRO A 1419 77.33 -54.14 -15.89
N CYS A 1420 78.47 -53.99 -15.21
CA CYS A 1420 78.92 -55.00 -14.24
C CYS A 1420 78.20 -54.89 -12.90
N GLN A 1421 77.51 -53.77 -12.66
CA GLN A 1421 76.89 -53.57 -11.36
C GLN A 1421 75.39 -53.87 -11.43
N PRO A 1422 74.85 -54.63 -10.49
CA PRO A 1422 73.40 -54.83 -10.43
C PRO A 1422 72.68 -53.61 -9.88
N ALA A 1423 71.38 -53.54 -10.17
CA ALA A 1423 70.59 -52.43 -9.66
C ALA A 1423 70.34 -52.58 -8.16
N PHE A 1424 70.00 -51.44 -7.54
CA PHE A 1424 69.72 -51.36 -6.12
C PHE A 1424 68.39 -52.01 -5.72
N GLY A 1425 67.51 -52.29 -6.68
CA GLY A 1425 66.17 -52.74 -6.41
C GLY A 1425 66.06 -54.09 -5.71
N PRO A 1426 66.48 -55.16 -6.38
CA PRO A 1426 66.55 -56.48 -5.73
C PRO A 1426 67.18 -56.50 -4.35
N VAL A 1427 68.33 -55.85 -4.20
CA VAL A 1427 69.06 -55.93 -2.92
C VAL A 1427 68.34 -55.13 -1.84
N LEU A 1428 67.79 -53.96 -2.20
CA LEU A 1428 67.02 -53.20 -1.23
C LEU A 1428 65.73 -53.94 -0.85
N LEU A 1429 65.12 -54.66 -1.79
CA LEU A 1429 63.96 -55.49 -1.47
C LEU A 1429 64.32 -56.59 -0.47
N LYS A 1430 65.44 -57.27 -0.72
CA LYS A 1430 65.86 -58.36 0.17
C LYS A 1430 66.25 -57.84 1.55
N ALA A 1431 66.95 -56.70 1.60
CA ALA A 1431 67.28 -56.11 2.89
C ALA A 1431 66.05 -55.60 3.61
N LEU A 1432 65.02 -55.19 2.87
CA LEU A 1432 63.80 -54.71 3.51
C LEU A 1432 63.03 -55.86 4.12
N LEU A 1433 62.94 -56.99 3.40
CA LEU A 1433 62.28 -58.16 3.98
C LEU A 1433 63.14 -58.91 4.98
N ASP A 1434 64.44 -58.63 5.06
CA ASP A 1434 65.21 -59.25 6.12
C ASP A 1434 65.02 -58.61 7.49
N ASN A 1435 64.23 -57.54 7.58
CA ASN A 1435 64.06 -56.84 8.85
C ASN A 1435 62.60 -56.57 9.21
N MET A 1436 61.65 -57.21 8.53
CA MET A 1436 60.25 -57.13 8.96
C MET A 1436 60.00 -57.84 10.29
N SER A 1437 60.87 -58.78 10.68
CA SER A 1437 60.65 -59.52 11.91
C SER A 1437 60.72 -58.61 13.13
N PHE A 1438 61.50 -57.53 13.06
CA PHE A 1438 61.67 -56.61 14.15
C PHE A 1438 60.67 -55.44 14.08
N LEU A 1439 59.68 -55.54 13.19
CA LEU A 1439 58.74 -54.43 12.98
C LEU A 1439 57.85 -54.12 14.19
N PRO A 1440 57.20 -55.09 14.85
CA PRO A 1440 56.35 -54.71 16.00
C PRO A 1440 57.12 -54.20 17.21
N ALA A 1441 58.45 -54.26 17.19
CA ALA A 1441 59.26 -53.65 18.24
C ALA A 1441 59.84 -52.31 17.79
N ALA A 1442 59.14 -51.60 16.92
CA ALA A 1442 59.59 -50.31 16.42
C ALA A 1442 59.20 -49.23 17.41
N THR A 1443 59.43 -47.97 17.05
CA THR A 1443 59.17 -46.85 17.94
C THR A 1443 58.19 -45.83 17.38
N THR A 1444 58.28 -45.51 16.09
CA THR A 1444 57.52 -44.40 15.51
C THR A 1444 56.67 -44.88 14.34
N GLY A 1445 55.46 -44.32 14.25
CA GLY A 1445 54.59 -44.63 13.14
C GLY A 1445 55.07 -44.08 11.81
N GLY A 1446 55.62 -42.86 11.81
CA GLY A 1446 56.16 -42.32 10.58
C GLY A 1446 57.37 -43.04 10.04
N SER A 1447 58.22 -43.58 10.92
CA SER A 1447 59.38 -44.34 10.47
C SER A 1447 58.94 -45.59 9.71
N VAL A 1448 58.04 -46.37 10.31
CA VAL A 1448 57.54 -47.56 9.65
C VAL A 1448 56.63 -47.19 8.48
N TYR A 1449 56.05 -46.00 8.49
CA TYR A 1449 55.26 -45.53 7.35
C TYR A 1449 56.14 -45.32 6.13
N TRP A 1450 57.27 -44.64 6.30
CA TRP A 1450 58.20 -44.46 5.18
C TRP A 1450 58.83 -45.79 4.78
N TYR A 1451 59.13 -46.64 5.77
CA TYR A 1451 59.59 -48.00 5.53
C TYR A 1451 58.60 -48.74 4.63
N PHE A 1452 57.30 -48.64 4.94
CA PHE A 1452 56.26 -49.33 4.19
C PHE A 1452 56.07 -48.71 2.82
N VAL A 1453 56.29 -47.41 2.70
CA VAL A 1453 56.25 -46.74 1.39
C VAL A 1453 57.34 -47.31 0.49
N LEU A 1454 58.56 -47.43 1.04
CA LEU A 1454 59.65 -48.02 0.27
C LEU A 1454 59.36 -49.46 -0.10
N LEU A 1455 58.77 -50.23 0.83
CA LEU A 1455 58.40 -51.61 0.53
C LEU A 1455 57.39 -51.68 -0.60
N ASN A 1456 56.38 -50.82 -0.55
CA ASN A 1456 55.33 -50.82 -1.55
C ASN A 1456 55.84 -50.37 -2.91
N TYR A 1457 56.81 -49.45 -2.94
CA TYR A 1457 57.38 -49.03 -4.21
C TYR A 1457 58.24 -50.12 -4.83
N VAL A 1458 59.17 -50.69 -4.04
CA VAL A 1458 60.15 -51.62 -4.60
C VAL A 1458 59.65 -53.07 -4.65
N LYS A 1459 58.44 -53.35 -4.19
CA LYS A 1459 57.94 -54.73 -4.26
C LYS A 1459 57.62 -55.19 -5.67
N ASP A 1460 57.70 -54.31 -6.67
CA ASP A 1460 57.34 -54.68 -8.04
C ASP A 1460 58.34 -55.65 -8.66
N GLU A 1461 59.54 -55.78 -8.09
CA GLU A 1461 60.55 -56.66 -8.69
C GLU A 1461 60.29 -58.12 -8.34
N ASP A 1462 60.13 -58.43 -7.06
CA ASP A 1462 59.90 -59.80 -6.61
C ASP A 1462 58.67 -59.83 -5.72
N LEU A 1463 57.82 -60.85 -5.91
CA LEU A 1463 56.54 -60.90 -5.23
C LEU A 1463 56.38 -62.04 -4.24
N ALA A 1464 57.03 -63.19 -4.45
CA ALA A 1464 56.69 -64.37 -3.66
C ALA A 1464 57.20 -64.29 -2.22
N GLY A 1465 58.47 -63.91 -2.04
CA GLY A 1465 59.04 -63.93 -0.70
C GLY A 1465 58.42 -62.90 0.23
N CYS A 1466 58.23 -61.69 -0.28
CA CYS A 1466 57.55 -60.66 0.50
C CYS A 1466 56.13 -61.07 0.82
N SER A 1467 55.44 -61.71 -0.14
CA SER A 1467 54.05 -62.12 0.09
C SER A 1467 53.95 -63.18 1.19
N THR A 1468 54.82 -64.19 1.14
CA THR A 1468 54.71 -65.25 2.14
C THR A 1468 55.17 -64.76 3.51
N ALA A 1469 56.18 -63.89 3.55
CA ALA A 1469 56.58 -63.30 4.82
C ALA A 1469 55.46 -62.44 5.41
N CYS A 1470 54.81 -61.64 4.56
CA CYS A 1470 53.70 -60.81 5.01
C CYS A 1470 52.56 -61.66 5.52
N ALA A 1471 52.25 -62.76 4.84
CA ALA A 1471 51.16 -63.62 5.29
C ALA A 1471 51.49 -64.25 6.63
N SER A 1472 52.73 -64.68 6.82
CA SER A 1472 53.13 -65.25 8.11
C SER A 1472 53.02 -64.20 9.21
N LEU A 1473 53.38 -62.95 8.92
CA LEU A 1473 53.29 -61.92 9.95
C LEU A 1473 51.84 -61.52 10.23
N LEU A 1474 50.99 -61.53 9.21
CA LEU A 1474 49.55 -61.42 9.41
C LEU A 1474 49.05 -62.46 10.39
N THR A 1475 49.39 -63.74 10.13
CA THR A 1475 48.92 -64.82 10.99
C THR A 1475 49.43 -64.65 12.41
N ALA A 1476 50.70 -64.29 12.57
CA ALA A 1476 51.29 -64.16 13.90
C ALA A 1476 50.63 -63.03 14.68
N VAL A 1477 50.54 -61.84 14.09
CA VAL A 1477 49.97 -60.72 14.83
C VAL A 1477 48.47 -60.89 15.02
N SER A 1478 47.79 -61.65 14.15
CA SER A 1478 46.38 -61.90 14.34
C SER A 1478 46.14 -62.88 15.48
N ARG A 1479 46.98 -63.91 15.60
CA ARG A 1479 46.88 -64.82 16.72
C ARG A 1479 47.36 -64.19 18.01
N GLN A 1480 48.16 -63.12 17.93
CA GLN A 1480 48.59 -62.41 19.13
C GLN A 1480 47.54 -61.42 19.61
N LEU A 1481 46.85 -60.73 18.69
CA LEU A 1481 45.94 -59.67 19.08
C LEU A 1481 44.69 -60.20 19.78
N GLN A 1482 44.38 -61.49 19.62
CA GLN A 1482 43.19 -62.04 20.27
C GLN A 1482 43.34 -62.08 21.78
N ASP A 1483 44.57 -62.14 22.28
CA ASP A 1483 44.81 -62.17 23.72
C ASP A 1483 44.83 -60.76 24.30
N THR A 1486 41.01 -59.25 26.28
CA THR A 1486 40.10 -59.13 27.41
C THR A 1486 38.69 -58.78 26.94
N PRO A 1487 37.67 -59.23 27.66
CA PRO A 1487 36.29 -58.88 27.29
C PRO A 1487 35.93 -57.43 27.55
N MET A 1488 36.83 -56.64 28.13
CA MET A 1488 36.49 -55.29 28.59
C MET A 1488 36.36 -54.31 27.42
N GLU A 1489 37.41 -54.16 26.60
CA GLU A 1489 37.28 -53.28 25.44
C GLU A 1489 36.29 -53.85 24.44
N ALA A 1490 36.12 -55.17 24.41
CA ALA A 1490 35.09 -55.77 23.57
C ALA A 1490 33.69 -55.35 24.01
N LEU A 1491 33.43 -55.37 25.32
CA LEU A 1491 32.15 -54.91 25.83
C LEU A 1491 31.93 -53.44 25.54
N LEU A 1492 32.99 -52.63 25.65
CA LEU A 1492 32.90 -51.23 25.25
C LEU A 1492 32.53 -51.10 23.78
N GLN A 1493 33.14 -51.93 22.93
CA GLN A 1493 32.89 -51.88 21.49
C GLN A 1493 31.46 -52.25 21.16
N THR A 1494 30.92 -53.26 21.86
CA THR A 1494 29.53 -53.64 21.62
C THR A 1494 28.56 -52.58 22.11
N ARG A 1495 28.76 -52.07 23.33
CA ARG A 1495 27.74 -51.22 23.92
C ARG A 1495 27.76 -49.82 23.32
N TYR A 1496 28.94 -49.27 23.04
CA TYR A 1496 29.04 -47.88 22.60
C TYR A 1496 29.88 -47.68 21.35
N GLY A 1497 30.45 -48.75 20.77
CA GLY A 1497 31.31 -48.58 19.62
C GLY A 1497 32.60 -47.85 19.93
N LEU A 1498 33.21 -48.15 21.08
CA LEU A 1498 34.43 -47.49 21.52
C LEU A 1498 35.58 -48.47 21.33
N TYR A 1499 36.42 -48.21 20.33
CA TYR A 1499 37.40 -49.18 19.86
C TYR A 1499 38.79 -48.93 20.41
N SER A 1500 39.15 -47.68 20.67
CA SER A 1500 40.45 -47.39 21.26
C SER A 1500 40.44 -47.80 22.73
N SER A 1501 41.44 -48.58 23.13
CA SER A 1501 41.47 -49.12 24.48
C SER A 1501 41.76 -48.01 25.48
N PRO A 1502 40.87 -47.74 26.45
CA PRO A 1502 41.15 -46.71 27.45
C PRO A 1502 42.01 -47.20 28.60
N PHE A 1503 42.34 -48.49 28.65
CA PHE A 1503 43.13 -49.03 29.74
C PHE A 1503 44.58 -49.33 29.34
N ASP A 1504 44.84 -49.51 28.06
CA ASP A 1504 46.21 -49.64 27.58
C ASP A 1504 46.83 -48.26 27.55
N PRO A 1505 47.86 -47.98 28.35
CA PRO A 1505 48.33 -46.60 28.49
C PRO A 1505 49.22 -46.10 27.36
N VAL A 1506 49.58 -46.96 26.41
CA VAL A 1506 50.50 -46.59 25.34
C VAL A 1506 49.83 -46.80 23.99
N LEU A 1507 49.90 -45.79 23.12
CA LEU A 1507 49.52 -45.89 21.72
C LEU A 1507 50.76 -45.87 20.83
N PHE A 1508 50.53 -45.77 19.52
CA PHE A 1508 51.59 -45.71 18.52
C PHE A 1508 51.56 -44.39 17.75
N ASP A 1509 50.40 -43.99 17.23
CA ASP A 1509 50.28 -42.75 16.49
C ASP A 1509 48.86 -42.23 16.55
N LEU A 1510 48.71 -40.94 16.24
CA LEU A 1510 47.43 -40.25 16.18
C LEU A 1510 47.19 -39.77 14.76
N GLU A 1511 46.07 -40.16 14.16
CA GLU A 1511 45.77 -39.80 12.79
C GLU A 1511 44.58 -38.86 12.71
N MET A 1512 44.77 -37.71 12.07
CA MET A 1512 43.73 -36.70 11.89
C MET A 1512 43.98 -35.96 10.58
N SER A 1513 42.91 -35.43 10.01
CA SER A 1513 42.98 -34.72 8.74
C SER A 1513 41.78 -33.78 8.64
N GLY A 1514 41.90 -32.81 7.74
CA GLY A 1514 40.85 -31.85 7.50
C GLY A 1514 39.82 -32.22 6.46
N SER A 1515 39.92 -33.43 5.89
CA SER A 1515 38.97 -33.86 4.89
C SER A 1515 37.74 -34.50 5.53
N GLU A 1531 33.25 -44.38 13.82
CA GLU A 1531 32.68 -45.36 12.90
C GLU A 1531 32.56 -44.77 11.50
N ILE A 1532 32.52 -45.64 10.50
CA ILE A 1532 32.44 -45.25 9.10
C ILE A 1532 31.24 -45.96 8.48
N ASP A 1533 30.42 -45.21 7.75
CA ASP A 1533 29.30 -45.80 7.04
C ASP A 1533 29.80 -46.64 5.87
N LEU A 1534 29.29 -47.88 5.77
CA LEU A 1534 29.76 -48.82 4.77
C LEU A 1534 28.90 -48.79 3.51
N SER A 1535 27.92 -47.89 3.43
CA SER A 1535 26.97 -47.92 2.32
C SER A 1535 27.58 -47.37 1.04
N ASP A 1536 28.43 -46.34 1.15
CA ASP A 1536 29.03 -45.75 -0.04
C ASP A 1536 30.05 -46.69 -0.67
N VAL A 1537 30.84 -47.37 0.16
CA VAL A 1537 31.82 -48.33 -0.36
C VAL A 1537 31.17 -49.64 -0.76
N LEU A 1538 29.91 -49.86 -0.36
CA LEU A 1538 29.19 -51.09 -0.69
C LEU A 1538 28.91 -51.16 -2.19
N GLU A 1551 39.28 -40.78 2.65
CA GLU A 1551 39.98 -41.34 3.80
C GLU A 1551 41.31 -41.96 3.39
N GLY A 1552 41.55 -42.06 2.07
CA GLY A 1552 42.80 -42.63 1.61
C GLY A 1552 44.00 -41.73 1.83
N SER A 1553 43.78 -40.41 1.85
CA SER A 1553 44.85 -39.45 2.10
C SER A 1553 45.05 -39.18 3.58
N PHE A 1554 44.23 -39.79 4.44
CA PHE A 1554 44.31 -39.55 5.87
C PHE A 1554 45.63 -40.03 6.49
N THR A 1555 46.39 -40.86 5.78
CA THR A 1555 47.73 -41.25 6.20
C THR A 1555 48.80 -40.23 5.81
N SER A 1556 48.41 -39.00 5.51
CA SER A 1556 49.38 -37.98 5.14
C SER A 1556 50.17 -37.46 6.34
N LEU A 1557 49.53 -37.34 7.51
CA LEU A 1557 50.16 -36.82 8.72
C LEU A 1557 50.22 -37.92 9.77
N THR A 1558 51.38 -38.55 9.91
CA THR A 1558 51.58 -39.64 10.86
C THR A 1558 52.57 -39.25 11.95
N GLY A 1559 52.61 -40.05 13.01
CA GLY A 1559 53.56 -39.85 14.08
C GLY A 1559 53.39 -38.59 14.90
N LEU A 1560 52.16 -38.25 15.28
CA LEU A 1560 51.92 -37.02 16.04
C LEU A 1560 52.06 -37.18 17.56
N LEU A 1561 52.54 -38.32 18.05
CA LEU A 1561 52.81 -38.44 19.49
C LEU A 1561 54.23 -38.03 19.86
N GLU A 1562 55.18 -38.16 18.94
CA GLU A 1562 56.54 -37.73 19.19
C GLU A 1562 56.71 -36.22 19.06
N VAL A 1563 55.66 -35.53 18.63
CA VAL A 1563 55.68 -34.09 18.39
C VAL A 1563 54.41 -33.52 19.01
N GLU A 1564 54.57 -32.54 19.91
CA GLU A 1564 53.40 -31.98 20.57
C GLU A 1564 52.91 -30.72 19.87
N PRO A 1565 51.61 -30.41 19.96
CA PRO A 1565 51.10 -29.16 19.37
C PRO A 1565 51.49 -27.93 20.19
N LEU A 1566 51.13 -26.76 19.69
CA LEU A 1566 51.42 -25.48 20.34
C LEU A 1566 50.12 -24.74 20.63
N HIS A 1567 50.25 -23.49 21.05
CA HIS A 1567 49.13 -22.59 21.30
C HIS A 1567 49.27 -21.35 20.44
N PHE A 1568 48.15 -20.74 20.08
CA PHE A 1568 48.11 -19.67 19.11
C PHE A 1568 47.70 -18.35 19.77
N THR A 1569 48.39 -17.27 19.40
CA THR A 1569 48.06 -15.92 19.84
C THR A 1569 48.18 -14.98 18.66
N CYS A 1570 47.04 -14.46 18.19
CA CYS A 1570 47.04 -13.55 17.05
C CYS A 1570 47.57 -12.19 17.44
N VAL A 1571 48.44 -11.63 16.60
CA VAL A 1571 49.07 -10.33 16.85
C VAL A 1571 48.59 -9.28 15.85
N SER A 1572 48.85 -9.49 14.57
CA SER A 1572 48.49 -8.54 13.53
C SER A 1572 47.34 -9.09 12.70
N THR A 1573 46.45 -8.20 12.27
CA THR A 1573 45.27 -8.58 11.50
C THR A 1573 45.02 -7.54 10.43
N SER A 1574 44.73 -7.99 9.21
CA SER A 1574 44.49 -7.09 8.09
C SER A 1574 43.06 -6.52 8.16
N ASP A 1575 42.76 -5.62 7.25
CA ASP A 1575 41.44 -5.01 7.20
C ASP A 1575 40.41 -6.01 6.68
N GLY A 1576 39.22 -5.98 7.29
CA GLY A 1576 38.18 -6.92 6.93
C GLY A 1576 38.51 -8.35 7.28
N THR A 1577 39.04 -8.58 8.47
CA THR A 1577 39.50 -9.91 8.88
C THR A 1577 39.34 -10.01 10.39
N ARG A 1578 38.85 -11.15 10.86
CA ARG A 1578 38.70 -11.35 12.30
C ARG A 1578 38.94 -12.82 12.65
N ILE A 1579 39.84 -13.07 13.59
CA ILE A 1579 40.11 -14.42 14.07
C ILE A 1579 39.25 -14.68 15.30
N GLU A 1580 38.43 -15.73 15.23
CA GLU A 1580 37.54 -16.11 16.31
C GLU A 1580 37.74 -17.58 16.63
N ARG A 1581 37.06 -18.06 17.67
CA ARG A 1581 37.13 -19.45 18.08
C ARG A 1581 35.84 -20.16 17.71
N ASP A 1582 35.97 -21.31 17.06
CA ASP A 1582 34.81 -22.08 16.64
C ASP A 1582 34.20 -22.80 17.84
N ASP A 1583 32.88 -22.88 17.85
CA ASP A 1583 32.16 -23.55 18.93
C ASP A 1583 31.18 -24.59 18.39
N GLY A 1758 54.51 -26.07 45.99
CA GLY A 1758 54.08 -25.36 44.79
C GLY A 1758 54.42 -26.11 43.52
N LEU A 1759 54.85 -27.37 43.66
CA LEU A 1759 55.19 -28.17 42.50
C LEU A 1759 53.94 -28.58 41.72
N ALA A 1760 52.79 -28.71 42.40
CA ALA A 1760 51.56 -29.09 41.71
C ALA A 1760 51.10 -27.99 40.78
N LEU A 1761 51.26 -26.73 41.18
CA LEU A 1761 50.87 -25.62 40.31
C LEU A 1761 51.77 -25.53 39.08
N ALA A 1762 53.08 -25.77 39.25
CA ALA A 1762 53.97 -25.79 38.11
C ALA A 1762 53.68 -26.96 37.18
N ILE A 1763 53.31 -28.11 37.75
CA ILE A 1763 52.93 -29.26 36.93
C ILE A 1763 51.66 -28.96 36.14
N SER A 1764 50.69 -28.31 36.80
CA SER A 1764 49.45 -27.94 36.11
C SER A 1764 49.70 -26.92 35.01
N HIS A 1765 50.61 -25.97 35.24
CA HIS A 1765 50.93 -24.99 34.21
C HIS A 1765 51.66 -25.63 33.04
N ALA A 1766 52.56 -26.58 33.31
CA ALA A 1766 53.24 -27.28 32.23
C ALA A 1766 52.26 -28.16 31.45
N SER A 1767 51.26 -28.72 32.13
CA SER A 1767 50.22 -29.47 31.43
C SER A 1767 49.32 -28.55 30.61
N HIS A 1768 49.07 -27.33 31.09
CA HIS A 1768 48.27 -26.38 30.33
C HIS A 1768 49.02 -25.88 29.10
N PHE A 1769 50.35 -25.77 29.20
CA PHE A 1769 51.16 -25.50 28.01
C PHE A 1769 51.12 -26.67 27.06
N LEU A 1770 50.96 -27.88 27.59
CA LEU A 1770 50.89 -29.11 26.81
C LEU A 1770 49.42 -29.48 26.59
N GLN A 1771 48.77 -28.69 25.73
CA GLN A 1771 47.35 -28.87 25.47
C GLN A 1771 47.04 -28.72 23.98
N PRO A 1772 46.09 -29.49 23.47
CA PRO A 1772 45.55 -29.20 22.14
C PRO A 1772 44.56 -28.05 22.21
N PRO A 1773 44.82 -26.96 21.49
CA PRO A 1773 43.91 -25.82 21.56
C PRO A 1773 42.60 -26.13 20.87
N PRO A 1774 41.51 -25.47 21.26
CA PRO A 1774 40.23 -25.66 20.57
C PRO A 1774 40.30 -25.15 19.15
N HIS A 1775 39.30 -25.52 18.36
CA HIS A 1775 39.28 -25.12 16.95
C HIS A 1775 38.94 -23.64 16.83
N GLN A 1776 39.77 -22.92 16.08
CA GLN A 1776 39.58 -21.51 15.77
C GLN A 1776 39.50 -21.34 14.27
N SER A 1777 39.16 -20.13 13.84
CA SER A 1777 38.96 -19.85 12.42
C SER A 1777 39.10 -18.36 12.16
N ILE A 1778 39.09 -18.01 10.88
CA ILE A 1778 39.14 -16.63 10.40
C ILE A 1778 37.86 -16.36 9.61
N ILE A 1779 37.21 -15.24 9.91
CA ILE A 1779 36.05 -14.76 9.17
C ILE A 1779 36.44 -13.48 8.43
N ILE A 1780 35.87 -13.31 7.24
CA ILE A 1780 36.15 -12.16 6.38
C ILE A 1780 34.85 -11.37 6.23
N GLU A 1781 34.94 -10.05 6.41
CA GLU A 1781 33.76 -9.19 6.32
C GLU A 1781 33.28 -9.05 4.87
N ARG A 1782 34.18 -8.68 3.96
CA ARG A 1782 33.83 -8.46 2.56
C ARG A 1782 34.70 -9.36 1.69
N MET A 1783 34.05 -10.18 0.86
CA MET A 1783 34.72 -11.08 -0.05
C MET A 1783 34.67 -10.51 -1.47
N HIS A 1784 35.69 -10.87 -2.26
CA HIS A 1784 35.74 -10.51 -3.67
C HIS A 1784 36.69 -11.46 -4.37
N SER A 1785 36.83 -11.29 -5.69
CA SER A 1785 37.71 -12.13 -6.49
C SER A 1785 39.15 -11.75 -6.20
N GLY A 1786 39.82 -12.51 -5.32
CA GLY A 1786 41.18 -12.17 -4.97
C GLY A 1786 41.25 -11.36 -3.68
N ALA A 1787 40.49 -11.78 -2.67
CA ALA A 1787 40.47 -11.09 -1.39
C ALA A 1787 41.79 -11.34 -0.67
N ARG A 1788 42.66 -10.33 -0.70
CA ARG A 1788 44.00 -10.43 -0.11
C ARG A 1788 43.90 -10.04 1.36
N ARG A 1789 44.13 -11.01 2.25
CA ARG A 1789 44.10 -10.78 3.69
C ARG A 1789 45.37 -11.31 4.31
N PHE A 1790 45.71 -10.76 5.48
CA PHE A 1790 46.98 -11.01 6.13
C PHE A 1790 46.77 -11.11 7.63
N VAL A 1791 47.30 -12.17 8.24
CA VAL A 1791 47.25 -12.34 9.69
C VAL A 1791 48.60 -12.79 10.21
N THR A 1792 48.84 -12.53 11.48
CA THR A 1792 50.09 -12.90 12.15
C THR A 1792 49.74 -13.65 13.43
N LEU A 1793 50.41 -14.77 13.65
CA LEU A 1793 50.20 -15.62 14.81
C LEU A 1793 51.50 -15.68 15.61
N ASP A 1794 51.39 -15.73 16.93
CA ASP A 1794 52.55 -15.78 17.80
C ASP A 1794 52.46 -16.97 18.73
N PHE A 1795 53.58 -17.70 18.87
CA PHE A 1795 53.69 -18.84 19.77
C PHE A 1795 54.16 -18.44 21.16
N GLY A 1796 54.67 -17.23 21.35
CA GLY A 1796 55.12 -16.77 22.65
C GLY A 1796 56.58 -16.99 22.96
N ARG A 1797 57.24 -17.92 22.26
CA ARG A 1797 58.64 -18.22 22.50
C ARG A 1797 59.20 -18.91 21.26
N PRO A 1798 60.52 -18.90 21.08
CA PRO A 1798 61.10 -19.67 19.98
C PRO A 1798 60.76 -21.15 20.12
N ILE A 1799 60.42 -21.77 19.00
CA ILE A 1799 59.87 -23.11 19.02
C ILE A 1799 60.25 -23.79 17.72
N LEU A 1800 60.35 -25.13 17.74
CA LEU A 1800 60.63 -25.88 16.53
C LEU A 1800 59.32 -26.27 15.87
N LEU A 1801 59.20 -26.02 14.57
CA LEU A 1801 58.00 -26.35 13.82
C LEU A 1801 58.30 -27.49 12.85
N THR A 1802 57.46 -28.52 12.87
CA THR A 1802 57.70 -29.71 12.04
C THR A 1802 56.56 -30.02 11.08
N ASP A 1803 55.31 -29.95 11.52
CA ASP A 1803 54.17 -30.34 10.71
C ASP A 1803 53.10 -29.26 10.75
N VAL A 1804 52.44 -29.02 9.62
CA VAL A 1804 51.35 -28.06 9.53
C VAL A 1804 50.22 -28.65 8.70
N LEU A 1805 48.99 -28.35 9.12
CA LEU A 1805 47.78 -28.88 8.48
C LEU A 1805 46.77 -27.76 8.35
N ILE A 1806 46.32 -27.52 7.11
CA ILE A 1806 45.29 -26.52 6.83
C ILE A 1806 44.12 -27.24 6.16
N PRO A 1807 42.95 -27.30 6.82
CA PRO A 1807 41.75 -27.86 6.20
C PRO A 1807 41.41 -27.32 4.81
N THR A 1808 40.58 -28.05 4.08
CA THR A 1808 40.18 -27.60 2.74
C THR A 1808 39.21 -26.43 2.85
N CYS A 1809 39.53 -25.33 2.18
CA CYS A 1809 38.67 -24.16 2.10
C CYS A 1809 38.30 -23.94 0.64
N GLY A 1810 37.05 -24.24 0.29
CA GLY A 1810 36.60 -24.20 -1.09
C GLY A 1810 36.37 -22.82 -1.68
N ASP A 1811 36.37 -21.76 -0.87
CA ASP A 1811 36.14 -20.41 -1.39
C ASP A 1811 37.42 -19.57 -1.44
N LEU A 1812 38.59 -20.19 -1.30
CA LEU A 1812 39.87 -19.50 -1.32
C LEU A 1812 40.73 -20.05 -2.45
N ALA A 1813 41.36 -19.15 -3.20
CA ALA A 1813 42.23 -19.56 -4.30
C ALA A 1813 43.57 -20.05 -3.78
N SER A 1814 44.28 -19.21 -3.03
CA SER A 1814 45.63 -19.54 -2.62
C SER A 1814 45.91 -19.03 -1.21
N LEU A 1815 46.89 -19.68 -0.60
CA LEU A 1815 47.38 -19.33 0.73
C LEU A 1815 48.90 -19.42 0.70
N SER A 1816 49.55 -18.63 1.54
CA SER A 1816 51.00 -18.64 1.63
C SER A 1816 51.40 -18.43 3.08
N ILE A 1817 52.42 -19.17 3.52
CA ILE A 1817 52.88 -19.09 4.91
C ILE A 1817 54.34 -18.68 4.94
N ASP A 1818 54.63 -17.66 5.76
CA ASP A 1818 55.99 -17.23 6.02
C ASP A 1818 56.24 -17.38 7.52
N ILE A 1819 57.47 -17.69 7.89
CA ILE A 1819 57.80 -17.76 9.32
C ILE A 1819 58.99 -16.84 9.58
N TRP A 1820 59.01 -16.23 10.75
CA TRP A 1820 60.20 -15.48 11.16
C TRP A 1820 60.21 -15.37 12.68
N THR A 1821 61.41 -15.20 13.24
CA THR A 1821 61.59 -15.14 14.68
C THR A 1821 61.83 -13.72 15.19
N LEU A 1822 62.69 -12.96 14.53
CA LEU A 1822 63.03 -11.62 14.98
C LEU A 1822 62.50 -10.53 14.05
N GLY A 1823 62.84 -10.58 12.76
CA GLY A 1823 62.37 -9.58 11.83
C GLY A 1823 61.88 -10.21 10.54
N GLU A 1824 61.02 -9.47 9.85
CA GLU A 1824 60.47 -9.94 8.59
C GLU A 1824 61.54 -10.01 7.51
N GLU A 1825 62.43 -9.02 7.47
CA GLU A 1825 63.55 -8.99 6.55
C GLU A 1825 64.83 -9.51 7.16
N VAL A 1826 64.80 -9.97 8.42
CA VAL A 1826 66.00 -10.46 9.09
C VAL A 1826 66.22 -11.93 8.74
N ASP A 1827 65.24 -12.78 9.05
CA ASP A 1827 65.37 -14.20 8.79
C ASP A 1827 64.08 -14.78 8.20
N GLY A 1828 63.37 -14.00 7.39
CA GLY A 1828 62.14 -14.50 6.83
C GLY A 1828 62.38 -15.42 5.65
N ARG A 1829 61.89 -16.65 5.74
CA ARG A 1829 61.98 -17.61 4.64
C ARG A 1829 60.61 -18.18 4.31
N ARG A 1830 60.33 -18.32 3.02
CA ARG A 1830 59.03 -18.77 2.55
C ARG A 1830 58.92 -20.28 2.66
N LEU A 1831 57.86 -20.76 3.32
CA LEU A 1831 57.66 -22.20 3.47
C LEU A 1831 56.89 -22.83 2.32
N VAL A 1832 55.63 -22.43 2.12
CA VAL A 1832 54.78 -23.00 1.07
C VAL A 1832 53.71 -21.99 0.72
N VAL A 1833 53.45 -21.87 -0.59
CA VAL A 1833 52.27 -21.22 -1.15
C VAL A 1833 51.53 -22.28 -1.94
N ALA A 1834 50.25 -22.45 -1.64
CA ALA A 1834 49.39 -23.42 -2.31
C ALA A 1834 48.24 -22.71 -2.99
N THR A 1835 47.99 -23.06 -4.25
CA THR A 1835 47.00 -22.40 -5.08
C THR A 1835 45.78 -23.27 -5.36
N ASP A 1836 45.67 -24.42 -4.70
CA ASP A 1836 44.56 -25.34 -4.88
C ASP A 1836 43.98 -25.77 -3.53
N ILE A 1837 43.73 -24.77 -2.68
CA ILE A 1837 43.11 -25.04 -1.37
C ILE A 1837 41.70 -25.58 -1.54
N SER A 1838 40.98 -25.12 -2.57
CA SER A 1838 39.62 -25.57 -2.81
C SER A 1838 39.55 -27.04 -3.23
N THR A 1839 40.63 -27.59 -3.78
CA THR A 1839 40.62 -28.99 -4.20
C THR A 1839 40.91 -29.92 -3.02
N HIS A 1840 42.08 -29.78 -2.40
CA HIS A 1840 42.48 -30.63 -1.28
C HIS A 1840 43.03 -29.77 -0.16
N SER A 1841 43.34 -30.41 0.96
CA SER A 1841 43.85 -29.71 2.14
C SER A 1841 45.37 -29.60 2.08
N LEU A 1842 45.90 -28.58 2.75
CA LEU A 1842 47.34 -28.35 2.81
C LEU A 1842 47.92 -29.24 3.91
N ILE A 1843 48.81 -30.15 3.52
CA ILE A 1843 49.46 -31.05 4.48
C ILE A 1843 50.96 -30.96 4.26
N LEU A 1844 51.70 -30.52 5.28
CA LEU A 1844 53.16 -30.53 5.22
C LEU A 1844 53.68 -31.26 6.44
N HIS A 1845 54.45 -32.33 6.20
CA HIS A 1845 54.74 -33.34 7.22
C HIS A 1845 56.24 -33.51 7.38
N ASP A 1846 56.72 -33.41 8.62
CA ASP A 1846 58.08 -33.75 9.03
C ASP A 1846 59.13 -32.93 8.26
N LEU A 1847 59.14 -31.63 8.55
CA LEU A 1847 60.17 -30.75 7.99
C LEU A 1847 61.55 -31.18 8.47
N ILE A 1848 62.41 -31.54 7.52
CA ILE A 1848 63.78 -31.94 7.83
C ILE A 1848 64.72 -31.09 6.98
N PRO A 1849 65.59 -30.26 7.58
CA PRO A 1849 65.78 -30.06 9.02
C PRO A 1849 64.69 -29.19 9.64
N PRO A 1850 64.33 -29.46 10.89
CA PRO A 1850 63.21 -28.75 11.52
C PRO A 1850 63.57 -27.30 11.80
N PRO A 1851 62.83 -26.35 11.23
CA PRO A 1851 63.13 -24.93 11.48
C PRO A 1851 62.65 -24.49 12.86
N VAL A 1852 63.31 -23.46 13.38
CA VAL A 1852 62.90 -22.78 14.60
C VAL A 1852 62.32 -21.42 14.23
N CYS A 1853 61.31 -21.00 14.97
CA CYS A 1853 60.56 -19.79 14.64
C CYS A 1853 59.71 -19.38 15.84
N ARG A 1854 59.18 -18.15 15.75
CA ARG A 1854 58.25 -17.63 16.76
C ARG A 1854 57.02 -16.95 16.17
N PHE A 1855 57.05 -16.50 14.92
CA PHE A 1855 55.96 -15.71 14.33
C PHE A 1855 55.55 -16.28 12.98
N MET A 1856 54.24 -16.48 12.82
CA MET A 1856 53.65 -17.03 11.61
C MET A 1856 52.96 -15.89 10.85
N LYS A 1857 53.16 -15.85 9.53
CA LYS A 1857 52.51 -14.89 8.66
C LYS A 1857 51.67 -15.68 7.65
N ILE A 1858 50.38 -15.40 7.61
CA ILE A 1858 49.45 -16.09 6.71
C ILE A 1858 48.86 -15.07 5.76
N THR A 1859 49.11 -15.26 4.46
CA THR A 1859 48.58 -14.40 3.41
C THR A 1859 47.63 -15.22 2.54
N VAL A 1860 46.39 -14.75 2.39
CA VAL A 1860 45.35 -15.49 1.68
C VAL A 1860 44.80 -14.64 0.55
N ILE A 1861 44.64 -15.27 -0.62
CA ILE A 1861 44.04 -14.66 -1.80
C ILE A 1861 42.82 -15.47 -2.19
N GLY A 1862 41.67 -14.81 -2.29
CA GLY A 1862 40.43 -15.50 -2.57
C GLY A 1862 40.26 -15.91 -4.02
N ARG A 1863 39.28 -16.77 -4.24
CA ARG A 1863 39.06 -17.35 -5.56
C ARG A 1863 38.42 -16.35 -6.50
N TYR A 1864 38.62 -16.59 -7.81
CA TYR A 1864 38.09 -15.71 -8.83
C TYR A 1864 36.59 -15.93 -8.99
N GLY A 1865 35.84 -14.84 -9.14
CA GLY A 1865 34.40 -14.92 -9.22
C GLY A 1865 33.75 -15.38 -7.93
N SER A 1866 34.34 -15.05 -6.79
CA SER A 1866 33.82 -15.51 -5.51
C SER A 1866 32.58 -14.72 -5.14
N THR A 1867 31.53 -15.43 -4.71
CA THR A 1867 30.32 -14.77 -4.26
C THR A 1867 30.55 -14.07 -2.92
N ASN A 1868 29.70 -13.10 -2.63
CA ASN A 1868 29.82 -12.31 -1.40
C ASN A 1868 29.08 -12.99 -0.25
N ALA A 1869 29.50 -14.21 0.04
CA ALA A 1869 28.95 -15.01 1.12
C ALA A 1869 30.05 -15.35 2.12
N ARG A 1870 29.76 -15.16 3.40
CA ARG A 1870 30.77 -15.32 4.43
C ARG A 1870 31.18 -16.79 4.58
N ALA A 1871 32.43 -17.01 4.94
CA ALA A 1871 32.97 -18.35 5.09
C ALA A 1871 33.99 -18.35 6.22
N LYS A 1872 34.53 -19.53 6.52
CA LYS A 1872 35.47 -19.71 7.62
C LYS A 1872 36.75 -20.33 7.09
N ILE A 1873 37.88 -19.80 7.52
CA ILE A 1873 39.19 -20.36 7.23
C ILE A 1873 39.82 -20.83 8.53
N PRO A 1874 39.76 -22.12 8.85
CA PRO A 1874 40.32 -22.60 10.11
C PRO A 1874 41.84 -22.46 10.15
N LEU A 1875 42.35 -22.17 11.35
CA LEU A 1875 43.80 -22.09 11.54
C LEU A 1875 44.48 -23.45 11.41
N GLY A 1876 43.74 -24.54 11.58
CA GLY A 1876 44.34 -25.85 11.53
C GLY A 1876 45.08 -26.19 12.81
N PHE A 1877 46.01 -27.12 12.68
CA PHE A 1877 46.77 -27.65 13.81
C PHE A 1877 48.26 -27.52 13.52
N TYR A 1878 48.99 -26.92 14.46
CA TYR A 1878 50.42 -26.68 14.31
C TYR A 1878 51.18 -27.59 15.26
N TYR A 1879 52.27 -28.17 14.77
CA TYR A 1879 53.00 -29.19 15.51
C TYR A 1879 54.48 -28.87 15.56
N GLY A 1880 55.07 -29.04 16.74
CA GLY A 1880 56.47 -28.73 16.91
C GLY A 1880 57.06 -29.38 18.15
N HIS A 1881 58.26 -28.90 18.49
CA HIS A 1881 59.06 -29.48 19.57
C HIS A 1881 59.21 -28.43 20.66
N THR A 1882 58.77 -28.77 21.87
CA THR A 1882 58.78 -27.81 22.97
C THR A 1882 60.20 -27.44 23.39
N TYR A 1883 61.07 -28.43 23.53
CA TYR A 1883 62.47 -28.17 23.87
C TYR A 1883 63.29 -28.09 22.58
N ILE A 1884 64.11 -27.05 22.48
CA ILE A 1884 64.96 -26.84 21.31
C ILE A 1884 66.32 -27.44 21.61
N LEU A 1885 66.73 -28.41 20.81
CA LEU A 1885 68.00 -29.09 21.03
C LEU A 1885 69.17 -28.18 20.68
N PRO A 1886 70.32 -28.36 21.35
CA PRO A 1886 71.47 -27.48 21.08
C PRO A 1886 71.99 -27.55 19.66
N TRP A 1887 71.96 -28.73 19.04
CA TRP A 1887 72.39 -28.83 17.65
C TRP A 1887 71.36 -28.21 16.72
N GLU A 1888 70.07 -28.37 17.04
CA GLU A 1888 69.02 -27.74 16.25
C GLU A 1888 68.84 -26.27 16.61
N SER A 1889 69.39 -25.82 17.74
CA SER A 1889 69.39 -24.39 18.05
C SER A 1889 70.41 -23.65 17.19
N GLU A 1890 71.51 -24.29 16.84
CA GLU A 1890 72.60 -23.66 16.10
C GLU A 1890 72.33 -23.58 14.60
N LEU A 1891 71.22 -24.16 14.11
CA LEU A 1891 70.91 -24.07 12.70
C LEU A 1891 70.55 -22.65 12.30
N LYS A 1892 69.66 -22.01 13.06
CA LYS A 1892 69.21 -20.65 12.75
C LYS A 1892 69.04 -19.84 14.03
N ASN A 1906 69.22 -18.05 27.38
CA ASN A 1906 68.42 -18.37 28.56
C ASN A 1906 67.83 -19.77 28.46
N GLN A 1907 68.43 -20.61 27.62
CA GLN A 1907 67.95 -21.97 27.45
C GLN A 1907 68.27 -22.79 28.70
N PRO A 1908 67.28 -23.45 29.30
CA PRO A 1908 67.55 -24.26 30.50
C PRO A 1908 68.34 -25.51 30.15
N GLU A 1909 68.98 -26.07 31.17
CA GLU A 1909 69.78 -27.26 30.96
C GLU A 1909 68.86 -28.47 30.75
N ILE A 1910 69.44 -29.55 30.24
CA ILE A 1910 68.65 -30.73 29.88
C ILE A 1910 68.10 -31.42 31.12
N ASP A 1911 68.90 -31.50 32.19
CA ASP A 1911 68.54 -32.39 33.31
C ASP A 1911 67.31 -31.90 34.07
N GLN A 1912 67.23 -30.59 34.36
CA GLN A 1912 66.06 -30.08 35.08
C GLN A 1912 64.80 -30.11 34.23
N HIS A 1913 64.95 -29.84 32.94
CA HIS A 1913 63.80 -29.94 32.02
C HIS A 1913 63.30 -31.38 31.94
N LEU A 1914 64.23 -32.34 31.89
CA LEU A 1914 63.86 -33.75 31.87
C LEU A 1914 63.17 -34.14 33.17
N ALA A 1915 63.67 -33.62 34.30
CA ALA A 1915 63.07 -33.92 35.58
C ALA A 1915 61.65 -33.38 35.68
N MET A 1916 61.42 -32.15 35.22
CA MET A 1916 60.05 -31.64 35.31
C MET A 1916 59.11 -32.38 34.34
N MET A 1917 59.60 -32.82 33.16
CA MET A 1917 58.70 -33.63 32.33
C MET A 1917 58.43 -34.98 32.97
N VAL A 1918 59.41 -35.57 33.64
CA VAL A 1918 59.17 -36.82 34.35
C VAL A 1918 58.15 -36.63 35.46
N ALA A 1919 58.23 -35.50 36.18
CA ALA A 1919 57.23 -35.23 37.21
C ALA A 1919 55.85 -35.04 36.59
N LEU A 1920 55.78 -34.36 35.44
CA LEU A 1920 54.52 -34.21 34.73
C LEU A 1920 53.98 -35.54 34.23
N GLN A 1921 54.86 -36.42 33.76
CA GLN A 1921 54.48 -37.76 33.33
C GLN A 1921 53.92 -38.57 34.48
N GLU A 1922 54.54 -38.46 35.66
CA GLU A 1922 54.03 -39.18 36.83
C GLU A 1922 52.67 -38.64 37.26
N ASP A 1923 52.51 -37.31 37.24
CA ASP A 1923 51.24 -36.73 37.65
C ASP A 1923 50.12 -37.07 36.68
N ILE A 1924 50.39 -37.02 35.37
CA ILE A 1924 49.38 -37.40 34.39
C ILE A 1924 49.15 -38.90 34.38
N GLN A 1925 50.15 -39.71 34.79
CA GLN A 1925 49.91 -41.14 34.96
C GLN A 1925 48.95 -41.40 36.12
N CYS A 1926 49.12 -40.68 37.23
CA CYS A 1926 48.18 -40.80 38.35
C CYS A 1926 46.79 -40.35 37.93
N ARG A 1927 46.70 -39.24 37.18
CA ARG A 1927 45.40 -38.78 36.70
C ARG A 1927 44.76 -39.79 35.76
N TYR A 1928 45.55 -40.39 34.87
CA TYR A 1928 45.02 -41.39 33.96
C TYR A 1928 44.57 -42.64 34.72
N ASN A 1929 45.29 -43.02 35.77
CA ASN A 1929 44.91 -44.19 36.55
C ASN A 1929 43.61 -43.93 37.32
N LEU A 1930 43.44 -42.75 37.89
CA LEU A 1930 42.19 -42.44 38.57
C LEU A 1930 41.04 -42.31 37.58
N ALA A 1931 41.31 -41.80 36.38
CA ALA A 1931 40.27 -41.75 35.34
C ALA A 1931 39.86 -43.16 34.92
N CYS A 1932 40.83 -44.08 34.81
CA CYS A 1932 40.53 -45.46 34.49
C CYS A 1932 39.70 -46.11 35.59
N HIS A 1933 40.04 -45.83 36.85
CA HIS A 1933 39.29 -46.40 37.95
C HIS A 1933 37.86 -45.87 37.97
N ARG A 1934 37.69 -44.57 37.72
CA ARG A 1934 36.34 -43.99 37.64
C ARG A 1934 35.55 -44.59 36.48
N LEU A 1935 36.21 -44.78 35.34
CA LEU A 1935 35.55 -45.35 34.17
C LEU A 1935 35.11 -46.78 34.44
N GLU A 1936 35.96 -47.57 35.11
CA GLU A 1936 35.61 -48.95 35.43
C GLU A 1936 34.47 -49.02 36.44
N THR A 1937 34.51 -48.16 37.46
CA THR A 1937 33.45 -48.17 38.46
C THR A 1937 32.13 -47.68 37.88
N LEU A 1938 32.20 -46.80 36.88
CA LEU A 1938 30.98 -46.36 36.21
C LEU A 1938 30.45 -47.45 35.26
N LEU A 1939 31.33 -48.18 34.58
CA LEU A 1939 30.84 -49.18 33.64
C LEU A 1939 30.37 -50.45 34.36
N GLN A 1940 30.76 -50.61 35.62
CA GLN A 1940 30.12 -51.66 36.44
C GLN A 1940 28.63 -51.37 36.64
N SER A 1941 28.24 -50.10 36.61
CA SER A 1941 26.87 -49.67 36.82
C SER A 1941 26.04 -49.67 35.54
N ILE A 1942 26.62 -50.10 34.42
CA ILE A 1942 25.85 -50.24 33.18
C ILE A 1942 24.80 -51.34 33.33
N ASP A 1943 23.60 -51.04 32.85
CA ASP A 1943 22.53 -52.04 32.79
C ASP A 1943 22.94 -53.24 31.95
N LEU A 1944 22.70 -54.44 32.48
CA LEU A 1944 23.00 -55.70 31.80
C LEU A 1944 21.71 -56.51 31.69
N PRO A 1945 20.85 -56.20 30.72
CA PRO A 1945 19.56 -56.89 30.62
C PRO A 1945 19.75 -58.32 30.16
N PRO A 1946 18.78 -59.21 30.45
CA PRO A 1946 18.85 -60.56 29.89
C PRO A 1946 18.20 -60.68 28.53
N LEU A 1947 18.01 -59.55 27.85
CA LEU A 1947 17.37 -59.50 26.54
C LEU A 1947 18.37 -59.59 25.40
N ASN A 1948 19.48 -60.30 25.62
CA ASN A 1948 20.52 -60.54 24.62
C ASN A 1948 21.15 -59.23 24.20
N SER A 1949 20.98 -58.85 22.93
CA SER A 1949 21.60 -57.66 22.39
C SER A 1949 20.66 -56.87 21.49
N ALA A 1950 19.46 -57.38 21.21
CA ALA A 1950 18.51 -56.67 20.37
C ALA A 1950 18.01 -55.40 21.02
N ASN A 1951 17.81 -55.43 22.34
CA ASN A 1951 17.39 -54.25 23.08
C ASN A 1951 18.53 -53.26 23.32
N ASN A 1952 19.78 -53.71 23.20
CA ASN A 1952 20.91 -52.79 23.33
C ASN A 1952 20.96 -51.82 22.15
N ALA A 1953 20.63 -52.29 20.95
CA ALA A 1953 20.57 -51.41 19.80
C ALA A 1953 19.30 -50.57 19.76
N GLN A 1954 18.30 -50.90 20.56
CA GLN A 1954 17.06 -50.14 20.60
C GLN A 1954 17.23 -48.85 21.40
N VAL A 1964 19.92 -40.41 27.47
CA VAL A 1964 20.26 -41.11 28.70
C VAL A 1964 21.44 -40.45 29.38
N GLU A 1965 21.29 -40.11 30.66
CA GLU A 1965 22.37 -39.50 31.41
C GLU A 1965 23.54 -40.47 31.60
N GLU A 1966 23.24 -41.76 31.75
CA GLU A 1966 24.28 -42.76 31.95
C GLU A 1966 25.15 -42.89 30.71
N ASP A 1967 24.54 -42.88 29.52
CA ASP A 1967 25.31 -42.92 28.28
C ASP A 1967 26.18 -41.68 28.13
N SER A 1968 25.64 -40.51 28.47
CA SER A 1968 26.41 -39.27 28.34
C SER A 1968 27.59 -39.24 29.30
N ARG A 1969 27.38 -39.71 30.54
CA ARG A 1969 28.49 -39.72 31.49
C ARG A 1969 29.53 -40.76 31.11
N VAL A 1970 29.12 -41.87 30.49
CA VAL A 1970 30.11 -42.85 30.02
C VAL A 1970 30.91 -42.27 28.87
N PHE A 1971 30.24 -41.56 27.95
CA PHE A 1971 30.95 -40.92 26.85
C PHE A 1971 31.92 -39.86 27.35
N SER A 1972 31.51 -39.07 28.35
CA SER A 1972 32.38 -38.05 28.90
C SER A 1972 33.58 -38.68 29.61
N ALA A 1973 33.36 -39.75 30.38
CA ALA A 1973 34.47 -40.43 31.04
C ALA A 1973 35.45 -41.02 30.03
N TYR A 1974 34.92 -41.60 28.94
CA TYR A 1974 35.80 -42.17 27.93
C TYR A 1974 36.58 -41.08 27.20
N GLN A 1975 35.95 -39.94 26.92
CA GLN A 1975 36.64 -38.83 26.28
C GLN A 1975 37.75 -38.29 27.18
N ASP A 1976 37.47 -38.15 28.48
CA ASP A 1976 38.49 -37.69 29.41
C ASP A 1976 39.64 -38.69 29.51
N CYS A 1977 39.31 -39.98 29.58
CA CYS A 1977 40.35 -41.00 29.65
C CYS A 1977 41.23 -40.98 28.41
N ILE A 1978 40.62 -40.82 27.24
CA ILE A 1978 41.38 -40.77 25.99
C ILE A 1978 42.27 -39.54 25.95
N GLN A 1979 41.75 -38.39 26.40
CA GLN A 1979 42.53 -37.16 26.37
C GLN A 1979 43.75 -37.25 27.30
N LEU A 1980 43.55 -37.70 28.54
CA LEU A 1980 44.67 -37.84 29.46
C LEU A 1980 45.62 -38.95 29.04
N GLN A 1981 45.13 -40.02 28.41
CA GLN A 1981 46.02 -41.06 27.91
C GLN A 1981 46.90 -40.54 26.78
N LEU A 1982 46.33 -39.75 25.87
CA LEU A 1982 47.12 -39.14 24.80
C LEU A 1982 48.16 -38.18 25.37
N GLN A 1983 47.76 -37.35 26.34
CA GLN A 1983 48.69 -36.42 26.95
C GLN A 1983 49.84 -37.17 27.64
N LEU A 1984 49.52 -38.25 28.34
CA LEU A 1984 50.54 -39.06 29.00
C LEU A 1984 51.49 -39.67 27.99
N ASN A 1985 50.97 -40.18 26.87
CA ASN A 1985 51.82 -40.82 25.88
C ASN A 1985 52.74 -39.81 25.17
N LEU A 1986 52.22 -38.63 24.83
CA LEU A 1986 53.09 -37.67 24.17
C LEU A 1986 54.10 -37.08 25.16
N ALA A 1987 53.74 -36.99 26.44
CA ALA A 1987 54.72 -36.61 27.46
C ALA A 1987 55.80 -37.67 27.60
N HIS A 1988 55.41 -38.95 27.50
CA HIS A 1988 56.39 -40.03 27.55
C HIS A 1988 57.32 -39.99 26.35
N ASN A 1989 56.78 -39.64 25.17
CA ASN A 1989 57.62 -39.47 24.01
C ASN A 1989 58.57 -38.30 24.18
N ALA A 1990 58.13 -37.23 24.86
CA ALA A 1990 59.00 -36.10 25.14
C ALA A 1990 60.13 -36.50 26.10
N VAL A 1991 59.81 -37.27 27.15
CA VAL A 1991 60.89 -37.64 28.06
C VAL A 1991 61.82 -38.64 27.39
N GLN A 1992 61.32 -39.46 26.47
CA GLN A 1992 62.20 -40.34 25.70
C GLN A 1992 63.11 -39.57 24.76
N ARG A 1993 62.59 -38.54 24.08
CA ARG A 1993 63.45 -37.74 23.20
C ARG A 1993 64.53 -37.00 24.00
N LEU A 1994 64.17 -36.42 25.16
CA LEU A 1994 65.23 -35.81 25.96
C LEU A 1994 66.20 -36.83 26.54
N LYS A 1995 65.73 -38.05 26.84
CA LYS A 1995 66.65 -39.04 27.39
C LYS A 1995 67.64 -39.50 26.34
N VAL A 1996 67.21 -39.64 25.09
CA VAL A 1996 68.17 -39.98 24.05
C VAL A 1996 69.02 -38.77 23.68
N ALA A 1997 68.49 -37.56 23.91
CA ALA A 1997 69.26 -36.33 23.73
C ALA A 1997 70.35 -36.18 24.78
N LEU A 1998 70.17 -36.79 25.96
CA LEU A 1998 71.22 -36.77 26.97
C LEU A 1998 72.46 -37.53 26.51
N GLY A 1999 72.27 -38.56 25.69
CA GLY A 1999 73.38 -39.34 25.19
C GLY A 1999 73.01 -40.82 25.18
N ALA A 2000 71.80 -41.11 25.64
CA ALA A 2000 71.34 -42.48 25.70
C ALA A 2000 70.77 -42.89 24.34
N SER A 2001 70.23 -44.10 24.28
CA SER A 2001 69.65 -44.63 23.06
C SER A 2001 68.33 -45.31 23.40
N ARG A 2002 67.50 -45.53 22.38
CA ARG A 2002 66.24 -46.22 22.60
C ARG A 2002 66.43 -47.73 22.68
N LYS A 2003 65.33 -48.48 22.57
CA LYS A 2003 65.39 -49.93 22.73
C LYS A 2003 66.21 -50.57 21.61
N MET A 2004 67.23 -51.35 21.99
CA MET A 2004 68.07 -52.03 21.03
C MET A 2004 67.52 -53.41 20.70
N LEU A 2005 67.32 -53.64 19.40
CA LEU A 2005 66.88 -54.94 18.88
C LEU A 2005 68.08 -55.88 18.84
N SER A 2006 68.17 -56.76 19.82
CA SER A 2006 69.27 -57.71 19.90
C SER A 2006 69.13 -58.77 18.82
N GLU A 2007 70.27 -59.34 18.41
CA GLU A 2007 70.26 -60.35 17.37
C GLU A 2007 69.66 -61.66 17.84
N THR A 2008 69.64 -61.91 19.14
CA THR A 2008 69.06 -63.14 19.68
C THR A 2008 67.58 -62.99 20.00
N SER A 2009 66.97 -61.87 19.61
CA SER A 2009 65.57 -61.63 19.93
C SER A 2009 64.67 -62.50 19.07
N ASN A 2010 63.78 -63.23 19.72
CA ASN A 2010 62.79 -64.01 18.99
C ASN A 2010 61.75 -63.05 18.39
N PRO A 2011 61.47 -63.13 17.08
CA PRO A 2011 60.43 -62.27 16.52
C PRO A 2011 59.07 -62.47 17.16
N GLU A 2012 58.73 -63.71 17.52
CA GLU A 2012 57.47 -63.98 18.19
C GLU A 2012 57.45 -63.38 19.59
N ASP A 2013 58.59 -63.37 20.28
CA ASP A 2013 58.65 -62.79 21.62
C ASP A 2013 58.38 -61.28 21.59
N LEU A 2014 59.00 -60.57 20.65
CA LEU A 2014 58.75 -59.15 20.51
C LEU A 2014 57.40 -58.86 19.88
N ILE A 2015 56.81 -59.83 19.19
CA ILE A 2015 55.41 -59.73 18.78
C ILE A 2015 54.51 -59.75 20.00
N GLN A 2016 54.79 -60.66 20.94
CA GLN A 2016 53.95 -60.79 22.13
C GLN A 2016 54.13 -59.60 23.07
N THR A 2017 55.35 -59.07 23.17
CA THR A 2017 55.64 -57.98 24.10
C THR A 2017 55.46 -56.60 23.47
N SER A 2018 54.60 -56.48 22.46
CA SER A 2018 54.30 -55.21 21.82
C SER A 2018 52.95 -54.69 22.29
N SER A 2019 52.79 -53.37 22.25
CA SER A 2019 51.54 -52.77 22.69
C SER A 2019 50.42 -53.07 21.70
N THR A 2020 49.19 -53.17 22.22
CA THR A 2020 48.06 -53.56 21.38
C THR A 2020 47.73 -52.48 20.35
N GLU A 2021 47.85 -51.20 20.71
CA GLU A 2021 47.59 -50.14 19.75
C GLU A 2021 48.62 -50.15 18.63
N GLN A 2022 49.88 -50.42 18.97
CA GLN A 2022 50.92 -50.56 17.95
C GLN A 2022 50.61 -51.73 17.03
N LEU A 2023 50.11 -52.84 17.59
CA LEU A 2023 49.74 -53.98 16.75
C LEU A 2023 48.59 -53.65 15.83
N ARG A 2024 47.59 -52.91 16.33
CA ARG A 2024 46.46 -52.53 15.48
C ARG A 2024 46.91 -51.61 14.35
N THR A 2025 47.75 -50.62 14.68
CA THR A 2025 48.23 -49.70 13.66
C THR A 2025 49.11 -50.41 12.64
N ILE A 2026 49.99 -51.31 13.09
CA ILE A 2026 50.86 -51.97 12.12
C ILE A 2026 50.06 -52.91 11.24
N ILE A 2027 48.97 -53.48 11.77
CA ILE A 2027 48.11 -54.31 10.95
C ILE A 2027 47.42 -53.46 9.87
N ARG A 2028 46.86 -52.31 10.26
CA ARG A 2028 46.22 -51.45 9.27
C ARG A 2028 47.20 -51.02 8.18
N TYR A 2029 48.42 -50.64 8.55
CA TYR A 2029 49.39 -50.22 7.55
C TYR A 2029 49.79 -51.37 6.61
N LEU A 2030 50.13 -52.55 7.14
CA LEU A 2030 50.65 -53.49 6.16
C LEU A 2030 49.51 -54.17 5.40
N LEU A 2031 48.28 -54.15 5.92
CA LEU A 2031 47.19 -54.57 5.06
C LEU A 2031 46.82 -53.49 4.05
N ASP A 2032 47.13 -52.22 4.31
CA ASP A 2032 47.07 -51.22 3.24
C ASP A 2032 48.08 -51.57 2.14
N THR A 2033 49.27 -52.01 2.55
CA THR A 2033 50.25 -52.48 1.57
C THR A 2033 49.71 -53.69 0.81
N LEU A 2034 48.97 -54.56 1.49
CA LEU A 2034 48.35 -55.70 0.80
C LEU A 2034 47.27 -55.26 -0.18
N LEU A 2035 46.50 -54.22 0.16
CA LEU A 2035 45.52 -53.69 -0.79
C LEU A 2035 46.22 -53.19 -2.03
N SER A 2036 47.30 -52.45 -1.84
CA SER A 2036 48.08 -51.95 -2.98
C SER A 2036 48.71 -53.10 -3.77
N LEU A 2037 49.13 -54.16 -3.08
CA LEU A 2037 49.69 -55.32 -3.78
C LEU A 2037 48.63 -56.01 -4.63
N LEU A 2038 47.40 -56.13 -4.11
CA LEU A 2038 46.34 -56.75 -4.89
C LEU A 2038 45.95 -55.88 -6.08
N HIS A 2039 45.99 -54.55 -5.90
CA HIS A 2039 45.70 -53.66 -7.02
C HIS A 2039 46.84 -53.58 -8.03
N ALA A 2040 48.08 -53.89 -7.63
CA ALA A 2040 49.19 -53.81 -8.57
C ALA A 2040 49.11 -54.85 -9.67
N SER A 2041 48.25 -55.86 -9.54
CA SER A 2041 48.07 -56.83 -10.60
C SER A 2041 47.28 -56.27 -11.77
N ASN A 2042 46.69 -55.09 -11.63
CA ASN A 2042 45.95 -54.41 -12.70
C ASN A 2042 44.79 -55.27 -13.20
N GLY A 2043 44.16 -56.01 -12.28
CA GLY A 2043 43.06 -56.87 -12.62
C GLY A 2043 43.44 -58.17 -13.28
N HIS A 2044 44.73 -58.44 -13.44
CA HIS A 2044 45.21 -59.66 -14.07
C HIS A 2044 45.26 -60.79 -13.04
N SER A 2045 45.95 -61.88 -13.38
CA SER A 2045 46.00 -63.05 -12.52
C SER A 2045 46.79 -62.76 -11.25
N VAL A 2046 46.17 -63.04 -10.11
CA VAL A 2046 46.84 -62.92 -8.81
C VAL A 2046 47.92 -63.99 -8.70
N PRO A 2047 49.08 -63.69 -8.13
CA PRO A 2047 50.10 -64.73 -7.93
C PRO A 2047 49.58 -65.88 -7.07
N ALA A 2048 50.11 -67.07 -7.32
CA ALA A 2048 49.59 -68.27 -6.68
C ALA A 2048 50.08 -68.44 -5.24
N VAL A 2049 51.11 -67.70 -4.82
CA VAL A 2049 51.67 -67.93 -3.49
C VAL A 2049 50.72 -67.43 -2.41
N LEU A 2050 50.24 -66.20 -2.53
CA LEU A 2050 49.29 -65.66 -1.57
C LEU A 2050 47.89 -66.21 -1.77
N GLN A 2051 47.60 -66.77 -2.95
CA GLN A 2051 46.35 -67.49 -3.14
C GLN A 2051 46.41 -68.89 -2.55
N SER A 2052 47.61 -69.42 -2.33
CA SER A 2052 47.75 -70.76 -1.77
C SER A 2052 47.92 -70.76 -0.27
N THR A 2053 48.64 -69.77 0.28
CA THR A 2053 48.78 -69.72 1.73
C THR A 2053 47.50 -69.22 2.40
N PHE A 2054 46.64 -68.51 1.68
CA PHE A 2054 45.36 -68.06 2.21
C PHE A 2054 44.26 -69.03 1.78
N HIS A 2055 44.30 -70.21 2.38
CA HIS A 2055 43.30 -71.24 2.12
C HIS A 2055 42.06 -70.98 2.98
N ALA A 2056 41.17 -71.97 3.07
CA ALA A 2056 39.88 -71.77 3.74
C ALA A 2056 40.00 -71.57 5.25
N GLN A 2057 40.71 -72.46 5.96
CA GLN A 2057 40.73 -72.31 7.41
C GLN A 2057 41.60 -71.14 7.84
N ALA A 2058 42.65 -70.82 7.09
CA ALA A 2058 43.45 -69.64 7.41
C ALA A 2058 42.63 -68.37 7.23
N CYS A 2059 41.83 -68.31 6.16
CA CYS A 2059 40.93 -67.17 5.96
C CYS A 2059 39.91 -67.08 7.08
N GLU A 2060 39.36 -68.22 7.51
CA GLU A 2060 38.38 -68.23 8.58
C GLU A 2060 38.99 -67.76 9.89
N GLU A 2061 40.22 -68.20 10.17
CA GLU A 2061 40.90 -67.78 11.40
C GLU A 2061 41.22 -66.30 11.37
N LEU A 2062 41.62 -65.78 10.20
CA LEU A 2062 41.89 -64.36 10.08
C LEU A 2062 40.62 -63.55 10.29
N PHE A 2063 39.50 -64.03 9.75
CA PHE A 2063 38.22 -63.35 9.94
C PHE A 2063 37.81 -63.37 11.41
N LYS A 2064 37.96 -64.51 12.07
CA LYS A 2064 37.55 -64.63 13.47
C LYS A 2064 38.52 -63.97 14.43
N HIS A 2065 39.75 -63.64 14.00
CA HIS A 2065 40.68 -62.97 14.89
C HIS A 2065 40.81 -61.47 14.65
N LEU A 2066 40.49 -60.97 13.46
CA LEU A 2066 40.61 -59.55 13.20
C LEU A 2066 39.29 -58.82 13.16
N CYS A 2067 38.28 -59.40 12.51
CA CYS A 2067 36.99 -58.74 12.32
C CYS A 2067 36.12 -58.77 13.57
N ILE A 2068 36.44 -59.59 14.55
CA ILE A 2068 35.61 -59.70 15.74
C ILE A 2068 35.93 -58.61 16.75
N SER A 2069 37.23 -58.40 17.01
CA SER A 2069 37.66 -57.45 18.01
C SER A 2069 38.29 -56.19 17.43
N GLY A 2070 38.56 -56.15 16.12
CA GLY A 2070 39.26 -55.02 15.53
C GLY A 2070 38.37 -53.80 15.29
N THR A 2071 39.03 -52.71 14.92
CA THR A 2071 38.33 -51.47 14.59
C THR A 2071 37.58 -51.63 13.27
N PRO A 2072 36.52 -50.83 13.07
CA PRO A 2072 35.73 -50.98 11.83
C PRO A 2072 36.50 -50.70 10.55
N LYS A 2073 37.48 -49.80 10.59
CA LYS A 2073 38.25 -49.51 9.38
C LYS A 2073 39.10 -50.70 8.95
N ILE A 2074 39.85 -51.30 9.87
CA ILE A 2074 40.66 -52.46 9.50
C ILE A 2074 39.78 -53.66 9.21
N ARG A 2075 38.60 -53.72 9.82
CA ARG A 2075 37.67 -54.81 9.54
C ARG A 2075 37.13 -54.73 8.12
N LEU A 2076 36.65 -53.55 7.72
CA LEU A 2076 36.16 -53.36 6.35
C LEU A 2076 37.28 -53.54 5.35
N HIS A 2077 38.48 -53.06 5.68
CA HIS A 2077 39.60 -53.14 4.75
C HIS A 2077 40.05 -54.58 4.55
N THR A 2078 40.05 -55.39 5.62
CA THR A 2078 40.44 -56.80 5.45
C THR A 2078 39.33 -57.58 4.76
N GLY A 2079 38.07 -57.15 4.92
CA GLY A 2079 37.00 -57.76 4.13
C GLY A 2079 37.19 -57.45 2.65
N LEU A 2080 37.60 -56.22 2.35
CA LEU A 2080 37.91 -55.85 0.97
C LEU A 2080 39.08 -56.66 0.43
N LEU A 2081 40.08 -56.92 1.29
CA LEU A 2081 41.17 -57.82 0.90
C LEU A 2081 40.66 -59.20 0.57
N LEU A 2082 39.75 -59.73 1.39
CA LEU A 2082 39.26 -61.08 1.21
C LEU A 2082 38.44 -61.20 -0.07
N VAL A 2083 37.66 -60.16 -0.41
CA VAL A 2083 36.88 -60.27 -1.63
C VAL A 2083 37.74 -60.01 -2.87
N GLN A 2084 38.74 -59.12 -2.78
CA GLN A 2084 39.61 -58.90 -3.93
C GLN A 2084 40.65 -59.99 -4.11
N LEU A 2085 40.82 -60.89 -3.13
CA LEU A 2085 41.79 -61.95 -3.23
C LEU A 2085 41.13 -63.30 -3.49
N CYS A 2086 40.19 -63.72 -2.64
CA CYS A 2086 39.51 -65.00 -2.77
C CYS A 2086 38.02 -64.81 -3.07
N GLY A 2087 37.66 -63.78 -3.84
CA GLY A 2087 36.25 -63.55 -4.12
C GLY A 2087 35.60 -64.66 -4.93
N GLY A 2088 36.34 -65.27 -5.84
CA GLY A 2088 35.79 -66.33 -6.66
C GLY A 2088 35.87 -67.73 -6.08
N GLU A 2089 36.26 -67.88 -4.82
CA GLU A 2089 36.40 -69.21 -4.24
C GLU A 2089 35.04 -69.85 -3.98
N ARG A 2090 35.04 -71.18 -4.03
CA ARG A 2090 33.84 -72.01 -3.88
C ARG A 2090 33.35 -72.15 -2.44
N TRP A 2091 34.18 -71.83 -1.45
CA TRP A 2091 33.86 -72.07 -0.05
C TRP A 2091 33.36 -70.84 0.70
N TRP A 2092 33.12 -69.74 -0.01
CA TRP A 2092 32.73 -68.51 0.68
C TRP A 2092 31.34 -68.59 1.28
N GLY A 2093 30.37 -69.15 0.57
CA GLY A 2093 29.04 -69.26 1.13
C GLY A 2093 29.00 -70.21 2.32
N GLN A 2094 29.78 -71.28 2.26
CA GLN A 2094 29.87 -72.19 3.40
C GLN A 2094 30.54 -71.50 4.60
N PHE A 2095 31.57 -70.69 4.35
CA PHE A 2095 32.20 -69.93 5.43
C PHE A 2095 31.22 -68.93 6.04
N LEU A 2096 30.43 -68.28 5.20
CA LEU A 2096 29.43 -67.34 5.71
C LEU A 2096 28.39 -68.07 6.56
N SER A 2097 27.93 -69.24 6.10
CA SER A 2097 26.96 -69.98 6.90
C SER A 2097 27.55 -70.44 8.23
N ASN A 2098 28.81 -70.87 8.23
CA ASN A 2098 29.43 -71.28 9.48
C ASN A 2098 29.63 -70.10 10.43
N VAL A 2099 30.05 -68.94 9.91
CA VAL A 2099 30.29 -67.81 10.81
C VAL A 2099 28.97 -67.23 11.32
N LEU A 2100 27.90 -67.28 10.52
CA LEU A 2100 26.59 -66.90 11.02
C LEU A 2100 26.11 -67.85 12.10
N GLN A 2101 26.29 -69.16 11.89
CA GLN A 2101 25.80 -70.12 12.86
C GLN A 2101 26.60 -70.08 14.15
N GLU A 2102 27.90 -69.83 14.06
CA GLU A 2102 28.76 -69.81 15.23
C GLU A 2102 28.94 -68.43 15.85
N LEU A 2103 28.32 -67.38 15.29
CA LEU A 2103 28.34 -66.08 15.94
C LEU A 2103 27.02 -65.66 16.55
N TYR A 2104 25.89 -65.99 15.93
CA TYR A 2104 24.60 -65.46 16.35
C TYR A 2104 23.72 -66.48 17.06
N ASN A 2105 24.31 -67.47 17.70
CA ASN A 2105 23.52 -68.39 18.51
C ASN A 2105 23.00 -67.67 19.76
N SER A 2106 21.88 -68.16 20.28
CA SER A 2106 21.36 -67.63 21.53
C SER A 2106 22.24 -68.03 22.70
N GLU A 2107 23.00 -69.10 22.55
CA GLU A 2107 23.95 -69.57 23.54
C GLU A 2107 25.35 -69.01 23.35
N GLN A 2108 25.54 -68.11 22.38
CA GLN A 2108 26.85 -67.53 22.11
C GLN A 2108 27.19 -66.52 23.21
N LEU A 2109 28.22 -66.83 23.99
CA LEU A 2109 28.64 -65.99 25.10
C LEU A 2109 29.67 -64.95 24.67
N LEU A 2110 30.08 -64.94 23.40
CA LEU A 2110 31.04 -63.96 22.93
C LEU A 2110 30.38 -62.60 22.84
N ILE A 2111 31.10 -61.58 23.29
CA ILE A 2111 30.62 -60.20 23.27
C ILE A 2111 31.25 -59.51 22.06
N PHE A 2112 30.48 -59.39 20.99
CA PHE A 2112 30.93 -58.81 19.74
C PHE A 2112 29.84 -57.90 19.20
N PRO A 2113 30.20 -56.86 18.45
CA PRO A 2113 29.18 -55.95 17.91
C PRO A 2113 28.38 -56.59 16.80
N GLN A 2114 27.31 -57.30 17.17
CA GLN A 2114 26.55 -58.10 16.21
C GLN A 2114 25.98 -57.28 15.07
N ASP A 2115 25.55 -56.05 15.34
CA ASP A 2115 24.86 -55.27 14.33
C ASP A 2115 25.83 -54.81 13.24
N ARG A 2116 26.98 -54.26 13.63
CA ARG A 2116 27.91 -53.71 12.66
C ARG A 2116 28.63 -54.82 11.89
N VAL A 2117 28.98 -55.91 12.57
CA VAL A 2117 29.56 -57.03 11.83
C VAL A 2117 28.51 -57.73 10.98
N PHE A 2118 27.23 -57.64 11.36
CA PHE A 2118 26.18 -58.18 10.50
C PHE A 2118 25.96 -57.35 9.24
N MET A 2119 26.00 -56.02 9.36
CA MET A 2119 25.92 -55.19 8.16
C MET A 2119 27.16 -55.36 7.29
N LEU A 2120 28.35 -55.48 7.89
CA LEU A 2120 29.53 -55.78 7.10
C LEU A 2120 29.43 -57.14 6.41
N LEU A 2121 28.87 -58.14 7.09
CA LEU A 2121 28.70 -59.45 6.47
C LEU A 2121 27.76 -59.35 5.29
N SER A 2122 26.71 -58.54 5.41
CA SER A 2122 25.81 -58.32 4.29
C SER A 2122 26.55 -57.63 3.14
N CYS A 2123 27.40 -56.66 3.46
CA CYS A 2123 28.18 -55.97 2.43
C CYS A 2123 29.14 -56.91 1.70
N ILE A 2124 29.86 -57.76 2.44
CA ILE A 2124 30.83 -58.64 1.80
C ILE A 2124 30.11 -59.75 1.03
N GLY A 2125 28.92 -60.16 1.49
CA GLY A 2125 28.13 -61.08 0.71
C GLY A 2125 27.63 -60.44 -0.57
N GLN A 2126 27.26 -59.16 -0.48
CA GLN A 2126 26.82 -58.42 -1.66
C GLN A 2126 27.97 -58.22 -2.63
N ARG A 2127 29.20 -58.18 -2.13
CA ARG A 2127 30.37 -58.18 -3.00
C ARG A 2127 30.62 -59.55 -3.63
N SER A 2128 30.45 -60.62 -2.86
CA SER A 2128 30.73 -61.96 -3.34
C SER A 2128 29.56 -62.61 -4.06
N LEU A 2129 28.48 -61.84 -4.29
CA LEU A 2129 27.34 -62.35 -5.06
C LEU A 2129 27.72 -62.72 -6.49
N SER A 2130 28.87 -62.25 -6.99
CA SER A 2130 29.37 -62.71 -8.28
C SER A 2130 29.65 -64.20 -8.25
N ASN A 2131 30.14 -64.72 -7.13
CA ASN A 2131 30.27 -66.17 -6.96
C ASN A 2131 28.88 -66.77 -6.85
N SER A 2132 28.68 -67.93 -7.47
CA SER A 2132 27.39 -68.60 -7.44
C SER A 2132 27.21 -69.52 -6.24
N GLY A 2133 28.24 -69.66 -5.40
CA GLY A 2133 28.14 -70.57 -4.27
C GLY A 2133 27.52 -69.92 -3.05
N VAL A 2134 27.58 -68.59 -2.99
CA VAL A 2134 27.10 -67.88 -1.81
C VAL A 2134 25.58 -67.97 -1.68
N LEU A 2135 24.86 -67.73 -2.78
CA LEU A 2135 23.40 -67.80 -2.74
C LEU A 2135 22.91 -69.21 -2.48
N GLU A 2136 23.54 -70.20 -3.13
CA GLU A 2136 23.18 -71.60 -2.93
C GLU A 2136 23.42 -72.01 -1.49
N SER A 2137 24.57 -71.64 -0.92
CA SER A 2137 24.87 -72.02 0.45
C SER A 2137 23.99 -71.30 1.46
N LEU A 2138 23.61 -70.05 1.20
CA LEU A 2138 22.72 -69.38 2.16
C LEU A 2138 21.31 -69.95 2.12
N LEU A 2139 20.81 -70.28 0.93
CA LEU A 2139 19.50 -70.92 0.89
C LEU A 2139 19.54 -72.33 1.47
N ASN A 2140 20.67 -73.03 1.32
CA ASN A 2140 20.82 -74.32 1.98
C ASN A 2140 20.88 -74.16 3.50
N LEU A 2141 21.52 -73.09 3.98
CA LEU A 2141 21.52 -72.80 5.40
C LEU A 2141 20.11 -72.51 5.91
N LEU A 2142 19.31 -71.80 5.12
CA LEU A 2142 17.91 -71.59 5.48
C LEU A 2142 17.15 -72.91 5.53
N ASP A 2143 17.36 -73.78 4.52
CA ASP A 2143 16.68 -75.07 4.48
C ASP A 2143 17.04 -75.90 5.70
N ASN A 2144 18.30 -75.84 6.12
CA ASN A 2144 18.72 -76.54 7.33
C ASN A 2144 18.09 -75.87 8.54
N LEU A 2145 17.94 -74.54 8.50
CA LEU A 2145 17.51 -73.82 9.68
C LEU A 2145 16.06 -74.13 9.99
N LEU A 2146 15.17 -73.99 9.01
CA LEU A 2146 13.80 -74.38 9.27
C LEU A 2146 13.49 -75.80 8.79
N SER A 2147 14.48 -76.70 8.86
CA SER A 2147 14.19 -78.12 8.69
C SER A 2147 13.15 -78.65 9.69
N PRO A 2148 13.13 -78.24 11.00
CA PRO A 2148 12.08 -78.75 11.89
C PRO A 2148 10.66 -78.36 11.50
N LEU A 2149 10.52 -77.55 10.45
CA LEU A 2149 9.21 -77.22 9.87
C LEU A 2149 8.97 -78.01 8.59
N GLN A 2150 9.38 -79.27 8.58
CA GLN A 2150 9.21 -80.14 7.42
C GLN A 2150 7.76 -80.54 7.24
N VAL A 2162 14.78 -76.32 19.35
CA VAL A 2162 13.55 -75.56 19.22
C VAL A 2162 13.72 -74.43 18.20
N LEU A 2163 12.71 -73.56 18.10
CA LEU A 2163 12.75 -72.45 17.16
C LEU A 2163 13.57 -71.30 17.74
N ASP A 2164 14.40 -70.69 16.90
CA ASP A 2164 15.26 -69.55 17.26
C ASP A 2164 14.82 -68.29 16.53
N ILE A 2165 13.91 -67.54 17.14
CA ILE A 2165 13.33 -66.38 16.45
C ILE A 2165 14.35 -65.28 16.15
N PRO A 2166 15.21 -64.83 17.09
CA PRO A 2166 16.15 -63.76 16.71
C PRO A 2166 17.18 -64.13 15.65
N MET A 2167 17.81 -65.30 15.76
CA MET A 2167 18.82 -65.68 14.77
C MET A 2167 18.20 -65.95 13.40
N ILE A 2168 17.03 -66.58 13.37
CA ILE A 2168 16.29 -66.77 12.11
C ILE A 2168 15.96 -65.41 11.50
N SER A 2169 15.54 -64.45 12.33
CA SER A 2169 15.24 -63.12 11.82
C SER A 2169 16.48 -62.48 11.23
N TRP A 2170 17.62 -62.61 11.92
CA TRP A 2170 18.88 -62.08 11.42
C TRP A 2170 19.21 -62.66 10.05
N VAL A 2171 19.12 -63.99 9.91
CA VAL A 2171 19.54 -64.58 8.63
C VAL A 2171 18.54 -64.27 7.52
N VAL A 2172 17.25 -64.15 7.84
CA VAL A 2172 16.30 -63.86 6.77
C VAL A 2172 16.39 -62.40 6.33
N MET A 2173 16.67 -61.47 7.24
CA MET A 2173 16.91 -60.09 6.81
C MET A 2173 18.22 -59.98 6.06
N LEU A 2174 19.21 -60.82 6.39
CA LEU A 2174 20.46 -60.85 5.64
C LEU A 2174 20.22 -61.30 4.20
N VAL A 2175 19.49 -62.41 4.04
CA VAL A 2175 19.24 -62.91 2.69
C VAL A 2175 18.29 -61.97 1.94
N SER A 2176 17.45 -61.24 2.66
CA SER A 2176 16.60 -60.24 1.99
C SER A 2176 17.42 -59.09 1.44
N ARG A 2177 18.40 -58.61 2.21
CA ARG A 2177 19.29 -57.57 1.69
C ARG A 2177 20.11 -58.09 0.52
N LEU A 2178 20.60 -59.33 0.62
CA LEU A 2178 21.38 -59.90 -0.48
C LEU A 2178 20.53 -60.04 -1.75
N LEU A 2179 19.27 -60.43 -1.59
CA LEU A 2179 18.39 -60.55 -2.75
C LEU A 2179 17.98 -59.19 -3.28
N ASP A 2180 17.93 -58.17 -2.42
CA ASP A 2180 17.70 -56.82 -2.94
C ASP A 2180 18.88 -56.36 -3.78
N TYR A 2181 20.11 -56.71 -3.39
CA TYR A 2181 21.25 -56.44 -4.26
C TYR A 2181 21.18 -57.24 -5.55
N VAL A 2182 20.72 -58.50 -5.48
CA VAL A 2182 20.58 -59.30 -6.70
C VAL A 2182 19.57 -58.66 -7.64
N ALA A 2183 18.43 -58.21 -7.10
CA ALA A 2183 17.41 -57.56 -7.91
C ALA A 2183 17.90 -56.24 -8.49
N THR A 2184 18.66 -55.47 -7.71
CA THR A 2184 19.21 -54.22 -8.20
C THR A 2184 20.23 -54.46 -9.32
N VAL A 2185 21.07 -55.48 -9.18
CA VAL A 2185 22.04 -55.81 -10.23
C VAL A 2185 21.33 -56.27 -11.49
N GLU A 2186 20.29 -57.11 -11.36
CA GLU A 2186 19.54 -57.53 -12.53
C GLU A 2186 18.77 -56.36 -13.16
N ASP A 2187 18.36 -55.39 -12.36
CA ASP A 2187 17.67 -54.22 -12.89
C ASP A 2187 18.63 -53.34 -13.69
N GLU A 2188 19.79 -53.02 -13.12
CA GLU A 2188 20.74 -52.14 -13.77
C GLU A 2188 21.51 -52.81 -14.90
N ALA A 2189 21.41 -54.12 -15.05
CA ALA A 2189 22.10 -54.82 -16.14
C ALA A 2189 21.09 -55.52 -17.05
N ASN A 2199 9.76 -53.82 -7.92
CA ASN A 2199 9.30 -52.50 -7.49
C ASN A 2199 8.23 -52.64 -6.40
N GLN A 2200 7.54 -53.78 -6.38
CA GLN A 2200 6.51 -54.01 -5.39
C GLN A 2200 7.07 -54.18 -3.98
N TRP A 2201 8.36 -54.51 -3.85
CA TRP A 2201 8.99 -54.68 -2.55
C TRP A 2201 9.87 -53.50 -2.16
N SER A 2202 9.64 -52.33 -2.76
CA SER A 2202 10.42 -51.13 -2.49
C SER A 2202 10.03 -50.46 -1.18
N PHE A 2203 9.00 -50.97 -0.50
CA PHE A 2203 8.51 -50.42 0.75
C PHE A 2203 9.38 -50.78 1.96
N ILE A 2204 10.49 -51.46 1.75
CA ILE A 2204 11.42 -51.78 2.81
C ILE A 2204 12.66 -50.89 2.74
N ASN A 2205 13.26 -50.77 1.55
CA ASN A 2205 14.45 -49.95 1.36
C ASN A 2205 14.13 -48.47 1.24
N ASN A 2206 12.85 -48.09 1.22
CA ASN A 2206 12.40 -46.70 1.14
C ASN A 2206 12.96 -45.98 -0.09
N PHE A 2321 20.55 -65.64 -9.57
CA PHE A 2321 21.07 -66.43 -10.68
C PHE A 2321 20.24 -67.70 -10.86
N THR A 2322 20.75 -68.64 -11.66
CA THR A 2322 20.06 -69.90 -11.86
C THR A 2322 20.19 -70.77 -10.62
N LEU A 2323 19.05 -71.33 -10.17
CA LEU A 2323 19.01 -72.11 -8.96
C LEU A 2323 18.42 -73.49 -9.23
N ALA A 2324 18.80 -74.46 -8.40
CA ALA A 2324 18.27 -75.81 -8.53
C ALA A 2324 16.80 -75.84 -8.14
N HIS A 2325 16.05 -76.71 -8.83
CA HIS A 2325 14.60 -76.70 -8.71
C HIS A 2325 14.14 -77.33 -7.40
N GLU A 2326 14.76 -78.44 -7.00
CA GLU A 2326 14.26 -79.24 -5.89
C GLU A 2326 14.46 -78.55 -4.55
N ARG A 2327 15.66 -78.02 -4.31
CA ARG A 2327 15.91 -77.34 -3.04
C ARG A 2327 15.11 -76.04 -2.93
N CYS A 2328 14.91 -75.32 -4.03
CA CYS A 2328 14.05 -74.15 -4.00
C CYS A 2328 12.61 -74.53 -3.68
N ILE A 2329 12.12 -75.62 -4.26
CA ILE A 2329 10.75 -76.07 -3.95
C ILE A 2329 10.63 -76.43 -2.48
N SER A 2330 11.65 -77.12 -1.95
CA SER A 2330 11.61 -77.55 -0.55
C SER A 2330 11.62 -76.34 0.38
N VAL A 2331 12.52 -75.38 0.13
CA VAL A 2331 12.59 -74.21 1.01
C VAL A 2331 11.34 -73.34 0.85
N VAL A 2332 10.72 -73.33 -0.33
CA VAL A 2332 9.51 -72.54 -0.52
C VAL A 2332 8.34 -73.14 0.25
N GLN A 2333 8.17 -74.47 0.16
CA GLN A 2333 7.08 -75.09 0.89
C GLN A 2333 7.32 -75.07 2.39
N LYS A 2334 8.58 -75.11 2.83
CA LYS A 2334 8.87 -74.95 4.24
C LYS A 2334 8.60 -73.52 4.70
N LEU A 2335 8.86 -72.53 3.85
CA LEU A 2335 8.50 -71.15 4.17
C LEU A 2335 6.99 -70.99 4.27
N VAL A 2336 6.24 -71.67 3.41
CA VAL A 2336 4.78 -71.62 3.50
C VAL A 2336 4.31 -72.27 4.79
N LEU A 2337 4.92 -73.40 5.18
CA LEU A 2337 4.54 -74.03 6.44
C LEU A 2337 4.92 -73.16 7.62
N PHE A 2338 5.97 -72.35 7.48
CA PHE A 2338 6.29 -71.34 8.49
C PHE A 2338 5.23 -70.26 8.53
N LEU A 2339 4.71 -69.88 7.35
CA LEU A 2339 3.64 -68.89 7.28
C LEU A 2339 2.38 -69.38 7.97
N LEU A 2340 2.07 -70.66 7.81
CA LEU A 2340 0.86 -71.21 8.41
C LEU A 2340 0.98 -71.35 9.93
N SER A 2341 2.21 -71.45 10.44
CA SER A 2341 2.47 -71.62 11.86
C SER A 2341 2.77 -70.29 12.55
N MET A 2342 2.15 -69.21 12.09
CA MET A 2342 2.39 -67.88 12.66
C MET A 2342 1.39 -67.64 13.78
N ASP A 2343 1.87 -67.56 15.01
CA ASP A 2343 1.06 -67.26 16.18
C ASP A 2343 1.55 -65.98 16.85
N PHE A 2344 1.03 -65.73 18.06
CA PHE A 2344 1.32 -64.50 18.79
C PHE A 2344 2.79 -64.32 19.12
N THR A 2345 3.58 -65.40 19.16
CA THR A 2345 5.02 -65.25 19.35
C THR A 2345 5.69 -64.63 18.13
N CYS A 2346 5.24 -65.02 16.93
CA CYS A 2346 5.77 -64.44 15.71
C CYS A 2346 5.19 -63.05 15.49
N HIS A 2347 5.90 -62.25 14.70
CA HIS A 2347 5.56 -60.86 14.47
C HIS A 2347 5.27 -60.62 12.99
N ALA A 2348 4.98 -59.36 12.67
CA ALA A 2348 4.50 -58.96 11.35
C ALA A 2348 5.64 -58.60 10.40
N ASP A 2349 6.72 -58.03 10.94
CA ASP A 2349 7.88 -57.70 10.12
C ASP A 2349 8.55 -58.94 9.56
N LEU A 2350 8.62 -60.00 10.37
CA LEU A 2350 9.10 -61.27 9.88
C LEU A 2350 8.21 -61.80 8.76
N LEU A 2351 6.90 -61.57 8.88
CA LEU A 2351 5.96 -61.96 7.84
C LEU A 2351 6.20 -61.21 6.54
N LEU A 2352 6.37 -59.89 6.61
CA LEU A 2352 6.67 -59.12 5.40
C LEU A 2352 7.96 -59.61 4.75
N PHE A 2353 8.99 -59.89 5.56
CA PHE A 2353 10.27 -60.26 4.95
C PHE A 2353 10.22 -61.66 4.35
N VAL A 2354 9.50 -62.60 4.99
CA VAL A 2354 9.40 -63.92 4.39
C VAL A 2354 8.52 -63.88 3.14
N CYS A 2355 7.50 -63.02 3.10
CA CYS A 2355 6.73 -62.85 1.87
C CYS A 2355 7.61 -62.31 0.74
N LYS A 2356 8.44 -61.32 1.07
CA LYS A 2356 9.32 -60.74 0.06
C LYS A 2356 10.30 -61.77 -0.48
N VAL A 2357 10.91 -62.56 0.42
CA VAL A 2357 11.89 -63.53 -0.04
C VAL A 2357 11.21 -64.69 -0.76
N LEU A 2358 9.96 -65.01 -0.41
CA LEU A 2358 9.21 -66.03 -1.13
C LEU A 2358 8.91 -65.59 -2.56
N ALA A 2359 8.43 -64.35 -2.73
CA ALA A 2359 8.18 -63.84 -4.07
C ALA A 2359 9.48 -63.77 -4.88
N ARG A 2360 10.57 -63.36 -4.24
CA ARG A 2360 11.82 -63.22 -4.97
C ARG A 2360 12.39 -64.58 -5.40
N ILE A 2361 12.32 -65.59 -4.53
CA ILE A 2361 12.79 -66.91 -4.92
C ILE A 2361 11.87 -67.53 -5.96
N ALA A 2362 10.55 -67.30 -5.85
CA ALA A 2362 9.63 -67.85 -6.83
C ALA A 2362 9.86 -67.25 -8.21
N ASN A 2363 10.14 -65.95 -8.29
CA ASN A 2363 10.39 -65.33 -9.59
C ASN A 2363 11.80 -65.57 -10.08
N ALA A 2364 12.75 -65.80 -9.18
CA ALA A 2364 14.15 -65.95 -9.57
C ALA A 2364 14.45 -67.32 -10.18
N THR A 2365 13.80 -68.37 -9.68
CA THR A 2365 14.11 -69.71 -10.16
C THR A 2365 13.60 -69.91 -11.59
N ARG A 2366 14.40 -70.62 -12.38
CA ARG A 2366 14.05 -70.98 -13.76
C ARG A 2366 13.81 -72.48 -13.85
N PRO A 2367 12.58 -72.95 -14.11
CA PRO A 2367 11.33 -72.21 -14.37
C PRO A 2367 10.68 -71.74 -13.07
N THR A 2368 9.66 -70.89 -13.16
CA THR A 2368 9.02 -70.35 -11.97
C THR A 2368 8.24 -71.46 -11.27
N ILE A 2369 8.40 -71.54 -9.95
CA ILE A 2369 7.67 -72.52 -9.15
C ILE A 2369 6.21 -72.12 -9.08
N HIS A 2370 5.32 -73.05 -9.38
CA HIS A 2370 3.88 -72.81 -9.36
C HIS A 2370 3.29 -73.27 -8.03
N LEU A 2371 2.03 -72.88 -7.81
CA LEU A 2371 1.41 -73.12 -6.51
C LEU A 2371 0.90 -74.54 -6.36
N CYS A 2372 0.75 -75.28 -7.46
CA CYS A 2372 0.28 -76.66 -7.36
C CYS A 2372 1.28 -77.52 -6.61
N GLU A 2373 2.56 -77.29 -6.84
CA GLU A 2373 3.64 -77.96 -6.11
C GLU A 2373 4.05 -77.21 -4.85
N ILE A 2374 3.43 -76.07 -4.57
CA ILE A 2374 3.73 -75.33 -3.35
C ILE A 2374 2.75 -75.70 -2.24
N VAL A 2375 1.45 -75.64 -2.51
CA VAL A 2375 0.44 -75.92 -1.51
C VAL A 2375 -0.55 -76.93 -2.07
N ASN A 2376 -1.10 -77.74 -1.17
CA ASN A 2376 -2.23 -78.59 -1.48
C ASN A 2376 -3.52 -77.82 -1.18
N GLU A 2377 -4.65 -78.52 -1.25
CA GLU A 2377 -5.94 -77.88 -0.99
C GLU A 2377 -6.10 -77.36 0.45
N PRO A 2378 -5.74 -78.11 1.51
CA PRO A 2378 -5.91 -77.53 2.86
C PRO A 2378 -5.02 -76.32 3.11
N GLN A 2379 -3.79 -76.33 2.61
CA GLN A 2379 -2.89 -75.20 2.84
C GLN A 2379 -3.39 -73.96 2.12
N LEU A 2380 -3.84 -74.12 0.87
CA LEU A 2380 -4.39 -72.98 0.13
C LEU A 2380 -5.69 -72.50 0.75
N GLU A 2381 -6.51 -73.42 1.27
CA GLU A 2381 -7.73 -73.01 1.95
C GLU A 2381 -7.44 -72.22 3.22
N ARG A 2382 -6.42 -72.65 3.97
CA ARG A 2382 -6.02 -71.90 5.16
C ARG A 2382 -5.50 -70.52 4.78
N LEU A 2383 -4.72 -70.43 3.70
CA LEU A 2383 -4.23 -69.14 3.23
C LEU A 2383 -5.38 -68.22 2.82
N LEU A 2384 -6.36 -68.76 2.11
CA LEU A 2384 -7.49 -67.94 1.66
C LEU A 2384 -8.32 -67.45 2.84
N LEU A 2385 -8.66 -68.34 3.78
CA LEU A 2385 -9.43 -67.93 4.95
C LEU A 2385 -8.61 -67.00 5.84
N LEU A 2386 -7.29 -67.09 5.79
CA LEU A 2386 -6.40 -66.15 6.47
C LEU A 2386 -6.39 -64.79 5.79
N LEU A 2387 -6.56 -64.77 4.46
CA LEU A 2387 -6.52 -63.50 3.73
C LEU A 2387 -7.86 -62.75 3.80
N VAL A 2388 -8.99 -63.43 3.71
CA VAL A 2388 -10.26 -62.74 3.57
C VAL A 2388 -11.27 -63.04 4.67
N GLY A 2389 -11.17 -64.15 5.39
CA GLY A 2389 -12.18 -64.47 6.39
C GLY A 2389 -12.06 -63.56 7.61
N THR A 2390 -13.20 -63.37 8.29
CA THR A 2390 -13.24 -62.46 9.43
C THR A 2390 -12.93 -63.18 10.73
N ASP A 2391 -12.39 -64.39 10.67
CA ASP A 2391 -11.83 -65.03 11.84
C ASP A 2391 -10.42 -64.51 12.12
N PHE A 2392 -9.81 -63.84 11.15
CA PHE A 2392 -8.53 -63.17 11.34
C PHE A 2392 -8.54 -61.74 10.84
N ASN A 2393 -9.58 -61.32 10.10
CA ASN A 2393 -9.68 -60.00 9.50
C ASN A 2393 -10.86 -59.24 10.08
N ARG A 2394 -11.03 -59.29 11.39
CA ARG A 2394 -12.13 -58.61 12.07
C ARG A 2394 -11.61 -57.36 12.77
N GLY A 2395 -12.28 -56.24 12.54
CA GLY A 2395 -11.89 -55.00 13.19
C GLY A 2395 -10.65 -54.40 12.58
N ASP A 2396 -10.13 -53.39 13.28
CA ASP A 2396 -8.94 -52.66 12.84
C ASP A 2396 -7.65 -53.43 13.07
N ILE A 2397 -7.72 -54.64 13.61
CA ILE A 2397 -6.55 -55.48 13.87
C ILE A 2397 -6.63 -56.68 12.94
N SER A 2398 -7.03 -56.44 11.70
CA SER A 2398 -6.97 -57.42 10.62
C SER A 2398 -5.56 -57.97 10.45
N TRP A 2399 -5.43 -59.15 9.85
CA TRP A 2399 -4.23 -59.99 9.94
C TRP A 2399 -2.92 -59.31 9.54
N GLY A 2400 -2.07 -59.05 10.53
CA GLY A 2400 -0.79 -58.44 10.30
C GLY A 2400 -0.84 -56.95 10.04
N GLY A 2401 -2.02 -56.37 9.95
CA GLY A 2401 -2.17 -54.99 9.57
C GLY A 2401 -2.19 -54.86 8.05
N ALA A 2402 -2.56 -53.66 7.60
CA ALA A 2402 -2.72 -53.43 6.16
C ALA A 2402 -1.41 -53.64 5.41
N TRP A 2403 -0.28 -53.37 6.05
CA TRP A 2403 1.02 -53.64 5.42
C TRP A 2403 1.22 -55.12 5.16
N ALA A 2404 0.87 -55.97 6.13
CA ALA A 2404 1.04 -57.40 5.94
C ALA A 2404 0.05 -57.95 4.92
N GLN A 2405 -1.19 -57.45 4.93
CA GLN A 2405 -2.15 -57.88 3.92
C GLN A 2405 -1.67 -57.49 2.53
N TYR A 2406 -1.14 -56.27 2.39
CA TYR A 2406 -0.62 -55.82 1.10
C TYR A 2406 0.58 -56.67 0.68
N SER A 2407 1.43 -57.05 1.63
CA SER A 2407 2.59 -57.89 1.32
C SER A 2407 2.16 -59.28 0.88
N LEU A 2408 1.14 -59.84 1.53
CA LEU A 2408 0.61 -61.14 1.13
C LEU A 2408 0.04 -61.05 -0.27
N THR A 2409 -0.69 -59.97 -0.56
CA THR A 2409 -1.26 -59.78 -1.88
C THR A 2409 -0.16 -59.66 -2.93
N CYS A 2410 0.91 -58.92 -2.62
CA CYS A 2410 1.98 -58.77 -3.59
C CYS A 2410 2.74 -60.07 -3.81
N MET A 2411 2.98 -60.87 -2.77
CA MET A 2411 3.66 -62.14 -2.99
C MET A 2411 2.81 -63.09 -3.83
N LEU A 2412 1.52 -63.21 -3.52
CA LEU A 2412 0.65 -64.08 -4.30
C LEU A 2412 0.53 -63.59 -5.74
N GLN A 2413 0.45 -62.26 -5.92
CA GLN A 2413 0.35 -61.69 -7.25
C GLN A 2413 1.62 -61.95 -8.05
N ASP A 2414 2.78 -61.88 -7.38
CA ASP A 2414 4.04 -62.15 -8.07
C ASP A 2414 4.13 -63.61 -8.47
N ILE A 2415 3.69 -64.52 -7.60
CA ILE A 2415 3.74 -65.94 -7.96
C ILE A 2415 2.78 -66.26 -9.10
N LEU A 2416 1.58 -65.65 -9.08
CA LEU A 2416 0.65 -65.84 -10.20
C LEU A 2416 1.20 -65.26 -11.49
N ALA A 2417 1.82 -64.08 -11.44
CA ALA A 2417 2.38 -63.48 -12.64
C ALA A 2417 3.55 -64.30 -13.17
N GLY A 2418 4.35 -64.90 -12.28
CA GLY A 2418 5.38 -65.82 -12.71
C GLY A 2418 4.83 -67.08 -13.33
N GLU A 2419 3.66 -67.54 -12.86
CA GLU A 2419 3.02 -68.71 -13.43
C GLU A 2419 2.54 -68.45 -14.86
N LEU A 2420 2.08 -67.23 -15.13
CA LEU A 2420 1.45 -66.89 -16.41
C LEU A 2420 2.39 -66.14 -17.34
N LEU A 2421 3.68 -66.49 -17.36
CA LEU A 2421 4.62 -65.87 -18.28
C LEU A 2421 4.91 -66.80 -19.45
N SER A 2562 43.07 -37.28 -4.36
CA SER A 2562 44.51 -37.05 -4.30
C SER A 2562 44.87 -36.09 -3.17
N VAL A 2563 46.01 -35.43 -3.30
CA VAL A 2563 46.48 -34.46 -2.31
C VAL A 2563 46.78 -33.16 -3.05
N SER A 2564 46.94 -32.08 -2.29
CA SER A 2564 47.25 -30.79 -2.88
C SER A 2564 48.64 -30.81 -3.50
N GLN A 2565 48.79 -30.09 -4.62
CA GLN A 2565 50.09 -29.94 -5.28
C GLN A 2565 50.87 -28.83 -4.58
N ALA A 2566 51.28 -29.14 -3.35
CA ALA A 2566 51.96 -28.18 -2.48
C ALA A 2566 53.27 -28.77 -1.99
N LEU A 2567 54.36 -28.04 -2.21
CA LEU A 2567 55.69 -28.50 -1.82
C LEU A 2567 56.43 -27.37 -1.12
N ASP A 2568 57.45 -27.76 -0.36
CA ASP A 2568 58.23 -26.82 0.44
C ASP A 2568 59.00 -25.86 -0.46
N ALA A 2569 58.74 -24.56 -0.31
CA ALA A 2569 59.42 -23.57 -1.11
C ALA A 2569 60.81 -23.24 -0.58
N ARG A 2570 61.02 -23.35 0.73
CA ARG A 2570 62.34 -23.13 1.29
C ARG A 2570 63.30 -24.28 1.00
N LEU A 2571 62.78 -25.43 0.59
CA LEU A 2571 63.62 -26.57 0.26
C LEU A 2571 64.07 -26.54 -1.20
N GLU A 2572 63.55 -25.60 -2.00
CA GLU A 2572 63.98 -25.45 -3.38
C GLU A 2572 65.46 -25.08 -3.48
N VAL A 2573 66.01 -24.45 -2.45
CA VAL A 2573 67.44 -24.18 -2.41
C VAL A 2573 68.25 -25.47 -2.19
N GLY A 2574 67.60 -26.54 -1.74
CA GLY A 2574 68.25 -27.82 -1.60
C GLY A 2574 68.29 -28.60 -2.90
N LEU A 2575 68.94 -29.76 -2.83
CA LEU A 2575 69.12 -30.62 -3.99
C LEU A 2575 68.07 -31.71 -4.09
N GLU A 2576 67.24 -31.90 -3.07
CA GLU A 2576 66.31 -33.01 -3.02
C GLU A 2576 64.87 -32.57 -3.27
N GLN A 2577 64.68 -31.48 -4.03
CA GLN A 2577 63.34 -31.04 -4.36
C GLN A 2577 62.64 -32.02 -5.29
N GLN A 2578 63.36 -32.49 -6.33
CA GLN A 2578 62.81 -33.52 -7.18
C GLN A 2578 62.68 -34.86 -6.44
N ALA A 2579 63.50 -35.08 -5.41
CA ALA A 2579 63.35 -36.30 -4.62
C ALA A 2579 62.05 -36.30 -3.83
N GLU A 2580 61.74 -35.18 -3.18
CA GLU A 2580 60.46 -35.07 -2.47
C GLU A 2580 59.31 -35.08 -3.46
N LEU A 2581 59.51 -34.48 -4.63
CA LEU A 2581 58.51 -34.47 -5.68
C LEU A 2581 58.17 -35.89 -6.14
N MET A 2582 59.18 -36.73 -6.33
CA MET A 2582 58.93 -38.10 -6.75
C MET A 2582 58.36 -38.94 -5.60
N LEU A 2583 58.77 -38.70 -4.35
CA LEU A 2583 58.09 -39.36 -3.22
C LEU A 2583 56.61 -38.99 -3.19
N LYS A 2584 56.30 -37.73 -3.47
CA LYS A 2584 54.91 -37.30 -3.47
C LYS A 2584 54.13 -37.93 -4.60
N MET A 2585 54.75 -38.15 -5.75
CA MET A 2585 53.97 -38.80 -6.80
C MET A 2585 53.81 -40.31 -6.58
N MET A 2586 54.77 -40.97 -5.88
CA MET A 2586 54.44 -42.29 -5.36
C MET A 2586 53.25 -42.25 -4.41
N SER A 2587 53.21 -41.27 -3.50
CA SER A 2587 52.10 -41.20 -2.57
C SER A 2587 50.76 -41.00 -3.29
N THR A 2588 50.75 -40.16 -4.33
CA THR A 2588 49.51 -39.91 -5.04
C THR A 2588 49.08 -41.13 -5.85
N LEU A 2589 50.04 -41.83 -6.48
CA LEU A 2589 49.67 -43.06 -7.18
C LEU A 2589 49.21 -44.13 -6.21
N GLU A 2590 49.78 -44.14 -5.00
CA GLU A 2590 49.31 -45.04 -3.94
C GLU A 2590 47.86 -44.75 -3.60
N ALA A 2591 47.52 -43.48 -3.38
CA ALA A 2591 46.15 -43.13 -3.04
C ALA A 2591 45.19 -43.49 -4.17
N ASP A 2592 45.61 -43.22 -5.42
CA ASP A 2592 44.75 -43.53 -6.56
C ASP A 2592 44.55 -45.03 -6.71
N SER A 2593 45.62 -45.81 -6.53
CA SER A 2593 45.51 -47.27 -6.63
C SER A 2593 44.65 -47.84 -5.52
N ILE A 2594 44.73 -47.24 -4.32
CA ILE A 2594 43.92 -47.75 -3.22
C ILE A 2594 42.45 -47.43 -3.44
N LEU A 2595 42.15 -46.21 -3.94
CA LEU A 2595 40.76 -45.88 -4.25
C LEU A 2595 40.23 -46.77 -5.37
N GLN A 2596 41.07 -47.08 -6.36
CA GLN A 2596 40.64 -47.96 -7.44
C GLN A 2596 40.42 -49.38 -6.94
N ALA A 2597 41.24 -49.85 -6.00
CA ALA A 2597 41.03 -51.19 -5.45
C ALA A 2597 39.76 -51.25 -4.60
N LEU A 2598 39.42 -50.17 -3.90
CA LEU A 2598 38.15 -50.16 -3.16
C LEU A 2598 36.96 -50.10 -4.11
N THR A 2599 37.07 -49.33 -5.18
CA THR A 2599 35.92 -49.17 -6.07
C THR A 2599 35.71 -50.39 -6.96
N ASN A 2600 36.80 -51.02 -7.42
CA ASN A 2600 36.69 -52.13 -8.35
C ASN A 2600 36.21 -53.39 -7.63
N THR A 2601 35.41 -54.19 -8.34
CA THR A 2601 34.92 -55.46 -7.81
C THR A 2601 35.84 -56.59 -8.25
N SER A 2602 35.40 -57.84 -8.04
CA SER A 2602 36.18 -59.00 -8.42
C SER A 2602 35.63 -59.58 -9.72
N PRO A 2603 36.40 -59.57 -10.82
CA PRO A 2603 35.95 -60.12 -12.10
C PRO A 2603 35.83 -61.65 -12.06
N LEU A 2633 -0.16 -78.61 -15.06
CA LEU A 2633 0.13 -78.34 -13.65
C LEU A 2633 -0.45 -76.98 -13.21
N SER A 2634 -1.68 -76.71 -13.61
CA SER A 2634 -2.33 -75.45 -13.24
C SER A 2634 -3.11 -75.63 -11.95
N SER A 2635 -2.96 -74.66 -11.05
CA SER A 2635 -3.65 -74.62 -9.77
C SER A 2635 -5.01 -73.93 -9.85
N VAL A 2636 -5.47 -73.62 -11.06
CA VAL A 2636 -6.75 -72.92 -11.22
C VAL A 2636 -7.94 -73.72 -10.71
N PRO A 2637 -8.11 -75.02 -11.01
CA PRO A 2637 -9.29 -75.71 -10.46
C PRO A 2637 -9.36 -75.80 -8.94
N MET A 2638 -8.24 -76.01 -8.25
CA MET A 2638 -8.33 -76.06 -6.79
C MET A 2638 -8.59 -74.70 -6.17
N LEU A 2639 -8.06 -73.63 -6.76
CA LEU A 2639 -8.40 -72.31 -6.27
C LEU A 2639 -9.87 -71.98 -6.55
N ASN A 2640 -10.40 -72.39 -7.71
CA ASN A 2640 -11.83 -72.19 -7.97
C ASN A 2640 -12.66 -72.93 -6.92
N VAL A 2641 -12.25 -74.16 -6.58
CA VAL A 2641 -12.95 -74.93 -5.57
C VAL A 2641 -12.90 -74.21 -4.22
N CYS A 2642 -11.72 -73.67 -3.87
CA CYS A 2642 -11.59 -73.00 -2.58
C CYS A 2642 -12.41 -71.72 -2.53
N PHE A 2643 -12.46 -70.95 -3.62
CA PHE A 2643 -13.26 -69.74 -3.59
C PHE A 2643 -14.74 -70.06 -3.58
N ASN A 2644 -15.16 -71.13 -4.25
CA ASN A 2644 -16.56 -71.54 -4.15
C ASN A 2644 -16.91 -72.01 -2.74
N LYS A 2645 -15.97 -72.69 -2.06
CA LYS A 2645 -16.18 -73.07 -0.68
C LYS A 2645 -16.32 -71.83 0.21
N LEU A 2646 -15.48 -70.83 -0.02
CA LEU A 2646 -15.56 -69.58 0.72
C LEU A 2646 -16.87 -68.87 0.46
N PHE A 2647 -17.30 -68.88 -0.80
CA PHE A 2647 -18.53 -68.20 -1.20
C PHE A 2647 -19.75 -68.90 -0.66
N SER A 2648 -19.65 -70.20 -0.38
CA SER A 2648 -20.77 -70.88 0.26
C SER A 2648 -20.73 -70.74 1.78
N MET A 2649 -19.56 -70.55 2.37
CA MET A 2649 -19.45 -70.50 3.83
C MET A 2649 -19.51 -69.08 4.37
N LEU A 2650 -19.50 -68.08 3.49
CA LEU A 2650 -19.67 -66.69 3.94
C LEU A 2650 -21.09 -66.40 4.40
N GLN A 2651 -22.04 -67.30 4.16
CA GLN A 2651 -23.43 -67.07 4.52
C GLN A 2651 -23.63 -67.01 6.02
N VAL A 2652 -22.72 -67.61 6.79
CA VAL A 2652 -22.81 -67.62 8.24
C VAL A 2652 -21.99 -66.48 8.85
N HIS A 2653 -21.72 -65.43 8.07
CA HIS A 2653 -20.98 -64.24 8.52
C HIS A 2653 -19.58 -64.61 9.03
N HIS A 2654 -18.90 -65.49 8.30
CA HIS A 2654 -17.55 -65.91 8.65
C HIS A 2654 -16.48 -65.28 7.78
N VAL A 2655 -16.85 -64.58 6.71
CA VAL A 2655 -15.90 -63.90 5.83
C VAL A 2655 -16.38 -62.46 5.61
N GLN A 2656 -15.46 -61.50 5.71
CA GLN A 2656 -15.79 -60.12 5.35
C GLN A 2656 -16.04 -60.03 3.86
N LEU A 2657 -17.11 -59.32 3.48
CA LEU A 2657 -17.49 -59.21 2.08
C LEU A 2657 -16.56 -58.29 1.30
N GLU A 2658 -16.20 -57.15 1.89
CA GLU A 2658 -15.36 -56.19 1.18
C GLU A 2658 -13.96 -56.76 0.92
N SER A 2659 -13.39 -57.43 1.92
CA SER A 2659 -12.06 -58.03 1.75
C SER A 2659 -12.09 -59.13 0.71
N LEU A 2660 -13.14 -59.95 0.74
CA LEU A 2660 -13.26 -61.02 -0.26
C LEU A 2660 -13.39 -60.46 -1.67
N LEU A 2661 -14.23 -59.46 -1.87
CA LEU A 2661 -14.38 -58.91 -3.20
C LEU A 2661 -13.11 -58.21 -3.69
N GLN A 2662 -12.46 -57.43 -2.82
CA GLN A 2662 -11.23 -56.75 -3.24
C GLN A 2662 -10.15 -57.75 -3.59
N LEU A 2663 -10.00 -58.81 -2.79
CA LEU A 2663 -8.96 -59.79 -3.12
C LEU A 2663 -9.31 -60.54 -4.39
N TRP A 2664 -10.59 -60.90 -4.60
CA TRP A 2664 -10.88 -61.62 -5.83
C TRP A 2664 -10.69 -60.73 -7.06
N LEU A 2665 -10.91 -59.42 -6.93
CA LEU A 2665 -10.66 -58.54 -8.06
C LEU A 2665 -9.17 -58.37 -8.31
N THR A 2666 -8.36 -58.36 -7.23
CA THR A 2666 -6.92 -58.19 -7.43
C THR A 2666 -6.29 -59.45 -8.04
N LEU A 2667 -6.72 -60.63 -7.60
CA LEU A 2667 -6.12 -61.85 -8.14
C LEU A 2667 -6.57 -62.12 -9.57
N SER A 2668 -7.71 -61.56 -9.97
CA SER A 2668 -8.26 -61.77 -11.31
C SER A 2668 -7.81 -60.70 -12.31
N LEU A 2669 -7.03 -59.72 -11.87
CA LEU A 2669 -6.61 -58.61 -12.71
C LEU A 2669 -5.13 -58.69 -13.11
N ASN A 2670 -4.45 -59.79 -12.76
CA ASN A 2670 -3.03 -59.90 -13.01
C ASN A 2670 -2.69 -60.31 -14.45
N SER A 2671 -3.70 -60.64 -15.26
CA SER A 2671 -3.44 -61.01 -16.65
C SER A 2671 -3.28 -59.77 -17.52
N LEU A 2685 -4.12 -52.22 -13.94
CA LEU A 2685 -4.94 -51.21 -14.59
C LEU A 2685 -6.31 -51.81 -14.90
N TYR A 2686 -7.36 -51.06 -14.56
CA TYR A 2686 -8.72 -51.56 -14.75
C TYR A 2686 -9.20 -51.34 -16.17
N ASN A 2687 -9.93 -52.33 -16.70
CA ASN A 2687 -10.55 -52.22 -18.00
C ASN A 2687 -11.79 -53.10 -18.04
N ALA A 2688 -12.83 -52.62 -18.73
CA ALA A 2688 -14.06 -53.39 -18.83
C ALA A 2688 -13.92 -54.58 -19.78
N ASN A 2689 -12.88 -54.60 -20.61
CA ASN A 2689 -12.63 -55.69 -21.54
C ASN A 2689 -11.68 -56.74 -20.98
N ARG A 2690 -11.16 -56.55 -19.77
CA ARG A 2690 -10.25 -57.53 -19.20
C ARG A 2690 -11.04 -58.74 -18.73
N ILE A 2691 -10.54 -59.93 -19.06
CA ILE A 2691 -11.15 -61.19 -18.64
C ILE A 2691 -10.51 -61.61 -17.32
N PRO A 2692 -11.29 -61.80 -16.26
CA PRO A 2692 -10.72 -62.28 -14.99
C PRO A 2692 -10.24 -63.72 -15.10
N VAL A 2693 -9.13 -64.02 -14.42
CA VAL A 2693 -8.56 -65.36 -14.52
C VAL A 2693 -9.22 -66.38 -13.59
N ILE A 2694 -9.98 -65.97 -12.57
CA ILE A 2694 -10.68 -66.91 -11.70
C ILE A 2694 -12.14 -66.98 -12.11
N SER A 2695 -12.54 -68.08 -12.75
CA SER A 2695 -13.94 -68.26 -13.17
C SER A 2695 -14.76 -68.73 -11.98
N LEU A 2696 -15.87 -68.03 -11.70
CA LEU A 2696 -16.67 -68.33 -10.52
C LEU A 2696 -17.84 -69.27 -10.85
N ASN A 2697 -18.73 -69.45 -9.88
CA ASN A 2697 -19.83 -70.42 -9.95
C ASN A 2697 -21.14 -69.66 -9.82
N GLN A 2698 -22.21 -70.26 -10.38
CA GLN A 2698 -23.55 -69.68 -10.32
C GLN A 2698 -24.10 -69.56 -8.90
N ALA A 2699 -23.96 -70.62 -8.10
CA ALA A 2699 -24.41 -70.55 -6.71
C ALA A 2699 -23.63 -69.53 -5.91
N SER A 2700 -22.33 -69.41 -6.21
CA SER A 2700 -21.51 -68.41 -5.54
C SER A 2700 -21.96 -67.00 -5.89
N ILE A 2701 -22.28 -66.76 -7.16
CA ILE A 2701 -22.71 -65.44 -7.60
C ILE A 2701 -24.05 -65.09 -6.99
N THR A 2702 -24.99 -66.04 -6.95
CA THR A 2702 -26.30 -65.77 -6.36
C THR A 2702 -26.21 -65.54 -4.85
N SER A 2703 -25.37 -66.31 -4.15
CA SER A 2703 -25.20 -66.09 -2.71
C SER A 2703 -24.55 -64.74 -2.42
N PHE A 2704 -23.54 -64.37 -3.20
CA PHE A 2704 -22.93 -63.05 -3.05
C PHE A 2704 -23.95 -61.94 -3.32
N LEU A 2705 -24.76 -62.10 -4.37
CA LEU A 2705 -25.74 -61.06 -4.70
C LEU A 2705 -26.79 -60.93 -3.60
N THR A 2706 -27.24 -62.05 -3.04
CA THR A 2706 -28.30 -61.95 -2.03
C THR A 2706 -27.74 -61.43 -0.70
N VAL A 2707 -26.47 -61.73 -0.40
CA VAL A 2707 -25.91 -61.17 0.83
C VAL A 2707 -25.58 -59.69 0.63
N LEU A 2708 -25.40 -59.25 -0.63
CA LEU A 2708 -25.23 -57.82 -0.86
C LEU A 2708 -26.56 -57.08 -0.76
N ALA A 2709 -27.62 -57.69 -1.27
CA ALA A 2709 -28.94 -57.09 -1.15
C ALA A 2709 -29.46 -57.12 0.27
N TRP A 2710 -28.98 -58.07 1.09
CA TRP A 2710 -29.37 -58.10 2.49
C TRP A 2710 -28.66 -57.02 3.31
N TYR A 2711 -27.50 -56.53 2.85
CA TYR A 2711 -26.62 -55.71 3.66
C TYR A 2711 -27.02 -54.26 3.44
N PRO A 2712 -27.51 -53.55 4.45
CA PRO A 2712 -27.83 -52.12 4.28
C PRO A 2712 -26.68 -51.22 4.72
N ASN A 2713 -26.84 -49.94 4.40
CA ASN A 2713 -25.79 -48.93 4.58
C ASN A 2713 -24.49 -49.35 3.91
N THR A 2714 -24.61 -49.81 2.68
CA THR A 2714 -23.46 -50.19 1.88
C THR A 2714 -22.73 -48.93 1.45
N LEU A 2715 -21.46 -48.79 1.84
CA LEU A 2715 -20.79 -47.53 1.57
C LEU A 2715 -20.45 -47.41 0.09
N LEU A 2716 -20.13 -46.18 -0.32
CA LEU A 2716 -19.82 -45.91 -1.72
C LEU A 2716 -18.45 -46.46 -2.12
N ARG A 2717 -17.49 -46.48 -1.19
CA ARG A 2717 -16.26 -47.25 -1.40
C ARG A 2717 -16.60 -48.68 -1.77
N THR A 2718 -17.36 -49.32 -0.89
CA THR A 2718 -17.82 -50.68 -1.14
C THR A 2718 -18.72 -50.75 -2.36
N TRP A 2719 -19.48 -49.68 -2.65
CA TRP A 2719 -20.37 -49.72 -3.81
C TRP A 2719 -19.60 -49.69 -5.12
N CYS A 2720 -18.55 -48.87 -5.20
CA CYS A 2720 -17.74 -48.86 -6.41
C CYS A 2720 -16.97 -50.17 -6.56
N LEU A 2721 -16.53 -50.73 -5.43
CA LEU A 2721 -15.94 -52.06 -5.46
C LEU A 2721 -16.94 -53.10 -5.97
N VAL A 2722 -18.19 -53.00 -5.54
CA VAL A 2722 -19.25 -53.90 -6.00
C VAL A 2722 -19.47 -53.74 -7.50
N LEU A 2723 -19.48 -52.49 -7.97
CA LEU A 2723 -19.74 -52.25 -9.39
C LEU A 2723 -18.62 -52.81 -10.24
N HIS A 2724 -17.36 -52.67 -9.80
CA HIS A 2724 -16.26 -53.25 -10.55
C HIS A 2724 -16.35 -54.78 -10.54
N SER A 2725 -16.71 -55.37 -9.40
CA SER A 2725 -16.85 -56.82 -9.32
C SER A 2725 -17.99 -57.32 -10.20
N LEU A 2726 -19.09 -56.57 -10.27
CA LEU A 2726 -20.20 -56.97 -11.13
C LEU A 2726 -19.87 -56.79 -12.61
N THR A 2727 -19.05 -55.78 -12.93
CA THR A 2727 -18.55 -55.67 -14.29
C THR A 2727 -17.73 -56.91 -14.65
N LEU A 2728 -16.91 -57.37 -13.71
CA LEU A 2728 -16.16 -58.60 -13.94
C LEU A 2728 -17.07 -59.81 -14.04
N MET A 2729 -18.18 -59.81 -13.29
CA MET A 2729 -19.16 -60.90 -13.37
C MET A 2729 -19.88 -60.89 -14.71
N THR A 2730 -19.98 -59.72 -15.36
CA THR A 2730 -20.42 -59.68 -16.75
C THR A 2730 -19.33 -60.14 -17.69
N ASN A 2731 -18.06 -59.95 -17.30
CA ASN A 2731 -16.96 -60.33 -18.19
C ASN A 2731 -16.78 -61.85 -18.26
N MET A 2732 -17.21 -62.58 -17.25
CA MET A 2732 -16.98 -64.02 -17.20
C MET A 2732 -17.89 -64.83 -18.12
N GLN A 2733 -17.55 -66.11 -18.16
CA GLN A 2733 -18.21 -67.18 -18.90
C GLN A 2733 -18.49 -68.31 -17.92
N LEU A 2734 -19.56 -69.05 -18.15
CA LEU A 2734 -19.97 -70.10 -17.24
C LEU A 2734 -19.76 -71.47 -17.88
N ASN A 2735 -19.33 -72.43 -17.06
CA ASN A 2735 -19.14 -73.81 -17.49
C ASN A 2735 -19.95 -74.76 -16.62
N GLN A 2745 -26.40 -74.26 -20.54
CA GLN A 2745 -25.39 -73.37 -21.11
C GLN A 2745 -25.96 -71.96 -21.30
N GLU A 2746 -26.73 -71.51 -20.32
CA GLU A 2746 -27.30 -70.18 -20.37
C GLU A 2746 -26.22 -69.13 -20.10
N SER A 2747 -26.48 -67.91 -20.55
CA SER A 2747 -25.52 -66.82 -20.38
C SER A 2747 -25.54 -66.34 -18.94
N THR A 2748 -24.41 -65.77 -18.51
CA THR A 2748 -24.33 -65.22 -17.17
C THR A 2748 -25.08 -63.90 -17.04
N ALA A 2749 -25.20 -63.15 -18.14
CA ALA A 2749 -25.95 -61.89 -18.08
C ALA A 2749 -27.44 -62.15 -17.91
N HIS A 2750 -27.96 -63.19 -18.57
CA HIS A 2750 -29.36 -63.57 -18.39
C HIS A 2750 -29.61 -64.02 -16.95
N LEU A 2751 -28.66 -64.75 -16.37
CA LEU A 2751 -28.77 -65.17 -14.98
C LEU A 2751 -28.73 -63.98 -14.04
N LEU A 2752 -27.88 -63.00 -14.32
CA LEU A 2752 -27.79 -61.80 -13.47
C LEU A 2752 -29.07 -60.99 -13.56
N VAL A 2753 -29.67 -60.92 -14.75
CA VAL A 2753 -30.84 -60.08 -14.95
C VAL A 2753 -32.11 -60.76 -14.43
N SER A 2754 -32.20 -62.09 -14.51
CA SER A 2754 -33.46 -62.77 -14.26
C SER A 2754 -33.92 -62.62 -12.81
N ASP A 2755 -33.01 -62.76 -11.84
CA ASP A 2755 -33.42 -62.69 -10.45
C ASP A 2755 -33.63 -61.24 -10.00
N PRO A 2756 -34.60 -61.00 -9.10
CA PRO A 2756 -34.85 -59.64 -8.61
C PRO A 2756 -33.80 -59.14 -7.63
N ASN A 2757 -32.83 -59.97 -7.27
CA ASN A 2757 -31.76 -59.53 -6.38
C ASN A 2757 -30.91 -58.44 -7.03
N LEU A 2758 -30.75 -58.51 -8.36
CA LEU A 2758 -30.03 -57.43 -9.03
C LEU A 2758 -30.85 -56.13 -8.96
N ILE A 2759 -32.18 -56.24 -9.03
CA ILE A 2759 -33.04 -55.08 -8.81
C ILE A 2759 -32.82 -54.52 -7.41
N HIS A 2760 -32.78 -55.39 -6.39
CA HIS A 2760 -32.60 -54.89 -5.03
C HIS A 2760 -31.24 -54.24 -4.82
N VAL A 2761 -30.18 -54.79 -5.41
CA VAL A 2761 -28.86 -54.19 -5.21
C VAL A 2761 -28.79 -52.84 -5.93
N LEU A 2762 -29.30 -52.77 -7.17
CA LEU A 2762 -29.28 -51.51 -7.89
C LEU A 2762 -30.17 -50.47 -7.22
N VAL A 2763 -31.27 -50.90 -6.59
CA VAL A 2763 -32.14 -49.96 -5.88
C VAL A 2763 -31.42 -49.43 -4.64
N LYS A 2764 -30.68 -50.29 -3.94
CA LYS A 2764 -29.92 -49.82 -2.79
C LYS A 2764 -28.80 -48.87 -3.22
N PHE A 2765 -28.19 -49.13 -4.37
CA PHE A 2765 -27.13 -48.26 -4.87
C PHE A 2765 -27.67 -46.91 -5.31
N LEU A 2766 -28.71 -46.89 -6.15
CA LEU A 2766 -29.18 -45.64 -6.69
C LEU A 2766 -30.09 -44.89 -5.73
N SER A 2767 -30.50 -45.50 -4.62
CA SER A 2767 -31.37 -44.78 -3.71
C SER A 2767 -30.60 -43.75 -2.89
N GLY A 2768 -29.30 -43.98 -2.68
CA GLY A 2768 -28.44 -43.01 -2.03
C GLY A 2768 -28.91 -42.66 -0.64
N THR A 2769 -29.24 -43.68 0.15
CA THR A 2769 -29.79 -43.44 1.49
C THR A 2769 -28.75 -42.78 2.38
N SER A 2770 -27.63 -43.47 2.56
CA SER A 2770 -26.52 -43.10 3.44
C SER A 2770 -26.96 -42.71 4.85
N PRO A 2771 -27.41 -43.67 5.67
CA PRO A 2771 -27.70 -43.34 7.08
C PRO A 2771 -26.44 -42.94 7.84
N HIS A 2772 -25.28 -43.36 7.34
CA HIS A 2772 -24.00 -43.08 7.98
C HIS A 2772 -23.65 -41.60 7.90
N GLY A 2773 -24.18 -40.89 6.91
CA GLY A 2773 -23.74 -39.55 6.61
C GLY A 2773 -24.20 -38.53 7.62
N THR A 2774 -23.27 -38.02 8.43
CA THR A 2774 -23.54 -36.83 9.23
C THR A 2774 -23.53 -35.57 8.39
N ASN A 2775 -23.12 -35.67 7.13
CA ASN A 2775 -23.03 -34.55 6.21
C ASN A 2775 -23.80 -34.89 4.94
N GLN A 2776 -25.09 -35.24 5.08
CA GLN A 2776 -25.90 -35.58 3.92
C GLN A 2776 -26.17 -34.34 3.07
N HIS A 2777 -25.11 -33.90 2.39
CA HIS A 2777 -25.04 -32.67 1.61
C HIS A 2777 -25.55 -32.85 0.18
N SER A 2778 -24.84 -33.67 -0.61
CA SER A 2778 -25.17 -33.96 -1.99
C SER A 2778 -24.95 -35.45 -2.24
N PRO A 2779 -26.01 -36.21 -2.53
CA PRO A 2779 -25.91 -37.66 -2.58
C PRO A 2779 -25.25 -38.22 -3.84
N GLN A 2780 -24.65 -37.37 -4.68
CA GLN A 2780 -24.00 -37.86 -5.90
C GLN A 2780 -22.80 -38.74 -5.54
N VAL A 2781 -22.57 -39.73 -6.40
CA VAL A 2781 -21.55 -40.76 -6.15
C VAL A 2781 -20.25 -40.50 -6.91
N GLY A 2782 -20.20 -39.45 -7.74
CA GLY A 2782 -18.99 -39.07 -8.42
C GLY A 2782 -18.82 -39.68 -9.80
N PRO A 2783 -18.00 -39.03 -10.63
CA PRO A 2783 -17.85 -39.48 -12.03
C PRO A 2783 -17.26 -40.87 -12.21
N THR A 2784 -16.36 -41.31 -11.33
CA THR A 2784 -15.78 -42.64 -11.46
C THR A 2784 -16.82 -43.73 -11.25
N ALA A 2785 -17.67 -43.58 -10.24
CA ALA A 2785 -18.70 -44.58 -10.00
C ALA A 2785 -19.76 -44.58 -11.10
N THR A 2786 -20.12 -43.40 -11.60
CA THR A 2786 -21.06 -43.34 -12.72
C THR A 2786 -20.47 -43.98 -13.97
N GLN A 2787 -19.17 -43.79 -14.21
CA GLN A 2787 -18.55 -44.45 -15.35
C GLN A 2787 -18.51 -45.95 -15.17
N ALA A 2788 -18.25 -46.43 -13.95
CA ALA A 2788 -18.25 -47.87 -13.70
C ALA A 2788 -19.63 -48.48 -13.89
N MET A 2789 -20.68 -47.83 -13.38
CA MET A 2789 -22.03 -48.34 -13.57
C MET A 2789 -22.43 -48.31 -15.05
N GLN A 2790 -22.05 -47.24 -15.76
CA GLN A 2790 -22.37 -47.17 -17.19
C GLN A 2790 -21.67 -48.28 -17.95
N GLU A 2791 -20.43 -48.59 -17.56
CA GLU A 2791 -19.70 -49.68 -18.20
C GLU A 2791 -20.39 -51.01 -17.91
N PHE A 2792 -20.90 -51.17 -16.69
CA PHE A 2792 -21.64 -52.37 -16.33
C PHE A 2792 -22.90 -52.52 -17.18
N LEU A 2793 -23.67 -51.45 -17.34
CA LEU A 2793 -24.89 -51.52 -18.14
C LEU A 2793 -24.57 -51.75 -19.61
N THR A 2794 -23.47 -51.17 -20.10
CA THR A 2794 -23.08 -51.37 -21.50
C THR A 2794 -22.65 -52.81 -21.73
N ARG A 2795 -21.96 -53.40 -20.77
CA ARG A 2795 -21.60 -54.81 -20.89
C ARG A 2795 -22.83 -55.70 -20.80
N LEU A 2796 -23.82 -55.30 -19.98
CA LEU A 2796 -25.08 -56.04 -19.95
C LEU A 2796 -25.80 -56.01 -21.29
N GLN A 2797 -25.88 -54.83 -21.94
CA GLN A 2797 -26.53 -54.79 -23.24
C GLN A 2797 -25.76 -55.60 -24.27
N VAL A 2798 -24.42 -55.55 -24.22
CA VAL A 2798 -23.64 -56.31 -25.19
C VAL A 2798 -23.85 -57.81 -25.00
N HIS A 2799 -23.84 -58.26 -23.74
CA HIS A 2799 -23.97 -59.70 -23.49
C HIS A 2799 -25.40 -60.20 -23.70
N LEU A 2800 -26.41 -59.34 -23.59
CA LEU A 2800 -27.79 -59.76 -23.81
C LEU A 2800 -28.37 -59.31 -25.15
N SER A 2801 -27.58 -58.66 -26.00
CA SER A 2801 -28.09 -58.24 -27.29
C SER A 2801 -28.27 -59.42 -28.24
N SER A 2802 -27.34 -60.37 -28.20
CA SER A 2802 -27.43 -61.53 -29.10
C SER A 2802 -28.47 -62.53 -28.63
N THR A 2803 -28.62 -62.70 -27.31
CA THR A 2803 -29.51 -63.74 -26.79
C THR A 2803 -30.94 -63.24 -26.66
N CYS A 2804 -31.16 -62.25 -25.78
CA CYS A 2804 -32.50 -61.78 -25.46
C CYS A 2804 -32.45 -60.36 -24.90
N PRO A 2805 -32.53 -59.32 -25.75
CA PRO A 2805 -32.67 -57.96 -25.21
C PRO A 2805 -34.03 -57.69 -24.57
N GLN A 2806 -35.00 -58.61 -24.75
CA GLN A 2806 -36.30 -58.46 -24.13
C GLN A 2806 -36.18 -58.36 -22.62
N ILE A 2807 -35.47 -59.31 -22.01
CA ILE A 2807 -35.38 -59.38 -20.56
C ILE A 2807 -34.56 -58.22 -20.03
N PHE A 2808 -33.56 -57.75 -20.77
CA PHE A 2808 -32.76 -56.62 -20.32
C PHE A 2808 -33.57 -55.33 -20.35
N SER A 2809 -34.32 -55.10 -21.42
CA SER A 2809 -35.12 -53.87 -21.48
C SER A 2809 -36.26 -53.91 -20.47
N GLU A 2810 -36.84 -55.09 -20.25
CA GLU A 2810 -37.87 -55.24 -19.22
C GLU A 2810 -37.28 -55.03 -17.82
N PHE A 2811 -36.06 -55.51 -17.61
CA PHE A 2811 -35.37 -55.34 -16.34
C PHE A 2811 -35.08 -53.86 -16.05
N LEU A 2812 -34.63 -53.12 -17.06
CA LEU A 2812 -34.38 -51.70 -16.87
C LEU A 2812 -35.68 -50.93 -16.62
N LEU A 2813 -36.74 -51.25 -17.38
CA LEU A 2813 -38.00 -50.56 -17.17
C LEU A 2813 -38.61 -50.90 -15.81
N LYS A 2814 -38.45 -52.13 -15.35
CA LYS A 2814 -38.92 -52.50 -14.02
C LYS A 2814 -38.12 -51.79 -12.93
N LEU A 2815 -36.80 -51.67 -13.11
CA LEU A 2815 -36.00 -50.96 -12.12
C LEU A 2815 -36.37 -49.49 -12.03
N ILE A 2816 -36.55 -48.82 -13.18
CA ILE A 2816 -36.96 -47.42 -13.15
C ILE A 2816 -38.36 -47.29 -12.54
N HIS A 2817 -39.28 -48.19 -12.90
CA HIS A 2817 -40.64 -48.09 -12.40
C HIS A 2817 -40.70 -48.28 -10.88
N ILE A 2818 -39.96 -49.25 -10.35
CA ILE A 2818 -40.00 -49.48 -8.91
C ILE A 2818 -39.29 -48.35 -8.19
N LEU A 2819 -38.23 -47.80 -8.81
CA LEU A 2819 -37.56 -46.63 -8.26
C LEU A 2819 -38.43 -45.38 -8.33
N SER A 2820 -39.37 -45.31 -9.26
CA SER A 2820 -40.15 -44.10 -9.48
C SER A 2820 -41.54 -44.15 -8.86
N THR A 2821 -41.83 -45.19 -8.09
CA THR A 2821 -43.14 -45.33 -7.48
C THR A 2821 -43.19 -44.43 -6.23
N GLU A 2822 -44.26 -44.57 -5.45
CA GLU A 2822 -44.36 -43.82 -4.20
C GLU A 2822 -43.24 -44.21 -3.25
N ARG A 2823 -42.69 -43.22 -2.55
CA ARG A 2823 -41.55 -43.38 -1.66
C ARG A 2823 -40.33 -43.94 -2.40
N GLY A 2824 -40.10 -43.42 -3.61
CA GLY A 2824 -38.99 -43.84 -4.44
C GLY A 2824 -37.86 -42.81 -4.44
N ALA A 2825 -36.76 -43.19 -5.09
CA ALA A 2825 -35.57 -42.34 -5.09
C ALA A 2825 -35.76 -41.08 -5.94
N PHE A 2826 -36.43 -41.21 -7.09
CA PHE A 2826 -36.68 -40.01 -7.91
C PHE A 2826 -37.68 -39.08 -7.24
N GLN A 2827 -38.68 -39.63 -6.56
CA GLN A 2827 -39.69 -38.79 -5.95
C GLN A 2827 -39.10 -38.03 -4.75
N THR A 2828 -38.53 -38.77 -3.79
CA THR A 2828 -38.05 -38.15 -2.57
C THR A 2828 -36.87 -37.22 -2.83
N GLY A 2829 -36.18 -37.40 -3.96
CA GLY A 2829 -35.06 -36.58 -4.33
C GLY A 2829 -33.72 -37.08 -3.85
N GLN A 2830 -33.70 -38.07 -2.97
CA GLN A 2830 -32.45 -38.69 -2.52
C GLN A 2830 -31.85 -39.57 -3.61
N GLY A 2831 -30.55 -39.76 -3.52
CA GLY A 2831 -29.81 -40.59 -4.45
C GLY A 2831 -28.89 -39.81 -5.36
N PRO A 2832 -27.92 -40.50 -5.95
CA PRO A 2832 -26.96 -39.83 -6.85
C PRO A 2832 -27.59 -39.27 -8.11
N LEU A 2833 -27.57 -37.93 -8.21
CA LEU A 2833 -28.18 -37.26 -9.36
C LEU A 2833 -27.42 -37.58 -10.64
N ASP A 2834 -26.09 -37.67 -10.54
CA ASP A 2834 -25.27 -37.99 -11.70
C ASP A 2834 -25.52 -39.41 -12.17
N ALA A 2835 -25.62 -40.36 -11.24
CA ALA A 2835 -25.89 -41.74 -11.61
C ALA A 2835 -27.27 -41.88 -12.25
N GLN A 2836 -28.26 -41.14 -11.72
CA GLN A 2836 -29.61 -41.22 -12.29
C GLN A 2836 -29.64 -40.64 -13.69
N VAL A 2837 -28.98 -39.50 -13.91
CA VAL A 2837 -28.99 -38.92 -15.25
C VAL A 2837 -28.15 -39.72 -16.23
N LYS A 2838 -27.08 -40.40 -15.75
CA LYS A 2838 -26.30 -41.23 -16.66
C LYS A 2838 -27.02 -42.51 -17.05
N LEU A 2839 -27.72 -43.14 -16.10
CA LEU A 2839 -28.56 -44.28 -16.45
C LEU A 2839 -29.72 -43.88 -17.36
N LEU A 2840 -30.33 -42.73 -17.11
CA LEU A 2840 -31.42 -42.30 -17.99
C LEU A 2840 -30.93 -42.05 -19.42
N GLU A 2841 -29.79 -41.34 -19.56
CA GLU A 2841 -29.27 -41.10 -20.90
C GLU A 2841 -28.76 -42.38 -21.53
N PHE A 2842 -28.46 -43.38 -20.71
CA PHE A 2842 -28.16 -44.71 -21.22
C PHE A 2842 -29.42 -45.41 -21.70
N THR A 2843 -30.53 -45.19 -20.98
CA THR A 2843 -31.83 -45.76 -21.33
C THR A 2843 -32.37 -45.13 -22.61
N LEU A 2844 -31.92 -43.92 -22.93
CA LEU A 2844 -32.37 -43.26 -24.15
C LEU A 2844 -31.97 -44.05 -25.38
N GLU A 2845 -30.76 -44.62 -25.38
CA GLU A 2845 -30.23 -45.35 -26.52
C GLU A 2845 -30.76 -46.78 -26.62
N GLN A 2846 -31.48 -47.27 -25.63
CA GLN A 2846 -31.98 -48.64 -25.67
C GLN A 2846 -33.18 -48.75 -26.61
N ASN A 2847 -33.52 -50.00 -26.94
CA ASN A 2847 -34.68 -50.33 -27.75
C ASN A 2847 -35.66 -51.13 -26.91
N PHE A 2848 -36.93 -50.73 -26.96
CA PHE A 2848 -37.96 -51.36 -26.15
C PHE A 2848 -39.00 -52.05 -27.01
N GLU A 2849 -38.56 -52.83 -28.00
CA GLU A 2849 -39.43 -53.28 -29.07
C GLU A 2849 -40.12 -54.61 -28.81
N VAL A 2850 -39.98 -55.20 -27.61
CA VAL A 2850 -40.74 -56.41 -27.29
C VAL A 2850 -41.34 -56.27 -25.89
N VAL A 2851 -40.97 -55.19 -25.19
CA VAL A 2851 -41.29 -55.08 -23.77
C VAL A 2851 -42.80 -55.05 -23.53
N SER A 2852 -43.21 -55.65 -22.41
CA SER A 2852 -44.62 -55.80 -22.10
C SER A 2852 -45.29 -54.44 -21.90
N VAL A 2853 -46.56 -54.37 -22.31
CA VAL A 2853 -47.31 -53.13 -22.18
C VAL A 2853 -47.68 -52.86 -20.73
N SER A 2854 -47.76 -53.90 -19.90
CA SER A 2854 -48.16 -53.71 -18.51
C SER A 2854 -47.12 -52.90 -17.72
N THR A 2855 -45.85 -53.29 -17.80
CA THR A 2855 -44.82 -52.54 -17.08
C THR A 2855 -44.58 -51.18 -17.72
N ILE A 2856 -44.83 -51.06 -19.03
CA ILE A 2856 -44.72 -49.77 -19.69
C ILE A 2856 -45.80 -48.82 -19.18
N SER A 2857 -47.03 -49.33 -19.07
CA SER A 2857 -48.12 -48.52 -18.53
C SER A 2857 -47.86 -48.13 -17.09
N ALA A 2858 -47.34 -49.07 -16.29
CA ALA A 2858 -47.03 -48.77 -14.89
C ALA A 2858 -45.96 -47.69 -14.79
N VAL A 2859 -44.90 -47.80 -15.58
CA VAL A 2859 -43.82 -46.82 -15.46
C VAL A 2859 -44.26 -45.46 -16.00
N ILE A 2860 -45.07 -45.43 -17.07
CA ILE A 2860 -45.48 -44.12 -17.59
C ILE A 2860 -46.46 -43.45 -16.63
N GLU A 2861 -47.38 -44.21 -16.02
CA GLU A 2861 -48.28 -43.59 -15.05
C GLU A 2861 -47.50 -43.09 -13.84
N SER A 2862 -46.54 -43.88 -13.36
CA SER A 2862 -45.77 -43.46 -12.18
C SER A 2862 -44.96 -42.20 -12.49
N VAL A 2863 -44.29 -42.17 -13.64
CA VAL A 2863 -43.43 -41.01 -13.93
C VAL A 2863 -44.28 -39.78 -14.24
N THR A 2864 -45.46 -39.95 -14.82
CA THR A 2864 -46.29 -38.78 -15.08
C THR A 2864 -46.91 -38.24 -13.80
N PHE A 2865 -47.32 -39.13 -12.90
CA PHE A 2865 -47.77 -38.69 -11.58
C PHE A 2865 -46.67 -37.95 -10.84
N LEU A 2866 -45.44 -38.47 -10.88
CA LEU A 2866 -44.35 -37.83 -10.15
C LEU A 2866 -44.01 -36.47 -10.75
N VAL A 2867 -43.99 -36.36 -12.08
CA VAL A 2867 -43.61 -35.09 -12.68
C VAL A 2867 -44.73 -34.06 -12.57
N HIS A 2868 -45.99 -34.49 -12.63
CA HIS A 2868 -47.11 -33.57 -12.41
C HIS A 2868 -47.15 -33.10 -10.96
N HIS A 2869 -46.87 -33.99 -10.00
CA HIS A 2869 -46.83 -33.58 -8.61
C HIS A 2869 -45.68 -32.64 -8.35
N TYR A 2870 -44.58 -32.78 -9.10
CA TYR A 2870 -43.47 -31.85 -8.92
C TYR A 2870 -43.76 -30.49 -9.56
N ILE A 2871 -44.38 -30.49 -10.74
CA ILE A 2871 -44.65 -29.24 -11.44
C ILE A 2871 -45.72 -28.42 -10.72
N THR A 2872 -46.83 -29.06 -10.34
CA THR A 2872 -47.94 -28.28 -9.82
C THR A 2872 -47.64 -27.71 -8.44
N CYS A 2873 -46.81 -28.40 -7.67
CA CYS A 2873 -46.48 -28.02 -6.30
C CYS A 2873 -45.03 -27.58 -6.16
N SER A 2874 -44.54 -26.78 -7.10
CA SER A 2874 -43.15 -26.34 -7.07
C SER A 2874 -42.89 -25.33 -5.95
N ASP A 2875 -41.61 -25.01 -5.78
CA ASP A 2875 -41.13 -24.14 -4.71
C ASP A 2875 -41.52 -22.68 -4.96
N LYS A 2876 -41.40 -21.87 -3.89
CA LYS A 2876 -41.72 -20.45 -3.95
C LYS A 2876 -40.51 -19.57 -4.25
N VAL A 2877 -39.29 -20.02 -3.93
CA VAL A 2877 -38.09 -19.27 -4.23
C VAL A 2877 -37.16 -20.13 -5.09
N MET A 2878 -36.17 -19.47 -5.68
CA MET A 2878 -35.11 -20.13 -6.43
C MET A 2878 -33.80 -19.36 -6.22
N SER A 2879 -32.74 -20.07 -5.88
CA SER A 2879 -31.44 -19.46 -5.67
C SER A 2879 -30.67 -19.52 -6.98
N ARG A 2880 -30.19 -18.37 -7.44
CA ARG A 2880 -29.50 -18.26 -8.72
C ARG A 2880 -28.00 -18.21 -8.51
N SER A 2881 -27.28 -19.02 -9.29
CA SER A 2881 -25.82 -19.08 -9.20
C SER A 2881 -25.18 -17.89 -9.91
N GLU A 2912 -24.51 -25.09 -15.06
CA GLU A 2912 -24.23 -26.28 -14.28
C GLU A 2912 -25.24 -27.39 -14.58
N MET A 2913 -25.47 -28.25 -13.59
CA MET A 2913 -26.38 -29.38 -13.75
C MET A 2913 -27.17 -29.52 -12.46
N THR A 2914 -28.50 -29.54 -12.57
CA THR A 2914 -29.38 -29.70 -11.42
C THR A 2914 -30.45 -30.75 -11.72
N ARG A 2915 -31.45 -30.86 -10.85
CA ARG A 2915 -32.54 -31.79 -11.10
C ARG A 2915 -33.48 -31.32 -12.20
N ASP A 2916 -33.38 -30.05 -12.61
CA ASP A 2916 -34.09 -29.58 -13.81
C ASP A 2916 -33.69 -30.40 -15.02
N GLN A 2917 -32.39 -30.69 -15.15
CA GLN A 2917 -31.95 -31.57 -16.22
C GLN A 2917 -32.51 -32.98 -16.05
N LEU A 2918 -32.72 -33.43 -14.81
CA LEU A 2918 -33.34 -34.74 -14.61
C LEU A 2918 -34.77 -34.76 -15.14
N MET A 2919 -35.56 -33.71 -14.86
CA MET A 2919 -36.90 -33.68 -15.43
C MET A 2919 -36.87 -33.56 -16.95
N PHE A 2920 -35.93 -32.77 -17.48
CA PHE A 2920 -35.80 -32.63 -18.92
C PHE A 2920 -35.45 -33.97 -19.57
N ASP A 2921 -34.55 -34.73 -18.93
CA ASP A 2921 -34.17 -36.02 -19.48
C ASP A 2921 -35.27 -37.06 -19.35
N LEU A 2922 -36.03 -37.06 -18.24
CA LEU A 2922 -37.16 -37.98 -18.13
C LEU A 2922 -38.24 -37.67 -19.17
N LEU A 2923 -38.54 -36.40 -19.41
CA LEU A 2923 -39.53 -36.09 -20.43
C LEU A 2923 -39.01 -36.43 -21.82
N LYS A 2924 -37.70 -36.30 -22.05
CA LYS A 2924 -37.15 -36.75 -23.33
C LYS A 2924 -37.24 -38.28 -23.46
N LEU A 2925 -37.02 -39.00 -22.36
CA LEU A 2925 -37.15 -40.45 -22.36
C LEU A 2925 -38.59 -40.86 -22.70
N VAL A 2926 -39.57 -40.17 -22.13
CA VAL A 2926 -40.94 -40.54 -22.45
C VAL A 2926 -41.36 -40.01 -23.82
N ASN A 2927 -40.68 -38.98 -24.33
CA ASN A 2927 -40.87 -38.58 -25.72
C ASN A 2927 -40.38 -39.67 -26.67
N ILE A 2928 -39.28 -40.32 -26.33
CA ILE A 2928 -38.83 -41.48 -27.08
C ILE A 2928 -39.83 -42.62 -26.93
N LEU A 2929 -40.37 -42.78 -25.72
CA LEU A 2929 -41.24 -43.92 -25.43
C LEU A 2929 -42.57 -43.83 -26.17
N VAL A 2930 -43.19 -42.65 -26.19
CA VAL A 2930 -44.49 -42.51 -26.82
C VAL A 2930 -44.41 -42.60 -28.34
N GLN A 2931 -43.23 -42.43 -28.93
CA GLN A 2931 -43.10 -42.56 -30.36
C GLN A 2931 -43.01 -44.02 -30.80
N LEU A 2932 -42.90 -44.95 -29.87
CA LEU A 2932 -42.77 -46.36 -30.22
C LEU A 2932 -44.13 -46.92 -30.62
N PRO A 2933 -44.32 -47.39 -31.84
CA PRO A 2933 -45.58 -48.05 -32.21
C PRO A 2933 -45.63 -49.46 -31.65
N LEU A 2934 -46.85 -49.91 -31.36
CA LEU A 2934 -47.07 -51.27 -30.87
C LEU A 2934 -47.88 -52.04 -31.90
N SER A 2935 -47.55 -53.32 -32.05
CA SER A 2935 -48.16 -54.14 -33.09
C SER A 2935 -48.42 -55.54 -32.55
N GLY A 2936 -49.67 -55.99 -32.66
CA GLY A 2936 -50.06 -57.30 -32.19
C GLY A 2936 -51.30 -57.26 -31.31
N ASN A 2937 -51.26 -58.02 -30.20
CA ASN A 2937 -52.38 -58.06 -29.26
C ASN A 2937 -52.29 -56.97 -28.20
N ARG A 2938 -51.49 -55.94 -28.42
CA ARG A 2938 -51.28 -54.85 -27.48
C ARG A 2938 -50.81 -55.37 -26.12
N GLU A 2939 -49.97 -56.40 -26.15
CA GLU A 2939 -49.45 -57.03 -24.94
C GLU A 2939 -48.20 -57.81 -25.31
N TYR A 2940 -47.10 -57.53 -24.61
CA TYR A 2940 -45.76 -57.98 -24.99
C TYR A 2940 -45.47 -57.59 -26.44
N SER A 2941 -45.87 -56.37 -26.82
CA SER A 2941 -45.90 -55.99 -28.23
C SER A 2941 -45.45 -54.54 -28.38
N ALA A 2942 -44.30 -54.34 -29.02
CA ALA A 2942 -44.01 -53.07 -29.66
C ALA A 2942 -43.63 -53.33 -31.11
N ARG A 2943 -42.60 -54.13 -31.33
CA ARG A 2943 -42.09 -54.52 -32.64
C ARG A 2943 -41.87 -53.31 -33.55
N VAL A 2944 -40.87 -52.52 -33.15
CA VAL A 2944 -40.40 -51.29 -33.82
C VAL A 2944 -41.52 -50.43 -34.38
N PRO A 2977 -51.11 -49.68 -37.84
CA PRO A 2977 -49.91 -49.32 -37.08
C PRO A 2977 -50.22 -48.40 -35.89
N ALA A 2978 -50.83 -48.96 -34.85
CA ALA A 2978 -51.17 -48.18 -33.68
C ALA A 2978 -49.92 -47.86 -32.87
N TYR A 2979 -50.00 -46.77 -32.09
CA TYR A 2979 -48.90 -46.35 -31.24
C TYR A 2979 -49.34 -46.36 -29.79
N VAL A 2980 -48.35 -46.29 -28.89
CA VAL A 2980 -48.63 -46.20 -27.46
C VAL A 2980 -49.14 -44.84 -27.03
N ALA A 2981 -49.11 -43.85 -27.93
CA ALA A 2981 -49.77 -42.59 -27.64
C ALA A 2981 -51.26 -42.79 -27.44
N ASP A 2982 -51.86 -43.74 -28.17
CA ASP A 2982 -53.26 -44.08 -27.93
C ASP A 2982 -53.45 -44.73 -26.56
N LEU A 2983 -52.47 -45.54 -26.13
CA LEU A 2983 -52.56 -46.18 -24.81
C LEU A 2983 -52.49 -45.15 -23.69
N VAL A 2984 -51.63 -44.14 -23.83
CA VAL A 2984 -51.56 -43.09 -22.82
C VAL A 2984 -52.72 -42.11 -22.99
N LEU A 2985 -53.37 -42.13 -24.15
CA LEU A 2985 -54.58 -41.35 -24.39
C LEU A 2985 -55.78 -41.95 -23.69
N ALA A 2986 -55.85 -43.28 -23.60
CA ALA A 2986 -56.96 -43.91 -22.90
C ALA A 2986 -56.91 -43.63 -21.40
N ASN A 2987 -55.72 -43.36 -20.86
CA ASN A 2987 -55.56 -43.05 -19.45
C ASN A 2987 -55.93 -41.60 -19.14
N GLN A 2988 -57.01 -41.41 -18.37
CA GLN A 2988 -57.49 -40.07 -18.03
C GLN A 2988 -56.55 -39.38 -17.05
N GLN A 2989 -55.91 -40.13 -16.17
CA GLN A 2989 -55.05 -39.53 -15.16
C GLN A 2989 -53.86 -38.86 -15.83
N ILE A 2990 -53.26 -39.53 -16.81
CA ILE A 2990 -52.09 -38.98 -17.49
C ILE A 2990 -52.45 -37.71 -18.27
N MET A 2991 -53.59 -37.71 -18.99
CA MET A 2991 -53.95 -36.50 -19.72
C MET A 2991 -54.23 -35.35 -18.78
N SER A 2992 -54.92 -35.61 -17.67
CA SER A 2992 -55.16 -34.54 -16.70
C SER A 2992 -53.86 -34.03 -16.10
N GLN A 2993 -52.93 -34.94 -15.81
CA GLN A 2993 -51.66 -34.54 -15.22
C GLN A 2993 -50.81 -33.70 -16.17
N ILE A 2994 -50.71 -34.11 -17.44
CA ILE A 2994 -49.86 -33.37 -18.37
C ILE A 2994 -50.49 -32.04 -18.78
N LEU A 2995 -51.82 -31.99 -18.95
CA LEU A 2995 -52.45 -30.71 -19.25
C LEU A 2995 -52.41 -29.77 -18.07
N SER A 2996 -52.54 -30.28 -16.84
CA SER A 2996 -52.41 -29.42 -15.67
C SER A 2996 -50.98 -28.92 -15.53
N ALA A 2997 -49.99 -29.78 -15.81
CA ALA A 2997 -48.59 -29.35 -15.76
C ALA A 2997 -48.28 -28.29 -16.80
N LEU A 2998 -48.91 -28.37 -17.97
CA LEU A 2998 -48.81 -27.28 -18.94
C LEU A 2998 -49.66 -26.07 -18.56
N GLY A 2999 -50.60 -26.23 -17.63
CA GLY A 2999 -51.44 -25.11 -17.25
C GLY A 2999 -50.75 -24.06 -16.41
N LEU A 3000 -49.80 -24.47 -15.57
CA LEU A 3000 -49.08 -23.51 -14.73
C LEU A 3000 -47.59 -23.46 -15.04
N CYS A 3001 -47.22 -23.39 -16.32
CA CYS A 3001 -45.85 -23.12 -16.72
C CYS A 3001 -45.79 -21.83 -17.53
N ASN A 3002 -44.74 -21.05 -17.31
CA ASN A 3002 -44.62 -19.76 -17.96
C ASN A 3002 -44.15 -19.94 -19.40
N SER A 3003 -44.34 -18.89 -20.20
CA SER A 3003 -43.91 -18.90 -21.59
C SER A 3003 -42.50 -18.31 -21.72
N SER A 3004 -42.04 -18.21 -22.96
CA SER A 3004 -40.72 -17.65 -23.24
C SER A 3004 -40.74 -16.13 -23.20
N ILE A 3030 -35.15 -26.53 -23.47
CA ILE A 3030 -34.21 -26.25 -22.41
C ILE A 3030 -34.96 -26.10 -21.09
N SER A 3031 -36.28 -26.01 -21.17
CA SER A 3031 -37.12 -25.82 -20.00
C SER A 3031 -38.16 -26.93 -19.93
N VAL A 3032 -38.85 -26.98 -18.79
CA VAL A 3032 -39.88 -28.00 -18.59
C VAL A 3032 -41.10 -27.75 -19.47
N GLY A 3033 -41.49 -26.48 -19.64
CA GLY A 3033 -42.60 -26.18 -20.53
C GLY A 3033 -42.31 -26.51 -21.98
N ASP A 3034 -41.07 -26.29 -22.42
CA ASP A 3034 -40.67 -26.69 -23.78
C ASP A 3034 -40.75 -28.20 -23.91
N GLY A 3035 -40.32 -28.92 -22.88
CA GLY A 3035 -40.40 -30.36 -22.89
C GLY A 3035 -41.82 -30.88 -22.96
N LEU A 3036 -42.71 -30.29 -22.16
CA LEU A 3036 -44.10 -30.70 -22.16
C LEU A 3036 -44.75 -30.40 -23.50
N PHE A 3037 -44.38 -29.27 -24.11
CA PHE A 3037 -44.88 -28.95 -25.44
C PHE A 3037 -44.41 -29.99 -26.46
N THR A 3038 -43.16 -30.42 -26.35
CA THR A 3038 -42.63 -31.41 -27.29
C THR A 3038 -43.28 -32.78 -27.10
N ILE A 3039 -43.48 -33.21 -25.85
CA ILE A 3039 -44.10 -34.52 -25.65
C ILE A 3039 -45.56 -34.51 -26.09
N LEU A 3040 -46.27 -33.39 -25.92
CA LEU A 3040 -47.64 -33.37 -26.42
C LEU A 3040 -47.69 -33.24 -27.93
N THR A 3041 -46.74 -32.53 -28.52
CA THR A 3041 -46.67 -32.42 -29.98
C THR A 3041 -46.42 -33.79 -30.61
N THR A 3042 -45.44 -34.53 -30.08
CA THR A 3042 -45.18 -35.86 -30.62
C THR A 3042 -46.30 -36.84 -30.31
N LEU A 3043 -47.05 -36.61 -29.22
CA LEU A 3043 -48.21 -37.45 -28.95
C LEU A 3043 -49.31 -37.19 -29.97
N SER A 3044 -49.49 -35.93 -30.35
CA SER A 3044 -50.45 -35.60 -31.41
C SER A 3044 -49.99 -36.13 -32.77
N LYS A 3045 -48.68 -36.07 -33.04
CA LYS A 3045 -48.17 -36.49 -34.34
C LYS A 3045 -48.28 -38.00 -34.52
N LYS A 3046 -47.95 -38.79 -33.50
CA LYS A 3046 -47.99 -40.24 -33.66
C LYS A 3046 -49.37 -40.82 -33.43
N ALA A 3047 -50.33 -40.00 -33.02
CA ALA A 3047 -51.71 -40.43 -32.84
C ALA A 3047 -52.42 -40.65 -34.18
N SER A 3048 -53.27 -41.67 -34.21
CA SER A 3048 -53.99 -42.06 -35.42
C SER A 3048 -55.19 -41.17 -35.72
N THR A 3049 -56.17 -41.14 -34.81
CA THR A 3049 -57.41 -40.38 -34.99
C THR A 3049 -57.45 -39.06 -34.23
N VAL A 3050 -58.01 -38.04 -34.90
CA VAL A 3050 -58.12 -36.69 -34.37
C VAL A 3050 -59.23 -36.58 -33.32
N HIS A 3051 -60.11 -37.57 -33.24
CA HIS A 3051 -61.19 -37.59 -32.26
C HIS A 3051 -60.61 -37.77 -30.86
N MET A 3052 -59.65 -38.69 -30.75
CA MET A 3052 -58.94 -38.93 -29.50
C MET A 3052 -58.07 -37.74 -29.13
N MET A 3053 -57.89 -36.79 -30.03
CA MET A 3053 -57.22 -35.53 -29.71
C MET A 3053 -58.19 -34.52 -29.14
N LEU A 3054 -59.40 -34.42 -29.70
CA LEU A 3054 -60.34 -33.47 -29.13
C LEU A 3054 -60.99 -33.94 -27.84
N GLN A 3055 -61.10 -35.24 -27.58
CA GLN A 3055 -61.78 -35.65 -26.34
C GLN A 3055 -61.05 -35.22 -25.06
N PRO A 3056 -59.74 -35.49 -24.87
CA PRO A 3056 -59.08 -35.02 -23.64
C PRO A 3056 -58.99 -33.52 -23.49
N ILE A 3057 -58.86 -32.78 -24.59
CA ILE A 3057 -58.79 -31.32 -24.51
C ILE A 3057 -60.09 -30.76 -23.96
N LEU A 3058 -61.24 -31.19 -24.51
CA LEU A 3058 -62.50 -30.62 -24.04
C LEU A 3058 -62.87 -31.14 -22.66
N THR A 3059 -62.47 -32.37 -22.31
CA THR A 3059 -62.71 -32.79 -20.93
C THR A 3059 -61.83 -32.06 -19.92
N TYR A 3060 -60.60 -31.69 -20.29
CA TYR A 3060 -59.79 -30.88 -19.38
C TYR A 3060 -60.31 -29.46 -19.26
N MET A 3061 -60.71 -28.83 -20.37
CA MET A 3061 -61.24 -27.47 -20.28
C MET A 3061 -62.56 -27.44 -19.52
N ALA A 3062 -63.39 -28.48 -19.68
CA ALA A 3062 -64.66 -28.49 -18.97
C ALA A 3062 -64.47 -28.81 -17.50
N CYS A 3063 -63.57 -29.74 -17.17
CA CYS A 3063 -63.40 -30.19 -15.80
C CYS A 3063 -62.59 -29.22 -14.96
N GLY A 3064 -61.90 -28.28 -15.58
CA GLY A 3064 -61.07 -27.33 -14.86
C GLY A 3064 -61.88 -26.31 -14.06
N THR A 3074 -62.08 -19.85 -13.32
CA THR A 3074 -62.51 -21.24 -13.38
C THR A 3074 -61.43 -22.13 -14.00
N CYS A 3075 -61.53 -22.38 -15.29
CA CYS A 3075 -60.57 -23.22 -15.98
C CYS A 3075 -59.22 -22.53 -16.14
N GLN A 3076 -58.17 -23.34 -16.13
CA GLN A 3076 -56.78 -22.89 -16.26
C GLN A 3076 -56.37 -22.94 -17.73
N LEU A 3077 -55.95 -21.80 -18.28
CA LEU A 3077 -55.63 -21.69 -19.70
C LEU A 3077 -54.35 -20.87 -19.82
N SER A 3078 -53.26 -21.52 -20.24
CA SER A 3078 -51.93 -20.93 -20.31
C SER A 3078 -51.50 -20.74 -21.77
N GLU A 3079 -50.29 -20.17 -21.93
CA GLU A 3079 -49.77 -19.92 -23.27
C GLU A 3079 -49.48 -21.21 -24.04
N PRO A 3080 -48.81 -22.22 -23.47
CA PRO A 3080 -48.67 -23.48 -24.23
C PRO A 3080 -49.99 -24.16 -24.49
N LEU A 3081 -50.94 -24.05 -23.56
CA LEU A 3081 -52.27 -24.62 -23.81
C LEU A 3081 -53.00 -23.89 -24.92
N LEU A 3082 -52.90 -22.56 -24.97
CA LEU A 3082 -53.52 -21.83 -26.09
C LEU A 3082 -52.87 -22.24 -27.42
N TRP A 3083 -51.54 -22.34 -27.46
CA TRP A 3083 -50.90 -22.72 -28.72
C TRP A 3083 -51.27 -24.15 -29.12
N PHE A 3084 -51.35 -25.07 -28.16
CA PHE A 3084 -51.76 -26.43 -28.48
C PHE A 3084 -53.20 -26.49 -28.95
N ILE A 3085 -54.11 -25.70 -28.35
CA ILE A 3085 -55.49 -25.76 -28.81
C ILE A 3085 -55.59 -25.20 -30.22
N LEU A 3086 -54.83 -24.13 -30.52
CA LEU A 3086 -54.79 -23.62 -31.88
C LEU A 3086 -54.18 -24.62 -32.86
N ARG A 3087 -53.19 -25.40 -32.41
CA ARG A 3087 -52.54 -26.37 -33.30
C ARG A 3087 -53.38 -27.62 -33.54
N VAL A 3088 -54.11 -28.09 -32.53
CA VAL A 3088 -54.93 -29.27 -32.69
C VAL A 3088 -56.22 -28.96 -33.44
N LEU A 3089 -56.61 -27.69 -33.51
CA LEU A 3089 -57.75 -27.26 -34.30
C LEU A 3089 -57.31 -26.70 -35.64
N ASP A 3090 -56.32 -27.32 -36.27
CA ASP A 3090 -55.78 -26.83 -37.52
C ASP A 3090 -56.59 -27.31 -38.72
N THR A 3091 -57.13 -28.53 -38.66
CA THR A 3091 -57.81 -29.11 -39.79
C THR A 3091 -59.31 -28.81 -39.77
N SER A 3092 -59.95 -29.00 -40.92
CA SER A 3092 -61.38 -28.76 -41.03
C SER A 3092 -62.18 -29.80 -40.26
N ASP A 3093 -61.74 -31.07 -40.32
CA ASP A 3093 -62.41 -32.12 -39.57
C ASP A 3093 -62.29 -31.90 -38.07
N ALA A 3094 -61.20 -31.29 -37.62
CA ALA A 3094 -61.08 -30.96 -36.20
C ALA A 3094 -62.16 -29.97 -35.77
N LEU A 3095 -62.40 -28.93 -36.58
CA LEU A 3095 -63.46 -27.98 -36.24
C LEU A 3095 -64.83 -28.62 -36.31
N LYS A 3096 -65.04 -29.49 -37.30
CA LYS A 3096 -66.34 -30.16 -37.43
C LYS A 3096 -66.60 -31.07 -36.23
N ALA A 3097 -65.61 -31.85 -35.81
CA ALA A 3097 -65.76 -32.71 -34.64
C ALA A 3097 -65.90 -31.90 -33.36
N PHE A 3098 -65.22 -30.75 -33.27
CA PHE A 3098 -65.37 -29.91 -32.09
C PHE A 3098 -66.78 -29.34 -31.98
N HIS A 3099 -67.37 -28.95 -33.11
CA HIS A 3099 -68.74 -28.45 -33.09
C HIS A 3099 -69.73 -29.58 -32.86
N ASP A 3100 -69.44 -30.79 -33.34
CA ASP A 3100 -70.41 -31.86 -33.32
C ASP A 3100 -70.75 -32.31 -31.89
N MET A 3101 -69.77 -32.32 -30.99
CA MET A 3101 -70.02 -32.75 -29.62
C MET A 3101 -70.11 -31.59 -28.64
N GLY A 3102 -70.57 -30.42 -29.10
CA GLY A 3102 -70.83 -29.31 -28.21
C GLY A 3102 -69.61 -28.68 -27.59
N GLY A 3103 -68.79 -28.01 -28.39
CA GLY A 3103 -67.60 -27.38 -27.88
C GLY A 3103 -67.68 -25.86 -27.80
N VAL A 3104 -68.32 -25.25 -28.82
CA VAL A 3104 -68.37 -23.80 -28.91
C VAL A 3104 -69.29 -23.20 -27.84
N GLN A 3105 -70.43 -23.85 -27.57
CA GLN A 3105 -71.35 -23.36 -26.55
C GLN A 3105 -70.70 -23.39 -25.16
N LEU A 3106 -69.93 -24.44 -24.89
CA LEU A 3106 -69.20 -24.52 -23.62
C LEU A 3106 -68.16 -23.41 -23.54
N ILE A 3107 -67.52 -23.10 -24.68
CA ILE A 3107 -66.57 -22.00 -24.75
C ILE A 3107 -67.28 -20.68 -24.41
N CYS A 3108 -68.46 -20.46 -24.98
CA CYS A 3108 -69.20 -19.22 -24.75
C CYS A 3108 -69.59 -19.11 -23.28
N ASN A 3109 -70.00 -20.23 -22.69
CA ASN A 3109 -70.32 -20.22 -21.27
C ASN A 3109 -69.09 -19.90 -20.45
N ASN A 3110 -67.93 -20.41 -20.87
CA ASN A 3110 -66.70 -20.09 -20.16
C ASN A 3110 -66.34 -18.60 -20.25
N MET A 3111 -66.57 -17.96 -21.41
CA MET A 3111 -66.26 -16.51 -21.43
C MET A 3111 -67.23 -15.76 -20.54
N VAL A 3112 -68.51 -16.13 -20.55
CA VAL A 3112 -69.46 -15.43 -19.69
C VAL A 3112 -69.11 -15.63 -18.22
N THR A 3113 -68.78 -16.86 -17.82
CA THR A 3113 -68.44 -17.12 -16.43
C THR A 3113 -67.13 -16.44 -16.02
N SER A 3114 -66.14 -16.40 -16.92
CA SER A 3114 -64.87 -15.74 -16.59
C SER A 3114 -65.00 -14.22 -16.56
N THR A 3115 -65.78 -13.65 -17.47
CA THR A 3115 -66.01 -12.20 -17.45
C THR A 3115 -66.79 -11.78 -16.21
N ARG A 3116 -67.76 -12.59 -15.79
CA ARG A 3116 -68.45 -12.31 -14.54
C ARG A 3116 -67.56 -12.60 -13.35
N ALA A 3117 -66.55 -13.44 -13.55
CA ALA A 3117 -65.66 -13.85 -12.48
C ALA A 3117 -64.56 -12.83 -12.19
N ILE A 3118 -63.67 -12.58 -13.14
CA ILE A 3118 -62.46 -11.80 -12.87
C ILE A 3118 -62.62 -10.31 -13.18
N VAL A 3119 -62.26 -9.48 -12.19
CA VAL A 3119 -62.23 -8.03 -12.33
C VAL A 3119 -60.93 -7.62 -13.01
N ASN A 3120 -60.93 -6.45 -13.65
CA ASN A 3120 -59.75 -6.00 -14.35
C ASN A 3120 -58.67 -5.61 -13.35
N THR A 3121 -57.44 -6.05 -13.62
CA THR A 3121 -56.29 -5.76 -12.76
C THR A 3121 -55.44 -4.61 -13.29
N ALA A 3122 -55.77 -4.09 -14.46
CA ALA A 3122 -55.00 -3.01 -15.06
C ALA A 3122 -55.11 -1.72 -14.25
N ARG A 3123 -54.08 -0.89 -14.36
CA ARG A 3123 -54.09 0.42 -13.71
C ARG A 3123 -55.04 1.34 -14.48
N SER A 3124 -56.00 1.92 -13.78
CA SER A 3124 -56.94 2.80 -14.46
C SER A 3124 -56.49 4.26 -14.30
N MET A 3125 -57.39 5.18 -14.68
CA MET A 3125 -57.08 6.60 -14.64
C MET A 3125 -56.96 7.14 -13.22
N VAL A 3126 -57.63 6.51 -12.25
CA VAL A 3126 -57.59 7.00 -10.87
C VAL A 3126 -56.19 6.91 -10.31
N SER A 3127 -55.50 5.80 -10.56
CA SER A 3127 -54.13 5.64 -10.09
C SER A 3127 -53.19 6.64 -10.77
N THR A 3128 -53.45 6.96 -12.04
CA THR A 3128 -52.64 7.96 -12.73
C THR A 3128 -52.84 9.35 -12.16
N ILE A 3129 -54.10 9.74 -11.91
CA ILE A 3129 -54.39 11.10 -11.47
C ILE A 3129 -54.28 11.27 -9.95
N MET A 3130 -53.98 10.19 -9.21
CA MET A 3130 -53.64 10.29 -7.80
C MET A 3130 -52.18 9.97 -7.51
N LYS A 3131 -51.48 9.31 -8.44
CA LYS A 3131 -50.10 8.91 -8.20
C LYS A 3131 -49.21 10.12 -7.99
N PHE A 3132 -49.37 11.15 -8.81
CA PHE A 3132 -48.56 12.35 -8.76
C PHE A 3132 -49.09 13.46 -7.85
N LEU A 3133 -50.32 13.35 -7.34
CA LEU A 3133 -50.81 14.42 -6.48
C LEU A 3133 -50.07 14.47 -5.14
N ASP A 3134 -49.54 13.33 -4.70
CA ASP A 3134 -48.75 13.30 -3.48
C ASP A 3134 -47.28 13.56 -3.76
N GLY A 3159 -38.33 -1.00 -14.10
CA GLY A 3159 -38.18 0.05 -13.11
C GLY A 3159 -38.51 -0.39 -11.70
N ILE A 3160 -37.62 -1.17 -11.11
CA ILE A 3160 -37.79 -1.70 -9.75
C ILE A 3160 -36.91 -0.88 -8.82
N HIS A 3161 -37.51 -0.33 -7.77
CA HIS A 3161 -36.82 0.59 -6.88
C HIS A 3161 -36.49 -0.07 -5.55
N ASN A 3162 -35.42 0.42 -4.91
CA ASN A 3162 -35.00 -0.05 -3.61
C ASN A 3162 -35.87 0.57 -2.52
N PHE A 3163 -36.06 -0.20 -1.44
CA PHE A 3163 -36.85 0.27 -0.31
C PHE A 3163 -36.13 0.12 1.02
N ALA A 3164 -34.89 -0.36 1.02
CA ALA A 3164 -34.12 -0.48 2.26
C ALA A 3164 -33.82 0.86 2.95
N PRO A 3165 -33.43 1.94 2.26
CA PRO A 3165 -33.19 3.20 3.00
C PRO A 3165 -34.41 3.76 3.69
N LEU A 3166 -35.62 3.45 3.21
CA LEU A 3166 -36.82 3.99 3.84
C LEU A 3166 -37.09 3.33 5.19
N GLY A 3167 -36.83 2.03 5.31
CA GLY A 3167 -37.10 1.31 6.53
C GLY A 3167 -35.98 1.41 7.55
N THR A 3168 -36.24 0.86 8.73
CA THR A 3168 -35.28 0.77 9.82
C THR A 3168 -34.92 -0.68 10.06
N ILE A 3169 -33.86 -0.90 10.85
CA ILE A 3169 -33.34 -2.23 11.11
C ILE A 3169 -33.20 -2.43 12.62
N THR A 3170 -33.25 -3.70 13.02
CA THR A 3170 -33.06 -4.07 14.41
C THR A 3170 -32.64 -5.53 14.47
N SER A 3171 -32.22 -5.95 15.66
CA SER A 3171 -31.85 -7.35 15.90
C SER A 3171 -32.31 -7.76 17.28
N SER A 3172 -32.54 -9.05 17.45
CA SER A 3172 -33.01 -9.57 18.74
C SER A 3172 -31.91 -9.62 19.79
N SER A 3173 -30.64 -9.57 19.37
CA SER A 3173 -29.53 -9.61 20.29
C SER A 3173 -28.74 -8.31 20.25
N PRO A 3174 -28.21 -7.85 21.38
CA PRO A 3174 -27.43 -6.61 21.39
C PRO A 3174 -26.09 -6.77 20.69
N THR A 3175 -25.97 -6.20 19.49
CA THR A 3175 -24.73 -6.28 18.73
C THR A 3175 -23.78 -5.17 19.15
N ALA A 3176 -22.52 -5.30 18.74
CA ALA A 3176 -21.53 -4.28 19.05
C ALA A 3176 -21.72 -3.00 18.23
N GLN A 3177 -22.37 -3.10 17.08
CA GLN A 3177 -22.66 -1.94 16.25
C GLN A 3177 -24.03 -2.12 15.60
N PRO A 3178 -24.76 -1.03 15.35
CA PRO A 3178 -26.04 -1.16 14.66
C PRO A 3178 -25.85 -1.42 13.17
N ALA A 3179 -26.87 -2.04 12.58
CA ALA A 3179 -26.81 -2.51 11.21
C ALA A 3179 -27.40 -1.53 10.20
N GLU A 3180 -27.68 -0.29 10.62
CA GLU A 3180 -28.26 0.69 9.71
C GLU A 3180 -27.34 1.03 8.55
N VAL A 3181 -26.03 0.82 8.69
CA VAL A 3181 -25.10 1.02 7.59
C VAL A 3181 -25.43 0.09 6.43
N LEU A 3182 -26.02 -1.07 6.71
CA LEU A 3182 -26.45 -1.98 5.66
C LEU A 3182 -27.62 -1.42 4.86
N LEU A 3183 -28.36 -0.47 5.41
CA LEU A 3183 -29.59 0.02 4.80
C LEU A 3183 -29.36 1.14 3.81
N GLN A 3184 -28.10 1.53 3.58
CA GLN A 3184 -27.81 2.62 2.66
C GLN A 3184 -28.13 2.19 1.22
N ALA A 3185 -28.44 3.18 0.38
CA ALA A 3185 -28.77 2.90 -1.01
C ALA A 3185 -27.58 2.32 -1.75
N THR A 3186 -26.41 2.94 -1.60
CA THR A 3186 -25.17 2.40 -2.15
C THR A 3186 -24.05 2.90 -1.25
N PRO A 3187 -23.51 2.05 -0.38
CA PRO A 3187 -22.32 2.41 0.39
C PRO A 3187 -21.07 2.28 -0.47
N PRO A 3188 -19.99 2.99 -0.11
CA PRO A 3188 -18.76 2.89 -0.90
C PRO A 3188 -18.10 1.52 -0.82
N HIS A 3189 -18.13 0.77 -1.91
CA HIS A 3189 -17.49 -0.54 -1.99
C HIS A 3189 -16.32 -0.43 -2.98
N ARG A 3190 -15.19 0.03 -2.47
CA ARG A 3190 -13.98 0.14 -3.26
C ARG A 3190 -12.77 -0.54 -2.61
N ARG A 3191 -12.67 -0.46 -1.29
CA ARG A 3191 -11.55 -1.07 -0.55
C ARG A 3191 -11.98 -2.21 0.35
N ALA A 3192 -13.11 -2.07 1.06
CA ALA A 3192 -13.63 -3.08 1.98
C ALA A 3192 -12.58 -3.42 3.05
N ARG A 3193 -12.33 -2.44 3.90
CA ARG A 3193 -11.29 -2.52 4.92
C ARG A 3193 -11.49 -3.70 5.87
N SER A 3194 -12.55 -3.64 6.68
CA SER A 3194 -12.89 -4.75 7.57
C SER A 3194 -14.24 -5.36 7.22
N ALA A 3195 -15.31 -4.56 7.29
CA ALA A 3195 -16.68 -4.90 6.93
C ALA A 3195 -17.52 -3.64 7.12
N ALA A 3196 -18.65 -3.59 6.41
CA ALA A 3196 -19.60 -2.52 6.70
C ALA A 3196 -20.36 -2.82 7.99
N TRP A 3197 -20.77 -4.07 8.19
CA TRP A 3197 -21.38 -4.49 9.44
C TRP A 3197 -20.81 -5.85 9.84
N SER A 3198 -20.60 -6.05 11.13
CA SER A 3198 -20.04 -7.28 11.65
C SER A 3198 -20.88 -7.78 12.83
N TYR A 3199 -20.93 -9.11 12.96
CA TYR A 3199 -21.67 -9.75 14.04
C TYR A 3199 -20.80 -10.82 14.69
N ILE A 3200 -20.84 -10.87 16.02
CA ILE A 3200 -20.09 -11.83 16.82
C ILE A 3200 -21.02 -12.87 17.41
N PHE A 3201 -20.64 -14.14 17.29
CA PHE A 3201 -21.49 -15.28 17.67
C PHE A 3201 -21.11 -15.82 19.03
N LEU A 3202 -22.11 -16.01 19.87
CA LEU A 3202 -21.94 -16.75 21.11
C LEU A 3202 -21.86 -18.24 20.78
N PRO A 3203 -21.18 -19.03 21.61
CA PRO A 3203 -21.07 -20.47 21.31
C PRO A 3203 -22.41 -21.19 21.29
N GLU A 3204 -23.37 -20.76 22.10
CA GLU A 3204 -24.65 -21.45 22.15
C GLU A 3204 -25.54 -21.14 20.95
N GLU A 3205 -25.48 -19.91 20.43
CA GLU A 3205 -26.35 -19.50 19.34
C GLU A 3205 -25.69 -19.74 17.99
N ALA A 3206 -26.54 -19.91 16.98
CA ALA A 3206 -26.08 -20.19 15.62
C ALA A 3206 -26.78 -19.29 14.62
N TRP A 3207 -27.98 -18.82 14.96
CA TRP A 3207 -28.78 -17.94 14.11
C TRP A 3207 -28.87 -16.56 14.71
N CYS A 3208 -28.73 -15.54 13.87
CA CYS A 3208 -28.99 -14.16 14.27
C CYS A 3208 -29.96 -13.53 13.28
N ASP A 3209 -30.93 -12.79 13.79
CA ASP A 3209 -32.02 -12.25 12.98
C ASP A 3209 -31.87 -10.74 12.80
N LEU A 3210 -31.92 -10.29 11.56
CA LEU A 3210 -32.00 -8.87 11.23
C LEU A 3210 -33.41 -8.58 10.74
N THR A 3211 -34.17 -7.85 11.56
CA THR A 3211 -35.54 -7.49 11.23
C THR A 3211 -35.56 -6.08 10.67
N ILE A 3212 -36.06 -5.93 9.45
CA ILE A 3212 -36.14 -4.65 8.77
C ILE A 3212 -37.61 -4.28 8.67
N HIS A 3213 -37.97 -3.17 9.29
CA HIS A 3213 -39.34 -2.67 9.31
C HIS A 3213 -39.47 -1.51 8.35
N LEU A 3214 -40.31 -1.67 7.36
CA LEU A 3214 -40.57 -0.62 6.40
C LEU A 3214 -41.71 0.28 6.89
N PRO A 3215 -41.72 1.56 6.51
CA PRO A 3215 -42.84 2.42 6.93
C PRO A 3215 -44.17 1.96 6.37
N ALA A 3216 -44.17 1.30 5.21
CA ALA A 3216 -45.39 0.77 4.63
C ALA A 3216 -45.06 -0.55 3.94
N ALA A 3217 -46.09 -1.39 3.79
CA ALA A 3217 -45.94 -2.64 3.08
C ALA A 3217 -45.72 -2.38 1.59
N VAL A 3218 -44.78 -3.10 1.01
CA VAL A 3218 -44.44 -2.96 -0.40
C VAL A 3218 -44.56 -4.33 -1.05
N LEU A 3219 -44.73 -4.32 -2.37
CA LEU A 3219 -44.75 -5.57 -3.14
C LEU A 3219 -43.31 -6.00 -3.36
N LEU A 3220 -42.78 -6.72 -2.37
CA LEU A 3220 -41.43 -7.25 -2.41
C LEU A 3220 -41.29 -8.32 -3.49
N LYS A 3221 -40.16 -8.30 -4.20
CA LYS A 3221 -39.96 -9.22 -5.31
C LYS A 3221 -38.66 -10.02 -5.18
N GLU A 3222 -37.63 -9.41 -4.59
CA GLU A 3222 -36.33 -10.07 -4.57
C GLU A 3222 -35.44 -9.40 -3.52
N ILE A 3223 -34.70 -10.24 -2.78
CA ILE A 3223 -33.78 -9.77 -1.75
C ILE A 3223 -32.36 -9.86 -2.29
N HIS A 3224 -31.57 -8.83 -2.02
CA HIS A 3224 -30.15 -8.80 -2.36
C HIS A 3224 -29.32 -8.69 -1.10
N ILE A 3225 -28.43 -9.64 -0.89
CA ILE A 3225 -27.52 -9.64 0.25
C ILE A 3225 -26.09 -9.70 -0.25
N GLN A 3226 -25.31 -8.67 0.09
CA GLN A 3226 -23.91 -8.61 -0.28
C GLN A 3226 -23.06 -8.84 0.97
N PRO A 3227 -22.31 -9.93 1.04
CA PRO A 3227 -21.40 -10.16 2.17
C PRO A 3227 -20.13 -9.32 1.99
N HIS A 3228 -19.19 -9.52 2.90
CA HIS A 3228 -17.92 -8.82 2.81
C HIS A 3228 -17.14 -9.35 1.61
N LEU A 3229 -16.71 -8.42 0.74
CA LEU A 3229 -16.05 -8.80 -0.51
C LEU A 3229 -14.55 -9.02 -0.35
N ALA A 3230 -13.91 -8.37 0.61
CA ALA A 3230 -12.48 -8.59 0.80
C ALA A 3230 -12.21 -9.94 1.45
N SER A 3231 -13.03 -10.32 2.44
CA SER A 3231 -12.88 -11.60 3.13
C SER A 3231 -14.28 -12.16 3.35
N LEU A 3232 -14.73 -13.00 2.43
CA LEU A 3232 -16.06 -13.60 2.49
C LEU A 3232 -16.05 -14.92 3.28
N ALA A 3233 -14.98 -15.17 4.03
CA ALA A 3233 -15.02 -16.23 5.04
C ALA A 3233 -16.09 -15.95 6.09
N THR A 3234 -16.40 -14.67 6.31
CA THR A 3234 -17.41 -14.26 7.25
C THR A 3234 -18.80 -14.21 6.63
N CYS A 3235 -18.92 -14.63 5.37
CA CYS A 3235 -20.23 -14.73 4.75
C CYS A 3235 -21.06 -15.81 5.45
N PRO A 3236 -22.36 -15.59 5.63
CA PRO A 3236 -23.18 -16.57 6.35
C PRO A 3236 -23.26 -17.88 5.59
N SER A 3237 -23.24 -18.98 6.34
CA SER A 3237 -23.36 -20.29 5.72
C SER A 3237 -24.72 -20.43 5.05
N SER A 3238 -25.77 -20.00 5.75
CA SER A 3238 -27.10 -20.05 5.17
C SER A 3238 -27.93 -18.89 5.71
N VAL A 3239 -28.89 -18.45 4.90
CA VAL A 3239 -29.73 -17.32 5.22
C VAL A 3239 -31.18 -17.69 4.91
N SER A 3240 -32.09 -17.38 5.82
CA SER A 3240 -33.51 -17.57 5.61
C SER A 3240 -34.21 -16.22 5.56
N VAL A 3241 -35.03 -16.02 4.53
CA VAL A 3241 -35.76 -14.78 4.37
C VAL A 3241 -37.18 -15.06 4.84
N GLU A 3242 -37.70 -14.19 5.70
CA GLU A 3242 -39.04 -14.28 6.21
C GLU A 3242 -39.78 -12.96 6.00
N VAL A 3243 -41.04 -13.01 5.57
CA VAL A 3243 -41.80 -11.79 5.30
C VAL A 3243 -43.07 -11.74 6.16
N SER A 3244 -43.49 -10.51 6.48
CA SER A 3244 -44.71 -10.29 7.24
C SER A 3244 -45.37 -9.03 6.70
N ALA A 3245 -46.64 -9.15 6.30
CA ALA A 3245 -47.38 -8.02 5.75
C ALA A 3245 -47.85 -7.04 6.82
N ASP A 3246 -48.35 -7.53 7.95
CA ASP A 3246 -48.82 -6.63 9.00
C ASP A 3246 -47.71 -6.10 9.90
N GLY A 3247 -46.52 -6.69 9.87
CA GLY A 3247 -45.40 -6.20 10.65
C GLY A 3247 -45.33 -6.78 12.04
N VAL A 3248 -46.33 -7.56 12.45
CA VAL A 3248 -46.39 -8.14 13.79
C VAL A 3248 -46.40 -9.67 13.74
N ASN A 3249 -47.11 -10.24 12.77
CA ASN A 3249 -47.29 -11.69 12.69
C ASN A 3249 -46.03 -12.12 11.96
N MET A 3250 -45.02 -12.51 12.72
CA MET A 3250 -43.74 -12.86 12.13
C MET A 3250 -43.96 -14.17 11.36
N LEU A 3251 -43.47 -14.26 10.11
CA LEU A 3251 -43.80 -15.46 9.32
C LEU A 3251 -42.80 -15.86 8.23
N PRO A 3252 -42.29 -17.10 8.24
CA PRO A 3252 -41.24 -17.47 7.29
C PRO A 3252 -41.71 -17.63 5.85
N LEU A 3253 -40.78 -17.41 4.91
CA LEU A 3253 -41.03 -17.52 3.47
C LEU A 3253 -40.70 -18.90 2.92
N SER A 3254 -39.49 -19.39 3.17
CA SER A 3254 -39.10 -20.71 2.68
C SER A 3254 -37.96 -21.25 3.53
N THR A 3255 -37.35 -22.34 3.05
CA THR A 3255 -36.20 -22.94 3.72
C THR A 3255 -34.99 -22.02 3.64
N PRO A 3256 -34.14 -22.02 4.67
CA PRO A 3256 -32.94 -21.16 4.64
C PRO A 3256 -32.02 -21.61 3.52
N VAL A 3257 -31.66 -20.68 2.65
CA VAL A 3257 -30.82 -21.01 1.49
C VAL A 3257 -29.36 -20.93 1.89
N VAL A 3258 -28.56 -21.87 1.39
CA VAL A 3258 -27.14 -21.90 1.70
C VAL A 3258 -26.42 -20.93 0.78
N THR A 3259 -25.69 -19.98 1.37
CA THR A 3259 -24.96 -18.96 0.61
C THR A 3259 -23.46 -18.99 0.88
N SER A 3260 -22.95 -20.06 1.48
CA SER A 3260 -21.53 -20.14 1.74
C SER A 3260 -20.78 -20.29 0.41
N GLY A 3261 -19.79 -19.44 0.18
CA GLY A 3261 -19.11 -19.41 -1.09
C GLY A 3261 -19.77 -18.54 -2.15
N LEU A 3262 -20.85 -17.83 -1.81
CA LEU A 3262 -21.53 -16.96 -2.76
C LEU A 3262 -21.09 -15.51 -2.54
N THR A 3263 -20.64 -14.87 -3.61
CA THR A 3263 -20.27 -13.46 -3.52
C THR A 3263 -21.51 -12.57 -3.46
N TYR A 3264 -22.55 -12.92 -4.19
CA TYR A 3264 -23.77 -12.12 -4.27
C TYR A 3264 -24.97 -13.03 -4.01
N ILE A 3265 -25.87 -12.61 -3.12
CA ILE A 3265 -27.03 -13.41 -2.76
C ILE A 3265 -28.26 -12.74 -3.38
N LYS A 3266 -28.91 -13.45 -4.31
CA LYS A 3266 -30.11 -12.96 -4.99
C LYS A 3266 -31.23 -13.96 -4.73
N ILE A 3267 -32.16 -13.61 -3.85
CA ILE A 3267 -33.32 -14.45 -3.54
C ILE A 3267 -34.51 -13.84 -4.28
N GLN A 3268 -34.79 -14.33 -5.47
CA GLN A 3268 -35.96 -13.91 -6.22
C GLN A 3268 -37.20 -14.66 -5.74
N LEU A 3269 -38.36 -14.04 -5.90
CA LEU A 3269 -39.65 -14.64 -5.56
C LEU A 3269 -40.47 -14.84 -6.83
N VAL A 3270 -40.92 -16.07 -7.07
CA VAL A 3270 -41.81 -16.30 -8.21
C VAL A 3270 -43.14 -15.58 -8.00
N LYS A 3271 -43.60 -15.50 -6.76
CA LYS A 3271 -44.78 -14.75 -6.38
C LYS A 3271 -44.35 -13.52 -5.58
N ALA A 3272 -44.61 -12.33 -6.12
CA ALA A 3272 -44.31 -11.10 -5.39
C ALA A 3272 -45.23 -10.98 -4.19
N GLU A 3273 -44.66 -10.66 -3.02
CA GLU A 3273 -45.40 -10.70 -1.77
C GLU A 3273 -45.52 -9.30 -1.18
N VAL A 3274 -46.74 -8.94 -0.75
CA VAL A 3274 -46.95 -7.69 -0.03
C VAL A 3274 -46.42 -7.86 1.39
N ALA A 3275 -45.29 -7.23 1.69
CA ALA A 3275 -44.63 -7.39 2.98
C ALA A 3275 -44.24 -6.03 3.54
N SER A 3276 -44.38 -5.87 4.86
CA SER A 3276 -43.93 -4.67 5.54
C SER A 3276 -42.74 -4.90 6.46
N ALA A 3277 -42.52 -6.13 6.91
CA ALA A 3277 -41.36 -6.47 7.74
C ALA A 3277 -40.66 -7.67 7.13
N VAL A 3278 -39.33 -7.61 7.09
CA VAL A 3278 -38.53 -8.66 6.47
C VAL A 3278 -37.46 -9.07 7.47
N CYS A 3279 -37.46 -10.34 7.86
CA CYS A 3279 -36.47 -10.89 8.77
C CYS A 3279 -35.47 -11.75 8.00
N LEU A 3280 -34.20 -11.37 8.05
CA LEU A 3280 -33.11 -12.18 7.51
C LEU A 3280 -32.44 -12.90 8.66
N ARG A 3281 -32.67 -14.21 8.77
CA ARG A 3281 -32.05 -15.02 9.81
C ARG A 3281 -30.81 -15.66 9.20
N LEU A 3282 -29.65 -15.19 9.63
CA LEU A 3282 -28.37 -15.66 9.12
C LEU A 3282 -27.79 -16.73 10.04
N HIS A 3283 -27.27 -17.78 9.43
CA HIS A 3283 -26.68 -18.90 10.16
C HIS A 3283 -25.20 -18.63 10.37
N ARG A 3284 -24.64 -19.32 11.36
CA ARG A 3284 -23.21 -19.23 11.61
C ARG A 3284 -22.44 -19.80 10.43
N PRO A 3285 -21.35 -19.16 10.01
CA PRO A 3285 -20.56 -19.70 8.90
C PRO A 3285 -19.90 -21.02 9.29
N ARG A 3286 -19.36 -21.70 8.27
CA ARG A 3286 -18.90 -23.08 8.46
C ARG A 3286 -17.68 -23.13 9.36
N ASP A 3287 -16.76 -22.17 9.23
CA ASP A 3287 -15.58 -22.16 10.08
C ASP A 3287 -15.20 -20.75 10.52
N ALA A 3288 -16.19 -19.86 10.66
CA ALA A 3288 -15.94 -18.51 11.14
C ALA A 3288 -16.98 -18.14 12.18
N SER A 3289 -16.53 -17.45 13.23
CA SER A 3289 -17.40 -16.98 14.29
C SER A 3289 -17.89 -15.56 14.09
N THR A 3290 -17.50 -14.89 13.00
CA THR A 3290 -17.90 -13.52 12.73
C THR A 3290 -18.63 -13.44 11.40
N LEU A 3291 -19.56 -12.50 11.31
CA LEU A 3291 -20.27 -12.18 10.08
C LEU A 3291 -19.87 -10.79 9.60
N GLY A 3292 -19.59 -10.69 8.29
CA GLY A 3292 -19.30 -9.40 7.69
C GLY A 3292 -20.19 -9.19 6.49
N LEU A 3293 -20.91 -8.07 6.47
CA LEU A 3293 -21.85 -7.75 5.41
C LEU A 3293 -21.59 -6.33 4.91
N SER A 3294 -21.96 -6.08 3.66
CA SER A 3294 -21.77 -4.78 3.03
C SER A 3294 -23.07 -3.99 2.86
N GLN A 3295 -24.06 -4.56 2.18
CA GLN A 3295 -25.27 -3.80 1.83
C GLN A 3295 -26.44 -4.74 1.62
N ILE A 3296 -27.60 -4.37 2.16
CA ILE A 3296 -28.84 -5.10 1.98
C ILE A 3296 -29.79 -4.28 1.13
N LYS A 3297 -30.29 -4.86 0.05
CA LYS A 3297 -31.27 -4.22 -0.82
C LYS A 3297 -32.63 -4.90 -0.68
N LEU A 3298 -33.69 -4.10 -0.80
CA LEU A 3298 -35.07 -4.60 -0.72
C LEU A 3298 -35.83 -4.19 -1.97
N LEU A 3299 -35.76 -5.01 -3.02
CA LEU A 3299 -36.32 -4.64 -4.31
C LEU A 3299 -37.79 -5.04 -4.43
N GLY A 3300 -38.56 -4.18 -5.09
CA GLY A 3300 -39.96 -4.46 -5.33
C GLY A 3300 -40.65 -3.22 -5.86
N LEU A 3301 -41.98 -3.26 -5.79
CA LEU A 3301 -42.80 -2.13 -6.21
C LEU A 3301 -43.65 -1.65 -5.04
N THR A 3302 -44.42 -0.60 -5.29
CA THR A 3302 -45.42 -0.08 -4.38
C THR A 3302 -46.81 -0.32 -4.96
N ALA A 3303 -47.83 0.22 -4.29
CA ALA A 3303 -49.19 0.11 -4.79
C ALA A 3303 -49.39 0.91 -6.06
N PHE A 3304 -48.69 2.03 -6.20
CA PHE A 3304 -48.79 2.94 -7.34
C PHE A 3304 -47.40 3.32 -7.84
N GLY A 3305 -46.55 2.32 -8.01
CA GLY A 3305 -45.20 2.55 -8.51
C GLY A 3305 -44.65 1.38 -9.29
N GLU A 3320 -47.85 -10.69 -21.24
CA GLU A 3320 -48.02 -11.94 -21.98
C GLU A 3320 -48.81 -12.95 -21.16
N ASP A 3321 -48.23 -13.39 -20.04
CA ASP A 3321 -48.91 -14.33 -19.17
C ASP A 3321 -49.93 -13.65 -18.25
N GLN A 3322 -49.87 -12.33 -18.12
CA GLN A 3322 -50.83 -11.62 -17.29
C GLN A 3322 -52.20 -11.45 -17.95
N VAL A 3323 -52.29 -11.70 -19.26
CA VAL A 3323 -53.56 -11.59 -19.98
C VAL A 3323 -54.01 -12.92 -20.56
N SER A 3324 -53.16 -13.95 -20.56
CA SER A 3324 -53.52 -15.22 -21.17
C SER A 3324 -54.50 -16.01 -20.30
N LYS A 3325 -54.31 -15.96 -18.98
CA LYS A 3325 -55.19 -16.71 -18.09
C LYS A 3325 -56.56 -16.08 -17.96
N THR A 3326 -56.75 -14.86 -18.48
CA THR A 3326 -58.06 -14.22 -18.46
C THR A 3326 -58.89 -14.76 -19.63
N SER A 3327 -59.99 -14.06 -19.93
CA SER A 3327 -60.88 -14.47 -21.02
C SER A 3327 -60.31 -14.21 -22.39
N ILE A 3328 -59.15 -13.55 -22.50
CA ILE A 3328 -58.58 -13.24 -23.82
C ILE A 3328 -58.17 -14.52 -24.55
N GLY A 3329 -57.73 -15.54 -23.82
CA GLY A 3329 -57.34 -16.78 -24.47
C GLY A 3329 -58.53 -17.47 -25.12
N TRP A 3330 -59.66 -17.50 -24.42
CA TRP A 3330 -60.87 -18.06 -24.98
C TRP A 3330 -61.40 -17.22 -26.15
N LEU A 3331 -61.19 -15.91 -26.11
CA LEU A 3331 -61.57 -15.06 -27.24
C LEU A 3331 -60.72 -15.38 -28.46
N ARG A 3332 -59.43 -15.65 -28.25
CA ARG A 3332 -58.58 -16.12 -29.34
C ARG A 3332 -59.05 -17.47 -29.85
N LEU A 3333 -59.54 -18.31 -28.95
CA LEU A 3333 -60.08 -19.61 -29.36
C LEU A 3333 -61.27 -19.43 -30.29
N LEU A 3334 -62.19 -18.54 -29.93
CA LEU A 3334 -63.34 -18.27 -30.82
C LEU A 3334 -62.89 -17.66 -32.14
N HIS A 3335 -61.93 -16.74 -32.10
CA HIS A 3335 -61.47 -16.13 -33.34
C HIS A 3335 -60.81 -17.14 -34.27
N HIS A 3336 -60.01 -18.04 -33.71
CA HIS A 3336 -59.41 -19.07 -34.55
C HIS A 3336 -60.46 -20.03 -35.08
N CYS A 3337 -61.48 -20.34 -34.27
CA CYS A 3337 -62.56 -21.22 -34.73
C CYS A 3337 -63.34 -20.58 -35.87
N LEU A 3338 -63.67 -19.30 -35.75
CA LEU A 3338 -64.54 -18.65 -36.73
C LEU A 3338 -63.78 -18.04 -37.89
N THR A 3339 -62.45 -17.98 -37.84
CA THR A 3339 -61.68 -17.31 -38.88
C THR A 3339 -60.61 -18.18 -39.51
N HIS A 3340 -60.32 -19.37 -38.96
CA HIS A 3340 -59.27 -20.19 -39.58
C HIS A 3340 -59.73 -20.75 -40.92
N ILE A 3341 -60.93 -21.31 -40.96
CA ILE A 3341 -61.50 -21.85 -42.19
C ILE A 3341 -62.89 -21.26 -42.34
N SER A 3342 -63.11 -20.49 -43.40
CA SER A 3342 -64.36 -19.78 -43.61
C SER A 3342 -65.52 -20.64 -44.11
N ASP A 3343 -65.26 -21.86 -44.60
CA ASP A 3343 -66.36 -22.68 -45.10
C ASP A 3343 -67.22 -23.27 -43.99
N LEU A 3344 -66.67 -23.48 -42.79
CA LEU A 3344 -67.44 -24.04 -41.68
C LEU A 3344 -67.86 -22.99 -40.66
N GLU A 3345 -67.61 -21.71 -40.95
CA GLU A 3345 -67.84 -20.67 -39.97
C GLU A 3345 -69.31 -20.31 -39.81
N GLY A 3346 -70.15 -20.66 -40.79
CA GLY A 3346 -71.54 -20.26 -40.75
C GLY A 3346 -72.43 -21.08 -39.84
N MET A 3347 -72.64 -22.38 -40.12
CA MET A 3347 -73.55 -23.14 -39.28
C MET A 3347 -73.05 -23.24 -37.83
N MET A 3348 -71.74 -23.39 -37.66
CA MET A 3348 -71.17 -23.37 -36.32
C MET A 3348 -71.31 -22.00 -35.67
N ALA A 3349 -71.17 -20.91 -36.43
CA ALA A 3349 -71.48 -19.61 -35.84
C ALA A 3349 -72.96 -19.47 -35.50
N SER A 3350 -73.83 -20.13 -36.26
CA SER A 3350 -75.26 -20.17 -35.94
C SER A 3350 -75.52 -20.95 -34.66
N ALA A 3351 -74.65 -21.91 -34.34
CA ALA A 3351 -74.73 -22.57 -33.05
C ALA A 3351 -74.18 -21.68 -31.95
N ALA A 3352 -73.18 -20.86 -32.27
CA ALA A 3352 -72.56 -19.97 -31.31
C ALA A 3352 -73.42 -18.75 -31.02
N ALA A 3353 -74.40 -18.47 -31.89
CA ALA A 3353 -75.20 -17.26 -31.77
C ALA A 3353 -76.14 -17.26 -30.56
N PRO A 3354 -77.07 -18.24 -30.40
CA PRO A 3354 -78.16 -18.03 -29.43
C PRO A 3354 -77.76 -18.16 -27.97
N THR A 3355 -76.47 -18.11 -27.67
CA THR A 3355 -76.01 -18.09 -26.30
C THR A 3355 -76.32 -16.73 -25.68
N ALA A 3356 -76.62 -16.74 -24.38
CA ALA A 3356 -77.11 -15.54 -23.72
C ALA A 3356 -75.99 -14.51 -23.53
N ASN A 3357 -76.30 -13.26 -23.88
CA ASN A 3357 -75.43 -12.11 -23.64
C ASN A 3357 -74.07 -12.24 -24.33
N LEU A 3358 -74.05 -12.87 -25.50
CA LEU A 3358 -72.79 -12.98 -26.24
C LEU A 3358 -72.38 -11.63 -26.81
N LEU A 3359 -73.33 -10.93 -27.45
CA LEU A 3359 -72.99 -9.72 -28.18
C LEU A 3359 -72.68 -8.58 -27.22
N GLN A 3360 -73.42 -8.50 -26.11
CA GLN A 3360 -73.15 -7.48 -25.10
C GLN A 3360 -71.77 -7.68 -24.48
N THR A 3361 -71.40 -8.94 -24.18
CA THR A 3361 -70.09 -9.21 -23.62
C THR A 3361 -68.99 -8.90 -24.63
N CYS A 3362 -69.23 -9.21 -25.92
CA CYS A 3362 -68.24 -8.90 -26.95
C CYS A 3362 -68.04 -7.40 -27.09
N ALA A 3363 -69.13 -6.64 -27.05
CA ALA A 3363 -69.01 -5.18 -27.14
C ALA A 3363 -68.32 -4.61 -25.90
N ALA A 3364 -68.61 -5.16 -24.72
CA ALA A 3364 -67.98 -4.67 -23.51
C ALA A 3364 -66.48 -4.97 -23.49
N LEU A 3365 -66.07 -6.14 -23.99
CA LEU A 3365 -64.63 -6.41 -24.06
C LEU A 3365 -63.96 -5.61 -25.18
N LEU A 3366 -64.71 -5.29 -26.24
CA LEU A 3366 -64.14 -4.43 -27.28
C LEU A 3366 -63.99 -2.99 -26.80
N MET A 3367 -64.85 -2.54 -25.89
CA MET A 3367 -64.70 -1.20 -25.34
C MET A 3367 -63.58 -1.11 -24.31
N SER A 3368 -63.06 -2.25 -23.85
CA SER A 3368 -62.00 -2.32 -22.86
C SER A 3368 -60.66 -2.04 -23.52
N PRO A 3369 -59.68 -1.50 -22.77
CA PRO A 3369 -58.34 -1.31 -23.35
C PRO A 3369 -57.64 -2.62 -23.69
N TYR A 3370 -58.00 -3.71 -23.01
CA TYR A 3370 -57.40 -5.02 -23.24
C TYR A 3370 -57.67 -5.58 -24.63
N CYS A 3371 -58.59 -4.99 -25.40
CA CYS A 3371 -58.75 -5.39 -26.79
C CYS A 3371 -57.58 -4.95 -27.66
N GLY A 3372 -56.70 -4.07 -27.17
CA GLY A 3372 -55.74 -3.41 -28.04
C GLY A 3372 -54.75 -4.33 -28.73
N MET A 3373 -54.62 -5.57 -28.25
CA MET A 3373 -53.74 -6.50 -28.93
C MET A 3373 -54.49 -7.38 -29.93
N HIS A 3374 -55.77 -7.67 -29.67
CA HIS A 3374 -56.56 -8.53 -30.55
C HIS A 3374 -57.78 -7.83 -31.15
N SER A 3375 -57.78 -6.50 -31.22
CA SER A 3375 -58.95 -5.77 -31.73
C SER A 3375 -59.36 -6.13 -33.16
N PRO A 3376 -58.44 -6.34 -34.13
CA PRO A 3376 -58.91 -6.80 -35.46
C PRO A 3376 -59.69 -8.09 -35.40
N ASN A 3377 -59.27 -9.04 -34.56
CA ASN A 3377 -60.00 -10.30 -34.43
C ASN A 3377 -61.41 -10.07 -33.90
N ILE A 3378 -61.54 -9.19 -32.90
CA ILE A 3378 -62.85 -8.90 -32.33
C ILE A 3378 -63.76 -8.24 -33.35
N GLU A 3379 -63.23 -7.25 -34.08
CA GLU A 3379 -64.11 -6.57 -35.05
C GLU A 3379 -64.47 -7.51 -36.20
N VAL A 3380 -63.58 -8.42 -36.59
CA VAL A 3380 -63.89 -9.34 -37.68
C VAL A 3380 -64.94 -10.36 -37.24
N VAL A 3381 -64.81 -10.89 -36.01
CA VAL A 3381 -65.80 -11.85 -35.53
C VAL A 3381 -67.13 -11.15 -35.30
N LEU A 3382 -67.12 -9.87 -34.90
CA LEU A 3382 -68.36 -9.13 -34.78
C LEU A 3382 -69.02 -8.91 -36.13
N VAL A 3383 -68.22 -8.66 -37.17
CA VAL A 3383 -68.78 -8.50 -38.52
C VAL A 3383 -69.41 -9.80 -38.99
N LYS A 3384 -68.72 -10.92 -38.78
CA LYS A 3384 -69.28 -12.22 -39.18
C LYS A 3384 -70.57 -12.55 -38.41
N ILE A 3385 -70.59 -12.29 -37.10
CA ILE A 3385 -71.80 -12.56 -36.32
C ILE A 3385 -72.94 -11.63 -36.76
N GLY A 3386 -72.60 -10.39 -37.12
CA GLY A 3386 -73.60 -9.45 -37.59
C GLY A 3386 -74.20 -9.85 -38.92
N LEU A 3387 -73.35 -10.27 -39.86
CA LEU A 3387 -73.79 -10.70 -41.17
C LEU A 3387 -74.20 -12.16 -41.21
N GLN A 3388 -74.22 -12.84 -40.06
CA GLN A 3388 -74.83 -14.16 -39.99
C GLN A 3388 -76.34 -14.10 -40.25
N SER A 3389 -77.05 -13.24 -39.51
CA SER A 3389 -78.49 -13.11 -39.66
C SER A 3389 -78.91 -11.67 -39.42
N THR A 3390 -80.16 -11.37 -39.79
CA THR A 3390 -80.66 -10.00 -39.73
C THR A 3390 -80.99 -9.58 -38.30
N ARG A 3391 -81.64 -10.46 -37.53
CA ARG A 3391 -82.10 -10.09 -36.19
C ARG A 3391 -80.93 -9.82 -35.26
N ILE A 3392 -79.89 -10.65 -35.32
CA ILE A 3392 -78.72 -10.48 -34.47
C ILE A 3392 -77.99 -9.20 -34.84
N GLY A 3393 -77.86 -8.92 -36.15
CA GLY A 3393 -77.23 -7.69 -36.58
C GLY A 3393 -77.99 -6.45 -36.15
N LEU A 3394 -79.33 -6.48 -36.24
CA LEU A 3394 -80.12 -5.34 -35.77
C LEU A 3394 -79.99 -5.15 -34.27
N LYS A 3395 -79.98 -6.26 -33.51
CA LYS A 3395 -79.85 -6.17 -32.07
C LYS A 3395 -78.48 -5.60 -31.68
N LEU A 3396 -77.43 -6.04 -32.37
CA LEU A 3396 -76.10 -5.55 -32.02
C LEU A 3396 -75.89 -4.11 -32.50
N ILE A 3397 -76.54 -3.72 -33.59
CA ILE A 3397 -76.55 -2.31 -33.97
C ILE A 3397 -77.19 -1.47 -32.88
N ASP A 3398 -78.31 -1.94 -32.33
CA ASP A 3398 -78.99 -1.22 -31.27
C ASP A 3398 -78.12 -1.13 -30.00
N ILE A 3399 -77.45 -2.23 -29.62
CA ILE A 3399 -76.62 -2.18 -28.41
C ILE A 3399 -75.28 -1.49 -28.62
N LEU A 3400 -74.85 -1.27 -29.86
CA LEU A 3400 -73.63 -0.53 -30.14
C LEU A 3400 -73.87 0.95 -30.36
N LEU A 3401 -75.08 1.34 -30.72
CA LEU A 3401 -75.38 2.76 -30.94
C LEU A 3401 -76.06 3.41 -29.75
N ARG A 3402 -76.82 2.65 -28.96
CA ARG A 3402 -77.52 3.18 -27.80
C ARG A 3402 -76.93 2.70 -26.48
N ASN A 3403 -76.76 1.39 -26.30
CA ASN A 3403 -76.22 0.85 -25.06
C ASN A 3403 -74.72 0.66 -25.15
N SER A 3428 -65.85 5.77 -30.72
CA SER A 3428 -64.51 5.22 -30.96
C SER A 3428 -64.34 4.81 -32.42
N ASP A 3429 -63.09 4.66 -32.84
CA ASP A 3429 -62.80 4.31 -34.23
C ASP A 3429 -63.27 2.88 -34.54
N SER A 3430 -63.19 2.00 -33.55
CA SER A 3430 -63.59 0.61 -33.76
C SER A 3430 -65.08 0.50 -34.07
N THR A 3431 -65.91 1.29 -33.37
CA THR A 3431 -67.35 1.30 -33.67
C THR A 3431 -67.61 1.86 -35.06
N ILE A 3432 -66.81 2.84 -35.49
CA ILE A 3432 -66.93 3.36 -36.85
C ILE A 3432 -66.63 2.27 -37.86
N ASP A 3433 -65.58 1.49 -37.62
CA ASP A 3433 -65.25 0.39 -38.54
C ASP A 3433 -66.34 -0.67 -38.54
N ILE A 3434 -66.93 -0.96 -37.37
CA ILE A 3434 -68.01 -1.93 -37.29
C ILE A 3434 -69.20 -1.45 -38.12
N LEU A 3435 -69.59 -0.19 -37.94
CA LEU A 3435 -70.72 0.35 -38.70
C LEU A 3435 -70.43 0.35 -40.19
N TYR A 3436 -69.19 0.69 -40.56
CA TYR A 3436 -68.80 0.69 -41.97
C TYR A 3436 -68.92 -0.70 -42.58
N GLN A 3437 -68.32 -1.69 -41.93
CA GLN A 3437 -68.35 -3.06 -42.45
C GLN A 3437 -69.76 -3.66 -42.40
N LEU A 3438 -70.63 -3.15 -41.53
CA LEU A 3438 -72.01 -3.61 -41.54
C LEU A 3438 -72.81 -2.98 -42.67
N GLY A 3439 -72.59 -1.69 -42.92
CA GLY A 3439 -73.38 -0.94 -43.87
C GLY A 3439 -72.98 -1.16 -45.31
N THR A 3440 -71.69 -1.34 -45.57
CA THR A 3440 -71.19 -1.39 -46.94
C THR A 3440 -71.05 -2.80 -47.49
N THR A 3441 -71.03 -3.82 -46.63
CA THR A 3441 -71.02 -5.20 -47.11
C THR A 3441 -72.41 -5.59 -47.60
N GLN A 3442 -72.47 -6.24 -48.76
CA GLN A 3442 -73.72 -6.52 -49.44
C GLN A 3442 -74.27 -7.88 -49.02
N ASP A 3443 -75.48 -7.89 -48.50
CA ASP A 3443 -76.18 -9.12 -48.14
C ASP A 3443 -77.67 -8.84 -48.17
N PRO A 3444 -78.50 -9.89 -48.15
CA PRO A 3444 -79.96 -9.65 -48.06
C PRO A 3444 -80.39 -8.88 -46.83
N GLY A 3445 -79.60 -8.85 -45.77
CA GLY A 3445 -79.88 -8.08 -44.58
C GLY A 3445 -79.36 -6.67 -44.56
N THR A 3446 -78.83 -6.16 -45.69
CA THR A 3446 -78.27 -4.81 -45.70
C THR A 3446 -79.37 -3.76 -45.60
N LYS A 3447 -80.51 -4.01 -46.26
CA LYS A 3447 -81.60 -3.05 -46.26
C LYS A 3447 -82.17 -2.84 -44.87
N ASP A 3448 -82.34 -3.91 -44.10
CA ASP A 3448 -82.81 -3.77 -42.73
C ASP A 3448 -81.77 -3.06 -41.85
N ARG A 3449 -80.48 -3.27 -42.11
CA ARG A 3449 -79.45 -2.60 -41.33
C ARG A 3449 -79.43 -1.10 -41.59
N ILE A 3450 -79.51 -0.69 -42.86
CA ILE A 3450 -79.55 0.73 -43.14
C ILE A 3450 -80.88 1.33 -42.71
N GLN A 3451 -81.96 0.54 -42.71
CA GLN A 3451 -83.22 1.01 -42.14
C GLN A 3451 -83.08 1.27 -40.64
N ALA A 3452 -82.38 0.41 -39.93
CA ALA A 3452 -82.16 0.61 -38.50
C ALA A 3452 -81.28 1.83 -38.26
N LEU A 3453 -80.26 2.03 -39.11
CA LEU A 3453 -79.41 3.21 -38.97
C LEU A 3453 -80.20 4.49 -39.21
N LEU A 3454 -81.04 4.50 -40.25
CA LEU A 3454 -81.86 5.68 -40.53
C LEU A 3454 -82.88 5.91 -39.43
N LYS A 3455 -83.44 4.84 -38.87
CA LYS A 3455 -84.38 4.99 -37.77
C LYS A 3455 -83.69 5.56 -36.54
N TRP A 3456 -82.45 5.13 -36.29
CA TRP A 3456 -81.68 5.66 -35.16
C TRP A 3456 -81.38 7.15 -35.35
N VAL A 3457 -80.95 7.53 -36.56
CA VAL A 3457 -80.60 8.94 -36.76
C VAL A 3457 -81.86 9.80 -36.77
N SER A 3458 -82.99 9.25 -37.23
CA SER A 3458 -84.25 9.98 -37.15
C SER A 3458 -84.71 10.16 -35.71
N ASP A 3459 -84.48 9.15 -34.87
CA ASP A 3459 -84.83 9.27 -33.46
C ASP A 3459 -83.95 10.30 -32.76
N SER A 3460 -82.65 10.32 -33.09
CA SER A 3460 -81.76 11.33 -32.51
C SER A 3460 -82.14 12.73 -32.97
N ALA A 3461 -82.51 12.88 -34.25
CA ALA A 3461 -82.95 14.17 -34.74
C ALA A 3461 -84.26 14.60 -34.08
N ARG A 3462 -85.16 13.65 -33.83
CA ARG A 3462 -86.40 13.98 -33.12
C ARG A 3462 -86.13 14.41 -31.69
N VAL A 3463 -85.24 13.70 -31.00
CA VAL A 3463 -84.92 14.04 -29.61
C VAL A 3463 -84.29 15.43 -29.54
N ALA A 3464 -83.40 15.73 -30.48
CA ALA A 3464 -82.87 17.08 -30.55
C ALA A 3464 -83.91 18.10 -30.99
N ALA A 3465 -84.95 17.65 -31.72
CA ALA A 3465 -85.97 18.58 -32.19
C ALA A 3465 -86.94 19.04 -31.11
N MET A 3466 -87.47 18.15 -30.25
CA MET A 3466 -88.32 18.74 -29.20
C MET A 3466 -87.50 19.51 -28.17
N LYS A 3467 -86.22 19.22 -28.03
CA LYS A 3467 -85.35 19.98 -27.13
C LYS A 3467 -84.16 20.56 -27.89
N THR A 3481 -81.77 5.98 -19.88
CA THR A 3481 -81.49 4.56 -20.04
C THR A 3481 -81.21 4.22 -21.50
N VAL A 3482 -82.26 3.78 -22.22
CA VAL A 3482 -82.10 3.48 -23.64
C VAL A 3482 -82.01 4.73 -24.49
N GLU A 3483 -82.54 5.85 -24.00
CA GLU A 3483 -82.55 7.08 -24.80
C GLU A 3483 -81.27 7.88 -24.70
N TYR A 3484 -80.28 7.40 -23.94
CA TYR A 3484 -79.05 8.17 -23.75
C TYR A 3484 -78.31 8.36 -25.07
N GLY A 3485 -78.20 7.30 -25.86
CA GLY A 3485 -77.64 7.40 -27.20
C GLY A 3485 -78.41 8.30 -28.15
N LEU A 3486 -79.68 8.57 -27.84
CA LEU A 3486 -80.46 9.54 -28.62
C LEU A 3486 -80.40 10.95 -28.07
N LEU A 3487 -80.01 11.14 -26.80
CA LEU A 3487 -79.86 12.49 -26.28
C LEU A 3487 -78.76 13.24 -27.01
N MET A 3488 -77.62 12.58 -27.25
CA MET A 3488 -76.58 13.07 -28.13
C MET A 3488 -75.97 11.90 -28.88
N PRO A 3489 -75.79 12.02 -30.20
CA PRO A 3489 -75.04 11.00 -30.93
C PRO A 3489 -73.57 11.40 -31.12
N SER A 3490 -72.72 10.42 -31.31
CA SER A 3490 -71.33 10.71 -31.63
C SER A 3490 -71.26 11.25 -33.06
N PRO A 3491 -70.62 12.40 -33.27
CA PRO A 3491 -70.50 12.94 -34.64
C PRO A 3491 -69.72 12.03 -35.58
N SER A 3492 -68.76 11.27 -35.05
CA SER A 3492 -68.04 10.31 -35.88
C SER A 3492 -68.97 9.21 -36.36
N HIS A 3493 -69.93 8.80 -35.53
CA HIS A 3493 -70.91 7.81 -35.96
C HIS A 3493 -71.82 8.35 -37.06
N LEU A 3494 -72.18 9.64 -36.97
CA LEU A 3494 -73.01 10.24 -38.02
C LEU A 3494 -72.23 10.36 -39.32
N HIS A 3495 -70.94 10.73 -39.25
CA HIS A 3495 -70.12 10.76 -40.45
C HIS A 3495 -69.97 9.36 -41.05
N CYS A 3496 -69.87 8.34 -40.19
CA CYS A 3496 -69.81 6.97 -40.67
C CYS A 3496 -71.11 6.56 -41.36
N VAL A 3497 -72.26 6.97 -40.81
CA VAL A 3497 -73.54 6.68 -41.46
C VAL A 3497 -73.62 7.38 -42.80
N ALA A 3498 -73.11 8.61 -42.89
CA ALA A 3498 -73.07 9.31 -44.16
C ALA A 3498 -72.20 8.57 -45.18
N ALA A 3499 -71.04 8.08 -44.73
CA ALA A 3499 -70.17 7.30 -45.62
C ALA A 3499 -70.83 6.01 -46.05
N ILE A 3500 -71.59 5.38 -45.15
CA ILE A 3500 -72.30 4.14 -45.48
C ILE A 3500 -73.32 4.40 -46.57
N LEU A 3501 -74.11 5.47 -46.42
CA LEU A 3501 -75.11 5.81 -47.42
C LEU A 3501 -74.45 6.17 -48.74
N TRP A 3502 -73.32 6.86 -48.67
CA TRP A 3502 -72.59 7.25 -49.87
C TRP A 3502 -72.05 6.04 -50.62
N HIS A 3503 -71.44 5.09 -49.90
CA HIS A 3503 -70.90 3.93 -50.58
C HIS A 3503 -72.01 2.99 -51.04
N SER A 3504 -73.19 3.05 -50.43
CA SER A 3504 -74.31 2.27 -50.96
C SER A 3504 -74.86 2.91 -52.22
N TYR A 3505 -74.89 4.24 -52.29
CA TYR A 3505 -75.30 4.89 -53.53
C TYR A 3505 -74.26 4.71 -54.64
N GLU A 3506 -72.97 4.73 -54.28
CA GLU A 3506 -71.91 4.60 -55.28
C GLU A 3506 -71.85 3.17 -55.82
N LEU A 3507 -71.83 2.18 -54.92
CA LEU A 3507 -71.75 0.80 -55.34
C LEU A 3507 -73.10 0.32 -55.87
N LEU A 3508 -73.06 -0.71 -56.70
CA LEU A 3508 -74.28 -1.27 -57.26
C LEU A 3508 -74.95 -2.11 -56.19
N VAL A 3509 -76.05 -1.60 -55.64
CA VAL A 3509 -76.78 -2.28 -54.59
C VAL A 3509 -78.06 -2.88 -55.16
N GLU A 3510 -78.56 -3.93 -54.50
CA GLU A 3510 -79.76 -4.60 -54.96
C GLU A 3510 -81.03 -3.87 -54.55
N TYR A 3511 -80.99 -3.06 -53.50
CA TYR A 3511 -82.17 -2.39 -53.00
C TYR A 3511 -82.30 -1.00 -53.64
N ASP A 3512 -83.52 -0.44 -53.53
CA ASP A 3512 -83.79 0.92 -53.96
C ASP A 3512 -83.43 1.88 -52.84
N LEU A 3513 -82.20 2.37 -52.87
CA LEU A 3513 -81.71 3.23 -51.79
C LEU A 3513 -82.47 4.55 -51.65
N PRO A 3514 -82.79 5.31 -52.71
CA PRO A 3514 -83.56 6.56 -52.50
C PRO A 3514 -84.96 6.36 -51.96
N ALA A 3515 -85.50 5.14 -52.01
CA ALA A 3515 -86.82 4.88 -51.40
C ALA A 3515 -86.77 5.00 -49.88
N LEU A 3516 -85.64 4.66 -49.28
CA LEU A 3516 -85.49 4.81 -47.83
C LEU A 3516 -85.44 6.27 -47.41
N LEU A 3517 -84.85 7.13 -48.24
CA LEU A 3517 -84.76 8.55 -47.94
C LEU A 3517 -86.13 9.21 -48.02
N ASP A 3518 -86.45 10.03 -47.01
CA ASP A 3518 -87.73 10.71 -46.91
C ASP A 3518 -87.50 12.21 -46.76
N GLN A 3519 -88.46 12.99 -47.28
CA GLN A 3519 -88.39 14.45 -47.18
C GLN A 3519 -88.52 14.91 -45.74
N GLU A 3520 -89.31 14.20 -44.94
CA GLU A 3520 -89.46 14.54 -43.54
C GLU A 3520 -88.12 14.42 -42.82
N LEU A 3521 -87.29 13.46 -43.22
CA LEU A 3521 -85.93 13.38 -42.71
C LEU A 3521 -85.12 14.62 -43.08
N PHE A 3522 -85.34 15.15 -44.28
CA PHE A 3522 -84.66 16.40 -44.67
C PHE A 3522 -85.08 17.55 -43.76
N GLU A 3523 -86.38 17.65 -43.48
CA GLU A 3523 -86.85 18.71 -42.58
C GLU A 3523 -86.33 18.53 -41.16
N LEU A 3524 -86.30 17.29 -40.67
CA LEU A 3524 -85.83 17.04 -39.31
C LEU A 3524 -84.36 17.35 -39.15
N LEU A 3525 -83.51 16.88 -40.08
CA LEU A 3525 -82.09 17.18 -39.98
C LEU A 3525 -81.78 18.64 -40.26
N PHE A 3526 -82.57 19.30 -41.11
CA PHE A 3526 -82.38 20.73 -41.34
C PHE A 3526 -82.69 21.54 -40.08
N ASN A 3527 -83.82 21.24 -39.43
CA ASN A 3527 -84.16 21.91 -38.18
C ASN A 3527 -83.15 21.60 -37.09
N TRP A 3528 -82.63 20.37 -37.08
CA TRP A 3528 -81.57 20.01 -36.15
C TRP A 3528 -80.31 20.83 -36.43
N SER A 3529 -80.00 21.08 -37.70
CA SER A 3529 -78.81 21.84 -38.04
C SER A 3529 -78.92 23.29 -37.56
N MET A 3530 -80.09 23.93 -37.74
CA MET A 3530 -80.16 25.29 -37.22
C MET A 3530 -80.46 25.35 -35.73
N SER A 3531 -80.71 24.22 -35.07
CA SER A 3531 -80.98 24.24 -33.64
C SER A 3531 -79.74 24.41 -32.78
N LEU A 3532 -78.54 24.35 -33.38
CA LEU A 3532 -77.30 24.41 -32.62
C LEU A 3532 -76.26 25.22 -33.38
N PRO A 3533 -75.35 25.90 -32.65
CA PRO A 3533 -74.33 26.74 -33.32
C PRO A 3533 -73.22 25.96 -34.00
N CYS A 3534 -72.22 26.69 -34.51
CA CYS A 3534 -71.23 26.14 -35.41
C CYS A 3534 -69.92 25.74 -34.72
N ASN A 3535 -69.85 25.83 -33.39
CA ASN A 3535 -68.58 25.51 -32.73
C ASN A 3535 -68.31 24.01 -32.67
N MET A 3536 -69.33 23.19 -32.37
CA MET A 3536 -69.06 21.77 -32.20
C MET A 3536 -69.05 21.07 -33.55
N VAL A 3537 -68.55 19.83 -33.55
CA VAL A 3537 -68.49 19.02 -34.76
C VAL A 3537 -69.78 18.27 -35.04
N LEU A 3538 -70.76 18.35 -34.14
CA LEU A 3538 -72.07 17.74 -34.39
C LEU A 3538 -72.75 18.38 -35.59
N LYS A 3539 -72.61 19.70 -35.73
CA LYS A 3539 -73.13 20.39 -36.91
C LYS A 3539 -72.47 19.86 -38.18
N LYS A 3540 -71.15 19.67 -38.15
CA LYS A 3540 -70.45 19.14 -39.30
C LYS A 3540 -70.91 17.73 -39.64
N ALA A 3541 -71.18 16.92 -38.61
CA ALA A 3541 -71.62 15.55 -38.85
C ALA A 3541 -73.03 15.51 -39.46
N VAL A 3542 -73.96 16.27 -38.89
CA VAL A 3542 -75.32 16.27 -39.43
C VAL A 3542 -75.33 16.92 -40.81
N ASP A 3543 -74.39 17.81 -41.08
CA ASP A 3543 -74.31 18.42 -42.40
C ASP A 3543 -73.68 17.50 -43.42
N SER A 3544 -72.73 16.65 -43.00
CA SER A 3544 -72.23 15.61 -43.90
C SER A 3544 -73.31 14.59 -44.21
N LEU A 3545 -74.15 14.27 -43.22
CA LEU A 3545 -75.31 13.42 -43.47
C LEU A 3545 -76.26 14.07 -44.46
N LEU A 3546 -76.51 15.38 -44.29
CA LEU A 3546 -77.35 16.12 -45.23
C LEU A 3546 -76.76 16.11 -46.63
N CYS A 3547 -75.43 16.24 -46.74
CA CYS A 3547 -74.77 16.24 -48.03
C CYS A 3547 -74.88 14.88 -48.72
N SER A 3548 -74.69 13.79 -47.98
CA SER A 3548 -74.85 12.48 -48.59
C SER A 3548 -76.28 12.19 -48.99
N MET A 3549 -77.25 12.52 -48.14
CA MET A 3549 -78.64 12.27 -48.49
C MET A 3549 -79.09 13.12 -49.68
N CYS A 3550 -78.65 14.39 -49.76
CA CYS A 3550 -79.05 15.21 -50.90
C CYS A 3550 -78.31 14.76 -52.16
N HIS A 3551 -77.13 14.14 -52.00
CA HIS A 3551 -76.46 13.54 -53.15
C HIS A 3551 -77.27 12.37 -53.68
N VAL A 3552 -77.87 11.59 -52.78
CA VAL A 3552 -78.76 10.52 -53.20
C VAL A 3552 -80.02 11.08 -53.84
N HIS A 3553 -80.56 12.17 -53.29
CA HIS A 3553 -81.81 12.76 -53.77
C HIS A 3553 -81.59 14.20 -54.21
N PRO A 3554 -81.39 14.45 -55.52
CA PRO A 3554 -81.30 15.84 -56.00
C PRO A 3554 -82.58 16.64 -55.81
N ASN A 3555 -83.75 16.02 -55.86
CA ASN A 3555 -84.97 16.78 -55.64
C ASN A 3555 -85.07 17.31 -54.21
N TYR A 3556 -84.39 16.65 -53.27
CA TYR A 3556 -84.39 17.12 -51.88
C TYR A 3556 -83.59 18.41 -51.73
N PHE A 3557 -82.46 18.50 -52.42
CA PHE A 3557 -81.72 19.76 -52.46
C PHE A 3557 -82.48 20.82 -53.27
N SER A 3558 -83.16 20.39 -54.33
CA SER A 3558 -83.96 21.32 -55.13
C SER A 3558 -85.07 21.95 -54.30
N LEU A 3559 -85.68 21.17 -53.40
CA LEU A 3559 -86.67 21.73 -52.48
C LEU A 3559 -85.99 22.52 -51.37
N LEU A 3560 -84.74 22.18 -51.01
CA LEU A 3560 -84.05 22.97 -50.00
C LEU A 3560 -83.77 24.39 -50.48
N MET A 3561 -83.53 24.59 -51.78
CA MET A 3561 -83.38 25.97 -52.27
C MET A 3561 -84.68 26.76 -52.10
N GLY A 3562 -85.82 26.14 -52.36
CA GLY A 3562 -87.10 26.81 -52.24
C GLY A 3562 -87.46 27.24 -50.83
N TRP A 3563 -86.78 26.72 -49.81
CA TRP A 3563 -87.09 27.10 -48.44
C TRP A 3563 -86.57 28.50 -48.12
N MET A 3564 -85.27 28.72 -48.30
CA MET A 3564 -84.68 30.04 -48.11
C MET A 3564 -84.89 30.96 -49.31
N GLY A 3565 -86.12 31.05 -49.81
CA GLY A 3565 -86.47 32.09 -50.76
C GLY A 3565 -85.71 32.10 -52.06
N ILE A 3566 -85.28 30.94 -52.54
CA ILE A 3566 -84.47 30.83 -53.75
C ILE A 3566 -85.21 29.94 -54.73
N THR A 3567 -85.43 30.45 -55.95
CA THR A 3567 -86.11 29.69 -56.99
C THR A 3567 -85.15 29.37 -58.13
N PRO A 3602 -87.21 40.05 -48.62
CA PRO A 3602 -85.94 39.71 -49.26
C PRO A 3602 -85.35 38.40 -48.76
N LEU A 3603 -84.12 38.45 -48.28
CA LEU A 3603 -83.42 37.29 -47.77
C LEU A 3603 -82.61 37.63 -46.52
N ALA A 3604 -82.41 36.61 -45.70
CA ALA A 3604 -81.66 36.75 -44.45
C ALA A 3604 -81.15 35.36 -44.10
N LEU A 3605 -79.84 35.17 -44.21
CA LEU A 3605 -79.21 33.90 -43.90
C LEU A 3605 -78.12 34.14 -42.86
N THR A 3606 -78.14 33.37 -41.79
CA THR A 3606 -77.13 33.48 -40.75
C THR A 3606 -75.88 32.71 -41.18
N GLU A 3607 -74.90 32.68 -40.29
CA GLU A 3607 -73.65 31.99 -40.59
C GLU A 3607 -73.86 30.48 -40.60
N SER A 3608 -74.78 29.97 -39.78
CA SER A 3608 -75.09 28.55 -39.77
C SER A 3608 -75.81 28.12 -41.04
N HIS A 3609 -76.69 28.97 -41.58
CA HIS A 3609 -77.36 28.67 -42.85
C HIS A 3609 -76.34 28.45 -43.97
N LEU A 3610 -75.44 29.41 -44.16
CA LEU A 3610 -74.45 29.30 -45.22
C LEU A 3610 -73.45 28.20 -44.92
N ALA A 3611 -73.18 27.95 -43.64
CA ALA A 3611 -72.29 26.84 -43.26
C ALA A 3611 -72.90 25.51 -43.68
N THR A 3612 -74.19 25.33 -43.42
CA THR A 3612 -74.87 24.10 -43.82
C THR A 3612 -74.92 23.99 -45.34
N LEU A 3613 -75.15 25.10 -46.04
CA LEU A 3613 -75.21 25.04 -47.50
C LEU A 3613 -73.84 24.72 -48.11
N ALA A 3614 -72.77 25.33 -47.58
CA ALA A 3614 -71.43 25.06 -48.09
C ALA A 3614 -70.99 23.64 -47.77
N SER A 3615 -71.38 23.14 -46.60
CA SER A 3615 -71.07 21.76 -46.25
C SER A 3615 -71.85 20.79 -47.13
N SER A 3616 -73.13 21.05 -47.35
CA SER A 3616 -73.99 20.15 -48.07
C SER A 3616 -73.98 20.39 -49.58
N SER A 3617 -73.06 21.22 -50.07
CA SER A 3617 -72.97 21.51 -51.49
C SER A 3617 -71.72 20.88 -52.10
N GLN A 3618 -71.00 20.08 -51.33
CA GLN A 3618 -69.73 19.51 -51.76
C GLN A 3618 -69.91 18.34 -52.70
N SER A 3619 -71.08 17.69 -52.65
CA SER A 3619 -71.35 16.58 -53.54
C SER A 3619 -71.63 17.06 -54.96
N PRO A 3620 -71.31 16.24 -55.97
CA PRO A 3620 -71.43 16.70 -57.36
C PRO A 3620 -72.85 17.06 -57.76
N GLU A 3621 -73.87 16.31 -57.31
CA GLU A 3621 -75.24 16.68 -57.61
C GLU A 3621 -75.64 17.98 -56.91
N ALA A 3622 -75.20 18.15 -55.65
CA ALA A 3622 -75.51 19.38 -54.93
C ALA A 3622 -74.84 20.58 -55.58
N ILE A 3623 -73.58 20.44 -55.98
CA ILE A 3623 -72.90 21.58 -56.61
C ILE A 3623 -73.41 21.83 -58.01
N LYS A 3624 -73.91 20.78 -58.70
CA LYS A 3624 -74.55 20.99 -59.98
C LYS A 3624 -75.87 21.76 -59.84
N GLN A 3625 -76.66 21.41 -58.83
CA GLN A 3625 -77.89 22.14 -58.54
C GLN A 3625 -77.60 23.55 -58.05
N LEU A 3626 -76.50 23.72 -57.33
CA LEU A 3626 -76.15 25.04 -56.82
C LEU A 3626 -75.71 25.95 -57.95
N LEU A 3627 -74.98 25.40 -58.93
CA LEU A 3627 -74.64 26.19 -60.10
C LEU A 3627 -75.88 26.47 -60.94
N ASP A 3628 -76.79 25.48 -61.01
CA ASP A 3628 -78.04 25.68 -61.73
C ASP A 3628 -78.94 26.67 -60.99
N SER A 3629 -78.88 26.69 -59.66
CA SER A 3629 -79.58 27.68 -58.88
C SER A 3629 -78.89 29.03 -58.97
N GLY A 3630 -79.66 30.09 -58.79
CA GLY A 3630 -79.13 31.44 -58.89
C GLY A 3630 -78.49 31.97 -57.63
N LEU A 3631 -78.38 31.15 -56.59
CA LEU A 3631 -77.79 31.61 -55.33
C LEU A 3631 -76.34 32.05 -55.46
N PRO A 3632 -75.43 31.31 -56.13
CA PRO A 3632 -74.06 31.84 -56.29
C PRO A 3632 -73.99 33.13 -57.09
N SER A 3633 -74.79 33.22 -58.16
CA SER A 3633 -74.78 34.43 -58.98
C SER A 3633 -75.30 35.63 -58.19
N LEU A 3634 -76.42 35.45 -57.46
CA LEU A 3634 -76.95 36.57 -56.70
C LEU A 3634 -76.03 36.95 -55.55
N LEU A 3635 -75.36 35.97 -54.93
CA LEU A 3635 -74.45 36.34 -53.84
C LEU A 3635 -73.22 37.07 -54.36
N VAL A 3636 -72.67 36.65 -55.50
CA VAL A 3636 -71.50 37.37 -56.00
C VAL A 3636 -71.87 38.75 -56.50
N ARG A 3637 -73.06 38.89 -57.11
CA ARG A 3637 -73.52 40.22 -57.51
C ARG A 3637 -73.75 41.11 -56.30
N SER A 3638 -74.33 40.56 -55.24
CA SER A 3638 -74.59 41.33 -54.02
C SER A 3638 -73.30 41.78 -53.36
N LEU A 3639 -72.31 40.88 -53.26
CA LEU A 3639 -71.06 41.26 -52.60
C LEU A 3639 -70.25 42.22 -53.46
N ALA A 3640 -70.31 42.08 -54.78
CA ALA A 3640 -69.64 43.05 -55.64
C ALA A 3640 -70.30 44.42 -55.53
N SER A 3641 -71.63 44.47 -55.44
CA SER A 3641 -72.32 45.73 -55.25
C SER A 3641 -72.00 46.36 -53.90
N PHE A 3642 -71.92 45.54 -52.84
CA PHE A 3642 -71.54 46.07 -51.53
C PHE A 3642 -70.12 46.62 -51.52
N CYS A 3643 -69.19 45.90 -52.15
CA CYS A 3643 -67.82 46.37 -52.24
C CYS A 3643 -67.73 47.67 -53.04
N PHE A 3644 -68.44 47.74 -54.18
CA PHE A 3644 -68.43 48.95 -54.99
C PHE A 3644 -69.03 50.13 -54.23
N SER A 3645 -70.11 49.89 -53.48
CA SER A 3645 -70.72 50.96 -52.69
C SER A 3645 -69.77 51.45 -51.60
N HIS A 3646 -69.07 50.52 -50.96
CA HIS A 3646 -68.13 50.91 -49.91
C HIS A 3646 -66.96 51.68 -50.49
N ILE A 3647 -66.48 51.27 -51.67
CA ILE A 3647 -65.40 51.99 -52.35
C ILE A 3647 -65.86 53.40 -52.72
N SER A 3648 -67.08 53.53 -53.24
CA SER A 3648 -67.58 54.85 -53.62
C SER A 3648 -67.77 55.74 -52.41
N SER A 3649 -68.17 55.16 -51.28
CA SER A 3649 -68.32 55.95 -50.06
C SER A 3649 -66.97 56.35 -49.47
N SER A 3650 -65.97 55.48 -49.58
CA SER A 3650 -64.64 55.80 -49.06
C SER A 3650 -63.92 56.82 -49.93
N GLU A 3651 -64.10 56.75 -51.25
CA GLU A 3651 -63.43 57.65 -52.17
C GLU A 3651 -64.10 59.01 -52.26
N SER A 3652 -65.31 59.17 -51.72
CA SER A 3652 -66.03 60.43 -51.78
C SER A 3652 -65.71 61.33 -50.60
N ILE A 3653 -64.95 60.85 -49.63
CA ILE A 3653 -64.60 61.65 -48.45
C ILE A 3653 -63.55 62.69 -48.81
N ASN A 3674 -81.32 42.12 -59.98
CA ASN A 3674 -81.34 41.34 -58.74
C ASN A 3674 -80.19 41.73 -57.83
N LYS A 3675 -80.46 42.58 -56.84
CA LYS A 3675 -79.41 43.03 -55.94
C LYS A 3675 -79.94 42.96 -54.51
N MET A 3676 -79.02 42.73 -53.56
CA MET A 3676 -79.43 42.52 -52.19
C MET A 3676 -78.33 42.95 -51.22
N PRO A 3677 -78.67 43.69 -50.16
CA PRO A 3677 -77.64 44.32 -49.31
C PRO A 3677 -77.00 43.32 -48.36
N ILE A 3678 -75.68 43.19 -48.43
CA ILE A 3678 -74.89 42.30 -47.58
C ILE A 3678 -74.30 43.12 -46.45
N THR A 3679 -74.43 42.64 -45.21
CA THR A 3679 -73.91 43.35 -44.07
C THR A 3679 -72.44 42.98 -43.82
N ALA A 3680 -71.84 43.63 -42.82
CA ALA A 3680 -70.42 43.46 -42.48
C ALA A 3680 -70.10 42.14 -41.80
N ASP A 3681 -71.11 41.35 -41.42
CA ASP A 3681 -70.85 40.11 -40.70
C ASP A 3681 -70.79 38.92 -41.64
N LEU A 3682 -71.70 38.85 -42.62
CA LEU A 3682 -71.80 37.70 -43.51
C LEU A 3682 -70.68 37.62 -44.54
N VAL A 3683 -69.99 38.73 -44.81
CA VAL A 3683 -69.05 38.78 -45.93
C VAL A 3683 -67.84 37.86 -45.73
N ALA A 3684 -67.32 37.73 -44.51
CA ALA A 3684 -66.24 36.77 -44.32
C ALA A 3684 -66.69 35.32 -44.44
N PRO A 3685 -67.82 34.91 -43.84
CA PRO A 3685 -68.31 33.54 -44.10
C PRO A 3685 -68.64 33.27 -45.56
N ILE A 3686 -69.15 34.24 -46.32
CA ILE A 3686 -69.48 33.93 -47.70
C ILE A 3686 -68.23 33.97 -48.58
N LEU A 3687 -67.18 34.70 -48.17
CA LEU A 3687 -65.91 34.52 -48.83
C LEU A 3687 -65.36 33.13 -48.55
N ARG A 3688 -65.59 32.60 -47.34
CA ARG A 3688 -65.22 31.22 -47.07
C ARG A 3688 -66.05 30.24 -47.90
N PHE A 3689 -67.31 30.59 -48.18
CA PHE A 3689 -68.11 29.87 -49.18
C PHE A 3689 -67.39 29.81 -50.52
N LEU A 3690 -66.91 30.97 -51.00
CA LEU A 3690 -66.15 30.99 -52.25
C LEU A 3690 -64.93 30.09 -52.17
N THR A 3691 -64.21 30.12 -51.04
CA THR A 3691 -63.04 29.26 -50.89
C THR A 3691 -63.43 27.79 -50.99
N GLU A 3692 -64.56 27.42 -50.37
CA GLU A 3692 -64.96 26.02 -50.35
C GLU A 3692 -65.48 25.56 -51.72
N VAL A 3693 -66.08 26.47 -52.49
CA VAL A 3693 -66.58 26.07 -53.81
C VAL A 3693 -65.51 26.16 -54.89
N GLY A 3694 -64.39 26.83 -54.63
CA GLY A 3694 -63.30 26.92 -55.59
C GLY A 3694 -62.59 25.63 -55.93
N ASN A 3695 -63.00 24.49 -55.37
CA ASN A 3695 -62.39 23.22 -55.74
C ASN A 3695 -62.69 22.81 -57.18
N SER A 3696 -63.86 23.17 -57.70
CA SER A 3696 -64.20 22.84 -59.08
C SER A 3696 -63.32 23.59 -60.06
N HIS A 3697 -62.94 22.90 -61.14
CA HIS A 3697 -62.06 23.52 -62.13
C HIS A 3697 -62.82 24.53 -62.99
N ILE A 3698 -64.10 24.29 -63.25
CA ILE A 3698 -64.89 25.28 -63.97
C ILE A 3698 -65.21 26.46 -63.07
N MET A 3699 -65.21 26.26 -61.75
CA MET A 3699 -65.26 27.39 -60.83
C MET A 3699 -64.00 28.24 -60.95
N LYS A 3700 -62.83 27.58 -61.08
CA LYS A 3700 -61.58 28.32 -61.24
C LYS A 3700 -61.53 29.04 -62.58
N ASP A 3701 -62.14 28.46 -63.62
CA ASP A 3701 -62.21 29.13 -64.92
C ASP A 3701 -63.19 30.30 -64.87
N TRP A 3702 -64.28 30.17 -64.12
CA TRP A 3702 -65.25 31.25 -63.99
C TRP A 3702 -64.69 32.40 -63.18
N LEU A 3703 -63.88 32.09 -62.15
CA LEU A 3703 -63.21 33.11 -61.37
C LEU A 3703 -62.12 33.82 -62.17
N GLY A 3704 -61.63 33.19 -63.23
CA GLY A 3704 -60.64 33.79 -64.11
C GLY A 3704 -61.17 34.69 -65.19
N GLY A 3705 -62.49 34.88 -65.29
CA GLY A 3705 -63.05 35.72 -66.32
C GLY A 3705 -63.12 37.18 -65.92
N SER A 3706 -63.50 38.02 -66.89
CA SER A 3706 -63.63 39.44 -66.62
C SER A 3706 -64.86 39.78 -65.78
N GLU A 3707 -65.83 38.85 -65.72
CA GLU A 3707 -67.01 39.09 -64.89
C GLU A 3707 -66.65 39.08 -63.40
N VAL A 3708 -65.64 38.30 -63.03
CA VAL A 3708 -65.33 38.11 -61.62
C VAL A 3708 -64.28 39.11 -61.13
N ASN A 3709 -63.29 39.45 -61.97
CA ASN A 3709 -62.20 40.39 -61.70
C ASN A 3709 -62.59 41.65 -60.91
N PRO A 3710 -63.78 42.22 -61.11
CA PRO A 3710 -64.26 43.24 -60.17
C PRO A 3710 -64.29 42.79 -58.72
N LEU A 3711 -64.54 41.50 -58.44
CA LEU A 3711 -64.45 41.01 -57.06
C LEU A 3711 -63.05 41.22 -56.50
N TRP A 3712 -62.03 40.81 -57.26
CA TRP A 3712 -60.64 40.95 -56.81
C TRP A 3712 -60.28 42.42 -56.61
N THR A 3713 -60.57 43.26 -57.62
CA THR A 3713 -60.19 44.67 -57.52
C THR A 3713 -60.95 45.36 -56.39
N ALA A 3714 -62.22 45.02 -56.22
CA ALA A 3714 -63.04 45.63 -55.19
C ALA A 3714 -62.57 45.23 -53.79
N LEU A 3715 -62.25 43.94 -53.59
CA LEU A 3715 -61.76 43.51 -52.29
C LEU A 3715 -60.44 44.18 -51.97
N LEU A 3716 -59.56 44.31 -52.98
CA LEU A 3716 -58.26 44.92 -52.73
C LEU A 3716 -58.40 46.40 -52.41
N PHE A 3717 -59.27 47.12 -53.14
CA PHE A 3717 -59.48 48.54 -52.87
C PHE A 3717 -60.19 48.73 -51.54
N LEU A 3718 -60.99 47.76 -51.11
CA LEU A 3718 -61.66 47.84 -49.83
C LEU A 3718 -60.67 47.65 -48.69
N LEU A 3719 -59.78 46.68 -48.81
CA LEU A 3719 -58.83 46.35 -47.75
C LEU A 3719 -57.52 47.13 -47.81
N CYS A 3720 -57.33 48.05 -48.77
CA CYS A 3720 -56.12 48.86 -48.78
C CYS A 3720 -56.40 50.34 -48.53
N HIS A 3721 -57.27 50.95 -49.33
CA HIS A 3721 -57.55 52.37 -49.19
C HIS A 3721 -58.37 52.67 -47.95
N SER A 3722 -59.43 51.91 -47.72
CA SER A 3722 -60.35 52.20 -46.62
C SER A 3722 -59.75 51.69 -45.31
N GLY A 3723 -58.92 52.53 -44.69
CA GLY A 3723 -58.34 52.21 -43.41
C GLY A 3723 -59.18 52.74 -42.24
N SER A 3724 -58.77 52.35 -41.04
CA SER A 3724 -59.47 52.78 -39.84
C SER A 3724 -58.86 54.05 -39.28
N THR A 3749 -69.44 53.99 -42.91
CA THR A 3749 -68.88 52.65 -43.05
C THR A 3749 -67.53 52.54 -42.34
N GLY A 3750 -67.41 51.55 -41.46
CA GLY A 3750 -66.18 51.34 -40.73
C GLY A 3750 -65.80 49.87 -40.60
N LEU A 3751 -64.53 49.56 -40.85
CA LEU A 3751 -64.03 48.20 -40.79
C LEU A 3751 -63.32 48.00 -39.45
N THR A 3752 -63.90 47.18 -38.58
CA THR A 3752 -63.27 46.85 -37.32
C THR A 3752 -62.14 45.85 -37.52
N THR A 3753 -61.27 45.76 -36.51
CA THR A 3753 -60.06 44.96 -36.65
C THR A 3753 -60.35 43.47 -36.72
N GLN A 3754 -61.34 43.00 -35.94
CA GLN A 3754 -61.68 41.58 -35.98
C GLN A 3754 -62.25 41.17 -37.33
N GLN A 3755 -63.17 41.98 -37.87
CA GLN A 3755 -63.70 41.69 -39.21
C GLN A 3755 -62.65 41.86 -40.28
N ARG A 3756 -61.73 42.82 -40.10
CA ARG A 3756 -60.63 42.98 -41.06
C ARG A 3756 -59.74 41.75 -41.08
N THR A 3757 -59.42 41.20 -39.90
CA THR A 3757 -58.66 39.96 -39.83
C THR A 3757 -59.44 38.80 -40.42
N ALA A 3758 -60.77 38.78 -40.24
CA ALA A 3758 -61.58 37.72 -40.82
C ALA A 3758 -61.51 37.74 -42.35
N ILE A 3759 -61.68 38.93 -42.94
CA ILE A 3759 -61.57 39.05 -44.40
C ILE A 3759 -60.15 38.75 -44.86
N GLU A 3760 -59.16 39.15 -44.06
CA GLU A 3760 -57.76 38.92 -44.39
C GLU A 3760 -57.45 37.43 -44.46
N ASN A 3761 -57.90 36.67 -43.46
CA ASN A 3761 -57.68 35.23 -43.44
C ASN A 3761 -58.49 34.53 -44.52
N ALA A 3762 -59.71 35.01 -44.78
CA ALA A 3762 -60.52 34.40 -45.83
C ALA A 3762 -59.91 34.63 -47.21
N THR A 3763 -59.34 35.81 -47.44
CA THR A 3763 -58.65 36.08 -48.69
C THR A 3763 -57.39 35.23 -48.82
N VAL A 3764 -56.68 35.00 -47.71
CA VAL A 3764 -55.53 34.11 -47.76
C VAL A 3764 -55.96 32.69 -48.13
N ALA A 3765 -57.07 32.22 -47.55
CA ALA A 3765 -57.56 30.89 -47.89
C ALA A 3765 -58.01 30.82 -49.34
N PHE A 3766 -58.64 31.89 -49.83
CA PHE A 3766 -59.07 31.95 -51.23
C PHE A 3766 -57.88 31.90 -52.19
N PHE A 3767 -56.83 32.65 -51.88
CA PHE A 3767 -55.65 32.66 -52.74
C PHE A 3767 -54.92 31.32 -52.69
N LEU A 3768 -54.89 30.68 -51.51
CA LEU A 3768 -54.29 29.36 -51.42
C LEU A 3768 -55.10 28.32 -52.18
N GLN A 3769 -56.43 28.48 -52.19
CA GLN A 3769 -57.32 27.53 -52.86
C GLN A 3769 -57.32 27.70 -54.38
N CYS A 3770 -57.13 28.92 -54.87
CA CYS A 3770 -57.28 29.18 -56.29
C CYS A 3770 -56.15 28.54 -57.11
N ILE A 3771 -54.91 28.72 -56.67
CA ILE A 3771 -53.76 28.34 -57.48
C ILE A 3771 -53.32 26.91 -57.19
N SER A 3772 -54.09 26.19 -56.39
CA SER A 3772 -53.72 24.82 -56.03
C SER A 3772 -53.82 23.93 -57.26
N CYS A 3773 -52.66 23.45 -57.73
CA CYS A 3773 -52.50 22.55 -58.88
C CYS A 3773 -53.10 23.12 -60.17
N HIS A 3774 -53.33 24.44 -60.23
CA HIS A 3774 -53.88 25.08 -61.42
C HIS A 3774 -52.88 26.06 -62.00
N PRO A 3775 -52.13 25.67 -63.04
CA PRO A 3775 -51.16 26.60 -63.64
C PRO A 3775 -51.79 27.85 -64.25
N ASN A 3776 -53.02 27.75 -64.75
CA ASN A 3776 -53.71 28.93 -65.26
C ASN A 3776 -53.96 29.94 -64.15
N ASN A 3777 -54.43 29.48 -62.99
CA ASN A 3777 -54.56 30.38 -61.86
C ASN A 3777 -53.20 30.88 -61.38
N GLN A 3778 -52.15 30.06 -61.52
CA GLN A 3778 -50.80 30.50 -61.17
C GLN A 3778 -50.36 31.70 -62.00
N LYS A 3779 -50.50 31.59 -63.33
CA LYS A 3779 -50.11 32.72 -64.17
C LYS A 3779 -51.07 33.89 -64.00
N LEU A 3780 -52.34 33.61 -63.67
CA LEU A 3780 -53.29 34.68 -63.40
C LEU A 3780 -52.89 35.49 -62.17
N MET A 3781 -52.56 34.82 -61.07
CA MET A 3781 -52.12 35.54 -59.88
C MET A 3781 -50.78 36.22 -60.11
N ALA A 3782 -49.90 35.61 -60.90
CA ALA A 3782 -48.63 36.27 -61.22
C ALA A 3782 -48.85 37.57 -61.98
N GLN A 3783 -49.74 37.55 -62.98
CA GLN A 3783 -50.05 38.77 -63.72
C GLN A 3783 -50.74 39.79 -62.81
N VAL A 3784 -51.64 39.34 -61.94
CA VAL A 3784 -52.36 40.25 -61.06
C VAL A 3784 -51.39 40.93 -60.08
N LEU A 3785 -50.50 40.15 -59.47
CA LEU A 3785 -49.57 40.72 -58.51
C LEU A 3785 -48.53 41.60 -59.20
N CYS A 3786 -48.12 41.26 -60.42
CA CYS A 3786 -47.25 42.16 -61.16
C CYS A 3786 -47.95 43.47 -61.48
N GLU A 3787 -49.27 43.41 -61.76
CA GLU A 3787 -49.99 44.64 -62.05
C GLU A 3787 -50.20 45.48 -60.81
N LEU A 3788 -50.40 44.85 -59.65
CA LEU A 3788 -50.48 45.62 -58.41
C LEU A 3788 -49.14 46.22 -58.02
N PHE A 3789 -48.06 45.45 -58.14
CA PHE A 3789 -46.73 45.96 -57.79
C PHE A 3789 -46.22 46.98 -58.78
N GLN A 3790 -46.71 46.95 -60.03
CA GLN A 3790 -46.32 47.96 -61.01
C GLN A 3790 -46.96 49.30 -60.68
N THR A 3791 -48.20 49.29 -60.20
CA THR A 3791 -48.92 50.50 -59.84
C THR A 3791 -48.87 50.74 -58.34
N SER A 3792 -47.74 50.41 -57.72
CA SER A 3792 -47.54 50.71 -56.31
C SER A 3792 -47.29 52.20 -56.14
N PRO A 3793 -47.88 52.84 -55.12
CA PRO A 3793 -47.71 54.28 -54.96
C PRO A 3793 -46.28 54.64 -54.58
N GLN A 3794 -45.85 55.80 -55.05
CA GLN A 3794 -44.50 56.29 -54.77
C GLN A 3794 -44.52 57.29 -53.62
N GLY A 3802 -44.56 54.29 -51.43
CA GLY A 3802 -43.37 53.49 -51.25
C GLY A 3802 -43.52 52.41 -50.21
N ASN A 3803 -44.36 52.67 -49.21
CA ASN A 3803 -44.60 51.71 -48.14
C ASN A 3803 -45.61 50.67 -48.60
N ILE A 3804 -45.32 49.41 -48.32
CA ILE A 3804 -46.21 48.31 -48.67
C ILE A 3804 -47.12 48.02 -47.50
N SER A 3805 -48.41 47.84 -47.78
CA SER A 3805 -49.38 47.55 -46.74
C SER A 3805 -49.16 46.15 -46.16
N GLY A 3806 -49.85 45.88 -45.06
CA GLY A 3806 -49.63 44.61 -44.38
C GLY A 3806 -50.14 43.43 -45.17
N PHE A 3807 -51.25 43.61 -45.89
CA PHE A 3807 -51.84 42.53 -46.67
C PHE A 3807 -50.88 42.05 -47.74
N ILE A 3808 -50.34 42.97 -48.54
CA ILE A 3808 -49.48 42.59 -49.66
C ILE A 3808 -48.18 41.99 -49.14
N ARG A 3809 -47.64 42.55 -48.06
CA ARG A 3809 -46.43 42.02 -47.45
C ARG A 3809 -46.62 40.60 -46.96
N ARG A 3810 -47.69 40.35 -46.20
CA ARG A 3810 -47.90 39.01 -45.66
C ARG A 3810 -48.28 38.04 -46.78
N LEU A 3811 -48.90 38.54 -47.85
CA LEU A 3811 -49.22 37.68 -48.98
C LEU A 3811 -47.95 37.27 -49.70
N PHE A 3812 -46.98 38.18 -49.81
CA PHE A 3812 -45.68 37.79 -50.35
C PHE A 3812 -45.00 36.79 -49.43
N LEU A 3813 -45.04 37.02 -48.12
CA LEU A 3813 -44.36 36.12 -47.21
C LEU A 3813 -45.09 34.79 -47.01
N GLN A 3814 -46.32 34.67 -47.51
CA GLN A 3814 -47.14 33.50 -47.27
C GLN A 3814 -47.41 32.67 -48.52
N LEU A 3815 -47.98 33.27 -49.58
CA LEU A 3815 -48.60 32.48 -50.63
C LEU A 3815 -47.56 31.75 -51.50
N MET A 3816 -46.55 32.45 -51.99
CA MET A 3816 -45.52 31.81 -52.83
C MET A 3816 -44.26 31.41 -52.07
N LEU A 3817 -44.22 31.60 -50.75
CA LEU A 3817 -43.09 31.15 -49.94
C LEU A 3817 -43.38 29.89 -49.13
N GLU A 3818 -44.58 29.33 -49.24
CA GLU A 3818 -44.81 27.99 -48.73
C GLU A 3818 -44.97 27.06 -49.93
N ASP A 3819 -44.53 25.83 -49.76
CA ASP A 3819 -44.63 24.83 -50.82
C ASP A 3819 -46.08 24.47 -51.13
N GLU A 3820 -46.32 24.13 -52.40
CA GLU A 3820 -47.65 23.78 -52.86
C GLU A 3820 -48.13 22.48 -52.20
N LYS A 3821 -49.37 22.49 -51.76
CA LYS A 3821 -49.97 21.37 -51.04
C LYS A 3821 -51.08 20.77 -51.89
N VAL A 3822 -51.07 19.44 -52.01
CA VAL A 3822 -52.03 18.71 -52.82
C VAL A 3822 -52.69 17.66 -51.93
N THR A 3823 -53.85 17.17 -52.38
CA THR A 3823 -54.63 16.20 -51.63
C THR A 3823 -54.29 14.80 -52.14
N MET A 3824 -53.85 13.95 -51.22
CA MET A 3824 -53.45 12.58 -51.50
C MET A 3824 -54.57 11.64 -51.08
N PHE A 3825 -55.03 10.80 -52.01
CA PHE A 3825 -56.05 9.79 -51.76
C PHE A 3825 -55.45 8.40 -51.96
N LEU A 3826 -55.68 7.51 -50.99
CA LEU A 3826 -55.07 6.18 -51.00
C LEU A 3826 -56.16 5.13 -50.88
N GLN A 3827 -56.26 4.25 -51.87
CA GLN A 3827 -57.17 3.11 -51.83
C GLN A 3827 -56.35 1.83 -51.76
N SER A 3828 -56.65 0.98 -50.78
CA SER A 3828 -55.93 -0.29 -50.70
C SER A 3828 -56.74 -1.32 -49.93
N PRO A 3829 -56.75 -2.58 -50.38
CA PRO A 3829 -57.42 -3.62 -49.59
C PRO A 3829 -56.72 -3.91 -48.27
N CYS A 3830 -55.41 -3.70 -48.20
CA CYS A 3830 -54.63 -3.93 -46.98
C CYS A 3830 -54.77 -2.74 -46.04
N PRO A 3831 -54.80 -2.99 -44.72
CA PRO A 3831 -54.89 -1.89 -43.76
C PRO A 3831 -53.74 -0.90 -43.90
N LEU A 3832 -54.06 0.39 -43.78
CA LEU A 3832 -53.10 1.48 -43.92
C LEU A 3832 -52.98 2.19 -42.58
N TYR A 3833 -51.90 1.94 -41.86
CA TYR A 3833 -51.61 2.66 -40.62
C TYR A 3833 -50.13 2.62 -40.30
N VAL A 3843 -61.27 13.63 -37.54
CA VAL A 3843 -61.33 14.52 -38.70
C VAL A 3843 -62.49 14.09 -39.61
N ILE A 3844 -63.16 15.07 -40.20
CA ILE A 3844 -64.29 14.84 -41.10
C ILE A 3844 -63.87 15.29 -42.49
N GLN A 3845 -63.98 14.40 -43.48
CA GLN A 3845 -63.60 14.75 -44.84
C GLN A 3845 -64.74 14.50 -45.83
N HIS A 3846 -64.45 14.63 -47.12
CA HIS A 3846 -65.47 14.42 -48.14
C HIS A 3846 -65.72 12.94 -48.36
N PRO A 3847 -66.97 12.54 -48.63
CA PRO A 3847 -67.28 11.13 -48.85
C PRO A 3847 -66.66 10.50 -50.11
N MET A 3848 -66.01 11.28 -50.98
CA MET A 3848 -65.17 10.66 -52.02
C MET A 3848 -64.01 9.92 -51.39
N TYR A 3849 -63.55 10.40 -50.24
CA TYR A 3849 -62.35 9.92 -49.59
C TYR A 3849 -62.59 8.69 -48.72
N GLY A 3850 -63.81 8.14 -48.71
CA GLY A 3850 -64.06 6.91 -48.00
C GLY A 3850 -64.14 7.11 -46.50
N ALA A 3851 -63.89 6.00 -45.79
CA ALA A 3851 -63.96 5.97 -44.33
C ALA A 3851 -63.07 4.81 -43.87
N GLY A 3852 -62.92 4.69 -42.56
CA GLY A 3852 -62.11 3.63 -42.01
C GLY A 3852 -60.63 3.85 -42.27
N HIS A 3853 -59.85 2.83 -41.94
CA HIS A 3853 -58.41 2.87 -42.16
C HIS A 3853 -57.99 2.30 -43.51
N LYS A 3854 -58.92 1.69 -44.26
CA LYS A 3854 -58.58 1.17 -45.58
C LYS A 3854 -58.65 2.24 -46.66
N PHE A 3855 -59.21 3.40 -46.34
CA PHE A 3855 -59.24 4.56 -47.22
C PHE A 3855 -58.46 5.68 -46.52
N ARG A 3856 -57.43 6.19 -47.17
CA ARG A 3856 -56.58 7.19 -46.56
C ARG A 3856 -56.67 8.50 -47.32
N THR A 3857 -56.60 9.61 -46.59
CA THR A 3857 -56.60 10.93 -47.20
C THR A 3857 -55.69 11.86 -46.42
N LEU A 3858 -54.69 12.40 -47.11
CA LEU A 3858 -53.73 13.31 -46.51
C LEU A 3858 -53.70 14.61 -47.31
N HIS A 3859 -53.20 15.66 -46.66
CA HIS A 3859 -53.09 16.99 -47.26
C HIS A 3859 -51.62 17.36 -47.19
N LEU A 3860 -50.87 16.99 -48.23
CA LEU A 3860 -49.42 16.98 -48.08
C LEU A 3860 -48.76 17.86 -49.12
N PRO A 3861 -47.57 18.41 -48.80
CA PRO A 3861 -46.86 19.23 -49.77
C PRO A 3861 -46.40 18.42 -50.97
N VAL A 3862 -46.28 19.12 -52.11
CA VAL A 3862 -45.91 18.48 -53.36
C VAL A 3862 -44.45 18.03 -53.35
N SER A 3863 -43.58 18.76 -52.64
CA SER A 3863 -42.14 18.57 -52.75
C SER A 3863 -41.68 17.21 -52.21
N THR A 3864 -42.49 16.54 -51.40
CA THR A 3864 -42.11 15.23 -50.90
C THR A 3864 -42.31 14.16 -51.97
N THR A 3865 -41.73 13.00 -51.73
CA THR A 3865 -41.79 11.88 -52.66
C THR A 3865 -42.68 10.78 -52.09
N LEU A 3866 -42.81 9.69 -52.85
CA LEU A 3866 -43.71 8.62 -52.45
C LEU A 3866 -43.15 7.77 -51.31
N SER A 3867 -41.83 7.72 -51.16
CA SER A 3867 -41.26 6.91 -50.09
C SER A 3867 -41.61 7.47 -48.72
N ASP A 3868 -41.67 8.80 -48.60
CA ASP A 3868 -41.96 9.41 -47.30
C ASP A 3868 -43.43 9.26 -46.92
N VAL A 3869 -44.34 9.45 -47.89
CA VAL A 3869 -45.76 9.29 -47.59
C VAL A 3869 -46.12 7.82 -47.42
N LEU A 3870 -45.40 6.90 -48.07
CA LEU A 3870 -45.65 5.49 -47.84
C LEU A 3870 -45.01 4.96 -46.57
N ASP A 3871 -43.95 5.60 -46.09
CA ASP A 3871 -43.37 5.17 -44.81
C ASP A 3871 -44.22 5.65 -43.64
N ARG A 3872 -44.84 6.82 -43.75
CA ARG A 3872 -45.71 7.34 -42.71
C ARG A 3872 -47.08 6.67 -42.70
N VAL A 3873 -47.41 5.89 -43.72
CA VAL A 3873 -48.70 5.20 -43.78
C VAL A 3873 -48.51 3.70 -43.75
N ILE A 3960 -35.33 -14.54 -52.29
CA ILE A 3960 -36.24 -14.29 -51.17
C ILE A 3960 -37.40 -13.43 -51.62
N THR A 3961 -38.59 -14.02 -51.67
CA THR A 3961 -39.80 -13.32 -52.08
C THR A 3961 -40.30 -12.46 -50.93
N VAL A 3962 -40.37 -11.15 -51.14
CA VAL A 3962 -40.75 -10.19 -50.13
C VAL A 3962 -41.92 -9.37 -50.67
N PRO A 3963 -43.00 -9.18 -49.91
CA PRO A 3963 -44.08 -8.29 -50.37
C PRO A 3963 -43.64 -6.84 -50.33
N VAL A 3964 -43.95 -6.12 -51.40
CA VAL A 3964 -43.55 -4.72 -51.56
C VAL A 3964 -44.77 -3.93 -52.00
N PHE A 3965 -44.98 -2.78 -51.36
CA PHE A 3965 -46.04 -1.87 -51.76
C PHE A 3965 -45.71 -1.24 -53.11
N HIS A 3966 -46.72 -1.20 -53.99
CA HIS A 3966 -46.60 -0.56 -55.29
C HIS A 3966 -47.79 0.36 -55.51
N LEU A 3967 -47.56 1.45 -56.22
CA LEU A 3967 -48.57 2.49 -56.43
C LEU A 3967 -49.05 2.45 -57.87
N PHE A 3968 -50.36 2.51 -58.05
CA PHE A 3968 -50.99 2.50 -59.37
C PHE A 3968 -51.98 3.64 -59.46
N HIS A 3969 -52.24 4.09 -60.69
CA HIS A 3969 -53.25 5.09 -60.97
C HIS A 3969 -54.34 4.48 -61.84
N LYS A 3970 -55.53 5.08 -61.78
CA LYS A 3970 -56.64 4.58 -62.59
C LYS A 3970 -56.43 4.89 -64.07
N LEU A 3971 -55.58 5.85 -64.40
CA LEU A 3971 -55.27 6.20 -65.78
C LEU A 3971 -54.00 5.54 -66.29
N LEU A 3972 -53.35 4.70 -65.49
CA LEU A 3972 -52.15 3.98 -65.91
C LEU A 3972 -52.40 2.48 -65.71
N ALA A 3973 -52.13 1.69 -66.74
CA ALA A 3973 -52.44 0.27 -66.74
C ALA A 3973 -51.18 -0.56 -66.92
N GLY A 3974 -50.76 -1.26 -65.85
CA GLY A 3974 -49.72 -2.25 -65.92
C GLY A 3974 -48.34 -1.85 -65.44
N GLN A 3975 -48.16 -0.64 -64.92
CA GLN A 3975 -46.85 -0.25 -64.44
C GLN A 3975 -46.94 0.36 -63.05
N PRO A 3976 -45.96 0.09 -62.18
CA PRO A 3976 -45.97 0.69 -60.84
C PRO A 3976 -45.37 2.08 -60.84
N LEU A 3977 -45.19 2.66 -59.65
CA LEU A 3977 -44.61 3.99 -59.54
C LEU A 3977 -43.33 3.96 -58.71
N PRO A 3978 -42.32 4.72 -59.12
CA PRO A 3978 -41.05 4.73 -58.37
C PRO A 3978 -41.24 5.35 -56.98
N ALA A 3979 -40.45 4.84 -56.03
CA ALA A 3979 -40.59 5.31 -54.65
C ALA A 3979 -40.03 6.71 -54.46
N GLU A 3980 -38.94 7.05 -55.16
CA GLU A 3980 -38.31 8.36 -55.02
C GLU A 3980 -38.83 9.41 -56.01
N MET A 3981 -39.98 9.21 -56.64
CA MET A 3981 -40.47 10.18 -57.62
C MET A 3981 -41.40 11.15 -56.88
N THR A 3982 -41.08 12.45 -56.95
CA THR A 3982 -41.84 13.44 -56.22
C THR A 3982 -43.19 13.69 -56.88
N LEU A 3983 -44.06 14.40 -56.16
CA LEU A 3983 -45.44 14.61 -56.61
C LEU A 3983 -45.54 15.64 -57.71
N ALA A 3984 -44.53 16.50 -57.90
CA ALA A 3984 -44.56 17.43 -59.01
C ALA A 3984 -44.45 16.69 -60.34
N GLN A 3985 -43.56 15.69 -60.39
CA GLN A 3985 -43.44 14.86 -61.59
C GLN A 3985 -44.73 14.08 -61.84
N LEU A 3986 -45.36 13.58 -60.78
CA LEU A 3986 -46.61 12.84 -60.94
C LEU A 3986 -47.73 13.76 -61.43
N LEU A 3987 -47.76 15.00 -60.93
CA LEU A 3987 -48.76 15.95 -61.38
C LEU A 3987 -48.57 16.32 -62.85
N THR A 3988 -47.31 16.49 -63.26
CA THR A 3988 -47.04 16.78 -64.67
C THR A 3988 -47.41 15.59 -65.56
N LEU A 3989 -47.14 14.37 -65.09
CA LEU A 3989 -47.51 13.18 -65.87
C LEU A 3989 -49.02 13.07 -66.01
N LEU A 3990 -49.77 13.35 -64.94
CA LEU A 3990 -51.22 13.29 -65.02
C LEU A 3990 -51.79 14.40 -65.90
N TYR A 3991 -51.22 15.60 -65.82
CA TYR A 3991 -51.71 16.69 -66.66
C TYR A 3991 -51.39 16.44 -68.12
N ASP A 3992 -50.32 15.69 -68.40
CA ASP A 3992 -50.05 15.19 -69.74
C ASP A 3992 -50.85 13.93 -70.08
N ARG A 3993 -51.58 13.38 -69.10
CA ARG A 3993 -52.38 12.17 -69.34
C ARG A 3993 -53.86 12.45 -69.14
N LYS A 3994 -54.36 13.51 -69.77
CA LYS A 3994 -55.77 13.84 -69.93
C LYS A 3994 -56.48 14.09 -68.59
N LEU A 3995 -55.74 14.17 -67.48
CA LEU A 3995 -56.35 14.60 -66.23
C LEU A 3995 -56.69 16.09 -66.35
N PRO A 3996 -57.90 16.50 -66.01
CA PRO A 3996 -58.28 17.90 -66.19
C PRO A 3996 -57.53 18.82 -65.22
N GLN A 3997 -57.23 20.02 -65.69
CA GLN A 3997 -56.43 20.95 -64.92
C GLN A 3997 -57.24 21.46 -63.73
N GLY A 3998 -56.59 21.55 -62.57
CA GLY A 3998 -57.28 21.97 -61.37
C GLY A 3998 -57.85 20.85 -60.54
N TYR A 3999 -57.52 19.60 -60.86
CA TYR A 3999 -58.05 18.45 -60.11
C TYR A 3999 -57.37 18.39 -58.75
N ARG A 4000 -58.14 18.75 -57.71
CA ARG A 4000 -57.60 19.06 -56.40
C ARG A 4000 -57.14 17.82 -55.61
N SER A 4001 -57.70 16.64 -55.88
CA SER A 4001 -57.38 15.45 -55.09
C SER A 4001 -56.94 14.34 -56.03
N ILE A 4002 -55.66 13.94 -55.95
CA ILE A 4002 -55.16 12.86 -56.80
C ILE A 4002 -55.22 11.54 -56.04
N ASP A 4003 -55.63 10.49 -56.75
CA ASP A 4003 -55.95 9.20 -56.15
C ASP A 4003 -54.99 8.12 -56.64
N LEU A 4004 -54.45 7.34 -55.71
CA LEU A 4004 -53.55 6.22 -56.00
C LEU A 4004 -54.05 4.98 -55.27
N THR A 4005 -53.88 3.83 -55.91
CA THR A 4005 -54.19 2.54 -55.31
C THR A 4005 -52.90 1.81 -54.97
N VAL A 4006 -52.85 1.25 -53.76
CA VAL A 4006 -51.69 0.55 -53.24
C VAL A 4006 -51.92 -0.95 -53.36
N LYS A 4007 -51.00 -1.64 -54.01
CA LYS A 4007 -51.07 -3.08 -54.20
C LYS A 4007 -49.81 -3.73 -53.63
N LEU A 4008 -49.87 -5.05 -53.47
CA LEU A 4008 -48.78 -5.83 -52.91
C LEU A 4008 -48.18 -6.72 -54.00
N GLY A 4009 -46.94 -6.44 -54.38
CA GLY A 4009 -46.21 -7.25 -55.33
C GLY A 4009 -45.09 -8.02 -54.66
N SER A 4010 -44.42 -8.84 -55.47
CA SER A 4010 -43.34 -9.70 -55.01
C SER A 4010 -42.01 -9.16 -55.51
N ARG A 4011 -41.01 -9.11 -54.62
CA ARG A 4011 -39.66 -8.71 -54.99
C ARG A 4011 -38.68 -9.79 -54.55
N VAL A 4012 -37.67 -10.03 -55.38
CA VAL A 4012 -36.65 -11.04 -55.13
C VAL A 4012 -35.36 -10.33 -54.74
N ILE A 4013 -34.85 -10.64 -53.56
CA ILE A 4013 -33.61 -10.05 -53.07
C ILE A 4013 -32.45 -11.00 -53.32
N SER A 4060 -37.24 7.52 -67.64
CA SER A 4060 -38.37 8.08 -68.38
C SER A 4060 -39.35 8.74 -67.42
N LEU A 4061 -39.79 8.00 -66.40
CA LEU A 4061 -40.74 8.55 -65.43
C LEU A 4061 -40.06 9.54 -64.50
N LEU A 4062 -38.83 9.24 -64.07
CA LEU A 4062 -38.10 10.11 -63.16
C LEU A 4062 -37.43 11.29 -63.85
N GLU A 4063 -37.35 11.30 -65.18
CA GLU A 4063 -36.68 12.35 -65.92
C GLU A 4063 -37.63 13.44 -66.42
N THR A 4064 -38.91 13.38 -66.04
CA THR A 4064 -39.86 14.39 -66.49
C THR A 4064 -39.66 15.70 -65.73
N CYS A 4065 -40.20 16.77 -66.31
CA CYS A 4065 -40.12 18.08 -65.69
C CYS A 4065 -41.09 18.19 -64.53
N PRO A 4066 -40.71 18.89 -63.46
CA PRO A 4066 -41.62 19.08 -62.32
C PRO A 4066 -42.62 20.19 -62.61
N ILE A 4067 -43.49 20.44 -61.62
CA ILE A 4067 -44.47 21.52 -61.74
C ILE A 4067 -43.75 22.87 -61.71
N GLN A 4068 -44.39 23.89 -62.30
CA GLN A 4068 -43.77 25.20 -62.37
C GLN A 4068 -43.86 25.96 -61.06
N SER A 4069 -44.94 25.74 -60.27
CA SER A 4069 -45.21 26.34 -58.96
C SER A 4069 -45.50 27.84 -59.09
N PRO A 4070 -46.31 28.40 -58.18
CA PRO A 4070 -46.63 29.83 -58.30
C PRO A 4070 -45.44 30.76 -58.11
N LEU A 4071 -44.44 30.36 -57.32
CA LEU A 4071 -43.30 31.23 -57.06
C LEU A 4071 -42.46 31.42 -58.31
N GLN A 4072 -42.11 30.32 -58.99
CA GLN A 4072 -41.31 30.42 -60.21
C GLN A 4072 -42.13 31.03 -61.35
N VAL A 4073 -43.44 30.81 -61.36
CA VAL A 4073 -44.29 31.46 -62.36
C VAL A 4073 -44.29 32.97 -62.16
N PHE A 4074 -44.35 33.41 -60.90
CA PHE A 4074 -44.27 34.84 -60.60
C PHE A 4074 -42.90 35.40 -60.96
N ALA A 4075 -41.85 34.61 -60.73
CA ALA A 4075 -40.50 35.04 -61.05
C ALA A 4075 -40.17 34.97 -62.55
N GLY A 4076 -41.00 34.31 -63.35
CA GLY A 4076 -40.72 34.22 -64.78
C GLY A 4076 -40.73 35.56 -65.50
N MET A 4077 -41.63 36.46 -65.11
CA MET A 4077 -41.66 37.79 -65.71
C MET A 4077 -40.98 38.85 -64.84
N GLY A 4078 -40.08 38.43 -63.95
CA GLY A 4078 -39.32 39.36 -63.15
C GLY A 4078 -40.08 40.16 -62.10
N GLY A 4079 -41.00 39.52 -61.39
CA GLY A 4079 -41.72 40.19 -60.32
C GLY A 4079 -40.84 40.45 -59.10
N LEU A 4080 -39.74 39.71 -58.97
CA LEU A 4080 -38.83 39.90 -57.84
C LEU A 4080 -38.20 41.28 -57.88
N ALA A 4081 -37.86 41.77 -59.08
CA ALA A 4081 -37.33 43.13 -59.19
C ALA A 4081 -38.39 44.15 -58.82
N LEU A 4082 -39.65 43.89 -59.18
CA LEU A 4082 -40.74 44.81 -58.84
C LEU A 4082 -40.96 44.88 -57.33
N ILE A 4083 -40.88 43.74 -56.64
CA ILE A 4083 -41.04 43.76 -55.20
C ILE A 4083 -39.77 44.21 -54.48
N ALA A 4084 -38.61 44.14 -55.13
CA ALA A 4084 -37.38 44.67 -54.55
C ALA A 4084 -37.32 46.19 -54.66
N GLU A 4085 -37.88 46.75 -55.74
CA GLU A 4085 -37.92 48.19 -55.88
C GLU A 4085 -38.89 48.83 -54.88
N ARG A 4086 -39.88 48.10 -54.41
CA ARG A 4086 -40.83 48.60 -53.43
C ARG A 4086 -40.42 48.29 -51.99
N LEU A 4087 -39.33 47.59 -51.79
CA LEU A 4087 -38.86 47.27 -50.44
C LEU A 4087 -37.85 48.30 -49.95
N ILE A 4153 -24.21 34.56 -39.23
CA ILE A 4153 -24.53 34.99 -40.59
C ILE A 4153 -24.30 36.48 -40.75
N PRO A 4154 -23.38 36.86 -41.64
CA PRO A 4154 -23.14 38.28 -41.91
C PRO A 4154 -24.37 38.94 -42.52
N ALA A 4155 -24.60 40.20 -42.14
CA ALA A 4155 -25.76 40.93 -42.63
C ALA A 4155 -25.53 41.58 -43.98
N HIS A 4156 -24.27 41.83 -44.37
CA HIS A 4156 -24.00 42.49 -45.63
C HIS A 4156 -24.34 41.59 -46.82
N SER A 4157 -24.15 40.27 -46.67
CA SER A 4157 -24.55 39.35 -47.74
C SER A 4157 -26.07 39.34 -47.92
N LEU A 4158 -26.81 39.34 -46.80
CA LEU A 4158 -28.26 39.38 -46.89
C LEU A 4158 -28.77 40.70 -47.44
N ALA A 4159 -28.06 41.80 -47.16
CA ALA A 4159 -28.43 43.08 -47.75
C ALA A 4159 -28.12 43.13 -49.24
N ALA A 4160 -27.00 42.51 -49.65
CA ALA A 4160 -26.63 42.49 -51.06
C ALA A 4160 -27.48 41.52 -51.87
N PHE A 4161 -28.08 40.52 -51.23
CA PHE A 4161 -28.96 39.60 -51.95
C PHE A 4161 -30.17 40.32 -52.51
N GLY A 4162 -30.73 41.26 -51.74
CA GLY A 4162 -31.87 42.02 -52.23
C GLY A 4162 -31.53 42.88 -53.43
N LEU A 4163 -30.32 43.43 -53.47
CA LEU A 4163 -29.86 44.17 -54.64
C LEU A 4163 -29.59 43.24 -55.81
N PHE A 4164 -29.05 42.05 -55.53
CA PHE A 4164 -28.70 41.11 -56.58
C PHE A 4164 -29.93 40.53 -57.26
N LEU A 4165 -31.02 40.31 -56.51
CA LEU A 4165 -32.21 39.71 -57.10
C LEU A 4165 -33.01 40.69 -57.95
N ARG A 4166 -32.57 41.96 -58.05
CA ARG A 4166 -33.25 42.92 -58.90
C ARG A 4166 -32.91 42.72 -60.37
N LEU A 4167 -31.83 42.02 -60.67
CA LEU A 4167 -31.43 41.83 -62.05
C LEU A 4167 -32.36 40.82 -62.73
N PRO A 4168 -32.70 41.03 -64.00
CA PRO A 4168 -33.48 40.03 -64.73
C PRO A 4168 -32.67 38.76 -64.96
N GLY A 4169 -33.34 37.62 -64.87
CA GLY A 4169 -32.68 36.34 -65.01
C GLY A 4169 -32.02 35.81 -63.75
N TYR A 4170 -32.04 36.59 -62.66
CA TYR A 4170 -31.46 36.12 -61.41
C TYR A 4170 -32.32 35.04 -60.76
N ALA A 4171 -33.64 35.23 -60.76
CA ALA A 4171 -34.53 34.27 -60.11
C ALA A 4171 -34.61 32.96 -60.86
N GLU A 4172 -34.44 32.99 -62.19
CA GLU A 4172 -34.52 31.77 -62.99
C GLU A 4172 -33.40 30.80 -62.64
N VAL A 4173 -32.20 31.32 -62.38
CA VAL A 4173 -31.10 30.48 -61.90
C VAL A 4173 -31.12 30.34 -60.38
N LEU A 4174 -31.88 31.19 -59.68
CA LEU A 4174 -32.00 31.06 -58.23
C LEU A 4174 -32.91 29.90 -57.84
N LEU A 4175 -33.95 29.67 -58.61
CA LEU A 4175 -34.94 28.63 -58.31
C LEU A 4175 -34.43 27.20 -58.53
N LYS A 4176 -33.15 26.97 -58.80
CA LYS A 4176 -32.67 25.60 -59.00
C LYS A 4176 -32.72 24.80 -57.71
N GLU A 4177 -32.41 25.43 -56.58
CA GLU A 4177 -32.53 24.81 -55.26
C GLU A 4177 -33.66 25.51 -54.52
N ARG A 4178 -34.80 24.83 -54.39
CA ARG A 4178 -35.99 25.48 -53.85
C ARG A 4178 -35.89 25.68 -52.34
N LYS A 4179 -35.45 24.65 -51.62
CA LYS A 4179 -35.49 24.68 -50.16
C LYS A 4179 -34.53 25.73 -49.60
N HIS A 4180 -33.30 25.78 -50.11
CA HIS A 4180 -32.33 26.75 -49.59
C HIS A 4180 -32.69 28.17 -50.00
N ALA A 4181 -33.27 28.36 -51.19
CA ALA A 4181 -33.75 29.68 -51.57
C ALA A 4181 -34.89 30.13 -50.67
N GLN A 4182 -35.81 29.22 -50.32
CA GLN A 4182 -36.87 29.57 -49.40
C GLN A 4182 -36.33 29.89 -48.00
N CYS A 4183 -35.31 29.15 -47.56
CA CYS A 4183 -34.68 29.45 -46.28
C CYS A 4183 -34.00 30.80 -46.30
N LEU A 4184 -33.34 31.15 -47.41
CA LEU A 4184 -32.71 32.46 -47.51
C LEU A 4184 -33.74 33.58 -47.53
N LEU A 4185 -34.88 33.38 -48.20
CA LEU A 4185 -35.93 34.39 -48.18
C LEU A 4185 -36.54 34.52 -46.78
N ARG A 4186 -36.63 33.40 -46.06
CA ARG A 4186 -37.11 33.44 -44.67
C ARG A 4186 -36.12 34.18 -43.78
N LEU A 4187 -34.82 34.05 -44.04
CA LEU A 4187 -33.84 34.84 -43.30
C LEU A 4187 -33.85 36.31 -43.71
N VAL A 4188 -34.23 36.60 -44.97
CA VAL A 4188 -34.30 37.99 -45.41
C VAL A 4188 -35.47 38.70 -44.75
N LEU A 4189 -36.64 38.04 -44.68
CA LEU A 4189 -37.81 38.68 -44.09
C LEU A 4189 -37.63 38.94 -42.60
N GLY A 4190 -36.93 38.05 -41.89
CA GLY A 4190 -36.70 38.22 -40.47
C GLY A 4190 -37.55 37.29 -39.63
N VAL A 4208 -22.91 28.13 -46.01
CA VAL A 4208 -23.76 27.80 -47.15
C VAL A 4208 -24.78 28.91 -47.37
N LEU A 4209 -25.37 29.41 -46.27
CA LEU A 4209 -26.37 30.46 -46.39
C LEU A 4209 -25.80 31.78 -46.91
N PRO A 4210 -24.66 32.30 -46.41
CA PRO A 4210 -24.12 33.52 -47.04
C PRO A 4210 -23.46 33.28 -48.38
N THR A 4211 -23.09 32.03 -48.69
CA THR A 4211 -22.43 31.74 -49.97
C THR A 4211 -23.42 31.78 -51.13
N LEU A 4212 -24.66 31.35 -50.89
CA LEU A 4212 -25.64 31.20 -51.96
C LEU A 4212 -25.99 32.49 -52.68
N PRO A 4213 -26.16 33.65 -52.03
CA PRO A 4213 -26.45 34.88 -52.80
C PRO A 4213 -25.35 35.26 -53.77
N PHE A 4214 -24.11 34.84 -53.51
CA PHE A 4214 -23.01 35.03 -54.46
C PHE A 4214 -22.84 33.84 -55.38
N HIS A 4215 -23.20 32.63 -54.93
CA HIS A 4215 -23.11 31.46 -55.80
C HIS A 4215 -24.11 31.53 -56.94
N VAL A 4216 -25.31 32.07 -56.65
CA VAL A 4216 -26.28 32.25 -57.73
C VAL A 4216 -25.78 33.30 -58.71
N LEU A 4217 -25.13 34.35 -58.22
CA LEU A 4217 -24.54 35.35 -59.11
C LEU A 4217 -23.42 34.77 -59.97
N ARG A 4218 -22.56 33.92 -59.39
CA ARG A 4218 -21.52 33.29 -60.20
C ARG A 4218 -22.11 32.36 -61.26
N SER A 4219 -23.12 31.56 -60.89
CA SER A 4219 -23.74 30.68 -61.86
C SER A 4219 -24.46 31.46 -62.96
N LEU A 4220 -25.06 32.60 -62.61
CA LEU A 4220 -25.70 33.43 -63.61
C LEU A 4220 -24.69 34.11 -64.52
N PHE A 4221 -23.52 34.49 -63.98
CA PHE A 4221 -22.44 34.99 -64.80
C PHE A 4221 -21.96 33.91 -65.78
N SER A 4222 -21.80 32.68 -65.29
CA SER A 4222 -21.27 31.61 -66.13
C SER A 4222 -22.28 31.20 -67.20
N THR A 4223 -23.57 31.21 -66.87
CA THR A 4223 -24.60 30.82 -67.82
C THR A 4223 -24.98 31.94 -68.79
N THR A 4224 -24.46 33.14 -68.59
CA THR A 4224 -24.69 34.25 -69.52
C THR A 4224 -23.37 34.68 -70.14
N PRO A 4225 -23.05 34.21 -71.34
CA PRO A 4225 -21.76 34.54 -71.95
C PRO A 4225 -21.76 35.95 -72.53
N LEU A 4226 -20.56 36.38 -72.93
CA LEU A 4226 -20.38 37.69 -73.54
C LEU A 4226 -20.70 37.71 -75.03
N THR A 4227 -21.01 36.56 -75.63
CA THR A 4227 -21.34 36.49 -77.04
C THR A 4227 -22.79 36.84 -77.33
N THR A 4228 -23.63 36.99 -76.31
CA THR A 4228 -25.04 37.29 -76.48
C THR A 4228 -25.37 38.62 -75.80
N ASP A 4229 -26.57 39.11 -76.09
CA ASP A 4229 -26.98 40.41 -75.58
C ASP A 4229 -27.34 40.38 -74.11
N ASP A 4230 -27.79 39.22 -73.60
CA ASP A 4230 -28.20 39.14 -72.20
C ASP A 4230 -27.02 39.36 -71.26
N GLY A 4231 -25.85 38.81 -71.60
CA GLY A 4231 -24.69 38.97 -70.75
C GLY A 4231 -24.21 40.41 -70.67
N VAL A 4232 -24.13 41.09 -71.82
CA VAL A 4232 -23.66 42.47 -71.81
C VAL A 4232 -24.70 43.40 -71.19
N LEU A 4233 -26.00 43.10 -71.39
CA LEU A 4233 -27.03 43.89 -70.74
C LEU A 4233 -26.98 43.71 -69.21
N LEU A 4234 -26.75 42.47 -68.75
CA LEU A 4234 -26.62 42.23 -67.32
C LEU A 4234 -25.39 42.92 -66.76
N ARG A 4235 -24.29 42.91 -67.49
CA ARG A 4235 -23.07 43.56 -67.02
C ARG A 4235 -23.22 45.08 -66.96
N ARG A 4236 -23.88 45.67 -67.96
CA ARG A 4236 -24.07 47.12 -67.92
C ARG A 4236 -25.10 47.52 -66.86
N MET A 4237 -26.09 46.66 -66.59
CA MET A 4237 -27.02 46.97 -65.52
C MET A 4237 -26.36 46.82 -64.15
N ALA A 4238 -25.44 45.87 -64.01
CA ALA A 4238 -24.67 45.76 -62.77
C ALA A 4238 -23.75 46.96 -62.61
N LEU A 4239 -23.19 47.47 -63.71
CA LEU A 4239 -22.40 48.69 -63.65
C LEU A 4239 -23.25 49.88 -63.23
N GLU A 4240 -24.48 49.95 -63.72
CA GLU A 4240 -25.35 51.08 -63.41
C GLU A 4240 -25.84 51.03 -61.97
N ILE A 4241 -26.28 49.87 -61.50
CA ILE A 4241 -26.89 49.78 -60.18
C ILE A 4241 -25.86 49.79 -59.05
N GLY A 4242 -24.59 49.56 -59.36
CA GLY A 4242 -23.55 49.66 -58.36
C GLY A 4242 -23.31 48.41 -57.53
N ALA A 4243 -23.37 47.23 -58.16
CA ALA A 4243 -23.05 46.00 -57.46
C ALA A 4243 -21.54 45.81 -57.28
N LEU A 4244 -20.75 46.26 -58.26
CA LEU A 4244 -19.30 46.09 -58.17
C LEU A 4244 -18.70 46.93 -57.05
N HIS A 4245 -19.24 48.13 -56.82
CA HIS A 4245 -18.77 48.93 -55.69
C HIS A 4245 -19.06 48.22 -54.37
N LEU A 4246 -20.25 47.62 -54.24
CA LEU A 4246 -20.60 46.92 -53.02
C LEU A 4246 -19.71 45.70 -52.80
N ILE A 4247 -19.47 44.91 -53.84
CA ILE A 4247 -18.64 43.72 -53.65
C ILE A 4247 -17.18 44.12 -53.41
N LEU A 4248 -16.73 45.24 -53.98
CA LEU A 4248 -15.37 45.68 -53.76
C LEU A 4248 -15.17 46.21 -52.35
N VAL A 4249 -16.14 46.97 -51.82
CA VAL A 4249 -16.00 47.43 -50.44
C VAL A 4249 -16.18 46.26 -49.46
N CYS A 4250 -16.96 45.24 -49.85
CA CYS A 4250 -17.06 44.05 -49.02
C CYS A 4250 -15.72 43.30 -48.97
N LEU A 4251 -15.06 43.18 -50.12
CA LEU A 4251 -13.74 42.56 -50.15
C LEU A 4251 -12.71 43.40 -49.39
N SER A 4252 -12.84 44.72 -49.46
CA SER A 4252 -11.95 45.60 -48.70
C SER A 4252 -12.13 45.43 -47.20
N ALA A 4253 -13.38 45.30 -46.75
CA ALA A 4253 -13.63 45.10 -45.33
C ALA A 4253 -13.20 43.72 -44.87
N LEU A 4254 -13.34 42.70 -45.74
CA LEU A 4254 -12.97 41.34 -45.35
C LEU A 4254 -11.46 41.13 -45.37
N SER A 4255 -10.74 41.78 -46.29
CA SER A 4255 -9.31 41.61 -46.42
C SER A 4255 -8.50 42.63 -45.62
N HIS A 4256 -9.17 43.56 -44.94
CA HIS A 4256 -8.52 44.60 -44.14
C HIS A 4256 -7.56 45.43 -44.97
N HIS A 4257 -7.95 45.76 -46.20
CA HIS A 4257 -7.14 46.56 -47.10
C HIS A 4257 -7.97 47.66 -47.73
N SER A 4258 -7.32 48.78 -48.04
CA SER A 4258 -7.96 49.97 -48.55
C SER A 4258 -7.68 50.14 -50.05
N PRO A 4259 -8.58 50.75 -50.80
CA PRO A 4259 -8.32 51.02 -52.22
C PRO A 4259 -7.25 52.06 -52.40
N ARG A 4260 -6.62 52.03 -53.57
CA ARG A 4260 -5.54 52.96 -53.91
C ARG A 4260 -6.14 54.34 -54.16
N VAL A 4261 -6.09 55.21 -53.15
CA VAL A 4261 -6.62 56.57 -53.26
C VAL A 4261 -5.66 57.41 -54.09
N PRO A 4262 -6.10 57.99 -55.21
CA PRO A 4262 -5.26 58.83 -56.07
C PRO A 4262 -4.85 60.13 -55.40
N ARG A 4314 -12.51 31.69 -40.08
CA ARG A 4314 -12.52 30.76 -41.20
C ARG A 4314 -13.58 31.17 -42.22
N LEU A 4315 -14.65 31.79 -41.74
CA LEU A 4315 -15.72 32.22 -42.63
C LEU A 4315 -15.26 33.35 -43.56
N GLU A 4316 -14.33 34.19 -43.09
CA GLU A 4316 -13.82 35.27 -43.94
C GLU A 4316 -13.02 34.73 -45.12
N GLU A 4317 -12.30 33.62 -44.93
CA GLU A 4317 -11.58 33.02 -46.04
C GLU A 4317 -12.54 32.48 -47.09
N GLU A 4318 -13.63 31.84 -46.65
CA GLU A 4318 -14.65 31.37 -47.60
C GLU A 4318 -15.33 32.54 -48.31
N HIS A 4319 -15.58 33.63 -47.58
CA HIS A 4319 -16.15 34.82 -48.20
C HIS A 4319 -15.23 35.41 -49.26
N VAL A 4320 -13.93 35.49 -48.96
CA VAL A 4320 -12.97 36.02 -49.91
C VAL A 4320 -12.86 35.11 -51.13
N THR A 4321 -12.86 33.79 -50.91
CA THR A 4321 -12.79 32.85 -52.03
C THR A 4321 -14.03 32.96 -52.92
N CYS A 4322 -15.21 33.06 -52.31
CA CYS A 4322 -16.43 33.17 -53.10
C CYS A 4322 -16.49 34.49 -53.84
N LEU A 4323 -16.04 35.57 -53.22
CA LEU A 4323 -16.01 36.86 -53.91
C LEU A 4323 -15.03 36.85 -55.08
N LEU A 4324 -13.87 36.21 -54.90
CA LEU A 4324 -12.93 36.08 -56.01
C LEU A 4324 -13.51 35.23 -57.12
N GLN A 4325 -14.27 34.19 -56.77
CA GLN A 4325 -14.94 33.38 -57.78
C GLN A 4325 -15.99 34.20 -58.54
N VAL A 4326 -16.72 35.06 -57.83
CA VAL A 4326 -17.71 35.92 -58.47
C VAL A 4326 -17.01 36.88 -59.44
N LEU A 4327 -15.89 37.47 -59.02
CA LEU A 4327 -15.15 38.36 -59.90
C LEU A 4327 -14.61 37.62 -61.12
N ALA A 4328 -14.11 36.40 -60.92
CA ALA A 4328 -13.60 35.61 -62.03
C ALA A 4328 -14.70 35.26 -63.03
N SER A 4329 -15.88 34.93 -62.53
CA SER A 4329 -17.00 34.66 -63.43
C SER A 4329 -17.51 35.93 -64.09
N TYR A 4330 -17.33 37.08 -63.44
CA TYR A 4330 -17.72 38.35 -64.06
C TYR A 4330 -16.78 38.73 -65.20
N ILE A 4331 -15.48 38.47 -65.04
CA ILE A 4331 -14.53 38.83 -66.09
C ILE A 4331 -14.69 37.91 -67.29
N ASN A 4332 -14.51 36.62 -67.09
CA ASN A 4332 -14.65 35.65 -68.18
C ASN A 4332 -15.79 34.70 -67.86
N PRO A 4333 -16.94 34.81 -68.54
CA PRO A 4333 -18.04 33.86 -68.28
C PRO A 4333 -17.74 32.45 -68.75
N VAL A 4334 -16.95 32.29 -69.81
CA VAL A 4334 -16.69 30.96 -70.35
C VAL A 4334 -15.69 30.19 -69.47
N SER A 4335 -14.91 30.91 -68.66
CA SER A 4335 -13.92 30.25 -67.80
C SER A 4335 -14.59 29.40 -66.73
N SER A 4336 -15.69 29.89 -66.16
CA SER A 4336 -16.41 29.15 -65.14
C SER A 4336 -17.34 28.11 -65.75
N GLN A 4351 -15.35 39.60 -80.95
CA GLN A 4351 -15.18 40.95 -80.44
C GLN A 4351 -15.19 40.96 -78.92
N ASN A 4352 -14.29 40.18 -78.31
CA ASN A 4352 -14.20 40.15 -76.86
C ASN A 4352 -13.48 41.35 -76.28
N SER A 4353 -12.77 42.12 -77.11
CA SER A 4353 -12.08 43.30 -76.62
C SER A 4353 -13.05 44.43 -76.32
N ASN A 4354 -14.05 44.63 -77.19
CA ASN A 4354 -15.04 45.68 -77.00
C ASN A 4354 -16.32 45.16 -76.36
N ALA A 4355 -16.32 43.91 -75.88
CA ALA A 4355 -17.48 43.37 -75.20
C ALA A 4355 -17.68 43.98 -73.81
N LEU A 4356 -16.64 44.57 -73.24
CA LEU A 4356 -16.74 45.23 -71.95
C LEU A 4356 -16.26 46.67 -72.06
N PRO A 4357 -17.01 47.63 -71.51
CA PRO A 4357 -16.58 49.03 -71.61
C PRO A 4357 -15.40 49.33 -70.70
N SER A 4358 -14.78 50.48 -70.97
CA SER A 4358 -13.64 50.94 -70.19
C SER A 4358 -14.04 51.55 -68.84
N VAL A 4359 -15.34 51.69 -68.58
CA VAL A 4359 -15.80 52.14 -67.27
C VAL A 4359 -15.40 51.13 -66.20
N LEU A 4360 -15.53 49.84 -66.51
CA LEU A 4360 -15.07 48.82 -65.58
C LEU A 4360 -13.56 48.86 -65.41
N LEU A 4361 -12.83 49.20 -66.48
CA LEU A 4361 -11.38 49.31 -66.39
C LEU A 4361 -10.96 50.45 -65.48
N GLU A 4362 -11.61 51.61 -65.60
CA GLU A 4362 -11.28 52.74 -64.75
C GLU A 4362 -11.82 52.58 -63.33
N LEU A 4363 -12.86 51.75 -63.14
CA LEU A 4363 -13.35 51.47 -61.81
C LEU A 4363 -12.41 50.52 -61.07
N LEU A 4364 -11.91 49.49 -61.76
CA LEU A 4364 -11.01 48.54 -61.13
C LEU A 4364 -9.62 49.14 -60.88
N SER A 4365 -9.27 50.22 -61.57
CA SER A 4365 -7.98 50.87 -61.32
C SER A 4365 -7.98 51.65 -60.01
N GLN A 4366 -9.16 51.96 -59.47
CA GLN A 4366 -9.28 52.73 -58.23
C GLN A 4366 -9.44 51.85 -57.00
N SER A 4367 -9.99 50.66 -57.15
CA SER A 4367 -10.36 49.82 -56.02
C SER A 4367 -9.13 49.14 -55.42
N CYS A 4368 -9.36 48.16 -54.55
CA CYS A 4368 -8.31 47.53 -53.76
C CYS A 4368 -7.90 46.18 -54.33
N LEU A 4369 -8.08 45.96 -55.64
CA LEU A 4369 -7.73 44.68 -56.23
C LEU A 4369 -6.22 44.45 -56.21
N ILE A 4370 -5.45 45.43 -56.67
CA ILE A 4370 -4.00 45.28 -56.74
C ILE A 4370 -3.35 45.12 -55.35
N PRO A 4371 -3.65 45.97 -54.35
CA PRO A 4371 -2.98 45.76 -53.05
C PRO A 4371 -3.39 44.48 -52.35
N ALA A 4372 -4.67 44.09 -52.43
CA ALA A 4372 -5.08 42.83 -51.83
C ALA A 4372 -4.47 41.64 -52.56
N MET A 4373 -4.34 41.75 -53.89
CA MET A 4373 -3.70 40.70 -54.67
C MET A 4373 -2.23 40.56 -54.30
N SER A 4374 -1.54 41.69 -54.11
CA SER A 4374 -0.13 41.67 -53.71
C SER A 4374 0.04 41.16 -52.29
N SER A 4375 -0.92 41.45 -51.40
CA SER A 4375 -0.82 41.00 -50.02
C SER A 4375 -1.10 39.50 -49.92
N TYR A 4376 -2.08 39.01 -50.68
CA TYR A 4376 -2.43 37.61 -50.62
C TYR A 4376 -1.40 36.74 -51.34
N LEU A 4377 -0.75 37.27 -52.39
CA LEU A 4377 0.19 36.43 -53.14
C LEU A 4377 1.46 36.19 -52.34
N ARG A 4378 2.00 37.23 -51.71
CA ARG A 4378 3.29 37.15 -51.02
C ARG A 4378 3.25 36.31 -49.75
N ASN A 4379 2.07 35.85 -49.32
CA ASN A 4379 1.96 34.98 -48.16
C ASN A 4379 2.63 33.62 -48.44
N PRO A 4390 -8.09 25.21 -53.57
CA PRO A 4390 -9.38 25.84 -53.86
C PRO A 4390 -9.29 27.36 -53.99
N LEU A 4391 -8.87 28.03 -52.92
CA LEU A 4391 -8.69 29.47 -52.97
C LEU A 4391 -7.56 29.85 -53.92
N TYR A 4392 -6.45 29.13 -53.87
CA TYR A 4392 -5.38 29.34 -54.85
C TYR A 4392 -5.85 28.99 -56.26
N ARG A 4393 -6.64 27.92 -56.39
CA ARG A 4393 -7.20 27.55 -57.69
C ARG A 4393 -8.16 28.63 -58.20
N ALA A 4394 -8.97 29.19 -57.30
CA ALA A 4394 -9.88 30.26 -57.70
C ALA A 4394 -9.10 31.51 -58.10
N LEU A 4395 -7.99 31.79 -57.41
CA LEU A 4395 -7.17 32.95 -57.76
C LEU A 4395 -6.47 32.74 -59.11
N LEU A 4396 -6.03 31.52 -59.40
CA LEU A 4396 -5.46 31.24 -60.71
C LEU A 4396 -6.52 31.30 -61.81
N GLU A 4397 -7.75 30.89 -61.51
CA GLU A 4397 -8.84 31.05 -62.46
C GLU A 4397 -9.13 32.53 -62.71
N LEU A 4398 -9.07 33.34 -61.65
CA LEU A 4398 -9.22 34.79 -61.81
C LEU A 4398 -8.09 35.35 -62.66
N LEU A 4399 -6.87 34.83 -62.48
CA LEU A 4399 -5.73 35.30 -63.25
C LEU A 4399 -5.89 34.96 -64.74
N ARG A 4400 -6.29 33.73 -65.05
CA ARG A 4400 -6.47 33.40 -66.47
C ARG A 4400 -7.68 34.11 -67.06
N ALA A 4401 -8.68 34.45 -66.23
CA ALA A 4401 -9.80 35.24 -66.71
C ALA A 4401 -9.37 36.66 -67.02
N ILE A 4402 -8.61 37.29 -66.12
CA ILE A 4402 -8.14 38.65 -66.32
C ILE A 4402 -7.10 38.72 -67.43
N ALA A 4403 -6.45 37.60 -67.76
CA ALA A 4403 -5.58 37.54 -68.92
C ALA A 4403 -6.30 37.19 -70.21
N SER A 4404 -7.52 36.64 -70.11
CA SER A 4404 -8.26 36.28 -71.31
C SER A 4404 -8.85 37.47 -72.05
N CYS A 4405 -9.27 38.51 -71.34
CA CYS A 4405 -9.83 39.70 -71.97
C CYS A 4405 -8.69 40.70 -72.23
N ALA A 4406 -8.53 41.11 -73.50
CA ALA A 4406 -7.42 41.97 -73.83
C ALA A 4406 -7.57 43.37 -73.25
N ALA A 4407 -8.82 43.87 -73.20
CA ALA A 4407 -9.06 45.21 -72.66
C ALA A 4407 -8.84 45.26 -71.17
N MET A 4408 -8.82 44.10 -70.52
CA MET A 4408 -8.64 44.00 -69.08
C MET A 4408 -7.18 43.68 -68.76
N VAL A 4409 -6.33 43.58 -69.79
CA VAL A 4409 -4.90 43.29 -69.56
C VAL A 4409 -4.11 44.40 -68.87
N PRO A 4410 -4.13 45.67 -69.31
CA PRO A 4410 -3.15 46.64 -68.78
C PRO A 4410 -3.28 46.99 -67.30
N LEU A 4411 -4.26 46.46 -66.57
CA LEU A 4411 -4.26 46.65 -65.12
C LEU A 4411 -3.22 45.79 -64.40
N LEU A 4412 -2.66 44.77 -65.07
CA LEU A 4412 -1.72 43.89 -64.39
C LEU A 4412 -0.36 44.55 -64.13
N LEU A 4413 -0.07 45.66 -64.79
CA LEU A 4413 1.19 46.35 -64.58
C LEU A 4413 1.17 47.02 -63.22
N PRO A 4414 2.13 46.73 -62.34
CA PRO A 4414 2.13 47.38 -61.02
C PRO A 4414 2.50 48.85 -61.12
N LEU A 4415 1.99 49.63 -60.17
CA LEU A 4415 2.25 51.06 -60.11
C LEU A 4415 3.61 51.35 -59.50
N GLN A 4430 9.65 47.28 -58.83
CA GLN A 4430 8.94 47.13 -60.10
C GLN A 4430 9.04 45.68 -60.61
N THR A 4431 8.36 44.77 -59.92
CA THR A 4431 8.34 43.36 -60.30
C THR A 4431 7.01 43.02 -60.96
N SER A 4432 7.08 42.38 -62.13
CA SER A 4432 5.86 41.98 -62.83
C SER A 4432 5.17 40.83 -62.10
N VAL A 4433 3.88 40.69 -62.36
CA VAL A 4433 3.10 39.64 -61.72
C VAL A 4433 3.51 38.26 -62.25
N GLY A 4434 3.92 38.18 -63.51
CA GLY A 4434 4.32 36.89 -64.08
C GLY A 4434 5.57 36.33 -63.44
N THR A 4435 6.59 37.16 -63.26
CA THR A 4435 7.84 36.69 -62.65
C THR A 4435 7.62 36.33 -61.18
N LEU A 4436 6.82 37.14 -60.46
CA LEU A 4436 6.47 36.82 -59.09
C LEU A 4436 5.75 35.47 -59.01
N LEU A 4437 4.71 35.29 -59.82
CA LEU A 4437 3.95 34.05 -59.82
C LEU A 4437 4.83 32.85 -60.18
N ALA A 4438 5.78 33.04 -61.09
CA ALA A 4438 6.74 31.98 -61.38
C ALA A 4438 7.62 31.66 -60.18
N LYS A 4439 8.05 32.70 -59.45
CA LYS A 4439 8.88 32.48 -58.27
C LYS A 4439 8.13 31.70 -57.19
N MET A 4440 6.90 32.11 -56.87
CA MET A 4440 6.17 31.34 -55.86
C MET A 4440 5.63 30.01 -56.39
N LYS A 4441 5.53 29.84 -57.72
CA LYS A 4441 5.21 28.53 -58.25
C LYS A 4441 6.37 27.56 -58.08
N THR A 4442 7.60 28.04 -58.33
CA THR A 4442 8.79 27.23 -58.05
C THR A 4442 8.94 26.99 -56.55
N CYS A 4443 8.53 27.96 -55.72
CA CYS A 4443 8.56 27.76 -54.28
C CYS A 4443 7.56 26.70 -53.84
N VAL A 4444 6.36 26.70 -54.43
CA VAL A 4444 5.35 25.70 -54.10
C VAL A 4444 5.78 24.32 -54.61
N ASP A 4445 6.24 24.26 -55.86
CA ASP A 4445 6.68 23.00 -56.44
C ASP A 4445 8.01 22.55 -55.85
N LEU A 4477 -3.23 19.60 -59.51
CA LEU A 4477 -2.85 20.84 -58.84
C LEU A 4477 -1.61 21.44 -59.49
N VAL A 4478 -0.53 20.67 -59.53
CA VAL A 4478 0.72 21.17 -60.11
C VAL A 4478 0.59 21.49 -61.60
N PRO A 4479 -0.01 20.63 -62.45
CA PRO A 4479 -0.17 21.05 -63.86
C PRO A 4479 -1.06 22.27 -64.03
N ASP A 4480 -2.11 22.41 -63.22
CA ASP A 4480 -2.95 23.60 -63.31
C ASP A 4480 -2.18 24.85 -62.90
N ILE A 4481 -1.39 24.76 -61.84
CA ILE A 4481 -0.58 25.88 -61.39
C ILE A 4481 0.43 26.27 -62.47
N GLN A 4482 1.09 25.27 -63.06
CA GLN A 4482 2.07 25.56 -64.11
C GLN A 4482 1.42 26.19 -65.33
N LYS A 4483 0.25 25.68 -65.74
CA LYS A 4483 -0.44 26.22 -66.90
C LYS A 4483 -0.89 27.67 -66.65
N THR A 4484 -1.43 27.95 -65.46
CA THR A 4484 -1.88 29.30 -65.17
C THR A 4484 -0.70 30.26 -65.05
N ALA A 4485 0.41 29.80 -64.48
CA ALA A 4485 1.60 30.64 -64.40
C ALA A 4485 2.17 30.92 -65.78
N GLU A 4486 2.16 29.92 -66.67
CA GLU A 4486 2.62 30.14 -68.04
C GLU A 4486 1.71 31.09 -68.79
N ILE A 4487 0.39 31.00 -68.54
CA ILE A 4487 -0.54 31.92 -69.18
C ILE A 4487 -0.31 33.35 -68.71
N VAL A 4488 -0.09 33.53 -67.40
CA VAL A 4488 0.17 34.86 -66.87
C VAL A 4488 1.49 35.40 -67.39
N TYR A 4489 2.52 34.54 -67.50
CA TYR A 4489 3.79 34.97 -68.04
C TYR A 4489 3.67 35.37 -69.51
N ALA A 4490 2.91 34.60 -70.29
CA ALA A 4490 2.70 34.95 -71.70
C ALA A 4490 1.94 36.26 -71.83
N ALA A 4491 0.95 36.49 -70.96
CA ALA A 4491 0.20 37.75 -71.01
C ALA A 4491 1.10 38.93 -70.65
N THR A 4492 1.98 38.75 -69.66
CA THR A 4492 2.87 39.84 -69.26
C THR A 4492 3.93 40.11 -70.31
N THR A 4493 4.41 39.07 -71.00
CA THR A 4493 5.38 39.29 -72.06
C THR A 4493 4.73 39.89 -73.30
N SER A 4494 3.46 39.58 -73.54
CA SER A 4494 2.76 40.17 -74.68
C SER A 4494 2.35 41.62 -74.42
N LEU A 4495 2.04 41.96 -73.17
CA LEU A 4495 1.68 43.33 -72.86
C LEU A 4495 2.87 44.27 -72.98
N ARG A 4496 4.04 43.82 -72.53
CA ARG A 4496 5.25 44.64 -72.60
C ARG A 4496 5.87 44.57 -73.99
N GLU B 54 -21.72 107.14 3.27
CA GLU B 54 -21.48 106.89 4.69
C GLU B 54 -22.13 105.59 5.14
N TRP B 55 -21.34 104.71 5.74
CA TRP B 55 -21.82 103.43 6.23
C TRP B 55 -22.32 103.57 7.67
N LEU B 56 -23.37 102.85 8.00
CA LEU B 56 -24.01 102.92 9.31
C LEU B 56 -23.51 101.78 10.19
N VAL B 57 -23.05 102.12 11.39
CA VAL B 57 -22.58 101.16 12.37
C VAL B 57 -23.44 101.30 13.62
N LEU B 58 -23.95 100.17 14.11
CA LEU B 58 -24.84 100.15 15.26
C LEU B 58 -24.07 99.74 16.52
N ARG B 59 -24.37 100.41 17.63
CA ARG B 59 -23.83 100.08 18.94
C ARG B 59 -24.97 99.67 19.86
N ASP B 60 -24.84 98.48 20.47
CA ASP B 60 -25.93 97.93 21.27
C ASP B 60 -25.42 97.56 22.66
N GLY B 61 -24.37 98.23 23.11
CA GLY B 61 -23.86 98.03 24.45
C GLY B 61 -22.40 97.62 24.46
N CYS B 62 -21.95 97.15 25.63
CA CYS B 62 -20.58 96.74 25.84
C CYS B 62 -20.55 95.76 27.01
N MET B 63 -19.41 95.10 27.19
CA MET B 63 -19.24 94.16 28.28
C MET B 63 -17.89 94.40 28.95
N HIS B 64 -17.80 93.99 30.21
CA HIS B 64 -16.58 94.14 31.01
C HIS B 64 -15.92 92.79 31.19
N CYS B 65 -14.68 92.67 30.73
CA CYS B 65 -13.90 91.44 30.83
C CYS B 65 -12.93 91.44 32.00
N ASP B 66 -12.07 92.45 32.07
CA ASP B 66 -11.09 92.56 33.15
C ASP B 66 -10.75 94.02 33.38
N ALA B 67 -10.27 94.32 34.58
CA ALA B 67 -9.85 95.66 34.94
C ALA B 67 -8.36 95.90 34.71
N ASP B 68 -7.65 94.90 34.20
CA ASP B 68 -6.22 95.02 33.94
C ASP B 68 -5.90 95.47 32.52
N GLY B 69 -6.90 95.67 31.68
CA GLY B 69 -6.69 96.10 30.32
C GLY B 69 -6.55 94.93 29.35
N LEU B 70 -6.70 95.25 28.06
CA LEU B 70 -6.58 94.28 26.98
C LEU B 70 -5.68 94.87 25.90
N HIS B 71 -4.89 94.02 25.26
CA HIS B 71 -3.96 94.47 24.22
C HIS B 71 -4.26 93.87 22.86
N SER B 72 -4.35 92.55 22.76
CA SER B 72 -4.60 91.90 21.48
C SER B 72 -5.81 90.99 21.59
N LEU B 73 -6.43 90.71 20.45
CA LEU B 73 -7.66 89.92 20.39
C LEU B 73 -7.50 88.78 19.41
N SER B 74 -8.26 87.72 19.66
CA SER B 74 -8.29 86.56 18.78
C SER B 74 -9.62 85.84 19.00
N TYR B 75 -10.22 85.37 17.92
CA TYR B 75 -11.52 84.72 17.95
C TYR B 75 -11.39 83.33 17.35
N HIS B 76 -11.96 82.34 18.03
CA HIS B 76 -11.97 80.97 17.53
C HIS B 76 -13.33 80.67 16.95
N PRO B 77 -13.45 80.42 15.65
CA PRO B 77 -14.78 80.28 15.03
C PRO B 77 -15.49 78.98 15.35
N ALA B 78 -14.76 77.92 15.69
CA ALA B 78 -15.41 76.63 15.93
C ALA B 78 -16.15 76.61 17.25
N LEU B 79 -15.56 77.19 18.29
CA LEU B 79 -16.16 77.20 19.62
C LEU B 79 -16.85 78.51 19.96
N ASN B 80 -16.83 79.49 19.04
CA ASN B 80 -17.42 80.82 19.27
C ASN B 80 -16.84 81.47 20.53
N ALA B 81 -15.52 81.38 20.67
CA ALA B 81 -14.83 81.83 21.88
C ALA B 81 -13.88 82.95 21.55
N ILE B 82 -13.94 84.02 22.34
CA ILE B 82 -13.03 85.16 22.21
C ILE B 82 -11.87 84.94 23.17
N LEU B 83 -10.65 84.95 22.62
CA LEU B 83 -9.43 84.75 23.41
C LEU B 83 -8.81 86.12 23.67
N ALA B 84 -9.36 86.85 24.65
CA ALA B 84 -8.84 88.17 24.95
C ALA B 84 -7.49 88.06 25.66
N VAL B 85 -6.54 88.90 25.25
CA VAL B 85 -5.20 88.89 25.82
C VAL B 85 -5.07 90.09 26.74
N THR B 86 -4.90 89.84 28.03
CA THR B 86 -4.75 90.92 28.99
C THR B 86 -3.33 91.51 28.92
N SER B 87 -3.16 92.66 29.56
CA SER B 87 -1.85 93.31 29.62
C SER B 87 -0.90 92.63 30.60
N ARG B 88 -1.41 91.76 31.46
CA ARG B 88 -0.59 91.05 32.43
C ARG B 88 -0.15 89.68 31.95
N GLY B 89 -0.55 89.28 30.74
CA GLY B 89 -0.14 88.03 30.14
C GLY B 89 -1.20 86.94 30.15
N THR B 90 -2.25 87.09 30.96
CA THR B 90 -3.29 86.08 31.03
C THR B 90 -4.18 86.14 29.80
N ILE B 91 -4.74 84.99 29.44
CA ILE B 91 -5.68 84.86 28.32
C ILE B 91 -7.04 84.53 28.90
N LYS B 92 -8.03 85.38 28.61
CA LYS B 92 -9.36 85.26 29.15
C LYS B 92 -10.26 84.77 28.02
N VAL B 93 -10.80 83.57 28.18
CA VAL B 93 -11.63 82.92 27.16
C VAL B 93 -13.08 83.22 27.50
N ILE B 94 -13.78 83.88 26.58
CA ILE B 94 -15.15 84.35 26.80
C ILE B 94 -16.06 83.70 25.77
N ASP B 95 -17.20 83.20 26.21
CA ASP B 95 -18.17 82.65 25.27
C ASP B 95 -18.82 83.77 24.46
N GLY B 96 -19.14 83.46 23.20
CA GLY B 96 -19.74 84.43 22.31
C GLY B 96 -21.22 84.24 22.08
N THR B 97 -21.88 83.44 22.93
CA THR B 97 -23.30 83.17 22.78
C THR B 97 -24.17 83.75 23.88
N SER B 98 -23.62 83.99 25.07
CA SER B 98 -24.42 84.51 26.17
C SER B 98 -23.74 85.60 26.98
N GLY B 99 -22.49 85.95 26.67
CA GLY B 99 -21.77 86.94 27.43
C GLY B 99 -21.14 86.44 28.70
N ALA B 100 -21.25 85.14 28.99
CA ALA B 100 -20.66 84.56 30.19
C ALA B 100 -19.26 84.06 29.88
N THR B 101 -18.30 84.43 30.71
CA THR B 101 -16.90 84.14 30.44
C THR B 101 -16.61 82.66 30.70
N LEU B 102 -15.80 82.06 29.84
CA LEU B 102 -15.54 80.63 29.91
C LEU B 102 -14.44 80.31 30.92
N GLN B 103 -13.24 80.82 30.71
CA GLN B 103 -12.08 80.39 31.49
C GLN B 103 -11.05 81.51 31.53
N ALA B 104 -10.03 81.33 32.37
CA ALA B 104 -8.85 82.18 32.41
C ALA B 104 -7.63 81.28 32.40
N SER B 105 -6.56 81.76 31.77
CA SER B 105 -5.36 80.96 31.57
C SER B 105 -4.11 81.81 31.70
N ALA B 106 -3.01 81.16 32.05
CA ALA B 106 -1.70 81.80 32.14
C ALA B 106 -0.66 81.13 31.25
N LEU B 107 -1.02 80.06 30.53
CA LEU B 107 -0.19 79.39 29.53
C LEU B 107 1.06 78.73 30.13
N SER B 108 1.20 78.77 31.46
CA SER B 108 2.34 78.20 32.17
C SER B 108 3.67 78.77 31.66
N ALA B 109 3.64 80.06 31.28
CA ALA B 109 4.81 80.72 30.74
C ALA B 109 5.54 81.48 31.84
N LYS B 110 6.64 82.14 31.46
CA LYS B 110 7.41 82.92 32.42
C LYS B 110 6.66 84.19 32.78
N PRO B 111 6.75 84.65 34.02
CA PRO B 111 6.06 85.88 34.41
C PRO B 111 6.65 87.11 33.73
N GLY B 112 5.79 88.06 33.41
CA GLY B 112 6.21 89.28 32.75
C GLY B 112 6.37 89.17 31.25
N GLY B 113 6.13 87.99 30.66
CA GLY B 113 6.29 87.83 29.23
C GLY B 113 5.15 88.49 28.46
N GLN B 114 5.46 88.92 27.25
CA GLN B 114 4.47 89.58 26.39
C GLN B 114 3.79 88.52 25.54
N VAL B 115 2.62 88.07 25.99
CA VAL B 115 1.87 87.04 25.29
C VAL B 115 1.14 87.68 24.10
N LYS B 116 1.30 87.08 22.93
CA LYS B 116 0.58 87.51 21.74
C LYS B 116 -0.11 86.30 21.13
N CYS B 117 -1.43 86.37 20.98
CA CYS B 117 -2.23 85.24 20.53
C CYS B 117 -2.84 85.55 19.17
N GLN B 118 -2.79 84.57 18.28
CA GLN B 118 -3.37 84.69 16.94
C GLN B 118 -4.09 83.41 16.58
N TYR B 119 -5.07 83.52 15.70
CA TYR B 119 -5.86 82.38 15.25
C TYR B 119 -5.74 82.24 13.75
N ILE B 120 -5.78 80.99 13.27
CA ILE B 120 -5.81 80.69 11.84
C ILE B 120 -6.99 79.77 11.60
N SER B 121 -7.93 80.20 10.75
CA SER B 121 -9.08 79.39 10.42
C SER B 121 -8.84 78.47 9.22
N ALA B 122 -7.83 78.75 8.41
CA ALA B 122 -7.50 77.87 7.30
C ALA B 122 -6.95 76.55 7.82
N VAL B 123 -6.11 76.60 8.85
CA VAL B 123 -5.60 75.40 9.51
C VAL B 123 -6.25 75.17 10.86
N ASP B 124 -7.08 76.10 11.34
CA ASP B 124 -7.82 75.96 12.60
C ASP B 124 -6.87 75.75 13.79
N LYS B 125 -5.87 76.62 13.90
CA LYS B 125 -4.87 76.48 14.94
C LYS B 125 -4.62 77.83 15.61
N VAL B 126 -4.31 77.79 16.91
CA VAL B 126 -4.09 78.99 17.70
C VAL B 126 -2.61 79.05 18.05
N ILE B 127 -1.98 80.20 17.79
CA ILE B 127 -0.56 80.41 17.99
C ILE B 127 -0.35 81.42 19.14
N PHE B 128 0.42 81.01 20.14
CA PHE B 128 0.81 81.88 21.25
C PHE B 128 2.30 82.14 21.15
N VAL B 129 2.69 83.41 21.12
CA VAL B 129 4.08 83.81 20.97
C VAL B 129 4.47 84.65 22.18
N ASP B 130 5.51 84.22 22.88
CA ASP B 130 6.12 84.96 23.96
C ASP B 130 7.51 85.43 23.50
N ASP B 131 8.28 85.99 24.43
CA ASP B 131 9.64 86.41 24.12
C ASP B 131 10.62 85.24 24.03
N TYR B 132 10.20 84.03 24.40
CA TYR B 132 11.10 82.88 24.41
C TYR B 132 10.70 81.82 23.39
N ALA B 133 9.48 81.30 23.45
CA ALA B 133 9.07 80.19 22.62
C ALA B 133 7.68 80.46 22.03
N VAL B 134 7.28 79.57 21.12
CA VAL B 134 5.98 79.65 20.44
C VAL B 134 5.24 78.34 20.67
N GLY B 135 3.98 78.44 21.07
CA GLY B 135 3.15 77.27 21.30
C GLY B 135 1.96 77.26 20.37
N CYS B 136 1.55 76.05 19.99
CA CYS B 136 0.42 75.85 19.09
C CYS B 136 -0.63 75.00 19.80
N ARG B 137 -1.89 75.40 19.70
CA ARG B 137 -2.97 74.69 20.37
C ARG B 137 -4.14 74.51 19.40
N LYS B 138 -5.04 73.60 19.77
CA LYS B 138 -6.23 73.32 18.98
C LYS B 138 -7.34 72.86 19.92
N ASP B 139 -8.52 72.63 19.35
CA ASP B 139 -9.67 72.21 20.13
C ASP B 139 -9.53 70.75 20.55
N LEU B 140 -10.04 70.44 21.73
CA LEU B 140 -10.07 69.06 22.23
C LEU B 140 -11.35 68.87 23.02
N ASN B 141 -12.28 68.10 22.45
CA ASN B 141 -13.58 67.80 23.08
C ASN B 141 -14.36 69.07 23.41
N GLY B 142 -14.27 70.07 22.54
CA GLY B 142 -15.02 71.29 22.69
C GLY B 142 -14.40 72.34 23.59
N ILE B 143 -13.20 72.09 24.15
CA ILE B 143 -12.51 73.05 24.99
C ILE B 143 -11.07 73.17 24.51
N LEU B 144 -10.45 74.29 24.88
CA LEU B 144 -9.05 74.55 24.57
C LEU B 144 -8.22 74.34 25.83
N LEU B 145 -7.22 73.48 25.73
CA LEU B 145 -6.30 73.18 26.83
C LEU B 145 -5.22 74.25 26.86
N LEU B 146 -5.55 75.39 27.45
CA LEU B 146 -4.67 76.56 27.45
C LEU B 146 -3.81 76.69 28.70
N ASP B 147 -3.88 75.75 29.65
CA ASP B 147 -3.07 75.87 30.86
C ASP B 147 -1.59 75.62 30.57
N THR B 148 -1.29 74.63 29.73
CA THR B 148 0.10 74.30 29.37
C THR B 148 0.34 74.53 27.88
N ALA B 149 -0.15 75.66 27.37
CA ALA B 149 -0.01 75.97 25.95
C ALA B 149 1.43 76.31 25.60
N LEU B 150 2.10 77.08 26.47
CA LEU B 150 3.48 77.51 26.25
C LEU B 150 4.43 76.86 27.26
N GLN B 151 4.21 75.58 27.55
CA GLN B 151 5.05 74.87 28.51
C GLN B 151 6.40 74.57 27.88
N THR B 152 7.47 74.99 28.57
CA THR B 152 8.81 74.68 28.11
C THR B 152 9.10 73.20 28.31
N PRO B 153 9.57 72.48 27.29
CA PRO B 153 9.88 71.05 27.48
C PRO B 153 11.02 70.86 28.47
N VAL B 154 10.82 69.92 29.38
CA VAL B 154 11.80 69.66 30.45
C VAL B 154 12.94 68.82 29.90
N SER B 155 14.03 68.72 30.66
CA SER B 155 15.20 67.95 30.25
C SER B 155 15.50 66.76 31.15
N LYS B 156 14.94 66.71 32.35
CA LYS B 156 15.18 65.63 33.30
C LYS B 156 13.85 65.02 33.73
N GLN B 157 13.93 63.80 34.24
CA GLN B 157 12.73 63.09 34.67
C GLN B 157 12.17 63.62 35.98
N ASP B 158 12.98 64.30 36.78
CA ASP B 158 12.57 64.79 38.09
C ASP B 158 12.01 66.20 38.04
N ASP B 159 11.91 66.80 36.86
CA ASP B 159 11.37 68.15 36.73
C ASP B 159 9.86 68.13 36.90
N VAL B 160 9.34 69.13 37.61
CA VAL B 160 7.90 69.24 37.85
C VAL B 160 7.22 69.74 36.58
N VAL B 161 6.25 68.97 36.11
CA VAL B 161 5.49 69.25 34.89
C VAL B 161 4.04 69.51 35.28
N GLN B 162 3.42 70.43 34.54
CA GLN B 162 2.02 70.78 34.71
C GLN B 162 1.16 69.85 33.87
N LEU B 163 0.19 69.21 34.50
CA LEU B 163 -0.67 68.21 33.88
C LEU B 163 -2.12 68.71 33.96
N GLU B 164 -2.64 69.16 32.84
CA GLU B 164 -4.01 69.67 32.77
C GLU B 164 -5.00 68.59 32.31
N LEU B 165 -6.08 68.44 33.08
CA LEU B 165 -7.07 67.42 32.76
C LEU B 165 -8.48 67.97 32.82
N PRO B 166 -9.37 67.48 31.95
CA PRO B 166 -10.79 67.87 32.02
C PRO B 166 -11.53 67.20 33.19
N VAL B 167 -12.85 67.37 33.24
CA VAL B 167 -13.65 66.95 34.39
C VAL B 167 -14.04 65.49 34.29
N THR B 168 -14.57 65.05 33.14
CA THR B 168 -15.02 63.67 33.00
C THR B 168 -13.84 62.69 33.08
N GLU B 169 -12.71 63.05 32.47
CA GLU B 169 -11.51 62.22 32.57
C GLU B 169 -11.03 62.11 34.00
N ALA B 170 -11.01 63.21 34.74
CA ALA B 170 -10.58 63.20 36.13
C ALA B 170 -11.53 62.36 36.97
N GLN B 171 -12.84 62.47 36.72
CA GLN B 171 -13.81 61.67 37.46
C GLN B 171 -13.65 60.18 37.19
N GLN B 172 -13.39 59.82 35.92
CA GLN B 172 -13.16 58.42 35.59
C GLN B 172 -11.87 57.91 36.24
N LEU B 173 -10.83 58.74 36.26
CA LEU B 173 -9.58 58.35 36.91
C LEU B 173 -9.78 58.13 38.40
N LEU B 174 -10.52 59.03 39.06
CA LEU B 174 -10.77 58.88 40.49
C LEU B 174 -11.62 57.65 40.78
N SER B 175 -12.63 57.40 39.95
CA SER B 175 -13.48 56.23 40.15
C SER B 175 -12.69 54.94 39.96
N ALA B 176 -11.81 54.90 38.97
CA ALA B 176 -10.98 53.71 38.78
C ALA B 176 -9.98 53.54 39.93
N CYS B 177 -9.36 54.63 40.38
CA CYS B 177 -8.37 54.53 41.45
C CYS B 177 -9.02 54.20 42.79
N LEU B 178 -10.29 54.53 42.99
CA LEU B 178 -10.97 54.24 44.24
C LEU B 178 -11.79 52.95 44.23
N GLU B 179 -12.09 52.41 43.06
CA GLU B 179 -12.93 51.22 42.97
C GLU B 179 -12.23 50.03 42.32
N LYS B 180 -11.59 50.23 41.17
CA LYS B 180 -11.09 49.12 40.37
C LYS B 180 -9.58 49.02 40.29
N VAL B 181 -8.84 50.08 40.59
CA VAL B 181 -7.39 50.10 40.47
C VAL B 181 -6.78 50.24 41.86
N ASP B 182 -5.87 49.33 42.22
CA ASP B 182 -5.17 49.35 43.50
C ASP B 182 -3.68 49.58 43.27
N ILE B 183 -3.25 50.83 43.34
CA ILE B 183 -1.86 51.21 43.08
C ILE B 183 -1.28 51.94 44.29
N SER B 184 -1.68 51.53 45.50
CA SER B 184 -1.21 52.18 46.71
C SER B 184 0.28 51.97 46.95
N SER B 185 0.88 50.94 46.34
CA SER B 185 2.29 50.65 46.53
C SER B 185 3.20 51.52 45.66
N THR B 186 2.64 52.33 44.77
CA THR B 186 3.41 53.10 43.82
C THR B 186 3.81 54.46 44.39
N GLU B 187 4.91 54.99 43.87
CA GLU B 187 5.44 56.25 44.36
C GLU B 187 4.54 57.42 43.94
N GLY B 188 4.29 58.33 44.89
CA GLY B 188 3.48 59.48 44.59
C GLY B 188 2.00 59.21 44.50
N TYR B 189 1.55 58.04 44.96
CA TYR B 189 0.13 57.69 44.87
C TYR B 189 -0.73 58.58 45.76
N ASP B 190 -0.27 58.85 46.98
CA ASP B 190 -1.08 59.65 47.91
C ASP B 190 -1.21 61.08 47.42
N LEU B 191 -0.12 61.64 46.88
CA LEU B 191 -0.15 63.01 46.37
C LEU B 191 -1.09 63.12 45.18
N PHE B 192 -1.04 62.16 44.25
CA PHE B 192 -1.95 62.19 43.11
C PHE B 192 -3.40 62.02 43.53
N ILE B 193 -3.67 61.14 44.51
CA ILE B 193 -5.05 60.98 44.96
C ILE B 193 -5.56 62.25 45.62
N THR B 194 -4.73 62.87 46.47
CA THR B 194 -5.16 64.12 47.13
C THR B 194 -5.36 65.24 46.12
N GLN B 195 -4.46 65.37 45.14
CA GLN B 195 -4.62 66.41 44.12
C GLN B 195 -5.87 66.18 43.28
N LEU B 196 -6.13 64.92 42.89
CA LEU B 196 -7.34 64.62 42.14
C LEU B 196 -8.59 64.93 42.96
N LYS B 197 -8.56 64.58 44.25
CA LYS B 197 -9.71 64.82 45.11
C LYS B 197 -9.98 66.32 45.27
N ASP B 198 -8.94 67.13 45.51
CA ASP B 198 -9.18 68.55 45.71
C ASP B 198 -9.59 69.22 44.40
N GLY B 199 -9.02 68.78 43.27
CA GLY B 199 -9.43 69.32 41.99
C GLY B 199 -10.88 69.01 41.67
N LEU B 200 -11.31 67.76 41.92
CA LEU B 200 -12.69 67.41 41.65
C LEU B 200 -13.67 68.08 42.61
N LYS B 201 -13.29 68.22 43.89
CA LYS B 201 -14.19 68.88 44.83
C LYS B 201 -14.24 70.39 44.59
N ASN B 202 -13.22 70.98 43.96
CA ASN B 202 -13.31 72.38 43.58
C ASN B 202 -14.09 72.54 42.27
N THR B 203 -14.00 71.55 41.38
CA THR B 203 -14.68 71.64 40.09
C THR B 203 -16.18 71.40 40.24
N SER B 204 -16.57 70.50 41.15
CA SER B 204 -17.96 70.07 41.24
C SER B 204 -18.90 71.20 41.69
N HIS B 205 -18.38 72.21 42.39
CA HIS B 205 -19.21 73.36 42.74
C HIS B 205 -19.57 74.17 41.51
N GLU B 206 -18.60 74.38 40.60
CA GLU B 206 -18.85 75.08 39.35
C GLU B 206 -19.51 74.19 38.31
N THR B 207 -19.59 72.88 38.55
CA THR B 207 -20.21 71.98 37.57
C THR B 207 -21.71 72.19 37.48
N ALA B 208 -22.37 72.33 38.63
CA ALA B 208 -23.82 72.44 38.66
C ALA B 208 -24.35 73.82 38.25
N ALA B 209 -23.46 74.80 38.06
CA ALA B 209 -23.89 76.15 37.70
C ALA B 209 -23.95 76.33 36.18
N ASN B 210 -22.82 76.17 35.50
CA ASN B 210 -22.75 76.32 34.05
C ASN B 210 -22.01 75.13 33.47
N HIS B 211 -22.59 74.54 32.42
CA HIS B 211 -21.99 73.35 31.83
C HIS B 211 -20.75 73.70 31.00
N LYS B 212 -20.80 74.81 30.26
CA LYS B 212 -19.67 75.18 29.42
C LYS B 212 -18.48 75.63 30.26
N VAL B 213 -18.74 76.40 31.33
CA VAL B 213 -17.66 76.80 32.22
C VAL B 213 -17.10 75.59 32.96
N ALA B 214 -17.94 74.61 33.28
CA ALA B 214 -17.46 73.38 33.89
C ALA B 214 -16.54 72.60 32.95
N LYS B 215 -16.97 72.46 31.68
CA LYS B 215 -16.15 71.75 30.71
C LYS B 215 -14.85 72.48 30.42
N TRP B 216 -14.88 73.80 30.38
CA TRP B 216 -13.65 74.54 30.14
C TRP B 216 -12.72 74.51 31.33
N ALA B 217 -13.25 74.33 32.53
CA ALA B 217 -12.41 74.29 33.73
C ALA B 217 -11.60 72.99 33.76
N THR B 218 -10.29 73.13 33.91
CA THR B 218 -9.37 72.00 33.93
C THR B 218 -8.57 72.01 35.23
N VAL B 219 -8.22 70.82 35.70
CA VAL B 219 -7.41 70.67 36.92
C VAL B 219 -5.95 70.55 36.51
N THR B 220 -5.10 71.40 37.10
CA THR B 220 -3.67 71.44 36.79
C THR B 220 -2.88 70.85 37.95
N PHE B 221 -2.27 69.69 37.70
CA PHE B 221 -1.40 69.02 38.65
C PHE B 221 0.03 69.43 38.42
N HIS B 222 0.74 69.78 39.49
CA HIS B 222 2.14 70.20 39.40
C HIS B 222 2.94 69.06 40.02
N LEU B 223 3.32 68.08 39.20
CA LEU B 223 3.96 66.90 39.73
C LEU B 223 5.18 66.52 38.90
N PRO B 224 6.13 65.78 39.47
CA PRO B 224 7.30 65.34 38.69
C PRO B 224 6.91 64.39 37.57
N HIS B 225 7.77 64.37 36.54
CA HIS B 225 7.47 63.62 35.33
C HIS B 225 7.57 62.11 35.54
N HIS B 226 8.64 61.67 36.21
CA HIS B 226 8.82 60.23 36.40
C HIS B 226 7.77 59.63 37.34
N VAL B 227 7.35 60.39 38.35
CA VAL B 227 6.31 59.91 39.26
C VAL B 227 4.99 59.73 38.51
N LEU B 228 4.63 60.73 37.69
CA LEU B 228 3.41 60.64 36.90
C LEU B 228 3.48 59.51 35.88
N LYS B 229 4.65 59.32 35.26
CA LYS B 229 4.81 58.24 34.30
C LYS B 229 4.66 56.88 34.96
N SER B 230 5.27 56.71 36.15
CA SER B 230 5.14 55.45 36.87
C SER B 230 3.69 55.21 37.30
N ILE B 231 3.00 56.26 37.75
CA ILE B 231 1.60 56.13 38.16
C ILE B 231 0.73 55.72 36.98
N ALA B 232 0.92 56.36 35.82
CA ALA B 232 0.11 56.05 34.66
C ALA B 232 0.42 54.65 34.12
N SER B 233 1.69 54.24 34.17
CA SER B 233 2.04 52.88 33.76
C SER B 233 1.43 51.85 34.70
N ALA B 234 1.42 52.15 36.01
CA ALA B 234 0.79 51.24 36.97
C ALA B 234 -0.71 51.15 36.73
N ILE B 235 -1.36 52.28 36.40
CA ILE B 235 -2.79 52.26 36.09
C ILE B 235 -3.05 51.41 34.86
N VAL B 236 -2.23 51.60 33.81
CA VAL B 236 -2.40 50.82 32.58
C VAL B 236 -2.23 49.34 32.86
N ASN B 237 -1.19 48.97 33.62
CA ASN B 237 -0.94 47.56 33.91
C ASN B 237 -2.04 46.96 34.77
N GLU B 238 -2.52 47.71 35.77
CA GLU B 238 -3.56 47.19 36.66
C GLU B 238 -4.89 47.04 35.94
N LEU B 239 -5.19 47.94 35.00
CA LEU B 239 -6.42 47.79 34.22
C LEU B 239 -6.27 46.72 33.15
N LYS B 240 -5.04 46.45 32.69
CA LYS B 240 -4.83 45.42 31.69
C LYS B 240 -4.87 44.02 32.29
N LYS B 241 -4.37 43.86 33.53
CA LYS B 241 -4.34 42.53 34.14
C LYS B 241 -5.72 42.08 34.61
N ILE B 242 -6.67 43.01 34.78
CA ILE B 242 -8.02 42.65 35.20
C ILE B 242 -8.97 42.52 34.02
N ASN B 243 -8.54 42.88 32.81
CA ASN B 243 -9.35 42.77 31.59
C ASN B 243 -10.65 43.56 31.70
N GLN B 244 -10.57 44.74 32.31
CA GLN B 244 -11.74 45.62 32.47
C GLN B 244 -11.60 46.79 31.52
N ASN B 245 -12.65 47.03 30.73
CA ASN B 245 -12.68 48.08 29.73
C ASN B 245 -13.43 49.29 30.30
N VAL B 246 -12.71 50.14 31.01
CA VAL B 246 -13.27 51.34 31.60
C VAL B 246 -12.76 52.56 30.85
N ALA B 247 -13.43 53.70 31.07
CA ALA B 247 -13.09 54.93 30.36
C ALA B 247 -11.83 55.59 30.89
N ALA B 248 -11.34 55.17 32.06
CA ALA B 248 -10.13 55.75 32.64
C ALA B 248 -8.87 55.25 31.94
N LEU B 249 -8.94 54.09 31.29
CA LEU B 249 -7.76 53.54 30.62
C LEU B 249 -7.29 54.39 29.45
N PRO B 250 -8.14 54.83 28.50
CA PRO B 250 -7.63 55.73 27.45
C PRO B 250 -7.20 57.08 28.00
N VAL B 251 -7.81 57.54 29.10
CA VAL B 251 -7.40 58.79 29.72
C VAL B 251 -5.97 58.67 30.25
N ALA B 252 -5.68 57.58 30.95
CA ALA B 252 -4.35 57.36 31.49
C ALA B 252 -3.33 57.15 30.38
N SER B 253 -3.75 56.48 29.30
CA SER B 253 -2.85 56.28 28.16
C SER B 253 -2.50 57.61 27.49
N SER B 254 -3.50 58.48 27.31
CA SER B 254 -3.23 59.79 26.74
C SER B 254 -2.36 60.62 27.66
N VAL B 255 -2.55 60.49 28.98
CA VAL B 255 -1.74 61.24 29.93
C VAL B 255 -0.28 60.80 29.87
N MET B 256 -0.04 59.47 29.85
CA MET B 256 1.35 59.03 29.80
C MET B 256 1.99 59.32 28.45
N ASP B 257 1.22 59.31 27.37
CA ASP B 257 1.79 59.68 26.07
C ASP B 257 2.14 61.16 26.02
N ARG B 258 1.29 62.01 26.61
CA ARG B 258 1.61 63.42 26.70
C ARG B 258 2.84 63.66 27.55
N LEU B 259 2.97 62.94 28.67
CA LEU B 259 4.15 63.07 29.52
C LEU B 259 5.41 62.62 28.80
N SER B 260 5.30 61.54 28.00
CA SER B 260 6.45 61.10 27.21
C SER B 260 6.80 62.11 26.12
N TYR B 261 5.79 62.79 25.57
CA TYR B 261 6.05 63.78 24.53
C TYR B 261 6.62 65.08 25.09
N LEU B 262 6.29 65.43 26.33
CA LEU B 262 6.84 66.65 26.93
C LEU B 262 8.32 66.51 27.25
N LEU B 263 8.82 65.30 27.46
CA LEU B 263 10.23 65.09 27.78
C LEU B 263 10.93 64.47 26.59
N PRO B 264 11.80 65.20 25.88
CA PRO B 264 12.55 64.58 24.77
C PRO B 264 13.55 63.53 25.22
N SER B 265 13.97 63.54 26.48
CA SER B 265 14.92 62.55 26.96
C SER B 265 14.28 61.16 27.12
N ALA B 266 12.95 61.09 27.15
CA ALA B 266 12.24 59.83 27.26
C ALA B 266 11.59 59.43 25.94
N ARG B 267 12.24 59.75 24.82
CA ARG B 267 11.72 59.46 23.48
C ARG B 267 12.76 58.62 22.74
N PRO B 268 12.70 57.30 22.86
CA PRO B 268 13.65 56.45 22.11
C PRO B 268 13.39 56.49 20.62
N GLU B 269 14.44 56.18 19.86
CA GLU B 269 14.35 56.21 18.41
C GLU B 269 13.47 55.09 17.89
N LEU B 270 12.74 55.37 16.82
CA LEU B 270 11.85 54.39 16.21
C LEU B 270 12.68 53.37 15.43
N GLY B 271 12.76 52.15 15.96
CA GLY B 271 13.54 51.10 15.33
C GLY B 271 12.75 50.26 14.35
N VAL B 272 12.40 50.83 13.20
CA VAL B 272 11.67 50.10 12.16
C VAL B 272 12.69 49.39 11.28
N GLY B 273 12.71 48.06 11.37
CA GLY B 273 13.63 47.26 10.59
C GLY B 273 13.35 45.77 10.74
N PRO B 274 13.86 44.98 9.80
CA PRO B 274 13.67 43.53 9.87
C PRO B 274 14.48 42.91 11.01
N GLY B 275 13.95 41.83 11.57
CA GLY B 275 14.64 41.11 12.61
C GLY B 275 14.73 41.82 13.94
N ARG B 276 13.89 42.83 14.17
CA ARG B 276 13.90 43.59 15.42
C ARG B 276 12.46 43.91 15.80
N SER B 277 12.03 43.42 16.96
CA SER B 277 10.68 43.68 17.43
C SER B 277 10.56 45.11 17.94
N VAL B 278 9.34 45.64 17.87
CA VAL B 278 9.05 46.99 18.31
C VAL B 278 8.49 46.96 19.72
N ASP B 279 8.52 48.12 20.38
CA ASP B 279 7.99 48.26 21.72
C ASP B 279 6.50 48.56 21.64
N ARG B 280 5.67 47.63 22.11
CA ARG B 280 4.22 47.80 22.01
C ARG B 280 3.72 48.90 22.95
N SER B 281 4.31 49.00 24.14
CA SER B 281 3.92 50.05 25.08
C SER B 281 4.28 51.44 24.56
N LEU B 282 5.41 51.56 23.85
CA LEU B 282 5.75 52.82 23.21
C LEU B 282 4.91 53.10 21.98
N MET B 283 4.36 52.07 21.34
CA MET B 283 3.56 52.21 20.13
C MET B 283 2.09 52.44 20.45
N TYR B 284 1.76 52.73 21.72
CA TYR B 284 0.38 53.05 22.07
C TYR B 284 -0.07 54.38 21.47
N SER B 285 0.87 55.27 21.19
CA SER B 285 0.55 56.55 20.57
C SER B 285 0.26 56.35 19.09
N GLU B 286 -0.69 57.12 18.57
CA GLU B 286 -1.06 57.02 17.16
C GLU B 286 0.05 57.56 16.26
N ALA B 287 0.76 58.58 16.73
CA ALA B 287 1.79 59.22 15.89
C ALA B 287 2.94 58.26 15.61
N ASN B 288 3.31 57.42 16.58
CA ASN B 288 4.35 56.42 16.32
C ASN B 288 3.89 55.39 15.30
N ARG B 289 2.61 54.97 15.38
CA ARG B 289 2.08 54.01 14.44
C ARG B 289 2.06 54.58 13.02
N ARG B 290 1.68 55.84 12.86
CA ARG B 290 1.71 56.45 11.54
C ARG B 290 3.11 56.87 11.10
N GLU B 291 4.05 56.97 12.05
CA GLU B 291 5.45 57.17 11.71
C GLU B 291 6.10 55.89 11.20
N THR B 292 5.62 54.74 11.65
CA THR B 292 6.20 53.47 11.18
C THR B 292 5.98 53.24 9.69
N PHE B 293 5.04 53.94 9.05
CA PHE B 293 4.76 53.78 7.63
C PHE B 293 5.55 54.72 6.73
N THR B 294 6.75 55.15 7.13
CA THR B 294 7.54 56.01 6.25
C THR B 294 8.07 55.24 5.05
N SER B 295 8.46 53.98 5.24
CA SER B 295 8.96 53.14 4.16
C SER B 295 7.87 52.32 3.50
N TRP B 296 6.64 52.80 3.50
CA TRP B 296 5.53 52.08 2.89
C TRP B 296 5.65 52.12 1.37
N PRO B 297 5.70 50.98 0.68
CA PRO B 297 5.81 51.00 -0.78
C PRO B 297 4.49 51.15 -1.51
N HIS B 298 3.37 51.35 -0.81
CA HIS B 298 2.05 51.41 -1.41
C HIS B 298 1.32 52.68 -1.00
N VAL B 299 2.02 53.81 -1.00
CA VAL B 299 1.37 55.09 -0.68
C VAL B 299 0.39 55.49 -1.78
N GLY B 300 0.69 55.14 -3.03
CA GLY B 300 -0.16 55.47 -4.17
C GLY B 300 -1.47 54.72 -4.23
N TYR B 301 -1.67 53.72 -3.37
CA TYR B 301 -2.93 53.00 -3.34
C TYR B 301 -4.05 53.90 -2.83
N ARG B 302 -5.28 53.62 -3.28
CA ARG B 302 -6.40 54.48 -2.96
C ARG B 302 -6.79 54.36 -1.48
N TRP B 303 -6.93 53.14 -0.98
CA TRP B 303 -7.34 52.91 0.40
C TRP B 303 -6.21 52.43 1.31
N ALA B 304 -5.08 52.01 0.76
CA ALA B 304 -3.93 51.61 1.55
C ALA B 304 -2.96 52.76 1.78
N GLN B 305 -3.49 53.91 2.22
CA GLN B 305 -2.71 55.09 2.55
C GLN B 305 -2.33 55.07 4.04
N PRO B 306 -1.20 55.69 4.41
CA PRO B 306 -0.73 55.60 5.80
C PRO B 306 -1.69 56.19 6.82
N ASP B 307 -2.29 57.34 6.51
CA ASP B 307 -3.12 58.01 7.51
C ASP B 307 -4.42 57.28 7.77
N PRO B 308 -5.20 56.83 6.77
CA PRO B 308 -6.42 56.09 7.11
C PRO B 308 -6.18 54.72 7.72
N MET B 309 -5.09 54.02 7.38
CA MET B 309 -4.90 52.69 7.96
C MET B 309 -4.20 52.73 9.30
N ALA B 310 -3.44 53.78 9.60
CA ALA B 310 -2.76 53.84 10.88
C ALA B 310 -3.72 54.17 12.02
N GLN B 311 -4.76 54.95 11.75
CA GLN B 311 -5.71 55.32 12.80
C GLN B 311 -6.56 54.15 13.26
N ALA B 312 -6.58 53.05 12.50
CA ALA B 312 -7.28 51.84 12.91
C ALA B 312 -6.50 51.03 13.94
N GLY B 313 -5.25 51.39 14.22
CA GLY B 313 -4.45 50.68 15.20
C GLY B 313 -3.51 49.66 14.58
N PHE B 314 -2.75 50.08 13.56
CA PHE B 314 -1.83 49.21 12.86
C PHE B 314 -0.46 49.88 12.78
N TYR B 315 0.58 49.06 12.76
CA TYR B 315 1.95 49.55 12.62
C TYR B 315 2.72 48.68 11.64
N HIS B 316 3.68 49.29 10.97
CA HIS B 316 4.50 48.59 10.00
C HIS B 316 5.62 47.85 10.74
N GLN B 317 5.60 46.52 10.69
CA GLN B 317 6.66 45.67 11.23
C GLN B 317 7.09 44.74 10.10
N PRO B 318 7.90 45.24 9.17
CA PRO B 318 8.24 44.43 7.99
C PRO B 318 9.34 43.42 8.26
N ALA B 319 9.17 42.23 7.68
CA ALA B 319 10.19 41.19 7.77
C ALA B 319 11.32 41.39 6.76
N SER B 320 11.14 42.26 5.78
CA SER B 320 12.15 42.53 4.78
C SER B 320 11.98 43.98 4.31
N SER B 321 12.58 44.31 3.18
CA SER B 321 12.47 45.65 2.58
C SER B 321 11.59 45.57 1.35
N GLY B 322 10.41 46.17 1.42
CA GLY B 322 9.49 46.23 0.29
C GLY B 322 8.18 45.49 0.47
N ASP B 323 7.94 44.86 1.62
CA ASP B 323 6.70 44.14 1.85
C ASP B 323 5.66 45.06 2.52
N ASP B 324 4.49 44.49 2.81
CA ASP B 324 3.36 45.24 3.34
C ASP B 324 2.78 44.55 4.58
N ARG B 325 3.68 44.14 5.48
CA ARG B 325 3.28 43.44 6.70
C ARG B 325 2.95 44.48 7.78
N ALA B 326 1.66 44.60 8.11
CA ALA B 326 1.18 45.55 9.10
C ALA B 326 0.50 44.79 10.23
N MET B 327 1.03 44.94 11.44
CA MET B 327 0.52 44.24 12.61
C MET B 327 -0.31 45.17 13.49
N CYS B 328 -1.31 44.61 14.15
CA CYS B 328 -2.05 45.35 15.16
C CYS B 328 -1.24 45.43 16.45
N PHE B 329 -1.41 46.53 17.17
CA PHE B 329 -0.68 46.72 18.43
C PHE B 329 -1.51 46.30 19.65
N THR B 330 -2.70 45.76 19.44
CA THR B 330 -3.53 45.25 20.52
C THR B 330 -3.79 43.75 20.41
N CYS B 331 -4.28 43.30 19.25
CA CYS B 331 -4.57 41.89 19.05
C CYS B 331 -3.47 41.15 18.28
N SER B 332 -2.56 41.89 17.64
CA SER B 332 -1.43 41.32 16.91
C SER B 332 -1.89 40.36 15.82
N VAL B 333 -2.76 40.86 14.94
CA VAL B 333 -3.28 40.07 13.83
C VAL B 333 -2.24 40.04 12.71
N CYS B 334 -1.98 38.85 12.19
CA CYS B 334 -1.03 38.68 11.09
C CYS B 334 -1.72 39.04 9.78
N LEU B 335 -1.26 40.12 9.16
CA LEU B 335 -1.85 40.61 7.92
C LEU B 335 -0.74 40.74 6.88
N VAL B 336 -0.94 40.09 5.73
CA VAL B 336 0.00 40.14 4.62
C VAL B 336 -0.79 40.38 3.34
N CYS B 337 -0.06 40.59 2.25
CA CYS B 337 -0.56 40.80 0.89
C CYS B 337 -1.74 41.78 0.86
N TRP B 338 -1.46 43.02 1.25
CA TRP B 338 -2.48 44.05 1.28
C TRP B 338 -2.88 44.43 -0.15
N GLU B 339 -4.12 44.90 -0.28
CA GLU B 339 -4.70 45.22 -1.56
C GLU B 339 -5.10 46.70 -1.60
N PRO B 340 -5.12 47.33 -2.78
CA PRO B 340 -5.53 48.74 -2.84
C PRO B 340 -6.98 48.97 -2.44
N THR B 341 -7.82 47.95 -2.54
CA THR B 341 -9.23 48.04 -2.17
C THR B 341 -9.51 47.61 -0.73
N ASP B 342 -8.47 47.35 0.06
CA ASP B 342 -8.63 46.87 1.43
C ASP B 342 -8.89 48.06 2.34
N GLU B 343 -10.16 48.24 2.73
CA GLU B 343 -10.51 49.27 3.70
C GLU B 343 -9.99 48.87 5.07
N PRO B 344 -9.32 49.78 5.79
CA PRO B 344 -8.69 49.38 7.07
C PRO B 344 -9.68 48.95 8.14
N TRP B 345 -10.78 49.68 8.31
CA TRP B 345 -11.78 49.31 9.31
C TRP B 345 -12.44 47.98 8.96
N SER B 346 -12.78 47.79 7.67
CA SER B 346 -13.42 46.55 7.26
C SER B 346 -12.45 45.37 7.37
N GLU B 347 -11.17 45.59 7.03
CA GLU B 347 -10.19 44.52 7.16
C GLU B 347 -9.95 44.16 8.62
N HIS B 348 -9.92 45.16 9.50
CA HIS B 348 -9.76 44.88 10.93
C HIS B 348 -10.99 44.17 11.50
N GLU B 349 -12.18 44.49 11.00
CA GLU B 349 -13.38 43.78 11.43
C GLU B 349 -13.39 42.34 10.94
N ARG B 350 -13.00 42.12 9.68
CA ARG B 350 -13.02 40.78 9.11
C ARG B 350 -11.96 39.89 9.73
N HIS B 351 -10.72 40.37 9.79
CA HIS B 351 -9.61 39.56 10.27
C HIS B 351 -9.59 39.42 11.79
N SER B 352 -10.17 40.37 12.52
CA SER B 352 -10.19 40.32 13.98
C SER B 352 -11.47 40.97 14.49
N PRO B 353 -12.59 40.25 14.46
CA PRO B 353 -13.82 40.81 15.04
C PRO B 353 -13.75 40.94 16.56
N ASN B 354 -12.83 40.23 17.20
CA ASN B 354 -12.63 40.30 18.64
C ASN B 354 -11.71 41.45 19.04
N CYS B 355 -11.19 42.21 18.08
CA CYS B 355 -10.37 43.36 18.39
C CYS B 355 -11.23 44.44 19.05
N PRO B 356 -10.79 45.04 20.15
CA PRO B 356 -11.62 46.03 20.84
C PRO B 356 -11.87 47.32 20.04
N PHE B 357 -11.06 47.59 19.02
CA PHE B 357 -11.33 48.73 18.15
C PHE B 357 -12.56 48.50 17.29
N VAL B 358 -12.84 47.26 16.91
CA VAL B 358 -14.02 46.97 16.12
C VAL B 358 -15.30 47.16 16.92
N LYS B 359 -15.33 46.68 18.16
CA LYS B 359 -16.51 46.89 19.00
C LYS B 359 -16.61 48.31 19.55
N GLY B 360 -15.52 49.07 19.51
CA GLY B 360 -15.47 50.43 20.01
C GLY B 360 -15.28 50.65 21.49
N GLU B 361 -14.91 49.63 22.28
CA GLU B 361 -14.72 49.90 23.70
C GLU B 361 -13.42 50.66 23.93
N HIS B 362 -13.31 51.23 25.14
CA HIS B 362 -12.18 52.08 25.49
C HIS B 362 -10.96 51.22 25.81
N THR B 363 -9.88 51.43 25.05
CA THR B 363 -8.62 50.71 25.18
C THR B 363 -7.51 51.70 25.55
N GLN B 364 -6.26 51.23 25.47
CA GLN B 364 -5.11 52.07 25.75
C GLN B 364 -4.66 52.89 24.54
N ASN B 365 -5.54 53.11 23.57
CA ASN B 365 -5.18 53.88 22.39
C ASN B 365 -5.07 55.36 22.74
N VAL B 366 -4.12 56.05 22.12
CA VAL B 366 -3.93 57.47 22.31
C VAL B 366 -4.26 58.17 20.99
N PRO B 367 -5.34 58.94 20.91
CA PRO B 367 -5.67 59.64 19.66
C PRO B 367 -4.66 60.76 19.37
N LEU B 368 -4.53 61.08 18.08
CA LEU B 368 -3.58 62.10 17.68
C LEU B 368 -4.04 63.49 18.11
N SER B 369 -5.35 63.70 18.27
CA SER B 369 -5.85 65.00 18.69
C SER B 369 -5.43 65.36 20.12
N VAL B 370 -5.35 64.36 21.00
CA VAL B 370 -4.91 64.62 22.37
C VAL B 370 -3.43 64.99 22.39
N THR B 371 -2.63 64.34 21.56
CA THR B 371 -1.21 64.67 21.50
C THR B 371 -0.99 66.05 20.88
N LEU B 372 -1.81 66.40 19.89
CA LEU B 372 -1.69 67.71 19.27
C LEU B 372 -2.18 68.82 20.20
N ALA B 373 -3.19 68.54 21.03
CA ALA B 373 -3.69 69.49 22.01
C ALA B 373 -2.80 69.59 23.25
N THR B 374 -1.87 68.65 23.43
CA THR B 374 -0.93 68.68 24.55
C THR B 374 0.53 68.76 24.08
N SER B 375 0.75 69.29 22.88
CA SER B 375 2.11 69.39 22.36
C SER B 375 2.86 70.50 23.10
N PRO B 376 4.16 70.33 23.33
CA PRO B 376 4.94 71.38 24.01
C PRO B 376 5.27 72.52 23.05
N ALA B 377 5.84 73.58 23.62
CA ALA B 377 6.23 74.77 22.87
C ALA B 377 7.74 74.70 22.63
N GLN B 378 8.11 74.40 21.39
CA GLN B 378 9.52 74.30 21.03
C GLN B 378 10.11 75.68 20.79
N PHE B 379 11.39 75.84 21.17
CA PHE B 379 12.09 77.09 20.92
C PHE B 379 12.55 77.15 19.47
N PRO B 380 12.66 78.35 18.90
CA PRO B 380 13.14 78.47 17.52
C PRO B 380 14.58 77.99 17.33
N CYS B 381 15.40 78.02 18.38
CA CYS B 381 16.77 77.55 18.32
C CYS B 381 17.03 76.56 19.43
N THR B 382 18.07 75.75 19.27
CA THR B 382 18.42 74.76 20.28
C THR B 382 18.99 75.40 21.54
N ASP B 383 19.56 76.59 21.43
CA ASP B 383 20.09 77.27 22.62
C ASP B 383 18.97 77.76 23.53
N GLY B 384 17.87 78.24 22.94
CA GLY B 384 16.75 78.70 23.72
C GLY B 384 16.99 79.98 24.49
N THR B 385 17.83 80.88 23.95
CA THR B 385 18.12 82.15 24.59
C THR B 385 17.81 83.36 23.72
N ASP B 386 17.63 83.19 22.42
CA ASP B 386 17.31 84.32 21.54
C ASP B 386 15.83 84.69 21.69
N ARG B 387 15.54 85.98 21.60
CA ARG B 387 14.18 86.47 21.70
C ARG B 387 13.57 86.65 20.32
N ILE B 388 12.28 86.32 20.22
CA ILE B 388 11.57 86.36 18.96
C ILE B 388 11.09 87.78 18.68
N SER B 389 11.38 88.27 17.47
CA SER B 389 11.03 89.64 17.11
C SER B 389 9.62 89.75 16.52
N CYS B 390 9.23 88.81 15.68
CA CYS B 390 7.95 88.89 14.99
C CYS B 390 7.52 87.49 14.55
N PHE B 391 6.25 87.39 14.14
CA PHE B 391 5.69 86.15 13.65
C PHE B 391 4.47 86.48 12.81
N GLY B 392 3.85 85.46 12.23
CA GLY B 392 2.63 85.65 11.47
C GLY B 392 2.43 84.54 10.48
N SER B 393 1.40 84.72 9.65
CA SER B 393 1.06 83.77 8.60
C SER B 393 0.48 84.54 7.43
N GLY B 394 0.58 83.94 6.24
CA GLY B 394 0.13 84.58 5.02
C GLY B 394 -0.85 83.72 4.26
N SER B 395 -0.66 83.67 2.94
CA SER B 395 -1.54 82.90 2.07
C SER B 395 -1.33 81.40 2.20
N CYS B 396 -0.22 80.95 2.77
CA CYS B 396 0.05 79.54 3.04
C CYS B 396 0.34 79.39 4.53
N PRO B 397 -0.69 79.36 5.38
CA PRO B 397 -0.47 79.33 6.83
C PRO B 397 -0.25 77.95 7.41
N HIS B 398 -0.03 76.92 6.59
CA HIS B 398 0.25 75.59 7.12
C HIS B 398 1.58 75.53 7.84
N PHE B 399 2.52 76.39 7.48
CA PHE B 399 3.82 76.49 8.12
C PHE B 399 3.88 77.75 8.97
N LEU B 400 4.43 77.62 10.18
CA LEU B 400 4.51 78.72 11.13
C LEU B 400 5.96 79.18 11.24
N ALA B 401 6.20 80.46 11.02
CA ALA B 401 7.54 81.01 11.02
C ALA B 401 7.80 81.78 12.30
N ALA B 402 9.07 81.74 12.74
CA ALA B 402 9.50 82.49 13.91
C ALA B 402 10.90 82.99 13.68
N ALA B 403 11.08 84.32 13.74
CA ALA B 403 12.35 84.97 13.50
C ALA B 403 12.84 85.65 14.77
N THR B 404 14.12 85.50 15.05
CA THR B 404 14.74 86.13 16.21
C THR B 404 15.35 87.48 15.82
N LYS B 405 15.79 88.22 16.83
CA LYS B 405 16.38 89.53 16.59
C LYS B 405 17.79 89.44 16.02
N ARG B 406 18.46 88.28 16.18
CA ARG B 406 19.81 88.11 15.65
C ARG B 406 19.81 87.66 14.19
N GLY B 407 18.67 87.33 13.63
CA GLY B 407 18.58 86.94 12.24
C GLY B 407 18.42 85.46 11.98
N LYS B 408 17.84 84.71 12.89
CA LYS B 408 17.62 83.27 12.72
C LYS B 408 16.13 82.99 12.63
N ILE B 409 15.74 82.25 11.59
CA ILE B 409 14.35 81.93 11.33
C ILE B 409 14.17 80.42 11.39
N CYS B 410 13.18 79.97 12.16
CA CYS B 410 12.79 78.59 12.23
C CYS B 410 11.34 78.48 11.77
N ILE B 411 11.06 77.54 10.88
CA ILE B 411 9.73 77.31 10.36
C ILE B 411 9.30 75.90 10.78
N TRP B 412 8.14 75.82 11.40
CA TRP B 412 7.59 74.56 11.88
C TRP B 412 6.39 74.15 11.04
N ASP B 413 6.21 72.84 10.90
CA ASP B 413 5.05 72.28 10.20
C ASP B 413 3.98 72.00 11.25
N VAL B 414 3.27 73.08 11.63
CA VAL B 414 2.25 72.95 12.65
C VAL B 414 1.00 72.27 12.12
N SER B 415 0.83 72.21 10.80
CA SER B 415 -0.30 71.47 10.23
C SER B 415 -0.18 69.98 10.50
N LYS B 416 1.03 69.43 10.40
CA LYS B 416 1.30 68.06 10.79
C LYS B 416 1.74 68.03 12.26
N LEU B 417 2.33 66.91 12.68
CA LEU B 417 2.88 66.78 14.02
C LEU B 417 4.01 67.78 14.24
N MET B 418 4.11 68.30 15.46
CA MET B 418 5.10 69.31 15.81
C MET B 418 6.51 68.76 15.62
N LYS B 419 7.23 69.28 14.62
CA LYS B 419 8.57 68.82 14.30
C LYS B 419 9.39 70.01 13.81
N VAL B 420 10.66 69.75 13.51
CA VAL B 420 11.54 70.75 12.92
C VAL B 420 11.43 70.62 11.40
N HIS B 421 11.01 71.70 10.74
CA HIS B 421 10.75 71.67 9.31
C HIS B 421 11.79 72.45 8.52
N LEU B 422 12.09 73.69 8.91
CA LEU B 422 13.26 74.42 8.42
C LEU B 422 13.89 75.21 9.57
N LYS B 423 15.20 75.39 9.48
CA LYS B 423 15.95 76.20 10.44
C LYS B 423 17.12 76.83 9.71
N PHE B 424 17.20 78.15 9.67
CA PHE B 424 18.31 78.81 9.00
C PHE B 424 18.58 80.15 9.66
N GLU B 425 19.65 80.81 9.20
CA GLU B 425 20.08 82.10 9.72
C GLU B 425 20.22 83.09 8.57
N ILE B 426 19.64 84.27 8.74
CA ILE B 426 19.69 85.30 7.71
C ILE B 426 21.03 86.03 7.78
N ASN B 427 21.72 86.12 6.65
CA ASN B 427 22.95 86.89 6.53
C ASN B 427 22.59 88.25 5.93
N ALA B 428 23.01 89.32 6.61
CA ALA B 428 22.69 90.67 6.16
C ALA B 428 23.58 91.12 5.01
N TYR B 429 24.63 90.37 4.69
CA TYR B 429 25.57 90.72 3.63
C TYR B 429 25.30 89.96 2.34
N ASP B 430 24.03 89.72 2.01
CA ASP B 430 23.70 89.06 0.76
C ASP B 430 24.00 89.97 -0.42
N PRO B 431 24.38 89.39 -1.57
CA PRO B 431 24.69 90.23 -2.74
C PRO B 431 23.53 91.07 -3.24
N ALA B 432 22.30 90.55 -3.17
CA ALA B 432 21.15 91.35 -3.56
C ALA B 432 20.90 92.48 -2.59
N ILE B 433 21.04 92.22 -1.29
CA ILE B 433 20.92 93.28 -0.28
C ILE B 433 22.03 94.31 -0.46
N VAL B 434 23.24 93.85 -0.78
CA VAL B 434 24.36 94.76 -0.98
C VAL B 434 24.13 95.66 -2.17
N GLN B 435 23.65 95.10 -3.29
CA GLN B 435 23.42 95.93 -4.47
C GLN B 435 22.21 96.83 -4.30
N GLN B 436 21.21 96.41 -3.53
CA GLN B 436 20.09 97.31 -3.23
C GLN B 436 20.54 98.48 -2.36
N LEU B 437 21.40 98.22 -1.37
CA LEU B 437 21.94 99.31 -0.56
C LEU B 437 22.87 100.22 -1.37
N ILE B 438 23.57 99.66 -2.35
CA ILE B 438 24.40 100.48 -3.24
C ILE B 438 23.52 101.38 -4.09
N LEU B 439 22.45 100.82 -4.66
CA LEU B 439 21.50 101.61 -5.45
C LEU B 439 20.74 102.62 -4.60
N SER B 440 20.63 102.38 -3.29
CA SER B 440 19.99 103.35 -2.41
C SER B 440 20.82 104.63 -2.31
N GLY B 441 22.13 104.50 -2.23
CA GLY B 441 23.01 105.66 -2.13
C GLY B 441 23.99 105.77 -3.30
N ALA B 500 35.54 99.64 5.74
CA ALA B 500 34.58 98.61 6.13
C ALA B 500 33.16 99.03 5.78
N MET B 501 32.21 98.11 5.96
CA MET B 501 30.81 98.39 5.65
C MET B 501 30.00 97.57 6.65
N GLU B 502 29.16 98.23 7.43
CA GLU B 502 28.41 97.60 8.51
C GLU B 502 26.91 97.68 8.25
N VAL B 503 26.26 96.51 8.21
CA VAL B 503 24.83 96.39 7.98
C VAL B 503 24.24 95.51 9.07
N SER B 504 23.18 96.00 9.71
CA SER B 504 22.45 95.24 10.72
C SER B 504 21.01 95.10 10.26
N LEU B 505 20.54 93.86 10.13
CA LEU B 505 19.21 93.58 9.61
C LEU B 505 18.32 93.02 10.72
N ASP B 506 17.12 93.57 10.85
CA ASP B 506 16.17 93.13 11.86
C ASP B 506 14.81 92.92 11.21
N ILE B 507 14.22 91.75 11.43
CA ILE B 507 12.93 91.42 10.85
C ILE B 507 11.83 91.96 11.75
N THR B 508 10.81 92.59 11.15
CA THR B 508 9.70 93.16 11.89
C THR B 508 8.36 92.53 11.56
N ALA B 509 8.27 91.73 10.50
CA ALA B 509 7.04 91.06 10.14
C ALA B 509 7.38 89.79 9.36
N LEU B 510 6.51 88.79 9.50
CA LEU B 510 6.70 87.49 8.84
C LEU B 510 5.44 87.10 8.09
N SER B 511 5.62 86.55 6.89
CA SER B 511 4.51 86.12 6.08
C SER B 511 5.00 85.06 5.10
N ILE B 512 4.07 84.21 4.65
CA ILE B 512 4.36 83.16 3.68
C ILE B 512 3.36 83.29 2.55
N LEU B 513 3.86 83.48 1.34
CA LEU B 513 3.02 83.73 0.16
C LEU B 513 3.08 82.53 -0.77
N GLN B 514 1.91 82.09 -1.24
CA GLN B 514 1.81 81.02 -2.21
C GLN B 514 0.61 81.28 -3.12
N GLN B 515 0.68 80.72 -4.33
CA GLN B 515 -0.40 80.88 -5.30
C GLN B 515 -1.64 80.09 -4.87
N PRO B 563 4.80 75.47 -8.01
CA PRO B 563 4.62 76.67 -7.20
C PRO B 563 4.76 76.40 -5.70
N PHE B 564 5.99 76.12 -5.26
CA PHE B 564 6.22 75.84 -3.85
C PHE B 564 6.13 77.13 -3.03
N PRO B 565 5.67 77.04 -1.78
CA PRO B 565 5.53 78.24 -0.95
C PRO B 565 6.88 78.86 -0.61
N CYS B 566 6.86 80.17 -0.36
CA CYS B 566 8.05 80.93 -0.02
C CYS B 566 7.77 81.82 1.18
N LEU B 567 8.82 82.12 1.94
CA LEU B 567 8.70 82.94 3.14
C LEU B 567 9.04 84.38 2.81
N LEU B 568 8.15 85.29 3.17
CA LEU B 568 8.34 86.73 2.98
C LEU B 568 8.64 87.37 4.32
N ALA B 569 9.84 87.93 4.47
CA ALA B 569 10.27 88.57 5.70
C ALA B 569 10.40 90.07 5.46
N GLY B 570 9.75 90.86 6.31
CA GLY B 570 9.86 92.30 6.23
C GLY B 570 11.02 92.81 7.07
N GLY B 571 12.16 93.04 6.42
CA GLY B 571 13.36 93.40 7.14
C GLY B 571 13.66 94.89 7.10
N LEU B 572 14.43 95.33 8.08
CA LEU B 572 14.92 96.70 8.18
C LEU B 572 16.44 96.66 8.28
N LEU B 573 17.10 97.34 7.36
CA LEU B 573 18.55 97.38 7.29
C LEU B 573 19.03 98.73 7.83
N THR B 574 19.88 98.68 8.85
CA THR B 574 20.51 99.87 9.40
C THR B 574 21.99 99.83 9.05
N TYR B 575 22.48 100.91 8.44
CA TYR B 575 23.85 100.95 7.96
C TYR B 575 24.43 102.34 8.12
N LYS B 576 25.74 102.40 8.38
CA LYS B 576 26.44 103.67 8.52
C LYS B 576 26.83 104.19 7.15
N SER B 577 26.42 105.42 6.85
CA SER B 577 26.73 106.04 5.57
C SER B 577 27.29 107.44 5.79
N PRO B 578 28.19 107.89 4.93
CA PRO B 578 28.67 109.28 5.02
C PRO B 578 27.57 110.27 4.71
N ALA B 579 27.59 111.40 5.42
CA ALA B 579 26.58 112.42 5.25
C ALA B 579 26.90 113.29 4.04
N THR B 580 25.94 113.44 3.14
CA THR B 580 26.12 114.23 1.93
C THR B 580 25.09 115.34 1.85
N PRO B 621 30.79 113.07 9.89
CA PRO B 621 30.56 111.84 10.65
C PRO B 621 29.53 110.92 9.97
N LEU B 622 29.65 109.62 10.22
CA LEU B 622 28.73 108.65 9.64
C LEU B 622 27.38 108.71 10.34
N VAL B 623 26.32 108.54 9.56
CA VAL B 623 24.95 108.54 10.09
C VAL B 623 24.35 107.17 9.82
N ARG B 624 23.64 106.64 10.83
CA ARG B 624 23.00 105.33 10.71
C ARG B 624 21.65 105.52 10.02
N ARG B 625 21.57 105.07 8.77
CA ARG B 625 20.35 105.16 7.97
C ARG B 625 19.63 103.82 7.97
N THR B 626 18.30 103.88 8.00
CA THR B 626 17.45 102.69 8.02
C THR B 626 16.65 102.61 6.73
N LEU B 627 16.53 101.40 6.20
CA LEU B 627 15.78 101.15 4.97
C LEU B 627 14.97 99.87 5.10
N PRO B 628 13.65 99.92 4.89
CA PRO B 628 12.85 98.69 4.93
C PRO B 628 12.75 98.00 3.58
N VAL B 629 12.97 96.68 3.56
CA VAL B 629 12.91 95.88 2.35
C VAL B 629 12.14 94.61 2.65
N LEU B 630 11.82 93.87 1.59
CA LEU B 630 11.14 92.58 1.68
C LEU B 630 12.06 91.51 1.11
N LEU B 631 12.24 90.44 1.87
CA LEU B 631 13.11 89.33 1.46
C LEU B 631 12.29 88.08 1.23
N LEU B 632 12.56 87.38 0.14
CA LEU B 632 11.88 86.15 -0.20
C LEU B 632 12.86 84.98 -0.07
N TYR B 633 12.47 83.96 0.70
CA TYR B 633 13.30 82.80 0.94
C TYR B 633 12.56 81.53 0.55
N SER B 634 13.31 80.54 0.06
CA SER B 634 12.72 79.27 -0.33
C SER B 634 12.36 78.45 0.91
N ILE B 635 11.26 77.74 0.83
CA ILE B 635 10.77 76.90 1.92
C ILE B 635 10.87 75.41 1.58
N LYS B 636 10.24 74.99 0.50
CA LYS B 636 10.22 73.57 0.15
C LYS B 636 11.60 73.12 -0.30
N GLU B 637 12.06 71.99 0.26
CA GLU B 637 13.39 71.48 -0.04
C GLU B 637 13.39 70.76 -1.38
N SER B 638 14.60 70.44 -1.86
CA SER B 638 14.75 69.75 -3.13
C SER B 638 14.40 68.28 -2.96
N ASP B 639 13.59 67.76 -3.88
CA ASP B 639 13.17 66.37 -3.83
C ASP B 639 14.23 65.45 -4.44
N VAL B 709 18.21 74.94 -12.41
CA VAL B 709 18.95 75.28 -11.20
C VAL B 709 18.00 75.95 -10.22
N PHE B 710 17.22 75.13 -9.52
CA PHE B 710 16.28 75.66 -8.53
C PHE B 710 17.04 76.16 -7.30
N PRO B 711 16.59 77.25 -6.69
CA PRO B 711 17.32 77.80 -5.54
C PRO B 711 17.20 76.89 -4.32
N LYS B 712 18.26 76.85 -3.54
CA LYS B 712 18.29 76.06 -2.32
C LYS B 712 17.52 76.76 -1.21
N PRO B 713 16.97 76.00 -0.25
CA PRO B 713 16.31 76.64 0.89
C PRO B 713 17.30 77.42 1.74
N GLY B 714 16.79 78.49 2.35
CA GLY B 714 17.62 79.39 3.13
C GLY B 714 18.32 80.47 2.33
N THR B 715 18.13 80.50 1.02
CA THR B 715 18.74 81.50 0.15
C THR B 715 17.69 82.50 -0.31
N LEU B 716 18.16 83.67 -0.73
CA LEU B 716 17.27 84.75 -1.13
C LEU B 716 16.67 84.46 -2.51
N VAL B 717 15.38 84.79 -2.66
CA VAL B 717 14.67 84.65 -3.91
C VAL B 717 14.44 86.01 -4.57
N GLN B 718 13.86 86.95 -3.83
CA GLN B 718 13.62 88.30 -4.33
C GLN B 718 13.86 89.30 -3.20
N CYS B 719 14.54 90.39 -3.53
CA CYS B 719 14.83 91.47 -2.59
C CYS B 719 14.07 92.71 -3.06
N LEU B 720 12.83 92.83 -2.63
CA LEU B 720 11.99 93.96 -3.00
C LEU B 720 12.37 95.20 -2.19
N ARG B 721 12.54 96.32 -2.88
CA ARG B 721 12.92 97.59 -2.27
C ARG B 721 11.69 98.46 -2.13
N LEU B 722 11.44 98.96 -0.93
CA LEU B 722 10.30 99.83 -0.71
C LEU B 722 10.56 101.20 -1.32
N PRO B 723 9.49 101.93 -1.69
CA PRO B 723 9.67 103.25 -2.31
C PRO B 723 10.30 104.30 -1.39
N LYS B 724 10.42 105.52 -1.91
CA LYS B 724 11.29 106.52 -1.28
C LYS B 724 10.72 107.05 0.02
N PHE B 725 9.39 107.10 0.17
CA PHE B 725 8.82 107.65 1.38
C PHE B 725 9.04 106.77 2.60
N ALA B 726 9.23 105.46 2.41
CA ALA B 726 9.54 104.59 3.53
C ALA B 726 10.94 104.84 4.06
N GLU B 727 11.90 105.10 3.17
CA GLU B 727 13.26 105.40 3.60
C GLU B 727 13.39 106.82 4.12
N GLU B 728 12.62 107.76 3.56
CA GLU B 728 12.72 109.16 3.98
C GLU B 728 12.20 109.36 5.40
N GLU B 729 11.10 108.70 5.74
CA GLU B 729 10.48 108.83 7.06
C GLU B 729 10.97 107.78 8.04
N ASN B 730 11.92 106.93 7.64
CA ASN B 730 12.47 105.85 8.46
C ASN B 730 11.37 104.93 8.99
N LEU B 731 10.41 104.62 8.12
CA LEU B 731 9.32 103.74 8.49
C LEU B 731 9.78 102.28 8.55
N CYS B 732 9.07 101.49 9.34
CA CYS B 732 9.32 100.06 9.45
C CYS B 732 8.06 99.28 9.11
N ILE B 733 8.26 98.07 8.58
CA ILE B 733 7.16 97.23 8.13
C ILE B 733 6.43 96.66 9.35
N ASP B 734 5.26 97.21 9.66
CA ASP B 734 4.53 96.78 10.84
C ASP B 734 3.75 95.49 10.59
N SER B 735 2.97 95.44 9.51
CA SER B 735 2.11 94.29 9.26
C SER B 735 2.11 93.94 7.79
N ILE B 736 2.06 92.63 7.50
CA ILE B 736 1.93 92.12 6.15
C ILE B 736 0.73 91.18 6.13
N THR B 737 -0.21 91.44 5.23
CA THR B 737 -1.41 90.61 5.16
C THR B 737 -1.83 90.38 3.71
N PRO B 738 -1.95 89.14 3.27
CA PRO B 738 -2.53 88.89 1.95
C PRO B 738 -4.01 89.21 1.94
N CYS B 739 -4.46 89.71 0.79
CA CYS B 739 -5.86 90.08 0.64
C CYS B 739 -6.70 88.82 0.42
N ALA B 740 -8.02 88.98 0.49
CA ALA B 740 -8.93 87.86 0.32
C ALA B 740 -8.98 87.33 -1.11
N ASP B 741 -8.57 88.13 -2.10
CA ASP B 741 -8.59 87.65 -3.48
C ASP B 741 -7.48 86.64 -3.74
N GLY B 742 -6.36 86.76 -3.05
CA GLY B 742 -5.19 85.94 -3.29
C GLY B 742 -4.26 86.48 -4.35
N ILE B 743 -4.60 87.59 -4.99
CA ILE B 743 -3.76 88.20 -6.01
C ILE B 743 -3.07 89.48 -5.53
N HIS B 744 -3.56 90.09 -4.45
CA HIS B 744 -3.00 91.33 -3.93
C HIS B 744 -2.52 91.12 -2.49
N LEU B 745 -1.59 91.98 -2.09
CA LEU B 745 -1.00 91.93 -0.75
C LEU B 745 -0.98 93.33 -0.17
N LEU B 746 -1.14 93.44 1.15
CA LEU B 746 -1.16 94.72 1.84
C LEU B 746 -0.04 94.78 2.87
N VAL B 747 0.66 95.92 2.91
CA VAL B 747 1.72 96.16 3.88
C VAL B 747 1.41 97.45 4.61
N GLY B 748 1.26 97.36 5.92
CA GLY B 748 1.03 98.53 6.76
C GLY B 748 2.29 98.89 7.52
N LEU B 749 2.69 100.16 7.39
CA LEU B 749 3.92 100.68 7.98
C LEU B 749 3.59 101.52 9.22
N ARG B 750 4.65 101.87 9.95
CA ARG B 750 4.52 102.74 11.11
C ARG B 750 5.87 103.43 11.32
N THR B 751 5.85 104.48 12.15
CA THR B 751 7.07 105.20 12.45
C THR B 751 7.94 104.36 13.37
N CYS B 752 9.14 104.03 12.91
CA CYS B 752 10.05 103.23 13.73
C CYS B 752 10.64 104.09 14.85
N PRO B 753 10.52 103.67 16.11
CA PRO B 753 11.11 104.46 17.21
C PRO B 753 12.63 104.45 17.15
N VAL B 754 13.22 105.53 17.62
CA VAL B 754 14.67 105.71 17.62
C VAL B 754 15.20 105.38 19.01
N GLU B 755 16.17 104.47 19.07
CA GLU B 755 16.77 104.06 20.33
C GLU B 755 17.67 105.16 20.89
N ARG B 818 9.04 118.80 12.14
CA ARG B 818 8.73 117.67 11.28
C ARG B 818 7.25 117.30 11.37
N ASN B 819 6.76 116.57 10.38
CA ASN B 819 5.38 116.13 10.31
C ASN B 819 5.34 114.62 10.57
N VAL B 820 4.81 114.22 11.72
CA VAL B 820 4.71 112.81 12.06
C VAL B 820 3.56 112.19 11.28
N SER B 821 3.82 111.06 10.63
CA SER B 821 2.82 110.36 9.86
C SER B 821 2.40 109.09 10.59
N GLY B 822 1.17 108.64 10.30
CA GLY B 822 0.62 107.45 10.89
C GLY B 822 0.95 106.16 10.17
N GLY B 823 1.82 106.20 9.17
CA GLY B 823 2.20 105.03 8.40
C GLY B 823 1.66 105.10 6.98
N TYR B 824 1.95 104.04 6.24
CA TYR B 824 1.54 103.92 4.85
C TYR B 824 0.94 102.54 4.60
N LEU B 825 -0.01 102.50 3.66
CA LEU B 825 -0.61 101.26 3.20
C LEU B 825 -0.17 101.03 1.76
N VAL B 826 0.64 100.00 1.54
CA VAL B 826 1.18 99.67 0.23
C VAL B 826 0.52 98.38 -0.23
N LEU B 827 -0.27 98.46 -1.30
CA LEU B 827 -0.90 97.31 -1.93
C LEU B 827 -0.08 96.89 -3.13
N TYR B 828 0.46 95.68 -3.06
CA TYR B 828 1.28 95.08 -4.12
C TYR B 828 0.49 94.02 -4.87
N LYS B 829 0.94 93.73 -6.09
CA LYS B 829 0.34 92.73 -6.96
C LYS B 829 1.24 91.50 -7.01
N MET B 830 0.65 90.32 -6.79
CA MET B 830 1.41 89.07 -6.83
C MET B 830 1.85 88.75 -8.26
N ASN B 831 3.05 88.18 -8.37
CA ASN B 831 3.63 87.80 -9.66
C ASN B 831 3.75 86.28 -9.71
N TYR B 832 3.12 85.67 -10.71
CA TYR B 832 3.18 84.21 -10.90
C TYR B 832 3.69 83.85 -12.29
N ALA B 833 4.58 84.66 -12.85
CA ALA B 833 5.10 84.38 -14.18
C ALA B 833 6.04 83.18 -14.18
N THR B 834 6.85 83.03 -13.13
CA THR B 834 7.77 81.91 -13.02
C THR B 834 7.21 80.85 -12.08
N ARG B 835 8.02 79.83 -11.79
CA ARG B 835 7.60 78.75 -10.90
C ARG B 835 7.75 79.11 -9.43
N ILE B 836 8.34 80.25 -9.10
CA ILE B 836 8.52 80.69 -7.73
C ILE B 836 7.64 81.90 -7.47
N VAL B 837 7.02 81.94 -6.30
CA VAL B 837 6.16 83.06 -5.92
C VAL B 837 7.04 84.28 -5.70
N THR B 838 6.78 85.33 -6.47
CA THR B 838 7.53 86.58 -6.39
C THR B 838 6.56 87.75 -6.31
N LEU B 839 7.12 88.95 -6.22
CA LEU B 839 6.34 90.18 -6.14
C LEU B 839 6.73 91.12 -7.27
N GLU B 840 5.96 92.20 -7.41
CA GLU B 840 6.19 93.20 -8.44
C GLU B 840 6.87 94.42 -7.85
N GLU B 841 7.76 95.04 -8.62
CA GLU B 841 8.46 96.22 -8.13
C GLU B 841 7.53 97.42 -8.03
N GLU B 842 6.59 97.55 -8.95
CA GLU B 842 5.65 98.67 -8.94
C GLU B 842 4.50 98.40 -7.99
N PRO B 843 4.28 99.23 -6.97
CA PRO B 843 3.12 99.03 -6.10
C PRO B 843 1.83 99.41 -6.80
N ILE B 844 0.79 98.59 -6.61
CA ILE B 844 -0.47 98.84 -7.28
C ILE B 844 -1.31 99.88 -6.54
N LYS B 845 -1.00 100.15 -5.27
CA LYS B 845 -1.70 101.22 -4.55
C LYS B 845 -0.82 101.74 -3.43
N ILE B 846 -0.79 103.06 -3.28
CA ILE B 846 -0.08 103.72 -2.18
C ILE B 846 -1.06 104.63 -1.47
N GLN B 847 -1.23 104.43 -0.17
CA GLN B 847 -2.12 105.26 0.64
C GLN B 847 -1.33 105.83 1.81
N HIS B 848 -1.48 107.15 2.03
CA HIS B 848 -0.77 107.85 3.07
C HIS B 848 -1.69 108.13 4.25
N ILE B 849 -1.13 108.05 5.46
CA ILE B 849 -1.83 108.45 6.67
C ILE B 849 -1.22 109.75 7.17
N LYS B 850 -1.81 110.88 6.78
CA LYS B 850 -1.26 112.18 7.15
C LYS B 850 -1.49 112.49 8.63
N ASP B 851 -2.44 111.83 9.26
CA ASP B 851 -2.73 112.06 10.66
C ASP B 851 -1.83 111.17 11.52
N PRO B 852 -0.98 111.73 12.37
CA PRO B 852 -0.21 110.88 13.30
C PRO B 852 -1.11 110.18 14.30
N GLN B 853 -2.27 110.76 14.58
CA GLN B 853 -3.23 110.15 15.49
C GLN B 853 -3.84 108.88 14.91
N ASP B 854 -3.81 108.70 13.59
CA ASP B 854 -4.40 107.56 12.91
C ASP B 854 -3.37 106.48 12.60
N THR B 855 -2.40 106.26 13.49
CA THR B 855 -1.42 105.21 13.26
C THR B 855 -2.07 103.83 13.37
N ILE B 856 -1.85 103.00 12.35
CA ILE B 856 -2.52 101.71 12.30
C ILE B 856 -1.90 100.76 13.32
N THR B 857 -2.73 100.16 14.16
CA THR B 857 -2.30 99.21 15.18
C THR B 857 -2.73 97.78 14.89
N SER B 858 -3.93 97.58 14.36
CA SER B 858 -4.43 96.25 14.04
C SER B 858 -5.43 96.36 12.90
N LEU B 859 -5.50 95.31 12.09
CA LEU B 859 -6.36 95.28 10.91
C LEU B 859 -7.04 93.94 10.82
N ILE B 860 -8.19 93.93 10.13
CA ILE B 860 -8.92 92.70 9.84
C ILE B 860 -9.64 92.89 8.50
N LEU B 861 -9.94 91.77 7.84
CA LEU B 861 -10.58 91.76 6.53
C LEU B 861 -11.97 91.15 6.65
N LEU B 862 -12.96 91.83 6.07
CA LEU B 862 -14.33 91.32 6.10
C LEU B 862 -14.68 90.64 4.79
N PRO B 863 -15.22 89.42 4.83
CA PRO B 863 -15.63 88.77 3.60
C PRO B 863 -16.77 89.52 2.94
N PRO B 864 -16.82 89.54 1.61
CA PRO B 864 -17.88 90.30 0.92
C PRO B 864 -19.25 89.65 1.01
N ASP B 865 -19.33 88.35 1.27
CA ASP B 865 -20.60 87.65 1.32
C ASP B 865 -21.49 88.12 2.47
N ILE B 866 -20.89 88.70 3.52
CA ILE B 866 -21.69 89.31 4.58
C ILE B 866 -22.51 90.47 4.03
N LEU B 867 -21.97 91.20 3.07
CA LEU B 867 -22.72 92.25 2.39
C LEU B 867 -23.72 91.69 1.39
N ASP B 868 -23.69 90.39 1.13
CA ASP B 868 -24.64 89.77 0.19
C ASP B 868 -25.91 89.27 0.87
N ASN B 869 -26.05 89.48 2.17
CA ASN B 869 -27.24 89.04 2.88
C ASN B 869 -28.46 89.89 2.52
N ILE B 897 -13.58 97.44 -11.96
CA ILE B 897 -12.71 96.94 -10.90
C ILE B 897 -13.52 96.23 -9.83
N SER B 898 -13.17 94.96 -9.59
CA SER B 898 -13.88 94.18 -8.58
C SER B 898 -13.51 94.65 -7.18
N THR B 899 -14.48 94.65 -6.28
CA THR B 899 -14.24 95.05 -4.91
C THR B 899 -13.41 94.00 -4.19
N LEU B 900 -12.47 94.47 -3.36
CA LEU B 900 -11.56 93.60 -2.63
C LEU B 900 -11.93 93.50 -1.15
N GLY B 901 -13.21 93.55 -0.84
CA GLY B 901 -13.66 93.45 0.54
C GLY B 901 -13.46 94.76 1.29
N HIS B 902 -13.64 94.67 2.61
CA HIS B 902 -13.49 95.81 3.50
C HIS B 902 -12.40 95.53 4.53
N LEU B 903 -11.75 96.61 4.97
CA LEU B 903 -10.67 96.53 5.95
C LEU B 903 -11.04 97.36 7.16
N VAL B 904 -10.98 96.74 8.34
CA VAL B 904 -11.27 97.41 9.60
C VAL B 904 -9.96 97.58 10.33
N ILE B 905 -9.61 98.82 10.66
CA ILE B 905 -8.35 99.13 11.32
C ILE B 905 -8.62 99.89 12.61
N THR B 906 -7.74 99.67 13.58
CA THR B 906 -7.74 100.40 14.84
C THR B 906 -6.59 101.40 14.86
N THR B 907 -6.88 102.60 15.36
CA THR B 907 -5.90 103.67 15.44
C THR B 907 -5.33 103.73 16.85
N GLN B 908 -4.35 104.61 17.05
CA GLN B 908 -3.78 104.80 18.38
C GLN B 908 -4.79 105.42 19.33
N GLY B 909 -5.61 106.35 18.83
CA GLY B 909 -6.62 106.98 19.64
C GLY B 909 -7.90 106.20 19.80
N GLY B 910 -8.05 105.06 19.13
CA GLY B 910 -9.22 104.23 19.27
C GLY B 910 -10.32 104.42 18.24
N TYR B 911 -10.06 105.17 17.17
CA TYR B 911 -11.06 105.42 16.15
C TYR B 911 -11.03 104.26 15.15
N VAL B 912 -12.05 103.41 15.22
CA VAL B 912 -12.16 102.28 14.29
C VAL B 912 -12.54 102.80 12.91
N LYS B 913 -11.76 102.42 11.90
CA LYS B 913 -11.97 102.90 10.54
C LYS B 913 -12.24 101.70 9.64
N ILE B 914 -13.39 101.71 8.97
CA ILE B 914 -13.74 100.68 7.99
C ILE B 914 -13.65 101.31 6.61
N LEU B 915 -12.75 100.78 5.78
CA LEU B 915 -12.43 101.36 4.49
C LEU B 915 -12.53 100.31 3.39
N ASP B 916 -12.91 100.77 2.20
CA ASP B 916 -12.88 99.89 1.03
C ASP B 916 -11.44 99.62 0.63
N LEU B 917 -11.13 98.35 0.34
CA LEU B 917 -9.76 97.98 0.01
C LEU B 917 -9.33 98.46 -1.37
N SER B 918 -10.27 98.90 -2.21
CA SER B 918 -9.93 99.33 -3.56
C SER B 918 -9.24 100.69 -3.57
N ASN B 919 -9.72 101.64 -2.75
CA ASN B 919 -9.20 102.99 -2.76
C ASN B 919 -8.81 103.51 -1.38
N PHE B 920 -9.03 102.74 -0.31
CA PHE B 920 -8.68 103.13 1.06
C PHE B 920 -9.35 104.46 1.45
N GLU B 921 -10.63 104.60 1.10
CA GLU B 921 -11.42 105.75 1.50
C GLU B 921 -12.18 105.44 2.78
N ILE B 922 -12.23 106.43 3.68
CA ILE B 922 -12.88 106.23 4.97
C ILE B 922 -14.39 106.13 4.75
N LEU B 923 -14.91 104.91 4.85
CA LEU B 923 -16.34 104.68 4.64
C LEU B 923 -17.12 104.70 5.94
N ALA B 924 -16.59 104.07 7.00
CA ALA B 924 -17.27 104.03 8.29
C ALA B 924 -16.29 104.44 9.38
N LYS B 925 -16.74 105.30 10.28
CA LYS B 925 -15.93 105.81 11.38
C LYS B 925 -16.65 105.51 12.69
N VAL B 926 -15.92 104.91 13.64
CA VAL B 926 -16.44 104.59 14.95
C VAL B 926 -15.54 105.27 15.98
N GLU B 927 -16.10 106.22 16.72
CA GLU B 927 -15.36 106.89 17.76
C GLU B 927 -15.12 105.95 18.94
N PRO B 928 -13.99 106.09 19.62
CA PRO B 928 -13.74 105.25 20.80
C PRO B 928 -14.69 105.62 21.92
N PRO B 929 -15.10 104.65 22.74
CA PRO B 929 -16.00 104.95 23.86
C PRO B 929 -15.27 105.68 24.97
N LYS B 930 -16.06 106.23 25.89
CA LYS B 930 -15.51 106.93 27.05
C LYS B 930 -15.37 105.94 28.21
N LYS B 931 -14.30 106.12 28.97
CA LYS B 931 -14.08 105.27 30.15
C LYS B 931 -15.14 105.55 31.20
N GLU B 932 -15.43 104.55 32.01
CA GLU B 932 -16.39 104.73 33.08
C GLU B 932 -15.80 105.61 34.19
N GLY B 933 -16.66 106.42 34.79
CA GLY B 933 -16.26 107.29 35.88
C GLY B 933 -15.48 108.53 35.49
N THR B 934 -15.17 108.72 34.22
CA THR B 934 -14.35 109.87 33.79
C THR B 934 -14.63 110.16 32.32
N GLU B 935 -13.88 111.12 31.77
CA GLU B 935 -13.99 111.50 30.37
C GLU B 935 -12.77 111.09 29.55
N GLU B 936 -11.92 110.21 30.08
CA GLU B 936 -10.74 109.77 29.37
C GLU B 936 -11.13 108.88 28.19
N GLN B 937 -10.31 108.92 27.13
CA GLN B 937 -10.60 108.15 25.94
C GLN B 937 -10.25 106.69 26.23
N ASP B 938 -11.25 105.83 26.19
CA ASP B 938 -11.05 104.39 26.29
C ASP B 938 -10.71 103.87 24.89
N THR B 939 -9.46 104.06 24.49
CA THR B 939 -9.05 103.83 23.11
C THR B 939 -9.03 102.33 22.76
N PHE B 940 -9.60 102.01 21.60
CA PHE B 940 -9.55 100.65 21.07
C PHE B 940 -8.12 100.31 20.66
N VAL B 941 -7.68 99.11 21.00
CA VAL B 941 -6.33 98.66 20.68
C VAL B 941 -6.33 97.58 19.61
N SER B 942 -7.26 96.62 19.68
CA SER B 942 -7.34 95.56 18.70
C SER B 942 -8.79 95.24 18.38
N VAL B 943 -9.01 94.70 17.17
CA VAL B 943 -10.33 94.37 16.67
C VAL B 943 -10.29 92.99 16.01
N ILE B 944 -11.36 92.22 16.18
CA ILE B 944 -11.56 90.93 15.52
C ILE B 944 -13.02 90.87 15.06
N TYR B 945 -13.34 89.83 14.31
CA TYR B 945 -14.69 89.61 13.82
C TYR B 945 -15.29 88.37 14.46
N CYS B 946 -16.45 88.53 15.10
CA CYS B 946 -17.17 87.42 15.73
C CYS B 946 -18.32 87.01 14.82
N SER B 947 -18.25 85.77 14.32
CA SER B 947 -19.27 85.26 13.41
C SER B 947 -20.56 84.89 14.14
N GLY B 948 -20.45 84.40 15.38
CA GLY B 948 -21.64 84.05 16.13
C GLY B 948 -22.49 85.25 16.46
N THR B 949 -21.86 86.36 16.89
CA THR B 949 -22.56 87.61 17.07
C THR B 949 -22.70 88.40 15.77
N ASP B 950 -21.95 88.00 14.73
CA ASP B 950 -21.92 88.71 13.44
C ASP B 950 -21.56 90.18 13.63
N ARG B 951 -20.54 90.44 14.44
CA ARG B 951 -20.20 91.79 14.82
C ARG B 951 -18.69 91.96 14.91
N LEU B 952 -18.24 93.20 14.79
CA LEU B 952 -16.84 93.54 15.03
C LEU B 952 -16.64 93.66 16.53
N CYS B 953 -15.87 92.75 17.11
CA CYS B 953 -15.58 92.75 18.54
C CYS B 953 -14.23 93.41 18.76
N ALA B 954 -14.22 94.52 19.49
CA ALA B 954 -13.01 95.30 19.69
C ALA B 954 -12.72 95.42 21.19
N CYS B 955 -11.44 95.35 21.53
CA CYS B 955 -11.01 95.46 22.91
C CYS B 955 -10.58 96.89 23.19
N THR B 956 -10.96 97.39 24.36
CA THR B 956 -10.72 98.76 24.72
C THR B 956 -9.39 98.92 25.47
N LYS B 957 -9.09 100.16 25.86
CA LYS B 957 -7.90 100.41 26.65
C LYS B 957 -8.08 99.93 28.09
N GLY B 958 -9.30 99.99 28.62
CA GLY B 958 -9.62 99.57 29.96
C GLY B 958 -10.02 98.11 30.10
N GLY B 959 -9.90 97.32 29.04
CA GLY B 959 -10.23 95.91 29.08
C GLY B 959 -11.65 95.56 28.71
N GLU B 960 -12.48 96.55 28.37
CA GLU B 960 -13.85 96.29 27.97
C GLU B 960 -13.90 95.72 26.55
N LEU B 961 -15.04 95.15 26.21
CA LEU B 961 -15.28 94.59 24.88
C LEU B 961 -16.52 95.25 24.28
N HIS B 962 -16.38 95.74 23.05
CA HIS B 962 -17.47 96.43 22.35
C HIS B 962 -17.77 95.70 21.05
N PHE B 963 -19.06 95.45 20.81
CA PHE B 963 -19.53 94.80 19.60
C PHE B 963 -20.19 95.84 18.71
N LEU B 964 -19.68 95.98 17.48
CA LEU B 964 -20.21 96.90 16.49
C LEU B 964 -20.94 96.11 15.41
N GLN B 965 -22.19 96.47 15.14
CA GLN B 965 -23.01 95.77 14.16
C GLN B 965 -22.97 96.51 12.83
N ILE B 966 -22.81 95.75 11.75
CA ILE B 966 -22.72 96.29 10.40
C ILE B 966 -23.98 95.90 9.64
N GLY B 967 -24.65 96.88 9.06
CA GLY B 967 -25.87 96.64 8.30
C GLY B 967 -27.09 97.12 9.06
N GLY B 968 -28.00 97.78 8.32
CA GLY B 968 -29.22 98.30 8.91
C GLY B 968 -30.20 98.81 7.88
N ILE B 1006 -42.79 94.84 3.23
CA ILE B 1006 -41.89 94.98 2.10
C ILE B 1006 -42.70 94.99 0.81
N SER B 1007 -42.68 96.12 0.11
CA SER B 1007 -43.42 96.33 -1.12
C SER B 1007 -42.46 96.71 -2.25
N GLY B 1008 -43.01 96.89 -3.44
CA GLY B 1008 -42.20 97.26 -4.59
C GLY B 1008 -41.31 96.15 -5.12
N VAL B 1009 -41.76 94.90 -5.02
CA VAL B 1009 -40.99 93.74 -5.46
C VAL B 1009 -41.81 92.96 -6.46
N ASP B 1010 -41.15 92.49 -7.52
CA ASP B 1010 -41.78 91.68 -8.57
C ASP B 1010 -41.97 90.26 -8.06
N LEU B 1011 -43.21 89.90 -7.73
CA LEU B 1011 -43.47 88.62 -7.10
C LEU B 1011 -43.46 87.49 -8.14
N LEU B 1012 -43.54 86.26 -7.62
CA LEU B 1012 -43.53 85.04 -8.41
C LEU B 1012 -44.87 84.33 -8.42
N VAL B 1013 -45.98 85.06 -8.22
CA VAL B 1013 -47.29 84.44 -8.03
C VAL B 1013 -48.30 84.90 -9.08
N ASP B 1014 -48.30 86.19 -9.44
CA ASP B 1014 -49.35 86.73 -10.29
C ASP B 1014 -49.21 86.35 -11.76
N GLN B 1015 -48.06 85.84 -12.18
CA GLN B 1015 -47.86 85.50 -13.58
C GLN B 1015 -48.67 84.26 -13.99
N PRO B 1016 -49.02 84.15 -15.26
CA PRO B 1016 -49.70 82.94 -15.76
C PRO B 1016 -48.77 81.73 -15.71
N PHE B 1017 -49.38 80.56 -15.81
CA PHE B 1017 -48.67 79.29 -15.63
C PHE B 1017 -47.93 78.97 -16.92
N THR B 1018 -46.83 79.69 -17.15
CA THR B 1018 -45.99 79.36 -18.29
C THR B 1018 -45.02 78.25 -17.89
N LEU B 1019 -44.40 77.65 -18.89
CA LEU B 1019 -43.51 76.53 -18.62
C LEU B 1019 -42.22 77.01 -17.94
N GLU B 1020 -41.67 78.13 -18.41
CA GLU B 1020 -40.37 78.58 -17.89
C GLU B 1020 -40.45 79.07 -16.45
N ILE B 1021 -41.55 79.72 -16.06
CA ILE B 1021 -41.66 80.20 -14.68
C ILE B 1021 -41.83 79.04 -13.71
N LEU B 1022 -42.65 78.06 -14.07
CA LEU B 1022 -42.81 76.88 -13.21
C LEU B 1022 -41.54 76.06 -13.17
N THR B 1023 -40.81 75.99 -14.29
CA THR B 1023 -39.53 75.29 -14.30
C THR B 1023 -38.50 75.99 -13.42
N SER B 1024 -38.48 77.32 -13.44
CA SER B 1024 -37.58 78.06 -12.57
C SER B 1024 -37.96 77.91 -11.10
N LEU B 1025 -39.26 77.84 -10.81
CA LEU B 1025 -39.69 77.59 -9.44
C LEU B 1025 -39.28 76.21 -8.96
N VAL B 1026 -39.39 75.21 -9.83
CA VAL B 1026 -39.01 73.86 -9.46
C VAL B 1026 -37.49 73.73 -9.29
N GLU B 1027 -36.74 74.34 -10.21
CA GLU B 1027 -35.28 74.33 -10.10
C GLU B 1027 -34.81 75.13 -8.89
N LEU B 1028 -35.61 76.10 -8.45
CA LEU B 1028 -35.29 76.82 -7.23
C LEU B 1028 -35.40 75.93 -6.00
N THR B 1029 -36.43 75.08 -5.95
CA THR B 1029 -36.79 74.35 -4.74
C THR B 1029 -35.90 73.15 -4.46
N ARG B 1030 -34.79 72.97 -5.18
CA ARG B 1030 -33.88 71.88 -4.88
C ARG B 1030 -33.03 72.22 -3.65
N PHE B 1031 -32.27 71.23 -3.19
CA PHE B 1031 -31.44 71.37 -2.00
C PHE B 1031 -30.03 70.88 -2.29
N GLU B 1032 -29.06 71.46 -1.61
CA GLU B 1032 -27.65 71.12 -1.78
C GLU B 1032 -27.04 70.73 -0.45
N THR B 1033 -25.92 70.00 -0.52
CA THR B 1033 -25.20 69.57 0.66
C THR B 1033 -24.20 70.62 1.11
N LEU B 1034 -24.11 70.84 2.41
CA LEU B 1034 -23.22 71.86 2.94
C LEU B 1034 -21.77 71.39 2.88
N THR B 1035 -20.89 72.28 2.41
CA THR B 1035 -19.48 72.02 2.23
C THR B 1035 -18.78 73.36 2.42
N PRO B 1036 -17.73 73.44 3.25
CA PRO B 1036 -17.09 72.40 4.06
C PRO B 1036 -17.82 72.03 5.34
N ARG B 1037 -17.08 71.45 6.29
CA ARG B 1037 -17.66 70.98 7.54
C ARG B 1037 -18.12 72.16 8.39
N PHE B 1038 -19.27 71.99 9.05
CA PHE B 1038 -19.84 72.98 9.94
C PHE B 1038 -19.20 72.87 11.32
N SER B 1039 -19.74 73.61 12.29
CA SER B 1039 -19.27 73.54 13.67
C SER B 1039 -20.41 73.12 14.59
N ALA B 1040 -20.09 72.30 15.59
CA ALA B 1040 -21.09 71.81 16.53
C ALA B 1040 -20.38 71.31 17.77
N THR B 1041 -20.99 71.53 18.94
CA THR B 1041 -20.52 70.88 20.16
C THR B 1041 -21.66 70.24 20.93
N VAL B 1042 -21.31 69.14 21.58
CA VAL B 1042 -22.21 68.26 22.32
C VAL B 1042 -21.67 68.09 23.73
N PRO B 1043 -22.52 67.68 24.67
CA PRO B 1043 -22.00 67.28 25.99
C PRO B 1043 -21.09 66.08 25.87
N PRO B 1044 -20.14 65.93 26.80
CA PRO B 1044 -19.11 64.89 26.67
C PRO B 1044 -19.59 63.45 26.82
N CYS B 1045 -20.88 63.18 27.05
CA CYS B 1045 -21.30 61.78 27.10
C CYS B 1045 -21.35 61.12 25.74
N TRP B 1046 -21.25 61.88 24.65
CA TRP B 1046 -21.21 61.33 23.29
C TRP B 1046 -19.79 61.32 22.78
N VAL B 1047 -19.32 60.15 22.37
CA VAL B 1047 -17.99 59.97 21.81
C VAL B 1047 -18.12 59.78 20.31
N GLU B 1048 -17.04 60.06 19.59
CA GLU B 1048 -17.04 59.95 18.14
C GLU B 1048 -16.30 58.70 17.68
N THR B 1074 -22.40 66.31 7.80
CA THR B 1074 -22.23 64.87 7.96
C THR B 1074 -21.32 64.56 9.15
N ARG B 1075 -21.92 64.33 10.32
CA ARG B 1075 -21.14 64.06 11.52
C ARG B 1075 -21.90 63.05 12.36
N THR B 1076 -21.17 62.22 13.10
CA THR B 1076 -21.78 61.13 13.84
C THR B 1076 -21.18 61.02 15.23
N TRP B 1077 -21.97 60.47 16.15
CA TRP B 1077 -21.54 60.25 17.54
C TRP B 1077 -22.21 58.98 18.06
N LYS B 1078 -21.59 58.41 19.10
CA LYS B 1078 -22.14 57.29 19.83
C LYS B 1078 -22.36 57.70 21.28
N LEU B 1079 -23.52 57.35 21.83
CA LEU B 1079 -23.88 57.72 23.18
C LEU B 1079 -23.38 56.69 24.18
N GLN B 1080 -22.82 57.17 25.29
CA GLN B 1080 -22.40 56.35 26.40
C GLN B 1080 -23.42 56.45 27.53
N THR B 1081 -23.54 55.38 28.31
CA THR B 1081 -24.53 55.32 29.37
C THR B 1081 -24.15 56.20 30.54
N ASP B 1082 -24.54 57.47 30.50
CA ASP B 1082 -24.29 58.44 31.56
C ASP B 1082 -25.61 59.03 32.01
N SER B 1083 -25.87 58.99 33.31
CA SER B 1083 -27.11 59.48 33.89
C SER B 1083 -26.93 60.82 34.61
N ASN B 1084 -25.81 61.51 34.35
CA ASN B 1084 -25.58 62.80 34.99
C ASN B 1084 -26.53 63.87 34.44
N SER B 1085 -26.76 63.85 33.13
CA SER B 1085 -27.65 64.82 32.47
C SER B 1085 -28.63 64.09 31.55
N TRP B 1086 -29.28 63.06 32.09
CA TRP B 1086 -30.21 62.28 31.28
C TRP B 1086 -31.51 63.01 31.02
N ASP B 1087 -31.87 64.00 31.84
CA ASP B 1087 -33.18 64.65 31.69
C ASP B 1087 -33.21 65.55 30.46
N GLU B 1088 -32.17 66.34 30.25
CA GLU B 1088 -32.10 67.29 29.15
C GLU B 1088 -30.82 67.06 28.37
N HIS B 1089 -30.86 67.36 27.07
CA HIS B 1089 -29.64 67.35 26.27
C HIS B 1089 -29.68 68.51 25.29
N VAL B 1090 -28.62 69.31 25.27
CA VAL B 1090 -28.53 70.49 24.41
C VAL B 1090 -27.32 70.37 23.50
N PHE B 1091 -27.56 70.37 22.19
CA PHE B 1091 -26.50 70.36 21.18
C PHE B 1091 -26.47 71.74 20.53
N GLU B 1092 -25.28 72.32 20.36
CA GLU B 1092 -25.21 73.63 19.75
C GLU B 1092 -24.58 73.50 18.37
N LEU B 1093 -25.14 74.22 17.40
CA LEU B 1093 -24.73 74.20 16.01
C LEU B 1093 -24.39 75.61 15.56
N VAL B 1094 -23.23 75.77 14.94
CA VAL B 1094 -22.83 77.04 14.34
C VAL B 1094 -22.45 76.74 12.89
N LEU B 1095 -23.16 77.38 11.96
CA LEU B 1095 -22.88 77.20 10.55
C LEU B 1095 -21.60 77.96 10.15
N PRO B 1096 -20.88 77.48 9.14
CA PRO B 1096 -19.71 78.22 8.66
C PRO B 1096 -20.05 79.55 8.01
N LYS B 1097 -21.27 79.72 7.52
CA LYS B 1097 -21.68 80.97 6.90
C LYS B 1097 -23.20 81.10 6.99
N ALA B 1098 -23.67 82.31 7.25
CA ALA B 1098 -25.10 82.57 7.29
C ALA B 1098 -25.65 82.61 5.88
N CYS B 1099 -26.42 81.58 5.51
CA CYS B 1099 -26.93 81.46 4.16
C CYS B 1099 -28.39 80.98 4.24
N MET B 1100 -28.92 80.54 3.10
CA MET B 1100 -30.31 80.11 3.02
C MET B 1100 -30.44 78.71 3.61
N VAL B 1101 -31.10 78.61 4.76
CA VAL B 1101 -31.24 77.33 5.45
C VAL B 1101 -32.29 76.48 4.73
N GLY B 1102 -31.85 75.32 4.21
CA GLY B 1102 -32.76 74.40 3.58
C GLY B 1102 -33.48 73.53 4.59
N HIS B 1103 -32.74 72.66 5.27
CA HIS B 1103 -33.27 71.79 6.31
C HIS B 1103 -32.11 71.17 7.07
N VAL B 1104 -32.44 70.51 8.18
CA VAL B 1104 -31.46 69.78 8.97
C VAL B 1104 -31.89 68.32 9.07
N ASP B 1105 -30.97 67.41 8.76
CA ASP B 1105 -31.23 65.98 8.79
C ASP B 1105 -30.67 65.39 10.08
N PHE B 1106 -31.53 64.73 10.85
CA PHE B 1106 -31.19 64.16 12.14
C PHE B 1106 -31.45 62.65 12.07
N LYS B 1107 -30.36 61.87 12.00
CA LYS B 1107 -30.45 60.42 11.87
C LYS B 1107 -30.10 59.81 13.22
N PHE B 1108 -30.85 58.79 13.63
CA PHE B 1108 -30.61 58.12 14.89
C PHE B 1108 -30.85 56.62 14.78
N VAL B 1109 -30.07 55.86 15.56
CA VAL B 1109 -30.25 54.43 15.72
C VAL B 1109 -30.42 54.14 17.21
N LEU B 1110 -31.50 53.41 17.55
CA LEU B 1110 -31.90 53.17 18.93
C LEU B 1110 -31.36 51.82 19.41
N ASN B 1111 -31.76 51.41 20.61
CA ASN B 1111 -31.33 50.13 21.17
C ASN B 1111 -32.02 48.98 20.44
N SER B 1112 -31.32 47.85 20.36
CA SER B 1112 -31.86 46.66 19.71
C SER B 1112 -32.86 45.90 20.56
N ASN B 1113 -32.84 46.08 21.89
CA ASN B 1113 -33.74 45.37 22.78
C ASN B 1113 -34.93 46.21 23.22
N ILE B 1114 -35.40 47.11 22.37
CA ILE B 1114 -36.52 47.98 22.70
C ILE B 1114 -37.83 47.24 22.46
N THR B 1115 -38.70 47.23 23.48
CA THR B 1115 -40.01 46.61 23.38
C THR B 1115 -41.16 47.61 23.50
N ASN B 1116 -40.88 48.89 23.74
CA ASN B 1116 -41.93 49.89 23.88
C ASN B 1116 -41.49 51.17 23.19
N ILE B 1117 -42.44 51.87 22.58
CA ILE B 1117 -42.15 53.12 21.88
C ILE B 1117 -41.86 54.23 22.90
N PRO B 1118 -40.67 54.84 22.85
CA PRO B 1118 -40.34 55.88 23.83
C PRO B 1118 -40.98 57.20 23.48
N GLN B 1119 -41.31 57.97 24.53
CA GLN B 1119 -41.89 59.30 24.38
C GLN B 1119 -40.78 60.34 24.58
N ILE B 1120 -39.96 60.49 23.54
CA ILE B 1120 -38.81 61.38 23.56
C ILE B 1120 -38.92 62.35 22.38
N GLN B 1121 -38.72 63.63 22.64
CA GLN B 1121 -38.90 64.68 21.65
C GLN B 1121 -37.58 65.40 21.40
N VAL B 1122 -37.45 65.91 20.17
CA VAL B 1122 -36.30 66.69 19.73
C VAL B 1122 -36.82 67.97 19.10
N THR B 1123 -36.36 69.11 19.59
CA THR B 1123 -36.88 70.41 19.19
C THR B 1123 -35.74 71.34 18.81
N LEU B 1124 -35.84 71.96 17.64
CA LEU B 1124 -34.87 72.94 17.18
C LEU B 1124 -35.27 74.34 17.66
N LEU B 1125 -34.27 75.15 17.96
CA LEU B 1125 -34.44 76.47 18.53
C LEU B 1125 -33.44 77.43 17.92
N LYS B 1126 -33.87 78.66 17.68
CA LYS B 1126 -32.93 79.69 17.28
C LYS B 1126 -32.02 80.03 18.45
N ASN B 1127 -30.72 79.95 18.24
CA ASN B 1127 -29.76 80.29 19.28
C ASN B 1127 -29.81 81.80 19.50
N LYS B 1128 -30.04 82.22 20.74
CA LYS B 1128 -30.21 83.63 21.05
C LYS B 1128 -28.88 84.37 20.96
N ALA B 1129 -28.94 85.58 20.40
CA ALA B 1129 -27.76 86.42 20.34
C ALA B 1129 -27.42 86.95 21.74
N PRO B 1130 -26.12 87.03 22.08
CA PRO B 1130 -25.76 87.51 23.41
C PRO B 1130 -26.06 88.99 23.57
N GLY B 1131 -26.35 89.38 24.81
CA GLY B 1131 -26.62 90.78 25.09
C GLY B 1131 -25.35 91.60 25.19
N LEU B 1132 -25.27 92.67 24.40
CA LEU B 1132 -24.07 93.51 24.38
C LEU B 1132 -24.16 94.61 25.43
N LEU B 1168 -51.12 69.12 27.90
CA LEU B 1168 -49.72 68.93 27.56
C LEU B 1168 -48.95 70.25 27.61
N ARG B 1169 -47.89 70.29 28.41
CA ARG B 1169 -47.07 71.47 28.56
C ARG B 1169 -45.63 71.16 28.18
N LEU B 1170 -44.97 72.16 27.60
CA LEU B 1170 -43.59 71.99 27.14
C LEU B 1170 -42.64 71.95 28.33
N CYS B 1171 -41.43 71.47 28.08
CA CYS B 1171 -40.40 71.43 29.10
C CYS B 1171 -39.97 72.86 29.46
N PRO B 1172 -39.56 73.09 30.72
CA PRO B 1172 -39.27 74.47 31.15
C PRO B 1172 -38.14 75.14 30.40
N PHE B 1173 -37.14 74.38 29.93
CA PHE B 1173 -36.08 74.97 29.12
C PHE B 1173 -36.62 75.49 27.79
N LEU B 1174 -37.54 74.75 27.17
CA LEU B 1174 -38.18 75.26 25.96
C LEU B 1174 -39.16 76.37 26.27
N GLU B 1175 -39.76 76.36 27.47
CA GLU B 1175 -40.64 77.45 27.89
C GLU B 1175 -39.86 78.73 28.11
N ASP B 1176 -38.58 78.64 28.47
CA ASP B 1176 -37.75 79.83 28.63
C ASP B 1176 -37.47 80.50 27.29
N HIS B 1177 -37.49 79.72 26.20
CA HIS B 1177 -37.26 80.23 24.86
C HIS B 1177 -38.41 79.86 23.94
N LYS B 1178 -39.64 80.03 24.43
CA LYS B 1178 -40.82 79.66 23.66
C LYS B 1178 -41.13 80.66 22.55
N GLU B 1179 -40.84 81.94 22.78
CA GLU B 1179 -41.17 82.96 21.79
C GLU B 1179 -40.25 82.87 20.57
N ASP B 1180 -38.97 82.56 20.79
CA ASP B 1180 -37.98 82.49 19.72
C ASP B 1180 -37.85 81.10 19.12
N ILE B 1181 -38.85 80.23 19.30
CA ILE B 1181 -38.79 78.88 18.75
C ILE B 1181 -38.91 78.96 17.23
N LEU B 1182 -38.35 77.95 16.56
CA LEU B 1182 -38.38 77.94 15.11
C LEU B 1182 -38.68 76.58 14.48
N CYS B 1183 -38.82 75.51 15.27
CA CYS B 1183 -39.22 74.20 14.78
C CYS B 1183 -39.88 73.42 15.91
N GLY B 1184 -40.67 72.43 15.52
CA GLY B 1184 -41.30 71.52 16.45
C GLY B 1184 -42.35 72.20 17.32
N PRO B 1185 -42.63 71.64 18.52
CA PRO B 1185 -42.31 70.31 19.02
C PRO B 1185 -42.77 69.14 18.13
N VAL B 1186 -41.97 68.09 17.99
CA VAL B 1186 -42.35 66.90 17.24
C VAL B 1186 -41.91 65.66 18.00
N TRP B 1187 -42.81 64.68 18.12
CA TRP B 1187 -42.51 63.44 18.80
C TRP B 1187 -41.72 62.50 17.90
N LEU B 1188 -41.25 61.40 18.53
CA LEU B 1188 -40.42 60.42 17.84
C LEU B 1188 -41.23 59.53 16.89
N ALA B 1189 -42.55 59.47 17.06
CA ALA B 1189 -43.39 58.58 16.27
C ALA B 1189 -43.55 59.00 14.82
N SER B 1190 -43.12 60.20 14.45
CA SER B 1190 -43.24 60.67 13.07
C SER B 1190 -42.04 60.30 12.20
N GLY B 1191 -41.07 59.55 12.72
CA GLY B 1191 -39.91 59.22 11.91
C GLY B 1191 -39.33 57.83 12.07
N LEU B 1192 -40.01 56.95 12.80
CA LEU B 1192 -39.50 55.60 12.99
C LEU B 1192 -39.54 54.78 11.70
N ASP B 1193 -38.58 53.87 11.57
CA ASP B 1193 -38.45 53.02 10.39
C ASP B 1193 -39.35 51.80 10.53
N LEU B 1194 -39.19 50.83 9.60
CA LEU B 1194 -40.01 49.62 9.66
C LEU B 1194 -39.60 48.73 10.83
N SER B 1195 -38.30 48.64 11.10
CA SER B 1195 -37.82 47.81 12.19
C SER B 1195 -38.12 48.44 13.54
N GLY B 1196 -38.15 49.77 13.61
CA GLY B 1196 -38.34 50.47 14.85
C GLY B 1196 -37.08 50.73 15.63
N HIS B 1197 -35.94 50.23 15.16
CA HIS B 1197 -34.66 50.42 15.83
C HIS B 1197 -33.90 51.65 15.35
N ALA B 1198 -34.37 52.33 14.31
CA ALA B 1198 -33.71 53.54 13.83
C ALA B 1198 -34.76 54.54 13.38
N GLY B 1199 -34.30 55.66 12.85
CA GLY B 1199 -35.20 56.68 12.35
C GLY B 1199 -34.44 57.90 11.88
N MET B 1200 -35.17 58.79 11.21
CA MET B 1200 -34.58 59.97 10.59
C MET B 1200 -35.65 61.05 10.52
N LEU B 1201 -35.30 62.27 10.91
CA LEU B 1201 -36.15 63.43 10.73
C LEU B 1201 -35.47 64.47 9.86
N THR B 1202 -36.28 65.18 9.07
CA THR B 1202 -35.82 66.31 8.27
C THR B 1202 -36.60 67.52 8.75
N LEU B 1203 -35.91 68.42 9.46
CA LEU B 1203 -36.57 69.53 10.13
C LEU B 1203 -36.35 70.83 9.35
N THR B 1204 -37.46 71.50 9.03
CA THR B 1204 -37.46 72.83 8.44
C THR B 1204 -38.84 73.43 8.68
N SER B 1205 -38.93 74.75 8.48
CA SER B 1205 -40.19 75.46 8.73
C SER B 1205 -40.20 76.74 7.92
N PRO B 1206 -41.37 77.28 7.59
CA PRO B 1206 -41.42 78.60 6.95
C PRO B 1206 -40.99 79.72 7.87
N LYS B 1207 -41.15 79.54 9.18
CA LYS B 1207 -40.70 80.57 10.11
C LYS B 1207 -39.17 80.66 10.16
N LEU B 1208 -38.45 79.58 9.80
CA LEU B 1208 -36.99 79.69 9.69
C LEU B 1208 -36.59 80.72 8.64
N VAL B 1209 -37.14 80.61 7.42
CA VAL B 1209 -36.79 81.57 6.39
C VAL B 1209 -37.43 82.93 6.68
N LYS B 1210 -38.57 82.94 7.40
CA LYS B 1210 -39.17 84.22 7.80
C LYS B 1210 -38.25 84.99 8.74
N GLY B 1211 -37.59 84.28 9.67
CA GLY B 1211 -36.62 84.93 10.53
C GLY B 1211 -35.28 85.18 9.86
N MET B 1212 -34.92 84.35 8.89
CA MET B 1212 -33.71 84.54 8.10
C MET B 1212 -33.84 85.66 7.08
N ALA B 1213 -35.07 86.13 6.82
CA ALA B 1213 -35.25 87.27 5.94
C ALA B 1213 -34.56 88.53 6.47
N GLY B 1214 -34.39 88.61 7.79
CA GLY B 1214 -33.61 89.70 8.37
C GLY B 1214 -32.12 89.57 8.14
N GLY B 1215 -31.64 88.38 7.81
CA GLY B 1215 -30.22 88.16 7.57
C GLY B 1215 -29.39 88.34 8.83
N LYS B 1216 -29.85 87.77 9.94
CA LYS B 1216 -29.20 87.97 11.22
C LYS B 1216 -28.80 86.67 11.90
N TYR B 1217 -29.59 85.61 11.71
CA TYR B 1217 -29.36 84.38 12.46
C TYR B 1217 -28.22 83.57 11.82
N ARG B 1218 -27.38 82.99 12.68
CA ARG B 1218 -26.29 82.13 12.23
C ARG B 1218 -26.10 80.87 13.07
N SER B 1219 -26.67 80.79 14.28
CA SER B 1219 -26.44 79.66 15.17
C SER B 1219 -27.79 79.09 15.60
N PHE B 1220 -27.78 77.80 15.96
CA PHE B 1220 -28.98 77.09 16.37
C PHE B 1220 -28.67 76.18 17.54
N LEU B 1221 -29.72 75.84 18.29
CA LEU B 1221 -29.66 74.86 19.35
C LEU B 1221 -30.66 73.75 19.04
N ILE B 1222 -30.38 72.54 19.48
CA ILE B 1222 -31.39 71.48 19.46
C ILE B 1222 -31.44 70.81 20.83
N HIS B 1223 -32.66 70.57 21.30
CA HIS B 1223 -32.92 70.00 22.62
C HIS B 1223 -33.53 68.62 22.48
N VAL B 1224 -32.93 67.65 23.17
CA VAL B 1224 -33.45 66.30 23.29
C VAL B 1224 -34.00 66.17 24.70
N LYS B 1225 -35.29 65.82 24.82
CA LYS B 1225 -35.96 65.78 26.11
C LYS B 1225 -36.89 64.58 26.18
N ALA B 1226 -36.86 63.90 27.32
CA ALA B 1226 -37.72 62.75 27.55
C ALA B 1226 -38.97 63.22 28.31
N VAL B 1227 -40.12 63.09 27.68
CA VAL B 1227 -41.39 63.45 28.30
C VAL B 1227 -42.04 62.19 28.87
N ASN B 1228 -42.83 62.37 29.91
CA ASN B 1228 -43.53 61.27 30.56
C ASN B 1228 -44.93 61.72 30.95
N GLU B 1229 -45.86 60.77 30.96
CA GLU B 1229 -47.24 61.05 31.32
C GLU B 1229 -47.42 61.11 32.84
N SER B 1287 -30.24 45.10 34.59
CA SER B 1287 -30.01 45.56 33.22
C SER B 1287 -29.93 47.07 33.16
N GLU B 1288 -29.74 47.61 31.94
CA GLU B 1288 -29.65 49.05 31.73
C GLU B 1288 -31.05 49.58 31.49
N ASN B 1289 -31.64 50.19 32.53
CA ASN B 1289 -32.99 50.74 32.43
C ASN B 1289 -32.91 52.17 31.88
N LEU B 1290 -32.58 52.23 30.58
CA LEU B 1290 -32.46 53.51 29.90
C LEU B 1290 -33.85 54.06 29.60
N ARG B 1291 -34.08 55.32 29.95
CA ARG B 1291 -35.37 55.98 29.77
C ARG B 1291 -35.17 57.21 28.90
N GLY B 1292 -35.88 57.25 27.78
CA GLY B 1292 -35.88 58.43 26.92
C GLY B 1292 -34.56 58.75 26.27
N CYS B 1293 -33.89 59.80 26.75
CA CYS B 1293 -32.66 60.27 26.14
C CYS B 1293 -31.54 59.25 26.22
N ASP B 1294 -31.54 58.42 27.26
CA ASP B 1294 -30.55 57.35 27.36
C ASP B 1294 -30.83 56.19 26.43
N LEU B 1295 -32.02 56.14 25.82
CA LEU B 1295 -32.37 55.05 24.91
C LEU B 1295 -31.69 55.18 23.55
N LEU B 1296 -31.20 56.36 23.19
CA LEU B 1296 -30.54 56.52 21.90
C LEU B 1296 -29.16 55.87 21.91
N GLN B 1297 -28.85 55.15 20.83
CA GLN B 1297 -27.56 54.47 20.69
C GLN B 1297 -26.58 55.30 19.88
N GLU B 1298 -26.94 55.63 18.64
CA GLU B 1298 -26.05 56.36 17.74
C GLU B 1298 -26.79 57.54 17.14
N VAL B 1299 -26.11 58.68 17.05
CA VAL B 1299 -26.71 59.89 16.51
C VAL B 1299 -25.88 60.39 15.34
N SER B 1300 -26.52 61.15 14.45
CA SER B 1300 -25.86 61.71 13.28
C SER B 1300 -26.58 62.99 12.89
N VAL B 1301 -25.81 64.05 12.63
CA VAL B 1301 -26.32 65.36 12.27
C VAL B 1301 -25.76 65.74 10.92
N THR B 1302 -26.63 66.25 10.04
CA THR B 1302 -26.24 66.88 8.80
C THR B 1302 -27.13 68.09 8.58
N ILE B 1303 -26.65 69.07 7.82
CA ILE B 1303 -27.43 70.24 7.47
C ILE B 1303 -27.33 70.46 5.97
N ARG B 1304 -28.48 70.55 5.30
CA ARG B 1304 -28.53 70.78 3.86
C ARG B 1304 -29.02 72.19 3.60
N ARG B 1305 -28.30 72.89 2.73
CA ARG B 1305 -28.64 74.26 2.34
C ARG B 1305 -29.62 74.25 1.18
N PHE B 1306 -30.15 75.42 0.88
CA PHE B 1306 -31.09 75.60 -0.22
C PHE B 1306 -30.31 75.88 -1.51
N LYS B 1307 -30.96 75.64 -2.64
CA LYS B 1307 -30.33 75.85 -3.93
C LYS B 1307 -30.30 77.34 -4.26
N LYS B 1308 -29.13 77.82 -4.66
CA LYS B 1308 -28.93 79.22 -5.02
C LYS B 1308 -29.23 79.38 -6.50
N THR B 1309 -30.34 80.05 -6.80
CA THR B 1309 -30.80 80.25 -8.17
C THR B 1309 -30.26 81.56 -8.72
N SER B 1310 -30.56 81.83 -9.99
CA SER B 1310 -30.22 83.10 -10.61
C SER B 1310 -31.26 84.20 -10.35
N ILE B 1311 -32.29 83.92 -9.57
CA ILE B 1311 -33.32 84.89 -9.25
C ILE B 1311 -32.99 85.50 -7.89
N SER B 1312 -32.58 86.77 -7.90
CA SER B 1312 -32.23 87.50 -6.70
C SER B 1312 -33.49 87.87 -5.92
N LYS B 1313 -33.28 88.55 -4.78
CA LYS B 1313 -34.29 88.92 -3.79
C LYS B 1313 -35.33 87.82 -3.56
N GLU B 1314 -34.84 86.60 -3.35
CA GLU B 1314 -35.70 85.43 -3.22
C GLU B 1314 -36.49 85.44 -1.91
N ARG B 1315 -36.10 86.28 -0.95
CA ARG B 1315 -36.74 86.32 0.35
C ARG B 1315 -38.20 86.78 0.22
N VAL B 1316 -38.42 87.87 -0.51
CA VAL B 1316 -39.79 88.36 -0.71
C VAL B 1316 -40.57 87.41 -1.61
N GLN B 1317 -39.88 86.73 -2.54
CA GLN B 1317 -40.57 85.78 -3.41
C GLN B 1317 -41.08 84.59 -2.61
N ARG B 1318 -40.30 84.13 -1.62
CA ARG B 1318 -40.76 83.04 -0.76
C ARG B 1318 -41.79 83.51 0.24
N CYS B 1319 -41.70 84.75 0.72
CA CYS B 1319 -42.70 85.24 1.65
C CYS B 1319 -44.02 85.59 0.95
N ALA B 1320 -44.01 85.70 -0.38
CA ALA B 1320 -45.24 85.99 -1.10
C ALA B 1320 -46.27 84.86 -0.96
N MET B 1321 -45.85 83.61 -1.13
CA MET B 1321 -46.81 82.51 -1.00
C MET B 1321 -47.27 82.34 0.45
N LEU B 1322 -46.43 82.68 1.42
CA LEU B 1322 -46.83 82.54 2.81
C LEU B 1322 -47.72 83.70 3.27
N GLN B 1323 -47.60 84.87 2.64
CA GLN B 1323 -48.42 86.01 3.03
C GLN B 1323 -49.68 86.14 2.20
N PHE B 1324 -49.57 86.13 0.88
CA PHE B 1324 -50.72 86.20 -0.01
C PHE B 1324 -51.12 84.81 -0.51
N SER B 1325 -52.38 84.43 -0.28
CA SER B 1325 -52.82 83.06 -0.47
C SER B 1325 -53.42 82.80 -1.85
N GLU B 1326 -53.58 83.85 -2.68
CA GLU B 1326 -54.21 83.72 -3.98
C GLU B 1326 -53.43 82.84 -4.95
N PHE B 1327 -52.17 82.55 -4.64
CA PHE B 1327 -51.42 81.58 -5.43
C PHE B 1327 -52.04 80.19 -5.32
N HIS B 1328 -52.39 79.78 -4.08
CA HIS B 1328 -52.73 78.39 -3.82
C HIS B 1328 -53.96 77.94 -4.60
N GLU B 1329 -55.06 78.70 -4.52
CA GLU B 1329 -56.25 78.33 -5.27
C GLU B 1329 -55.99 78.37 -6.77
N LYS B 1330 -55.11 79.27 -7.23
CA LYS B 1330 -54.72 79.28 -8.62
C LYS B 1330 -54.04 77.98 -9.00
N LEU B 1331 -53.18 77.47 -8.10
CA LEU B 1331 -52.59 76.14 -8.30
C LEU B 1331 -53.68 75.10 -8.41
N VAL B 1332 -54.70 75.20 -7.53
CA VAL B 1332 -55.83 74.27 -7.58
C VAL B 1332 -56.55 74.41 -8.93
N ASN B 1333 -56.64 75.64 -9.44
CA ASN B 1333 -57.24 75.83 -10.75
C ASN B 1333 -56.41 75.13 -11.82
N THR B 1334 -55.08 75.19 -11.71
CA THR B 1334 -54.23 74.48 -12.66
C THR B 1334 -54.35 72.97 -12.50
N LEU B 1335 -54.88 72.50 -11.37
CA LEU B 1335 -55.21 71.08 -11.24
C LEU B 1335 -56.58 70.77 -11.80
N CYS B 1336 -57.49 71.74 -11.80
CA CYS B 1336 -58.87 71.48 -12.19
C CYS B 1336 -59.09 71.54 -13.69
N ARG B 1337 -58.13 72.06 -14.45
CA ARG B 1337 -58.24 72.27 -15.90
C ARG B 1337 -59.46 73.12 -16.25
N LYS B 1338 -59.82 74.06 -15.38
CA LYS B 1338 -60.93 74.95 -15.62
C LYS B 1338 -60.50 76.25 -16.28
N THR B 1339 -59.20 76.53 -16.31
CA THR B 1339 -58.70 77.75 -16.92
C THR B 1339 -58.74 77.64 -18.44
N ASP B 1340 -59.09 78.75 -19.09
CA ASP B 1340 -59.22 78.80 -20.55
C ASP B 1340 -57.92 79.11 -21.27
N ASP B 1341 -56.81 79.21 -20.54
CA ASP B 1341 -55.52 79.53 -21.14
C ASP B 1341 -54.87 78.25 -21.66
N GLY B 1342 -55.44 77.73 -22.74
CA GLY B 1342 -54.90 76.54 -23.37
C GLY B 1342 -55.21 75.28 -22.59
N GLN B 1343 -54.48 74.22 -22.92
CA GLN B 1343 -54.63 72.92 -22.30
C GLN B 1343 -53.37 72.60 -21.52
N ILE B 1344 -53.53 72.16 -20.28
CA ILE B 1344 -52.42 72.00 -19.36
C ILE B 1344 -51.80 70.62 -19.60
N THR B 1345 -50.50 70.59 -19.84
CA THR B 1345 -49.83 69.35 -20.16
C THR B 1345 -49.52 68.58 -18.88
N GLU B 1346 -48.99 67.38 -19.04
CA GLU B 1346 -48.68 66.55 -17.88
C GLU B 1346 -47.45 67.06 -17.15
N HIS B 1347 -46.50 67.67 -17.86
CA HIS B 1347 -45.31 68.21 -17.22
C HIS B 1347 -45.66 69.38 -16.32
N ALA B 1348 -46.53 70.28 -16.78
CA ALA B 1348 -46.96 71.40 -15.96
C ALA B 1348 -47.73 70.92 -14.74
N GLN B 1349 -48.55 69.87 -14.90
CA GLN B 1349 -49.26 69.29 -13.76
C GLN B 1349 -48.26 68.69 -12.76
N SER B 1350 -47.22 68.05 -13.26
CA SER B 1350 -46.18 67.51 -12.38
C SER B 1350 -45.48 68.62 -11.62
N LEU B 1351 -45.21 69.75 -12.29
CA LEU B 1351 -44.52 70.85 -11.62
C LEU B 1351 -45.40 71.50 -10.55
N VAL B 1352 -46.68 71.74 -10.86
CA VAL B 1352 -47.55 72.35 -9.86
C VAL B 1352 -47.80 71.39 -8.71
N LEU B 1353 -47.84 70.08 -8.99
CA LEU B 1353 -47.99 69.11 -7.92
C LEU B 1353 -46.73 69.00 -7.07
N ASP B 1354 -45.56 69.17 -7.68
CA ASP B 1354 -44.31 69.22 -6.93
C ASP B 1354 -44.27 70.41 -5.98
N THR B 1355 -44.65 71.59 -6.48
CA THR B 1355 -44.61 72.76 -5.60
C THR B 1355 -45.72 72.68 -4.55
N LEU B 1356 -46.82 72.00 -4.88
CA LEU B 1356 -47.86 71.74 -3.89
C LEU B 1356 -47.34 70.82 -2.79
N CYS B 1357 -46.56 69.81 -3.16
CA CYS B 1357 -45.94 68.93 -2.19
C CYS B 1357 -44.96 69.69 -1.31
N TRP B 1358 -44.19 70.62 -1.91
CA TRP B 1358 -43.23 71.39 -1.12
C TRP B 1358 -43.93 72.32 -0.13
N LEU B 1359 -45.00 72.98 -0.57
CA LEU B 1359 -45.73 73.86 0.33
C LEU B 1359 -46.49 73.09 1.41
N ALA B 1360 -47.00 71.89 1.09
CA ALA B 1360 -47.59 71.06 2.13
C ALA B 1360 -46.53 70.64 3.15
N GLY B 1361 -45.32 70.33 2.68
CA GLY B 1361 -44.25 69.96 3.58
C GLY B 1361 -43.84 71.10 4.51
N VAL B 1362 -43.66 72.30 3.97
CA VAL B 1362 -43.31 73.42 4.83
C VAL B 1362 -44.47 73.78 5.77
N HIS B 1363 -45.71 73.61 5.32
CA HIS B 1363 -46.87 73.90 6.14
C HIS B 1363 -47.27 72.73 7.05
N SER B 1364 -46.42 71.72 7.15
CA SER B 1364 -46.72 70.58 8.02
C SER B 1364 -46.72 70.99 9.50
N ASN B 1365 -45.74 71.76 9.93
CA ASN B 1365 -45.61 72.16 11.33
C ASN B 1365 -45.47 73.67 11.42
N GLY B 1366 -46.48 74.32 12.01
CA GLY B 1366 -46.46 75.76 12.21
C GLY B 1366 -46.43 76.16 13.67
N PRO B 1367 -45.25 76.50 14.19
CA PRO B 1367 -45.12 76.84 15.62
C PRO B 1367 -45.71 78.22 15.90
N GLY B 1368 -47.05 78.27 15.94
CA GLY B 1368 -47.77 79.51 16.13
C GLY B 1368 -47.79 80.41 14.93
N SER B 1369 -47.02 80.09 13.89
CA SER B 1369 -46.98 80.84 12.64
C SER B 1369 -48.34 80.79 11.95
N SER B 1370 -48.70 81.90 11.29
CA SER B 1370 -49.99 82.01 10.63
C SER B 1370 -50.20 80.86 9.66
N LYS B 1371 -51.21 80.04 9.94
CA LYS B 1371 -51.58 78.91 9.10
C LYS B 1371 -52.70 79.24 8.12
N GLU B 1372 -53.06 80.52 8.00
CA GLU B 1372 -54.13 80.97 7.09
C GLU B 1372 -53.99 80.34 5.71
N GLY B 1373 -52.83 80.55 5.09
CA GLY B 1373 -52.59 80.01 3.76
C GLY B 1373 -52.69 78.50 3.72
N ASN B 1374 -52.21 77.82 4.77
CA ASN B 1374 -52.33 76.37 4.84
C ASN B 1374 -53.79 75.92 4.92
N GLU B 1375 -54.60 76.60 5.72
CA GLU B 1375 -56.02 76.26 5.79
C GLU B 1375 -56.71 76.53 4.46
N ASN B 1376 -56.33 77.61 3.79
CA ASN B 1376 -56.93 77.94 2.49
C ASN B 1376 -56.58 76.90 1.43
N LEU B 1377 -55.31 76.48 1.37
CA LEU B 1377 -54.93 75.47 0.38
C LEU B 1377 -55.53 74.10 0.71
N LEU B 1378 -55.65 73.76 1.99
CA LEU B 1378 -56.30 72.49 2.33
C LEU B 1378 -57.78 72.52 1.97
N SER B 1379 -58.44 73.66 2.20
CA SER B 1379 -59.85 73.79 1.84
C SER B 1379 -60.03 73.75 0.32
N LYS B 1380 -59.13 74.39 -0.43
CA LYS B 1380 -59.21 74.33 -1.89
C LYS B 1380 -58.89 72.94 -2.42
N THR B 1381 -58.07 72.17 -1.70
CA THR B 1381 -57.83 70.78 -2.08
C THR B 1381 -59.07 69.93 -1.85
N ARG B 1382 -59.71 70.10 -0.69
CA ARG B 1382 -60.90 69.32 -0.37
C ARG B 1382 -62.09 69.73 -1.23
N LYS B 1383 -62.13 70.98 -1.69
CA LYS B 1383 -63.25 71.45 -2.50
C LYS B 1383 -63.26 70.79 -3.88
N PHE B 1384 -62.09 70.59 -4.47
CA PHE B 1384 -61.97 70.04 -5.81
C PHE B 1384 -61.21 68.71 -5.80
N LEU B 1385 -61.39 67.92 -4.74
CA LEU B 1385 -60.62 66.69 -4.58
C LEU B 1385 -61.01 65.63 -5.59
N SER B 1386 -62.31 65.52 -5.91
CA SER B 1386 -62.74 64.54 -6.89
C SER B 1386 -62.19 64.85 -8.27
N ASP B 1387 -62.17 66.14 -8.65
CA ASP B 1387 -61.66 66.50 -9.96
C ASP B 1387 -60.17 66.21 -10.07
N ILE B 1388 -59.39 66.53 -9.04
CA ILE B 1388 -57.95 66.29 -9.12
C ILE B 1388 -57.63 64.81 -9.05
N VAL B 1389 -58.37 64.02 -8.27
CA VAL B 1389 -58.09 62.58 -8.23
C VAL B 1389 -58.50 61.94 -9.55
N ARG B 1390 -59.51 62.50 -10.23
CA ARG B 1390 -59.90 61.97 -11.53
C ARG B 1390 -58.87 62.31 -12.59
N VAL B 1391 -58.39 63.56 -12.62
CA VAL B 1391 -57.41 63.97 -13.63
C VAL B 1391 -56.01 63.47 -13.31
N CYS B 1392 -55.76 62.96 -12.11
CA CYS B 1392 -54.44 62.46 -11.77
C CYS B 1392 -54.32 60.94 -11.76
N PHE B 1393 -55.34 60.20 -11.35
CA PHE B 1393 -55.21 58.76 -11.24
C PHE B 1393 -55.91 58.00 -12.37
N PHE B 1394 -56.56 58.71 -13.29
CA PHE B 1394 -57.29 58.06 -14.36
C PHE B 1394 -56.88 58.61 -15.72
N GLU B 1395 -56.49 59.88 -15.73
CA GLU B 1395 -56.17 60.62 -16.95
C GLU B 1395 -54.72 61.08 -16.93
N ALA B 1396 -53.84 60.22 -16.44
CA ALA B 1396 -52.42 60.54 -16.32
C ALA B 1396 -51.61 59.26 -16.37
N GLY B 1397 -50.31 59.42 -16.57
CA GLY B 1397 -49.39 58.29 -16.58
C GLY B 1397 -48.96 57.86 -15.19
N ARG B 1398 -47.89 57.06 -15.16
CA ARG B 1398 -47.41 56.53 -13.88
C ARG B 1398 -46.78 57.61 -13.03
N SER B 1399 -46.06 58.55 -13.66
CA SER B 1399 -45.34 59.57 -12.92
C SER B 1399 -46.29 60.53 -12.22
N ILE B 1400 -47.28 61.04 -12.96
CA ILE B 1400 -48.20 62.01 -12.39
C ILE B 1400 -49.07 61.37 -11.32
N ALA B 1401 -49.55 60.15 -11.56
CA ALA B 1401 -50.37 59.47 -10.55
C ALA B 1401 -49.56 59.11 -9.31
N HIS B 1402 -48.30 58.70 -9.50
CA HIS B 1402 -47.45 58.41 -8.34
C HIS B 1402 -47.16 59.67 -7.54
N LYS B 1403 -46.90 60.79 -8.23
CA LYS B 1403 -46.65 62.04 -7.52
C LYS B 1403 -47.90 62.52 -6.80
N CYS B 1404 -49.08 62.32 -7.39
CA CYS B 1404 -50.30 62.72 -6.71
C CYS B 1404 -50.58 61.84 -5.51
N ALA B 1405 -50.28 60.54 -5.61
CA ALA B 1405 -50.39 59.67 -4.44
C ALA B 1405 -49.41 60.10 -3.35
N ARG B 1406 -48.20 60.50 -3.74
CA ARG B 1406 -47.22 61.01 -2.78
C ARG B 1406 -47.74 62.27 -2.09
N PHE B 1407 -48.31 63.18 -2.87
CA PHE B 1407 -48.82 64.43 -2.31
C PHE B 1407 -50.00 64.17 -1.37
N LEU B 1408 -50.90 63.27 -1.76
CA LEU B 1408 -52.06 62.97 -0.94
C LEU B 1408 -51.65 62.27 0.35
N ALA B 1409 -50.68 61.35 0.28
CA ALA B 1409 -50.23 60.69 1.50
C ALA B 1409 -49.36 61.59 2.37
N LEU B 1410 -48.73 62.60 1.79
CA LEU B 1410 -48.07 63.63 2.60
C LEU B 1410 -49.11 64.51 3.27
N CYS B 1411 -50.21 64.81 2.58
CA CYS B 1411 -51.32 65.51 3.23
C CYS B 1411 -51.91 64.66 4.34
N ILE B 1412 -51.91 63.34 4.18
CA ILE B 1412 -52.27 62.45 5.28
C ILE B 1412 -51.27 62.61 6.42
N SER B 1413 -49.98 62.68 6.09
CA SER B 1413 -48.93 62.62 7.10
C SER B 1413 -48.93 63.84 8.00
N ASN B 1414 -49.21 65.02 7.44
CA ASN B 1414 -49.16 66.27 8.20
C ASN B 1414 -50.54 66.70 8.68
N GLY B 1415 -51.39 65.74 9.05
CA GLY B 1415 -52.74 66.07 9.44
C GLY B 1415 -52.85 66.65 10.83
N LYS B 1416 -52.18 67.78 11.06
CA LYS B 1416 -52.28 68.51 12.32
C LYS B 1416 -53.34 69.60 12.13
N CYS B 1417 -54.57 69.13 11.97
CA CYS B 1417 -55.70 70.01 11.69
C CYS B 1417 -56.25 70.64 12.96
N ASP B 1418 -56.84 71.81 12.79
CA ASP B 1418 -57.52 72.47 13.90
C ASP B 1418 -58.80 71.72 14.26
N PRO B 1419 -59.31 71.92 15.49
CA PRO B 1419 -60.53 71.22 15.90
C PRO B 1419 -61.77 71.54 15.06
N CYS B 1420 -61.78 72.65 14.33
CA CYS B 1420 -62.87 72.93 13.40
C CYS B 1420 -62.74 72.16 12.08
N GLN B 1421 -61.57 71.58 11.82
CA GLN B 1421 -61.36 70.92 10.53
C GLN B 1421 -61.47 69.41 10.68
N PRO B 1422 -62.23 68.74 9.82
CA PRO B 1422 -62.26 67.28 9.84
C PRO B 1422 -60.99 66.67 9.26
N ALA B 1423 -60.76 65.40 9.60
CA ALA B 1423 -59.59 64.73 9.06
C ALA B 1423 -59.77 64.38 7.59
N PHE B 1424 -58.64 64.13 6.94
CA PHE B 1424 -58.59 63.79 5.52
C PHE B 1424 -59.10 62.38 5.21
N GLY B 1425 -59.23 61.52 6.22
CA GLY B 1425 -59.55 60.13 6.03
C GLY B 1425 -60.90 59.84 5.41
N PRO B 1426 -61.98 60.17 6.12
CA PRO B 1426 -63.33 60.07 5.53
C PRO B 1426 -63.47 60.62 4.13
N VAL B 1427 -62.98 61.83 3.88
CA VAL B 1427 -63.19 62.48 2.59
C VAL B 1427 -62.36 61.80 1.50
N LEU B 1428 -61.13 61.40 1.83
CA LEU B 1428 -60.32 60.66 0.86
C LEU B 1428 -60.93 59.29 0.57
N LEU B 1429 -61.53 58.65 1.56
CA LEU B 1429 -62.25 57.40 1.34
C LEU B 1429 -63.41 57.58 0.38
N LYS B 1430 -64.21 58.63 0.61
CA LYS B 1430 -65.37 58.89 -0.24
C LYS B 1430 -64.97 59.27 -1.65
N ALA B 1431 -63.91 60.08 -1.80
CA ALA B 1431 -63.42 60.41 -3.13
C ALA B 1431 -62.80 59.20 -3.81
N LEU B 1432 -62.25 58.26 -3.04
CA LEU B 1432 -61.67 57.08 -3.66
C LEU B 1432 -62.76 56.15 -4.18
N LEU B 1433 -63.83 55.96 -3.40
CA LEU B 1433 -64.94 55.15 -3.90
C LEU B 1433 -65.83 55.88 -4.90
N ASP B 1434 -65.69 57.20 -5.05
CA ASP B 1434 -66.46 57.84 -6.10
C ASP B 1434 -65.85 57.66 -7.49
N ASN B 1435 -64.70 56.99 -7.61
CA ASN B 1435 -64.05 56.83 -8.90
C ASN B 1435 -63.64 55.39 -9.20
N MET B 1436 -64.14 54.41 -8.45
CA MET B 1436 -63.92 53.01 -8.82
C MET B 1436 -64.65 52.62 -10.09
N SER B 1437 -65.69 53.35 -10.49
CA SER B 1437 -66.46 53.00 -11.67
C SER B 1437 -65.62 53.11 -12.94
N PHE B 1438 -64.63 54.00 -12.94
CA PHE B 1438 -63.77 54.21 -14.08
C PHE B 1438 -62.51 53.36 -14.02
N LEU B 1439 -62.45 52.40 -13.10
CA LEU B 1439 -61.24 51.60 -12.90
C LEU B 1439 -60.89 50.71 -14.07
N PRO B 1440 -61.80 49.91 -14.66
CA PRO B 1440 -61.39 49.05 -15.79
C PRO B 1440 -61.01 49.82 -17.05
N ALA B 1441 -61.23 51.12 -17.10
CA ALA B 1441 -60.76 51.95 -18.19
C ALA B 1441 -59.48 52.69 -17.85
N ALA B 1442 -58.65 52.12 -16.98
CA ALA B 1442 -57.39 52.72 -16.57
C ALA B 1442 -56.31 52.41 -17.59
N THR B 1443 -55.07 52.81 -17.30
CA THR B 1443 -53.97 52.62 -18.24
C THR B 1443 -52.83 51.79 -17.68
N THR B 1444 -52.46 51.97 -16.41
CA THR B 1444 -51.26 51.37 -15.86
C THR B 1444 -51.58 50.53 -14.63
N GLY B 1445 -50.89 49.40 -14.51
CA GLY B 1445 -51.06 48.54 -13.35
C GLY B 1445 -50.51 49.16 -12.07
N GLY B 1446 -49.36 49.84 -12.16
CA GLY B 1446 -48.82 50.49 -10.98
C GLY B 1446 -49.66 51.64 -10.45
N SER B 1447 -50.32 52.38 -11.34
CA SER B 1447 -51.18 53.47 -10.91
C SER B 1447 -52.35 52.95 -10.08
N VAL B 1448 -53.04 51.93 -10.60
CA VAL B 1448 -54.14 51.33 -9.85
C VAL B 1448 -53.62 50.53 -8.67
N TYR B 1449 -52.37 50.09 -8.70
CA TYR B 1449 -51.78 49.41 -7.56
C TYR B 1449 -51.61 50.36 -6.38
N TRP B 1450 -51.06 51.55 -6.64
CA TRP B 1450 -50.94 52.55 -5.57
C TRP B 1450 -52.32 53.05 -5.14
N TYR B 1451 -53.23 53.21 -6.10
CA TYR B 1451 -54.62 53.52 -5.82
C TYR B 1451 -55.21 52.50 -4.82
N PHE B 1452 -54.98 51.21 -5.09
CA PHE B 1452 -55.52 50.14 -4.26
C PHE B 1452 -54.82 50.08 -2.91
N VAL B 1453 -53.54 50.46 -2.87
CA VAL B 1453 -52.83 50.56 -1.60
C VAL B 1453 -53.47 51.62 -0.72
N LEU B 1454 -53.75 52.78 -1.31
CA LEU B 1454 -54.42 53.85 -0.57
C LEU B 1454 -55.81 53.41 -0.11
N LEU B 1455 -56.54 52.70 -0.98
CA LEU B 1455 -57.86 52.19 -0.60
C LEU B 1455 -57.76 51.25 0.59
N ASN B 1456 -56.80 50.32 0.54
CA ASN B 1456 -56.63 49.34 1.59
C ASN B 1456 -56.19 49.96 2.90
N TYR B 1457 -55.39 51.03 2.83
CA TYR B 1457 -54.98 51.70 4.05
C TYR B 1457 -56.13 52.47 4.68
N VAL B 1458 -56.83 53.29 3.88
CA VAL B 1458 -57.85 54.19 4.45
C VAL B 1458 -59.22 53.54 4.59
N LYS B 1459 -59.39 52.27 4.19
CA LYS B 1459 -60.69 51.64 4.35
C LYS B 1459 -61.05 51.34 5.81
N ASP B 1460 -60.14 51.56 6.76
CA ASP B 1460 -60.42 51.23 8.15
C ASP B 1460 -61.46 52.16 8.78
N GLU B 1461 -61.75 53.30 8.16
CA GLU B 1461 -62.71 54.23 8.76
C GLU B 1461 -64.15 53.80 8.49
N ASP B 1462 -64.50 53.54 7.23
CA ASP B 1462 -65.85 53.15 6.86
C ASP B 1462 -65.78 51.88 6.03
N LEU B 1463 -66.68 50.94 6.31
CA LEU B 1463 -66.62 49.62 5.69
C LEU B 1463 -67.79 49.28 4.76
N ALA B 1464 -68.98 49.81 5.00
CA ALA B 1464 -70.16 49.31 4.28
C ALA B 1464 -70.20 49.76 2.83
N GLY B 1465 -69.97 51.04 2.57
CA GLY B 1465 -70.11 51.55 1.21
C GLY B 1465 -69.06 50.99 0.27
N CYS B 1466 -67.80 50.97 0.71
CA CYS B 1466 -66.74 50.37 -0.09
C CYS B 1466 -67.01 48.88 -0.32
N SER B 1467 -67.52 48.18 0.69
CA SER B 1467 -67.79 46.76 0.55
C SER B 1467 -68.88 46.49 -0.49
N THR B 1468 -69.98 47.23 -0.43
CA THR B 1468 -71.05 46.96 -1.37
C THR B 1468 -70.68 47.41 -2.79
N ALA B 1469 -69.93 48.50 -2.91
CA ALA B 1469 -69.44 48.90 -4.23
C ALA B 1469 -68.49 47.85 -4.80
N CYS B 1470 -67.59 47.34 -3.97
CA CYS B 1470 -66.66 46.30 -4.40
C CYS B 1470 -67.40 45.05 -4.83
N ALA B 1471 -68.43 44.66 -4.08
CA ALA B 1471 -69.18 43.46 -4.43
C ALA B 1471 -69.90 43.64 -5.76
N SER B 1472 -70.48 44.83 -5.98
CA SER B 1472 -71.14 45.10 -7.26
C SER B 1472 -70.14 45.05 -8.40
N LEU B 1473 -68.92 45.56 -8.18
CA LEU B 1473 -67.94 45.53 -9.26
C LEU B 1473 -67.40 44.12 -9.50
N LEU B 1474 -67.26 43.32 -8.43
CA LEU B 1474 -66.99 41.89 -8.59
C LEU B 1474 -68.02 41.24 -9.49
N THR B 1475 -69.31 41.46 -9.19
CA THR B 1475 -70.37 40.82 -9.97
C THR B 1475 -70.32 41.28 -11.42
N ALA B 1476 -70.11 42.57 -11.65
CA ALA B 1476 -70.10 43.10 -13.00
C ALA B 1476 -68.95 42.54 -13.81
N VAL B 1477 -67.73 42.60 -13.28
CA VAL B 1477 -66.58 42.12 -14.05
C VAL B 1477 -66.59 40.60 -14.16
N SER B 1478 -67.24 39.90 -13.22
CA SER B 1478 -67.34 38.45 -13.34
C SER B 1478 -68.33 38.05 -14.42
N ARG B 1479 -69.46 38.77 -14.52
CA ARG B 1479 -70.40 38.51 -15.59
C ARG B 1479 -69.87 39.00 -16.94
N GLN B 1480 -68.90 39.91 -16.93
CA GLN B 1480 -68.30 40.35 -18.19
C GLN B 1480 -67.22 39.39 -18.67
N LEU B 1481 -66.42 38.84 -17.75
CA LEU B 1481 -65.27 38.01 -18.15
C LEU B 1481 -65.69 36.69 -18.78
N GLN B 1482 -66.93 36.25 -18.55
CA GLN B 1482 -67.37 34.97 -19.11
C GLN B 1482 -67.50 35.04 -20.63
N ASP B 1483 -67.72 36.23 -21.17
CA ASP B 1483 -67.83 36.40 -22.61
C ASP B 1483 -66.46 36.54 -23.26
N THR B 1486 -64.63 32.82 -25.14
CA THR B 1486 -64.44 31.87 -26.24
C THR B 1486 -63.92 30.54 -25.71
N PRO B 1487 -64.29 29.43 -26.38
CA PRO B 1487 -63.77 28.13 -25.96
C PRO B 1487 -62.30 27.90 -26.27
N MET B 1488 -61.64 28.86 -26.93
CA MET B 1488 -60.29 28.65 -27.44
C MET B 1488 -59.26 28.68 -26.32
N GLU B 1489 -59.18 29.78 -25.56
CA GLU B 1489 -58.25 29.82 -24.43
C GLU B 1489 -58.65 28.81 -23.36
N ALA B 1490 -59.95 28.50 -23.27
CA ALA B 1490 -60.38 27.46 -22.35
C ALA B 1490 -59.84 26.10 -22.74
N LEU B 1491 -59.88 25.77 -24.03
CA LEU B 1491 -59.31 24.51 -24.51
C LEU B 1491 -57.81 24.47 -24.28
N LEU B 1492 -57.14 25.61 -24.47
CA LEU B 1492 -55.72 25.69 -24.15
C LEU B 1492 -55.48 25.42 -22.66
N GLN B 1493 -56.32 25.98 -21.80
CA GLN B 1493 -56.19 25.81 -20.36
C GLN B 1493 -56.38 24.35 -19.95
N THR B 1494 -57.35 23.67 -20.57
CA THR B 1494 -57.57 22.27 -20.25
C THR B 1494 -56.43 21.39 -20.75
N ARG B 1495 -56.00 21.59 -22.00
CA ARG B 1495 -55.07 20.64 -22.58
C ARG B 1495 -53.66 20.84 -22.06
N TYR B 1496 -53.23 22.09 -21.85
CA TYR B 1496 -51.84 22.36 -21.49
C TYR B 1496 -51.69 23.28 -20.29
N GLY B 1497 -52.77 23.76 -19.69
CA GLY B 1497 -52.66 24.68 -18.59
C GLY B 1497 -52.09 26.03 -18.99
N LEU B 1498 -52.51 26.55 -20.14
CA LEU B 1498 -52.00 27.81 -20.67
C LEU B 1498 -53.10 28.85 -20.49
N TYR B 1499 -52.89 29.76 -19.54
CA TYR B 1499 -53.95 30.65 -19.07
C TYR B 1499 -53.88 32.04 -19.69
N SER B 1500 -52.69 32.52 -20.02
CA SER B 1500 -52.56 33.81 -20.69
C SER B 1500 -53.05 33.68 -22.13
N SER B 1501 -53.94 34.57 -22.54
CA SER B 1501 -54.54 34.47 -23.86
C SER B 1501 -53.51 34.83 -24.93
N PRO B 1502 -53.18 33.93 -25.86
CA PRO B 1502 -52.25 34.28 -26.93
C PRO B 1502 -52.87 35.02 -28.10
N PHE B 1503 -54.18 35.21 -28.10
CA PHE B 1503 -54.87 35.88 -29.19
C PHE B 1503 -55.31 37.29 -28.84
N ASP B 1504 -55.46 37.60 -27.57
CA ASP B 1504 -55.72 38.96 -27.14
C ASP B 1504 -54.41 39.74 -27.20
N PRO B 1505 -54.29 40.76 -28.07
CA PRO B 1505 -52.97 41.36 -28.29
C PRO B 1505 -52.53 42.36 -27.23
N VAL B 1506 -53.37 42.66 -26.25
CA VAL B 1506 -53.07 43.68 -25.24
C VAL B 1506 -53.16 43.05 -23.86
N LEU B 1507 -52.11 43.28 -23.04
CA LEU B 1507 -52.11 42.96 -21.62
C LEU B 1507 -52.19 44.24 -20.79
N PHE B 1508 -52.01 44.08 -19.48
CA PHE B 1508 -52.02 45.18 -18.53
C PHE B 1508 -50.68 45.34 -17.83
N ASP B 1509 -50.14 44.26 -17.27
CA ASP B 1509 -48.85 44.32 -16.59
C ASP B 1509 -48.17 42.96 -16.62
N LEU B 1510 -46.87 42.97 -16.35
CA LEU B 1510 -46.04 41.77 -16.28
C LEU B 1510 -45.47 41.67 -14.87
N GLU B 1511 -45.71 40.54 -14.21
CA GLU B 1511 -45.26 40.35 -12.84
C GLU B 1511 -44.20 39.26 -12.76
N MET B 1512 -43.04 39.61 -12.19
CA MET B 1512 -41.91 38.71 -12.00
C MET B 1512 -41.16 39.09 -10.75
N SER B 1513 -40.48 38.12 -10.16
CA SER B 1513 -39.73 38.33 -8.93
C SER B 1513 -38.65 37.25 -8.81
N GLY B 1514 -37.66 37.52 -7.97
CA GLY B 1514 -36.58 36.59 -7.73
C GLY B 1514 -36.80 35.58 -6.63
N SER B 1515 -37.98 35.57 -6.01
CA SER B 1515 -38.26 34.63 -4.95
C SER B 1515 -38.79 33.31 -5.50
N GLU B 1531 -48.45 27.36 -13.09
CA GLU B 1531 -49.32 26.74 -12.09
C GLU B 1531 -48.66 26.74 -10.73
N ILE B 1532 -49.48 26.67 -9.68
CA ILE B 1532 -49.01 26.69 -8.29
C ILE B 1532 -49.56 25.46 -7.59
N ASP B 1533 -48.70 24.75 -6.88
CA ASP B 1533 -49.12 23.61 -6.08
C ASP B 1533 -49.97 24.07 -4.90
N LEU B 1534 -51.13 23.45 -4.72
CA LEU B 1534 -52.08 23.85 -3.69
C LEU B 1534 -51.90 23.08 -2.39
N SER B 1535 -50.89 22.20 -2.31
CA SER B 1535 -50.77 21.31 -1.17
C SER B 1535 -50.23 22.04 0.06
N ASP B 1536 -49.30 22.99 -0.14
CA ASP B 1536 -48.73 23.71 0.99
C ASP B 1536 -49.76 24.65 1.62
N VAL B 1537 -50.56 25.32 0.80
CA VAL B 1537 -51.60 26.22 1.32
C VAL B 1537 -52.81 25.44 1.81
N LEU B 1538 -52.91 24.16 1.48
CA LEU B 1538 -54.02 23.32 1.89
C LEU B 1538 -54.01 23.10 3.40
N GLU B 1551 -45.07 34.30 -2.39
CA GLU B 1551 -45.74 34.87 -3.54
C GLU B 1551 -46.49 36.15 -3.15
N GLY B 1552 -46.57 36.44 -1.86
CA GLY B 1552 -47.25 37.63 -1.41
C GLY B 1552 -46.49 38.91 -1.73
N SER B 1553 -45.16 38.85 -1.81
CA SER B 1553 -44.36 40.00 -2.15
C SER B 1553 -44.15 40.15 -3.65
N PHE B 1554 -44.72 39.23 -4.45
CA PHE B 1554 -44.55 39.27 -5.89
C PHE B 1554 -45.19 40.49 -6.53
N THR B 1555 -46.08 41.18 -5.83
CA THR B 1555 -46.63 42.45 -6.28
C THR B 1555 -45.72 43.64 -5.99
N SER B 1556 -44.44 43.41 -5.73
CA SER B 1556 -43.51 44.51 -5.46
C SER B 1556 -43.14 45.28 -6.72
N LEU B 1557 -43.01 44.61 -7.86
CA LEU B 1557 -42.60 45.23 -9.12
C LEU B 1557 -43.76 45.11 -10.12
N THR B 1558 -44.51 46.19 -10.29
CA THR B 1558 -45.66 46.23 -11.17
C THR B 1558 -45.43 47.20 -12.33
N GLY B 1559 -46.28 47.09 -13.35
CA GLY B 1559 -46.23 48.01 -14.48
C GLY B 1559 -45.00 47.94 -15.35
N LEU B 1560 -44.54 46.74 -15.68
CA LEU B 1560 -43.33 46.60 -16.49
C LEU B 1560 -43.57 46.64 -18.01
N LEU B 1561 -44.78 46.96 -18.47
CA LEU B 1561 -44.99 47.15 -19.91
C LEU B 1561 -44.76 48.58 -20.35
N GLU B 1562 -44.95 49.56 -19.48
CA GLU B 1562 -44.68 50.94 -19.81
C GLU B 1562 -43.20 51.28 -19.76
N VAL B 1563 -42.37 50.33 -19.32
CA VAL B 1563 -40.94 50.53 -19.15
C VAL B 1563 -40.26 49.30 -19.73
N GLU B 1564 -39.35 49.51 -20.69
CA GLU B 1564 -38.68 48.38 -21.33
C GLU B 1564 -37.34 48.07 -20.66
N PRO B 1565 -36.90 46.81 -20.72
CA PRO B 1565 -35.57 46.47 -20.17
C PRO B 1565 -34.44 46.95 -21.06
N LEU B 1566 -33.21 46.74 -20.60
CA LEU B 1566 -32.01 47.14 -21.32
C LEU B 1566 -31.13 45.91 -21.59
N HIS B 1567 -29.91 46.17 -22.08
CA HIS B 1567 -28.92 45.14 -22.32
C HIS B 1567 -27.66 45.46 -21.53
N PHE B 1568 -26.92 44.42 -21.16
CA PHE B 1568 -25.80 44.55 -20.24
C PHE B 1568 -24.48 44.26 -20.93
N THR B 1569 -23.48 45.08 -20.64
CA THR B 1569 -22.12 44.88 -21.15
C THR B 1569 -21.14 45.15 -20.01
N CYS B 1570 -20.48 44.11 -19.52
CA CYS B 1570 -19.53 44.26 -18.43
C CYS B 1570 -18.25 44.93 -18.91
N VAL B 1571 -17.75 45.89 -18.15
CA VAL B 1571 -16.55 46.63 -18.48
C VAL B 1571 -15.41 46.32 -17.51
N SER B 1572 -15.59 46.63 -16.23
CA SER B 1572 -14.56 46.43 -15.22
C SER B 1572 -14.94 45.26 -14.32
N THR B 1573 -13.94 44.49 -13.89
CA THR B 1573 -14.15 43.32 -13.05
C THR B 1573 -13.03 43.25 -12.02
N SER B 1574 -13.40 42.97 -10.78
CA SER B 1574 -12.43 42.88 -9.69
C SER B 1574 -11.72 41.53 -9.73
N ASP B 1575 -10.74 41.37 -8.85
CA ASP B 1575 -9.99 40.13 -8.77
C ASP B 1575 -10.84 39.02 -8.16
N GLY B 1576 -10.71 37.82 -8.72
CA GLY B 1576 -11.51 36.70 -8.26
C GLY B 1576 -12.99 36.85 -8.56
N THR B 1577 -13.33 37.30 -9.75
CA THR B 1577 -14.70 37.59 -10.13
C THR B 1577 -14.87 37.34 -11.61
N ARG B 1578 -15.96 36.70 -12.01
CA ARG B 1578 -16.20 36.47 -13.43
C ARG B 1578 -17.70 36.52 -13.71
N ILE B 1579 -18.09 37.34 -14.68
CA ILE B 1579 -19.48 37.44 -15.10
C ILE B 1579 -19.70 36.49 -16.28
N GLU B 1580 -20.64 35.58 -16.13
CA GLU B 1580 -20.97 34.59 -17.15
C GLU B 1580 -22.48 34.62 -17.40
N ARG B 1581 -22.91 33.84 -18.39
CA ARG B 1581 -24.32 33.73 -18.73
C ARG B 1581 -24.86 32.39 -18.26
N ASP B 1582 -25.99 32.42 -17.56
CA ASP B 1582 -26.61 31.20 -17.06
C ASP B 1582 -27.31 30.47 -18.20
N ASP B 1583 -27.24 29.14 -18.14
CA ASP B 1583 -27.86 28.31 -19.16
C ASP B 1583 -28.77 27.25 -18.52
N GLY B 1758 -34.05 48.87 -47.03
CA GLY B 1758 -33.25 48.59 -45.86
C GLY B 1758 -33.97 48.91 -44.56
N LEU B 1759 -35.28 49.18 -44.66
CA LEU B 1759 -36.06 49.48 -43.47
C LEU B 1759 -36.29 48.24 -42.61
N ALA B 1760 -36.33 47.06 -43.24
CA ALA B 1760 -36.54 45.83 -42.49
C ALA B 1760 -35.35 45.54 -41.58
N LEU B 1761 -34.13 45.82 -42.05
CA LEU B 1761 -32.95 45.60 -41.21
C LEU B 1761 -32.91 46.56 -40.04
N ALA B 1762 -33.30 47.81 -40.25
CA ALA B 1762 -33.36 48.77 -39.15
C ALA B 1762 -34.45 48.39 -38.16
N ILE B 1763 -35.58 47.87 -38.65
CA ILE B 1763 -36.64 47.41 -37.77
C ILE B 1763 -36.17 46.21 -36.94
N SER B 1764 -35.44 45.29 -37.57
CA SER B 1764 -34.91 44.13 -36.85
C SER B 1764 -33.87 44.55 -35.82
N HIS B 1765 -33.05 45.55 -36.14
CA HIS B 1765 -32.06 46.02 -35.17
C HIS B 1765 -32.73 46.74 -34.00
N ALA B 1766 -33.78 47.51 -34.27
CA ALA B 1766 -34.51 48.16 -33.18
C ALA B 1766 -35.23 47.14 -32.32
N SER B 1767 -35.72 46.05 -32.92
CA SER B 1767 -36.31 44.96 -32.15
C SER B 1767 -35.26 44.22 -31.33
N HIS B 1768 -34.05 44.08 -31.86
CA HIS B 1768 -32.97 43.42 -31.10
C HIS B 1768 -32.52 44.28 -29.94
N PHE B 1769 -32.55 45.60 -30.11
CA PHE B 1769 -32.32 46.50 -28.98
C PHE B 1769 -33.45 46.39 -27.96
N LEU B 1770 -34.64 46.06 -28.42
CA LEU B 1770 -35.82 45.90 -27.57
C LEU B 1770 -36.02 44.41 -27.28
N GLN B 1771 -35.13 43.89 -26.43
CA GLN B 1771 -35.14 42.47 -26.10
C GLN B 1771 -34.89 42.26 -24.61
N PRO B 1772 -35.53 41.26 -24.01
CA PRO B 1772 -35.13 40.82 -22.68
C PRO B 1772 -33.87 39.97 -22.76
N PRO B 1773 -32.79 40.37 -22.11
CA PRO B 1773 -31.56 39.59 -22.20
C PRO B 1773 -31.69 38.29 -21.43
N PRO B 1774 -30.92 37.26 -21.80
CA PRO B 1774 -30.95 36.01 -21.05
C PRO B 1774 -30.37 36.20 -19.65
N HIS B 1775 -30.60 35.21 -18.80
CA HIS B 1775 -30.14 35.29 -17.43
C HIS B 1775 -28.63 35.13 -17.35
N GLN B 1776 -27.98 36.07 -16.68
CA GLN B 1776 -26.54 36.05 -16.43
C GLN B 1776 -26.30 36.06 -14.93
N SER B 1777 -25.03 35.88 -14.56
CA SER B 1777 -24.67 35.79 -13.15
C SER B 1777 -23.20 36.10 -12.97
N ILE B 1778 -22.80 36.19 -11.70
CA ILE B 1778 -21.41 36.41 -11.29
C ILE B 1778 -20.97 35.21 -10.46
N ILE B 1779 -19.79 34.68 -10.79
CA ILE B 1779 -19.15 33.62 -10.03
C ILE B 1779 -17.90 34.18 -9.36
N ILE B 1780 -17.61 33.70 -8.16
CA ILE B 1780 -16.46 34.13 -7.38
C ILE B 1780 -15.53 32.93 -7.20
N GLU B 1781 -14.23 33.17 -7.44
CA GLU B 1781 -13.25 32.10 -7.34
C GLU B 1781 -12.99 31.71 -5.88
N ARG B 1782 -12.67 32.68 -5.03
CA ARG B 1782 -12.36 32.43 -3.63
C ARG B 1782 -13.32 33.23 -2.76
N MET B 1783 -14.01 32.54 -1.87
CA MET B 1783 -14.95 33.15 -0.94
C MET B 1783 -14.33 33.24 0.45
N HIS B 1784 -14.75 34.25 1.22
CA HIS B 1784 -14.35 34.40 2.60
C HIS B 1784 -15.36 35.29 3.31
N SER B 1785 -15.15 35.50 4.60
CA SER B 1785 -16.04 36.33 5.41
C SER B 1785 -15.84 37.80 5.03
N GLY B 1786 -16.72 38.32 4.17
CA GLY B 1786 -16.54 39.69 3.73
C GLY B 1786 -15.81 39.78 2.42
N ALA B 1787 -16.18 38.93 1.46
CA ALA B 1787 -15.54 38.93 0.14
C ALA B 1787 -15.96 40.17 -0.62
N ARG B 1788 -15.07 41.16 -0.68
CA ARG B 1788 -15.34 42.43 -1.33
C ARG B 1788 -15.01 42.31 -2.81
N ARG B 1789 -16.03 42.39 -3.66
CA ARG B 1789 -15.86 42.31 -5.10
C ARG B 1789 -16.57 43.49 -5.76
N PHE B 1790 -16.11 43.82 -6.97
CA PHE B 1790 -16.52 45.03 -7.65
C PHE B 1790 -16.66 44.73 -9.14
N VAL B 1791 -17.80 45.11 -9.72
CA VAL B 1791 -18.02 44.97 -11.16
C VAL B 1791 -18.66 46.24 -11.70
N THR B 1792 -18.48 46.45 -13.01
CA THR B 1792 -19.02 47.60 -13.71
C THR B 1792 -19.77 47.12 -14.93
N LEU B 1793 -20.97 47.65 -15.13
CA LEU B 1793 -21.84 47.29 -16.23
C LEU B 1793 -22.08 48.53 -17.08
N ASP B 1794 -22.17 48.35 -18.40
CA ASP B 1794 -22.38 49.46 -19.31
C ASP B 1794 -23.61 49.19 -20.19
N PHE B 1795 -24.45 50.20 -20.33
CA PHE B 1795 -25.63 50.15 -21.18
C PHE B 1795 -25.36 50.58 -22.61
N GLY B 1796 -24.22 51.23 -22.88
CA GLY B 1796 -23.86 51.65 -24.22
C GLY B 1796 -24.27 53.07 -24.58
N ARG B 1797 -25.23 53.65 -23.87
CA ARG B 1797 -25.69 55.00 -24.16
C ARG B 1797 -26.38 55.54 -22.91
N PRO B 1798 -26.51 56.86 -22.78
CA PRO B 1798 -27.30 57.42 -21.68
C PRO B 1798 -28.73 56.89 -21.73
N ILE B 1799 -29.26 56.55 -20.57
CA ILE B 1799 -30.54 55.86 -20.51
C ILE B 1799 -31.20 56.23 -19.18
N LEU B 1800 -32.53 56.19 -19.15
CA LEU B 1800 -33.27 56.44 -17.92
C LEU B 1800 -33.47 55.12 -17.18
N LEU B 1801 -33.15 55.10 -15.89
CA LEU B 1801 -33.31 53.90 -15.06
C LEU B 1801 -34.44 54.12 -14.06
N THR B 1802 -35.37 53.18 -13.99
CA THR B 1802 -36.54 53.32 -13.12
C THR B 1802 -36.68 52.21 -12.09
N ASP B 1803 -36.48 50.95 -12.48
CA ASP B 1803 -36.71 49.82 -11.60
C ASP B 1803 -35.52 48.88 -11.66
N VAL B 1804 -35.16 48.30 -10.50
CA VAL B 1804 -34.08 47.33 -10.42
C VAL B 1804 -34.50 46.19 -9.50
N LEU B 1805 -34.09 44.97 -9.88
CA LEU B 1805 -34.46 43.75 -9.16
C LEU B 1805 -33.22 42.88 -9.03
N ILE B 1806 -32.88 42.52 -7.81
CA ILE B 1806 -31.76 41.62 -7.51
C ILE B 1806 -32.31 40.42 -6.76
N PRO B 1807 -32.27 39.21 -7.36
CA PRO B 1807 -32.67 37.99 -6.67
C PRO B 1807 -32.03 37.78 -5.30
N THR B 1808 -32.63 36.91 -4.49
CA THR B 1808 -32.09 36.62 -3.17
C THR B 1808 -30.83 35.79 -3.29
N CYS B 1809 -29.75 36.26 -2.68
CA CYS B 1809 -28.47 35.54 -2.63
C CYS B 1809 -28.15 35.27 -1.16
N GLY B 1810 -28.29 34.01 -0.74
CA GLY B 1810 -28.15 33.63 0.65
C GLY B 1810 -26.72 33.59 1.18
N ASP B 1811 -25.70 33.66 0.32
CA ASP B 1811 -24.32 33.61 0.79
C ASP B 1811 -23.62 34.97 0.75
N LEU B 1812 -24.37 36.06 0.57
CA LEU B 1812 -23.83 37.41 0.51
C LEU B 1812 -24.42 38.25 1.63
N ALA B 1813 -23.56 39.02 2.30
CA ALA B 1813 -24.02 39.89 3.38
C ALA B 1813 -24.68 41.15 2.83
N SER B 1814 -23.96 41.90 2.00
CA SER B 1814 -24.45 43.19 1.56
C SER B 1814 -24.05 43.45 0.11
N LEU B 1815 -24.82 44.32 -0.52
CA LEU B 1815 -24.59 44.78 -1.87
C LEU B 1815 -24.85 46.28 -1.91
N SER B 1816 -24.18 46.97 -2.82
CA SER B 1816 -24.35 48.41 -2.97
C SER B 1816 -24.25 48.75 -4.45
N ILE B 1817 -25.11 49.65 -4.90
CA ILE B 1817 -25.15 50.06 -6.30
C ILE B 1817 -24.90 51.55 -6.42
N ASP B 1818 -23.96 51.92 -7.29
CA ASP B 1818 -23.69 53.29 -7.65
C ASP B 1818 -23.94 53.45 -9.14
N ILE B 1819 -24.40 54.63 -9.56
CA ILE B 1819 -24.57 54.87 -10.99
C ILE B 1819 -23.79 56.14 -11.34
N TRP B 1820 -23.25 56.18 -12.55
CA TRP B 1820 -22.65 57.40 -13.05
C TRP B 1820 -22.61 57.36 -14.57
N THR B 1821 -22.60 58.55 -15.18
CA THR B 1821 -22.63 58.66 -16.63
C THR B 1821 -21.26 59.02 -17.23
N LEU B 1822 -20.58 60.00 -16.64
CA LEU B 1822 -19.30 60.46 -17.17
C LEU B 1822 -18.13 60.08 -16.28
N GLY B 1823 -18.15 60.49 -15.00
CA GLY B 1823 -17.07 60.18 -14.10
C GLY B 1823 -17.58 59.69 -12.75
N GLU B 1824 -16.72 58.95 -12.07
CA GLU B 1824 -17.07 58.41 -10.76
C GLU B 1824 -17.22 59.52 -9.73
N GLU B 1825 -16.33 60.52 -9.78
CA GLU B 1825 -16.38 61.67 -8.90
C GLU B 1825 -17.08 62.86 -9.55
N VAL B 1826 -17.58 62.71 -10.77
CA VAL B 1826 -18.22 63.82 -11.47
C VAL B 1826 -19.69 63.90 -11.08
N ASP B 1827 -20.44 62.81 -11.30
CA ASP B 1827 -21.85 62.81 -10.96
C ASP B 1827 -22.26 61.49 -10.30
N GLY B 1828 -21.37 60.91 -9.50
CA GLY B 1828 -21.71 59.65 -8.86
C GLY B 1828 -22.60 59.85 -7.65
N ARG B 1829 -23.77 59.23 -7.65
CA ARG B 1829 -24.68 59.26 -6.52
C ARG B 1829 -25.09 57.85 -6.10
N ARG B 1830 -25.14 57.63 -4.79
CA ARG B 1830 -25.40 56.31 -4.24
C ARG B 1830 -26.91 56.04 -4.27
N LEU B 1831 -27.29 54.90 -4.85
CA LEU B 1831 -28.70 54.53 -4.93
C LEU B 1831 -29.20 53.76 -3.72
N VAL B 1832 -28.65 52.56 -3.48
CA VAL B 1832 -29.08 51.72 -2.37
C VAL B 1832 -27.93 50.77 -2.01
N VAL B 1833 -27.74 50.59 -0.70
CA VAL B 1833 -26.93 49.53 -0.13
C VAL B 1833 -27.87 48.70 0.74
N ALA B 1834 -27.90 47.40 0.51
CA ALA B 1834 -28.74 46.48 1.26
C ALA B 1834 -27.87 45.45 1.96
N THR B 1835 -28.15 45.23 3.25
CA THR B 1835 -27.34 44.35 4.09
C THR B 1835 -28.06 43.07 4.46
N ASP B 1836 -29.21 42.80 3.86
CA ASP B 1836 -29.99 41.60 4.14
C ASP B 1836 -30.41 40.91 2.84
N ILE B 1837 -29.44 40.72 1.95
CA ILE B 1837 -29.69 40.02 0.69
C ILE B 1837 -30.06 38.57 0.94
N SER B 1838 -29.48 37.96 1.97
CA SER B 1838 -29.77 36.57 2.30
C SER B 1838 -31.20 36.36 2.79
N THR B 1839 -31.85 37.40 3.33
CA THR B 1839 -33.21 37.27 3.80
C THR B 1839 -34.22 37.37 2.66
N HIS B 1840 -34.25 38.53 1.99
CA HIS B 1840 -35.18 38.79 0.91
C HIS B 1840 -34.42 39.36 -0.29
N SER B 1841 -35.14 39.55 -1.39
CA SER B 1841 -34.57 40.07 -2.62
C SER B 1841 -34.62 41.60 -2.64
N LEU B 1842 -33.69 42.20 -3.37
CA LEU B 1842 -33.63 43.64 -3.52
C LEU B 1842 -34.62 44.07 -4.59
N ILE B 1843 -35.62 44.87 -4.21
CA ILE B 1843 -36.62 45.38 -5.14
C ILE B 1843 -36.69 46.89 -4.99
N LEU B 1844 -36.38 47.63 -6.07
CA LEU B 1844 -36.54 49.07 -6.07
C LEU B 1844 -37.39 49.45 -7.27
N HIS B 1845 -38.53 50.09 -7.02
CA HIS B 1845 -39.60 50.23 -8.00
C HIS B 1845 -39.95 51.70 -8.21
N ASP B 1846 -39.96 52.13 -9.48
CA ASP B 1846 -40.46 53.42 -9.93
C ASP B 1846 -39.73 54.59 -9.25
N LEU B 1847 -38.46 54.72 -9.61
CA LEU B 1847 -37.67 55.86 -9.14
C LEU B 1847 -38.27 57.16 -9.66
N ILE B 1848 -38.68 58.02 -8.74
CA ILE B 1848 -39.25 59.33 -9.07
C ILE B 1848 -38.48 60.40 -8.31
N PRO B 1849 -37.78 61.32 -8.99
CA PRO B 1849 -37.67 61.46 -10.45
C PRO B 1849 -36.70 60.44 -11.06
N PRO B 1850 -36.98 59.99 -12.28
CA PRO B 1850 -36.17 58.93 -12.89
C PRO B 1850 -34.79 59.43 -13.26
N PRO B 1851 -33.74 58.84 -12.71
CA PRO B 1851 -32.38 59.26 -13.04
C PRO B 1851 -31.95 58.77 -14.41
N VAL B 1852 -31.02 59.51 -15.00
CA VAL B 1852 -30.36 59.13 -16.24
C VAL B 1852 -28.92 58.72 -15.91
N CYS B 1853 -28.43 57.72 -16.63
CA CYS B 1853 -27.12 57.12 -16.32
C CYS B 1853 -26.67 56.27 -17.50
N ARG B 1854 -25.39 55.88 -17.45
CA ARG B 1854 -24.81 54.96 -18.43
C ARG B 1854 -23.97 53.84 -17.84
N PHE B 1855 -23.48 53.97 -16.61
CA PHE B 1855 -22.55 53.03 -16.01
C PHE B 1855 -23.01 52.61 -14.61
N MET B 1856 -23.04 51.30 -14.38
CA MET B 1856 -23.47 50.71 -13.13
C MET B 1856 -22.24 50.20 -12.39
N LYS B 1857 -22.16 50.47 -11.09
CA LYS B 1857 -21.10 49.95 -10.23
C LYS B 1857 -21.74 49.10 -9.16
N ILE B 1858 -21.32 47.84 -9.06
CA ILE B 1858 -21.86 46.90 -8.09
C ILE B 1858 -20.74 46.47 -7.17
N THR B 1859 -20.90 46.75 -5.87
CA THR B 1859 -19.94 46.38 -4.84
C THR B 1859 -20.62 45.39 -3.89
N VAL B 1860 -20.00 44.22 -3.71
CA VAL B 1860 -20.59 43.15 -2.93
C VAL B 1860 -19.65 42.75 -1.81
N ILE B 1861 -20.20 42.58 -0.60
CA ILE B 1861 -19.46 42.11 0.57
C ILE B 1861 -20.13 40.82 1.05
N GLY B 1862 -19.33 39.76 1.17
CA GLY B 1862 -19.87 38.46 1.54
C GLY B 1862 -20.19 38.32 3.01
N ARG B 1863 -20.93 37.26 3.32
CA ARG B 1863 -21.43 37.04 4.67
C ARG B 1863 -20.32 36.58 5.60
N TYR B 1864 -20.52 36.81 6.89
CA TYR B 1864 -19.54 36.42 7.89
C TYR B 1864 -19.59 34.91 8.13
N GLY B 1865 -18.41 34.32 8.27
CA GLY B 1865 -18.33 32.88 8.41
C GLY B 1865 -18.77 32.11 7.19
N SER B 1866 -18.57 32.68 5.99
CA SER B 1866 -19.01 32.05 4.77
C SER B 1866 -18.11 30.88 4.41
N THR B 1867 -18.71 29.75 4.07
CA THR B 1867 -17.94 28.59 3.64
C THR B 1867 -17.34 28.84 2.26
N ASN B 1868 -16.28 28.08 1.96
CA ASN B 1868 -15.56 28.22 0.69
C ASN B 1868 -16.21 27.35 -0.40
N ALA B 1869 -17.48 27.62 -0.64
CA ALA B 1869 -18.26 26.93 -1.66
C ALA B 1869 -18.76 27.94 -2.69
N ARG B 1870 -18.61 27.61 -3.97
CA ARG B 1870 -18.92 28.55 -5.03
C ARG B 1870 -20.42 28.77 -5.12
N ALA B 1871 -20.80 29.99 -5.53
CA ALA B 1871 -22.20 30.36 -5.64
C ALA B 1871 -22.36 31.33 -6.81
N LYS B 1872 -23.60 31.72 -7.08
CA LYS B 1872 -23.94 32.58 -8.20
C LYS B 1872 -24.68 33.80 -7.70
N ILE B 1873 -24.29 34.97 -8.21
CA ILE B 1873 -24.99 36.23 -7.94
C ILE B 1873 -25.57 36.73 -9.25
N PRO B 1874 -26.87 36.50 -9.50
CA PRO B 1874 -27.45 36.95 -10.77
C PRO B 1874 -27.49 38.46 -10.88
N LEU B 1875 -27.30 38.96 -12.11
CA LEU B 1875 -27.40 40.38 -12.37
C LEU B 1875 -28.82 40.91 -12.21
N GLY B 1876 -29.82 40.05 -12.30
CA GLY B 1876 -31.19 40.51 -12.19
C GLY B 1876 -31.67 41.14 -13.49
N PHE B 1877 -32.70 41.98 -13.36
CA PHE B 1877 -33.35 42.61 -14.50
C PHE B 1877 -33.38 44.12 -14.28
N TYR B 1878 -32.91 44.87 -15.28
CA TYR B 1878 -32.82 46.32 -15.20
C TYR B 1878 -33.85 46.93 -16.14
N TYR B 1879 -34.53 47.96 -15.67
CA TYR B 1879 -35.65 48.54 -16.39
C TYR B 1879 -35.50 50.05 -16.53
N GLY B 1880 -35.79 50.56 -17.73
CA GLY B 1880 -35.64 51.97 -17.97
C GLY B 1880 -36.41 52.43 -19.19
N HIS B 1881 -36.08 53.65 -19.62
CA HIS B 1881 -36.79 54.34 -20.69
C HIS B 1881 -35.81 54.54 -21.85
N THR B 1882 -36.16 54.01 -23.02
CA THR B 1882 -35.25 54.06 -24.17
C THR B 1882 -35.05 55.49 -24.66
N TYR B 1883 -36.13 56.25 -24.79
CA TYR B 1883 -36.06 57.64 -25.20
C TYR B 1883 -36.02 58.53 -23.97
N ILE B 1884 -35.08 59.47 -23.95
CA ILE B 1884 -34.90 60.39 -22.83
C ILE B 1884 -35.66 61.66 -23.17
N LEU B 1885 -36.64 62.00 -22.33
CA LEU B 1885 -37.46 63.16 -22.58
C LEU B 1885 -36.68 64.45 -22.33
N PRO B 1886 -37.02 65.55 -23.04
CA PRO B 1886 -36.25 66.79 -22.87
C PRO B 1886 -36.32 67.36 -21.46
N TRP B 1887 -37.47 67.25 -20.79
CA TRP B 1887 -37.55 67.74 -19.41
C TRP B 1887 -36.79 66.81 -18.47
N GLU B 1888 -36.81 65.51 -18.72
CA GLU B 1888 -36.03 64.57 -17.92
C GLU B 1888 -34.57 64.54 -18.34
N SER B 1889 -34.23 65.08 -19.51
CA SER B 1889 -32.83 65.21 -19.89
C SER B 1889 -32.16 66.35 -19.12
N GLU B 1890 -32.91 67.39 -18.78
CA GLU B 1890 -32.38 68.57 -18.12
C GLU B 1890 -32.21 68.40 -16.62
N LEU B 1891 -32.63 67.26 -16.07
CA LEU B 1891 -32.44 67.02 -14.64
C LEU B 1891 -30.97 66.84 -14.29
N LYS B 1892 -30.28 66.00 -15.04
CA LYS B 1892 -28.86 65.71 -14.79
C LYS B 1892 -28.09 65.57 -16.09
N ASN B 1906 -26.92 65.27 -29.50
CA ASN B 1906 -27.20 64.40 -30.63
C ASN B 1906 -28.52 63.65 -30.44
N GLN B 1907 -29.37 64.21 -29.59
CA GLN B 1907 -30.66 63.58 -29.33
C GLN B 1907 -31.57 63.75 -30.55
N PRO B 1908 -32.15 62.66 -31.07
CA PRO B 1908 -33.03 62.79 -32.24
C PRO B 1908 -34.35 63.45 -31.87
N GLU B 1909 -35.02 63.97 -32.89
CA GLU B 1909 -36.29 64.65 -32.64
C GLU B 1909 -37.37 63.62 -32.35
N ILE B 1910 -38.49 64.10 -31.80
CA ILE B 1910 -39.55 63.21 -31.36
C ILE B 1910 -40.23 62.52 -32.54
N ASP B 1911 -40.45 63.25 -33.64
CA ASP B 1911 -41.33 62.74 -34.69
C ASP B 1911 -40.75 61.53 -35.42
N GLN B 1912 -39.45 61.58 -35.77
CA GLN B 1912 -38.84 60.45 -36.46
C GLN B 1912 -38.70 59.23 -35.55
N HIS B 1913 -38.38 59.47 -34.28
CA HIS B 1913 -38.32 58.37 -33.31
C HIS B 1913 -39.68 57.71 -33.14
N LEU B 1914 -40.74 58.53 -33.09
CA LEU B 1914 -42.10 58.01 -32.98
C LEU B 1914 -42.47 57.23 -34.23
N ALA B 1915 -42.06 57.72 -35.40
CA ALA B 1915 -42.35 57.03 -36.65
C ALA B 1915 -41.66 55.67 -36.71
N MET B 1916 -40.38 55.59 -36.29
CA MET B 1916 -39.74 54.29 -36.35
C MET B 1916 -40.31 53.33 -35.30
N MET B 1917 -40.75 53.82 -34.12
CA MET B 1917 -41.42 52.88 -33.22
C MET B 1917 -42.77 52.43 -33.77
N VAL B 1918 -43.48 53.31 -34.47
CA VAL B 1918 -44.74 52.90 -35.09
C VAL B 1918 -44.47 51.86 -36.16
N ALA B 1919 -43.41 52.02 -36.95
CA ALA B 1919 -43.06 51.00 -37.94
C ALA B 1919 -42.70 49.68 -37.27
N LEU B 1920 -41.97 49.75 -36.15
CA LEU B 1920 -41.64 48.55 -35.39
C LEU B 1920 -42.88 47.89 -34.81
N GLN B 1921 -43.83 48.71 -34.34
CA GLN B 1921 -45.09 48.19 -33.82
C GLN B 1921 -45.89 47.49 -34.91
N GLU B 1922 -45.90 48.06 -36.12
CA GLU B 1922 -46.62 47.41 -37.22
C GLU B 1922 -45.94 46.11 -37.62
N ASP B 1923 -44.61 46.09 -37.66
CA ASP B 1923 -43.90 44.86 -38.04
C ASP B 1923 -44.08 43.77 -37.01
N ILE B 1924 -44.00 44.11 -35.71
CA ILE B 1924 -44.22 43.12 -34.67
C ILE B 1924 -45.68 42.73 -34.57
N GLN B 1925 -46.61 43.60 -34.99
CA GLN B 1925 -48.01 43.19 -35.08
C GLN B 1925 -48.22 42.17 -36.18
N CYS B 1926 -47.57 42.36 -37.34
CA CYS B 1926 -47.64 41.36 -38.40
C CYS B 1926 -47.01 40.04 -37.94
N ARG B 1927 -45.88 40.11 -37.25
CA ARG B 1927 -45.24 38.90 -36.74
C ARG B 1927 -46.13 38.19 -35.72
N TYR B 1928 -46.78 38.96 -34.83
CA TYR B 1928 -47.68 38.38 -33.86
C TYR B 1928 -48.90 37.75 -34.52
N ASN B 1929 -49.40 38.37 -35.59
CA ASN B 1929 -50.55 37.81 -36.30
C ASN B 1929 -50.19 36.52 -37.02
N LEU B 1930 -49.01 36.46 -37.64
CA LEU B 1930 -48.61 35.22 -38.28
C LEU B 1930 -48.31 34.14 -37.25
N ALA B 1931 -47.77 34.52 -36.08
CA ALA B 1931 -47.57 33.54 -35.01
C ALA B 1931 -48.90 33.02 -34.50
N CYS B 1932 -49.91 33.88 -34.38
CA CYS B 1932 -51.24 33.44 -33.98
C CYS B 1932 -51.84 32.50 -35.01
N HIS B 1933 -51.66 32.81 -36.29
CA HIS B 1933 -52.19 31.93 -37.34
C HIS B 1933 -51.50 30.57 -37.32
N ARG B 1934 -50.17 30.55 -37.12
CA ARG B 1934 -49.46 29.30 -37.01
C ARG B 1934 -49.90 28.50 -35.79
N LEU B 1935 -50.12 29.19 -34.67
CA LEU B 1935 -50.56 28.52 -33.45
C LEU B 1935 -51.95 27.92 -33.62
N GLU B 1936 -52.85 28.64 -34.30
CA GLU B 1936 -54.20 28.12 -34.52
C GLU B 1936 -54.19 26.94 -35.49
N THR B 1937 -53.37 27.02 -36.55
CA THR B 1937 -53.30 25.93 -37.50
C THR B 1937 -52.65 24.70 -36.88
N LEU B 1938 -51.74 24.90 -35.93
CA LEU B 1938 -51.14 23.78 -35.23
C LEU B 1938 -52.11 23.18 -34.20
N LEU B 1939 -52.91 24.01 -33.52
CA LEU B 1939 -53.81 23.45 -32.53
C LEU B 1939 -55.04 22.82 -33.16
N GLN B 1940 -55.31 23.12 -34.43
CA GLN B 1940 -56.30 22.34 -35.16
C GLN B 1940 -55.86 20.89 -35.32
N SER B 1941 -54.56 20.64 -35.32
CA SER B 1941 -53.98 19.31 -35.49
C SER B 1941 -53.84 18.54 -34.18
N ILE B 1942 -54.29 19.12 -33.07
CA ILE B 1942 -54.29 18.42 -31.79
C ILE B 1942 -55.26 17.25 -31.84
N ASP B 1943 -54.82 16.10 -31.32
CA ASP B 1943 -55.68 14.93 -31.17
C ASP B 1943 -56.88 15.26 -30.29
N LEU B 1944 -58.07 14.86 -30.75
CA LEU B 1944 -59.32 15.05 -30.01
C LEU B 1944 -59.99 13.69 -29.81
N PRO B 1945 -59.54 12.92 -28.82
CA PRO B 1945 -60.08 11.57 -28.63
C PRO B 1945 -61.50 11.61 -28.11
N PRO B 1946 -62.29 10.55 -28.31
CA PRO B 1946 -63.62 10.50 -27.69
C PRO B 1946 -63.60 9.91 -26.29
N LEU B 1947 -62.42 9.87 -25.67
CA LEU B 1947 -62.25 9.31 -24.34
C LEU B 1947 -62.39 10.34 -23.24
N ASN B 1948 -63.23 11.37 -23.47
CA ASN B 1948 -63.55 12.42 -22.51
C ASN B 1948 -62.29 13.21 -22.18
N SER B 1949 -61.85 13.15 -20.93
CA SER B 1949 -60.70 13.91 -20.48
C SER B 1949 -59.78 13.12 -19.56
N ALA B 1950 -60.14 11.89 -19.21
CA ALA B 1950 -59.29 11.06 -18.36
C ALA B 1950 -58.00 10.67 -19.06
N ASN B 1951 -58.07 10.40 -20.37
CA ASN B 1951 -56.87 10.08 -21.14
C ASN B 1951 -56.04 11.30 -21.48
N ASN B 1952 -56.62 12.50 -21.40
CA ASN B 1952 -55.83 13.72 -21.62
C ASN B 1952 -54.82 13.94 -20.50
N ALA B 1953 -55.20 13.62 -19.26
CA ALA B 1953 -54.27 13.71 -18.14
C ALA B 1953 -53.30 12.54 -18.08
N GLN B 1954 -53.55 11.46 -18.83
CA GLN B 1954 -52.65 10.31 -18.85
C GLN B 1954 -51.43 10.59 -19.72
N VAL B 1964 -43.61 13.88 -26.31
CA VAL B 1964 -44.40 14.08 -27.52
C VAL B 1964 -43.90 15.30 -28.27
N GLU B 1965 -43.60 15.12 -29.57
CA GLU B 1965 -43.15 16.23 -30.39
C GLU B 1965 -44.25 17.27 -30.59
N GLU B 1966 -45.51 16.81 -30.66
CA GLU B 1966 -46.63 17.73 -30.86
C GLU B 1966 -46.80 18.65 -29.65
N ASP B 1967 -46.68 18.10 -28.44
CA ASP B 1967 -46.74 18.91 -27.23
C ASP B 1967 -45.61 19.93 -27.19
N SER B 1968 -44.39 19.51 -27.55
CA SER B 1968 -43.24 20.41 -27.51
C SER B 1968 -43.39 21.53 -28.54
N ARG B 1969 -43.88 21.21 -29.74
CA ARG B 1969 -44.06 22.27 -30.73
C ARG B 1969 -45.19 23.21 -30.35
N VAL B 1970 -46.23 22.71 -29.67
CA VAL B 1970 -47.28 23.61 -29.19
C VAL B 1970 -46.75 24.52 -28.10
N PHE B 1971 -45.93 23.98 -27.20
CA PHE B 1971 -45.33 24.81 -26.15
C PHE B 1971 -44.41 25.86 -26.75
N SER B 1972 -43.62 25.49 -27.76
CA SER B 1972 -42.73 26.44 -28.41
C SER B 1972 -43.51 27.54 -29.14
N ALA B 1973 -44.59 27.16 -29.84
CA ALA B 1973 -45.41 28.15 -30.52
C ALA B 1973 -46.08 29.10 -29.53
N TYR B 1974 -46.53 28.58 -28.39
CA TYR B 1974 -47.15 29.43 -27.38
C TYR B 1974 -46.12 30.37 -26.75
N GLN B 1975 -44.91 29.86 -26.50
CA GLN B 1975 -43.86 30.72 -25.95
C GLN B 1975 -43.49 31.83 -26.92
N ASP B 1976 -43.37 31.50 -28.21
CA ASP B 1976 -43.07 32.52 -29.20
C ASP B 1976 -44.20 33.55 -29.30
N CYS B 1977 -45.45 33.08 -29.29
CA CYS B 1977 -46.58 33.99 -29.37
C CYS B 1977 -46.61 34.93 -28.17
N ILE B 1978 -46.33 34.40 -26.97
CA ILE B 1978 -46.32 35.23 -25.77
C ILE B 1978 -45.18 36.25 -25.83
N GLN B 1979 -44.00 35.83 -26.31
CA GLN B 1979 -42.86 36.74 -26.38
C GLN B 1979 -43.13 37.89 -27.35
N LEU B 1980 -43.61 37.58 -28.56
CA LEU B 1980 -43.92 38.63 -29.51
C LEU B 1980 -45.11 39.49 -29.09
N GLN B 1981 -46.08 38.90 -28.39
CA GLN B 1981 -47.20 39.70 -27.87
C GLN B 1981 -46.72 40.69 -26.82
N LEU B 1982 -45.84 40.25 -25.92
CA LEU B 1982 -45.28 41.16 -24.92
C LEU B 1982 -44.46 42.27 -25.58
N GLN B 1983 -43.64 41.91 -26.57
CA GLN B 1983 -42.85 42.92 -27.27
C GLN B 1983 -43.74 43.93 -27.96
N LEU B 1984 -44.82 43.46 -28.59
CA LEU B 1984 -45.76 44.35 -29.26
C LEU B 1984 -46.44 45.28 -28.27
N ASN B 1985 -46.83 44.76 -27.10
CA ASN B 1985 -47.51 45.59 -26.12
C ASN B 1985 -46.59 46.63 -25.51
N LEU B 1986 -45.34 46.27 -25.20
CA LEU B 1986 -44.46 47.28 -24.63
C LEU B 1986 -44.04 48.30 -25.69
N ALA B 1987 -43.95 47.89 -26.95
CA ALA B 1987 -43.73 48.85 -28.04
C ALA B 1987 -44.92 49.79 -28.17
N HIS B 1988 -46.13 49.28 -27.99
CA HIS B 1988 -47.32 50.13 -28.04
C HIS B 1988 -47.32 51.11 -26.88
N ASN B 1989 -46.87 50.67 -25.69
CA ASN B 1989 -46.75 51.59 -24.57
C ASN B 1989 -45.69 52.66 -24.84
N ALA B 1990 -44.62 52.29 -25.56
CA ALA B 1990 -43.60 53.26 -25.94
C ALA B 1990 -44.16 54.30 -26.93
N VAL B 1991 -44.93 53.85 -27.92
CA VAL B 1991 -45.47 54.83 -28.85
C VAL B 1991 -46.53 55.68 -28.18
N GLN B 1992 -47.24 55.13 -27.20
CA GLN B 1992 -48.19 55.95 -26.44
C GLN B 1992 -47.49 56.98 -25.57
N ARG B 1993 -46.38 56.62 -24.91
CA ARG B 1993 -45.64 57.61 -24.12
C ARG B 1993 -45.06 58.71 -25.00
N LEU B 1994 -44.50 58.37 -26.17
CA LEU B 1994 -44.04 59.44 -27.05
C LEU B 1994 -45.19 60.27 -27.61
N LYS B 1995 -46.36 59.65 -27.83
CA LYS B 1995 -47.48 60.42 -28.38
C LYS B 1995 -48.00 61.41 -27.35
N VAL B 1996 -48.02 61.04 -26.07
CA VAL B 1996 -48.44 62.01 -25.06
C VAL B 1996 -47.30 63.00 -24.79
N ALA B 1997 -46.05 62.60 -25.05
CA ALA B 1997 -44.91 63.50 -24.98
C ALA B 1997 -44.93 64.55 -26.08
N LEU B 1998 -45.56 64.25 -27.22
CA LEU B 1998 -45.72 65.24 -28.27
C LEU B 1998 -46.59 66.40 -27.82
N GLY B 1999 -47.54 66.15 -26.94
CA GLY B 1999 -48.43 67.18 -26.46
C GLY B 1999 -49.85 66.66 -26.37
N ALA B 2000 -50.02 65.40 -26.76
CA ALA B 2000 -51.33 64.79 -26.73
C ALA B 2000 -51.62 64.25 -25.33
N SER B 2001 -52.76 63.58 -25.18
CA SER B 2001 -53.17 63.02 -23.92
C SER B 2001 -53.71 61.61 -24.16
N ARG B 2002 -53.80 60.82 -23.10
CA ARG B 2002 -54.34 59.47 -23.23
C ARG B 2002 -55.87 59.49 -23.24
N LYS B 2003 -56.49 58.32 -23.05
CA LYS B 2003 -57.94 58.22 -23.14
C LYS B 2003 -58.62 59.01 -22.03
N MET B 2004 -59.52 59.92 -22.42
CA MET B 2004 -60.25 60.73 -21.46
C MET B 2004 -61.55 60.06 -21.03
N LEU B 2005 -61.70 59.89 -19.72
CA LEU B 2005 -62.91 59.34 -19.12
C LEU B 2005 -63.97 60.43 -19.09
N SER B 2006 -64.90 60.37 -20.03
CA SER B 2006 -65.97 61.36 -20.10
C SER B 2006 -66.97 61.16 -18.97
N GLU B 2007 -67.64 62.24 -18.59
CA GLU B 2007 -68.60 62.18 -17.50
C GLU B 2007 -69.85 61.42 -17.88
N THR B 2008 -70.16 61.30 -19.16
CA THR B 2008 -71.33 60.58 -19.63
C THR B 2008 -71.03 59.11 -19.88
N SER B 2009 -69.83 58.64 -19.52
CA SER B 2009 -69.45 57.26 -19.78
C SER B 2009 -70.18 56.31 -18.84
N ASN B 2010 -70.84 55.31 -19.41
CA ASN B 2010 -71.46 54.28 -18.60
C ASN B 2010 -70.37 53.39 -18.01
N PRO B 2011 -70.36 53.17 -16.69
CA PRO B 2011 -69.36 52.25 -16.11
C PRO B 2011 -69.44 50.85 -16.69
N GLU B 2012 -70.65 50.36 -16.97
CA GLU B 2012 -70.80 49.04 -17.57
C GLU B 2012 -70.26 49.02 -19.00
N ASP B 2013 -70.41 50.12 -19.74
CA ASP B 2013 -69.90 50.18 -21.11
C ASP B 2013 -68.38 50.07 -21.13
N LEU B 2014 -67.70 50.81 -20.26
CA LEU B 2014 -66.25 50.73 -20.18
C LEU B 2014 -65.78 49.45 -19.50
N ILE B 2015 -66.66 48.79 -18.74
CA ILE B 2015 -66.38 47.44 -18.27
C ILE B 2015 -66.36 46.48 -19.45
N GLN B 2016 -67.33 46.60 -20.35
CA GLN B 2016 -67.41 45.71 -21.50
C GLN B 2016 -66.30 45.96 -22.50
N THR B 2017 -65.90 47.23 -22.68
CA THR B 2017 -64.90 47.59 -23.68
C THR B 2017 -63.49 47.60 -23.10
N SER B 2018 -63.23 46.80 -22.07
CA SER B 2018 -61.90 46.68 -21.48
C SER B 2018 -61.26 45.37 -21.92
N SER B 2019 -59.94 45.35 -21.93
CA SER B 2019 -59.21 44.15 -22.35
C SER B 2019 -59.34 43.07 -21.29
N THR B 2020 -59.33 41.81 -21.75
CA THR B 2020 -59.54 40.69 -20.84
C THR B 2020 -58.40 40.52 -19.85
N GLU B 2021 -57.16 40.76 -20.29
CA GLU B 2021 -56.03 40.67 -19.36
C GLU B 2021 -56.10 41.75 -18.30
N GLN B 2022 -56.53 42.95 -18.67
CA GLN B 2022 -56.75 44.02 -17.70
C GLN B 2022 -57.82 43.63 -16.70
N LEU B 2023 -58.90 42.98 -17.19
CA LEU B 2023 -59.95 42.55 -16.28
C LEU B 2023 -59.45 41.48 -15.32
N ARG B 2024 -58.62 40.54 -15.81
CA ARG B 2024 -58.08 39.50 -14.93
C ARG B 2024 -57.18 40.10 -13.87
N THR B 2025 -56.30 41.02 -14.29
CA THR B 2025 -55.40 41.66 -13.33
C THR B 2025 -56.16 42.51 -12.32
N ILE B 2026 -57.17 43.25 -12.76
CA ILE B 2026 -57.88 44.10 -11.81
C ILE B 2026 -58.68 43.24 -10.85
N ILE B 2027 -59.16 42.07 -11.30
CA ILE B 2027 -59.84 41.16 -10.40
C ILE B 2027 -58.89 40.63 -9.34
N ARG B 2028 -57.69 40.18 -9.75
CA ARG B 2028 -56.73 39.69 -8.78
C ARG B 2028 -56.35 40.76 -7.76
N TYR B 2029 -56.14 42.00 -8.20
CA TYR B 2029 -55.78 43.06 -7.26
C TYR B 2029 -56.92 43.37 -6.29
N LEU B 2030 -58.16 43.56 -6.78
CA LEU B 2030 -59.11 44.01 -5.77
C LEU B 2030 -59.61 42.85 -4.94
N LEU B 2031 -59.48 41.60 -5.40
CA LEU B 2031 -59.74 40.52 -4.47
C LEU B 2031 -58.58 40.32 -3.49
N ASP B 2032 -57.37 40.76 -3.83
CA ASP B 2032 -56.34 40.86 -2.82
C ASP B 2032 -56.74 41.87 -1.75
N THR B 2033 -57.32 43.00 -2.19
CA THR B 2033 -57.85 43.96 -1.22
C THR B 2033 -58.96 43.33 -0.38
N LEU B 2034 -59.78 42.47 -0.99
CA LEU B 2034 -60.82 41.76 -0.23
C LEU B 2034 -60.21 40.79 0.78
N LEU B 2035 -59.10 40.11 0.43
CA LEU B 2035 -58.43 39.24 1.40
C LEU B 2035 -57.95 40.06 2.59
N SER B 2036 -57.35 41.21 2.31
CA SER B 2036 -56.89 42.08 3.38
C SER B 2036 -58.07 42.63 4.20
N LEU B 2037 -59.20 42.89 3.56
CA LEU B 2037 -60.38 43.35 4.27
C LEU B 2037 -60.91 42.27 5.20
N LEU B 2038 -60.92 41.02 4.74
CA LEU B 2038 -61.38 39.94 5.60
C LEU B 2038 -60.41 39.69 6.76
N HIS B 2039 -59.12 39.88 6.52
CA HIS B 2039 -58.15 39.74 7.61
C HIS B 2039 -58.15 40.93 8.56
N ALA B 2040 -58.61 42.11 8.12
CA ALA B 2040 -58.62 43.27 9.00
C ALA B 2040 -59.59 43.12 10.16
N SER B 2041 -60.50 42.16 10.11
CA SER B 2041 -61.41 41.93 11.22
C SER B 2041 -60.72 41.26 12.41
N ASN B 2042 -59.48 40.80 12.23
CA ASN B 2042 -58.67 40.19 13.30
C ASN B 2042 -59.38 38.97 13.89
N GLY B 2043 -60.08 38.23 13.04
CA GLY B 2043 -60.79 37.04 13.47
C GLY B 2043 -62.10 37.31 14.18
N HIS B 2044 -62.50 38.58 14.28
CA HIS B 2044 -63.75 38.94 14.95
C HIS B 2044 -64.91 38.82 13.98
N SER B 2045 -66.05 39.40 14.35
CA SER B 2045 -67.26 39.28 13.53
C SER B 2045 -67.12 40.03 12.22
N VAL B 2046 -67.38 39.34 11.12
CA VAL B 2046 -67.38 39.95 9.79
C VAL B 2046 -68.58 40.90 9.69
N PRO B 2047 -68.43 42.05 9.04
CA PRO B 2047 -69.59 42.94 8.86
C PRO B 2047 -70.70 42.26 8.07
N ALA B 2048 -71.93 42.65 8.37
CA ALA B 2048 -73.10 41.98 7.80
C ALA B 2048 -73.39 42.38 6.35
N VAL B 2049 -72.79 43.46 5.85
CA VAL B 2049 -73.14 43.93 4.51
C VAL B 2049 -72.59 42.98 3.45
N LEU B 2050 -71.29 42.65 3.54
CA LEU B 2050 -70.70 41.72 2.59
C LEU B 2050 -71.08 40.27 2.89
N GLN B 2051 -71.56 39.98 4.10
CA GLN B 2051 -72.12 38.68 4.37
C GLN B 2051 -73.55 38.55 3.85
N SER B 2052 -74.22 39.68 3.61
CA SER B 2052 -75.58 39.64 3.11
C SER B 2052 -75.66 39.74 1.60
N THR B 2053 -74.79 40.54 0.97
CA THR B 2053 -74.82 40.60 -0.48
C THR B 2053 -74.22 39.36 -1.13
N PHE B 2054 -73.38 38.62 -0.40
CA PHE B 2054 -72.82 37.37 -0.89
C PHE B 2054 -73.63 36.19 -0.36
N HIS B 2055 -74.84 36.07 -0.91
CA HIS B 2055 -75.73 34.97 -0.55
C HIS B 2055 -75.38 33.73 -1.37
N ALA B 2056 -76.26 32.73 -1.37
CA ALA B 2056 -75.95 31.45 -1.99
C ALA B 2056 -75.82 31.52 -3.51
N GLN B 2057 -76.82 32.08 -4.21
CA GLN B 2057 -76.74 32.04 -5.66
C GLN B 2057 -75.68 33.01 -6.19
N ALA B 2058 -75.46 34.14 -5.51
CA ALA B 2058 -74.40 35.04 -5.90
C ALA B 2058 -73.03 34.37 -5.76
N CYS B 2059 -72.84 33.64 -4.67
CA CYS B 2059 -71.60 32.88 -4.47
C CYS B 2059 -71.44 31.81 -5.55
N GLU B 2060 -72.53 31.13 -5.89
CA GLU B 2060 -72.47 30.10 -6.93
C GLU B 2060 -72.14 30.69 -8.29
N GLU B 2061 -72.72 31.85 -8.60
CA GLU B 2061 -72.44 32.51 -9.87
C GLU B 2061 -70.99 33.00 -9.93
N LEU B 2062 -70.49 33.51 -8.81
CA LEU B 2062 -69.09 33.94 -8.78
C LEU B 2062 -68.15 32.75 -8.95
N PHE B 2063 -68.49 31.61 -8.35
CA PHE B 2063 -67.68 30.41 -8.51
C PHE B 2063 -67.70 29.93 -9.96
N LYS B 2064 -68.88 29.92 -10.58
CA LYS B 2064 -69.02 29.44 -11.94
C LYS B 2064 -68.52 30.42 -12.98
N HIS B 2065 -68.31 31.69 -12.62
CA HIS B 2065 -67.78 32.64 -13.58
C HIS B 2065 -66.30 32.95 -13.42
N LEU B 2066 -65.73 32.74 -12.24
CA LEU B 2066 -64.31 33.05 -12.06
C LEU B 2066 -63.43 31.81 -12.00
N CYS B 2067 -63.87 30.77 -11.27
CA CYS B 2067 -63.07 29.58 -11.06
C CYS B 2067 -63.05 28.65 -12.26
N ILE B 2068 -63.94 28.83 -13.22
CA ILE B 2068 -64.01 27.92 -14.36
C ILE B 2068 -63.01 28.32 -15.43
N SER B 2069 -62.95 29.62 -15.76
CA SER B 2069 -62.10 30.11 -16.83
C SER B 2069 -60.89 30.90 -16.34
N GLY B 2070 -60.83 31.23 -15.04
CA GLY B 2070 -59.76 32.07 -14.54
C GLY B 2070 -58.44 31.34 -14.33
N THR B 2071 -57.41 32.13 -14.04
CA THR B 2071 -56.09 31.59 -13.74
C THR B 2071 -56.10 30.89 -12.38
N PRO B 2072 -55.19 29.93 -12.16
CA PRO B 2072 -55.19 29.19 -10.89
C PRO B 2072 -54.95 30.06 -9.67
N LYS B 2073 -54.17 31.13 -9.79
CA LYS B 2073 -53.91 31.99 -8.63
C LYS B 2073 -55.17 32.72 -8.18
N ILE B 2074 -55.88 33.35 -9.11
CA ILE B 2074 -57.11 34.05 -8.72
C ILE B 2074 -58.19 33.05 -8.33
N ARG B 2075 -58.15 31.84 -8.88
CA ARG B 2075 -59.11 30.81 -8.51
C ARG B 2075 -58.91 30.37 -7.07
N LEU B 2076 -57.67 30.03 -6.71
CA LEU B 2076 -57.37 29.63 -5.33
C LEU B 2076 -57.62 30.79 -4.36
N HIS B 2077 -57.30 32.01 -4.78
CA HIS B 2077 -57.47 33.16 -3.89
C HIS B 2077 -58.94 33.46 -3.65
N THR B 2078 -59.79 33.32 -4.67
CA THR B 2078 -61.21 33.56 -4.44
C THR B 2078 -61.84 32.40 -3.67
N GLY B 2079 -61.29 31.19 -3.80
CA GLY B 2079 -61.73 30.10 -2.93
C GLY B 2079 -61.38 30.39 -1.48
N LEU B 2080 -60.20 30.95 -1.25
CA LEU B 2080 -59.80 31.36 0.09
C LEU B 2080 -60.71 32.47 0.61
N LEU B 2081 -61.12 33.39 -0.27
CA LEU B 2081 -62.11 34.40 0.10
C LEU B 2081 -63.42 33.75 0.53
N LEU B 2082 -63.87 32.75 -0.23
CA LEU B 2082 -65.15 32.13 0.05
C LEU B 2082 -65.12 31.36 1.37
N VAL B 2083 -64.00 30.72 1.68
CA VAL B 2083 -63.96 29.99 2.95
C VAL B 2083 -63.74 30.94 4.13
N GLN B 2084 -62.97 32.02 3.96
CA GLN B 2084 -62.80 32.97 5.05
C GLN B 2084 -64.00 33.89 5.24
N LEU B 2085 -64.94 33.91 4.30
CA LEU B 2085 -66.12 34.77 4.40
C LEU B 2085 -67.37 33.97 4.75
N CYS B 2086 -67.71 32.95 3.97
CA CYS B 2086 -68.89 32.13 4.20
C CYS B 2086 -68.54 30.69 4.55
N GLY B 2087 -67.43 30.49 5.28
CA GLY B 2087 -67.04 29.13 5.62
C GLY B 2087 -68.03 28.40 6.51
N GLY B 2088 -68.68 29.12 7.41
CA GLY B 2088 -69.64 28.49 8.30
C GLY B 2088 -71.05 28.39 7.79
N GLU B 2089 -71.31 28.70 6.52
CA GLU B 2089 -72.67 28.67 6.00
C GLU B 2089 -73.17 27.23 5.83
N ARG B 2090 -74.49 27.09 5.95
CA ARG B 2090 -75.18 25.80 5.89
C ARG B 2090 -75.33 25.23 4.48
N TRP B 2091 -75.14 26.04 3.45
CA TRP B 2091 -75.41 25.62 2.07
C TRP B 2091 -74.16 25.23 1.29
N TRP B 2092 -73.00 25.14 1.95
CA TRP B 2092 -71.77 24.86 1.22
C TRP B 2092 -71.72 23.43 0.68
N GLY B 2093 -72.15 22.45 1.48
CA GLY B 2093 -72.14 21.09 0.98
C GLY B 2093 -73.11 20.89 -0.16
N GLN B 2094 -74.27 21.55 -0.08
CA GLN B 2094 -75.22 21.48 -1.19
C GLN B 2094 -74.67 22.16 -2.44
N PHE B 2095 -73.97 23.28 -2.28
CA PHE B 2095 -73.34 23.94 -3.42
C PHE B 2095 -72.27 23.05 -4.04
N LEU B 2096 -71.49 22.36 -3.20
CA LEU B 2096 -70.47 21.45 -3.71
C LEU B 2096 -71.11 20.30 -4.47
N SER B 2097 -72.20 19.74 -3.94
CA SER B 2097 -72.87 18.66 -4.65
C SER B 2097 -73.44 19.13 -5.98
N ASN B 2098 -74.02 20.34 -6.02
CA ASN B 2098 -74.54 20.85 -7.28
C ASN B 2098 -73.44 21.11 -8.29
N VAL B 2099 -72.31 21.69 -7.85
CA VAL B 2099 -71.25 22.00 -8.81
C VAL B 2099 -70.54 20.74 -9.30
N LEU B 2100 -70.44 19.71 -8.44
CA LEU B 2100 -69.94 18.41 -8.90
C LEU B 2100 -70.88 17.79 -9.91
N GLN B 2101 -72.19 17.83 -9.64
CA GLN B 2101 -73.14 17.19 -10.54
C GLN B 2101 -73.24 17.93 -11.87
N GLU B 2102 -73.13 19.25 -11.85
CA GLU B 2102 -73.26 20.05 -13.07
C GLU B 2102 -71.94 20.34 -13.75
N LEU B 2103 -70.81 19.87 -13.22
CA LEU B 2103 -69.54 20.01 -13.92
C LEU B 2103 -68.99 18.72 -14.50
N TYR B 2104 -69.18 17.58 -13.82
CA TYR B 2104 -68.52 16.34 -14.20
C TYR B 2104 -69.46 15.31 -14.82
N ASN B 2105 -70.55 15.77 -15.44
CA ASN B 2105 -71.40 14.84 -16.17
C ASN B 2105 -70.69 14.35 -17.42
N SER B 2106 -71.06 13.15 -17.86
CA SER B 2106 -70.54 12.63 -19.12
C SER B 2106 -71.09 13.40 -20.31
N GLU B 2107 -72.23 14.05 -20.14
CA GLU B 2107 -72.86 14.89 -21.14
C GLU B 2107 -72.43 16.35 -21.04
N GLN B 2108 -71.53 16.68 -20.13
CA GLN B 2108 -71.07 18.05 -19.94
C GLN B 2108 -70.16 18.45 -21.10
N LEU B 2109 -70.62 19.40 -21.92
CA LEU B 2109 -69.88 19.86 -23.08
C LEU B 2109 -68.94 21.02 -22.75
N LEU B 2110 -68.93 21.48 -21.50
CA LEU B 2110 -68.04 22.57 -21.12
C LEU B 2110 -66.61 22.07 -21.07
N ILE B 2111 -65.69 22.87 -21.61
CA ILE B 2111 -64.27 22.55 -21.64
C ILE B 2111 -63.61 23.31 -20.49
N PHE B 2112 -63.36 22.61 -19.38
CA PHE B 2112 -62.77 23.19 -18.19
C PHE B 2112 -61.73 22.22 -17.65
N PRO B 2113 -60.70 22.74 -16.95
CA PRO B 2113 -59.66 21.85 -16.42
C PRO B 2113 -60.16 21.03 -15.24
N GLN B 2114 -60.76 19.87 -15.53
CA GLN B 2114 -61.44 19.09 -14.50
C GLN B 2114 -60.50 18.66 -13.39
N ASP B 2115 -59.25 18.36 -13.70
CA ASP B 2115 -58.34 17.81 -12.69
C ASP B 2115 -57.95 18.88 -11.67
N ARG B 2116 -57.55 20.06 -12.14
CA ARG B 2116 -57.07 21.09 -11.23
C ARG B 2116 -58.21 21.72 -10.44
N VAL B 2117 -59.37 21.92 -11.09
CA VAL B 2117 -60.50 22.41 -10.32
C VAL B 2117 -61.05 21.33 -9.39
N PHE B 2118 -60.84 20.06 -9.72
CA PHE B 2118 -61.22 18.99 -8.79
C PHE B 2118 -60.32 18.94 -7.56
N MET B 2119 -59.01 19.10 -7.74
CA MET B 2119 -58.12 19.17 -6.59
C MET B 2119 -58.38 20.43 -5.76
N LEU B 2120 -58.67 21.56 -6.41
CA LEU B 2120 -59.06 22.76 -5.66
C LEU B 2120 -60.37 22.54 -4.90
N LEU B 2121 -61.32 21.84 -5.51
CA LEU B 2121 -62.58 21.55 -4.82
C LEU B 2121 -62.33 20.70 -3.60
N SER B 2122 -61.41 19.73 -3.72
CA SER B 2122 -61.05 18.92 -2.56
C SER B 2122 -60.40 19.78 -1.48
N CYS B 2123 -59.55 20.73 -1.89
CA CYS B 2123 -58.90 21.63 -0.93
C CYS B 2123 -59.91 22.51 -0.21
N ILE B 2124 -60.86 23.10 -0.93
CA ILE B 2124 -61.82 23.99 -0.28
C ILE B 2124 -62.80 23.20 0.56
N GLY B 2125 -63.09 21.96 0.18
CA GLY B 2125 -63.89 21.10 1.04
C GLY B 2125 -63.15 20.74 2.30
N GLN B 2126 -61.84 20.50 2.18
CA GLN B 2126 -61.00 20.21 3.33
C GLN B 2126 -60.88 21.42 4.25
N ARG B 2127 -61.01 22.62 3.68
CA ARG B 2127 -61.09 23.83 4.50
C ARG B 2127 -62.45 23.95 5.18
N SER B 2128 -63.53 23.64 4.48
CA SER B 2128 -64.89 23.79 5.01
C SER B 2128 -65.36 22.59 5.81
N LEU B 2129 -64.47 21.61 6.05
CA LEU B 2129 -64.81 20.47 6.90
C LEU B 2129 -65.16 20.87 8.32
N SER B 2130 -64.79 22.09 8.74
CA SER B 2130 -65.25 22.60 10.03
C SER B 2130 -66.77 22.72 10.07
N ASN B 2131 -67.39 23.09 8.95
CA ASN B 2131 -68.84 23.06 8.85
C ASN B 2131 -69.29 21.60 8.82
N SER B 2132 -70.39 21.30 9.51
CA SER B 2132 -70.92 19.94 9.56
C SER B 2132 -71.87 19.62 8.42
N GLY B 2133 -72.15 20.57 7.55
CA GLY B 2133 -73.09 20.31 6.47
C GLY B 2133 -72.44 19.72 5.24
N VAL B 2134 -71.12 19.91 5.12
CA VAL B 2134 -70.41 19.46 3.92
C VAL B 2134 -70.34 17.94 3.87
N LEU B 2135 -69.97 17.29 4.99
CA LEU B 2135 -69.88 15.84 5.02
C LEU B 2135 -71.25 15.19 4.85
N GLU B 2136 -72.26 15.74 5.53
CA GLU B 2136 -73.61 15.22 5.40
C GLU B 2136 -74.13 15.34 3.97
N SER B 2137 -73.90 16.49 3.34
CA SER B 2137 -74.38 16.68 1.98
C SER B 2137 -73.61 15.83 0.98
N LEU B 2138 -72.32 15.61 1.18
CA LEU B 2138 -71.60 14.76 0.23
C LEU B 2138 -72.00 13.30 0.37
N LEU B 2139 -72.22 12.81 1.60
CA LEU B 2139 -72.70 11.44 1.72
C LEU B 2139 -74.13 11.31 1.21
N ASN B 2140 -74.95 12.35 1.34
CA ASN B 2140 -76.27 12.33 0.74
C ASN B 2140 -76.19 12.33 -0.78
N LEU B 2141 -75.22 13.05 -1.34
CA LEU B 2141 -74.99 13.02 -2.78
C LEU B 2141 -74.58 11.64 -3.23
N LEU B 2142 -73.74 10.95 -2.45
CA LEU B 2142 -73.39 9.57 -2.75
C LEU B 2142 -74.62 8.67 -2.70
N ASP B 2143 -75.45 8.84 -1.67
CA ASP B 2143 -76.66 8.02 -1.53
C ASP B 2143 -77.59 8.22 -2.73
N ASN B 2144 -77.68 9.46 -3.21
CA ASN B 2144 -78.47 9.74 -4.40
C ASN B 2144 -77.79 9.13 -5.61
N LEU B 2145 -76.46 9.13 -5.62
CA LEU B 2145 -75.74 8.73 -6.82
C LEU B 2145 -75.91 7.23 -7.05
N LEU B 2146 -75.62 6.41 -6.03
CA LEU B 2146 -75.86 4.98 -6.21
C LEU B 2146 -77.22 4.56 -5.66
N SER B 2147 -78.23 5.44 -5.73
CA SER B 2147 -79.59 5.00 -5.48
C SER B 2147 -80.05 3.87 -6.40
N PRO B 2148 -79.70 3.82 -7.72
CA PRO B 2148 -80.12 2.68 -8.55
C PRO B 2148 -79.56 1.32 -8.10
N LEU B 2149 -78.69 1.33 -7.09
CA LEU B 2149 -78.19 0.10 -6.47
C LEU B 2149 -78.90 -0.17 -5.15
N GLN B 2150 -80.20 0.10 -5.09
CA GLN B 2150 -80.98 -0.10 -3.89
C GLN B 2150 -81.23 -1.59 -3.62
N VAL B 2162 -78.34 5.26 -16.22
CA VAL B 2162 -77.44 4.11 -16.07
C VAL B 2162 -76.29 4.46 -15.13
N LEU B 2163 -75.31 3.56 -15.03
CA LEU B 2163 -74.18 3.78 -14.14
C LEU B 2163 -73.15 4.69 -14.81
N ASP B 2164 -72.60 5.62 -14.03
CA ASP B 2164 -71.59 6.58 -14.49
C ASP B 2164 -70.25 6.31 -13.81
N ILE B 2165 -69.42 5.45 -14.42
CA ILE B 2165 -68.18 5.04 -13.76
C ILE B 2165 -67.18 6.19 -13.55
N PRO B 2166 -66.88 7.05 -14.55
CA PRO B 2166 -65.91 8.12 -14.27
C PRO B 2166 -66.34 9.15 -13.24
N MET B 2167 -67.58 9.65 -13.31
CA MET B 2167 -68.03 10.66 -12.35
C MET B 2167 -68.16 10.09 -10.94
N ILE B 2168 -68.66 8.85 -10.82
CA ILE B 2168 -68.71 8.16 -9.54
C ILE B 2168 -67.30 8.01 -8.97
N SER B 2169 -66.34 7.66 -9.83
CA SER B 2169 -64.96 7.53 -9.38
C SER B 2169 -64.44 8.86 -8.88
N TRP B 2170 -64.73 9.94 -9.61
CA TRP B 2170 -64.32 11.28 -9.19
C TRP B 2170 -64.87 11.61 -7.81
N VAL B 2171 -66.17 11.39 -7.60
CA VAL B 2171 -66.75 11.80 -6.32
C VAL B 2171 -66.28 10.89 -5.18
N VAL B 2172 -66.03 9.60 -5.45
CA VAL B 2172 -65.59 8.75 -4.35
C VAL B 2172 -64.13 9.02 -3.98
N MET B 2173 -63.28 9.35 -4.95
CA MET B 2173 -61.92 9.76 -4.60
C MET B 2173 -61.92 11.11 -3.91
N LEU B 2174 -62.89 11.99 -4.26
CA LEU B 2174 -63.02 13.26 -3.55
C LEU B 2174 -63.38 13.04 -2.09
N VAL B 2175 -64.39 12.20 -1.84
CA VAL B 2175 -64.79 11.98 -0.45
C VAL B 2175 -63.73 11.17 0.29
N SER B 2176 -62.93 10.38 -0.42
CA SER B 2176 -61.84 9.68 0.23
C SER B 2176 -60.75 10.64 0.69
N ARG B 2177 -60.41 11.63 -0.15
CA ARG B 2177 -59.47 12.66 0.29
C ARG B 2177 -60.01 13.48 1.44
N LEU B 2178 -61.31 13.82 1.39
CA LEU B 2178 -61.92 14.59 2.47
C LEU B 2178 -61.90 13.80 3.78
N LEU B 2179 -62.15 12.48 3.70
CA LEU B 2179 -62.13 11.67 4.89
C LEU B 2179 -60.71 11.43 5.38
N ASP B 2180 -59.72 11.45 4.48
CA ASP B 2180 -58.34 11.39 4.92
C ASP B 2180 -57.98 12.66 5.70
N TYR B 2181 -58.49 13.82 5.27
CA TYR B 2181 -58.30 15.02 6.08
C TYR B 2181 -59.04 14.93 7.41
N VAL B 2182 -60.23 14.33 7.41
CA VAL B 2182 -60.95 14.16 8.67
C VAL B 2182 -60.17 13.27 9.63
N ALA B 2183 -59.62 12.17 9.12
CA ALA B 2183 -58.83 11.27 9.95
C ALA B 2183 -57.54 11.93 10.43
N THR B 2184 -56.89 12.73 9.57
CA THR B 2184 -55.69 13.44 9.99
C THR B 2184 -56.00 14.47 11.07
N VAL B 2185 -57.11 15.20 10.94
CA VAL B 2185 -57.50 16.18 11.96
C VAL B 2185 -57.81 15.48 13.28
N GLU B 2186 -58.54 14.35 13.23
CA GLU B 2186 -58.83 13.62 14.46
C GLU B 2186 -57.57 13.01 15.07
N ASP B 2187 -56.58 12.67 14.23
CA ASP B 2187 -55.32 12.15 14.74
C ASP B 2187 -54.52 13.23 15.45
N GLU B 2188 -54.36 14.39 14.82
CA GLU B 2188 -53.56 15.46 15.38
C GLU B 2188 -54.26 16.21 16.51
N ALA B 2189 -55.54 15.97 16.73
CA ALA B 2189 -56.27 16.62 17.81
C ALA B 2189 -56.81 15.60 18.80
N ASN B 2199 -54.25 4.09 10.11
CA ASN B 2199 -52.92 3.76 9.63
C ASN B 2199 -52.97 2.62 8.61
N GLN B 2200 -54.04 1.82 8.67
CA GLN B 2200 -54.19 0.71 7.74
C GLN B 2200 -54.47 1.18 6.32
N TRP B 2201 -54.96 2.42 6.15
CA TRP B 2201 -55.25 2.96 4.83
C TRP B 2201 -54.19 3.95 4.35
N SER B 2202 -52.99 3.87 4.90
CA SER B 2202 -51.90 4.76 4.53
C SER B 2202 -51.24 4.39 3.21
N PHE B 2203 -51.66 3.28 2.60
CA PHE B 2203 -51.12 2.78 1.34
C PHE B 2203 -51.62 3.55 0.13
N ILE B 2204 -52.41 4.59 0.32
CA ILE B 2204 -52.88 5.44 -0.77
C ILE B 2204 -52.13 6.76 -0.80
N ASN B 2205 -52.03 7.42 0.36
CA ASN B 2205 -51.34 8.70 0.45
C ASN B 2205 -49.82 8.56 0.53
N ASN B 2206 -49.31 7.32 0.58
CA ASN B 2206 -47.87 7.04 0.61
C ASN B 2206 -47.17 7.74 1.77
N PHE B 2321 -67.12 13.58 11.86
CA PHE B 2321 -67.92 14.07 12.97
C PHE B 2321 -69.08 13.12 13.26
N THR B 2322 -70.02 13.56 14.07
CA THR B 2322 -71.19 12.74 14.37
C THR B 2322 -72.13 12.71 13.16
N LEU B 2323 -72.57 11.51 12.80
CA LEU B 2323 -73.40 11.31 11.62
C LEU B 2323 -74.70 10.59 12.00
N ALA B 2324 -75.73 10.83 11.20
CA ALA B 2324 -77.02 10.17 11.42
C ALA B 2324 -76.90 8.69 11.10
N HIS B 2325 -77.64 7.88 11.85
CA HIS B 2325 -77.48 6.43 11.79
C HIS B 2325 -78.11 5.83 10.54
N GLU B 2326 -79.30 6.32 10.17
CA GLU B 2326 -80.09 5.67 9.13
C GLU B 2326 -79.47 5.88 7.74
N ARG B 2327 -79.10 7.11 7.42
CA ARG B 2327 -78.50 7.38 6.12
C ARG B 2327 -77.13 6.72 5.97
N CYS B 2328 -76.35 6.66 7.05
CA CYS B 2328 -75.09 5.93 7.01
C CYS B 2328 -75.32 4.44 6.76
N ILE B 2329 -76.32 3.86 7.42
CA ILE B 2329 -76.62 2.44 7.19
C ILE B 2329 -77.04 2.21 5.74
N SER B 2330 -77.86 3.11 5.20
CA SER B 2330 -78.33 2.95 3.83
C SER B 2330 -77.18 3.07 2.84
N VAL B 2331 -76.32 4.07 3.01
CA VAL B 2331 -75.20 4.22 2.07
C VAL B 2331 -74.19 3.09 2.25
N VAL B 2332 -74.06 2.53 3.45
CA VAL B 2332 -73.13 1.42 3.66
C VAL B 2332 -73.64 0.17 2.97
N GLN B 2333 -74.93 -0.15 3.13
CA GLN B 2333 -75.46 -1.35 2.48
C GLN B 2333 -75.52 -1.18 0.96
N LYS B 2334 -75.72 0.04 0.48
CA LYS B 2334 -75.66 0.28 -0.96
C LYS B 2334 -74.23 0.15 -1.47
N LEU B 2335 -73.25 0.56 -0.67
CA LEU B 2335 -71.85 0.35 -1.04
C LEU B 2335 -71.52 -1.14 -1.09
N VAL B 2336 -72.07 -1.93 -0.16
CA VAL B 2336 -71.87 -3.37 -0.20
C VAL B 2336 -72.51 -3.97 -1.44
N LEU B 2337 -73.71 -3.51 -1.79
CA LEU B 2337 -74.37 -4.01 -2.99
C LEU B 2337 -73.60 -3.60 -4.24
N PHE B 2338 -72.90 -2.47 -4.18
CA PHE B 2338 -71.98 -2.08 -5.25
C PHE B 2338 -70.78 -3.03 -5.30
N LEU B 2339 -70.30 -3.45 -4.12
CA LEU B 2339 -69.19 -4.39 -4.05
C LEU B 2339 -69.57 -5.73 -4.67
N LEU B 2340 -70.80 -6.18 -4.43
CA LEU B 2340 -71.23 -7.46 -4.94
C LEU B 2340 -71.46 -7.44 -6.45
N SER B 2341 -71.72 -6.26 -7.02
CA SER B 2341 -71.97 -6.08 -8.44
C SER B 2341 -70.72 -5.67 -9.20
N MET B 2342 -69.56 -6.14 -8.77
CA MET B 2342 -68.29 -5.79 -9.41
C MET B 2342 -67.99 -6.82 -10.50
N ASP B 2343 -68.01 -6.38 -11.75
CA ASP B 2343 -67.68 -7.22 -12.89
C ASP B 2343 -66.48 -6.63 -13.65
N PHE B 2344 -66.24 -7.17 -14.85
CA PHE B 2344 -65.09 -6.79 -15.65
C PHE B 2344 -65.08 -5.32 -16.05
N THR B 2345 -66.23 -4.66 -16.07
CA THR B 2345 -66.27 -3.22 -16.33
C THR B 2345 -65.67 -2.43 -15.17
N CYS B 2346 -65.96 -2.86 -13.94
CA CYS B 2346 -65.39 -2.21 -12.77
C CYS B 2346 -63.93 -2.62 -12.59
N HIS B 2347 -63.18 -1.79 -11.88
CA HIS B 2347 -61.75 -1.96 -11.70
C HIS B 2347 -61.41 -2.15 -10.22
N ALA B 2348 -60.11 -2.30 -9.94
CA ALA B 2348 -59.61 -2.66 -8.62
C ALA B 2348 -59.34 -1.44 -7.76
N ASP B 2349 -58.92 -0.33 -8.37
CA ASP B 2349 -58.67 0.90 -7.61
C ASP B 2349 -59.97 1.46 -7.03
N LEU B 2350 -61.06 1.37 -7.79
CA LEU B 2350 -62.36 1.73 -7.25
C LEU B 2350 -62.72 0.84 -6.08
N LEU B 2351 -62.37 -0.44 -6.15
CA LEU B 2351 -62.60 -1.37 -5.04
C LEU B 2351 -61.83 -0.97 -3.80
N LEU B 2352 -60.53 -0.67 -3.95
CA LEU B 2352 -59.75 -0.22 -2.78
C LEU B 2352 -60.36 1.04 -2.17
N PHE B 2353 -60.78 1.98 -3.00
CA PHE B 2353 -61.26 3.25 -2.44
C PHE B 2353 -62.62 3.08 -1.77
N VAL B 2354 -63.50 2.23 -2.33
CA VAL B 2354 -64.78 2.01 -1.66
C VAL B 2354 -64.59 1.21 -0.38
N CYS B 2355 -63.62 0.29 -0.34
CA CYS B 2355 -63.30 -0.40 0.92
C CYS B 2355 -62.82 0.59 1.97
N LYS B 2356 -61.94 1.51 1.57
CA LYS B 2356 -61.42 2.50 2.51
C LYS B 2356 -62.54 3.39 3.04
N VAL B 2357 -63.41 3.86 2.16
CA VAL B 2357 -64.47 4.75 2.63
C VAL B 2357 -65.52 3.99 3.43
N LEU B 2358 -65.70 2.69 3.15
CA LEU B 2358 -66.60 1.87 3.96
C LEU B 2358 -66.08 1.69 5.37
N ALA B 2359 -64.79 1.36 5.50
CA ALA B 2359 -64.20 1.24 6.83
C ALA B 2359 -64.24 2.57 7.57
N ARG B 2360 -63.98 3.67 6.87
CA ARG B 2360 -63.95 4.96 7.54
C ARG B 2360 -65.33 5.39 8.00
N ILE B 2361 -66.37 5.17 7.19
CA ILE B 2361 -67.72 5.51 7.62
C ILE B 2361 -68.18 4.58 8.74
N ALA B 2362 -67.81 3.30 8.67
CA ALA B 2362 -68.21 2.36 9.72
C ALA B 2362 -67.58 2.74 11.05
N ASN B 2363 -66.32 3.16 11.05
CA ASN B 2363 -65.68 3.53 12.31
C ASN B 2363 -66.05 4.93 12.75
N ALA B 2364 -66.44 5.80 11.82
CA ALA B 2364 -66.71 7.20 12.16
C ALA B 2364 -68.07 7.37 12.81
N THR B 2365 -69.08 6.59 12.40
CA THR B 2365 -70.42 6.77 12.93
C THR B 2365 -70.50 6.32 14.39
N ARG B 2366 -71.26 7.08 15.18
CA ARG B 2366 -71.52 6.76 16.58
C ARG B 2366 -72.97 6.36 16.75
N PRO B 2367 -73.29 5.10 17.10
CA PRO B 2367 -72.41 3.96 17.37
C PRO B 2367 -71.92 3.29 16.09
N THR B 2368 -70.96 2.38 16.18
CA THR B 2368 -70.41 1.74 14.99
C THR B 2368 -71.45 0.82 14.38
N ILE B 2369 -71.61 0.90 13.06
CA ILE B 2369 -72.53 0.03 12.35
C ILE B 2369 -71.97 -1.38 12.32
N HIS B 2370 -72.79 -2.36 12.71
CA HIS B 2370 -72.39 -3.75 12.74
C HIS B 2370 -72.84 -4.46 11.46
N LEU B 2371 -72.32 -5.67 11.27
CA LEU B 2371 -72.55 -6.39 10.01
C LEU B 2371 -73.90 -7.06 9.96
N CYS B 2372 -74.58 -7.22 11.10
CA CYS B 2372 -75.89 -7.86 11.09
C CYS B 2372 -76.89 -7.00 10.33
N GLU B 2373 -76.80 -5.68 10.51
CA GLU B 2373 -77.62 -4.73 9.76
C GLU B 2373 -76.97 -4.29 8.44
N ILE B 2374 -75.78 -4.79 8.13
CA ILE B 2374 -75.14 -4.48 6.87
C ILE B 2374 -75.44 -5.55 5.82
N VAL B 2375 -75.22 -6.81 6.15
CA VAL B 2375 -75.43 -7.90 5.21
C VAL B 2375 -76.30 -8.97 5.86
N ASN B 2376 -77.08 -9.65 5.02
CA ASN B 2376 -77.79 -10.85 5.43
C ASN B 2376 -76.89 -12.06 5.14
N GLU B 2377 -77.45 -13.26 5.31
CA GLU B 2377 -76.69 -14.48 5.06
C GLU B 2377 -76.22 -14.65 3.62
N PRO B 2378 -77.05 -14.42 2.58
CA PRO B 2378 -76.51 -14.60 1.22
C PRO B 2378 -75.43 -13.59 0.86
N GLN B 2379 -75.54 -12.35 1.31
CA GLN B 2379 -74.53 -11.35 0.99
C GLN B 2379 -73.21 -11.68 1.67
N LEU B 2380 -73.26 -12.07 2.94
CA LEU B 2380 -72.06 -12.46 3.64
C LEU B 2380 -71.45 -13.73 3.06
N GLU B 2381 -72.30 -14.67 2.62
CA GLU B 2381 -71.78 -15.87 1.98
C GLU B 2381 -71.09 -15.55 0.66
N ARG B 2382 -71.65 -14.62 -0.11
CA ARG B 2382 -71.02 -14.21 -1.35
C ARG B 2382 -69.68 -13.52 -1.07
N LEU B 2383 -69.65 -12.68 -0.02
CA LEU B 2383 -68.39 -12.03 0.35
C LEU B 2383 -67.33 -13.05 0.77
N LEU B 2384 -67.72 -14.06 1.55
CA LEU B 2384 -66.76 -15.06 2.01
C LEU B 2384 -66.23 -15.90 0.85
N LEU B 2385 -67.12 -16.36 -0.04
CA LEU B 2385 -66.68 -17.14 -1.19
C LEU B 2385 -65.88 -16.28 -2.16
N LEU B 2386 -66.12 -14.97 -2.16
CA LEU B 2386 -65.32 -14.03 -2.92
C LEU B 2386 -63.95 -13.83 -2.31
N LEU B 2387 -63.83 -13.92 -0.98
CA LEU B 2387 -62.55 -13.72 -0.32
C LEU B 2387 -61.66 -14.96 -0.35
N VAL B 2388 -62.22 -16.15 -0.19
CA VAL B 2388 -61.37 -17.33 -0.02
C VAL B 2388 -61.61 -18.43 -1.06
N GLY B 2389 -62.76 -18.48 -1.73
CA GLY B 2389 -62.99 -19.57 -2.67
C GLY B 2389 -62.17 -19.42 -3.94
N THR B 2390 -61.88 -20.55 -4.57
CA THR B 2390 -61.02 -20.55 -5.76
C THR B 2390 -61.82 -20.39 -7.04
N ASP B 2391 -63.09 -19.98 -6.93
CA ASP B 2391 -63.83 -19.55 -8.10
C ASP B 2391 -63.49 -18.12 -8.47
N PHE B 2392 -62.84 -17.38 -7.55
CA PHE B 2392 -62.33 -16.05 -7.84
C PHE B 2392 -60.88 -15.88 -7.40
N ASN B 2393 -60.33 -16.83 -6.64
CA ASN B 2393 -58.98 -16.75 -6.10
C ASN B 2393 -58.11 -17.88 -6.66
N ARG B 2394 -58.21 -18.12 -7.97
CA ARG B 2394 -57.43 -19.16 -8.62
C ARG B 2394 -56.28 -18.55 -9.41
N GLY B 2395 -55.08 -19.08 -9.20
CA GLY B 2395 -53.93 -18.59 -9.93
C GLY B 2395 -53.43 -17.26 -9.40
N ASP B 2396 -52.53 -16.66 -10.18
CA ASP B 2396 -51.91 -15.39 -9.83
C ASP B 2396 -52.84 -14.20 -10.07
N ILE B 2397 -54.06 -14.43 -10.55
CA ILE B 2397 -55.03 -13.37 -10.83
C ILE B 2397 -56.18 -13.53 -9.83
N SER B 2398 -55.83 -13.84 -8.59
CA SER B 2398 -56.77 -13.84 -7.47
C SER B 2398 -57.47 -12.49 -7.34
N TRP B 2399 -58.64 -12.46 -6.69
CA TRP B 2399 -59.59 -11.36 -6.78
C TRP B 2399 -59.05 -9.97 -6.48
N GLY B 2400 -58.93 -9.15 -7.52
CA GLY B 2400 -58.46 -7.79 -7.37
C GLY B 2400 -56.96 -7.67 -7.19
N GLY B 2401 -56.25 -8.78 -7.07
CA GLY B 2401 -54.84 -8.75 -6.75
C GLY B 2401 -54.65 -8.69 -5.25
N ALA B 2402 -53.40 -8.90 -4.84
CA ALA B 2402 -53.10 -8.96 -3.41
C ALA B 2402 -53.41 -7.65 -2.70
N TRP B 2403 -53.30 -6.52 -3.40
CA TRP B 2403 -53.67 -5.24 -2.81
C TRP B 2403 -55.17 -5.18 -2.50
N ALA B 2404 -56.01 -5.67 -3.41
CA ALA B 2404 -57.45 -5.64 -3.15
C ALA B 2404 -57.83 -6.64 -2.07
N GLN B 2405 -57.19 -7.82 -2.05
CA GLN B 2405 -57.47 -8.77 -0.97
C GLN B 2405 -57.07 -8.18 0.38
N TYR B 2406 -55.92 -7.52 0.43
CA TYR B 2406 -55.48 -6.89 1.67
C TYR B 2406 -56.43 -5.77 2.08
N SER B 2407 -56.95 -5.01 1.10
CA SER B 2407 -57.89 -3.94 1.41
C SER B 2407 -59.21 -4.49 1.94
N LEU B 2408 -59.68 -5.59 1.36
CA LEU B 2408 -60.89 -6.24 1.85
C LEU B 2408 -60.68 -6.73 3.27
N THR B 2409 -59.51 -7.33 3.53
CA THR B 2409 -59.21 -7.80 4.86
C THR B 2409 -59.16 -6.65 5.86
N CYS B 2410 -58.56 -5.52 5.47
CA CYS B 2410 -58.49 -4.39 6.37
C CYS B 2410 -59.85 -3.77 6.63
N MET B 2411 -60.72 -3.67 5.61
CA MET B 2411 -62.05 -3.12 5.87
C MET B 2411 -62.86 -4.04 6.79
N LEU B 2412 -62.84 -5.35 6.54
CA LEU B 2412 -63.58 -6.26 7.41
C LEU B 2412 -63.01 -6.25 8.82
N GLN B 2413 -61.68 -6.18 8.94
CA GLN B 2413 -61.05 -6.15 10.25
C GLN B 2413 -61.42 -4.87 11.00
N ASP B 2414 -61.50 -3.76 10.28
CA ASP B 2414 -61.88 -2.49 10.91
C ASP B 2414 -63.33 -2.54 11.39
N ILE B 2415 -64.22 -3.13 10.59
CA ILE B 2415 -65.62 -3.22 11.01
C ILE B 2415 -65.77 -4.15 12.21
N LEU B 2416 -65.04 -5.26 12.22
CA LEU B 2416 -65.07 -6.15 13.37
C LEU B 2416 -64.50 -5.49 14.61
N ALA B 2417 -63.39 -4.75 14.47
CA ALA B 2417 -62.82 -4.06 15.62
C ALA B 2417 -63.73 -2.96 16.14
N GLY B 2418 -64.46 -2.28 15.24
CA GLY B 2418 -65.47 -1.33 15.68
C GLY B 2418 -66.63 -2.00 16.37
N GLU B 2419 -66.97 -3.23 15.98
CA GLU B 2419 -68.04 -3.96 16.63
C GLU B 2419 -67.67 -4.33 18.07
N LEU B 2420 -66.39 -4.66 18.30
CA LEU B 2420 -65.93 -5.16 19.59
C LEU B 2420 -65.24 -4.11 20.44
N LEU B 2421 -65.74 -2.87 20.42
CA LEU B 2421 -65.19 -1.82 21.27
C LEU B 2421 -66.10 -1.57 22.47
N SER B 2562 -41.71 38.80 4.27
CA SER B 2562 -41.64 40.24 4.13
C SER B 2562 -40.78 40.64 2.94
N VAL B 2563 -40.23 41.85 2.99
CA VAL B 2563 -39.38 42.38 1.94
C VAL B 2563 -38.09 42.86 2.60
N SER B 2564 -37.07 43.10 1.78
CA SER B 2564 -35.79 43.58 2.29
C SER B 2564 -35.94 44.99 2.85
N GLN B 2565 -35.20 45.27 3.92
CA GLN B 2565 -35.17 46.61 4.52
C GLN B 2565 -34.17 47.46 3.72
N ALA B 2566 -34.58 47.79 2.50
CA ALA B 2566 -33.75 48.51 1.56
C ALA B 2566 -34.50 49.72 1.04
N LEU B 2567 -33.89 50.90 1.17
CA LEU B 2567 -34.51 52.15 0.75
C LEU B 2567 -33.50 52.98 -0.04
N ASP B 2568 -34.03 53.92 -0.82
CA ASP B 2568 -33.23 54.75 -1.71
C ASP B 2568 -32.32 55.66 -0.89
N ALA B 2569 -31.01 55.53 -1.10
CA ALA B 2569 -30.06 56.37 -0.36
C ALA B 2569 -29.91 57.75 -0.98
N ARG B 2570 -30.11 57.88 -2.29
CA ARG B 2570 -30.05 59.20 -2.91
C ARG B 2570 -31.29 60.03 -2.61
N LEU B 2571 -32.36 59.41 -2.13
CA LEU B 2571 -33.57 60.13 -1.77
C LEU B 2571 -33.53 60.66 -0.34
N GLU B 2572 -32.50 60.29 0.44
CA GLU B 2572 -32.34 60.79 1.79
C GLU B 2572 -32.13 62.31 1.81
N VAL B 2573 -31.61 62.88 0.71
CA VAL B 2573 -31.51 64.33 0.59
C VAL B 2573 -32.89 64.97 0.41
N GLY B 2574 -33.90 64.19 0.04
CA GLY B 2574 -35.25 64.68 -0.07
C GLY B 2574 -35.97 64.71 1.27
N LEU B 2575 -37.20 65.22 1.22
CA LEU B 2575 -38.02 65.36 2.41
C LEU B 2575 -38.99 64.20 2.62
N GLU B 2576 -39.12 63.31 1.64
CA GLU B 2576 -40.12 62.25 1.69
C GLU B 2576 -39.51 60.89 1.98
N GLN B 2577 -38.38 60.87 2.69
CA GLN B 2577 -37.77 59.59 3.06
C GLN B 2577 -38.63 58.85 4.07
N GLN B 2578 -39.12 59.55 5.09
CA GLN B 2578 -40.06 58.93 6.02
C GLN B 2578 -41.40 58.63 5.36
N ALA B 2579 -41.77 59.36 4.30
CA ALA B 2579 -42.99 59.04 3.57
C ALA B 2579 -42.87 57.71 2.85
N GLU B 2580 -41.76 57.49 2.15
CA GLU B 2580 -41.54 56.20 1.50
C GLU B 2580 -41.38 55.10 2.54
N LEU B 2581 -40.76 55.43 3.67
CA LEU B 2581 -40.59 54.50 4.76
C LEU B 2581 -41.94 54.02 5.31
N MET B 2582 -42.88 54.95 5.49
CA MET B 2582 -44.19 54.56 5.99
C MET B 2582 -45.01 53.85 4.92
N LEU B 2583 -44.87 54.21 3.63
CA LEU B 2583 -45.50 53.42 2.56
C LEU B 2583 -44.97 51.99 2.59
N LYS B 2584 -43.66 51.83 2.82
CA LYS B 2584 -43.08 50.49 2.85
C LYS B 2584 -43.58 49.70 4.05
N MET B 2585 -43.82 50.37 5.18
CA MET B 2585 -44.33 49.57 6.29
C MET B 2585 -45.81 49.24 6.14
N MET B 2586 -46.61 50.07 5.45
CA MET B 2586 -47.91 49.58 5.00
C MET B 2586 -47.78 48.35 4.11
N SER B 2587 -46.84 48.38 3.16
CA SER B 2587 -46.69 47.23 2.27
C SER B 2587 -46.31 45.97 3.05
N THR B 2588 -45.42 46.10 4.03
CA THR B 2588 -45.01 44.93 4.79
C THR B 2588 -46.15 44.41 5.68
N LEU B 2589 -46.91 45.32 6.29
CA LEU B 2589 -48.06 44.85 7.08
C LEU B 2589 -49.12 44.23 6.17
N GLU B 2590 -49.24 44.73 4.94
CA GLU B 2590 -50.12 44.12 3.95
C GLU B 2590 -49.69 42.69 3.66
N ALA B 2591 -48.40 42.48 3.39
CA ALA B 2591 -47.92 41.14 3.10
C ALA B 2591 -48.11 40.21 4.29
N ASP B 2592 -47.84 40.71 5.50
CA ASP B 2592 -48.01 39.89 6.69
C ASP B 2592 -49.46 39.52 6.93
N SER B 2593 -50.37 40.49 6.74
CA SER B 2593 -51.80 40.23 6.92
C SER B 2593 -52.31 39.26 5.87
N ILE B 2594 -51.79 39.34 4.65
CA ILE B 2594 -52.24 38.43 3.60
C ILE B 2594 -51.74 37.01 3.87
N LEU B 2595 -50.50 36.88 4.32
CA LEU B 2595 -50.00 35.56 4.68
C LEU B 2595 -50.76 34.98 5.86
N GLN B 2596 -51.13 35.83 6.83
CA GLN B 2596 -51.91 35.36 7.98
C GLN B 2596 -53.31 34.95 7.56
N ALA B 2597 -53.91 35.67 6.60
CA ALA B 2597 -55.24 35.30 6.12
C ALA B 2597 -55.20 33.99 5.34
N LEU B 2598 -54.12 33.73 4.59
CA LEU B 2598 -54.01 32.44 3.92
C LEU B 2598 -53.77 31.31 4.91
N THR B 2599 -52.95 31.55 5.94
CA THR B 2599 -52.64 30.47 6.87
C THR B 2599 -53.79 30.19 7.83
N ASN B 2600 -54.51 31.21 8.27
CA ASN B 2600 -55.57 31.02 9.26
C ASN B 2600 -56.80 30.38 8.63
N THR B 2601 -57.47 29.54 9.40
CA THR B 2601 -58.70 28.87 8.96
C THR B 2601 -59.91 29.69 9.42
N SER B 2602 -61.10 29.11 9.29
CA SER B 2602 -62.33 29.77 9.69
C SER B 2602 -62.78 29.23 11.04
N PRO B 2603 -62.81 30.05 12.10
CA PRO B 2603 -63.26 29.61 13.43
C PRO B 2603 -64.76 29.33 13.47
N LEU B 2633 -77.44 -8.11 18.89
CA LEU B 2633 -77.27 -7.88 17.46
C LEU B 2633 -75.88 -8.32 16.98
N SER B 2634 -75.45 -9.50 17.41
CA SER B 2634 -74.16 -10.02 17.01
C SER B 2634 -74.30 -10.88 15.76
N SER B 2635 -73.37 -10.67 14.82
CA SER B 2635 -73.33 -11.41 13.57
C SER B 2635 -72.48 -12.68 13.68
N VAL B 2636 -72.07 -13.04 14.89
CA VAL B 2636 -71.23 -14.23 15.08
C VAL B 2636 -71.91 -15.53 14.66
N PRO B 2637 -73.17 -15.82 15.02
CA PRO B 2637 -73.75 -17.09 14.56
C PRO B 2637 -73.90 -17.24 13.05
N MET B 2638 -74.26 -16.19 12.32
CA MET B 2638 -74.37 -16.35 10.87
C MET B 2638 -73.01 -16.50 10.20
N LEU B 2639 -71.98 -15.82 10.72
CA LEU B 2639 -70.64 -16.05 10.17
C LEU B 2639 -70.15 -17.46 10.50
N ASN B 2640 -70.46 -17.97 11.71
CA ASN B 2640 -70.09 -19.36 12.01
C ASN B 2640 -70.77 -20.31 11.05
N VAL B 2641 -72.04 -20.06 10.75
CA VAL B 2641 -72.78 -20.89 9.81
C VAL B 2641 -72.13 -20.82 8.43
N CYS B 2642 -71.75 -19.62 7.99
CA CYS B 2642 -71.15 -19.47 6.68
C CYS B 2642 -69.78 -20.15 6.59
N PHE B 2643 -68.97 -20.06 7.65
CA PHE B 2643 -67.68 -20.72 7.59
C PHE B 2643 -67.83 -22.23 7.67
N ASN B 2644 -68.82 -22.73 8.41
CA ASN B 2644 -69.07 -24.17 8.38
C ASN B 2644 -69.57 -24.64 7.02
N LYS B 2645 -70.37 -23.81 6.34
CA LYS B 2645 -70.78 -24.13 4.98
C LYS B 2645 -69.59 -24.18 4.04
N LEU B 2646 -68.67 -23.22 4.19
CA LEU B 2646 -67.45 -23.20 3.38
C LEU B 2646 -66.58 -24.41 3.67
N PHE B 2647 -66.49 -24.79 4.95
CA PHE B 2647 -65.66 -25.90 5.36
C PHE B 2647 -66.25 -27.22 4.92
N SER B 2648 -67.56 -27.28 4.70
CA SER B 2648 -68.14 -28.50 4.14
C SER B 2648 -68.08 -28.52 2.62
N MET B 2649 -68.04 -27.35 1.96
CA MET B 2649 -68.06 -27.33 0.51
C MET B 2649 -66.67 -27.24 -0.10
N LEU B 2650 -65.63 -27.08 0.73
CA LEU B 2650 -64.26 -27.13 0.21
C LEU B 2650 -63.83 -28.53 -0.20
N GLN B 2651 -64.61 -29.56 0.13
CA GLN B 2651 -64.24 -30.93 -0.17
C GLN B 2651 -64.23 -31.20 -1.66
N VAL B 2652 -64.95 -30.40 -2.44
CA VAL B 2652 -65.02 -30.55 -3.89
C VAL B 2652 -64.01 -29.66 -4.60
N HIS B 2653 -62.96 -29.22 -3.88
CA HIS B 2653 -61.89 -28.39 -4.43
C HIS B 2653 -62.43 -27.06 -4.97
N HIS B 2654 -63.34 -26.44 -4.22
CA HIS B 2654 -63.92 -25.17 -4.62
C HIS B 2654 -63.39 -23.99 -3.83
N VAL B 2655 -62.60 -24.23 -2.78
CA VAL B 2655 -61.99 -23.17 -1.98
C VAL B 2655 -60.51 -23.48 -1.81
N GLN B 2656 -59.66 -22.47 -1.99
CA GLN B 2656 -58.25 -22.63 -1.69
C GLN B 2656 -58.05 -22.79 -0.18
N LEU B 2657 -57.20 -23.75 0.20
CA LEU B 2657 -57.01 -24.05 1.61
C LEU B 2657 -56.16 -22.99 2.30
N GLU B 2658 -55.08 -22.53 1.65
CA GLU B 2658 -54.19 -21.56 2.27
C GLU B 2658 -54.91 -20.23 2.49
N SER B 2659 -55.69 -19.78 1.50
CA SER B 2659 -56.40 -18.52 1.63
C SER B 2659 -57.46 -18.61 2.73
N LEU B 2660 -58.17 -19.75 2.79
CA LEU B 2660 -59.16 -19.93 3.84
C LEU B 2660 -58.55 -19.93 5.23
N LEU B 2661 -57.44 -20.65 5.41
CA LEU B 2661 -56.82 -20.68 6.73
C LEU B 2661 -56.24 -19.31 7.12
N GLN B 2662 -55.58 -18.62 6.19
CA GLN B 2662 -55.03 -17.31 6.52
C GLN B 2662 -56.12 -16.32 6.87
N LEU B 2663 -57.22 -16.33 6.11
CA LEU B 2663 -58.29 -15.39 6.44
C LEU B 2663 -58.96 -15.75 7.77
N TRP B 2664 -59.15 -17.05 8.06
CA TRP B 2664 -59.78 -17.36 9.33
C TRP B 2664 -58.87 -17.01 10.50
N LEU B 2665 -57.55 -17.09 10.31
CA LEU B 2665 -56.65 -16.70 11.39
C LEU B 2665 -56.65 -15.18 11.55
N THR B 2666 -56.77 -14.43 10.46
CA THR B 2666 -56.75 -12.98 10.58
C THR B 2666 -58.04 -12.46 11.22
N LEU B 2667 -59.19 -13.03 10.85
CA LEU B 2667 -60.44 -12.55 11.43
C LEU B 2667 -60.60 -12.96 12.89
N SER B 2668 -59.90 -14.00 13.32
CA SER B 2668 -59.98 -14.50 14.68
C SER B 2668 -58.93 -13.89 15.61
N LEU B 2669 -58.07 -13.02 15.09
CA LEU B 2669 -56.97 -12.44 15.86
C LEU B 2669 -57.21 -10.98 16.18
N ASN B 2670 -58.38 -10.44 15.86
CA ASN B 2670 -58.65 -9.02 16.06
C ASN B 2670 -59.02 -8.66 17.50
N SER B 2671 -59.21 -9.66 18.37
CA SER B 2671 -59.54 -9.38 19.76
C SER B 2671 -58.29 -9.03 20.56
N LEU B 2685 -50.86 -9.21 16.66
CA LEU B 2685 -49.73 -9.88 17.30
C LEU B 2685 -50.15 -11.30 17.69
N TYR B 2686 -49.32 -12.28 17.36
CA TYR B 2686 -49.64 -13.67 17.63
C TYR B 2686 -49.32 -14.05 19.07
N ASN B 2687 -50.19 -14.86 19.67
CA ASN B 2687 -49.96 -15.40 21.01
C ASN B 2687 -50.69 -16.72 21.14
N ALA B 2688 -50.07 -17.67 21.85
CA ALA B 2688 -50.69 -18.97 22.04
C ALA B 2688 -51.84 -18.91 23.04
N ASN B 2689 -51.94 -17.84 23.82
CA ASN B 2689 -53.01 -17.67 24.78
C ASN B 2689 -54.19 -16.88 24.24
N ARG B 2690 -54.11 -16.39 23.00
CA ARG B 2690 -55.21 -15.62 22.43
C ARG B 2690 -56.35 -16.57 22.07
N ILE B 2691 -57.57 -16.17 22.44
CA ILE B 2691 -58.77 -16.94 22.10
C ILE B 2691 -59.32 -16.42 20.77
N PRO B 2692 -59.47 -17.27 19.75
CA PRO B 2692 -60.06 -16.82 18.48
C PRO B 2692 -61.53 -16.49 18.65
N VAL B 2693 -61.98 -15.46 17.94
CA VAL B 2693 -63.38 -15.04 18.07
C VAL B 2693 -64.36 -15.85 17.22
N ILE B 2694 -63.91 -16.60 16.23
CA ILE B 2694 -64.81 -17.45 15.43
C ILE B 2694 -64.69 -18.89 15.91
N SER B 2695 -65.72 -19.38 16.62
CA SER B 2695 -65.72 -20.75 17.10
C SER B 2695 -66.15 -21.69 15.97
N LEU B 2696 -65.34 -22.72 15.72
CA LEU B 2696 -65.59 -23.61 14.60
C LEU B 2696 -66.38 -24.85 15.02
N ASN B 2697 -66.50 -25.82 14.10
CA ASN B 2697 -67.34 -27.00 14.27
C ASN B 2697 -66.45 -28.24 14.15
N GLN B 2698 -66.90 -29.33 14.79
CA GLN B 2698 -66.18 -30.60 14.76
C GLN B 2698 -66.06 -31.20 13.37
N ALA B 2699 -67.16 -31.22 12.61
CA ALA B 2699 -67.10 -31.73 11.24
C ALA B 2699 -66.21 -30.88 10.36
N SER B 2700 -66.23 -29.57 10.58
CA SER B 2700 -65.35 -28.66 9.85
C SER B 2700 -63.88 -28.94 10.14
N ILE B 2701 -63.56 -29.18 11.42
CA ILE B 2701 -62.19 -29.44 11.81
C ILE B 2701 -61.71 -30.77 11.23
N THR B 2702 -62.55 -31.79 11.29
CA THR B 2702 -62.16 -33.09 10.74
C THR B 2702 -62.01 -33.06 9.22
N SER B 2703 -62.89 -32.34 8.52
CA SER B 2703 -62.76 -32.22 7.07
C SER B 2703 -61.50 -31.45 6.69
N PHE B 2704 -61.21 -30.36 7.40
CA PHE B 2704 -59.98 -29.61 7.16
C PHE B 2704 -58.75 -30.49 7.42
N LEU B 2705 -58.77 -31.26 8.50
CA LEU B 2705 -57.63 -32.11 8.83
C LEU B 2705 -57.42 -33.20 7.78
N THR B 2706 -58.50 -33.79 7.29
CA THR B 2706 -58.33 -34.87 6.33
C THR B 2706 -57.93 -34.33 4.95
N VAL B 2707 -58.39 -33.12 4.60
CA VAL B 2707 -57.94 -32.56 3.32
C VAL B 2707 -56.50 -32.06 3.44
N LEU B 2708 -56.02 -31.78 4.66
CA LEU B 2708 -54.62 -31.43 4.82
C LEU B 2708 -53.75 -32.68 4.74
N ALA B 2709 -54.22 -33.78 5.33
CA ALA B 2709 -53.48 -35.02 5.24
C ALA B 2709 -53.51 -35.61 3.84
N TRP B 2710 -54.54 -35.28 3.05
CA TRP B 2710 -54.59 -35.73 1.67
C TRP B 2710 -53.63 -34.96 0.78
N TYR B 2711 -53.25 -33.74 1.16
CA TYR B 2711 -52.57 -32.82 0.27
C TYR B 2711 -51.07 -33.03 0.43
N PRO B 2712 -50.36 -33.49 -0.59
CA PRO B 2712 -48.91 -33.66 -0.47
C PRO B 2712 -48.16 -32.44 -1.00
N ASN B 2713 -46.85 -32.43 -0.74
CA ASN B 2713 -45.97 -31.29 -1.02
C ASN B 2713 -46.51 -30.01 -0.39
N THR B 2714 -46.91 -30.12 0.87
CA THR B 2714 -47.37 -28.98 1.64
C THR B 2714 -46.18 -28.09 1.96
N LEU B 2715 -46.21 -26.84 1.51
CA LEU B 2715 -45.02 -26.02 1.69
C LEU B 2715 -44.86 -25.60 3.16
N LEU B 2716 -43.66 -25.13 3.50
CA LEU B 2716 -43.38 -24.71 4.87
C LEU B 2716 -44.05 -23.40 5.22
N ARG B 2717 -44.22 -22.50 4.25
CA ARG B 2717 -45.10 -21.34 4.45
C ARG B 2717 -46.48 -21.82 4.90
N THR B 2718 -47.07 -22.70 4.09
CA THR B 2718 -48.36 -23.28 4.42
C THR B 2718 -48.27 -24.13 5.68
N TRP B 2719 -47.11 -24.75 5.95
CA TRP B 2719 -47.00 -25.58 7.15
C TRP B 2719 -46.99 -24.75 8.43
N CYS B 2720 -46.30 -23.61 8.42
CA CYS B 2720 -46.33 -22.74 9.59
C CYS B 2720 -47.70 -22.12 9.76
N LEU B 2721 -48.35 -21.80 8.65
CA LEU B 2721 -49.74 -21.35 8.71
C LEU B 2721 -50.64 -22.43 9.32
N VAL B 2722 -50.42 -23.70 8.94
CA VAL B 2722 -51.18 -24.81 9.50
C VAL B 2722 -50.93 -24.93 10.98
N LEU B 2723 -49.67 -24.80 11.41
CA LEU B 2723 -49.34 -24.95 12.82
C LEU B 2723 -49.99 -23.86 13.65
N HIS B 2724 -50.00 -22.62 13.14
CA HIS B 2724 -50.67 -21.55 13.86
C HIS B 2724 -52.18 -21.81 13.93
N SER B 2725 -52.77 -22.29 12.84
CA SER B 2725 -54.20 -22.58 12.84
C SER B 2725 -54.53 -23.72 13.79
N LEU B 2726 -53.67 -24.73 13.88
CA LEU B 2726 -53.89 -25.84 14.80
C LEU B 2726 -53.69 -25.42 16.25
N THR B 2727 -52.77 -24.49 16.49
CA THR B 2727 -52.66 -23.90 17.82
C THR B 2727 -53.95 -23.21 18.19
N LEU B 2728 -54.55 -22.49 17.24
CA LEU B 2728 -55.84 -21.86 17.51
C LEU B 2728 -56.94 -22.91 17.71
N MET B 2729 -56.85 -24.04 17.00
CA MET B 2729 -57.81 -25.13 17.19
C MET B 2729 -57.67 -25.78 18.55
N THR B 2730 -56.48 -25.72 19.14
CA THR B 2730 -56.32 -26.08 20.54
C THR B 2730 -56.85 -24.99 21.47
N ASN B 2731 -56.83 -23.74 21.01
CA ASN B 2731 -57.29 -22.65 21.87
C ASN B 2731 -58.80 -22.63 22.01
N MET B 2732 -59.54 -23.19 21.05
CA MET B 2732 -60.99 -23.12 21.06
C MET B 2732 -61.66 -24.06 22.06
N GLN B 2733 -62.96 -23.86 22.15
CA GLN B 2733 -63.91 -24.60 22.96
C GLN B 2733 -65.05 -25.05 22.05
N LEU B 2734 -65.66 -26.18 22.37
CA LEU B 2734 -66.69 -26.75 21.53
C LEU B 2734 -68.05 -26.65 22.22
N ASN B 2735 -69.08 -26.38 21.43
CA ASN B 2735 -70.45 -26.32 21.92
C ASN B 2735 -71.35 -27.27 21.13
N GLN B 2745 -69.97 -33.42 25.31
CA GLN B 2745 -69.17 -32.29 25.79
C GLN B 2745 -67.70 -32.69 25.94
N GLU B 2746 -67.20 -33.46 24.97
CA GLU B 2746 -65.81 -33.87 24.98
C GLU B 2746 -64.90 -32.70 24.62
N SER B 2747 -63.64 -32.81 25.01
CA SER B 2747 -62.68 -31.74 24.75
C SER B 2747 -62.26 -31.78 23.29
N THR B 2748 -61.85 -30.62 22.79
CA THR B 2748 -61.37 -30.54 21.41
C THR B 2748 -59.97 -31.15 21.26
N ALA B 2749 -59.17 -31.13 22.31
CA ALA B 2749 -57.84 -31.75 22.24
C ALA B 2749 -57.94 -33.26 22.13
N HIS B 2750 -58.88 -33.86 22.87
CA HIS B 2750 -59.11 -35.30 22.77
C HIS B 2750 -59.59 -35.67 21.38
N LEU B 2751 -60.45 -34.83 20.79
CA LEU B 2751 -60.92 -35.04 19.43
C LEU B 2751 -59.78 -34.93 18.42
N LEU B 2752 -58.89 -33.96 18.62
CA LEU B 2752 -57.75 -33.79 17.71
C LEU B 2752 -56.78 -34.97 17.82
N VAL B 2753 -56.60 -35.49 19.03
CA VAL B 2753 -55.63 -36.56 19.24
C VAL B 2753 -56.18 -37.92 18.81
N SER B 2754 -57.49 -38.14 18.96
CA SER B 2754 -58.03 -39.49 18.79
C SER B 2754 -57.90 -40.00 17.36
N ASP B 2755 -58.19 -39.15 16.37
CA ASP B 2755 -58.12 -39.62 14.99
C ASP B 2755 -56.69 -39.70 14.48
N PRO B 2756 -56.39 -40.68 13.62
CA PRO B 2756 -55.02 -40.80 13.07
C PRO B 2756 -54.68 -39.75 12.02
N ASN B 2757 -55.64 -38.90 11.66
CA ASN B 2757 -55.35 -37.83 10.70
C ASN B 2757 -54.34 -36.85 11.27
N LEU B 2758 -54.36 -36.62 12.58
CA LEU B 2758 -53.34 -35.76 13.17
C LEU B 2758 -51.97 -36.42 13.07
N ILE B 2759 -51.93 -37.76 13.20
CA ILE B 2759 -50.69 -38.50 12.96
C ILE B 2759 -50.21 -38.28 11.53
N HIS B 2760 -51.13 -38.39 10.56
CA HIS B 2760 -50.71 -38.23 9.17
C HIS B 2760 -50.23 -36.82 8.86
N VAL B 2761 -50.87 -35.80 9.43
CA VAL B 2761 -50.42 -34.43 9.15
C VAL B 2761 -49.07 -34.18 9.80
N LEU B 2762 -48.89 -34.60 11.05
CA LEU B 2762 -47.60 -34.42 11.71
C LEU B 2762 -46.50 -35.23 11.02
N VAL B 2763 -46.83 -36.39 10.47
CA VAL B 2763 -45.83 -37.18 9.75
C VAL B 2763 -45.44 -36.48 8.46
N LYS B 2764 -46.41 -35.87 7.77
CA LYS B 2764 -46.07 -35.12 6.57
C LYS B 2764 -45.24 -33.89 6.90
N PHE B 2765 -45.52 -33.25 8.03
CA PHE B 2765 -44.75 -32.09 8.44
C PHE B 2765 -43.33 -32.44 8.85
N LEU B 2766 -43.17 -33.43 9.72
CA LEU B 2766 -41.84 -33.74 10.23
C LEU B 2766 -41.03 -34.61 9.26
N SER B 2767 -41.65 -35.13 8.20
CA SER B 2767 -40.87 -35.96 7.30
C SER B 2767 -39.98 -35.13 6.39
N GLY B 2768 -40.35 -33.88 6.14
CA GLY B 2768 -39.52 -32.95 5.41
C GLY B 2768 -39.18 -33.45 4.02
N THR B 2769 -40.18 -33.93 3.30
CA THR B 2769 -39.95 -34.51 1.98
C THR B 2769 -39.45 -33.45 1.01
N SER B 2770 -40.25 -32.41 0.81
CA SER B 2770 -40.05 -31.32 -0.13
C SER B 2770 -39.68 -31.79 -1.53
N PRO B 2771 -40.62 -32.38 -2.29
CA PRO B 2771 -40.31 -32.69 -3.70
C PRO B 2771 -40.10 -31.44 -4.53
N HIS B 2772 -40.62 -30.31 -4.06
CA HIS B 2772 -40.51 -29.04 -4.78
C HIS B 2772 -39.08 -28.53 -4.78
N GLY B 2773 -38.27 -28.92 -3.80
CA GLY B 2773 -36.98 -28.32 -3.59
C GLY B 2773 -35.96 -28.73 -4.63
N THR B 2774 -35.60 -27.79 -5.50
CA THR B 2774 -34.42 -27.97 -6.34
C THR B 2774 -33.13 -27.79 -5.58
N ASN B 2775 -33.22 -27.32 -4.33
CA ASN B 2775 -32.08 -27.06 -3.47
C ASN B 2775 -32.28 -27.80 -2.14
N GLN B 2776 -32.49 -29.12 -2.23
CA GLN B 2776 -32.68 -29.90 -1.01
C GLN B 2776 -31.39 -30.00 -0.21
N HIS B 2777 -31.03 -28.87 0.40
CA HIS B 2777 -29.78 -28.62 1.12
C HIS B 2777 -29.85 -29.07 2.58
N SER B 2778 -30.70 -28.43 3.38
CA SER B 2778 -30.90 -28.70 4.79
C SER B 2778 -32.39 -28.64 5.09
N PRO B 2779 -33.01 -29.77 5.46
CA PRO B 2779 -34.47 -29.82 5.59
C PRO B 2779 -35.03 -29.17 6.84
N GLN B 2780 -34.22 -28.44 7.61
CA GLN B 2780 -34.72 -27.78 8.81
C GLN B 2780 -35.76 -26.70 8.46
N VAL B 2781 -36.73 -26.54 9.35
CA VAL B 2781 -37.87 -25.66 9.11
C VAL B 2781 -37.73 -24.30 9.79
N GLY B 2782 -36.65 -24.09 10.56
CA GLY B 2782 -36.37 -22.82 11.17
C GLY B 2782 -36.94 -22.64 12.57
N PRO B 2783 -36.35 -21.72 13.33
CA PRO B 2783 -36.76 -21.55 14.74
C PRO B 2783 -38.19 -21.11 14.97
N THR B 2784 -38.76 -20.30 14.07
CA THR B 2784 -40.15 -19.86 14.24
C THR B 2784 -41.13 -21.02 14.13
N ALA B 2785 -40.93 -21.91 13.16
CA ALA B 2785 -41.81 -23.06 13.00
C ALA B 2785 -41.65 -24.04 14.15
N THR B 2786 -40.41 -24.25 14.61
CA THR B 2786 -40.21 -25.12 15.76
C THR B 2786 -40.84 -24.55 17.01
N GLN B 2787 -40.79 -23.23 17.19
CA GLN B 2787 -41.46 -22.63 18.33
C GLN B 2787 -42.98 -22.75 18.23
N ALA B 2788 -43.52 -22.61 17.02
CA ALA B 2788 -44.97 -22.78 16.84
C ALA B 2788 -45.41 -24.21 17.11
N MET B 2789 -44.66 -25.20 16.62
CA MET B 2789 -45.03 -26.59 16.90
C MET B 2789 -44.88 -26.91 18.38
N GLN B 2790 -43.83 -26.39 19.03
CA GLN B 2790 -43.66 -26.62 20.46
C GLN B 2790 -44.80 -26.00 21.25
N GLU B 2791 -45.27 -24.82 20.83
CA GLU B 2791 -46.41 -24.20 21.48
C GLU B 2791 -47.65 -25.04 21.29
N PHE B 2792 -47.82 -25.62 20.09
CA PHE B 2792 -48.95 -26.51 19.83
C PHE B 2792 -48.92 -27.74 20.74
N LEU B 2793 -47.75 -28.37 20.88
CA LEU B 2793 -47.66 -29.55 21.74
C LEU B 2793 -47.86 -29.18 23.21
N THR B 2794 -47.38 -28.01 23.62
CA THR B 2794 -47.56 -27.58 25.01
C THR B 2794 -49.03 -27.30 25.29
N ARG B 2795 -49.74 -26.72 24.32
CA ARG B 2795 -51.17 -26.51 24.49
C ARG B 2795 -51.92 -27.83 24.50
N LEU B 2796 -51.46 -28.81 23.71
CA LEU B 2796 -52.04 -30.14 23.78
C LEU B 2796 -51.87 -30.79 25.15
N GLN B 2797 -50.67 -30.71 25.73
CA GLN B 2797 -50.50 -31.29 27.07
C GLN B 2797 -51.35 -30.56 28.09
N VAL B 2798 -51.44 -29.23 27.98
CA VAL B 2798 -52.24 -28.49 28.96
C VAL B 2798 -53.71 -28.87 28.84
N HIS B 2799 -54.22 -28.97 27.61
CA HIS B 2799 -55.64 -29.27 27.44
C HIS B 2799 -55.97 -30.73 27.74
N LEU B 2800 -55.01 -31.64 27.63
CA LEU B 2800 -55.26 -33.05 27.93
C LEU B 2800 -54.70 -33.51 29.26
N SER B 2801 -54.11 -32.61 30.04
CA SER B 2801 -53.57 -33.01 31.35
C SER B 2801 -54.67 -33.28 32.35
N SER B 2802 -55.74 -32.45 32.32
CA SER B 2802 -56.82 -32.62 33.28
C SER B 2802 -57.73 -33.79 32.90
N THR B 2803 -57.94 -34.02 31.61
CA THR B 2803 -58.90 -35.04 31.18
C THR B 2803 -58.24 -36.42 31.08
N CYS B 2804 -57.28 -36.57 30.17
CA CYS B 2804 -56.67 -37.86 29.88
C CYS B 2804 -55.29 -37.69 29.26
N PRO B 2805 -54.21 -37.61 30.05
CA PRO B 2805 -52.87 -37.63 29.46
C PRO B 2805 -52.49 -38.99 28.86
N GLN B 2806 -53.27 -40.03 29.13
CA GLN B 2806 -53.01 -41.36 28.56
C GLN B 2806 -53.00 -41.28 27.04
N ILE B 2807 -54.05 -40.71 26.45
CA ILE B 2807 -54.19 -40.71 25.01
C ILE B 2807 -53.15 -39.79 24.38
N PHE B 2808 -52.77 -38.71 25.06
CA PHE B 2808 -51.75 -37.82 24.51
C PHE B 2808 -50.37 -38.47 24.51
N SER B 2809 -50.01 -39.14 25.61
CA SER B 2809 -48.70 -39.81 25.64
C SER B 2809 -48.67 -40.99 24.68
N GLU B 2810 -49.77 -41.70 24.55
CA GLU B 2810 -49.85 -42.78 23.57
C GLU B 2810 -49.77 -42.26 22.15
N PHE B 2811 -50.40 -41.11 21.90
CA PHE B 2811 -50.36 -40.47 20.60
C PHE B 2811 -48.93 -40.03 20.23
N LEU B 2812 -48.21 -39.45 21.18
CA LEU B 2812 -46.82 -39.06 20.91
C LEU B 2812 -45.93 -40.27 20.68
N LEU B 2813 -46.10 -41.32 21.50
CA LEU B 2813 -45.28 -42.52 21.31
C LEU B 2813 -45.61 -43.22 19.99
N LYS B 2814 -46.88 -43.21 19.59
CA LYS B 2814 -47.24 -43.79 18.30
C LYS B 2814 -46.67 -42.98 17.15
N LEU B 2815 -46.69 -41.65 17.26
CA LEU B 2815 -46.13 -40.82 16.20
C LEU B 2815 -44.62 -41.03 16.06
N ILE B 2816 -43.89 -41.08 17.18
CA ILE B 2816 -42.46 -41.34 17.09
C ILE B 2816 -42.19 -42.73 16.55
N HIS B 2817 -42.98 -43.73 16.99
CA HIS B 2817 -42.74 -45.10 16.54
C HIS B 2817 -42.99 -45.26 15.05
N ILE B 2818 -44.06 -44.65 14.53
CA ILE B 2818 -44.34 -44.78 13.11
C ILE B 2818 -43.32 -43.99 12.31
N LEU B 2819 -42.89 -42.85 12.84
CA LEU B 2819 -41.82 -42.08 12.20
C LEU B 2819 -40.47 -42.81 12.26
N SER B 2820 -40.26 -43.69 13.23
CA SER B 2820 -38.96 -44.31 13.42
C SER B 2820 -38.89 -45.73 12.86
N THR B 2821 -39.92 -46.18 12.15
CA THR B 2821 -39.93 -47.53 11.61
C THR B 2821 -39.10 -47.54 10.33
N GLU B 2822 -39.15 -48.65 9.59
CA GLU B 2822 -38.45 -48.73 8.32
C GLU B 2822 -39.01 -47.71 7.35
N ARG B 2823 -38.10 -47.10 6.56
CA ARG B 2823 -38.44 -46.01 5.64
C ARG B 2823 -39.08 -44.83 6.36
N GLY B 2824 -38.55 -44.49 7.53
CA GLY B 2824 -39.06 -43.39 8.32
C GLY B 2824 -38.17 -42.16 8.22
N ALA B 2825 -38.63 -41.07 8.85
CA ALA B 2825 -37.91 -39.80 8.75
C ALA B 2825 -36.62 -39.81 9.55
N PHE B 2826 -36.61 -40.43 10.72
CA PHE B 2826 -35.36 -40.49 11.49
C PHE B 2826 -34.35 -41.42 10.84
N GLN B 2827 -34.82 -42.51 10.22
CA GLN B 2827 -33.90 -43.46 9.60
C GLN B 2827 -33.27 -42.85 8.36
N THR B 2828 -34.10 -42.41 7.42
CA THR B 2828 -33.60 -41.93 6.13
C THR B 2828 -32.79 -40.64 6.30
N GLY B 2829 -33.00 -39.92 7.40
CA GLY B 2829 -32.29 -38.69 7.69
C GLY B 2829 -32.97 -37.44 7.17
N GLN B 2830 -33.99 -37.58 6.34
CA GLN B 2830 -34.75 -36.44 5.86
C GLN B 2830 -35.64 -35.88 6.97
N GLY B 2831 -35.99 -34.60 6.83
CA GLY B 2831 -36.85 -33.92 7.77
C GLY B 2831 -36.14 -32.87 8.59
N PRO B 2832 -36.91 -31.95 9.17
CA PRO B 2832 -36.31 -30.89 9.99
C PRO B 2832 -35.63 -31.39 11.25
N LEU B 2833 -34.29 -31.23 11.29
CA LEU B 2833 -33.51 -31.68 12.43
C LEU B 2833 -33.86 -30.91 13.68
N ASP B 2834 -34.10 -29.60 13.54
CA ASP B 2834 -34.47 -28.76 14.67
C ASP B 2834 -35.83 -29.15 15.22
N ALA B 2835 -36.79 -29.40 14.34
CA ALA B 2835 -38.12 -29.80 14.80
C ALA B 2835 -38.07 -31.15 15.50
N GLN B 2836 -37.26 -32.08 14.99
CA GLN B 2836 -37.16 -33.39 15.61
C GLN B 2836 -36.52 -33.30 16.99
N VAL B 2837 -35.46 -32.51 17.12
CA VAL B 2837 -34.81 -32.39 18.42
C VAL B 2837 -35.67 -31.58 19.40
N LYS B 2838 -36.48 -30.64 18.91
CA LYS B 2838 -37.34 -29.90 19.83
C LYS B 2838 -38.52 -30.75 20.30
N LEU B 2839 -39.10 -31.56 19.42
CA LEU B 2839 -40.13 -32.48 19.87
C LEU B 2839 -39.57 -33.55 20.81
N LEU B 2840 -38.36 -34.05 20.53
CA LEU B 2840 -37.78 -35.04 21.43
C LEU B 2840 -37.52 -34.44 22.81
N GLU B 2841 -36.95 -33.24 22.87
CA GLU B 2841 -36.69 -32.63 24.18
C GLU B 2841 -38.00 -32.23 24.85
N PHE B 2842 -39.07 -32.08 24.07
CA PHE B 2842 -40.39 -31.90 24.63
C PHE B 2842 -40.93 -33.21 25.19
N THR B 2843 -40.61 -34.32 24.52
CA THR B 2843 -41.02 -35.65 24.96
C THR B 2843 -40.29 -36.06 26.22
N LEU B 2844 -39.12 -35.46 26.47
CA LEU B 2844 -38.35 -35.77 27.67
C LEU B 2844 -39.14 -35.40 28.93
N GLU B 2845 -39.83 -34.26 28.89
CA GLU B 2845 -40.58 -33.76 30.04
C GLU B 2845 -41.92 -34.44 30.23
N GLN B 2846 -42.37 -35.25 29.29
CA GLN B 2846 -43.67 -35.90 29.43
C GLN B 2846 -43.62 -37.06 30.43
N ASN B 2847 -44.80 -37.52 30.82
CA ASN B 2847 -44.97 -38.66 31.71
C ASN B 2847 -45.69 -39.77 30.95
N PHE B 2848 -45.15 -40.98 31.04
CA PHE B 2848 -45.69 -42.11 30.30
C PHE B 2848 -46.22 -43.18 31.25
N GLU B 2849 -47.01 -42.77 32.25
CA GLU B 2849 -47.31 -43.63 33.38
C GLU B 2849 -48.56 -44.48 33.21
N VAL B 2850 -49.21 -44.47 32.04
CA VAL B 2850 -50.35 -45.37 31.82
C VAL B 2850 -50.20 -46.01 30.44
N VAL B 2851 -49.20 -45.57 29.67
CA VAL B 2851 -49.11 -45.94 28.26
C VAL B 2851 -48.92 -47.45 28.08
N SER B 2852 -49.52 -47.98 27.02
CA SER B 2852 -49.53 -49.41 26.78
C SER B 2852 -48.12 -49.94 26.54
N VAL B 2853 -47.89 -51.17 27.00
CA VAL B 2853 -46.58 -51.79 26.85
C VAL B 2853 -46.33 -52.20 25.41
N SER B 2854 -47.39 -52.43 24.62
CA SER B 2854 -47.21 -52.88 23.24
C SER B 2854 -46.56 -51.80 22.38
N THR B 2855 -47.09 -50.57 22.42
CA THR B 2855 -46.49 -49.50 21.62
C THR B 2855 -45.14 -49.08 22.19
N ILE B 2856 -44.94 -49.25 23.49
CA ILE B 2856 -43.64 -48.97 24.08
C ILE B 2856 -42.60 -49.96 23.59
N SER B 2857 -42.96 -51.25 23.54
CA SER B 2857 -42.07 -52.27 23.02
C SER B 2857 -41.77 -52.04 21.55
N ALA B 2858 -42.80 -51.66 20.77
CA ALA B 2858 -42.60 -51.39 19.35
C ALA B 2858 -41.65 -50.22 19.14
N VAL B 2859 -41.84 -49.14 19.89
CA VAL B 2859 -40.99 -47.96 19.68
C VAL B 2859 -39.58 -48.22 20.17
N ILE B 2860 -39.41 -48.97 21.27
CA ILE B 2860 -38.05 -49.20 21.74
C ILE B 2860 -37.30 -50.15 20.80
N GLU B 2861 -37.98 -51.18 20.28
CA GLU B 2861 -37.32 -52.05 19.31
C GLU B 2861 -36.95 -51.29 18.05
N SER B 2862 -37.85 -50.44 17.56
CA SER B 2862 -37.58 -49.69 16.33
C SER B 2862 -36.42 -48.74 16.54
N VAL B 2863 -36.39 -48.01 17.66
CA VAL B 2863 -35.34 -47.02 17.85
C VAL B 2863 -34.01 -47.70 18.13
N THR B 2864 -34.01 -48.88 18.78
CA THR B 2864 -32.75 -49.56 19.02
C THR B 2864 -32.21 -50.18 17.74
N PHE B 2865 -33.08 -50.72 16.90
CA PHE B 2865 -32.65 -51.19 15.59
C PHE B 2865 -32.08 -50.05 14.76
N LEU B 2866 -32.72 -48.88 14.78
CA LEU B 2866 -32.24 -47.77 13.97
C LEU B 2866 -30.90 -47.26 14.48
N VAL B 2867 -30.74 -47.16 15.80
CA VAL B 2867 -29.49 -46.60 16.32
C VAL B 2867 -28.36 -47.61 16.21
N HIS B 2868 -28.63 -48.91 16.36
CA HIS B 2868 -27.61 -49.92 16.13
C HIS B 2868 -27.20 -49.98 14.67
N HIS B 2869 -28.16 -49.85 13.75
CA HIS B 2869 -27.82 -49.85 12.34
C HIS B 2869 -27.02 -48.61 11.97
N TYR B 2870 -27.24 -47.50 12.68
CA TYR B 2870 -26.45 -46.31 12.40
C TYR B 2870 -25.05 -46.41 12.99
N ILE B 2871 -24.92 -46.97 14.19
CA ILE B 2871 -23.63 -47.06 14.85
C ILE B 2871 -22.72 -48.07 14.15
N THR B 2872 -23.25 -49.25 13.83
CA THR B 2872 -22.37 -50.31 13.33
C THR B 2872 -21.90 -50.02 11.91
N CYS B 2873 -22.72 -49.30 11.14
CA CYS B 2873 -22.44 -49.00 9.73
C CYS B 2873 -22.16 -47.51 9.51
N SER B 2874 -21.37 -46.90 10.39
CA SER B 2874 -21.11 -45.47 10.28
C SER B 2874 -20.17 -45.16 9.10
N ASP B 2875 -20.00 -43.86 8.85
CA ASP B 2875 -19.24 -43.34 7.72
C ASP B 2875 -17.74 -43.56 7.92
N LYS B 2876 -16.99 -43.40 6.81
CA LYS B 2876 -15.55 -43.56 6.81
C LYS B 2876 -14.80 -42.25 7.02
N VAL B 2877 -15.39 -41.11 6.67
CA VAL B 2877 -14.77 -39.82 6.88
C VAL B 2877 -15.69 -38.94 7.74
N MET B 2878 -15.12 -37.86 8.25
CA MET B 2878 -15.86 -36.84 8.98
C MET B 2878 -15.25 -35.47 8.67
N SER B 2879 -16.10 -34.51 8.31
CA SER B 2879 -15.64 -33.16 8.03
C SER B 2879 -15.74 -32.33 9.30
N ARG B 2880 -14.62 -31.71 9.68
CA ARG B 2880 -14.53 -30.96 10.92
C ARG B 2880 -14.66 -29.46 10.64
N SER B 2881 -15.51 -28.80 11.42
CA SER B 2881 -15.73 -27.37 11.28
C SER B 2881 -14.60 -26.56 11.90
N GLU B 2912 -21.59 -26.43 17.36
CA GLU B 2912 -22.85 -26.33 16.63
C GLU B 2912 -23.82 -27.43 17.03
N MET B 2913 -24.69 -27.81 16.09
CA MET B 2913 -25.70 -28.83 16.34
C MET B 2913 -25.81 -29.69 15.10
N THR B 2914 -25.68 -31.01 15.28
CA THR B 2914 -25.78 -31.95 14.17
C THR B 2914 -26.69 -33.11 14.57
N ARG B 2915 -26.72 -34.16 13.75
CA ARG B 2915 -27.52 -35.33 14.10
C ARG B 2915 -26.90 -36.16 15.21
N ASP B 2916 -25.64 -35.91 15.56
CA ASP B 2916 -25.05 -36.51 16.75
C ASP B 2916 -25.84 -36.14 17.99
N GLN B 2917 -26.27 -34.87 18.07
CA GLN B 2917 -27.14 -34.47 19.17
C GLN B 2917 -28.49 -35.19 19.08
N LEU B 2918 -28.97 -35.51 17.88
CA LEU B 2918 -30.21 -36.27 17.77
C LEU B 2918 -30.05 -37.68 18.37
N MET B 2919 -28.94 -38.35 18.07
CA MET B 2919 -28.72 -39.66 18.70
C MET B 2919 -28.54 -39.53 20.21
N PHE B 2920 -27.83 -38.49 20.65
CA PHE B 2920 -27.65 -38.27 22.09
C PHE B 2920 -28.99 -38.04 22.78
N ASP B 2921 -29.87 -37.27 22.15
CA ASP B 2921 -31.17 -37.00 22.74
C ASP B 2921 -32.09 -38.22 22.70
N LEU B 2922 -32.04 -39.03 21.63
CA LEU B 2922 -32.84 -40.25 21.62
C LEU B 2922 -32.38 -41.24 22.69
N LEU B 2923 -31.06 -41.39 22.87
CA LEU B 2923 -30.60 -42.28 23.92
C LEU B 2923 -30.95 -41.73 25.31
N LYS B 2924 -30.95 -40.41 25.48
CA LYS B 2924 -31.41 -39.84 26.74
C LYS B 2924 -32.89 -40.10 26.95
N LEU B 2925 -33.68 -40.01 25.88
CA LEU B 2925 -35.11 -40.31 25.96
C LEU B 2925 -35.35 -41.76 26.38
N VAL B 2926 -34.58 -42.69 25.82
CA VAL B 2926 -34.77 -44.08 26.22
C VAL B 2926 -34.15 -44.36 27.57
N ASN B 2927 -33.17 -43.55 28.01
CA ASN B 2927 -32.70 -43.62 29.38
C ASN B 2927 -33.79 -43.20 30.36
N ILE B 2928 -34.58 -42.20 30.00
CA ILE B 2928 -35.74 -41.85 30.79
C ILE B 2928 -36.77 -42.97 30.74
N LEU B 2929 -36.93 -43.59 29.57
CA LEU B 2929 -37.97 -44.59 29.36
C LEU B 2929 -37.70 -45.86 30.17
N VAL B 2930 -36.45 -46.34 30.16
CA VAL B 2930 -36.14 -47.59 30.84
C VAL B 2930 -36.18 -47.45 32.35
N GLN B 2931 -36.10 -46.23 32.87
CA GLN B 2931 -36.20 -46.03 34.32
C GLN B 2931 -37.63 -46.09 34.81
N LEU B 2932 -38.62 -46.13 33.92
CA LEU B 2932 -40.01 -46.14 34.34
C LEU B 2932 -40.40 -47.54 34.82
N PRO B 2933 -40.80 -47.71 36.07
CA PRO B 2933 -41.29 -49.01 36.54
C PRO B 2933 -42.71 -49.26 36.05
N LEU B 2934 -43.03 -50.52 35.83
CA LEU B 2934 -44.37 -50.91 35.42
C LEU B 2934 -45.00 -51.74 36.52
N SER B 2935 -46.31 -51.56 36.72
CA SER B 2935 -47.01 -52.20 37.82
C SER B 2935 -48.39 -52.64 37.36
N GLY B 2936 -48.69 -53.92 37.55
CA GLY B 2936 -49.97 -54.48 37.17
C GLY B 2936 -49.84 -55.74 36.33
N ASN B 2937 -50.63 -55.85 35.27
CA ASN B 2937 -50.59 -57.00 34.39
C ASN B 2937 -49.58 -56.86 33.26
N ARG B 2938 -48.62 -55.93 33.41
CA ARG B 2938 -47.60 -55.65 32.39
C ARG B 2938 -48.24 -55.30 31.05
N GLU B 2939 -49.36 -54.58 31.09
CA GLU B 2939 -50.09 -54.20 29.88
C GLU B 2939 -50.98 -53.02 30.24
N TYR B 2940 -50.86 -51.94 29.47
CA TYR B 2940 -51.43 -50.64 29.82
C TYR B 2940 -51.03 -50.23 31.24
N SER B 2941 -49.76 -50.48 31.57
CA SER B 2941 -49.31 -50.40 32.96
C SER B 2941 -47.92 -49.78 33.02
N ALA B 2942 -47.82 -48.59 33.60
CA ALA B 2942 -46.56 -48.13 34.16
C ALA B 2942 -46.80 -47.72 35.61
N ARG B 2943 -47.70 -46.76 35.82
CA ARG B 2943 -48.08 -46.24 37.13
C ARG B 2943 -46.86 -45.84 37.96
N VAL B 2944 -46.20 -44.78 37.47
CA VAL B 2944 -45.01 -44.15 38.06
C VAL B 2944 -44.00 -45.15 38.63
N PRO B 2977 -42.04 -54.41 42.47
CA PRO B 2977 -41.85 -53.21 41.64
C PRO B 2977 -40.96 -53.48 40.43
N ALA B 2978 -41.49 -54.20 39.44
CA ALA B 2978 -40.73 -54.51 38.24
C ALA B 2978 -40.58 -53.27 37.37
N TYR B 2979 -39.54 -53.26 36.55
CA TYR B 2979 -39.26 -52.17 35.64
C TYR B 2979 -39.29 -52.68 34.20
N VAL B 2980 -39.37 -51.74 33.26
CA VAL B 2980 -39.32 -52.08 31.84
C VAL B 2980 -37.93 -52.45 31.36
N ALA B 2981 -36.91 -52.27 32.21
CA ALA B 2981 -35.60 -52.80 31.90
C ALA B 2981 -35.65 -54.32 31.77
N ASP B 2982 -36.48 -54.98 32.57
CA ASP B 2982 -36.68 -56.41 32.41
C ASP B 2982 -37.36 -56.74 31.07
N LEU B 2983 -38.30 -55.89 30.65
CA LEU B 2983 -38.97 -56.11 29.37
C LEU B 2983 -38.01 -55.97 28.20
N VAL B 2984 -37.10 -55.01 28.26
CA VAL B 2984 -36.10 -54.88 27.19
C VAL B 2984 -35.00 -55.90 27.36
N LEU B 2985 -34.89 -56.51 28.55
CA LEU B 2985 -33.97 -57.60 28.80
C LEU B 2985 -34.47 -58.90 28.18
N ALA B 2986 -35.78 -59.11 28.17
CA ALA B 2986 -36.32 -60.31 27.55
C ALA B 2986 -36.11 -60.32 26.04
N ASN B 2987 -36.00 -59.14 25.43
CA ASN B 2987 -35.77 -59.00 24.00
C ASN B 2987 -34.30 -59.24 23.65
N GLN B 2988 -34.03 -60.32 22.90
CA GLN B 2988 -32.66 -60.67 22.53
C GLN B 2988 -32.11 -59.71 21.48
N GLN B 2989 -32.98 -59.20 20.60
CA GLN B 2989 -32.52 -58.33 19.54
C GLN B 2989 -31.95 -57.04 20.10
N ILE B 2990 -32.65 -56.46 21.10
CA ILE B 2990 -32.19 -55.22 21.69
C ILE B 2990 -30.87 -55.40 22.42
N MET B 2991 -30.71 -56.49 23.19
CA MET B 2991 -29.44 -56.68 23.89
C MET B 2991 -28.29 -56.87 22.90
N SER B 2992 -28.53 -57.64 21.82
CA SER B 2992 -27.48 -57.82 20.82
C SER B 2992 -27.15 -56.50 20.14
N GLN B 2993 -28.17 -55.69 19.86
CA GLN B 2993 -27.94 -54.41 19.20
C GLN B 2993 -27.15 -53.44 20.07
N ILE B 2994 -27.52 -53.32 21.35
CA ILE B 2994 -26.83 -52.34 22.19
C ILE B 2994 -25.43 -52.81 22.57
N LEU B 2995 -25.23 -54.10 22.80
CA LEU B 2995 -23.88 -54.58 23.07
C LEU B 2995 -22.99 -54.49 21.83
N SER B 2996 -23.54 -54.74 20.64
CA SER B 2996 -22.75 -54.57 19.42
C SER B 2996 -22.42 -53.10 19.19
N ALA B 2997 -23.37 -52.21 19.48
CA ALA B 2997 -23.11 -50.78 19.34
C ALA B 2997 -22.04 -50.29 20.32
N LEU B 2998 -22.00 -50.87 21.51
CA LEU B 2998 -20.88 -50.60 22.42
C LEU B 2998 -19.60 -51.33 22.02
N GLY B 2999 -19.70 -52.33 21.14
CA GLY B 2999 -18.51 -53.07 20.75
C GLY B 2999 -17.58 -52.30 19.83
N LEU B 3000 -18.13 -51.45 18.96
CA LEU B 3000 -17.30 -50.67 18.05
C LEU B 3000 -17.40 -49.17 18.29
N CYS B 3001 -17.32 -48.73 19.53
CA CYS B 3001 -17.19 -47.32 19.87
C CYS B 3001 -15.88 -47.08 20.62
N ASN B 3002 -15.23 -45.96 20.31
CA ASN B 3002 -13.93 -45.67 20.89
C ASN B 3002 -14.10 -45.14 22.31
N SER B 3003 -13.00 -45.19 23.07
CA SER B 3003 -13.00 -44.70 24.43
C SER B 3003 -12.57 -43.23 24.48
N SER B 3004 -12.46 -42.69 25.70
CA SER B 3004 -12.05 -41.32 25.89
C SER B 3004 -10.53 -41.16 25.76
N ILE B 3030 -21.46 -36.74 26.30
CA ILE B 3030 -21.34 -35.82 25.18
C ILE B 3030 -21.17 -36.62 23.89
N SER B 3031 -20.92 -37.91 24.03
CA SER B 3031 -20.69 -38.79 22.89
C SER B 3031 -21.68 -39.95 22.91
N VAL B 3032 -21.70 -40.69 21.82
CA VAL B 3032 -22.61 -41.83 21.71
C VAL B 3032 -22.19 -42.97 22.63
N GLY B 3033 -20.88 -43.21 22.76
CA GLY B 3033 -20.42 -44.23 23.68
C GLY B 3033 -20.72 -43.92 25.13
N ASP B 3034 -20.61 -42.64 25.51
CA ASP B 3034 -21.00 -42.23 26.86
C ASP B 3034 -22.49 -42.46 27.07
N GLY B 3035 -23.29 -42.15 26.05
CA GLY B 3035 -24.71 -42.39 26.14
C GLY B 3035 -25.07 -43.86 26.29
N LEU B 3036 -24.42 -44.71 25.50
CA LEU B 3036 -24.66 -46.14 25.59
C LEU B 3036 -24.23 -46.69 26.94
N PHE B 3037 -23.13 -46.17 27.48
CA PHE B 3037 -22.70 -46.57 28.81
C PHE B 3037 -23.73 -46.16 29.86
N THR B 3038 -24.31 -44.96 29.72
CA THR B 3038 -25.31 -44.52 30.68
C THR B 3038 -26.60 -45.32 30.59
N ILE B 3039 -27.07 -45.63 29.37
CA ILE B 3039 -28.31 -46.39 29.27
C ILE B 3039 -28.12 -47.81 29.77
N LEU B 3040 -26.94 -48.41 29.58
CA LEU B 3040 -26.74 -49.75 30.13
C LEU B 3040 -26.53 -49.70 31.64
N THR B 3041 -25.91 -48.64 32.15
CA THR B 3041 -25.75 -48.50 33.59
C THR B 3041 -27.11 -48.36 34.28
N THR B 3042 -27.98 -47.50 33.74
CA THR B 3042 -29.30 -47.36 34.34
C THR B 3042 -30.16 -48.60 34.13
N LEU B 3043 -29.90 -49.37 33.06
CA LEU B 3043 -30.61 -50.62 32.87
C LEU B 3043 -30.19 -51.64 33.93
N SER B 3044 -28.90 -51.66 34.26
CA SER B 3044 -28.42 -52.52 35.34
C SER B 3044 -28.93 -52.06 36.70
N LYS B 3045 -29.01 -50.73 36.91
CA LYS B 3045 -29.43 -50.20 38.20
C LYS B 3045 -30.91 -50.48 38.47
N LYS B 3046 -31.77 -50.30 37.47
CA LYS B 3046 -33.20 -50.48 37.71
C LYS B 3046 -33.64 -51.92 37.57
N ALA B 3047 -32.73 -52.81 37.15
CA ALA B 3047 -33.01 -54.23 37.07
C ALA B 3047 -33.09 -54.89 38.43
N SER B 3048 -34.01 -55.85 38.56
CA SER B 3048 -34.27 -56.54 39.81
C SER B 3048 -33.23 -57.63 40.13
N THR B 3049 -33.14 -58.64 39.26
CA THR B 3049 -32.23 -59.77 39.46
C THR B 3049 -30.95 -59.72 38.64
N VAL B 3050 -29.85 -60.13 39.28
CA VAL B 3050 -28.51 -60.11 38.68
C VAL B 3050 -28.33 -61.25 37.68
N HIS B 3051 -29.22 -62.24 37.70
CA HIS B 3051 -29.16 -63.36 36.76
C HIS B 3051 -29.46 -62.87 35.36
N MET B 3052 -30.49 -62.03 35.24
CA MET B 3052 -30.86 -61.41 33.98
C MET B 3052 -29.80 -60.43 33.51
N MET B 3053 -28.82 -60.10 34.36
CA MET B 3053 -27.67 -59.32 33.95
C MET B 3053 -26.59 -60.21 33.36
N LEU B 3054 -26.32 -61.36 33.97
CA LEU B 3054 -25.30 -62.23 33.40
C LEU B 3054 -25.76 -62.99 32.16
N GLN B 3055 -27.05 -63.25 31.98
CA GLN B 3055 -27.43 -64.03 30.79
C GLN B 3055 -27.15 -63.32 29.45
N PRO B 3056 -27.56 -62.06 29.23
CA PRO B 3056 -27.22 -61.40 27.95
C PRO B 3056 -25.75 -61.17 27.72
N ILE B 3057 -24.98 -60.91 28.78
CA ILE B 3057 -23.55 -60.68 28.63
C ILE B 3057 -22.87 -61.94 28.10
N LEU B 3058 -23.13 -63.10 28.72
CA LEU B 3058 -22.46 -64.30 28.27
C LEU B 3058 -22.99 -64.81 26.95
N THR B 3059 -24.27 -64.55 26.63
CA THR B 3059 -24.71 -64.91 25.29
C THR B 3059 -24.13 -64.00 24.21
N TYR B 3060 -23.90 -62.72 24.50
CA TYR B 3060 -23.22 -61.88 23.53
C TYR B 3060 -21.75 -62.24 23.35
N MET B 3061 -21.04 -62.52 24.45
CA MET B 3061 -19.63 -62.89 24.33
C MET B 3061 -19.49 -64.24 23.63
N ALA B 3062 -20.41 -65.18 23.87
CA ALA B 3062 -20.31 -66.47 23.22
C ALA B 3062 -20.72 -66.39 21.74
N CYS B 3063 -21.76 -65.62 21.43
CA CYS B 3063 -22.28 -65.57 20.08
C CYS B 3063 -21.44 -64.70 19.16
N GLY B 3064 -20.56 -63.87 19.70
CA GLY B 3064 -19.74 -62.99 18.90
C GLY B 3064 -18.68 -63.70 18.09
N THR B 3074 -12.27 -63.24 17.04
CA THR B 3074 -13.60 -63.83 17.20
C THR B 3074 -14.57 -62.82 17.79
N CYS B 3075 -14.75 -62.88 19.11
CA CYS B 3075 -15.67 -61.98 19.79
C CYS B 3075 -15.13 -60.56 19.87
N GLN B 3076 -16.05 -59.60 19.83
CA GLN B 3076 -15.75 -58.18 19.89
C GLN B 3076 -15.79 -57.69 21.34
N LEU B 3077 -14.69 -57.13 21.82
CA LEU B 3077 -14.55 -56.72 23.21
C LEU B 3077 -13.86 -55.36 23.23
N SER B 3078 -14.61 -54.33 23.63
CA SER B 3078 -14.17 -52.94 23.63
C SER B 3078 -13.96 -52.42 25.04
N GLU B 3079 -13.53 -51.16 25.12
CA GLU B 3079 -13.28 -50.54 26.43
C GLU B 3079 -14.56 -50.35 27.25
N PRO B 3080 -15.67 -49.82 26.70
CA PRO B 3080 -16.89 -49.79 27.50
C PRO B 3080 -17.41 -51.16 27.86
N LEU B 3081 -17.25 -52.14 26.96
CA LEU B 3081 -17.64 -53.51 27.30
C LEU B 3081 -16.79 -54.10 28.41
N LEU B 3082 -15.48 -53.85 28.39
CA LEU B 3082 -14.64 -54.32 29.50
C LEU B 3082 -15.05 -53.67 30.81
N TRP B 3083 -15.30 -52.36 30.81
CA TRP B 3083 -15.71 -51.69 32.04
C TRP B 3083 -17.05 -52.19 32.53
N PHE B 3084 -18.01 -52.43 31.62
CA PHE B 3084 -19.30 -52.97 32.03
C PHE B 3084 -19.18 -54.39 32.57
N ILE B 3085 -18.32 -55.22 31.97
CA ILE B 3085 -18.20 -56.57 32.49
C ILE B 3085 -17.57 -56.54 33.87
N LEU B 3086 -16.58 -55.67 34.08
CA LEU B 3086 -16.02 -55.50 35.42
C LEU B 3086 -17.03 -54.96 36.42
N ARG B 3087 -17.95 -54.08 35.97
CA ARG B 3087 -18.94 -53.49 36.87
C ARG B 3087 -20.08 -54.45 37.21
N VAL B 3088 -20.50 -55.27 36.25
CA VAL B 3088 -21.59 -56.22 36.51
C VAL B 3088 -21.09 -57.42 37.30
N LEU B 3089 -19.79 -57.68 37.32
CA LEU B 3089 -19.20 -58.72 38.15
C LEU B 3089 -18.63 -58.15 39.43
N ASP B 3090 -19.33 -57.20 40.04
CA ASP B 3090 -18.85 -56.55 41.26
C ASP B 3090 -19.19 -57.36 42.50
N THR B 3091 -20.34 -58.02 42.52
CA THR B 3091 -20.80 -58.70 43.73
C THR B 3091 -20.33 -60.15 43.74
N SER B 3092 -20.39 -60.76 44.93
CA SER B 3092 -20.00 -62.15 45.10
C SER B 3092 -20.97 -63.09 44.41
N ASP B 3093 -22.27 -62.80 44.51
CA ASP B 3093 -23.28 -63.60 43.84
C ASP B 3093 -23.14 -63.54 42.34
N ALA B 3094 -22.66 -62.42 41.80
CA ALA B 3094 -22.41 -62.33 40.37
C ALA B 3094 -21.33 -63.32 39.94
N LEU B 3095 -20.23 -63.40 40.71
CA LEU B 3095 -19.18 -64.36 40.37
C LEU B 3095 -19.68 -65.79 40.53
N LYS B 3096 -20.47 -66.05 41.58
CA LYS B 3096 -20.99 -67.40 41.79
C LYS B 3096 -21.91 -67.83 40.65
N ALA B 3097 -22.81 -66.94 40.22
CA ALA B 3097 -23.70 -67.25 39.11
C ALA B 3097 -22.93 -67.36 37.79
N PHE B 3098 -21.88 -66.57 37.62
CA PHE B 3098 -21.07 -66.68 36.40
C PHE B 3098 -20.36 -68.02 36.34
N HIS B 3099 -19.86 -68.51 37.47
CA HIS B 3099 -19.20 -69.81 37.47
C HIS B 3099 -20.22 -70.94 37.36
N ASP B 3100 -21.43 -70.75 37.88
CA ASP B 3100 -22.40 -71.85 37.95
C ASP B 3100 -22.86 -72.29 36.57
N MET B 3101 -23.03 -71.37 35.62
CA MET B 3101 -23.48 -71.73 34.29
C MET B 3101 -22.36 -71.75 33.26
N GLY B 3102 -21.13 -72.04 33.68
CA GLY B 3102 -20.04 -72.23 32.75
C GLY B 3102 -19.58 -70.97 32.04
N GLY B 3103 -18.97 -70.05 32.77
CA GLY B 3103 -18.49 -68.83 32.18
C GLY B 3103 -16.98 -68.75 32.04
N VAL B 3104 -16.27 -69.26 33.04
CA VAL B 3104 -14.81 -69.15 33.06
C VAL B 3104 -14.17 -70.05 32.01
N GLN B 3105 -14.69 -71.26 31.83
CA GLN B 3105 -14.15 -72.17 30.82
C GLN B 3105 -14.31 -71.61 29.41
N LEU B 3106 -15.46 -70.97 29.16
CA LEU B 3106 -15.67 -70.31 27.87
C LEU B 3106 -14.68 -69.17 27.69
N ILE B 3107 -14.40 -68.44 28.77
CA ILE B 3107 -13.41 -67.37 28.75
C ILE B 3107 -12.04 -67.95 28.38
N CYS B 3108 -11.66 -69.08 29.00
CA CYS B 3108 -10.35 -69.68 28.73
C CYS B 3108 -10.26 -70.12 27.28
N ASN B 3109 -11.36 -70.69 26.76
CA ASN B 3109 -11.38 -71.08 25.36
C ASN B 3109 -11.23 -69.86 24.48
N ASN B 3110 -11.85 -68.73 24.86
CA ASN B 3110 -11.70 -67.51 24.08
C ASN B 3110 -10.25 -66.99 24.09
N MET B 3111 -9.54 -67.09 25.22
CA MET B 3111 -8.15 -66.64 25.16
C MET B 3111 -7.32 -67.55 24.27
N VAL B 3112 -7.55 -68.86 24.36
CA VAL B 3112 -6.79 -69.78 23.51
C VAL B 3112 -7.08 -69.52 22.04
N THR B 3113 -8.35 -69.34 21.69
CA THR B 3113 -8.71 -69.10 20.30
C THR B 3113 -8.20 -67.75 19.80
N SER B 3114 -8.23 -66.72 20.65
CA SER B 3114 -7.74 -65.42 20.22
C SER B 3114 -6.22 -65.37 20.12
N THR B 3115 -5.51 -66.03 21.05
CA THR B 3115 -4.06 -66.10 20.97
C THR B 3115 -3.61 -66.89 19.75
N ARG B 3116 -4.32 -67.96 19.41
CA ARG B 3116 -4.01 -68.69 18.18
C ARG B 3116 -4.47 -67.89 16.96
N ALA B 3117 -5.40 -66.97 17.16
CA ALA B 3117 -5.96 -66.18 16.06
C ALA B 3117 -5.08 -64.99 15.68
N ILE B 3118 -4.88 -64.04 16.59
CA ILE B 3118 -4.26 -62.76 16.22
C ILE B 3118 -2.75 -62.75 16.46
N VAL B 3119 -2.01 -62.35 15.41
CA VAL B 3119 -0.57 -62.16 15.49
C VAL B 3119 -0.27 -60.78 16.09
N ASN B 3120 0.92 -60.63 16.66
CA ASN B 3120 1.26 -59.36 17.29
C ASN B 3120 1.48 -58.29 16.23
N THR B 3121 0.92 -57.11 16.46
CA THR B 3121 1.04 -55.98 15.54
C THR B 3121 2.11 -54.99 15.97
N ALA B 3122 2.72 -55.20 17.13
CA ALA B 3122 3.73 -54.29 17.65
C ALA B 3122 4.99 -54.30 16.78
N ARG B 3123 5.70 -53.18 16.80
CA ARG B 3123 6.98 -53.07 16.09
C ARG B 3123 8.03 -53.88 16.84
N SER B 3124 8.69 -54.80 16.16
CA SER B 3124 9.70 -55.61 16.84
C SER B 3124 11.09 -55.01 16.60
N MET B 3125 12.11 -55.78 16.97
CA MET B 3125 13.49 -55.32 16.85
C MET B 3125 13.96 -55.21 15.40
N VAL B 3126 13.35 -55.99 14.50
CA VAL B 3126 13.77 -55.98 13.10
C VAL B 3126 13.51 -54.61 12.48
N SER B 3127 12.34 -54.04 12.75
CA SER B 3127 12.01 -52.72 12.22
C SER B 3127 12.93 -51.65 12.80
N THR B 3128 13.33 -51.81 14.07
CA THR B 3128 14.25 -50.85 14.67
C THR B 3128 15.64 -50.94 14.05
N ILE B 3129 16.15 -52.16 13.83
CA ILE B 3129 17.51 -52.31 13.33
C ILE B 3129 17.60 -52.26 11.81
N MET B 3130 16.47 -52.13 11.11
CA MET B 3130 16.47 -51.84 9.68
C MET B 3130 15.98 -50.45 9.35
N LYS B 3131 15.29 -49.78 10.28
CA LYS B 3131 14.71 -48.46 10.00
C LYS B 3131 15.81 -47.45 9.68
N PHE B 3132 16.88 -47.46 10.47
CA PHE B 3132 17.99 -46.52 10.32
C PHE B 3132 19.11 -46.98 9.38
N LEU B 3133 19.13 -48.23 8.94
CA LEU B 3133 20.21 -48.64 8.04
C LEU B 3133 20.10 -47.98 6.67
N ASP B 3134 18.90 -47.59 6.26
CA ASP B 3134 18.71 -46.87 5.02
C ASP B 3134 18.82 -45.36 5.22
N GLY B 3159 3.83 -37.57 15.84
CA GLY B 3159 4.82 -37.35 14.80
C GLY B 3159 4.34 -37.80 13.43
N ILE B 3160 3.44 -37.02 12.83
CA ILE B 3160 2.88 -37.32 11.52
C ILE B 3160 3.55 -36.41 10.50
N HIS B 3161 4.12 -36.99 9.45
CA HIS B 3161 4.92 -36.26 8.49
C HIS B 3161 4.16 -36.06 7.18
N ASN B 3162 4.51 -34.99 6.48
CA ASN B 3162 3.94 -34.68 5.18
C ASN B 3162 4.60 -35.52 4.10
N PHE B 3163 3.81 -35.86 3.07
CA PHE B 3163 4.32 -36.64 1.96
C PHE B 3163 4.03 -36.01 0.60
N ALA B 3164 3.41 -34.83 0.57
CA ALA B 3164 3.16 -34.14 -0.70
C ALA B 3164 4.41 -33.73 -1.46
N PRO B 3165 5.48 -33.19 -0.85
CA PRO B 3165 6.67 -32.86 -1.66
C PRO B 3165 7.35 -34.04 -2.32
N LEU B 3166 7.18 -35.25 -1.77
CA LEU B 3166 7.83 -36.41 -2.38
C LEU B 3166 7.14 -36.82 -3.68
N GLY B 3167 5.82 -36.70 -3.74
CA GLY B 3167 5.08 -37.12 -4.91
C GLY B 3167 5.01 -36.04 -5.98
N THR B 3168 4.44 -36.43 -7.12
CA THR B 3168 4.20 -35.53 -8.25
C THR B 3168 2.71 -35.34 -8.43
N ILE B 3169 2.35 -34.35 -9.25
CA ILE B 3169 0.95 -34.01 -9.47
C ILE B 3169 0.67 -33.96 -10.97
N THR B 3170 -0.60 -34.16 -11.31
CA THR B 3170 -1.06 -34.09 -12.70
C THR B 3170 -2.55 -33.84 -12.70
N SER B 3171 -3.08 -33.52 -13.87
CA SER B 3171 -4.51 -33.31 -14.07
C SER B 3171 -4.92 -33.89 -15.41
N SER B 3172 -6.20 -34.27 -15.51
CA SER B 3172 -6.70 -34.86 -16.74
C SER B 3172 -6.93 -33.81 -17.83
N SER B 3173 -7.00 -32.54 -17.47
CA SER B 3173 -7.21 -31.48 -18.45
C SER B 3173 -5.99 -30.56 -18.50
N PRO B 3174 -5.65 -30.03 -19.68
CA PRO B 3174 -4.52 -29.12 -19.78
C PRO B 3174 -4.79 -27.78 -19.13
N THR B 3175 -4.19 -27.53 -17.97
CA THR B 3175 -4.38 -26.27 -17.27
C THR B 3175 -3.39 -25.22 -17.78
N ALA B 3176 -3.63 -23.97 -17.41
CA ALA B 3176 -2.75 -22.89 -17.83
C ALA B 3176 -1.43 -22.90 -17.07
N GLN B 3177 -1.40 -23.51 -15.88
CA GLN B 3177 -0.18 -23.62 -15.09
C GLN B 3177 -0.18 -24.96 -14.38
N PRO B 3178 0.99 -25.55 -14.15
CA PRO B 3178 1.04 -26.81 -13.40
C PRO B 3178 0.82 -26.57 -11.91
N ALA B 3179 0.36 -27.62 -11.24
CA ALA B 3179 -0.06 -27.55 -9.85
C ALA B 3179 1.02 -27.98 -8.87
N GLU B 3180 2.27 -28.14 -9.34
CA GLU B 3180 3.34 -28.57 -8.45
C GLU B 3180 3.63 -27.56 -7.34
N VAL B 3181 3.27 -26.29 -7.55
CA VAL B 3181 3.41 -25.29 -6.48
C VAL B 3181 2.58 -25.66 -5.26
N LEU B 3182 1.47 -26.38 -5.47
CA LEU B 3182 0.65 -26.86 -4.36
C LEU B 3182 1.38 -27.91 -3.53
N LEU B 3183 2.39 -28.58 -4.10
CA LEU B 3183 3.03 -29.72 -3.46
C LEU B 3183 4.17 -29.31 -2.53
N GLN B 3184 4.42 -28.01 -2.37
CA GLN B 3184 5.51 -27.56 -1.52
C GLN B 3184 5.18 -27.85 -0.06
N ALA B 3185 6.24 -28.00 0.75
CA ALA B 3185 6.06 -28.30 2.16
C ALA B 3185 5.39 -27.14 2.89
N THR B 3186 5.86 -25.92 2.65
CA THR B 3186 5.22 -24.71 3.16
C THR B 3186 5.54 -23.60 2.19
N PRO B 3187 4.59 -23.20 1.34
CA PRO B 3187 4.79 -22.01 0.51
C PRO B 3187 4.57 -20.75 1.31
N PRO B 3188 5.12 -19.62 0.87
CA PRO B 3188 4.93 -18.36 1.62
C PRO B 3188 3.49 -17.86 1.56
N HIS B 3189 2.79 -17.93 2.69
CA HIS B 3189 1.43 -17.43 2.81
C HIS B 3189 1.45 -16.21 3.74
N ARG B 3190 1.75 -15.05 3.15
CA ARG B 3190 1.75 -13.80 3.89
C ARG B 3190 0.92 -12.72 3.22
N ARG B 3191 0.93 -12.67 1.89
CA ARG B 3191 0.18 -11.67 1.14
C ARG B 3191 -0.95 -12.26 0.31
N ALA B 3192 -0.71 -13.39 -0.36
CA ALA B 3192 -1.70 -14.07 -1.20
C ALA B 3192 -2.21 -13.13 -2.29
N ARG B 3193 -1.28 -12.80 -3.21
CA ARG B 3193 -1.53 -11.83 -4.26
C ARG B 3193 -2.72 -12.21 -5.15
N SER B 3194 -2.58 -13.29 -5.91
CA SER B 3194 -3.68 -13.79 -6.73
C SER B 3194 -4.12 -15.19 -6.30
N ALA B 3195 -3.21 -16.16 -6.35
CA ALA B 3195 -3.39 -17.54 -5.92
C ALA B 3195 -2.05 -18.24 -6.12
N ALA B 3196 -1.84 -19.32 -5.37
CA ALA B 3196 -0.68 -20.18 -5.67
C ALA B 3196 -0.94 -21.01 -6.91
N TRP B 3197 -2.15 -21.58 -7.03
CA TRP B 3197 -2.56 -22.29 -8.23
C TRP B 3197 -3.99 -21.90 -8.59
N SER B 3198 -4.26 -21.77 -9.88
CA SER B 3198 -5.58 -21.38 -10.36
C SER B 3198 -6.03 -22.31 -11.47
N TYR B 3199 -7.35 -22.53 -11.54
CA TYR B 3199 -7.95 -23.38 -12.55
C TYR B 3199 -9.13 -22.67 -13.19
N ILE B 3200 -9.24 -22.77 -14.51
CA ILE B 3200 -10.31 -22.17 -15.30
C ILE B 3200 -11.26 -23.25 -15.79
N PHE B 3201 -12.56 -23.01 -15.62
CA PHE B 3201 -13.61 -23.98 -15.92
C PHE B 3201 -14.25 -23.73 -17.26
N LEU B 3202 -14.36 -24.78 -18.06
CA LEU B 3202 -15.17 -24.76 -19.25
C LEU B 3202 -16.65 -24.83 -18.86
N PRO B 3203 -17.54 -24.28 -19.68
CA PRO B 3203 -18.97 -24.32 -19.31
C PRO B 3203 -19.55 -25.72 -19.19
N GLU B 3204 -19.04 -26.67 -19.98
CA GLU B 3204 -19.59 -28.03 -19.94
C GLU B 3204 -19.12 -28.81 -18.71
N GLU B 3205 -17.89 -28.59 -18.27
CA GLU B 3205 -17.34 -29.36 -17.16
C GLU B 3205 -17.59 -28.67 -15.83
N ALA B 3206 -17.63 -29.48 -14.77
CA ALA B 3206 -17.89 -28.99 -13.42
C ALA B 3206 -16.87 -29.53 -12.43
N TRP B 3207 -16.29 -30.69 -12.74
CA TRP B 3207 -15.30 -31.34 -11.91
C TRP B 3207 -13.93 -31.30 -12.57
N CYS B 3208 -12.90 -31.01 -11.79
CA CYS B 3208 -11.52 -31.15 -12.23
C CYS B 3208 -10.74 -31.99 -11.23
N ASP B 3209 -9.92 -32.91 -11.74
CA ASP B 3209 -9.23 -33.88 -10.91
C ASP B 3209 -7.74 -33.56 -10.81
N LEU B 3210 -7.24 -33.50 -9.59
CA LEU B 3210 -5.80 -33.40 -9.33
C LEU B 3210 -5.32 -34.74 -8.80
N THR B 3211 -4.56 -35.47 -9.62
CA THR B 3211 -4.04 -36.77 -9.24
C THR B 3211 -2.60 -36.60 -8.75
N ILE B 3212 -2.35 -37.02 -7.52
CA ILE B 3212 -1.05 -36.93 -6.89
C ILE B 3212 -0.50 -38.34 -6.75
N HIS B 3213 0.62 -38.61 -7.40
CA HIS B 3213 1.26 -39.91 -7.40
C HIS B 3213 2.47 -39.87 -6.47
N LEU B 3214 2.45 -40.68 -5.46
CA LEU B 3214 3.57 -40.77 -4.54
C LEU B 3214 4.55 -41.83 -5.01
N PRO B 3215 5.84 -41.68 -4.70
CA PRO B 3215 6.80 -42.72 -5.11
C PRO B 3215 6.52 -44.06 -4.48
N ALA B 3216 5.92 -44.08 -3.28
CA ALA B 3216 5.55 -45.31 -2.61
C ALA B 3216 4.24 -45.09 -1.88
N ALA B 3217 3.53 -46.20 -1.65
CA ALA B 3217 2.30 -46.15 -0.88
C ALA B 3217 2.60 -45.84 0.58
N VAL B 3218 1.80 -44.94 1.16
CA VAL B 3218 1.96 -44.52 2.54
C VAL B 3218 0.64 -44.77 3.26
N LEU B 3219 0.73 -44.86 4.59
CA LEU B 3219 -0.47 -44.98 5.42
C LEU B 3219 -1.05 -43.58 5.60
N LEU B 3220 -1.87 -43.19 4.61
CA LEU B 3220 -2.54 -41.89 4.62
C LEU B 3220 -3.57 -41.84 5.74
N LYS B 3221 -3.65 -40.67 6.40
CA LYS B 3221 -4.54 -40.52 7.55
C LYS B 3221 -5.48 -39.33 7.39
N GLU B 3222 -5.02 -38.26 6.73
CA GLU B 3222 -5.81 -37.04 6.68
C GLU B 3222 -5.30 -36.14 5.56
N ILE B 3223 -6.24 -35.54 4.83
CA ILE B 3223 -5.93 -34.62 3.74
C ILE B 3223 -6.15 -33.20 4.24
N HIS B 3224 -5.23 -32.31 3.86
CA HIS B 3224 -5.34 -30.89 4.15
C HIS B 3224 -5.38 -30.12 2.84
N ILE B 3225 -6.44 -29.34 2.64
CA ILE B 3225 -6.58 -28.49 1.46
C ILE B 3225 -6.78 -27.05 1.91
N GLN B 3226 -5.86 -26.19 1.48
CA GLN B 3226 -5.94 -24.76 1.78
C GLN B 3226 -6.32 -24.01 0.51
N PRO B 3227 -7.49 -23.40 0.45
CA PRO B 3227 -7.87 -22.56 -0.70
C PRO B 3227 -7.17 -21.21 -0.61
N HIS B 3228 -7.51 -20.34 -1.55
CA HIS B 3228 -6.96 -19.00 -1.56
C HIS B 3228 -7.51 -18.22 -0.36
N LEU B 3229 -6.61 -17.64 0.43
CA LEU B 3229 -6.99 -16.97 1.67
C LEU B 3229 -7.40 -15.52 1.46
N ALA B 3230 -6.86 -14.85 0.43
CA ALA B 3230 -7.25 -13.47 0.19
C ALA B 3230 -8.65 -13.39 -0.40
N SER B 3231 -8.98 -14.29 -1.33
CA SER B 3231 -10.30 -14.32 -1.97
C SER B 3231 -10.71 -15.77 -2.10
N LEU B 3232 -11.44 -16.27 -1.11
CA LEU B 3232 -11.90 -17.65 -1.10
C LEU B 3232 -13.23 -17.83 -1.81
N ALA B 3233 -13.64 -16.84 -2.60
CA ALA B 3233 -14.73 -17.04 -3.55
C ALA B 3233 -14.39 -18.12 -4.57
N THR B 3234 -13.09 -18.30 -4.84
CA THR B 3234 -12.61 -19.32 -5.75
C THR B 3234 -12.38 -20.65 -5.06
N CYS B 3235 -12.73 -20.77 -3.78
CA CYS B 3235 -12.65 -22.04 -3.10
C CYS B 3235 -13.66 -23.01 -3.71
N PRO B 3236 -13.30 -24.29 -3.84
CA PRO B 3236 -14.22 -25.25 -4.47
C PRO B 3236 -15.48 -25.43 -3.65
N SER B 3237 -16.61 -25.57 -4.35
CA SER B 3237 -17.87 -25.79 -3.65
C SER B 3237 -17.83 -27.13 -2.93
N SER B 3238 -17.30 -28.17 -3.59
CA SER B 3238 -17.19 -29.46 -2.94
C SER B 3238 -15.97 -30.18 -3.51
N VAL B 3239 -15.39 -31.04 -2.68
CA VAL B 3239 -14.17 -31.78 -3.03
C VAL B 3239 -14.38 -33.24 -2.63
N SER B 3240 -14.01 -34.15 -3.52
CA SER B 3240 -14.03 -35.57 -3.23
C SER B 3240 -12.61 -36.12 -3.22
N VAL B 3241 -12.27 -36.86 -2.17
CA VAL B 3241 -10.94 -37.44 -2.03
C VAL B 3241 -11.09 -38.91 -2.42
N GLU B 3242 -10.20 -39.37 -3.29
CA GLU B 3242 -10.16 -40.74 -3.74
C GLU B 3242 -8.77 -41.32 -3.57
N VAL B 3243 -8.66 -42.55 -3.07
CA VAL B 3243 -7.34 -43.16 -2.83
C VAL B 3243 -7.19 -44.45 -3.63
N SER B 3244 -5.94 -44.75 -4.00
CA SER B 3244 -5.61 -45.98 -4.72
C SER B 3244 -4.26 -46.47 -4.21
N ALA B 3245 -4.24 -47.73 -3.74
CA ALA B 3245 -3.00 -48.31 -3.22
C ALA B 3245 -2.02 -48.72 -4.31
N ASP B 3246 -2.50 -49.33 -5.39
CA ASP B 3246 -1.61 -49.74 -6.47
C ASP B 3246 -1.24 -48.63 -7.44
N GLY B 3247 -1.96 -47.51 -7.44
CA GLY B 3247 -1.62 -46.39 -8.28
C GLY B 3247 -2.27 -46.44 -9.66
N VAL B 3248 -2.96 -47.54 -9.98
CA VAL B 3248 -3.58 -47.74 -11.28
C VAL B 3248 -5.09 -47.92 -11.16
N ASN B 3249 -5.54 -48.63 -10.13
CA ASN B 3249 -6.95 -48.96 -9.97
C ASN B 3249 -7.49 -47.73 -9.27
N MET B 3250 -8.03 -46.80 -10.05
CA MET B 3250 -8.49 -45.54 -9.51
C MET B 3250 -9.73 -45.86 -8.66
N LEU B 3251 -9.82 -45.32 -7.43
CA LEU B 3251 -10.95 -45.74 -6.58
C LEU B 3251 -11.40 -44.74 -5.51
N PRO B 3252 -12.69 -44.36 -5.49
CA PRO B 3252 -13.14 -43.31 -4.57
C PRO B 3252 -13.18 -43.73 -3.10
N LEU B 3253 -13.01 -42.74 -2.22
CA LEU B 3253 -13.04 -42.93 -0.77
C LEU B 3253 -14.43 -42.72 -0.16
N SER B 3254 -15.06 -41.59 -0.43
CA SER B 3254 -16.39 -41.33 0.09
C SER B 3254 -17.09 -40.29 -0.77
N THR B 3255 -18.22 -39.78 -0.28
CA THR B 3255 -18.97 -38.74 -0.96
C THR B 3255 -18.18 -37.43 -0.98
N PRO B 3256 -18.33 -36.63 -2.05
CA PRO B 3256 -17.61 -35.35 -2.11
C PRO B 3256 -18.10 -34.43 -1.01
N VAL B 3257 -17.18 -33.92 -0.21
CA VAL B 3257 -17.56 -33.08 0.92
C VAL B 3257 -17.67 -31.63 0.46
N VAL B 3258 -18.67 -30.92 0.97
CA VAL B 3258 -18.86 -29.52 0.60
C VAL B 3258 -17.94 -28.66 1.44
N THR B 3259 -17.11 -27.87 0.77
CA THR B 3259 -16.15 -26.99 1.44
C THR B 3259 -16.35 -25.52 1.11
N SER B 3260 -17.50 -25.16 0.54
CA SER B 3260 -17.74 -23.76 0.23
C SER B 3260 -17.91 -22.98 1.53
N GLY B 3261 -17.18 -21.88 1.66
CA GLY B 3261 -17.16 -21.15 2.90
C GLY B 3261 -16.19 -21.66 3.94
N LEU B 3262 -15.37 -22.65 3.63
CA LEU B 3262 -14.39 -23.20 4.55
C LEU B 3262 -13.01 -22.62 4.25
N THR B 3263 -12.38 -22.04 5.27
CA THR B 3263 -11.02 -21.52 5.09
C THR B 3263 -10.00 -22.65 5.04
N TYR B 3264 -10.21 -23.71 5.83
CA TYR B 3264 -9.27 -24.82 5.93
C TYR B 3264 -10.05 -26.12 5.77
N ILE B 3265 -9.58 -27.01 4.90
CA ILE B 3265 -10.25 -28.28 4.64
C ILE B 3265 -9.43 -29.39 5.28
N LYS B 3266 -10.02 -30.06 6.26
CA LYS B 3266 -9.36 -31.17 6.96
C LYS B 3266 -10.24 -32.41 6.81
N ILE B 3267 -9.83 -33.33 5.96
CA ILE B 3267 -10.55 -34.59 5.75
C ILE B 3267 -9.77 -35.67 6.49
N GLN B 3268 -10.19 -35.94 7.73
CA GLN B 3268 -9.60 -37.02 8.51
C GLN B 3268 -10.24 -38.36 8.11
N LEU B 3269 -9.48 -39.43 8.30
CA LEU B 3269 -9.94 -40.79 8.04
C LEU B 3269 -9.99 -41.55 9.36
N VAL B 3270 -11.14 -42.14 9.68
CA VAL B 3270 -11.23 -42.99 10.87
C VAL B 3270 -10.38 -44.23 10.68
N LYS B 3271 -10.30 -44.75 9.46
CA LYS B 3271 -9.43 -45.86 9.10
C LYS B 3271 -8.31 -45.33 8.22
N ALA B 3272 -7.07 -45.43 8.71
CA ALA B 3272 -5.91 -45.04 7.92
C ALA B 3272 -5.75 -46.00 6.75
N GLU B 3273 -5.54 -45.45 5.54
CA GLU B 3273 -5.55 -46.25 4.33
C GLU B 3273 -4.18 -46.26 3.67
N VAL B 3274 -3.71 -47.44 3.28
CA VAL B 3274 -2.47 -47.56 2.52
C VAL B 3274 -2.77 -47.12 1.08
N ALA B 3275 -2.28 -45.94 0.70
CA ALA B 3275 -2.57 -45.37 -0.61
C ALA B 3275 -1.28 -44.87 -1.25
N SER B 3276 -1.16 -45.05 -2.57
CA SER B 3276 -0.05 -44.50 -3.33
C SER B 3276 -0.45 -43.39 -4.28
N ALA B 3277 -1.72 -43.33 -4.69
CA ALA B 3277 -2.22 -42.26 -5.55
C ALA B 3277 -3.46 -41.66 -4.90
N VAL B 3278 -3.55 -40.33 -4.92
CA VAL B 3278 -4.66 -39.62 -4.31
C VAL B 3278 -5.23 -38.65 -5.33
N CYS B 3279 -6.51 -38.81 -5.65
CA CYS B 3279 -7.20 -37.93 -6.58
C CYS B 3279 -8.13 -37.00 -5.81
N LEU B 3280 -7.91 -35.70 -5.94
CA LEU B 3280 -8.80 -34.68 -5.40
C LEU B 3280 -9.64 -34.15 -6.55
N ARG B 3281 -10.92 -34.53 -6.58
CA ARG B 3281 -11.83 -34.05 -7.60
C ARG B 3281 -12.58 -32.86 -7.03
N LEU B 3282 -12.27 -31.68 -7.53
CA LEU B 3282 -12.86 -30.44 -7.05
C LEU B 3282 -14.02 -30.02 -7.94
N HIS B 3283 -15.10 -29.59 -7.31
CA HIS B 3283 -16.30 -29.16 -8.00
C HIS B 3283 -16.22 -27.67 -8.31
N ARG B 3284 -17.00 -27.25 -9.29
CA ARG B 3284 -17.08 -25.83 -9.61
C ARG B 3284 -17.68 -25.07 -8.43
N PRO B 3285 -17.15 -23.89 -8.08
CA PRO B 3285 -17.73 -23.11 -6.99
C PRO B 3285 -19.13 -22.62 -7.34
N ARG B 3286 -19.81 -22.11 -6.32
CA ARG B 3286 -21.23 -21.81 -6.45
C ARG B 3286 -21.48 -20.65 -7.41
N ASP B 3287 -20.62 -19.62 -7.36
CA ASP B 3287 -20.78 -18.49 -8.27
C ASP B 3287 -19.44 -17.99 -8.79
N ALA B 3288 -18.45 -18.88 -8.93
CA ALA B 3288 -17.16 -18.50 -9.48
C ALA B 3288 -16.72 -19.55 -10.50
N SER B 3289 -16.13 -19.08 -11.59
CA SER B 3289 -15.62 -19.95 -12.64
C SER B 3289 -14.13 -20.27 -12.48
N THR B 3290 -13.48 -19.75 -11.45
CA THR B 3290 -12.07 -19.99 -11.22
C THR B 3290 -11.84 -20.63 -9.87
N LEU B 3291 -10.80 -21.46 -9.79
CA LEU B 3291 -10.34 -22.06 -8.54
C LEU B 3291 -9.00 -21.48 -8.14
N GLY B 3292 -8.86 -21.14 -6.87
CA GLY B 3292 -7.59 -20.68 -6.33
C GLY B 3292 -7.23 -21.48 -5.11
N LEU B 3293 -6.04 -22.08 -5.11
CA LEU B 3293 -5.56 -22.91 -4.02
C LEU B 3293 -4.17 -22.47 -3.62
N SER B 3294 -3.82 -22.75 -2.36
CA SER B 3294 -2.52 -22.39 -1.80
C SER B 3294 -1.58 -23.58 -1.61
N GLN B 3295 -2.01 -24.60 -0.86
CA GLN B 3295 -1.10 -25.69 -0.50
C GLN B 3295 -1.91 -26.95 -0.18
N ILE B 3296 -1.42 -28.08 -0.69
CA ILE B 3296 -2.02 -29.39 -0.43
C ILE B 3296 -1.04 -30.20 0.43
N LYS B 3297 -1.52 -30.71 1.56
CA LYS B 3297 -0.73 -31.58 2.43
C LYS B 3297 -1.26 -33.00 2.39
N LEU B 3298 -0.35 -33.96 2.51
CA LEU B 3298 -0.69 -35.38 2.51
C LEU B 3298 -0.15 -36.04 3.79
N LEU B 3299 -0.93 -36.00 4.86
CA LEU B 3299 -0.44 -36.46 6.16
C LEU B 3299 -0.67 -37.95 6.37
N GLY B 3300 0.30 -38.59 7.01
CA GLY B 3300 0.19 -40.00 7.33
C GLY B 3300 1.51 -40.53 7.83
N LEU B 3301 1.63 -41.85 7.82
CA LEU B 3301 2.85 -42.53 8.22
C LEU B 3301 3.39 -43.36 7.07
N THR B 3302 4.52 -44.01 7.31
CA THR B 3302 5.11 -44.99 6.42
C THR B 3302 5.05 -46.36 7.07
N ALA B 3303 5.68 -47.35 6.41
CA ALA B 3303 5.73 -48.70 6.98
C ALA B 3303 6.61 -48.73 8.23
N PHE B 3304 7.65 -47.90 8.27
CA PHE B 3304 8.61 -47.86 9.37
C PHE B 3304 8.86 -46.41 9.78
N GLY B 3305 7.77 -45.66 9.97
CA GLY B 3305 7.87 -44.28 10.39
C GLY B 3305 6.68 -43.82 11.21
N GLU B 3320 -4.42 -47.72 23.86
CA GLU B 3320 -5.61 -47.99 24.67
C GLU B 3320 -6.57 -48.93 23.94
N ASP B 3321 -7.11 -48.45 22.81
CA ASP B 3321 -8.01 -49.28 22.02
C ASP B 3321 -7.26 -50.26 21.12
N GLN B 3322 -5.96 -50.06 20.92
CA GLN B 3322 -5.18 -50.98 20.10
C GLN B 3322 -4.84 -52.29 20.81
N VAL B 3323 -5.01 -52.34 22.13
CA VAL B 3323 -4.74 -53.55 22.90
C VAL B 3323 -5.98 -54.12 23.56
N SER B 3324 -7.10 -53.38 23.58
CA SER B 3324 -8.29 -53.85 24.28
C SER B 3324 -9.00 -54.94 23.48
N LYS B 3325 -9.03 -54.82 22.15
CA LYS B 3325 -9.71 -55.81 21.34
C LYS B 3325 -8.94 -57.12 21.24
N THR B 3326 -7.69 -57.16 21.71
CA THR B 3326 -6.91 -58.38 21.72
C THR B 3326 -7.29 -59.21 22.94
N SER B 3327 -6.47 -60.21 23.27
CA SER B 3327 -6.74 -61.09 24.40
C SER B 3327 -6.48 -60.42 25.75
N ILE B 3328 -5.94 -59.19 25.77
CA ILE B 3328 -5.64 -58.53 27.04
C ILE B 3328 -6.93 -58.22 27.81
N GLY B 3329 -8.02 -57.93 27.11
CA GLY B 3329 -9.27 -57.65 27.81
C GLY B 3329 -9.79 -58.87 28.55
N TRP B 3330 -9.73 -60.03 27.90
CA TRP B 3330 -10.13 -61.28 28.54
C TRP B 3330 -9.19 -61.64 29.69
N LEU B 3331 -7.90 -61.29 29.57
CA LEU B 3331 -6.98 -61.53 30.67
C LEU B 3331 -7.33 -60.65 31.87
N ARG B 3332 -7.75 -59.41 31.62
CA ARG B 3332 -8.26 -58.56 32.69
C ARG B 3332 -9.53 -59.16 33.28
N LEU B 3333 -10.35 -59.79 32.45
CA LEU B 3333 -11.56 -60.44 32.95
C LEU B 3333 -11.21 -61.56 33.92
N LEU B 3334 -10.23 -62.39 33.56
CA LEU B 3334 -9.80 -63.45 34.49
C LEU B 3334 -9.19 -62.87 35.75
N HIS B 3335 -8.39 -61.82 35.62
CA HIS B 3335 -7.77 -61.24 36.81
C HIS B 3335 -8.81 -60.65 37.75
N HIS B 3336 -9.82 -59.97 37.21
CA HIS B 3336 -10.87 -59.45 38.07
C HIS B 3336 -11.69 -60.58 38.69
N CYS B 3337 -11.92 -61.66 37.95
CA CYS B 3337 -12.65 -62.80 38.50
C CYS B 3337 -11.88 -63.46 39.64
N LEU B 3338 -10.57 -63.65 39.47
CA LEU B 3338 -9.78 -64.39 40.45
C LEU B 3338 -9.21 -63.51 41.55
N THR B 3339 -9.30 -62.18 41.43
CA THR B 3339 -8.68 -61.31 42.40
C THR B 3339 -9.64 -60.30 43.03
N HIS B 3340 -10.88 -60.16 42.53
CA HIS B 3340 -11.77 -59.19 43.13
C HIS B 3340 -12.22 -59.64 44.52
N ILE B 3341 -12.64 -60.89 44.64
CA ILE B 3341 -13.07 -61.45 45.92
C ILE B 3341 -12.33 -62.77 46.10
N SER B 3342 -11.48 -62.84 47.13
CA SER B 3342 -10.62 -64.00 47.36
C SER B 3342 -11.33 -65.22 47.95
N ASP B 3343 -12.54 -65.06 48.49
CA ASP B 3343 -13.23 -66.23 49.07
C ASP B 3343 -13.76 -67.20 48.03
N LEU B 3344 -14.08 -66.73 46.83
CA LEU B 3344 -14.60 -67.61 45.78
C LEU B 3344 -13.56 -67.97 44.73
N GLU B 3345 -12.30 -67.57 44.94
CA GLU B 3345 -11.28 -67.73 43.92
C GLU B 3345 -10.76 -69.16 43.82
N GLY B 3346 -10.98 -69.98 44.85
CA GLY B 3346 -10.43 -71.32 44.85
C GLY B 3346 -11.19 -72.33 44.02
N MET B 3347 -12.43 -72.67 44.37
CA MET B 3347 -13.13 -73.71 43.62
C MET B 3347 -13.34 -73.29 42.16
N MET B 3348 -13.66 -72.01 41.93
CA MET B 3348 -13.76 -71.52 40.56
C MET B 3348 -12.40 -71.53 39.85
N ALA B 3349 -11.30 -71.24 40.56
CA ALA B 3349 -10.00 -71.43 39.92
C ALA B 3349 -9.71 -72.91 39.64
N SER B 3350 -10.24 -73.81 40.48
CA SER B 3350 -10.14 -75.24 40.21
C SER B 3350 -10.94 -75.65 38.98
N ALA B 3351 -12.00 -74.91 38.68
CA ALA B 3351 -12.71 -75.13 37.42
C ALA B 3351 -11.93 -74.53 36.25
N ALA B 3352 -11.21 -73.43 36.50
CA ALA B 3352 -10.44 -72.77 35.46
C ALA B 3352 -9.14 -73.51 35.15
N ALA B 3353 -8.71 -74.40 36.06
CA ALA B 3353 -7.42 -75.07 35.91
C ALA B 3353 -7.38 -76.06 34.75
N PRO B 3354 -8.25 -77.10 34.67
CA PRO B 3354 -7.97 -78.21 33.75
C PRO B 3354 -8.20 -77.91 32.27
N THR B 3355 -8.31 -76.62 31.93
CA THR B 3355 -8.41 -76.24 30.53
C THR B 3355 -7.05 -76.43 29.85
N ALA B 3356 -7.08 -76.78 28.58
CA ALA B 3356 -5.87 -77.17 27.87
C ALA B 3356 -4.98 -75.96 27.59
N ASN B 3357 -3.68 -76.11 27.89
CA ASN B 3357 -2.64 -75.14 27.55
C ASN B 3357 -2.90 -73.78 28.19
N LEU B 3358 -3.48 -73.76 29.39
CA LEU B 3358 -3.70 -72.48 30.07
C LEU B 3358 -2.38 -71.91 30.56
N LEU B 3359 -1.55 -72.73 31.21
CA LEU B 3359 -0.35 -72.22 31.85
C LEU B 3359 0.71 -71.84 30.83
N GLN B 3360 0.82 -72.62 29.76
CA GLN B 3360 1.76 -72.29 28.68
C GLN B 3360 1.38 -70.98 28.02
N THR B 3361 0.08 -70.77 27.76
CA THR B 3361 -0.37 -69.52 27.16
C THR B 3361 -0.13 -68.34 28.11
N CYS B 3362 -0.36 -68.55 29.41
CA CYS B 3362 -0.12 -67.49 30.39
C CYS B 3362 1.35 -67.11 30.44
N ALA B 3363 2.23 -68.11 30.42
CA ALA B 3363 3.67 -67.83 30.42
C ALA B 3363 4.10 -67.15 29.13
N ALA B 3364 3.53 -67.55 27.99
CA ALA B 3364 3.89 -66.93 26.73
C ALA B 3364 3.43 -65.48 26.66
N LEU B 3365 2.25 -65.17 27.19
CA LEU B 3365 1.83 -63.76 27.22
C LEU B 3365 2.59 -62.96 28.26
N LEU B 3366 3.05 -63.61 29.34
CA LEU B 3366 3.88 -62.91 30.31
C LEU B 3366 5.26 -62.62 29.75
N MET B 3367 5.77 -63.47 28.86
CA MET B 3367 7.06 -63.21 28.23
C MET B 3367 6.98 -62.13 27.17
N SER B 3368 5.77 -61.77 26.73
CA SER B 3368 5.54 -60.78 25.70
C SER B 3368 5.69 -59.37 26.28
N PRO B 3369 6.09 -58.39 25.47
CA PRO B 3369 6.15 -57.01 25.98
C PRO B 3369 4.79 -56.44 26.35
N TYR B 3370 3.71 -56.94 25.73
CA TYR B 3370 2.36 -56.49 26.00
C TYR B 3370 1.90 -56.74 27.43
N CYS B 3371 2.62 -57.55 28.22
CA CYS B 3371 2.31 -57.68 29.63
C CYS B 3371 2.65 -56.44 30.43
N GLY B 3372 3.39 -55.49 29.85
CA GLY B 3372 3.98 -54.42 30.65
C GLY B 3372 2.99 -53.51 31.33
N MET B 3373 1.72 -53.53 30.91
CA MET B 3373 0.72 -52.73 31.60
C MET B 3373 -0.02 -53.52 32.68
N HIS B 3374 -0.16 -54.83 32.49
CA HIS B 3374 -0.89 -55.68 33.42
C HIS B 3374 -0.04 -56.77 34.06
N SER B 3375 1.29 -56.63 34.07
CA SER B 3375 2.15 -57.68 34.58
C SER B 3375 1.91 -58.05 36.05
N PRO B 3376 1.64 -57.12 36.98
CA PRO B 3376 1.29 -57.57 38.35
C PRO B 3376 0.10 -58.49 38.40
N ASN B 3377 -0.92 -58.22 37.58
CA ASN B 3377 -2.10 -59.08 37.55
C ASN B 3377 -1.74 -60.48 37.07
N ILE B 3378 -0.90 -60.57 36.04
CA ILE B 3378 -0.49 -61.87 35.51
C ILE B 3378 0.31 -62.64 36.54
N GLU B 3379 1.28 -61.99 37.20
CA GLU B 3379 2.07 -62.72 38.17
C GLU B 3379 1.24 -63.13 39.37
N VAL B 3380 0.26 -62.32 39.77
CA VAL B 3380 -0.57 -62.69 40.91
C VAL B 3380 -1.49 -63.86 40.57
N VAL B 3381 -2.08 -63.84 39.37
CA VAL B 3381 -2.95 -64.96 38.98
C VAL B 3381 -2.12 -66.22 38.77
N LEU B 3382 -0.86 -66.08 38.32
CA LEU B 3382 0.01 -67.24 38.21
C LEU B 3382 0.35 -67.81 39.59
N VAL B 3383 0.56 -66.94 40.57
CA VAL B 3383 0.84 -67.40 41.93
C VAL B 3383 -0.36 -68.15 42.49
N LYS B 3384 -1.56 -67.59 42.31
CA LYS B 3384 -2.76 -68.27 42.79
C LYS B 3384 -2.99 -69.62 42.10
N ILE B 3385 -2.79 -69.69 40.78
CA ILE B 3385 -2.94 -70.96 40.07
C ILE B 3385 -1.88 -71.95 40.51
N GLY B 3386 -0.66 -71.47 40.79
CA GLY B 3386 0.40 -72.34 41.27
C GLY B 3386 0.12 -72.90 42.65
N LEU B 3387 -0.35 -72.06 43.56
CA LEU B 3387 -0.67 -72.48 44.91
C LEU B 3387 -2.07 -73.05 45.04
N GLN B 3388 -2.79 -73.20 43.92
CA GLN B 3388 -4.03 -73.96 43.95
C GLN B 3388 -3.80 -75.44 44.26
N SER B 3389 -2.90 -76.07 43.52
CA SER B 3389 -2.61 -77.49 43.72
C SER B 3389 -1.13 -77.77 43.44
N THR B 3390 -0.68 -78.94 43.85
CA THR B 3390 0.73 -79.30 43.74
C THR B 3390 1.12 -79.66 42.31
N ARG B 3391 0.29 -80.43 41.61
CA ARG B 3391 0.65 -80.91 40.28
C ARG B 3391 0.74 -79.77 39.28
N ILE B 3392 -0.20 -78.83 39.34
CA ILE B 3392 -0.18 -77.69 38.43
C ILE B 3392 1.02 -76.80 38.71
N GLY B 3393 1.33 -76.59 39.98
CA GLY B 3393 2.51 -75.80 40.34
C GLY B 3393 3.80 -76.45 39.88
N LEU B 3394 3.93 -77.76 40.03
CA LEU B 3394 5.12 -78.45 39.55
C LEU B 3394 5.23 -78.38 38.02
N LYS B 3395 4.10 -78.53 37.33
CA LYS B 3395 4.12 -78.46 35.87
C LYS B 3395 4.50 -77.06 35.40
N LEU B 3396 3.99 -76.02 36.05
CA LEU B 3396 4.31 -74.67 35.63
C LEU B 3396 5.72 -74.27 36.02
N ILE B 3397 6.25 -74.83 37.13
CA ILE B 3397 7.66 -74.65 37.44
C ILE B 3397 8.52 -75.27 36.34
N ASP B 3398 8.14 -76.45 35.87
CA ASP B 3398 8.89 -77.10 34.78
C ASP B 3398 8.83 -76.30 33.49
N ILE B 3399 7.65 -75.78 33.14
CA ILE B 3399 7.54 -75.00 31.89
C ILE B 3399 8.09 -73.59 32.00
N LEU B 3400 8.32 -73.08 33.21
CA LEU B 3400 8.93 -71.76 33.39
C LEU B 3400 10.44 -71.82 33.55
N LEU B 3401 10.98 -72.97 33.95
CA LEU B 3401 12.42 -73.09 34.12
C LEU B 3401 13.09 -73.75 32.92
N ARG B 3402 12.39 -74.62 32.21
CA ARG B 3402 12.95 -75.33 31.06
C ARG B 3402 12.35 -74.86 29.74
N ASN B 3403 11.03 -74.85 29.61
CA ASN B 3403 10.38 -74.44 28.38
C ASN B 3403 10.02 -72.96 28.41
N SER B 3428 14.34 -63.32 33.32
CA SER B 3428 13.66 -62.04 33.53
C SER B 3428 13.29 -61.85 34.99
N ASP B 3429 13.02 -60.60 35.37
CA ASP B 3429 12.71 -60.28 36.77
C ASP B 3429 11.36 -60.88 37.16
N SER B 3430 10.42 -60.95 36.21
CA SER B 3430 9.10 -61.49 36.51
C SER B 3430 9.18 -62.97 36.89
N THR B 3431 10.02 -63.74 36.19
CA THR B 3431 10.19 -65.14 36.55
C THR B 3431 10.84 -65.28 37.92
N ILE B 3432 11.75 -64.35 38.26
CA ILE B 3432 12.34 -64.35 39.60
C ILE B 3432 11.26 -64.12 40.66
N ASP B 3433 10.36 -63.18 40.41
CA ASP B 3433 9.28 -62.92 41.35
C ASP B 3433 8.33 -64.12 41.45
N ILE B 3434 8.07 -64.79 40.33
CA ILE B 3434 7.23 -65.99 40.35
C ILE B 3434 7.86 -67.07 41.20
N LEU B 3435 9.16 -67.32 40.99
CA LEU B 3435 9.85 -68.35 41.76
C LEU B 3435 9.89 -67.99 43.24
N TYR B 3436 10.09 -66.70 43.55
CA TYR B 3436 10.12 -66.25 44.93
C TYR B 3436 8.78 -66.48 45.61
N GLN B 3437 7.69 -66.03 44.99
CA GLN B 3437 6.37 -66.20 45.57
C GLN B 3437 5.92 -67.65 45.61
N LEU B 3438 6.49 -68.51 44.76
CA LEU B 3438 6.18 -69.93 44.85
C LEU B 3438 6.96 -70.59 45.98
N GLY B 3439 8.22 -70.22 46.16
CA GLY B 3439 9.09 -70.87 47.11
C GLY B 3439 8.89 -70.43 48.54
N THR B 3440 8.58 -69.15 48.75
CA THR B 3440 8.54 -68.60 50.10
C THR B 3440 7.14 -68.59 50.71
N THR B 3441 6.09 -68.73 49.90
CA THR B 3441 4.74 -68.84 50.44
C THR B 3441 4.53 -70.24 51.01
N GLN B 3442 3.95 -70.31 52.20
CA GLN B 3442 3.84 -71.55 52.95
C GLN B 3442 2.53 -72.26 52.62
N ASP B 3443 2.64 -73.49 52.16
CA ASP B 3443 1.47 -74.33 51.90
C ASP B 3443 1.92 -75.79 51.98
N PRO B 3444 0.97 -76.73 52.04
CA PRO B 3444 1.35 -78.15 52.01
C PRO B 3444 2.12 -78.57 50.76
N GLY B 3445 2.02 -77.81 49.66
CA GLY B 3445 2.76 -78.07 48.44
C GLY B 3445 4.12 -77.40 48.34
N THR B 3446 4.60 -76.77 49.41
CA THR B 3446 5.88 -76.07 49.35
C THR B 3446 7.03 -77.04 49.24
N LYS B 3447 6.94 -78.17 49.95
CA LYS B 3447 8.02 -79.15 49.96
C LYS B 3447 8.25 -79.76 48.59
N ASP B 3448 7.16 -80.08 47.88
CA ASP B 3448 7.29 -80.60 46.52
C ASP B 3448 7.84 -79.54 45.57
N ARG B 3449 7.50 -78.26 45.79
CA ARG B 3449 8.01 -77.21 44.92
C ARG B 3449 9.51 -77.02 45.10
N ILE B 3450 9.98 -76.99 46.36
CA ILE B 3450 11.41 -76.86 46.57
C ILE B 3450 12.14 -78.13 46.17
N GLN B 3451 11.47 -79.29 46.25
CA GLN B 3451 12.05 -80.52 45.72
C GLN B 3451 12.24 -80.43 44.22
N ALA B 3452 11.26 -79.86 43.51
CA ALA B 3452 11.38 -79.68 42.06
C ALA B 3452 12.49 -78.69 41.73
N LEU B 3453 12.60 -77.61 42.51
CA LEU B 3453 13.68 -76.65 42.29
C LEU B 3453 15.05 -77.28 42.50
N LEU B 3454 15.20 -78.06 43.57
CA LEU B 3454 16.47 -78.74 43.83
C LEU B 3454 16.77 -79.78 42.76
N LYS B 3455 15.74 -80.48 42.28
CA LYS B 3455 15.94 -81.46 41.22
C LYS B 3455 16.39 -80.76 39.94
N TRP B 3456 15.81 -79.58 39.65
CA TRP B 3456 16.21 -78.82 38.47
C TRP B 3456 17.65 -78.35 38.57
N VAL B 3457 18.03 -77.83 39.73
CA VAL B 3457 19.40 -77.31 39.85
C VAL B 3457 20.40 -78.47 39.87
N SER B 3458 20.00 -79.63 40.40
CA SER B 3458 20.87 -80.81 40.35
C SER B 3458 21.02 -81.31 38.92
N ASP B 3459 19.95 -81.24 38.13
CA ASP B 3459 20.06 -81.64 36.73
C ASP B 3459 20.95 -80.69 35.94
N SER B 3460 20.84 -79.38 36.22
CA SER B 3460 21.72 -78.42 35.54
C SER B 3460 23.17 -78.62 35.96
N ALA B 3461 23.41 -78.91 37.24
CA ALA B 3461 24.77 -79.18 37.70
C ALA B 3461 25.30 -80.46 37.06
N ARG B 3462 24.46 -81.47 36.90
CA ARG B 3462 24.89 -82.70 36.23
C ARG B 3462 25.24 -82.46 34.77
N VAL B 3463 24.39 -81.69 34.08
CA VAL B 3463 24.63 -81.39 32.66
C VAL B 3463 25.93 -80.62 32.50
N ALA B 3464 26.18 -79.66 33.38
CA ALA B 3464 27.47 -78.98 33.35
C ALA B 3464 28.60 -79.89 33.79
N ALA B 3465 28.31 -80.93 34.59
CA ALA B 3465 29.37 -81.81 35.06
C ALA B 3465 29.88 -82.80 34.00
N MET B 3466 29.02 -83.45 33.21
CA MET B 3466 29.66 -84.28 32.18
C MET B 3466 30.30 -83.44 31.08
N LYS B 3467 29.85 -82.20 30.88
CA LYS B 3467 30.46 -81.30 29.92
C LYS B 3467 30.95 -80.01 30.59
N THR B 3481 15.86 -79.65 23.20
CA THR B 3481 14.42 -79.52 23.43
C THR B 3481 14.12 -79.20 24.88
N VAL B 3482 13.83 -80.24 25.66
CA VAL B 3482 13.56 -80.06 27.09
C VAL B 3482 14.84 -79.80 27.88
N GLU B 3483 16.00 -80.21 27.36
CA GLU B 3483 17.25 -80.06 28.09
C GLU B 3483 17.90 -78.69 27.90
N TYR B 3484 17.28 -77.80 27.12
CA TYR B 3484 17.90 -76.50 26.84
C TYR B 3484 18.06 -75.69 28.12
N GLY B 3485 17.03 -75.66 28.95
CA GLY B 3485 17.12 -75.02 30.25
C GLY B 3485 18.14 -75.63 31.19
N LEU B 3486 18.55 -76.88 30.93
CA LEU B 3486 19.62 -77.51 31.69
C LEU B 3486 21.00 -77.33 31.07
N LEU B 3487 21.08 -76.97 29.79
CA LEU B 3487 22.38 -76.71 29.18
C LEU B 3487 23.04 -75.50 29.83
N MET B 3488 22.26 -74.43 30.05
CA MET B 3488 22.68 -73.30 30.85
C MET B 3488 21.47 -72.79 31.65
N PRO B 3489 21.63 -72.53 32.93
CA PRO B 3489 20.57 -71.85 33.68
C PRO B 3489 20.81 -70.36 33.80
N SER B 3490 19.75 -69.60 33.99
CA SER B 3490 19.90 -68.17 34.24
C SER B 3490 20.49 -67.97 35.63
N PRO B 3491 21.58 -67.20 35.75
CA PRO B 3491 22.14 -66.96 37.09
C PRO B 3491 21.19 -66.24 38.04
N SER B 3492 20.31 -65.39 37.50
CA SER B 3492 19.32 -64.74 38.35
C SER B 3492 18.35 -65.76 38.92
N HIS B 3493 18.02 -66.80 38.16
CA HIS B 3493 17.16 -67.87 38.68
C HIS B 3493 17.85 -68.64 39.79
N LEU B 3494 19.16 -68.87 39.65
CA LEU B 3494 19.89 -69.57 40.70
C LEU B 3494 19.99 -68.72 41.96
N HIS B 3495 20.20 -67.41 41.82
CA HIS B 3495 20.19 -66.54 42.98
C HIS B 3495 18.81 -66.50 43.63
N CYS B 3496 17.76 -66.56 42.82
CA CYS B 3496 16.41 -66.63 43.36
C CYS B 3496 16.18 -67.93 44.13
N VAL B 3497 16.69 -69.05 43.61
CA VAL B 3497 16.57 -70.32 44.33
C VAL B 3497 17.33 -70.26 45.65
N ALA B 3498 18.50 -69.61 45.65
CA ALA B 3498 19.25 -69.43 46.89
C ALA B 3498 18.47 -68.60 47.89
N ALA B 3499 17.83 -67.53 47.42
CA ALA B 3499 17.01 -66.70 48.31
C ALA B 3499 15.79 -67.48 48.83
N ILE B 3500 15.21 -68.34 48.00
CA ILE B 3500 14.08 -69.16 48.41
C ILE B 3500 14.51 -70.10 49.54
N LEU B 3501 15.64 -70.78 49.37
CA LEU B 3501 16.14 -71.68 50.40
C LEU B 3501 16.48 -70.92 51.67
N TRP B 3502 17.04 -69.72 51.52
CA TRP B 3502 17.40 -68.90 52.65
C TRP B 3502 16.17 -68.45 53.44
N HIS B 3503 15.13 -68.00 52.74
CA HIS B 3503 13.93 -67.55 53.46
C HIS B 3503 13.15 -68.72 54.01
N SER B 3504 13.32 -69.93 53.45
CA SER B 3504 12.69 -71.08 54.06
C SER B 3504 13.43 -71.51 55.32
N TYR B 3505 14.76 -71.38 55.32
CA TYR B 3505 15.52 -71.66 56.55
C TYR B 3505 15.28 -70.60 57.61
N GLU B 3506 15.14 -69.33 57.20
CA GLU B 3506 14.93 -68.25 58.16
C GLU B 3506 13.53 -68.31 58.75
N LEU B 3507 12.51 -68.45 57.91
CA LEU B 3507 11.14 -68.50 58.39
C LEU B 3507 10.85 -69.86 59.00
N LEU B 3508 9.85 -69.90 59.88
CA LEU B 3508 9.45 -71.14 60.53
C LEU B 3508 8.64 -71.95 59.53
N VAL B 3509 9.24 -73.01 59.00
CA VAL B 3509 8.61 -73.87 58.01
C VAL B 3509 8.18 -75.17 58.68
N GLU B 3510 7.17 -75.81 58.10
CA GLU B 3510 6.66 -77.06 58.64
C GLU B 3510 7.50 -78.27 58.24
N TYR B 3511 8.26 -78.18 57.16
CA TYR B 3511 9.05 -79.30 56.68
C TYR B 3511 10.45 -79.26 57.25
N ASP B 3512 11.14 -80.40 57.17
CA ASP B 3512 12.54 -80.51 57.55
C ASP B 3512 13.40 -80.10 56.36
N LEU B 3513 13.76 -78.81 56.32
CA LEU B 3513 14.52 -78.29 55.18
C LEU B 3513 15.90 -78.91 55.01
N PRO B 3514 16.73 -79.09 56.04
CA PRO B 3514 18.05 -79.73 55.80
C PRO B 3514 17.99 -81.17 55.33
N ALA B 3515 16.84 -81.85 55.47
CA ALA B 3515 16.71 -83.20 54.94
C ALA B 3515 16.75 -83.22 53.42
N LEU B 3516 16.25 -82.17 52.76
CA LEU B 3516 16.33 -82.07 51.31
C LEU B 3516 17.75 -81.88 50.82
N LEU B 3517 18.58 -81.16 51.59
CA LEU B 3517 19.96 -80.93 51.22
C LEU B 3517 20.78 -82.22 51.32
N ASP B 3518 21.57 -82.49 50.28
CA ASP B 3518 22.39 -83.69 50.21
C ASP B 3518 23.85 -83.31 49.97
N GLN B 3519 24.76 -84.15 50.49
CA GLN B 3519 26.19 -83.92 50.33
C GLN B 3519 26.61 -84.07 48.87
N GLU B 3520 25.94 -84.98 48.15
CA GLU B 3520 26.24 -85.15 46.73
C GLU B 3520 25.94 -83.88 45.96
N LEU B 3521 24.91 -83.14 46.38
CA LEU B 3521 24.65 -81.83 45.80
C LEU B 3521 25.82 -80.87 46.08
N PHE B 3522 26.43 -80.97 47.27
CA PHE B 3522 27.59 -80.14 47.55
C PHE B 3522 28.74 -80.47 46.62
N GLU B 3523 28.98 -81.76 46.38
CA GLU B 3523 30.04 -82.16 45.47
C GLU B 3523 29.75 -81.73 44.04
N LEU B 3524 28.50 -81.87 43.60
CA LEU B 3524 28.13 -81.50 42.23
C LEU B 3524 28.27 -80.00 42.00
N LEU B 3525 27.75 -79.17 42.90
CA LEU B 3525 27.88 -77.73 42.72
C LEU B 3525 29.32 -77.25 42.93
N PHE B 3526 30.10 -77.92 43.77
CA PHE B 3526 31.50 -77.56 43.93
C PHE B 3526 32.29 -77.84 42.64
N ASN B 3527 32.09 -79.04 42.07
CA ASN B 3527 32.74 -79.36 40.79
C ASN B 3527 32.27 -78.44 39.68
N TRP B 3528 30.99 -78.06 39.71
CA TRP B 3528 30.47 -77.09 38.75
C TRP B 3528 31.15 -75.73 38.93
N SER B 3529 31.43 -75.35 40.18
CA SER B 3529 32.07 -74.06 40.42
C SER B 3529 33.49 -74.05 39.88
N MET B 3530 34.26 -75.11 40.07
CA MET B 3530 35.60 -75.06 39.49
C MET B 3530 35.63 -75.43 38.01
N SER B 3531 34.51 -75.84 37.43
CA SER B 3531 34.49 -76.18 36.01
C SER B 3531 34.49 -74.96 35.09
N LEU B 3532 34.32 -73.76 35.62
CA LEU B 3532 34.21 -72.55 34.82
C LEU B 3532 34.92 -71.38 35.49
N PRO B 3533 35.48 -70.45 34.69
CA PRO B 3533 36.22 -69.32 35.27
C PRO B 3533 35.36 -68.26 35.94
N CYS B 3534 35.99 -67.17 36.37
CA CYS B 3534 35.36 -66.19 37.25
C CYS B 3534 34.79 -64.98 36.52
N ASN B 3535 34.82 -64.96 35.19
CA ASN B 3535 34.34 -63.76 34.49
C ASN B 3535 32.81 -63.67 34.49
N MET B 3536 32.11 -64.78 34.28
CA MET B 3536 30.66 -64.68 34.16
C MET B 3536 30.02 -64.68 35.54
N VAL B 3537 28.73 -64.33 35.58
CA VAL B 3537 27.97 -64.28 36.83
C VAL B 3537 27.38 -65.64 37.20
N LEU B 3538 27.53 -66.65 36.34
CA LEU B 3538 27.08 -68.00 36.68
C LEU B 3538 27.85 -68.55 37.87
N LYS B 3539 29.15 -68.25 37.95
CA LYS B 3539 29.94 -68.64 39.11
C LYS B 3539 29.40 -67.98 40.38
N LYS B 3540 29.07 -66.69 40.29
CA LYS B 3540 28.50 -65.99 41.44
C LYS B 3540 27.17 -66.59 41.85
N ALA B 3541 26.35 -67.00 40.89
CA ALA B 3541 25.05 -67.58 41.21
C ALA B 3541 25.20 -68.94 41.88
N VAL B 3542 26.03 -69.82 41.32
CA VAL B 3542 26.20 -71.14 41.92
C VAL B 3542 26.90 -71.01 43.28
N ASP B 3543 27.71 -69.96 43.46
CA ASP B 3543 28.36 -69.75 44.73
C ASP B 3543 27.41 -69.17 45.77
N SER B 3544 26.45 -68.35 45.36
CA SER B 3544 25.39 -67.92 46.27
C SER B 3544 24.52 -69.10 46.68
N LEU B 3545 24.24 -70.01 45.75
CA LEU B 3545 23.54 -71.23 46.11
C LEU B 3545 24.35 -72.07 47.09
N LEU B 3546 25.67 -72.17 46.87
CA LEU B 3546 26.53 -72.89 47.81
C LEU B 3546 26.53 -72.22 49.18
N CYS B 3547 26.50 -70.88 49.21
CA CYS B 3547 26.49 -70.17 50.48
C CYS B 3547 25.18 -70.40 51.25
N SER B 3548 24.04 -70.36 50.55
CA SER B 3548 22.78 -70.62 51.22
C SER B 3548 22.67 -72.07 51.71
N MET B 3549 23.08 -73.03 50.88
CA MET B 3549 23.00 -74.43 51.31
C MET B 3549 23.94 -74.72 52.48
N CYS B 3550 25.16 -74.14 52.47
CA CYS B 3550 26.07 -74.38 53.59
C CYS B 3550 25.59 -73.63 54.83
N HIS B 3551 24.83 -72.54 54.65
CA HIS B 3551 24.22 -71.89 55.80
C HIS B 3551 23.17 -72.79 56.42
N VAL B 3552 22.42 -73.51 55.59
CA VAL B 3552 21.47 -74.50 56.10
C VAL B 3552 22.20 -75.66 56.76
N HIS B 3553 23.32 -76.10 56.18
CA HIS B 3553 24.07 -77.26 56.69
C HIS B 3553 25.50 -76.86 57.06
N PRO B 3554 25.77 -76.57 58.33
CA PRO B 3554 27.16 -76.30 58.74
C PRO B 3554 28.10 -77.49 58.57
N ASN B 3555 27.61 -78.72 58.71
CA ASN B 3555 28.49 -79.86 58.50
C ASN B 3555 28.96 -79.97 57.05
N TYR B 3556 28.20 -79.42 56.12
CA TYR B 3556 28.60 -79.44 54.72
C TYR B 3556 29.78 -78.50 54.47
N PHE B 3557 29.78 -77.32 55.09
CA PHE B 3557 30.95 -76.46 55.04
C PHE B 3557 32.12 -77.06 55.83
N SER B 3558 31.82 -77.74 56.94
CA SER B 3558 32.87 -78.39 57.72
C SER B 3558 33.58 -79.46 56.91
N LEU B 3559 32.84 -80.19 56.08
CA LEU B 3559 33.46 -81.15 55.19
C LEU B 3559 34.12 -80.46 54.00
N LEU B 3560 33.63 -79.28 53.60
CA LEU B 3560 34.29 -78.54 52.53
C LEU B 3560 35.69 -78.09 52.93
N MET B 3561 35.91 -77.77 54.21
CA MET B 3561 37.28 -77.45 54.62
C MET B 3561 38.21 -78.65 54.47
N GLY B 3562 37.73 -79.85 54.82
CA GLY B 3562 38.55 -81.04 54.71
C GLY B 3562 38.95 -81.42 53.30
N TRP B 3563 38.31 -80.85 52.29
CA TRP B 3563 38.67 -81.19 50.91
C TRP B 3563 39.97 -80.54 50.49
N MET B 3564 40.06 -79.21 50.62
CA MET B 3564 41.30 -78.49 50.33
C MET B 3564 42.29 -78.53 51.49
N GLY B 3565 42.53 -79.72 52.04
CA GLY B 3565 43.65 -79.92 52.95
C GLY B 3565 43.62 -79.09 54.21
N ILE B 3566 42.44 -78.77 54.73
CA ILE B 3566 42.30 -77.93 55.91
C ILE B 3566 41.54 -78.70 56.97
N THR B 3567 42.13 -78.80 58.16
CA THR B 3567 41.50 -79.51 59.27
C THR B 3567 41.12 -78.54 60.38
N PRO B 3602 51.53 -79.89 50.46
CA PRO B 3602 51.10 -78.62 51.05
C PRO B 3602 49.69 -78.21 50.60
N LEU B 3603 49.59 -77.00 50.05
CA LEU B 3603 48.33 -76.46 49.58
C LEU B 3603 48.53 -75.70 48.28
N ALA B 3604 47.46 -75.64 47.50
CA ALA B 3604 47.46 -74.95 46.21
C ALA B 3604 46.01 -74.61 45.92
N LEU B 3605 45.68 -73.32 45.97
CA LEU B 3605 44.34 -72.84 45.69
C LEU B 3605 44.41 -71.79 44.60
N THR B 3606 43.60 -71.95 43.56
CA THR B 3606 43.54 -70.99 42.48
C THR B 3606 42.66 -69.82 42.89
N GLU B 3607 42.48 -68.88 41.96
CA GLU B 3607 41.66 -67.71 42.24
C GLU B 3607 40.19 -68.08 42.33
N SER B 3608 39.77 -69.09 41.57
CA SER B 3608 38.38 -69.55 41.65
C SER B 3608 38.09 -70.24 42.98
N HIS B 3609 39.06 -70.99 43.50
CA HIS B 3609 38.88 -71.63 44.81
C HIS B 3609 38.61 -70.59 45.90
N LEU B 3610 39.48 -69.59 46.00
CA LEU B 3610 39.29 -68.57 47.03
C LEU B 3610 38.08 -67.69 46.74
N ALA B 3611 37.74 -67.52 45.45
CA ALA B 3611 36.53 -66.79 45.10
C ALA B 3611 35.29 -67.52 45.61
N THR B 3612 35.24 -68.83 45.40
CA THR B 3612 34.12 -69.62 45.90
C THR B 3612 34.08 -69.60 47.43
N LEU B 3613 35.24 -69.67 48.08
CA LEU B 3613 35.25 -69.67 49.55
C LEU B 3613 34.81 -68.31 50.11
N ALA B 3614 35.26 -67.22 49.50
CA ALA B 3614 34.88 -65.88 49.96
C ALA B 3614 33.41 -65.61 49.69
N SER B 3615 32.90 -66.12 48.57
CA SER B 3615 31.48 -65.98 48.27
C SER B 3615 30.64 -66.81 49.23
N SER B 3616 31.05 -68.04 49.49
CA SER B 3616 30.28 -68.97 50.30
C SER B 3616 30.58 -68.86 51.79
N SER B 3617 31.32 -67.82 52.19
CA SER B 3617 31.66 -67.64 53.60
C SER B 3617 30.93 -66.44 54.19
N GLN B 3618 30.02 -65.83 53.41
CA GLN B 3618 29.33 -64.62 53.82
C GLN B 3618 28.24 -64.89 54.82
N SER B 3619 27.72 -66.11 54.86
CA SER B 3619 26.68 -66.46 55.81
C SER B 3619 27.26 -66.62 57.21
N PRO B 3620 26.44 -66.34 58.25
CA PRO B 3620 26.98 -66.34 59.62
C PRO B 3620 27.52 -67.69 60.07
N GLU B 3621 26.86 -68.79 59.69
CA GLU B 3621 27.40 -70.11 60.03
C GLU B 3621 28.69 -70.39 59.29
N ALA B 3622 28.76 -70.01 58.01
CA ALA B 3622 29.98 -70.22 57.25
C ALA B 3622 31.13 -69.39 57.80
N ILE B 3623 30.87 -68.12 58.16
CA ILE B 3623 31.95 -67.30 58.69
C ILE B 3623 32.31 -67.72 60.11
N LYS B 3624 31.37 -68.28 60.86
CA LYS B 3624 31.69 -68.84 62.17
C LYS B 3624 32.60 -70.06 62.04
N GLN B 3625 32.30 -70.95 61.09
CA GLN B 3625 33.15 -72.09 60.83
C GLN B 3625 34.49 -71.68 60.24
N LEU B 3626 34.51 -70.60 59.46
CA LEU B 3626 35.75 -70.13 58.89
C LEU B 3626 36.66 -69.54 59.96
N LEU B 3627 36.08 -68.83 60.92
CA LEU B 3627 36.88 -68.35 62.03
C LEU B 3627 37.32 -69.51 62.91
N ASP B 3628 36.45 -70.51 63.07
CA ASP B 3628 36.82 -71.70 63.83
C ASP B 3628 37.87 -72.52 63.09
N SER B 3629 37.82 -72.52 61.76
CA SER B 3629 38.86 -73.16 60.96
C SER B 3629 40.12 -72.31 60.96
N GLY B 3630 41.26 -72.98 60.76
CA GLY B 3630 42.53 -72.29 60.77
C GLY B 3630 42.94 -71.67 59.46
N LEU B 3631 42.07 -71.70 58.45
CA LEU B 3631 42.40 -71.12 57.15
C LEU B 3631 42.68 -69.62 57.20
N PRO B 3632 41.88 -68.77 57.86
CA PRO B 3632 42.25 -67.34 57.93
C PRO B 3632 43.56 -67.10 58.66
N SER B 3633 43.79 -67.82 59.76
CA SER B 3633 45.02 -67.65 60.51
C SER B 3633 46.24 -68.07 59.70
N LEU B 3634 46.15 -69.23 59.03
CA LEU B 3634 47.28 -69.68 58.23
C LEU B 3634 47.51 -68.77 57.03
N LEU B 3635 46.45 -68.25 56.42
CA LEU B 3635 46.66 -67.37 55.29
C LEU B 3635 47.27 -66.04 55.71
N VAL B 3636 46.85 -65.48 56.85
CA VAL B 3636 47.44 -64.20 57.25
C VAL B 3636 48.88 -64.41 57.72
N ARG B 3637 49.18 -65.55 58.36
CA ARG B 3637 50.57 -65.83 58.72
C ARG B 3637 51.43 -66.02 57.47
N SER B 3638 50.89 -66.72 56.47
CA SER B 3638 51.63 -66.95 55.23
C SER B 3638 51.90 -65.64 54.49
N LEU B 3639 50.90 -64.77 54.39
CA LEU B 3639 51.11 -63.52 53.66
C LEU B 3639 52.01 -62.57 54.43
N ALA B 3640 51.94 -62.57 55.76
CA ALA B 3640 52.86 -61.77 56.54
C ALA B 3640 54.29 -62.27 56.39
N SER B 3641 54.48 -63.60 56.36
CA SER B 3641 55.81 -64.15 56.13
C SER B 3641 56.33 -63.83 54.75
N PHE B 3642 55.47 -63.89 53.73
CA PHE B 3642 55.88 -63.53 52.37
C PHE B 3642 56.27 -62.06 52.29
N CYS B 3643 55.49 -61.18 52.90
CA CYS B 3643 55.81 -59.76 52.91
C CYS B 3643 57.12 -59.49 53.64
N PHE B 3644 57.32 -60.13 54.79
CA PHE B 3644 58.56 -59.95 55.55
C PHE B 3644 59.76 -60.45 54.76
N SER B 3645 59.62 -61.59 54.07
CA SER B 3645 60.71 -62.12 53.27
C SER B 3645 61.04 -61.18 52.11
N HIS B 3646 60.01 -60.61 51.48
CA HIS B 3646 60.25 -59.70 50.37
C HIS B 3646 60.91 -58.41 50.86
N ILE B 3647 60.50 -57.92 52.04
CA ILE B 3647 61.12 -56.74 52.63
C ILE B 3647 62.59 -57.02 52.95
N SER B 3648 62.87 -58.19 53.51
CA SER B 3648 64.25 -58.53 53.86
C SER B 3648 65.11 -58.67 52.60
N SER B 3649 64.53 -59.20 51.53
CA SER B 3649 65.28 -59.32 50.28
C SER B 3649 65.50 -57.96 49.62
N SER B 3650 64.52 -57.06 49.72
CA SER B 3650 64.67 -55.73 49.13
C SER B 3650 65.65 -54.86 49.91
N GLU B 3651 65.65 -54.98 51.24
CA GLU B 3651 66.51 -54.17 52.08
C GLU B 3651 67.95 -54.69 52.13
N SER B 3652 68.20 -55.89 51.65
CA SER B 3652 69.54 -56.47 51.67
C SER B 3652 70.36 -56.11 50.44
N ILE B 3653 69.75 -55.46 49.45
CA ILE B 3653 70.44 -55.08 48.23
C ILE B 3653 71.38 -53.91 48.49
N ASN B 3674 53.42 -73.25 61.43
CA ASN B 3674 52.61 -73.42 60.24
C ASN B 3674 52.83 -72.27 59.26
N LYS B 3675 53.65 -72.50 58.24
CA LYS B 3675 53.94 -71.46 57.27
C LYS B 3675 53.88 -72.05 55.87
N MET B 3676 53.50 -71.22 54.90
CA MET B 3676 53.28 -71.71 53.55
C MET B 3676 53.54 -70.62 52.52
N PRO B 3677 54.26 -70.93 51.44
CA PRO B 3677 54.74 -69.87 50.52
C PRO B 3677 53.64 -69.40 49.58
N ILE B 3678 53.36 -68.09 49.62
CA ILE B 3678 52.35 -67.45 48.77
C ILE B 3678 53.06 -66.83 47.57
N THR B 3679 52.54 -67.08 46.37
CA THR B 3679 53.13 -66.53 45.16
C THR B 3679 52.58 -65.14 44.87
N ALA B 3680 53.12 -64.51 43.83
CA ALA B 3680 52.78 -63.15 43.42
C ALA B 3680 51.41 -63.02 42.80
N ASP B 3681 50.72 -64.11 42.49
CA ASP B 3681 49.42 -64.03 41.84
C ASP B 3681 48.27 -64.05 42.83
N LEU B 3682 48.35 -64.91 43.84
CA LEU B 3682 47.25 -65.10 44.78
C LEU B 3682 47.11 -63.94 45.77
N VAL B 3683 48.14 -63.12 45.95
CA VAL B 3683 48.12 -62.13 47.03
C VAL B 3683 47.07 -61.04 46.83
N ALA B 3684 46.85 -60.60 45.60
CA ALA B 3684 45.75 -59.63 45.39
C ALA B 3684 44.37 -60.23 45.61
N PRO B 3685 44.06 -61.43 45.08
CA PRO B 3685 42.78 -62.05 45.43
C PRO B 3685 42.60 -62.34 46.91
N ILE B 3686 43.66 -62.70 47.64
CA ILE B 3686 43.44 -63.00 49.05
C ILE B 3686 43.38 -61.71 49.87
N LEU B 3687 43.98 -60.61 49.39
CA LEU B 3687 43.68 -59.33 50.00
C LEU B 3687 42.23 -58.94 49.75
N ARG B 3688 41.67 -59.30 48.59
CA ARG B 3688 40.25 -59.10 48.37
C ARG B 3688 39.40 -59.99 49.28
N PHE B 3689 39.90 -61.19 49.60
CA PHE B 3689 39.32 -62.00 50.66
C PHE B 3689 39.24 -61.23 51.98
N LEU B 3690 40.36 -60.61 52.37
CA LEU B 3690 40.35 -59.79 53.59
C LEU B 3690 39.31 -58.67 53.50
N THR B 3691 39.22 -58.02 52.33
CA THR B 3691 38.23 -56.96 52.17
C THR B 3691 36.82 -57.50 52.36
N GLU B 3692 36.54 -58.69 51.81
CA GLU B 3692 35.20 -59.25 51.88
C GLU B 3692 34.86 -59.74 53.28
N VAL B 3693 35.86 -60.21 54.05
CA VAL B 3693 35.59 -60.68 55.40
C VAL B 3693 35.60 -59.55 56.43
N GLY B 3694 36.13 -58.38 56.08
CA GLY B 3694 36.15 -57.24 57.00
C GLY B 3694 34.79 -56.65 57.37
N ASN B 3695 33.68 -57.22 56.89
CA ASN B 3695 32.36 -56.73 57.28
C ASN B 3695 32.06 -56.99 58.76
N SER B 3696 32.57 -58.10 59.30
CA SER B 3696 32.33 -58.40 60.71
C SER B 3696 33.03 -57.40 61.62
N HIS B 3697 32.35 -57.05 62.72
CA HIS B 3697 32.91 -56.06 63.63
C HIS B 3697 34.03 -56.65 64.47
N ILE B 3698 33.95 -57.94 64.80
CA ILE B 3698 35.04 -58.58 65.51
C ILE B 3698 36.22 -58.80 64.56
N MET B 3699 35.96 -58.90 63.26
CA MET B 3699 37.05 -58.87 62.28
C MET B 3699 37.75 -57.51 62.31
N LYS B 3700 36.98 -56.43 62.42
CA LYS B 3700 37.58 -55.11 62.49
C LYS B 3700 38.35 -54.90 63.79
N ASP B 3701 37.88 -55.52 64.88
CA ASP B 3701 38.61 -55.45 66.14
C ASP B 3701 39.89 -56.29 66.09
N TRP B 3702 39.83 -57.43 65.39
CA TRP B 3702 41.02 -58.28 65.25
C TRP B 3702 42.06 -57.64 64.36
N LEU B 3703 41.61 -56.93 63.31
CA LEU B 3703 42.52 -56.19 62.46
C LEU B 3703 43.14 -54.99 63.16
N GLY B 3704 42.51 -54.52 64.24
CA GLY B 3704 43.04 -53.42 65.03
C GLY B 3704 44.04 -53.79 66.11
N GLY B 3705 44.37 -55.08 66.25
CA GLY B 3705 45.31 -55.49 67.26
C GLY B 3705 46.76 -55.42 66.79
N SER B 3706 47.67 -55.65 67.73
CA SER B 3706 49.09 -55.64 67.39
C SER B 3706 49.52 -56.88 66.61
N GLU B 3707 48.72 -57.94 66.64
CA GLU B 3707 49.03 -59.12 65.85
C GLU B 3707 48.92 -58.85 64.35
N VAL B 3708 48.03 -57.94 63.96
CA VAL B 3708 47.74 -57.72 62.54
C VAL B 3708 48.59 -56.59 61.97
N ASN B 3709 48.85 -55.54 62.75
CA ASN B 3709 49.65 -54.36 62.38
C ASN B 3709 50.92 -54.65 61.56
N PRO B 3710 51.62 -55.77 61.78
CA PRO B 3710 52.65 -56.17 60.81
C PRO B 3710 52.14 -56.32 59.38
N LEU B 3711 50.87 -56.73 59.17
CA LEU B 3711 50.32 -56.77 57.83
C LEU B 3711 50.34 -55.38 57.19
N TRP B 3712 49.86 -54.37 57.93
CA TRP B 3712 49.83 -52.99 57.41
C TRP B 3712 51.24 -52.49 57.12
N THR B 3713 52.14 -52.63 58.10
CA THR B 3713 53.49 -52.11 57.92
C THR B 3713 54.22 -52.84 56.79
N ALA B 3714 54.02 -54.15 56.70
CA ALA B 3714 54.66 -54.96 55.67
C ALA B 3714 54.15 -54.60 54.28
N LEU B 3715 52.83 -54.43 54.12
CA LEU B 3715 52.29 -54.07 52.81
C LEU B 3715 52.80 -52.68 52.41
N LEU B 3716 52.88 -51.76 53.37
CA LEU B 3716 53.32 -50.41 53.03
C LEU B 3716 54.79 -50.40 52.64
N PHE B 3717 55.63 -51.14 53.38
CA PHE B 3717 57.05 -51.22 53.05
C PHE B 3717 57.28 -51.96 51.75
N LEU B 3718 56.37 -52.88 51.41
CA LEU B 3718 56.48 -53.61 50.15
C LEU B 3718 56.14 -52.70 48.98
N LEU B 3719 55.07 -51.91 49.11
CA LEU B 3719 54.59 -51.07 48.03
C LEU B 3719 55.22 -49.67 47.99
N CYS B 3720 56.15 -49.34 48.89
CA CYS B 3720 56.82 -48.04 48.81
C CYS B 3720 58.30 -48.17 48.49
N HIS B 3721 59.05 -48.93 49.31
CA HIS B 3721 60.49 -49.05 49.11
C HIS B 3721 60.83 -49.91 47.89
N SER B 3722 60.16 -51.06 47.74
CA SER B 3722 60.51 -51.99 46.67
C SER B 3722 59.89 -51.51 45.37
N GLY B 3723 60.60 -50.63 44.67
CA GLY B 3723 60.16 -50.15 43.38
C GLY B 3723 60.72 -50.98 42.24
N SER B 3724 60.23 -50.68 41.03
CA SER B 3724 60.69 -51.39 39.84
C SER B 3724 61.87 -50.67 39.19
N THR B 3749 63.14 -60.99 43.29
CA THR B 3749 61.76 -60.58 43.47
C THR B 3749 61.47 -59.30 42.71
N GLY B 3750 60.43 -59.32 41.87
CA GLY B 3750 60.05 -58.16 41.10
C GLY B 3750 58.56 -57.95 41.02
N LEU B 3751 58.11 -56.71 41.24
CA LEU B 3751 56.69 -56.36 41.21
C LEU B 3751 56.37 -55.75 39.86
N THR B 3752 55.58 -56.46 39.06
CA THR B 3752 55.13 -55.94 37.78
C THR B 3752 54.01 -54.91 37.99
N THR B 3753 53.78 -54.11 36.94
CA THR B 3753 52.86 -52.98 37.07
C THR B 3753 51.42 -53.43 37.22
N GLN B 3754 51.03 -54.51 36.52
CA GLN B 3754 49.66 -55.00 36.63
C GLN B 3754 49.38 -55.55 38.03
N GLN B 3755 50.30 -56.34 38.58
CA GLN B 3755 50.13 -56.83 39.93
C GLN B 3755 50.23 -55.71 40.96
N ARG B 3756 51.07 -54.71 40.70
CA ARG B 3756 51.16 -53.56 41.58
C ARG B 3756 49.83 -52.80 41.63
N THR B 3757 49.21 -52.61 40.47
CA THR B 3757 47.89 -51.99 40.42
C THR B 3757 46.84 -52.86 41.10
N ALA B 3758 46.97 -54.18 40.98
CA ALA B 3758 46.02 -55.08 41.66
C ALA B 3758 46.10 -54.94 43.18
N ILE B 3759 47.32 -54.94 43.72
CA ILE B 3759 47.49 -54.75 45.16
C ILE B 3759 47.06 -53.34 45.57
N GLU B 3760 47.32 -52.36 44.70
CA GLU B 3760 46.95 -50.98 44.98
C GLU B 3760 45.43 -50.83 45.11
N ASN B 3761 44.69 -51.41 44.17
CA ASN B 3761 43.23 -51.34 44.21
C ASN B 3761 42.67 -52.18 45.36
N ALA B 3762 43.29 -53.32 45.66
CA ALA B 3762 42.84 -54.15 46.76
C ALA B 3762 43.04 -53.44 48.10
N THR B 3763 44.17 -52.73 48.24
CA THR B 3763 44.41 -51.96 49.46
C THR B 3763 43.43 -50.80 49.57
N VAL B 3764 43.08 -50.17 48.44
CA VAL B 3764 42.06 -49.13 48.48
C VAL B 3764 40.72 -49.69 48.94
N ALA B 3765 40.35 -50.86 48.43
CA ALA B 3765 39.10 -51.49 48.86
C ALA B 3765 39.15 -51.87 50.34
N PHE B 3766 40.30 -52.36 50.80
CA PHE B 3766 40.46 -52.71 52.21
C PHE B 3766 40.33 -51.48 53.11
N PHE B 3767 40.95 -50.37 52.72
CA PHE B 3767 40.85 -49.16 53.52
C PHE B 3767 39.44 -48.58 53.51
N LEU B 3768 38.75 -48.68 52.37
CA LEU B 3768 37.36 -48.24 52.31
C LEU B 3768 36.47 -49.12 53.16
N GLN B 3769 36.76 -50.41 53.22
CA GLN B 3769 35.96 -51.36 53.98
C GLN B 3769 36.19 -51.27 55.48
N CYS B 3770 37.41 -50.92 55.90
CA CYS B 3770 37.74 -50.98 57.32
C CYS B 3770 37.01 -49.89 58.11
N ILE B 3771 37.03 -48.66 57.61
CA ILE B 3771 36.56 -47.52 58.39
C ILE B 3771 35.08 -47.25 58.15
N SER B 3772 34.41 -48.13 57.41
CA SER B 3772 33.00 -47.94 57.10
C SER B 3772 32.19 -48.07 58.39
N CYS B 3773 31.59 -46.95 58.82
CA CYS B 3773 30.74 -46.83 60.01
C CYS B 3773 31.42 -47.30 61.30
N HIS B 3774 32.76 -47.38 61.30
CA HIS B 3774 33.50 -47.80 62.48
C HIS B 3774 34.40 -46.67 62.96
N PRO B 3775 33.97 -45.92 64.00
CA PRO B 3775 34.81 -44.81 64.50
C PRO B 3775 36.15 -45.28 65.07
N ASN B 3776 36.21 -46.49 65.64
CA ASN B 3776 37.48 -47.02 66.12
C ASN B 3776 38.46 -47.22 64.98
N ASN B 3777 38.00 -47.78 63.86
CA ASN B 3777 38.87 -47.86 62.69
C ASN B 3777 39.20 -46.49 62.12
N GLN B 3778 38.28 -45.52 62.27
CA GLN B 3778 38.54 -44.16 61.82
C GLN B 3778 39.72 -43.55 62.59
N LYS B 3779 39.68 -43.63 63.92
CA LYS B 3779 40.79 -43.08 64.68
C LYS B 3779 42.06 -43.92 64.51
N LEU B 3780 41.90 -45.22 64.24
CA LEU B 3780 43.07 -46.06 63.96
C LEU B 3780 43.77 -45.62 62.68
N MET B 3781 43.01 -45.44 61.59
CA MET B 3781 43.63 -44.97 60.35
C MET B 3781 44.17 -43.56 60.49
N ALA B 3782 43.50 -42.71 61.27
CA ALA B 3782 44.03 -41.37 61.49
C ALA B 3782 45.38 -41.41 62.20
N GLN B 3783 45.50 -42.24 63.24
CA GLN B 3783 46.77 -42.39 63.93
C GLN B 3783 47.83 -43.00 63.02
N VAL B 3784 47.45 -43.98 62.20
CA VAL B 3784 48.38 -44.64 61.31
C VAL B 3784 48.92 -43.66 60.27
N LEU B 3785 48.01 -42.89 59.65
CA LEU B 3785 48.44 -41.95 58.62
C LEU B 3785 49.21 -40.79 59.22
N CYS B 3786 48.89 -40.36 60.43
CA CYS B 3786 49.73 -39.35 61.10
C CYS B 3786 51.11 -39.90 61.39
N GLU B 3787 51.21 -41.19 61.72
CA GLU B 3787 52.53 -41.77 61.98
C GLU B 3787 53.33 -41.94 60.71
N LEU B 3788 52.68 -42.26 59.59
CA LEU B 3788 53.39 -42.32 58.31
C LEU B 3788 53.83 -40.94 57.84
N PHE B 3789 52.94 -39.95 57.96
CA PHE B 3789 53.28 -38.60 57.52
C PHE B 3789 54.29 -37.93 58.45
N GLN B 3790 54.36 -38.35 59.71
CA GLN B 3790 55.36 -37.80 60.61
C GLN B 3790 56.76 -38.32 60.26
N THR B 3791 56.86 -39.57 59.83
CA THR B 3791 58.13 -40.18 59.45
C THR B 3791 58.29 -40.17 57.93
N SER B 3792 57.81 -39.11 57.28
CA SER B 3792 58.03 -38.96 55.85
C SER B 3792 59.47 -38.54 55.59
N PRO B 3793 60.12 -39.12 54.58
CA PRO B 3793 61.53 -38.79 54.34
C PRO B 3793 61.71 -37.36 53.87
N GLN B 3794 62.83 -36.77 54.27
CA GLN B 3794 63.16 -35.40 53.91
C GLN B 3794 64.11 -35.37 52.71
N GLY B 3802 61.04 -35.85 50.68
CA GLY B 3802 60.11 -34.76 50.48
C GLY B 3802 59.00 -35.08 49.49
N ASN B 3803 59.31 -35.93 48.53
CA ASN B 3803 58.34 -36.33 47.51
C ASN B 3803 57.44 -37.43 48.06
N ILE B 3804 56.14 -37.29 47.84
CA ILE B 3804 55.16 -38.27 48.28
C ILE B 3804 54.93 -39.27 47.16
N SER B 3805 54.91 -40.56 47.51
CA SER B 3805 54.68 -41.60 46.54
C SER B 3805 53.25 -41.56 46.02
N GLY B 3806 52.99 -42.32 44.96
CA GLY B 3806 51.69 -42.29 44.33
C GLY B 3806 50.60 -42.88 45.21
N PHE B 3807 50.94 -43.92 45.97
CA PHE B 3807 49.97 -44.60 46.82
C PHE B 3807 49.43 -43.64 47.88
N ILE B 3808 50.32 -42.97 48.60
CA ILE B 3808 49.89 -42.09 49.69
C ILE B 3808 49.13 -40.89 49.15
N ARG B 3809 49.58 -40.35 48.01
CA ARG B 3809 48.89 -39.23 47.38
C ARG B 3809 47.47 -39.61 46.96
N ARG B 3810 47.33 -40.74 46.27
CA ARG B 3810 46.00 -41.12 45.81
C ARG B 3810 45.12 -41.55 46.99
N LEU B 3811 45.73 -42.06 48.06
CA LEU B 3811 44.96 -42.41 49.25
C LEU B 3811 44.44 -41.16 49.93
N PHE B 3812 45.24 -40.10 49.95
CA PHE B 3812 44.73 -38.83 50.45
C PHE B 3812 43.63 -38.29 49.55
N LEU B 3813 43.81 -38.37 48.24
CA LEU B 3813 42.79 -37.84 47.33
C LEU B 3813 41.55 -38.72 47.23
N GLN B 3814 41.58 -39.93 47.80
CA GLN B 3814 40.50 -40.89 47.65
C GLN B 3814 39.76 -41.18 48.95
N LEU B 3815 40.46 -41.63 49.99
CA LEU B 3815 39.79 -42.28 51.12
C LEU B 3815 38.99 -41.29 51.98
N MET B 3816 39.60 -40.18 52.39
CA MET B 3816 38.89 -39.19 53.21
C MET B 3816 38.32 -38.01 52.41
N LEU B 3817 38.43 -38.02 51.09
CA LEU B 3817 37.83 -37.00 50.25
C LEU B 3817 36.58 -37.46 49.52
N GLU B 3818 36.16 -38.70 49.71
CA GLU B 3818 34.84 -39.10 49.28
C GLU B 3818 33.99 -39.30 50.52
N ASP B 3819 32.70 -39.01 50.39
CA ASP B 3819 31.77 -39.17 51.50
C ASP B 3819 31.59 -40.63 51.90
N GLU B 3820 31.33 -40.84 53.19
CA GLU B 3820 31.14 -42.19 53.72
C GLU B 3820 29.89 -42.83 53.15
N LYS B 3821 30.01 -44.09 52.76
CA LYS B 3821 28.94 -44.84 52.13
C LYS B 3821 28.50 -45.97 53.06
N VAL B 3822 27.18 -46.10 53.24
CA VAL B 3822 26.60 -47.09 54.13
C VAL B 3822 25.61 -47.90 53.32
N THR B 3823 25.27 -49.09 53.84
CA THR B 3823 24.35 -50.00 53.18
C THR B 3823 22.95 -49.78 53.74
N MET B 3824 22.02 -49.49 52.85
CA MET B 3824 20.62 -49.24 53.17
C MET B 3824 19.80 -50.47 52.84
N PHE B 3825 19.05 -50.96 53.83
CA PHE B 3825 18.16 -52.11 53.68
C PHE B 3825 16.72 -51.65 53.91
N LEU B 3826 15.82 -52.02 53.00
CA LEU B 3826 14.43 -51.57 53.06
C LEU B 3826 13.50 -52.76 53.03
N GLN B 3827 12.68 -52.91 54.07
CA GLN B 3827 11.66 -53.95 54.12
C GLN B 3827 10.28 -53.28 54.09
N SER B 3828 9.43 -53.72 53.16
CA SER B 3828 8.09 -53.14 53.12
C SER B 3828 7.12 -54.09 52.44
N PRO B 3829 5.89 -54.23 52.94
CA PRO B 3829 4.89 -55.04 52.24
C PRO B 3829 4.48 -54.45 50.89
N CYS B 3830 4.53 -53.12 50.76
CA CYS B 3830 4.17 -52.43 49.53
C CYS B 3830 5.33 -52.50 48.53
N PRO B 3831 5.02 -52.61 47.23
CA PRO B 3831 6.09 -52.63 46.23
C PRO B 3831 6.94 -51.37 46.26
N LEU B 3832 8.24 -51.55 46.08
CA LEU B 3832 9.23 -50.48 46.14
C LEU B 3832 9.88 -50.35 44.76
N TYR B 3833 9.47 -49.34 44.00
CA TYR B 3833 10.10 -49.04 42.73
C TYR B 3833 9.88 -47.58 42.34
N VAL B 3843 21.93 -57.58 39.54
CA VAL B 3843 22.87 -57.48 40.65
C VAL B 3843 22.62 -58.63 41.63
N ILE B 3844 23.69 -59.16 42.21
CA ILE B 3844 23.62 -60.26 43.17
C ILE B 3844 24.09 -59.73 44.51
N GLN B 3845 23.26 -59.89 45.54
CA GLN B 3845 23.63 -59.40 46.86
C GLN B 3845 23.54 -60.51 47.92
N HIS B 3846 23.69 -60.15 49.19
CA HIS B 3846 23.65 -61.13 50.26
C HIS B 3846 22.21 -61.52 50.57
N PRO B 3847 21.98 -62.79 50.92
CA PRO B 3847 20.61 -63.25 51.22
C PRO B 3847 19.97 -62.64 52.47
N MET B 3848 20.71 -61.87 53.28
CA MET B 3848 20.05 -61.05 54.31
C MET B 3848 19.15 -60.02 53.66
N TYR B 3849 19.53 -59.56 52.48
CA TYR B 3849 18.89 -58.46 51.79
C TYR B 3849 17.65 -58.87 51.00
N GLY B 3850 17.25 -60.14 51.06
CA GLY B 3850 16.03 -60.57 50.43
C GLY B 3850 16.17 -60.68 48.92
N ALA B 3851 15.01 -60.60 48.26
CA ALA B 3851 14.92 -60.74 46.82
C ALA B 3851 13.66 -60.01 46.37
N GLY B 3852 13.46 -59.94 45.05
CA GLY B 3852 12.29 -59.28 44.52
C GLY B 3852 12.35 -57.77 44.71
N HIS B 3853 11.24 -57.12 44.39
CA HIS B 3853 11.13 -55.68 44.55
C HIS B 3853 10.57 -55.26 45.90
N LYS B 3854 10.10 -56.20 46.73
CA LYS B 3854 9.61 -55.86 48.05
C LYS B 3854 10.73 -55.76 49.08
N PHE B 3855 11.93 -56.21 48.72
CA PHE B 3855 13.13 -56.08 49.55
C PHE B 3855 14.11 -55.21 48.77
N ARG B 3856 14.53 -54.10 49.35
CA ARG B 3856 15.40 -53.17 48.64
C ARG B 3856 16.75 -53.09 49.34
N THR B 3857 17.81 -52.92 48.56
CA THR B 3857 19.15 -52.76 49.10
C THR B 3857 19.95 -51.78 48.24
N LEU B 3858 20.40 -50.70 48.87
CA LEU B 3858 21.16 -49.67 48.17
C LEU B 3858 22.48 -49.46 48.89
N HIS B 3859 23.44 -48.89 48.18
CA HIS B 3859 24.78 -48.60 48.71
C HIS B 3859 24.97 -47.11 48.55
N LEU B 3860 24.58 -46.35 49.58
CA LEU B 3860 24.39 -44.93 49.37
C LEU B 3860 25.25 -44.11 50.33
N PRO B 3861 25.64 -42.90 49.94
CA PRO B 3861 26.42 -42.05 50.83
C PRO B 3861 25.62 -41.61 52.05
N VAL B 3862 26.34 -41.37 53.14
CA VAL B 3862 25.71 -41.01 54.41
C VAL B 3862 25.11 -39.61 54.35
N SER B 3863 25.71 -38.70 53.57
CA SER B 3863 25.35 -37.29 53.63
C SER B 3863 23.94 -37.01 53.14
N THR B 3864 23.33 -37.92 52.39
CA THR B 3864 21.96 -37.71 51.93
C THR B 3864 20.98 -37.98 53.07
N THR B 3865 19.74 -37.53 52.87
CA THR B 3865 18.67 -37.67 53.85
C THR B 3865 17.66 -38.71 53.38
N LEU B 3866 16.62 -38.92 54.18
CA LEU B 3866 15.64 -39.95 53.88
C LEU B 3866 14.69 -39.55 52.76
N SER B 3867 14.48 -38.24 52.56
CA SER B 3867 13.56 -37.82 51.49
C SER B 3867 14.11 -38.17 50.11
N ASP B 3868 15.43 -38.09 49.94
CA ASP B 3868 16.01 -38.38 48.62
C ASP B 3868 16.02 -39.87 48.32
N VAL B 3869 16.33 -40.71 49.32
CA VAL B 3869 16.32 -42.14 49.08
C VAL B 3869 14.90 -42.68 49.01
N LEU B 3870 13.94 -42.03 49.67
CA LEU B 3870 12.54 -42.45 49.52
C LEU B 3870 11.89 -41.93 48.25
N ASP B 3871 12.39 -40.82 47.69
CA ASP B 3871 11.86 -40.37 46.42
C ASP B 3871 12.37 -41.22 45.25
N ARG B 3872 13.61 -41.70 45.34
CA ARG B 3872 14.17 -42.56 44.31
C ARG B 3872 13.65 -43.99 44.39
N VAL B 3873 12.96 -44.36 45.46
CA VAL B 3873 12.44 -45.70 45.63
C VAL B 3873 10.92 -45.68 45.66
N ILE B 3960 -8.29 -34.18 54.47
CA ILE B 3960 -8.00 -35.10 53.39
C ILE B 3960 -6.98 -36.14 53.84
N THR B 3961 -7.45 -37.39 53.97
CA THR B 3961 -6.58 -38.48 54.40
C THR B 3961 -5.73 -38.94 53.23
N VAL B 3962 -4.42 -38.85 53.39
CA VAL B 3962 -3.46 -39.18 52.34
C VAL B 3962 -2.49 -40.22 52.91
N PRO B 3963 -2.22 -41.32 52.18
CA PRO B 3963 -1.20 -42.27 52.64
C PRO B 3963 0.20 -41.68 52.51
N VAL B 3964 0.99 -41.85 53.56
CA VAL B 3964 2.35 -41.29 53.64
C VAL B 3964 3.29 -42.40 54.08
N PHE B 3965 4.43 -42.51 53.40
CA PHE B 3965 5.46 -43.44 53.81
C PHE B 3965 6.11 -42.99 55.11
N HIS B 3966 6.30 -43.93 56.03
CA HIS B 3966 6.99 -43.68 57.29
C HIS B 3966 8.03 -44.76 57.51
N LEU B 3967 9.13 -44.37 58.16
CA LEU B 3967 10.27 -45.25 58.36
C LEU B 3967 10.35 -45.66 59.82
N PHE B 3968 10.57 -46.95 60.07
CA PHE B 3968 10.69 -47.49 61.40
C PHE B 3968 11.93 -48.37 61.49
N HIS B 3969 12.46 -48.51 62.69
CA HIS B 3969 13.57 -49.38 62.98
C HIS B 3969 13.13 -50.48 63.93
N LYS B 3970 13.85 -51.61 63.89
CA LYS B 3970 13.53 -52.72 64.77
C LYS B 3970 13.87 -52.41 66.22
N LEU B 3971 14.73 -51.44 66.47
CA LEU B 3971 15.11 -51.02 67.81
C LEU B 3971 14.33 -49.81 68.30
N LEU B 3972 13.39 -49.30 67.51
CA LEU B 3972 12.57 -48.17 67.91
C LEU B 3972 11.11 -48.59 67.80
N ALA B 3973 10.33 -48.36 68.85
CA ALA B 3973 8.96 -48.82 68.94
C ALA B 3973 7.99 -47.65 69.09
N GLY B 3974 7.22 -47.38 68.05
CA GLY B 3974 6.11 -46.44 68.11
C GLY B 3974 6.33 -45.05 67.55
N GLN B 3975 7.50 -44.76 66.98
CA GLN B 3975 7.71 -43.43 66.42
C GLN B 3975 8.27 -43.53 65.01
N PRO B 3976 7.85 -42.64 64.10
CA PRO B 3976 8.39 -42.64 62.74
C PRO B 3976 9.71 -41.90 62.64
N LEU B 3977 10.21 -41.71 61.42
CA LEU B 3977 11.45 -41.01 61.21
C LEU B 3977 11.25 -39.78 60.34
N PRO B 3978 11.91 -38.66 60.66
CA PRO B 3978 11.75 -37.44 59.85
C PRO B 3978 12.31 -37.62 58.46
N ALA B 3979 11.68 -36.95 57.49
CA ALA B 3979 12.10 -37.11 56.10
C ALA B 3979 13.42 -36.40 55.82
N GLU B 3980 13.67 -35.25 56.44
CA GLU B 3980 14.90 -34.49 56.22
C GLU B 3980 16.04 -34.83 57.18
N MET B 3981 15.99 -35.97 57.87
CA MET B 3981 17.06 -36.31 58.81
C MET B 3981 18.10 -37.16 58.08
N THR B 3982 19.34 -36.70 58.08
CA THR B 3982 20.39 -37.38 57.33
C THR B 3982 20.81 -38.66 58.03
N LEU B 3983 21.58 -39.48 57.31
CA LEU B 3983 21.97 -40.80 57.81
C LEU B 3983 23.05 -40.74 58.87
N ALA B 3984 23.79 -39.63 58.96
CA ALA B 3984 24.78 -39.51 60.04
C ALA B 3984 24.08 -39.41 61.40
N GLN B 3985 22.99 -38.63 61.46
CA GLN B 3985 22.21 -38.55 62.68
C GLN B 3985 21.60 -39.90 63.03
N LEU B 3986 21.11 -40.63 62.03
CA LEU B 3986 20.53 -41.95 62.27
C LEU B 3986 21.59 -42.93 62.77
N LEU B 3987 22.80 -42.85 62.21
CA LEU B 3987 23.88 -43.72 62.66
C LEU B 3987 24.28 -43.41 64.09
N THR B 3988 24.33 -42.13 64.45
CA THR B 3988 24.65 -41.75 65.82
C THR B 3988 23.55 -42.21 66.78
N LEU B 3989 22.28 -42.08 66.37
CA LEU B 3989 21.18 -42.55 67.22
C LEU B 3989 21.25 -44.06 67.43
N LEU B 3990 21.56 -44.82 66.38
CA LEU B 3990 21.66 -46.28 66.53
C LEU B 3990 22.86 -46.67 67.37
N TYR B 3991 24.00 -45.98 67.21
CA TYR B 3991 25.17 -46.30 68.02
C TYR B 3991 24.94 -45.95 69.48
N ASP B 3992 24.10 -44.95 69.75
CA ASP B 3992 23.63 -44.66 71.09
C ASP B 3992 22.49 -45.58 71.52
N ARG B 3993 21.97 -46.41 70.62
CA ARG B 3993 20.88 -47.32 70.94
C ARG B 3993 21.30 -48.78 70.79
N LYS B 3994 22.44 -49.12 71.40
CA LYS B 3994 22.94 -50.47 71.60
C LYS B 3994 23.20 -51.22 70.29
N LEU B 3995 23.14 -50.54 69.14
CA LEU B 3995 23.59 -51.16 67.90
C LEU B 3995 25.11 -51.32 67.96
N PRO B 3996 25.65 -52.50 67.66
CA PRO B 3996 27.09 -52.71 67.78
C PRO B 3996 27.87 -51.91 66.74
N GLN B 3997 29.06 -51.47 67.14
CA GLN B 3997 29.85 -50.61 66.28
C GLN B 3997 30.39 -51.41 65.11
N GLY B 3998 30.36 -50.82 63.92
CA GLY B 3998 30.81 -51.52 62.74
C GLY B 3998 29.72 -52.24 61.98
N TYR B 3999 28.45 -52.04 62.35
CA TYR B 3999 27.33 -52.72 61.69
C TYR B 3999 27.15 -52.13 60.30
N ARG B 4000 27.53 -52.91 59.28
CA ARG B 4000 27.73 -52.39 57.93
C ARG B 4000 26.42 -52.12 57.18
N SER B 4001 25.32 -52.78 57.54
CA SER B 4001 24.07 -52.64 56.79
C SER B 4001 22.95 -52.27 57.77
N ILE B 4002 22.41 -51.06 57.65
CA ILE B 4002 21.32 -50.63 58.53
C ILE B 4002 19.99 -50.87 57.84
N ASP B 4003 19.02 -51.36 58.60
CA ASP B 4003 17.75 -51.84 58.09
C ASP B 4003 16.59 -50.99 58.59
N LEU B 4004 15.71 -50.58 57.67
CA LEU B 4004 14.52 -49.81 57.97
C LEU B 4004 13.31 -50.47 57.33
N THR B 4005 12.17 -50.40 58.02
CA THR B 4005 10.90 -50.88 57.50
C THR B 4005 10.02 -49.69 57.13
N VAL B 4006 9.41 -49.77 55.95
CA VAL B 4006 8.56 -48.72 55.41
C VAL B 4006 7.11 -49.11 55.62
N LYS B 4007 6.34 -48.23 56.26
CA LYS B 4007 4.93 -48.44 56.52
C LYS B 4007 4.11 -47.30 55.92
N LEU B 4008 2.81 -47.51 55.85
CA LEU B 4008 1.88 -46.53 55.27
C LEU B 4008 0.99 -45.99 56.38
N GLY B 4009 1.13 -44.70 56.69
CA GLY B 4009 0.30 -44.02 57.64
C GLY B 4009 -0.63 -43.02 56.96
N SER B 4010 -1.48 -42.41 57.79
CA SER B 4010 -2.47 -41.46 57.31
C SER B 4010 -2.06 -40.04 57.72
N ARG B 4011 -2.15 -39.10 56.79
CA ARG B 4011 -1.91 -37.70 57.08
C ARG B 4011 -3.10 -36.87 56.65
N VAL B 4012 -3.41 -35.84 57.44
CA VAL B 4012 -4.55 -34.96 57.20
C VAL B 4012 -4.01 -33.62 56.72
N ILE B 4013 -4.41 -33.21 55.52
CA ILE B 4013 -3.99 -31.94 54.96
C ILE B 4013 -5.05 -30.87 55.20
N SER B 4060 14.49 -32.89 68.80
CA SER B 4060 15.20 -33.92 69.55
C SER B 4060 15.93 -34.87 68.62
N LEU B 4061 15.19 -35.42 67.65
CA LEU B 4061 15.81 -36.35 66.71
C LEU B 4061 16.67 -35.63 65.69
N LEU B 4062 16.22 -34.45 65.23
CA LEU B 4062 16.96 -33.68 64.24
C LEU B 4062 18.09 -32.85 64.85
N GLU B 4063 18.15 -32.71 66.16
CA GLU B 4063 19.15 -31.89 66.83
C GLU B 4063 20.36 -32.69 67.31
N THR B 4064 20.43 -33.98 67.00
CA THR B 4064 21.55 -34.79 67.44
C THR B 4064 22.80 -34.49 66.60
N CYS B 4065 23.94 -34.88 67.16
CA CYS B 4065 25.21 -34.68 66.47
C CYS B 4065 25.38 -35.70 65.34
N PRO B 4066 25.99 -35.30 64.23
CA PRO B 4066 26.22 -36.23 63.12
C PRO B 4066 27.45 -37.11 63.41
N ILE B 4067 27.76 -37.97 62.44
CA ILE B 4067 28.94 -38.82 62.55
C ILE B 4067 30.20 -37.97 62.42
N GLN B 4068 31.30 -38.46 62.99
CA GLN B 4068 32.55 -37.70 62.98
C GLN B 4068 33.25 -37.78 61.63
N SER B 4069 33.12 -38.90 60.91
CA SER B 4069 33.69 -39.17 59.59
C SER B 4069 35.21 -39.29 59.64
N PRO B 4070 35.83 -40.08 58.75
CA PRO B 4070 37.29 -40.24 58.80
C PRO B 4070 38.06 -38.97 58.52
N LEU B 4071 37.52 -38.05 57.71
CA LEU B 4071 38.26 -36.84 57.36
C LEU B 4071 38.39 -35.92 58.56
N GLN B 4072 37.29 -35.66 59.27
CA GLN B 4072 37.36 -34.80 60.45
C GLN B 4072 38.11 -35.48 61.59
N VAL B 4073 38.04 -36.81 61.68
CA VAL B 4073 38.81 -37.53 62.68
C VAL B 4073 40.30 -37.39 62.41
N PHE B 4074 40.70 -37.45 61.13
CA PHE B 4074 42.09 -37.22 60.76
C PHE B 4074 42.50 -35.79 61.02
N ALA B 4075 41.60 -34.84 60.79
CA ALA B 4075 41.89 -33.44 61.03
C ALA B 4075 41.85 -33.05 62.51
N GLY B 4076 41.32 -33.91 63.38
CA GLY B 4076 41.26 -33.56 64.80
C GLY B 4076 42.62 -33.40 65.45
N MET B 4077 43.60 -34.21 65.06
CA MET B 4077 44.95 -34.05 65.60
C MET B 4077 45.89 -33.31 64.65
N GLY B 4078 45.33 -32.52 63.73
CA GLY B 4078 46.14 -31.69 62.86
C GLY B 4078 46.97 -32.42 61.82
N GLY B 4079 46.40 -33.44 61.17
CA GLY B 4079 47.11 -34.12 60.10
C GLY B 4079 47.21 -33.29 58.83
N LEU B 4080 46.35 -32.28 58.69
CA LEU B 4080 46.39 -31.41 57.52
C LEU B 4080 47.70 -30.63 57.46
N ALA B 4081 48.19 -30.17 58.61
CA ALA B 4081 49.49 -29.51 58.65
C ALA B 4081 50.61 -30.47 58.26
N LEU B 4082 50.50 -31.73 58.69
CA LEU B 4082 51.52 -32.72 58.36
C LEU B 4082 51.55 -33.01 56.87
N ILE B 4083 50.38 -33.08 56.23
CA ILE B 4083 50.35 -33.31 54.78
C ILE B 4083 50.63 -32.04 53.99
N ALA B 4084 50.45 -30.86 54.60
CA ALA B 4084 50.82 -29.62 53.93
C ALA B 4084 52.32 -29.38 53.96
N GLU B 4085 52.99 -29.82 55.03
CA GLU B 4085 54.44 -29.70 55.11
C GLU B 4085 55.14 -30.63 54.13
N ARG B 4086 54.49 -31.73 53.74
CA ARG B 4086 55.06 -32.66 52.77
C ARG B 4086 54.66 -32.37 51.33
N LEU B 4087 53.81 -31.36 51.12
CA LEU B 4087 53.38 -31.00 49.76
C LEU B 4087 54.27 -29.91 49.19
N ILE B 4153 38.65 -18.41 38.55
CA ILE B 4153 39.17 -18.61 39.90
C ILE B 4153 40.63 -18.20 39.98
N PRO B 4154 40.93 -17.21 40.82
CA PRO B 4154 42.33 -16.81 41.00
C PRO B 4154 43.16 -17.92 41.64
N ALA B 4155 44.42 -18.03 41.20
CA ALA B 4155 45.29 -19.08 41.70
C ALA B 4155 45.98 -18.71 43.01
N HIS B 4156 46.09 -17.42 43.32
CA HIS B 4156 46.78 -17.02 44.55
C HIS B 4156 45.97 -17.39 45.78
N SER B 4157 44.63 -17.36 45.71
CA SER B 4157 43.82 -17.79 46.83
C SER B 4157 43.97 -19.29 47.07
N LEU B 4158 44.01 -20.09 46.00
CA LEU B 4158 44.21 -21.52 46.14
C LEU B 4158 45.61 -21.85 46.65
N ALA B 4159 46.61 -21.04 46.29
CA ALA B 4159 47.95 -21.23 46.83
C ALA B 4159 48.02 -20.85 48.30
N ALA B 4160 47.30 -19.79 48.69
CA ALA B 4160 47.30 -19.35 50.08
C ALA B 4160 46.47 -20.26 50.97
N PHE B 4161 45.52 -20.99 50.40
CA PHE B 4161 44.74 -21.93 51.21
C PHE B 4161 45.61 -23.04 51.79
N GLY B 4162 46.57 -23.53 51.00
CA GLY B 4162 47.48 -24.55 51.50
C GLY B 4162 48.35 -24.06 52.65
N LEU B 4163 48.75 -22.79 52.60
CA LEU B 4163 49.49 -22.21 53.71
C LEU B 4163 48.58 -21.98 54.91
N PHE B 4164 47.33 -21.59 54.66
CA PHE B 4164 46.41 -21.29 55.74
C PHE B 4164 45.99 -22.54 56.50
N LEU B 4165 45.86 -23.68 55.82
CA LEU B 4165 45.43 -24.90 56.49
C LEU B 4165 46.53 -25.53 57.33
N ARG B 4166 47.74 -24.96 57.34
CA ARG B 4166 48.81 -25.49 58.18
C ARG B 4166 48.64 -25.10 59.63
N LEU B 4167 47.84 -24.09 59.92
CA LEU B 4167 47.65 -23.64 61.29
C LEU B 4167 46.80 -24.64 62.06
N PRO B 4168 47.10 -24.89 63.34
CA PRO B 4168 46.21 -25.74 64.14
C PRO B 4168 44.88 -25.06 64.40
N GLY B 4169 43.82 -25.86 64.40
CA GLY B 4169 42.47 -25.34 64.57
C GLY B 4169 41.83 -24.81 63.31
N TYR B 4170 42.55 -24.79 62.18
CA TYR B 4170 41.97 -24.33 60.93
C TYR B 4170 40.96 -25.34 60.38
N ALA B 4171 41.30 -26.63 60.42
CA ALA B 4171 40.42 -27.64 59.87
C ALA B 4171 39.16 -27.83 60.69
N GLU B 4172 39.23 -27.59 62.00
CA GLU B 4172 38.06 -27.78 62.86
C GLU B 4172 36.95 -26.77 62.51
N VAL B 4173 37.33 -25.54 62.17
CA VAL B 4173 36.35 -24.57 61.69
C VAL B 4173 36.15 -24.68 60.17
N LEU B 4174 37.04 -25.37 59.47
CA LEU B 4174 36.87 -25.57 58.03
C LEU B 4174 35.81 -26.63 57.74
N LEU B 4175 35.72 -27.65 58.57
CA LEU B 4175 34.79 -28.77 58.36
C LEU B 4175 33.33 -28.40 58.64
N LYS B 4176 32.96 -27.13 58.84
CA LYS B 4176 31.56 -26.81 59.09
C LYS B 4176 30.71 -27.01 57.84
N GLU B 4177 31.25 -26.69 56.67
CA GLU B 4177 30.59 -26.94 55.39
C GLU B 4177 31.39 -28.03 54.67
N ARG B 4178 30.83 -29.24 54.62
CA ARG B 4178 31.59 -30.37 54.12
C ARG B 4178 31.71 -30.33 52.59
N LYS B 4179 30.60 -30.04 51.90
CA LYS B 4179 30.58 -30.14 50.44
C LYS B 4179 31.48 -29.10 49.79
N HIS B 4180 31.42 -27.85 50.25
CA HIS B 4180 32.25 -26.82 49.63
C HIS B 4180 33.72 -26.98 49.99
N ALA B 4181 34.02 -27.48 51.19
CA ALA B 4181 35.40 -27.80 51.53
C ALA B 4181 35.95 -28.93 50.66
N GLN B 4182 35.12 -29.95 50.40
CA GLN B 4182 35.55 -31.02 49.50
C GLN B 4182 35.74 -30.51 48.08
N CYS B 4183 34.88 -29.60 47.63
CA CYS B 4183 35.04 -29.01 46.30
C CYS B 4183 36.32 -28.18 46.23
N LEU B 4184 36.64 -27.44 47.28
CA LEU B 4184 37.88 -26.66 47.30
C LEU B 4184 39.10 -27.56 47.32
N LEU B 4185 39.05 -28.68 48.04
CA LEU B 4185 40.17 -29.62 48.01
C LEU B 4185 40.30 -30.27 46.64
N ARG B 4186 39.18 -30.53 45.97
CA ARG B 4186 39.20 -31.06 44.62
C ARG B 4186 39.80 -30.05 43.64
N LEU B 4187 39.53 -28.76 43.86
CA LEU B 4187 40.18 -27.74 43.03
C LEU B 4187 41.66 -27.57 43.38
N VAL B 4188 42.03 -27.85 44.62
CA VAL B 4188 43.44 -27.74 45.00
C VAL B 4188 44.25 -28.87 44.36
N LEU B 4189 43.72 -30.10 44.37
CA LEU B 4189 44.47 -31.22 43.81
C LEU B 4189 44.63 -31.09 42.30
N GLY B 4190 43.65 -30.51 41.61
CA GLY B 4190 43.73 -30.35 40.17
C GLY B 4190 42.85 -31.33 39.42
N VAL B 4208 32.41 -17.48 45.58
CA VAL B 4208 32.24 -18.30 46.77
C VAL B 4208 33.46 -19.19 46.98
N LEU B 4209 33.96 -19.76 45.88
CA LEU B 4209 35.14 -20.64 45.99
C LEU B 4209 36.39 -19.91 46.42
N PRO B 4210 36.76 -18.75 45.86
CA PRO B 4210 37.94 -18.03 46.39
C PRO B 4210 37.68 -17.34 47.71
N THR B 4211 36.42 -17.11 48.07
CA THR B 4211 36.12 -16.42 49.32
C THR B 4211 36.32 -17.34 50.53
N LEU B 4212 36.01 -18.62 50.35
CA LEU B 4212 36.02 -19.56 51.48
C LEU B 4212 37.38 -19.73 52.16
N PRO B 4213 38.53 -19.80 51.45
CA PRO B 4213 39.81 -19.92 52.18
C PRO B 4213 40.10 -18.73 53.08
N PHE B 4214 39.54 -17.56 52.79
CA PHE B 4214 39.64 -16.42 53.67
C PHE B 4214 38.49 -16.33 54.65
N HIS B 4215 37.30 -16.84 54.27
CA HIS B 4215 36.16 -16.82 55.18
C HIS B 4215 36.41 -17.77 56.36
N VAL B 4216 37.05 -18.90 56.12
CA VAL B 4216 37.39 -19.80 57.21
C VAL B 4216 38.42 -19.14 58.12
N LEU B 4217 39.37 -18.40 57.55
CA LEU B 4217 40.34 -17.66 58.36
C LEU B 4217 39.67 -16.57 59.20
N ARG B 4218 38.70 -15.84 58.63
CA ARG B 4218 37.99 -14.83 59.42
C ARG B 4218 37.20 -15.47 60.55
N SER B 4219 36.50 -16.58 60.26
CA SER B 4219 35.72 -17.24 61.30
C SER B 4219 36.63 -17.81 62.39
N LEU B 4220 37.82 -18.30 62.02
CA LEU B 4220 38.76 -18.80 63.01
C LEU B 4220 39.36 -17.68 63.83
N PHE B 4221 39.57 -16.50 63.21
CA PHE B 4221 39.98 -15.33 63.98
C PHE B 4221 38.91 -14.92 64.98
N SER B 4222 37.65 -14.92 64.54
CA SER B 4222 36.56 -14.48 65.41
C SER B 4222 36.31 -15.47 66.55
N THR B 4223 36.45 -16.76 66.27
CA THR B 4223 36.22 -17.79 67.29
C THR B 4223 37.41 -17.98 68.21
N THR B 4224 38.54 -17.34 67.94
CA THR B 4224 39.71 -17.41 68.81
C THR B 4224 40.02 -16.03 69.35
N PRO B 4225 39.57 -15.70 70.57
CA PRO B 4225 39.78 -14.35 71.10
C PRO B 4225 41.20 -14.17 71.60
N LEU B 4226 41.52 -12.91 71.93
CA LEU B 4226 42.83 -12.56 72.47
C LEU B 4226 42.94 -12.81 73.97
N THR B 4227 41.85 -13.20 74.63
CA THR B 4227 41.89 -13.47 76.06
C THR B 4227 42.40 -14.86 76.40
N THR B 4228 42.61 -15.72 75.41
CA THR B 4228 43.06 -17.08 75.62
C THR B 4228 44.39 -17.30 74.90
N ASP B 4229 45.03 -18.43 75.22
CA ASP B 4229 46.35 -18.72 74.67
C ASP B 4229 46.29 -19.15 73.21
N ASP B 4230 45.17 -19.75 72.78
CA ASP B 4230 45.08 -20.23 71.41
C ASP B 4230 45.11 -19.08 70.41
N GLY B 4231 44.46 -17.96 70.72
CA GLY B 4231 44.45 -16.83 69.80
C GLY B 4231 45.82 -16.20 69.64
N VAL B 4232 46.54 -15.99 70.75
CA VAL B 4232 47.86 -15.38 70.66
C VAL B 4232 48.86 -16.34 70.04
N LEU B 4233 48.72 -17.65 70.31
CA LEU B 4233 49.60 -18.62 69.66
C LEU B 4233 49.34 -18.66 68.16
N LEU B 4234 48.08 -18.60 67.75
CA LEU B 4234 47.75 -18.56 66.32
C LEU B 4234 48.28 -17.31 65.66
N ARG B 4235 48.18 -16.16 66.35
CA ARG B 4235 48.66 -14.90 65.80
C ARG B 4235 50.18 -14.90 65.67
N ARG B 4236 50.89 -15.43 66.66
CA ARG B 4236 52.35 -15.47 66.56
C ARG B 4236 52.82 -16.50 65.53
N MET B 4237 52.06 -17.59 65.35
CA MET B 4237 52.43 -18.53 64.30
C MET B 4237 52.14 -17.96 62.92
N ALA B 4238 51.08 -17.16 62.78
CA ALA B 4238 50.84 -16.47 61.52
C ALA B 4238 51.92 -15.42 61.26
N LEU B 4239 52.41 -14.77 62.30
CA LEU B 4239 53.53 -13.85 62.15
C LEU B 4239 54.79 -14.58 61.71
N GLU B 4240 55.01 -15.78 62.25
CA GLU B 4240 56.22 -16.53 61.93
C GLU B 4240 56.18 -17.10 60.52
N ILE B 4241 55.04 -17.67 60.12
CA ILE B 4241 54.97 -18.37 58.83
C ILE B 4241 54.82 -17.39 57.67
N GLY B 4242 54.45 -16.14 57.93
CA GLY B 4242 54.39 -15.15 56.88
C GLY B 4242 53.09 -15.08 56.10
N ALA B 4243 51.96 -15.25 56.79
CA ALA B 4243 50.67 -15.09 56.13
C ALA B 4243 50.30 -13.63 55.91
N LEU B 4244 50.70 -12.74 56.82
CA LEU B 4244 50.37 -11.33 56.67
C LEU B 4244 51.08 -10.70 55.49
N HIS B 4245 52.33 -11.11 55.23
CA HIS B 4245 53.02 -10.62 54.04
C HIS B 4245 52.29 -11.05 52.76
N LEU B 4246 51.82 -12.30 52.73
CA LEU B 4246 51.11 -12.78 51.54
C LEU B 4246 49.79 -12.05 51.34
N ILE B 4247 49.02 -11.84 52.43
CA ILE B 4247 47.75 -11.15 52.25
C ILE B 4247 47.97 -9.68 51.91
N LEU B 4248 49.05 -9.08 52.42
CA LEU B 4248 49.33 -7.69 52.12
C LEU B 4248 49.78 -7.50 50.67
N VAL B 4249 50.61 -8.41 50.15
CA VAL B 4249 50.99 -8.29 48.74
C VAL B 4249 49.81 -8.65 47.83
N CYS B 4250 48.91 -9.51 48.31
CA CYS B 4250 47.69 -9.78 47.53
C CYS B 4250 46.80 -8.53 47.47
N LEU B 4251 46.65 -7.83 48.59
CA LEU B 4251 45.89 -6.59 48.59
C LEU B 4251 46.57 -5.51 47.75
N SER B 4252 47.91 -5.49 47.75
CA SER B 4252 48.65 -4.55 46.93
C SER B 4252 48.43 -4.83 45.44
N ALA B 4253 48.44 -6.11 45.05
CA ALA B 4253 48.20 -6.45 43.65
C ALA B 4253 46.75 -6.20 43.25
N LEU B 4254 45.80 -6.40 44.16
CA LEU B 4254 44.39 -6.19 43.83
C LEU B 4254 44.01 -4.72 43.79
N SER B 4255 44.61 -3.90 44.64
CA SER B 4255 44.29 -2.48 44.73
C SER B 4255 45.18 -1.61 43.84
N HIS B 4256 46.15 -2.21 43.14
CA HIS B 4256 47.08 -1.49 42.26
C HIS B 4256 47.83 -0.39 43.01
N HIS B 4257 48.26 -0.69 44.23
CA HIS B 4257 48.99 0.25 45.06
C HIS B 4257 50.21 -0.43 45.67
N SER B 4258 51.26 0.36 45.90
CA SER B 4258 52.53 -0.13 46.39
C SER B 4258 52.74 0.26 47.85
N PRO B 4259 53.48 -0.56 48.61
CA PRO B 4259 53.77 -0.19 50.00
C PRO B 4259 54.70 1.01 50.08
N ARG B 4260 54.65 1.68 51.23
CA ARG B 4260 55.48 2.87 51.47
C ARG B 4260 56.92 2.44 51.68
N VAL B 4261 57.73 2.54 50.64
CA VAL B 4261 59.13 2.16 50.71
C VAL B 4261 59.90 3.25 51.44
N PRO B 4262 60.58 2.93 52.56
CA PRO B 4262 61.35 3.90 53.34
C PRO B 4262 62.57 4.42 52.57
N ARG B 4314 34.53 -7.05 39.02
CA ARG B 4314 33.65 -7.12 40.19
C ARG B 4314 34.22 -8.07 41.24
N LEU B 4315 34.93 -9.10 40.77
CA LEU B 4315 35.53 -10.06 41.68
C LEU B 4315 36.64 -9.44 42.53
N GLU B 4316 37.34 -8.44 41.99
CA GLU B 4316 38.39 -7.79 42.76
C GLU B 4316 37.82 -6.98 43.92
N GLU B 4317 36.64 -6.40 43.75
CA GLU B 4317 36.00 -5.70 44.86
C GLU B 4317 35.62 -6.66 45.98
N GLU B 4318 35.09 -7.84 45.63
CA GLU B 4318 34.77 -8.84 46.63
C GLU B 4318 36.04 -9.35 47.31
N HIS B 4319 37.12 -9.52 46.55
CA HIS B 4319 38.40 -9.93 47.14
C HIS B 4319 38.91 -8.90 48.12
N VAL B 4320 38.85 -7.62 47.76
CA VAL B 4320 39.30 -6.55 48.64
C VAL B 4320 38.44 -6.49 49.90
N THR B 4321 37.12 -6.64 49.74
CA THR B 4321 36.23 -6.62 50.90
C THR B 4321 36.51 -7.79 51.83
N CYS B 4322 36.71 -8.98 51.29
CA CYS B 4322 36.99 -10.15 52.12
C CYS B 4322 38.35 -10.03 52.80
N LEU B 4323 39.35 -9.48 52.10
CA LEU B 4323 40.66 -9.28 52.72
C LEU B 4323 40.59 -8.26 53.85
N LEU B 4324 39.81 -7.19 53.65
CA LEU B 4324 39.62 -6.21 54.71
C LEU B 4324 38.90 -6.82 55.90
N GLN B 4325 37.93 -7.71 55.63
CA GLN B 4325 37.25 -8.42 56.71
C GLN B 4325 38.21 -9.33 57.47
N VAL B 4326 39.11 -10.00 56.75
CA VAL B 4326 40.11 -10.84 57.39
C VAL B 4326 41.02 -10.02 58.29
N LEU B 4327 41.46 -8.85 57.79
CA LEU B 4327 42.31 -7.97 58.60
C LEU B 4327 41.57 -7.46 59.82
N ALA B 4328 40.29 -7.11 59.67
CA ALA B 4328 39.50 -6.62 60.79
C ALA B 4328 39.31 -7.70 61.84
N SER B 4329 39.10 -8.95 61.41
CA SER B 4329 38.99 -10.03 62.38
C SER B 4329 40.34 -10.37 63.00
N TYR B 4330 41.44 -10.09 62.28
CA TYR B 4330 42.77 -10.31 62.86
C TYR B 4330 43.08 -9.28 63.93
N ILE B 4331 42.68 -8.03 63.72
CA ILE B 4331 42.97 -6.99 64.70
C ILE B 4331 42.14 -7.20 65.96
N ASN B 4332 40.82 -7.17 65.82
CA ASN B 4332 39.92 -7.36 66.96
C ASN B 4332 39.08 -8.62 66.74
N PRO B 4333 39.35 -9.70 67.47
CA PRO B 4333 38.53 -10.92 67.30
C PRO B 4333 37.12 -10.75 67.83
N VAL B 4334 36.92 -9.93 68.86
CA VAL B 4334 35.59 -9.78 69.45
C VAL B 4334 34.68 -8.92 68.56
N SER B 4335 35.26 -8.11 67.67
CA SER B 4335 34.46 -7.24 66.82
C SER B 4335 33.64 -8.05 65.81
N SER B 4336 34.23 -9.12 65.28
CA SER B 4336 33.54 -9.97 64.32
C SER B 4336 32.63 -10.98 65.04
N GLN B 4351 44.47 -6.98 79.55
CA GLN B 4351 45.77 -6.69 78.97
C GLN B 4351 45.72 -6.79 77.44
N ASN B 4352 44.83 -6.01 76.83
CA ASN B 4352 44.71 -5.99 75.38
C ASN B 4352 45.81 -5.17 74.71
N SER B 4353 46.52 -4.34 75.48
CA SER B 4353 47.60 -3.54 74.89
C SER B 4353 48.81 -4.41 74.58
N ASN B 4354 49.16 -5.33 75.48
CA ASN B 4354 50.30 -6.22 75.29
C ASN B 4354 49.90 -7.57 74.74
N ALA B 4355 48.64 -7.73 74.32
CA ALA B 4355 48.20 -8.98 73.71
C ALA B 4355 48.78 -9.18 72.31
N LEU B 4356 49.22 -8.12 71.66
CA LEU B 4356 49.83 -8.20 70.34
C LEU B 4356 51.21 -7.56 70.36
N PRO B 4357 52.22 -8.22 69.81
CA PRO B 4357 53.57 -7.65 69.82
C PRO B 4357 53.70 -6.49 68.85
N SER B 4358 54.78 -5.72 69.02
CA SER B 4358 55.07 -4.57 68.17
C SER B 4358 55.66 -4.98 66.83
N VAL B 4359 55.94 -6.27 66.62
CA VAL B 4359 56.39 -6.73 65.30
C VAL B 4359 55.29 -6.52 64.27
N LEU B 4360 54.04 -6.76 64.64
CA LEU B 4360 52.92 -6.47 63.74
C LEU B 4360 52.80 -4.97 63.50
N LEU B 4361 53.10 -4.15 64.52
CA LEU B 4361 53.03 -2.71 64.36
C LEU B 4361 54.09 -2.21 63.38
N GLU B 4362 55.32 -2.72 63.47
CA GLU B 4362 56.36 -2.31 62.55
C GLU B 4362 56.20 -2.93 61.17
N LEU B 4363 55.49 -4.06 61.08
CA LEU B 4363 55.20 -4.65 59.77
C LEU B 4363 54.12 -3.86 59.04
N LEU B 4364 53.08 -3.44 59.76
CA LEU B 4364 52.01 -2.68 59.14
C LEU B 4364 52.42 -1.26 58.80
N SER B 4365 53.49 -0.75 59.41
CA SER B 4365 53.99 0.59 59.08
C SER B 4365 54.71 0.61 57.75
N GLN B 4366 55.12 -0.56 57.23
CA GLN B 4366 55.85 -0.65 55.97
C GLN B 4366 54.94 -0.97 54.78
N SER B 4367 53.82 -1.64 55.02
CA SER B 4367 52.98 -2.16 53.94
C SER B 4367 52.15 -1.04 53.32
N CYS B 4368 51.16 -1.41 52.51
CA CYS B 4368 50.38 -0.48 51.72
C CYS B 4368 49.01 -0.19 52.33
N LEU B 4369 48.88 -0.32 53.65
CA LEU B 4369 47.59 -0.09 54.28
C LEU B 4369 47.19 1.38 54.22
N ILE B 4370 48.11 2.28 54.59
CA ILE B 4370 47.80 3.71 54.60
C ILE B 4370 47.51 4.26 53.20
N PRO B 4371 48.33 4.01 52.16
CA PRO B 4371 47.99 4.58 50.85
C PRO B 4371 46.74 4.00 50.23
N ALA B 4372 46.50 2.70 50.38
CA ALA B 4372 45.27 2.11 49.87
C ALA B 4372 44.06 2.63 50.64
N MET B 4373 44.20 2.84 51.95
CA MET B 4373 43.12 3.40 52.75
C MET B 4373 42.80 4.82 52.32
N SER B 4374 43.84 5.62 52.04
CA SER B 4374 43.65 6.99 51.59
C SER B 4374 43.06 7.04 50.18
N SER B 4375 43.42 6.08 49.33
CA SER B 4375 42.90 6.05 47.97
C SER B 4375 41.44 5.61 47.95
N TYR B 4376 41.09 4.63 48.78
CA TYR B 4376 39.73 4.12 48.80
C TYR B 4376 38.79 5.09 49.51
N LEU B 4377 39.28 5.83 50.50
CA LEU B 4377 38.39 6.71 51.25
C LEU B 4377 37.97 7.92 50.41
N ARG B 4378 38.92 8.53 49.71
CA ARG B 4378 38.66 9.76 48.98
C ARG B 4378 37.77 9.56 47.74
N ASN B 4379 37.44 8.33 47.40
CA ASN B 4379 36.53 8.07 46.28
C ASN B 4379 35.13 8.59 46.59
N PRO B 4390 28.19 -2.72 52.60
CA PRO B 4390 28.97 -3.92 52.92
C PRO B 4390 30.47 -3.65 52.97
N LEU B 4391 31.05 -3.22 51.84
CA LEU B 4391 32.47 -2.87 51.82
C LEU B 4391 32.75 -1.67 52.70
N TYR B 4392 31.90 -0.64 52.65
CA TYR B 4392 32.05 0.49 53.56
C TYR B 4392 31.80 0.05 55.00
N ARG B 4393 30.83 -0.84 55.22
CA ARG B 4393 30.59 -1.37 56.55
C ARG B 4393 31.79 -2.18 57.05
N ALA B 4394 32.40 -2.96 56.17
CA ALA B 4394 33.58 -3.73 56.55
C ALA B 4394 34.76 -2.81 56.85
N LEU B 4395 34.87 -1.70 56.11
CA LEU B 4395 35.95 -0.75 56.37
C LEU B 4395 35.72 0.00 57.68
N LEU B 4396 34.47 0.31 58.01
CA LEU B 4396 34.19 0.91 59.32
C LEU B 4396 34.42 -0.07 60.45
N GLU B 4397 34.13 -1.36 60.23
CA GLU B 4397 34.46 -2.37 61.22
C GLU B 4397 35.97 -2.49 61.41
N LEU B 4398 36.72 -2.40 60.31
CA LEU B 4398 38.18 -2.37 60.41
C LEU B 4398 38.66 -1.15 61.18
N LEU B 4399 38.00 -0.01 60.97
CA LEU B 4399 38.36 1.22 61.67
C LEU B 4399 38.11 1.10 63.17
N ARG B 4400 36.95 0.58 63.56
CA ARG B 4400 36.69 0.43 65.00
C ARG B 4400 37.56 -0.66 65.60
N ALA B 4401 37.97 -1.65 64.81
CA ALA B 4401 38.91 -2.66 65.29
C ALA B 4401 40.29 -2.07 65.53
N ILE B 4402 40.78 -1.29 64.56
CA ILE B 4402 42.09 -0.66 64.68
C ILE B 4402 42.09 0.44 65.72
N ALA B 4403 40.93 0.98 66.08
CA ALA B 4403 40.83 1.90 67.21
C ALA B 4403 40.60 1.19 68.54
N SER B 4404 40.19 -0.08 68.52
CA SER B 4404 39.96 -0.79 69.78
C SER B 4404 41.25 -1.21 70.48
N CYS B 4405 42.30 -1.54 69.73
CA CYS B 4405 43.57 -1.94 70.33
C CYS B 4405 44.44 -0.69 70.50
N ALA B 4406 44.88 -0.43 71.72
CA ALA B 4406 45.63 0.80 71.97
C ALA B 4406 47.01 0.76 71.33
N ALA B 4407 47.65 -0.42 71.31
CA ALA B 4407 48.98 -0.54 70.72
C ALA B 4407 48.94 -0.38 69.21
N MET B 4408 47.76 -0.52 68.62
CA MET B 4408 47.58 -0.43 67.18
C MET B 4408 47.08 0.97 66.82
N VAL B 4409 46.93 1.86 67.80
CA VAL B 4409 46.48 3.22 67.54
C VAL B 4409 47.46 4.09 66.75
N PRO B 4410 48.74 4.23 67.13
CA PRO B 4410 49.57 5.28 66.51
C PRO B 4410 49.87 5.13 65.03
N LEU B 4411 49.42 4.07 64.35
CA LEU B 4411 49.54 4.01 62.90
C LEU B 4411 48.55 4.91 62.18
N LEU B 4412 47.50 5.40 62.87
CA LEU B 4412 46.49 6.19 62.20
C LEU B 4412 46.98 7.60 61.86
N LEU B 4413 48.08 8.03 62.44
CA LEU B 4413 48.62 9.36 62.14
C LEU B 4413 49.23 9.35 60.75
N PRO B 4414 48.79 10.21 59.84
CA PRO B 4414 49.38 10.23 58.50
C PRO B 4414 50.80 10.77 58.51
N LEU B 4415 51.59 10.29 57.54
CA LEU B 4415 52.98 10.71 57.41
C LEU B 4415 53.08 12.06 56.73
N GLN B 4430 48.35 17.57 55.98
CA GLN B 4430 48.32 16.92 57.29
C GLN B 4430 46.91 16.88 57.87
N THR B 4431 46.04 16.07 57.25
CA THR B 4431 44.66 15.91 57.70
C THR B 4431 44.51 14.59 58.44
N SER B 4432 43.91 14.65 59.62
CA SER B 4432 43.68 13.44 60.39
C SER B 4432 42.59 12.58 59.76
N VAL B 4433 42.61 11.29 60.09
CA VAL B 4433 41.62 10.38 59.54
C VAL B 4433 40.23 10.66 60.11
N GLY B 4434 40.16 11.13 61.35
CA GLY B 4434 38.85 11.40 61.96
C GLY B 4434 38.12 12.56 61.29
N THR B 4435 38.83 13.65 61.04
CA THR B 4435 38.21 14.80 60.39
C THR B 4435 37.81 14.47 58.95
N LEU B 4436 38.66 13.74 58.24
CA LEU B 4436 38.33 13.28 56.90
C LEU B 4436 37.06 12.42 56.91
N LEU B 4437 37.04 11.40 57.78
CA LEU B 4437 35.88 10.52 57.87
C LEU B 4437 34.62 11.28 58.25
N ALA B 4438 34.74 12.30 59.11
CA ALA B 4438 33.59 13.14 59.41
C ALA B 4438 33.13 13.92 58.19
N LYS B 4439 34.08 14.41 57.38
CA LYS B 4439 33.72 15.16 56.17
C LYS B 4439 32.98 14.28 55.18
N MET B 4440 33.51 13.09 54.89
CA MET B 4440 32.78 12.23 53.95
C MET B 4440 31.55 11.57 54.58
N LYS B 4441 31.44 11.53 55.90
CA LYS B 4441 30.20 11.08 56.52
C LYS B 4441 29.10 12.13 56.35
N THR B 4442 29.46 13.41 56.52
CA THR B 4442 28.50 14.47 56.22
C THR B 4442 28.18 14.53 54.73
N CYS B 4443 29.15 14.20 53.87
CA CYS B 4443 28.89 14.13 52.44
C CYS B 4443 27.93 12.99 52.09
N VAL B 4444 28.09 11.83 52.75
CA VAL B 4444 27.20 10.71 52.51
C VAL B 4444 25.80 11.02 53.06
N ASP B 4445 25.74 11.51 54.29
CA ASP B 4445 24.46 11.85 54.92
C ASP B 4445 23.85 13.09 54.29
N LEU B 4477 22.33 1.78 58.58
CA LEU B 4477 23.49 2.27 57.84
C LEU B 4477 23.99 3.59 58.40
N VAL B 4478 23.10 4.59 58.44
CA VAL B 4478 23.48 5.91 58.93
C VAL B 4478 23.87 5.89 60.41
N PRO B 4479 23.13 5.25 61.33
CA PRO B 4479 23.62 5.19 62.72
C PRO B 4479 24.94 4.46 62.87
N ASP B 4480 25.16 3.40 62.10
CA ASP B 4480 26.44 2.69 62.16
C ASP B 4480 27.58 3.57 61.66
N ILE B 4481 27.34 4.30 60.57
CA ILE B 4481 28.36 5.21 60.03
C ILE B 4481 28.68 6.30 61.05
N GLN B 4482 27.64 6.88 61.67
CA GLN B 4482 27.85 7.93 62.65
C GLN B 4482 28.60 7.41 63.86
N LYS B 4483 28.25 6.22 64.35
CA LYS B 4483 28.92 5.65 65.51
C LYS B 4483 30.39 5.35 65.21
N THR B 4484 30.67 4.79 64.04
CA THR B 4484 32.06 4.47 63.70
C THR B 4484 32.88 5.75 63.49
N ALA B 4485 32.27 6.77 62.88
CA ALA B 4485 32.96 8.04 62.71
C ALA B 4485 33.24 8.70 64.05
N GLU B 4486 32.30 8.63 64.98
CA GLU B 4486 32.51 9.18 66.32
C GLU B 4486 33.59 8.40 67.06
N ILE B 4487 33.64 7.09 66.88
CA ILE B 4487 34.69 6.28 67.52
C ILE B 4487 36.06 6.65 66.95
N VAL B 4488 36.16 6.82 65.64
CA VAL B 4488 37.43 7.21 65.02
C VAL B 4488 37.84 8.60 65.47
N TYR B 4489 36.88 9.52 65.57
CA TYR B 4489 37.17 10.88 66.04
C TYR B 4489 37.66 10.87 67.49
N ALA B 4490 37.01 10.06 68.34
CA ALA B 4490 37.43 9.96 69.73
C ALA B 4490 38.84 9.36 69.83
N ALA B 4491 39.14 8.35 69.01
CA ALA B 4491 40.47 7.76 69.02
C ALA B 4491 41.52 8.76 68.56
N THR B 4492 41.21 9.57 67.55
CA THR B 4492 42.18 10.54 67.05
C THR B 4492 42.37 11.68 68.05
N THR B 4493 41.32 12.07 68.76
CA THR B 4493 41.47 13.12 69.77
C THR B 4493 42.18 12.60 71.01
N SER B 4494 42.03 11.31 71.32
CA SER B 4494 42.75 10.74 72.46
C SER B 4494 44.22 10.48 72.15
N LEU B 4495 44.54 10.15 70.89
CA LEU B 4495 45.93 9.92 70.52
C LEU B 4495 46.73 11.22 70.55
N ARG B 4496 46.14 12.31 70.07
CA ARG B 4496 46.82 13.60 70.05
C ARG B 4496 46.75 14.27 71.42
ZN ZN C . 44.08 -2.19 -18.02
ZN ZN D . -6.40 44.31 16.14
#